data_9EUG
#
_entry.id   9EUG
#
loop_
_entity.id
_entity.type
_entity.pdbx_description
1 polymer 'NlpC/P60 domain-containing protein'
2 polymer 'GP-PDE domain-containing protein'
3 polymer 'Baseplate component'
4 polymer 'Peptidase C51 domain-containing protein'
5 polymer 'Baseplate component'
6 polymer TmpF
7 polymer 'Baseplate wedge subunit'
8 polymer 'Putative baseplate component'
9 polymer 'Major tail sheath protein'
10 polymer 'Capsid protein'
#
loop_
_entity_poly.entity_id
_entity_poly.type
_entity_poly.pdbx_seq_one_letter_code
_entity_poly.pdbx_strand_id
1 'polypeptide(L)'
;MATDKEAKDVIDKFIDNVFNFDVLTKERIKEKDEEIKKITTDDMYEKVVYIRPYVGVIQSLNPQHVQYESFSNNGYDIEA
ELSFRKVSYLVDKGSIPTDSLSTLTVHLVERNQELLIDYFDEIQDVLYGEYMEEEYVFDEDVPLSTILALDLNDNLKSLS
NIKYMFKGAPKENPFGTDKDVYIDTYNLLYWLYLGEDEELAYPMNINYFFTEGRFFTIFGKGHKYKVDVSKFIVGDILFF
GRSDTNIGIYVGDGEFISMMGKFPKDETPIGKYKLDDYWNEFNGRVMRFDEEVYI
;
A
2 'polypeptide(L)'
;MVVRFQSSMGRSLKRVDSDDLNVKGLVLATVSKINYKYQSVEVKVNNLTLGSRIGDDGSLAVPYPKSFIGRTPEGSVFGT
KPLITEGSVVLIGFLNDDINSPIILSVYGDNEQNKMINTNPLDGGKFDTESVYKYSSSLYEILPSLNYKYDDGEGTSIRT
YNGKSFFSMTSGEEEKPQATDFYTGTEYQDLFTSYYGNKTLIEPRIQKAPNMLFKHQGVFYDDGTPDNHITTLFISERGD
IRASVLNTETQKRTTQEMSSDGSYRVIKQDDDLMLDEAQVWIEYGISEDNKFYIKNDKHKFEFTDEGIYIDDKPMLENLD
ESIAEAMKNLNEIQKELDDINYLLKGVGKDNLEELIESTKESIEASKKATSDVNRLTTQIAEVSGRTEGIITQFQKFRDE
TFKDFYEDASTVINEVNQNFPTMKTDVKTLKTKVDNLEKTEIPNIKTRLTELENNNNNADKIISDRGEHIGAMIQLEENV
TVPMRKYMPIPWSKVTYNNAEFWDSNNPTRLVVPKGITKVRVAGNVLWDSNATGQRMLRILKNGTYSIGLPYTRDVAIST
APQNGTSGVIPVKEGDYFEFEAFQDSEGDRQFRADPYTWFSIEAIELETETMEKDFMLIGHRGATGYTDEHTIKGYQMAL
DKGADYIELDLQLTKDNKLLCMHDSTIDRTTTGTGKVGDMTLSYIQTNFTSLNGEPIPSLDDVLNHFGTKVKYYIETKRP
FDANMDRELLTQLKAKGLIGIGSERFQVIIQSFARESLINIHNQFSNIPLAYLTSTFSESEMDDCLSYGFYAIAPKYTTI
TKELVDLAHSKGLKVHAWTVNTKEEMQSLIQMGVDGFFTNYLDEYKKI
;
B
3 'polypeptide(L)'
;MKTRKLTNILSKLIDKTMAGTSKITDFTPGSASRSLLEAVSLEIEQFYILTKENIDWGIQEGIIEAFDFQKRQSKRAYGD
VTIQFYQPLDMRMYIPAGTTFTSTRQEYPQQFETLVDYYAEPDSTEIVVEVYCKETGVAGNVPEGTINTIASGSSLIRSV
NNEYSFNTGTKEESQEDFKRRFHSFVESRGRATNKSVRYGALQIPDVEGVYVYEETGHITVFAHDRNGNLSDTLKEDIID
ALQDYRPSGIMLDVTGVEKEEVNVSATVTISNKSRIGDTLQKHIESVIRSYLNNLKTSDDLIITDLIQAIMNIDDVLIYD
VSFDNLDENIIVPPQGIIRAGEIKVELK
;
C,D,I,K
4 'polypeptide(L)'
;MRRIRRPKVRIEIVTDDNTFTLRFEDTRDYNGDEFGAKLLGFQTKNSMEDDSSVFQINMAGDTYWDKLVMANDIIRIFIT
PNDDPNDKEGKQERLIQVGMVSQVSKVGSYGNDQTQFRITGQSFVKPFMKFGLGVIQEVQAVLPEVGWLIDGDGDNEVKF
TGSSAHEVMTGIIRRFIPYMKYNYTEKTYNTIDNYLDYDDLSSWDEFEKLTEVSAFTNFDGSLKQLMDMVTARPFNELFF
KNSEKTPGKAQLVLRKTPFNPTEWRALDMIKVPTEDFIEEDVGKSDVETYSIFTATPAGMLKELNGDVFSKPQFHPELTD
RYGYTKFEVENIYLSTKSGSATEDSDSSGDDNGTERGTYSKIMKDLSNYGRDNISKGIDKYTSKLSSKYKNLKKAQAKKI
IEKFVKEGKVTEKEYEKITGNKVDDELTSDNRPKLTKDKLKSILKEKFKTQDDFNNSKKKKKAKTDALKELTTKYRFGNK
THATTLLDEYIKYKGEPPNDEAFDKYLKAIEGVSNVATDTGSDASDSPLVMFSRMLFNWYHGNPNFYAGDIIVLGDPKYD
LGKRLFIEDKQRGDTWEFYIESVEHKFDYKQGYYTTVGVTRGLKDAILEDGKGSPHRFAGLWNQSSDFMGGLMGEDTSKE
LKEKGVAEKQSSGDKDGGSDSGGAQDGGSLDSLKKYNGKLPKHDPSFVQPGNRHYKYQCTWYAYNRRGQLGIPVPLWGDA
ADWIGGAKGAGYGVGRTPKQGACVIWQRGVQGGSPQYGHVAFVEKVLDGGKKIFISEHNYATPNGYGTRTIDMSSAIGKN
AQFIYDKK
;
E
5 'polypeptide(L)'
;MNNFIPQPQGLLRFLNTLDTDLTSSHMNLLDEEVSFVSKFYTPQLQLSELAKKVLTNIKTDDIPVLEREFNDNTIIHKAN
DTLLKVQAPRMYMILQSIVLEAYAIVNCFVENPSSLKYLTEEDVSITRENLNYVADYLGNYDDYNSVVLDLRDLDLCFSA
IELQLPLIKKEANV
;
F,G
6 'polypeptide(L)'
;MANFLKNLHPLLRRDRNKKDNQDPNFALIDALNEEMNQVEKDAIESKLQSSLKTSTSEYLDKFGDWFGVYRKTDEKDDVY
RARIIKYLLLKRGTNNAIIDAIKDYLGRDDIDVSVYEPFTNIFYTNKSHLNGEDHLMGYYYRFAVINVSIGDYFPVEIID
VINEFKPAGVTLYVTYDGASTIRGGAIIKWLDGLPKIETYQEFDRFTGYDDTFYGHINMNQSKDTDNSSSDIFKTNHSLI
NSLDVLTGSSSVGRQYINYGYVTSYVYNPGMTSSVNQISASTEGRGQEVPTDYYMYTSTKNNNTVELSMQTTSGVSYLYN
NFNFRDYMSKYRPQVDLQSDEARRIVSDYIKELSIDYYLSAVIPPDESIEIKLQVYDFSINRWLTVSINNLSFYEKNIGS
NIGYIKDYLNSELNMFTRLEINAGKRDSVDIKVNYLDLMFYYYERGIYTIKPYKALIENYLDISRETYVEAFKIASLSNG
DIITKTGFQPIGYLKLVGNYENTIPSTINIVAKDTDNNPIESNELDVYNTVENRNLLQSYKGVNTIAREITSTKEFTVSG
WAKEIYSTNYLSKVLKPGKVYTLSFDMEITGNDPTLKSYSDNHGIYLYSNTKGIVVNGVKSMERTIGNKVSVTQTFTAPT
ITDHRLLIYTGRYTSDGKASTPPVFFNTVKITELKLTEGSSKLEYSPAPEDKPNVIEKGIKFNNILTNIQTLSINSDTIL
KNVTLYYSYYGDSWVELKTLGNISTGETTETNNLIDLYGLQTVDYSNINPMSKVSLRSIWNVKLGELNNQEGSLSNMPND
YFNAVWQDIDKLSDIELGSMRMVKDTEGGVFDGATGEIIKATLFNVGAYTDLDMLAYTLTNYTEPLTLGSSRLISELKEE
LLTSESFNVDNRIKVIDSIYEELPNTSIIKNGFVEREVTGSKYLDYGLYEPIEDGTRYKLIVEGEFKDNIEFISLYNSNP
NFNETFIYPSEIINGVAEKEFIAKPSTEDKPRLNTDVRIYIRPYDSTISKVRRVELRKV
;
H,J
7 'polypeptide(L)'
;MRFKKHVVQHEETMQAIAQRYYGDVSYWIDLVEHNNLKYPYLVETDEEKMKDPERLASTGDTLIIPIESDLTDVSAKEIN
SRDKDVLVELALGRDLNITADEKYFNEHGTSDNILAFSTNGNGDLDTVKGIDNMKQQLQARLLTPRGSLMLHPNYGSDLH
NLFGLNIPEQATLIEMEVLRTLTSDNRVKSANLIDWKIQGNVYSGQFSVEIKSVEESINFVLGQDEEGIFALFE
;
L,O
8 'polypeptide(L)'
;MPQSDGISNLHRIALRFPKEGGGYDMYRFKVNPENYTIDSPQRTTAIKTKSDIVIEDYGKDIEVINFTGTTGFRPVREAD
GLKTGKQKMEELQSRVSEYAMQGGSGNVSGSYLQFFNFTDDSYYKVHLAPQGLKITRSKDEPLLFRYEITLVVIGSLTEA
DRSAVTTEEFGNVKPNASQRVDEGIKELDKNARKTRDRNNQEISRRENTIPKSTGDNTNEGNRLKQSFPSSSIYNPRQST
NGLKGNIDNMALIIGYGDGGVSS
;
M,N
9 'polypeptide(L)'
;MAVEPFPRRPITRPHASIEVDTSGIGGSAGSSEKVFCLIGQAEGGEPNTVYELRNYSQAKRLFRSGELLDAIELAWGSNP
NYTAGRILAMRIEDAKPASAEIGGLKITSKIYGNVANNIQVGLEKNTLSDSLRLRVIFQDDRFNEVYDNIGNIFTIKYKG
EEANATFSVEHDEETQKASRLVLKVGDQEVKSYDLTGGAYDYTNAIITDINQLPDFEAKLSPFGDKNLESSKLDKIENAN
IKDKAVYVKAVFGDLEKQTAYNGIVSFEQLNAEGEVPSNVEVEAGEESATVTATSPIKTIEPFELTKLKGGTNGEPPATW
ADKLDKFAHEGGYYIVPLSSKQSVHAEVASFVKERSDAGEPMRAIVGGGFNESKEQLFGRQASLSNPRVSLVANSGTFVM
DDGRKNHVPAYMVAVALGGLASGLEIGESITFKPLRVSSLDQIYESIDLDELNENGIISIEFVRNRTNTFFRIVDDVTTF
NDKSDPVKAEMAVGEANDFLVSELKVQLEDQFIGTRTINTSASIIKDFIQSYLGRKKRDNEIQDFPAEDVQVIVEGNEAR
ISMTVYPIRSFKKISVSLVYKQQTLQA
;
P,Q,T,U,X,Y
10 'polypeptide(L)'
;MASEAKQTVHTGNTVLLMIKGKPVGRAQSASGQREYGTTGVYEIGSIMPQEHVYLRYEGTITVERLRMKKENFADLGYAS
LGEEILKKDIIDILVVDNLTKQVIISYHGCSANNYNETWQTNEIVTEEIEFSYLTASDKART
;
R,S,V,W,Z,a
#
# COMPACT_ATOMS: atom_id res chain seq x y z
N PRO A 143 95.23 60.57 44.55
CA PRO A 143 95.66 59.73 43.43
C PRO A 143 97.14 59.94 43.08
N LEU A 144 97.69 59.04 42.28
CA LEU A 144 99.09 59.15 41.88
C LEU A 144 99.29 60.33 40.94
N SER A 145 98.42 60.46 39.93
CA SER A 145 98.64 61.48 38.91
C SER A 145 98.42 62.88 39.48
N THR A 146 97.47 63.01 40.40
CA THR A 146 97.21 64.32 40.98
C THR A 146 98.36 64.73 41.91
N ILE A 147 98.88 63.78 42.69
CA ILE A 147 99.98 64.09 43.59
C ILE A 147 101.21 64.45 42.77
N LEU A 148 101.47 63.73 41.69
CA LEU A 148 102.63 64.04 40.86
C LEU A 148 102.49 65.41 40.20
N ALA A 149 101.29 65.76 39.75
CA ALA A 149 101.08 67.08 39.16
C ALA A 149 101.25 68.18 40.20
N LEU A 150 100.78 67.94 41.43
CA LEU A 150 100.96 68.95 42.48
C LEU A 150 102.43 69.11 42.83
N ASP A 151 103.18 68.00 42.90
CA ASP A 151 104.61 68.09 43.18
C ASP A 151 105.34 68.84 42.07
N LEU A 152 105.01 68.54 40.82
CA LEU A 152 105.62 69.26 39.71
C LEU A 152 105.29 70.76 39.76
N ASN A 153 104.04 71.10 40.10
CA ASN A 153 103.68 72.51 40.23
C ASN A 153 104.50 73.17 41.32
N ASP A 154 104.63 72.50 42.48
CA ASP A 154 105.36 73.09 43.59
C ASP A 154 106.84 73.27 43.26
N ASN A 155 107.41 72.34 42.51
CA ASN A 155 108.82 72.39 42.13
C ASN A 155 109.06 73.04 40.78
N LEU A 156 108.00 73.57 40.13
CA LEU A 156 108.17 74.14 38.80
C LEU A 156 109.19 75.26 38.76
N LYS A 157 109.34 76.03 39.85
CA LYS A 157 110.21 77.20 39.74
C LYS A 157 111.68 76.83 39.94
N SER A 158 111.95 75.68 40.56
CA SER A 158 113.29 75.16 40.78
C SER A 158 113.79 74.30 39.62
N LEU A 159 112.94 73.98 38.63
CA LEU A 159 113.30 73.11 37.52
C LEU A 159 113.74 73.89 36.28
N SER A 160 114.38 75.05 36.49
CA SER A 160 114.83 75.87 35.37
C SER A 160 115.99 75.25 34.63
N ASN A 161 116.68 74.28 35.21
CA ASN A 161 117.73 73.59 34.50
C ASN A 161 117.21 72.87 33.25
N ILE A 162 115.98 72.37 33.28
CA ILE A 162 115.44 71.61 32.17
C ILE A 162 115.13 72.59 31.04
N LYS A 163 115.48 72.20 29.82
CA LYS A 163 115.37 73.06 28.65
C LYS A 163 114.55 72.36 27.57
N TYR A 164 114.03 73.16 26.65
CA TYR A 164 113.11 72.67 25.63
C TYR A 164 113.85 72.25 24.36
N MET A 165 113.38 71.16 23.76
CA MET A 165 113.86 70.73 22.45
C MET A 165 112.74 69.95 21.79
N PHE A 166 112.89 69.67 20.50
CA PHE A 166 111.81 69.05 19.75
C PHE A 166 111.63 67.60 20.16
N LYS A 167 112.71 66.83 20.21
CA LYS A 167 112.67 65.41 20.55
C LYS A 167 113.86 65.06 21.43
N GLY A 168 114.03 65.85 22.50
CA GLY A 168 115.08 65.60 23.46
C GLY A 168 114.82 64.32 24.22
N ALA A 169 115.69 63.33 24.04
CA ALA A 169 115.62 62.05 24.73
C ALA A 169 116.99 61.83 25.36
N PRO A 170 117.30 62.53 26.45
CA PRO A 170 118.57 62.33 27.13
C PRO A 170 118.56 61.07 27.98
N LYS A 171 119.76 60.53 28.22
CA LYS A 171 119.88 59.33 29.02
C LYS A 171 120.08 59.62 30.50
N GLU A 172 120.21 60.89 30.88
CA GLU A 172 120.42 61.31 32.25
C GLU A 172 119.09 61.81 32.83
N ASN A 173 118.84 61.48 34.09
CA ASN A 173 117.58 61.88 34.70
C ASN A 173 117.66 63.35 35.08
N PRO A 174 116.68 64.19 34.68
CA PRO A 174 116.86 65.63 34.97
C PRO A 174 116.85 65.93 36.45
N PHE A 175 116.02 65.21 37.22
CA PHE A 175 115.88 65.49 38.64
C PHE A 175 117.07 65.02 39.46
N GLY A 176 117.83 64.04 38.95
CA GLY A 176 119.01 63.55 39.63
C GLY A 176 120.31 64.21 39.23
N THR A 177 120.23 65.39 38.61
CA THR A 177 121.42 66.10 38.14
C THR A 177 121.18 67.61 38.13
N ASP A 178 122.13 68.35 38.71
CA ASP A 178 122.13 69.81 38.66
C ASP A 178 122.46 70.36 37.28
N LYS A 179 122.95 69.53 36.34
CA LYS A 179 123.35 70.04 35.03
C LYS A 179 122.15 70.21 34.12
N ASP A 180 122.20 71.22 33.26
CA ASP A 180 121.07 71.48 32.38
C ASP A 180 120.91 70.33 31.38
N VAL A 181 119.70 70.16 30.88
CA VAL A 181 119.41 69.02 30.02
C VAL A 181 118.16 69.36 29.21
N TYR A 182 118.17 68.96 27.94
CA TYR A 182 117.10 69.31 27.02
C TYR A 182 116.10 68.16 26.94
N ILE A 183 114.89 68.38 27.45
CA ILE A 183 113.85 67.36 27.50
C ILE A 183 112.56 67.94 26.94
N ASP A 184 111.82 67.11 26.21
CA ASP A 184 110.49 67.41 25.68
C ASP A 184 109.43 66.88 26.63
N THR A 185 108.17 67.15 26.30
CA THR A 185 107.05 66.88 27.19
C THR A 185 106.87 65.38 27.42
N TYR A 186 106.99 64.58 26.36
CA TYR A 186 106.86 63.13 26.50
C TYR A 186 107.95 62.58 27.42
N ASN A 187 109.20 63.00 27.20
CA ASN A 187 110.27 62.46 28.04
C ASN A 187 110.12 62.95 29.47
N LEU A 188 109.66 64.20 29.62
CA LEU A 188 109.40 64.78 30.93
C LEU A 188 108.39 63.93 31.71
N LEU A 189 107.26 63.60 31.08
CA LEU A 189 106.27 62.74 31.74
C LEU A 189 106.86 61.39 32.07
N TYR A 190 107.75 60.88 31.20
CA TYR A 190 108.33 59.57 31.45
C TYR A 190 109.21 59.61 32.69
N TRP A 191 110.04 60.64 32.79
CA TRP A 191 110.91 60.79 33.94
C TRP A 191 110.11 61.06 35.20
N LEU A 192 108.98 61.76 35.07
CA LEU A 192 108.18 62.09 36.24
C LEU A 192 107.50 60.86 36.80
N TYR A 193 107.00 59.99 35.91
CA TYR A 193 106.39 58.75 36.34
C TYR A 193 107.42 57.71 36.75
N LEU A 194 108.64 57.77 36.20
CA LEU A 194 109.65 56.78 36.53
C LEU A 194 110.17 56.92 37.96
N GLY A 195 110.02 58.10 38.56
CA GLY A 195 110.51 58.31 39.91
C GLY A 195 109.89 57.38 40.92
N GLU A 196 108.63 57.01 40.72
CA GLU A 196 107.88 56.17 41.63
C GLU A 196 108.10 54.70 41.26
N ASP A 197 107.12 53.82 41.44
CA ASP A 197 107.37 52.41 41.11
C ASP A 197 106.98 52.10 39.67
N GLU A 198 106.13 52.92 39.07
CA GLU A 198 105.74 52.75 37.68
C GLU A 198 106.91 53.06 36.74
N GLU A 199 106.98 52.31 35.64
CA GLU A 199 108.07 52.41 34.70
C GLU A 199 107.68 52.93 33.33
N LEU A 200 106.52 52.55 32.82
CA LEU A 200 106.07 52.83 31.45
C LEU A 200 107.17 52.37 30.49
N ALA A 201 107.35 53.06 29.37
CA ALA A 201 108.32 52.66 28.37
C ALA A 201 108.90 53.90 27.72
N TYR A 202 110.00 53.70 27.00
CA TYR A 202 110.81 54.77 26.46
C TYR A 202 110.89 54.62 24.94
N PRO A 203 110.85 55.73 24.16
CA PRO A 203 110.72 57.15 24.48
C PRO A 203 109.30 57.61 24.78
N MET A 204 108.31 56.72 24.69
CA MET A 204 106.92 57.06 25.01
C MET A 204 106.39 58.05 23.99
N ASN A 205 106.41 57.65 22.72
CA ASN A 205 105.93 58.50 21.63
C ASN A 205 104.41 58.43 21.57
N ILE A 206 103.82 58.96 20.47
CA ILE A 206 102.36 58.99 20.42
C ILE A 206 101.76 57.59 20.34
N ASN A 207 102.51 56.65 19.74
CA ASN A 207 102.05 55.27 19.61
C ASN A 207 101.85 54.56 20.95
N TYR A 208 102.37 55.15 22.04
CA TYR A 208 102.24 54.55 23.36
C TYR A 208 100.78 54.54 23.81
N PHE A 209 100.06 55.64 23.56
CA PHE A 209 98.69 55.78 24.00
C PHE A 209 97.71 54.93 23.20
N PHE A 210 98.12 54.39 22.06
CA PHE A 210 97.18 53.68 21.19
C PHE A 210 96.84 52.31 21.74
N THR A 211 97.86 51.48 22.00
CA THR A 211 97.66 50.08 22.32
C THR A 211 98.19 49.62 23.68
N GLU A 212 98.84 50.49 24.46
CA GLU A 212 99.46 49.96 25.68
C GLU A 212 98.42 49.69 26.75
N GLY A 213 97.25 50.32 26.65
CA GLY A 213 96.17 50.18 27.60
C GLY A 213 96.41 50.84 28.94
N ARG A 214 97.31 51.81 29.00
CA ARG A 214 97.60 52.51 30.23
C ARG A 214 96.66 53.68 30.46
N PHE A 215 95.88 54.08 29.44
CA PHE A 215 95.01 55.25 29.49
C PHE A 215 93.60 54.84 29.08
N PHE A 216 92.63 55.68 29.44
CA PHE A 216 91.28 55.59 28.90
C PHE A 216 90.83 57.00 28.57
N THR A 217 90.27 57.18 27.38
CA THR A 217 89.98 58.53 26.90
C THR A 217 88.83 59.12 27.70
N ILE A 218 88.89 60.43 27.91
CA ILE A 218 87.85 61.18 28.60
C ILE A 218 87.00 61.95 27.59
N PHE A 219 87.65 62.60 26.62
CA PHE A 219 86.99 63.37 25.57
C PHE A 219 87.70 63.01 24.28
N GLY A 220 86.91 62.80 23.20
CA GLY A 220 87.50 62.49 21.90
C GLY A 220 87.93 63.72 21.12
N LYS A 221 88.77 63.46 20.13
CA LYS A 221 89.24 64.53 19.26
C LYS A 221 88.13 64.98 18.31
N GLY A 222 88.12 66.27 17.98
CA GLY A 222 87.27 66.78 16.91
C GLY A 222 86.09 67.59 17.38
N HIS A 223 85.94 67.77 18.69
CA HIS A 223 84.94 68.63 19.30
C HIS A 223 85.66 69.45 20.36
N LYS A 224 85.17 70.67 20.61
CA LYS A 224 85.96 71.64 21.37
C LYS A 224 84.97 72.57 22.07
N TYR A 225 84.67 72.25 23.33
CA TYR A 225 83.70 72.96 24.13
C TYR A 225 84.43 73.68 25.25
N LYS A 226 84.12 74.96 25.44
CA LYS A 226 84.83 75.75 26.44
C LYS A 226 84.16 75.65 27.82
N VAL A 227 82.88 75.29 27.86
CA VAL A 227 82.14 75.21 29.10
C VAL A 227 82.51 73.94 29.88
N ASP A 228 82.80 72.84 29.18
CA ASP A 228 83.15 71.58 29.82
C ASP A 228 84.63 71.47 30.19
N VAL A 229 85.36 72.59 30.22
CA VAL A 229 86.74 72.56 30.69
C VAL A 229 86.79 72.51 32.20
N SER A 230 85.80 73.12 32.84
CA SER A 230 85.75 73.17 34.31
C SER A 230 85.62 71.78 34.92
N LYS A 231 85.04 70.82 34.21
CA LYS A 231 84.85 69.49 34.77
C LYS A 231 86.14 68.69 34.83
N PHE A 232 87.19 69.13 34.14
CA PHE A 232 88.47 68.45 34.18
C PHE A 232 89.05 68.40 35.60
N ILE A 233 90.08 67.57 35.78
CA ILE A 233 90.74 67.43 37.08
C ILE A 233 92.24 67.47 36.88
N VAL A 234 92.96 67.80 37.94
CA VAL A 234 94.40 67.93 37.85
C VAL A 234 95.03 66.56 37.57
N GLY A 235 96.02 66.54 36.68
CA GLY A 235 96.69 65.33 36.24
C GLY A 235 96.19 64.77 34.92
N ASP A 236 95.17 65.38 34.31
CA ASP A 236 94.73 64.94 32.99
C ASP A 236 95.66 65.48 31.90
N ILE A 237 95.97 64.62 30.93
CA ILE A 237 96.95 64.97 29.90
C ILE A 237 96.21 65.77 28.83
N LEU A 238 96.76 66.92 28.46
CA LEU A 238 96.21 67.76 27.41
C LEU A 238 97.08 67.71 26.16
N PHE A 239 96.45 67.38 25.04
CA PHE A 239 97.12 67.26 23.75
C PHE A 239 97.07 68.59 23.00
N PHE A 240 98.05 68.81 22.11
CA PHE A 240 98.12 70.03 21.34
C PHE A 240 98.57 69.69 19.93
N GLY A 241 98.13 70.49 18.97
CA GLY A 241 98.57 70.36 17.60
C GLY A 241 97.67 69.46 16.77
N ARG A 242 97.74 69.65 15.45
CA ARG A 242 96.81 68.92 14.59
C ARG A 242 97.24 67.47 14.40
N SER A 243 98.54 67.19 14.56
CA SER A 243 99.11 65.86 14.42
C SER A 243 99.80 65.40 15.70
N ASP A 244 99.24 65.77 16.86
CA ASP A 244 99.77 65.36 18.16
C ASP A 244 101.22 65.82 18.34
N THR A 245 101.48 67.08 17.95
CA THR A 245 102.85 67.60 18.00
C THR A 245 103.37 67.69 19.43
N ASN A 246 102.52 68.08 20.37
CA ASN A 246 102.92 68.33 21.75
C ASN A 246 101.76 68.01 22.66
N ILE A 247 102.08 67.75 23.93
CA ILE A 247 101.09 67.43 24.96
C ILE A 247 101.36 68.31 26.18
N GLY A 248 100.47 68.20 27.16
CA GLY A 248 100.57 68.98 28.38
C GLY A 248 99.91 68.25 29.54
N ILE A 249 100.10 68.82 30.73
CA ILE A 249 99.49 68.34 31.97
C ILE A 249 98.59 69.45 32.49
N TYR A 250 97.35 69.10 32.84
CA TYR A 250 96.41 70.10 33.28
C TYR A 250 96.61 70.39 34.76
N VAL A 251 96.47 71.66 35.14
CA VAL A 251 96.48 72.10 36.53
C VAL A 251 95.29 73.03 36.71
N GLY A 252 94.80 73.14 37.94
CA GLY A 252 93.57 73.88 38.10
C GLY A 252 93.71 75.37 37.83
N ASP A 253 92.59 76.06 37.98
CA ASP A 253 92.47 77.49 37.71
C ASP A 253 92.64 77.78 36.22
N GLY A 254 92.27 76.82 35.37
CA GLY A 254 92.32 77.02 33.93
C GLY A 254 93.72 77.24 33.38
N GLU A 255 94.68 76.43 33.81
CA GLU A 255 96.05 76.52 33.31
C GLU A 255 96.57 75.14 32.92
N PHE A 256 97.76 75.11 32.33
CA PHE A 256 98.41 73.84 31.98
C PHE A 256 99.91 74.05 31.97
N ILE A 257 100.64 72.94 32.16
CA ILE A 257 102.09 72.94 32.25
C ILE A 257 102.65 72.30 30.99
N SER A 258 103.54 73.00 30.31
CA SER A 258 104.10 72.55 29.05
C SER A 258 105.32 73.40 28.73
N MET A 259 106.08 72.97 27.72
CA MET A 259 107.21 73.74 27.19
C MET A 259 106.81 74.33 25.85
N MET A 260 106.99 75.63 25.69
CA MET A 260 106.65 76.35 24.47
C MET A 260 107.82 77.22 24.07
N GLY A 261 108.15 77.23 22.77
CA GLY A 261 109.27 78.00 22.29
C GLY A 261 109.46 77.73 20.81
N LYS A 262 110.38 78.51 20.22
CA LYS A 262 110.67 78.33 18.80
C LYS A 262 111.19 76.92 18.56
N PHE A 263 110.96 76.43 17.34
CA PHE A 263 111.28 75.03 17.04
C PHE A 263 112.76 74.69 17.18
N PRO A 264 113.71 75.41 16.57
CA PRO A 264 115.08 74.92 16.54
C PRO A 264 115.79 75.04 17.88
N LYS A 265 115.39 74.19 18.83
CA LYS A 265 116.06 74.03 20.11
C LYS A 265 116.11 75.35 20.87
N ASP A 266 114.95 75.73 21.39
CA ASP A 266 114.82 77.00 22.10
C ASP A 266 115.38 76.88 23.50
N GLU A 267 116.01 77.96 23.98
CA GLU A 267 116.62 77.98 25.29
C GLU A 267 115.63 78.37 26.38
N THR A 268 114.33 78.38 26.09
CA THR A 268 113.37 78.76 27.11
C THR A 268 113.14 77.57 28.06
N PRO A 269 113.10 77.78 29.37
CA PRO A 269 112.93 76.66 30.30
C PRO A 269 111.45 76.32 30.42
N ILE A 270 111.17 75.26 31.20
CA ILE A 270 109.79 74.85 31.41
C ILE A 270 109.02 75.96 32.13
N GLY A 271 107.75 76.10 31.78
CA GLY A 271 106.94 77.17 32.35
C GLY A 271 105.46 76.89 32.19
N LYS A 272 104.66 77.63 32.94
CA LYS A 272 103.20 77.47 32.95
C LYS A 272 102.53 78.65 32.26
N TYR A 273 101.59 78.36 31.38
CA TYR A 273 100.92 79.36 30.56
C TYR A 273 99.41 79.26 30.76
N LYS A 274 98.71 80.36 30.52
CA LYS A 274 97.26 80.37 30.59
C LYS A 274 96.63 79.61 29.42
N LEU A 275 95.49 78.99 29.67
CA LEU A 275 94.83 78.20 28.65
C LEU A 275 94.05 79.05 27.64
N ASP A 276 93.86 80.34 27.90
CA ASP A 276 93.02 81.16 27.03
C ASP A 276 93.63 81.30 25.64
N ASP A 277 94.93 81.63 25.56
CA ASP A 277 95.54 81.83 24.26
C ASP A 277 95.79 80.51 23.54
N TYR A 278 96.02 79.43 24.27
CA TYR A 278 96.34 78.15 23.65
C TYR A 278 95.09 77.32 23.40
N TRP A 279 93.92 77.82 23.81
CA TRP A 279 92.68 77.06 23.70
C TRP A 279 92.34 76.76 22.24
N ASN A 280 92.79 77.60 21.31
CA ASN A 280 92.54 77.33 19.90
C ASN A 280 93.14 76.01 19.45
N GLU A 281 94.37 75.71 19.90
CA GLU A 281 95.11 74.52 19.46
C GLU A 281 95.02 73.40 20.49
N PHE A 282 93.84 73.15 21.06
CA PHE A 282 93.67 72.14 22.09
C PHE A 282 93.28 70.78 21.52
N ASN A 283 92.45 70.77 20.48
CA ASN A 283 92.06 69.59 19.71
C ASN A 283 91.16 68.63 20.48
N GLY A 284 90.71 68.98 21.69
CA GLY A 284 89.69 68.25 22.39
C GLY A 284 90.07 66.86 22.90
N ARG A 285 91.29 66.39 22.69
CA ARG A 285 91.65 65.05 23.14
C ARG A 285 92.13 65.12 24.59
N VAL A 286 91.61 64.24 25.45
CA VAL A 286 91.95 64.23 26.86
C VAL A 286 92.01 62.79 27.33
N MET A 287 93.00 62.48 28.17
CA MET A 287 93.24 61.12 28.64
C MET A 287 93.44 61.14 30.16
N ARG A 288 93.51 59.94 30.75
CA ARG A 288 93.61 59.81 32.20
C ARG A 288 94.32 58.49 32.50
N PHE A 289 94.93 58.43 33.68
CA PHE A 289 95.76 57.31 34.08
C PHE A 289 95.01 56.30 34.96
N ASP A 290 95.51 55.08 34.95
CA ASP A 290 94.92 54.02 35.76
C ASP A 290 95.98 52.96 36.03
N GLU A 291 96.28 52.73 37.32
CA GLU A 291 97.36 51.85 37.76
C GLU A 291 96.89 50.60 38.49
N GLU A 292 95.74 50.65 39.17
CA GLU A 292 95.32 49.53 40.01
C GLU A 292 95.14 48.25 39.20
N VAL A 293 94.44 48.34 38.07
CA VAL A 293 94.06 47.13 37.35
C VAL A 293 95.15 46.66 36.38
N TYR A 294 96.01 47.57 35.90
CA TYR A 294 97.06 47.18 34.95
C TYR A 294 98.00 46.16 35.57
N ILE A 295 98.25 45.07 34.84
CA ILE A 295 99.07 43.92 35.24
C ILE A 295 98.89 43.54 36.72
N MET B 1 35.76 33.63 -11.27
CA MET B 1 34.99 32.63 -12.07
C MET B 1 35.96 31.67 -12.77
N VAL B 2 35.44 30.86 -13.71
CA VAL B 2 36.26 29.83 -14.35
C VAL B 2 37.41 30.45 -15.12
N VAL B 3 37.16 31.59 -15.79
CA VAL B 3 38.18 32.15 -16.67
C VAL B 3 39.27 32.90 -15.91
N ARG B 4 39.01 33.29 -14.67
CA ARG B 4 39.96 34.08 -13.90
C ARG B 4 41.23 33.30 -13.55
N PHE B 5 41.21 31.98 -13.68
CA PHE B 5 42.31 31.13 -13.23
C PHE B 5 43.45 31.29 -14.24
N GLN B 6 44.19 32.37 -14.07
CA GLN B 6 45.33 32.71 -14.92
C GLN B 6 46.47 33.18 -14.02
N SER B 7 47.60 33.50 -14.62
CA SER B 7 48.72 34.02 -13.85
C SER B 7 48.32 35.35 -13.21
N SER B 8 48.52 35.44 -11.90
CA SER B 8 48.16 36.62 -11.12
C SER B 8 49.03 36.67 -9.88
N MET B 9 49.16 37.87 -9.33
CA MET B 9 50.00 38.10 -8.18
C MET B 9 49.51 39.36 -7.47
N GLY B 10 49.78 39.39 -6.18
CA GLY B 10 49.48 40.48 -5.29
C GLY B 10 48.17 40.30 -4.54
N ARG B 11 48.01 41.09 -3.48
CA ARG B 11 46.73 41.10 -2.79
C ARG B 11 45.65 41.68 -3.69
N SER B 12 45.99 42.67 -4.51
CA SER B 12 45.07 43.22 -5.48
C SER B 12 45.32 42.54 -6.81
N LEU B 13 44.27 42.39 -7.60
CA LEU B 13 44.38 41.56 -8.80
C LEU B 13 45.17 42.30 -9.87
N LYS B 14 46.20 41.63 -10.39
CA LYS B 14 47.12 42.22 -11.34
C LYS B 14 47.49 41.16 -12.36
N ARG B 15 47.38 41.50 -13.63
CA ARG B 15 47.73 40.55 -14.68
C ARG B 15 49.26 40.46 -14.71
N VAL B 16 49.77 39.30 -14.34
CA VAL B 16 51.19 38.99 -14.48
C VAL B 16 51.45 38.63 -15.94
N ASP B 17 52.52 39.19 -16.50
CA ASP B 17 52.82 39.02 -17.92
C ASP B 17 54.32 39.24 -18.10
N SER B 18 54.73 39.59 -19.34
CA SER B 18 56.12 39.89 -19.65
C SER B 18 56.59 41.21 -19.07
N ASP B 19 55.73 41.99 -18.41
CA ASP B 19 56.20 43.17 -17.69
C ASP B 19 56.83 42.75 -16.37
N ASP B 20 56.26 41.76 -15.70
CA ASP B 20 56.80 41.34 -14.42
C ASP B 20 58.20 40.74 -14.55
N LEU B 21 58.50 40.12 -15.69
CA LEU B 21 59.83 39.58 -15.92
C LEU B 21 60.89 40.68 -15.89
N ASN B 22 60.53 41.87 -16.36
CA ASN B 22 61.52 42.95 -16.45
C ASN B 22 61.76 43.52 -15.05
N VAL B 23 63.04 43.66 -14.69
CA VAL B 23 63.39 44.20 -13.38
C VAL B 23 63.15 45.71 -13.38
N LYS B 24 62.75 46.24 -12.22
CA LYS B 24 62.63 47.69 -12.04
C LYS B 24 63.71 48.12 -11.05
N GLY B 25 64.69 48.87 -11.54
CA GLY B 25 65.64 49.55 -10.70
C GLY B 25 67.03 48.93 -10.76
N LEU B 26 67.80 49.22 -9.72
CA LEU B 26 69.18 48.79 -9.58
C LEU B 26 69.29 47.80 -8.42
N VAL B 27 70.23 46.86 -8.56
CA VAL B 27 70.42 45.80 -7.57
C VAL B 27 71.90 45.68 -7.25
N LEU B 28 72.20 45.10 -6.08
CA LEU B 28 73.58 44.94 -5.64
C LEU B 28 74.03 43.49 -5.75
N ALA B 29 75.34 43.33 -5.91
CA ALA B 29 75.96 42.02 -6.09
C ALA B 29 77.38 42.06 -5.55
N THR B 30 77.99 40.88 -5.44
CA THR B 30 79.38 40.78 -5.02
C THR B 30 80.25 40.22 -6.14
N VAL B 31 81.48 40.71 -6.22
CA VAL B 31 82.45 40.27 -7.23
C VAL B 31 83.04 38.94 -6.79
N SER B 32 82.70 37.87 -7.49
CA SER B 32 83.24 36.55 -7.16
C SER B 32 84.51 36.24 -7.96
N LYS B 33 84.50 36.49 -9.27
CA LYS B 33 85.61 36.17 -10.14
C LYS B 33 85.85 37.32 -11.11
N ILE B 34 87.11 37.51 -11.49
CA ILE B 34 87.49 38.59 -12.40
C ILE B 34 88.24 37.98 -13.58
N ASN B 35 88.01 38.52 -14.77
CA ASN B 35 88.77 38.16 -15.97
C ASN B 35 89.85 39.22 -16.13
N TYR B 36 91.07 38.87 -15.69
CA TYR B 36 92.15 39.84 -15.66
C TYR B 36 92.59 40.27 -17.05
N LYS B 37 92.46 39.39 -18.06
CA LYS B 37 92.93 39.77 -19.39
C LYS B 37 92.04 40.84 -19.98
N TYR B 38 90.73 40.69 -19.83
CA TYR B 38 89.74 41.64 -20.32
C TYR B 38 89.28 42.62 -19.26
N GLN B 39 89.60 42.37 -17.99
CA GLN B 39 89.16 43.22 -16.88
C GLN B 39 87.64 43.38 -16.90
N SER B 40 86.94 42.26 -17.07
CA SER B 40 85.48 42.22 -16.97
C SER B 40 85.11 41.13 -15.96
N VAL B 41 84.50 41.55 -14.86
CA VAL B 41 84.16 40.63 -13.77
C VAL B 41 82.84 39.91 -14.01
N GLU B 42 82.57 38.89 -13.18
CA GLU B 42 81.27 38.26 -13.07
C GLU B 42 80.80 38.39 -11.62
N VAL B 43 79.64 38.97 -11.44
CA VAL B 43 79.08 39.27 -10.13
C VAL B 43 78.08 38.17 -9.74
N LYS B 44 78.01 37.88 -8.45
CA LYS B 44 77.11 36.87 -7.91
C LYS B 44 75.93 37.55 -7.22
N VAL B 45 74.72 37.13 -7.57
CA VAL B 45 73.52 37.47 -6.83
C VAL B 45 73.47 36.50 -5.66
N ASN B 46 72.59 36.76 -4.69
CA ASN B 46 72.51 35.96 -3.46
C ASN B 46 72.41 34.47 -3.72
N ASN B 47 71.79 34.08 -4.84
CA ASN B 47 71.65 32.67 -5.22
C ASN B 47 71.66 32.56 -6.74
N LEU B 48 72.42 33.42 -7.41
CA LEU B 48 72.51 33.39 -8.86
C LEU B 48 73.77 34.15 -9.26
N THR B 49 74.36 33.74 -10.39
CA THR B 49 75.57 34.40 -10.91
C THR B 49 75.26 34.96 -12.29
N LEU B 50 75.49 36.27 -12.45
CA LEU B 50 75.27 36.98 -13.71
C LEU B 50 76.54 36.95 -14.54
N GLY B 51 76.44 37.50 -15.74
CA GLY B 51 77.54 37.34 -16.70
C GLY B 51 77.78 35.88 -16.97
N SER B 52 79.05 35.48 -16.89
CA SER B 52 79.49 34.08 -16.75
C SER B 52 78.78 33.11 -17.71
N ARG B 53 79.04 33.28 -19.01
CA ARG B 53 78.61 32.31 -20.02
C ARG B 53 79.77 31.39 -20.44
N ILE B 54 79.55 30.58 -21.49
CA ILE B 54 80.56 29.68 -22.04
C ILE B 54 81.81 30.46 -22.48
N GLY B 55 81.62 31.64 -23.08
CA GLY B 55 82.69 32.60 -23.28
C GLY B 55 83.61 32.81 -22.10
N ASP B 56 84.89 32.49 -22.29
CA ASP B 56 85.88 32.56 -21.20
C ASP B 56 85.96 33.96 -20.62
N ASP B 57 86.30 34.95 -21.46
CA ASP B 57 86.52 36.31 -20.99
C ASP B 57 86.09 37.37 -22.00
N GLY B 58 86.37 37.19 -23.30
CA GLY B 58 86.13 38.31 -24.20
C GLY B 58 84.70 38.51 -24.70
N SER B 59 84.04 37.45 -25.17
CA SER B 59 82.82 37.67 -25.95
C SER B 59 81.60 37.90 -25.08
N LEU B 60 81.63 37.51 -23.80
CA LEU B 60 80.56 37.83 -22.85
C LEU B 60 81.20 38.09 -21.49
N ALA B 61 80.76 39.17 -20.82
CA ALA B 61 81.15 39.49 -19.44
C ALA B 61 80.42 40.76 -19.00
N VAL B 62 80.66 41.22 -17.79
CA VAL B 62 80.08 42.47 -17.28
C VAL B 62 81.13 43.57 -17.41
N PRO B 63 80.85 44.68 -18.12
CA PRO B 63 81.80 45.79 -18.17
C PRO B 63 81.97 46.52 -16.83
N TYR B 64 83.16 47.14 -16.66
CA TYR B 64 83.47 47.90 -15.45
C TYR B 64 83.67 49.38 -15.78
N PRO B 65 83.35 50.31 -14.87
CA PRO B 65 83.53 51.72 -15.23
C PRO B 65 85.01 52.09 -15.36
N LYS B 66 85.27 53.06 -16.23
CA LYS B 66 86.61 53.59 -16.47
C LYS B 66 86.65 55.07 -16.17
N SER B 67 87.80 55.55 -15.67
CA SER B 67 87.99 56.98 -15.46
C SER B 67 87.85 57.77 -16.76
N PHE B 68 88.51 57.29 -17.82
CA PHE B 68 88.47 57.91 -19.14
C PHE B 68 89.19 56.97 -20.10
N ILE B 69 88.76 57.00 -21.36
CA ILE B 69 89.32 56.15 -22.40
C ILE B 69 89.06 56.81 -23.74
N GLY B 70 90.01 56.67 -24.65
CA GLY B 70 89.81 57.21 -25.97
C GLY B 70 90.94 56.83 -26.90
N ARG B 71 90.96 57.48 -28.07
CA ARG B 71 92.01 57.33 -29.04
C ARG B 71 92.44 58.70 -29.55
N THR B 72 93.73 58.82 -29.77
CA THR B 72 94.38 60.03 -30.25
C THR B 72 94.27 60.14 -31.78
N PRO B 73 94.46 61.34 -32.34
CA PRO B 73 94.41 61.46 -33.81
C PRO B 73 95.43 60.58 -34.53
N GLU B 74 96.57 60.34 -33.89
CA GLU B 74 97.57 59.46 -34.49
C GLU B 74 97.05 58.03 -34.62
N GLY B 75 96.11 57.65 -33.75
CA GLY B 75 95.50 56.33 -33.73
C GLY B 75 95.75 55.56 -32.45
N SER B 76 96.76 55.93 -31.66
CA SER B 76 97.10 55.17 -30.48
C SER B 76 96.02 55.28 -29.41
N VAL B 77 95.76 54.15 -28.70
CA VAL B 77 94.64 54.11 -27.77
C VAL B 77 95.17 54.45 -26.40
N PHE B 78 94.39 55.19 -25.61
CA PHE B 78 94.79 55.56 -24.26
C PHE B 78 93.58 55.41 -23.37
N GLY B 79 93.83 55.23 -22.08
CA GLY B 79 92.75 55.02 -21.15
C GLY B 79 93.27 54.75 -19.77
N THR B 80 92.43 54.12 -18.96
CA THR B 80 92.84 53.76 -17.61
C THR B 80 92.34 52.36 -17.28
N LYS B 81 92.98 51.75 -16.29
CA LYS B 81 92.57 50.46 -15.75
C LYS B 81 92.45 50.61 -14.24
N PRO B 82 91.29 51.04 -13.74
CA PRO B 82 91.12 51.16 -12.28
C PRO B 82 91.20 49.80 -11.61
N LEU B 83 91.77 49.80 -10.41
CA LEU B 83 91.91 48.57 -9.63
C LEU B 83 90.58 47.86 -9.43
N ILE B 84 90.61 46.53 -9.52
CA ILE B 84 89.44 45.68 -9.34
C ILE B 84 89.71 44.77 -8.15
N THR B 85 88.70 44.60 -7.30
CA THR B 85 88.84 43.85 -6.05
C THR B 85 87.75 42.79 -5.94
N GLU B 86 88.12 41.61 -5.44
CA GLU B 86 87.17 40.52 -5.25
C GLU B 86 86.42 40.69 -3.94
N GLY B 87 85.15 40.29 -3.93
CA GLY B 87 84.37 40.42 -2.72
C GLY B 87 83.91 41.82 -2.38
N SER B 88 84.07 42.80 -3.28
CA SER B 88 83.50 44.12 -3.09
C SER B 88 82.07 44.22 -3.61
N VAL B 89 81.31 45.13 -3.02
CA VAL B 89 79.90 45.32 -3.36
C VAL B 89 79.82 46.31 -4.51
N VAL B 90 79.09 45.96 -5.58
CA VAL B 90 79.01 46.83 -6.75
C VAL B 90 77.56 47.03 -7.13
N LEU B 91 77.21 48.27 -7.48
CA LEU B 91 75.87 48.60 -7.96
C LEU B 91 75.76 48.30 -9.45
N ILE B 92 74.61 47.78 -9.87
CA ILE B 92 74.41 47.26 -11.22
C ILE B 92 73.15 47.86 -11.80
N GLY B 93 73.22 48.27 -13.06
CA GLY B 93 72.08 48.78 -13.80
C GLY B 93 71.88 48.05 -15.10
N PHE B 94 70.74 47.36 -15.23
CA PHE B 94 70.48 46.55 -16.40
C PHE B 94 70.07 47.43 -17.58
N LEU B 95 70.49 47.04 -18.79
CA LEU B 95 70.11 47.79 -19.97
C LEU B 95 68.65 47.55 -20.34
N ASN B 96 67.92 48.65 -20.54
CA ASN B 96 66.50 48.62 -20.88
C ASN B 96 65.69 47.79 -19.88
N ASP B 97 66.15 47.79 -18.61
CA ASP B 97 65.56 47.03 -17.51
C ASP B 97 65.31 45.56 -17.89
N ASP B 98 66.23 44.99 -18.68
CA ASP B 98 66.23 43.58 -19.03
C ASP B 98 67.16 42.78 -18.13
N ILE B 99 66.66 41.73 -17.47
CA ILE B 99 67.60 40.80 -16.84
C ILE B 99 68.31 40.03 -17.97
N ASN B 100 69.54 39.61 -17.69
CA ASN B 100 70.54 39.19 -18.70
C ASN B 100 70.95 40.37 -19.60
N SER B 101 71.37 41.46 -18.96
CA SER B 101 71.97 42.65 -19.57
C SER B 101 72.64 43.53 -18.51
N PRO B 102 73.61 43.02 -17.74
CA PRO B 102 74.15 43.77 -16.61
C PRO B 102 75.27 44.75 -16.98
N ILE B 103 75.38 45.83 -16.21
CA ILE B 103 76.56 46.70 -16.20
C ILE B 103 76.83 47.18 -14.77
N ILE B 104 78.11 47.32 -14.39
CA ILE B 104 78.47 47.86 -13.08
C ILE B 104 78.54 49.38 -13.17
N LEU B 105 77.86 50.06 -12.24
CA LEU B 105 77.84 51.52 -12.18
C LEU B 105 78.97 52.09 -11.33
N SER B 106 79.23 51.49 -10.17
CA SER B 106 80.24 52.00 -9.24
C SER B 106 80.46 50.95 -8.15
N VAL B 107 81.45 51.21 -7.29
CA VAL B 107 81.83 50.28 -6.22
C VAL B 107 81.70 51.00 -4.88
N TYR B 108 80.86 50.45 -4.01
CA TYR B 108 80.55 51.00 -2.70
C TYR B 108 81.06 50.06 -1.61
N GLY B 109 81.78 50.61 -0.64
CA GLY B 109 82.32 49.82 0.45
C GLY B 109 81.38 49.70 1.63
N ASP B 110 81.77 48.86 2.58
CA ASP B 110 80.95 48.63 3.75
C ASP B 110 81.18 49.75 4.77
N ASN B 111 80.22 49.88 5.69
CA ASN B 111 80.32 50.91 6.72
C ASN B 111 81.56 50.73 7.58
N GLU B 112 81.87 49.49 7.95
CA GLU B 112 83.10 49.22 8.69
C GLU B 112 84.34 49.59 7.88
N GLN B 113 84.39 49.15 6.61
CA GLN B 113 85.53 49.48 5.77
C GLN B 113 85.70 50.98 5.62
N ASN B 114 84.59 51.71 5.43
CA ASN B 114 84.68 53.17 5.28
C ASN B 114 85.15 53.82 6.56
N LYS B 115 84.71 53.28 7.70
CA LYS B 115 85.11 53.80 9.00
C LYS B 115 86.57 53.53 9.29
N MET B 116 87.15 52.50 8.67
CA MET B 116 88.52 52.13 8.94
C MET B 116 89.50 52.98 8.13
N ILE B 117 89.09 53.40 6.94
CA ILE B 117 89.97 54.02 5.96
C ILE B 117 89.81 55.55 5.96
N ASN B 118 89.33 56.12 7.06
CA ASN B 118 89.20 57.57 7.23
C ASN B 118 89.78 58.00 8.58
N THR B 119 90.56 59.07 8.56
CA THR B 119 91.13 59.68 9.75
C THR B 119 90.38 60.91 10.23
N ASN B 120 89.09 61.06 9.90
CA ASN B 120 88.37 62.26 10.32
C ASN B 120 87.71 61.97 11.67
N PRO B 121 88.08 62.68 12.75
CA PRO B 121 87.48 62.38 14.05
C PRO B 121 86.14 63.06 14.29
N LEU B 122 85.81 64.08 13.50
CA LEU B 122 84.55 64.80 13.67
C LEU B 122 83.36 63.90 13.41
N ASP B 123 82.36 63.96 14.30
CA ASP B 123 81.15 63.19 14.06
C ASP B 123 80.29 63.83 12.97
N GLY B 124 80.34 65.15 12.86
CA GLY B 124 79.41 65.86 11.99
C GLY B 124 79.63 67.35 12.13
N GLY B 125 79.03 68.09 11.20
CA GLY B 125 79.18 69.54 11.15
C GLY B 125 79.13 70.03 9.72
N LYS B 126 78.63 71.26 9.55
CA LYS B 126 78.54 71.86 8.24
C LYS B 126 79.94 72.01 7.63
N PHE B 127 80.02 71.79 6.32
CA PHE B 127 81.30 71.85 5.62
C PHE B 127 81.82 73.29 5.51
N ASP B 128 80.94 74.29 5.64
CA ASP B 128 81.35 75.68 5.52
C ASP B 128 82.10 76.21 6.73
N THR B 129 82.20 75.46 7.83
CA THR B 129 82.91 75.96 9.01
C THR B 129 84.41 75.86 8.77
N GLU B 130 85.14 76.92 9.15
CA GLU B 130 86.58 76.96 8.93
C GLU B 130 87.28 75.80 9.63
N SER B 131 86.91 75.53 10.89
CA SER B 131 87.56 74.46 11.64
C SER B 131 87.26 73.11 11.00
N VAL B 132 86.00 72.85 10.65
CA VAL B 132 85.63 71.60 10.00
C VAL B 132 86.33 71.46 8.65
N TYR B 133 86.67 72.57 8.00
CA TYR B 133 87.37 72.48 6.71
C TYR B 133 88.74 71.85 6.86
N LYS B 134 89.36 72.00 8.04
CA LYS B 134 90.69 71.46 8.26
C LYS B 134 90.72 69.94 8.13
N TYR B 135 89.69 69.27 8.64
CA TYR B 135 89.60 67.81 8.69
C TYR B 135 88.73 67.22 7.61
N SER B 136 87.62 67.87 7.28
CA SER B 136 86.73 67.36 6.25
C SER B 136 87.45 67.31 4.90
N SER B 137 87.99 68.46 4.48
CA SER B 137 88.71 68.60 3.22
C SER B 137 90.02 67.81 3.22
N SER B 138 89.91 66.51 2.93
CA SER B 138 91.07 65.62 2.93
C SER B 138 90.84 64.56 1.87
N LEU B 139 91.47 64.73 0.72
CA LEU B 139 91.53 63.69 -0.30
C LEU B 139 92.48 62.61 0.20
N TYR B 140 91.94 61.74 1.05
CA TYR B 140 92.68 60.62 1.61
C TYR B 140 92.47 59.41 0.72
N GLU B 141 93.57 58.80 0.27
CA GLU B 141 93.54 57.65 -0.62
C GLU B 141 94.64 56.69 -0.20
N ILE B 142 94.39 55.39 -0.36
CA ILE B 142 95.36 54.35 -0.07
C ILE B 142 95.47 53.47 -1.31
N LEU B 143 96.70 53.26 -1.77
CA LEU B 143 96.95 52.42 -2.93
C LEU B 143 96.65 50.96 -2.58
N PRO B 144 96.61 50.06 -3.58
CA PRO B 144 96.74 48.62 -3.23
C PRO B 144 97.90 48.32 -2.28
N SER B 145 99.08 48.86 -2.56
CA SER B 145 100.13 48.86 -1.55
C SER B 145 99.72 49.71 -0.35
N LEU B 146 100.07 49.23 0.85
CA LEU B 146 99.59 49.83 2.07
C LEU B 146 100.24 51.18 2.36
N ASN B 147 101.18 51.62 1.53
CA ASN B 147 101.64 52.99 1.55
C ASN B 147 100.60 53.86 0.84
N TYR B 148 100.28 54.98 1.45
CA TYR B 148 99.13 55.78 1.07
C TYR B 148 99.58 57.15 0.55
N LYS B 149 98.61 57.89 0.04
CA LYS B 149 98.78 59.25 -0.45
C LYS B 149 97.74 60.11 0.23
N TYR B 150 98.09 61.35 0.58
CA TYR B 150 97.23 62.20 1.38
C TYR B 150 97.33 63.62 0.85
N ASP B 151 96.20 64.30 0.78
CA ASP B 151 96.17 65.72 0.51
C ASP B 151 95.09 66.33 1.41
N ASP B 152 95.13 67.65 1.56
CA ASP B 152 94.23 68.32 2.49
C ASP B 152 93.98 69.74 2.01
N GLY B 153 92.90 70.36 2.50
CA GLY B 153 92.66 71.75 2.15
C GLY B 153 93.66 72.71 2.76
N GLU B 154 94.35 72.28 3.82
CA GLU B 154 95.46 73.05 4.39
C GLU B 154 96.72 72.72 3.59
N GLY B 155 97.85 73.30 3.97
CA GLY B 155 99.08 73.04 3.23
C GLY B 155 99.71 71.70 3.46
N THR B 156 99.27 70.95 4.46
CA THR B 156 99.81 69.62 4.67
C THR B 156 99.52 68.72 3.46
N SER B 157 100.54 67.97 3.05
CA SER B 157 100.37 66.92 2.04
C SER B 157 101.43 65.87 2.29
N ILE B 158 101.03 64.60 2.34
CA ILE B 158 101.90 63.50 2.74
C ILE B 158 101.79 62.38 1.72
N ARG B 159 102.95 61.82 1.34
CA ARG B 159 103.01 60.66 0.46
C ARG B 159 103.99 59.66 1.04
N THR B 160 103.68 58.38 0.87
CA THR B 160 104.43 57.29 1.48
C THR B 160 104.89 56.32 0.41
N TYR B 161 105.99 55.62 0.72
CA TYR B 161 106.57 54.62 -0.18
C TYR B 161 107.00 53.43 0.67
N ASN B 162 107.71 52.50 0.04
CA ASN B 162 108.07 51.23 0.68
C ASN B 162 108.89 51.45 1.96
N GLY B 163 108.67 50.57 2.93
CA GLY B 163 109.15 50.79 4.29
C GLY B 163 108.57 52.07 4.86
N LYS B 164 109.32 52.68 5.78
CA LYS B 164 108.88 53.87 6.49
C LYS B 164 109.20 55.15 5.73
N SER B 165 109.63 55.04 4.48
CA SER B 165 110.01 56.24 3.74
C SER B 165 108.75 57.01 3.37
N PHE B 166 108.88 58.33 3.33
CA PHE B 166 107.74 59.17 3.02
C PHE B 166 108.23 60.50 2.48
N PHE B 167 107.31 61.21 1.84
CA PHE B 167 107.50 62.57 1.39
C PHE B 167 106.40 63.42 1.99
N SER B 168 106.75 64.60 2.49
CA SER B 168 105.78 65.46 3.15
C SER B 168 106.12 66.92 2.91
N MET B 169 105.11 67.77 3.04
CA MET B 169 105.26 69.21 2.91
C MET B 169 104.20 69.91 3.76
N THR B 170 104.55 71.08 4.25
CA THR B 170 103.63 71.88 5.06
C THR B 170 104.22 73.28 5.24
N SER B 171 103.38 74.21 5.65
CA SER B 171 103.73 75.62 5.81
C SER B 171 103.46 76.19 7.19
N GLY B 172 102.41 75.73 7.87
CA GLY B 172 102.13 76.27 9.20
C GLY B 172 103.22 75.89 10.19
N GLU B 173 103.58 76.84 11.05
CA GLU B 173 104.56 76.55 12.10
C GLU B 173 103.99 75.54 13.08
N GLU B 174 102.68 75.56 13.32
CA GLU B 174 102.09 74.53 14.17
C GLU B 174 102.35 73.13 13.63
N GLU B 175 102.20 72.96 12.32
CA GLU B 175 102.42 71.68 11.66
C GLU B 175 103.88 71.41 11.32
N LYS B 176 104.80 72.30 11.71
CA LYS B 176 106.21 72.14 11.37
C LYS B 176 106.81 70.78 11.75
N PRO B 177 106.46 70.14 12.87
CA PRO B 177 107.00 68.79 13.12
C PRO B 177 106.65 67.77 12.04
N GLN B 178 105.49 67.88 11.39
CA GLN B 178 105.08 66.87 10.44
C GLN B 178 106.07 66.73 9.28
N ALA B 179 106.73 67.83 8.91
CA ALA B 179 107.70 67.84 7.83
C ALA B 179 108.94 68.62 8.28
N THR B 180 109.64 68.06 9.26
CA THR B 180 110.87 68.63 9.80
C THR B 180 111.99 67.63 9.59
N ASP B 181 113.23 68.11 9.73
CA ASP B 181 114.42 67.26 9.62
C ASP B 181 115.39 67.52 10.77
N PHE B 182 114.88 67.97 11.90
CA PHE B 182 115.74 68.23 13.06
C PHE B 182 116.23 66.90 13.62
N TYR B 183 117.53 66.85 13.91
CA TYR B 183 118.18 65.66 14.48
C TYR B 183 118.02 64.50 13.50
N THR B 184 117.17 63.50 13.81
CA THR B 184 116.94 62.37 12.92
C THR B 184 115.76 62.57 11.99
N GLY B 185 114.99 63.65 12.18
CA GLY B 185 113.76 63.84 11.44
C GLY B 185 112.54 63.29 12.16
N THR B 186 111.38 63.62 11.63
CA THR B 186 110.13 63.16 12.21
C THR B 186 109.92 61.68 11.92
N GLU B 187 109.43 60.95 12.91
CA GLU B 187 109.19 59.52 12.70
C GLU B 187 107.89 59.34 11.92
N TYR B 188 107.73 58.14 11.36
CA TYR B 188 106.53 57.82 10.61
C TYR B 188 105.30 57.71 11.51
N GLN B 189 105.50 57.33 12.78
CA GLN B 189 104.38 57.20 13.70
C GLN B 189 103.94 58.55 14.24
N ASP B 190 104.76 59.60 14.10
CA ASP B 190 104.31 60.92 14.54
C ASP B 190 103.21 61.47 13.64
N LEU B 191 103.10 61.00 12.40
CA LEU B 191 102.12 61.54 11.47
C LEU B 191 100.76 60.92 11.76
N PHE B 192 99.78 61.77 12.08
CA PHE B 192 98.44 61.28 12.40
C PHE B 192 97.75 60.60 11.22
N THR B 193 98.12 60.95 9.99
CA THR B 193 97.53 60.28 8.83
C THR B 193 97.98 58.83 8.70
N SER B 194 99.06 58.44 9.38
CA SER B 194 99.59 57.08 9.25
C SER B 194 98.80 56.04 10.04
N TYR B 195 97.73 56.43 10.74
CA TYR B 195 96.91 55.53 11.53
C TYR B 195 95.55 55.30 10.88
N TYR B 196 95.04 54.09 11.06
CA TYR B 196 93.69 53.80 10.60
C TYR B 196 92.68 54.52 11.52
N GLY B 197 91.42 54.47 11.12
CA GLY B 197 90.39 55.13 11.92
C GLY B 197 90.20 54.54 13.31
N ASN B 198 90.44 53.24 13.46
CA ASN B 198 90.25 52.54 14.73
C ASN B 198 91.55 52.36 15.48
N LYS B 199 92.30 53.47 15.58
CA LYS B 199 93.47 53.58 16.46
C LYS B 199 94.53 52.52 16.17
N THR B 200 94.79 52.28 14.88
CA THR B 200 95.70 51.23 14.43
C THR B 200 96.69 51.81 13.43
N LEU B 201 97.95 51.40 13.52
CA LEU B 201 98.96 51.90 12.61
C LEU B 201 98.86 51.28 11.23
N ILE B 202 98.99 52.12 10.21
CA ILE B 202 98.97 51.69 8.82
C ILE B 202 100.33 51.11 8.48
N GLU B 203 100.51 49.82 8.71
CA GLU B 203 101.76 49.17 8.38
C GLU B 203 102.01 49.22 6.87
N PRO B 204 103.23 49.51 6.42
CA PRO B 204 103.55 49.27 5.01
C PRO B 204 103.61 47.77 4.71
N ARG B 205 103.15 47.40 3.51
CA ARG B 205 103.18 46.00 3.10
C ARG B 205 104.61 45.50 2.95
N ILE B 206 105.48 46.32 2.36
CA ILE B 206 106.87 45.95 2.09
C ILE B 206 107.77 46.81 2.98
N GLN B 207 108.58 46.15 3.79
CA GLN B 207 109.48 46.82 4.73
C GLN B 207 110.87 47.05 4.16
N LYS B 208 111.24 46.41 3.04
CA LYS B 208 112.55 46.61 2.45
C LYS B 208 112.64 47.99 1.82
N ALA B 209 113.80 48.62 1.96
CA ALA B 209 113.96 49.99 1.52
C ALA B 209 113.94 50.05 -0.01
N PRO B 210 113.36 51.09 -0.61
CA PRO B 210 113.34 51.19 -2.08
C PRO B 210 114.63 51.79 -2.61
N ASN B 211 114.73 51.85 -3.94
CA ASN B 211 115.81 52.55 -4.61
C ASN B 211 115.21 53.38 -5.73
N MET B 212 115.36 54.69 -5.64
CA MET B 212 114.77 55.63 -6.58
C MET B 212 115.79 56.08 -7.63
N LEU B 213 115.27 56.64 -8.71
CA LEU B 213 116.08 57.18 -9.79
C LEU B 213 115.20 58.02 -10.71
N PHE B 214 115.76 59.11 -11.22
CA PHE B 214 115.08 60.00 -12.15
C PHE B 214 115.91 60.06 -13.42
N LYS B 215 115.61 59.15 -14.34
CA LYS B 215 116.36 59.04 -15.58
C LYS B 215 115.74 59.97 -16.62
N HIS B 216 116.61 60.69 -17.33
CA HIS B 216 116.21 61.72 -18.28
C HIS B 216 116.94 61.51 -19.59
N GLN B 217 116.21 61.58 -20.69
CA GLN B 217 116.78 61.37 -22.03
C GLN B 217 115.76 61.81 -23.06
N GLY B 218 116.20 61.88 -24.32
CA GLY B 218 115.32 62.18 -25.43
C GLY B 218 115.77 61.55 -26.73
N VAL B 219 115.40 62.18 -27.84
CA VAL B 219 115.69 61.69 -29.19
C VAL B 219 116.27 62.83 -30.02
N PHE B 220 115.58 63.96 -30.10
CA PHE B 220 116.05 65.08 -30.87
C PHE B 220 115.42 66.36 -30.32
N TYR B 221 115.77 67.49 -30.94
CA TYR B 221 115.25 68.78 -30.54
C TYR B 221 115.28 69.70 -31.76
N ASP B 222 114.85 70.95 -31.58
CA ASP B 222 114.67 71.86 -32.71
C ASP B 222 115.98 72.16 -33.44
N ASP B 223 117.13 71.97 -32.79
CA ASP B 223 118.38 72.18 -33.50
C ASP B 223 118.62 71.15 -34.58
N GLY B 224 117.98 69.98 -34.48
CA GLY B 224 118.10 68.93 -35.46
C GLY B 224 119.12 67.87 -35.13
N THR B 225 120.04 68.15 -34.21
CA THR B 225 121.05 67.16 -33.89
C THR B 225 120.45 66.06 -32.99
N PRO B 226 120.91 64.81 -33.12
CA PRO B 226 120.43 63.74 -32.23
C PRO B 226 120.72 64.04 -30.76
N ASP B 227 119.75 63.74 -29.93
CA ASP B 227 119.88 63.88 -28.48
C ASP B 227 120.60 62.67 -27.90
N ASN B 228 121.64 62.96 -27.09
CA ASN B 228 122.46 61.90 -26.51
C ASN B 228 122.94 62.25 -25.09
N HIS B 229 122.29 63.20 -24.43
CA HIS B 229 122.60 63.56 -23.06
C HIS B 229 121.70 62.72 -22.14
N ILE B 230 122.33 61.98 -21.24
CA ILE B 230 121.65 61.17 -20.24
C ILE B 230 122.11 61.61 -18.86
N THR B 231 121.14 61.79 -17.97
CA THR B 231 121.36 62.17 -16.58
C THR B 231 120.40 61.41 -15.69
N THR B 232 120.85 61.16 -14.45
CA THR B 232 120.14 60.33 -13.50
C THR B 232 120.27 60.93 -12.12
N LEU B 233 119.33 60.57 -11.24
CA LEU B 233 119.38 60.94 -9.83
C LEU B 233 119.13 59.70 -8.98
N PHE B 234 119.96 58.68 -9.20
CA PHE B 234 119.77 57.38 -8.58
C PHE B 234 120.00 57.45 -7.07
N ILE B 235 119.16 56.74 -6.33
CA ILE B 235 119.30 56.58 -4.89
C ILE B 235 119.21 55.09 -4.60
N SER B 236 120.18 54.57 -3.85
CA SER B 236 120.26 53.15 -3.58
C SER B 236 119.52 52.81 -2.29
N GLU B 237 119.36 51.50 -2.05
CA GLU B 237 118.72 51.02 -0.83
C GLU B 237 119.58 51.24 0.41
N ARG B 238 120.88 51.39 0.24
CA ARG B 238 121.79 51.62 1.36
C ARG B 238 122.00 53.11 1.65
N GLY B 239 121.20 53.98 1.04
CA GLY B 239 121.27 55.40 1.31
C GLY B 239 122.17 56.21 0.40
N ASP B 240 122.86 55.56 -0.55
CA ASP B 240 123.72 56.29 -1.45
C ASP B 240 122.92 57.23 -2.35
N ILE B 241 123.57 58.31 -2.78
CA ILE B 241 123.00 59.28 -3.70
C ILE B 241 124.00 59.50 -4.83
N ARG B 242 123.54 59.42 -6.07
CA ARG B 242 124.40 59.59 -7.25
C ARG B 242 123.69 60.47 -8.27
N ALA B 243 124.15 61.71 -8.42
CA ALA B 243 123.74 62.60 -9.50
C ALA B 243 124.80 62.54 -10.58
N SER B 244 124.40 62.19 -11.80
CA SER B 244 125.32 62.01 -12.91
C SER B 244 124.76 62.61 -14.18
N VAL B 245 125.67 63.11 -15.02
CA VAL B 245 125.38 63.56 -16.38
C VAL B 245 126.25 62.75 -17.32
N LEU B 246 125.64 62.27 -18.41
CA LEU B 246 126.31 61.36 -19.34
C LEU B 246 126.04 61.74 -20.78
N ASN B 247 127.08 61.60 -21.60
CA ASN B 247 126.98 61.62 -23.06
C ASN B 247 127.47 60.26 -23.56
N THR B 248 126.54 59.39 -23.99
CA THR B 248 126.94 58.01 -24.25
C THR B 248 127.72 57.89 -25.57
N GLU B 249 127.34 58.65 -26.60
CA GLU B 249 128.01 58.51 -27.88
C GLU B 249 129.46 58.98 -27.80
N THR B 250 129.72 60.03 -27.03
CA THR B 250 131.06 60.57 -26.91
C THR B 250 131.87 59.90 -25.81
N GLN B 251 131.24 59.05 -25.00
CA GLN B 251 131.92 58.28 -23.95
C GLN B 251 132.50 59.23 -22.89
N LYS B 252 131.64 60.10 -22.35
CA LYS B 252 132.00 61.04 -21.30
C LYS B 252 130.95 61.02 -20.21
N ARG B 253 131.38 61.25 -18.97
CA ARG B 253 130.50 61.19 -17.80
C ARG B 253 131.08 62.06 -16.70
N THR B 254 130.20 62.72 -15.94
CA THR B 254 130.57 63.38 -14.69
C THR B 254 129.55 63.01 -13.63
N THR B 255 130.03 62.37 -12.54
CA THR B 255 129.17 61.90 -11.47
C THR B 255 129.47 62.64 -10.17
N GLN B 256 128.42 62.94 -9.41
CA GLN B 256 128.53 63.34 -8.01
C GLN B 256 127.92 62.22 -7.15
N GLU B 257 128.77 61.52 -6.41
CA GLU B 257 128.39 60.32 -5.68
C GLU B 257 128.49 60.55 -4.19
N MET B 258 127.50 60.01 -3.46
CA MET B 258 127.51 59.94 -2.00
C MET B 258 127.43 58.49 -1.57
N SER B 259 128.32 58.08 -0.68
CA SER B 259 128.34 56.72 -0.15
C SER B 259 127.51 56.62 1.13
N SER B 260 127.12 55.38 1.45
CA SER B 260 126.36 55.15 2.66
C SER B 260 127.17 55.48 3.91
N ASP B 261 128.47 55.21 3.87
CA ASP B 261 129.36 55.59 4.97
C ASP B 261 129.50 57.10 5.10
N GLY B 262 129.12 57.88 4.10
CA GLY B 262 129.18 59.33 4.16
C GLY B 262 130.40 59.90 3.50
N SER B 263 130.66 59.52 2.25
CA SER B 263 131.86 59.91 1.50
C SER B 263 131.42 60.80 0.34
N TYR B 264 131.73 62.09 0.44
CA TYR B 264 131.51 63.00 -0.67
C TYR B 264 132.54 62.68 -1.75
N ARG B 265 132.09 62.61 -3.00
CA ARG B 265 132.98 62.28 -4.10
C ARG B 265 132.36 62.77 -5.40
N VAL B 266 133.13 63.53 -6.17
CA VAL B 266 132.75 63.96 -7.51
C VAL B 266 133.82 63.44 -8.46
N ILE B 267 133.38 62.77 -9.52
CA ILE B 267 134.24 62.12 -10.49
C ILE B 267 133.86 62.60 -11.89
N LYS B 268 134.87 62.88 -12.71
CA LYS B 268 134.69 63.25 -14.10
C LYS B 268 135.53 62.30 -14.96
N GLN B 269 134.93 61.84 -16.05
CA GLN B 269 135.56 60.88 -16.96
C GLN B 269 135.46 61.39 -18.38
N ASP B 270 136.46 61.04 -19.19
CA ASP B 270 136.58 61.52 -20.57
C ASP B 270 136.46 60.44 -21.62
N ASP B 271 136.67 59.17 -21.27
CA ASP B 271 136.76 58.09 -22.26
C ASP B 271 136.18 56.77 -21.74
N ASP B 272 135.42 56.80 -20.66
CA ASP B 272 134.76 55.62 -20.11
C ASP B 272 133.56 56.05 -19.27
N LEU B 273 132.39 55.53 -19.62
CA LEU B 273 131.17 55.79 -18.85
C LEU B 273 131.18 55.08 -17.50
N MET B 274 131.59 53.81 -17.47
CA MET B 274 131.69 53.10 -16.21
C MET B 274 132.76 53.73 -15.31
N LEU B 275 132.50 53.70 -14.01
CA LEU B 275 133.47 54.23 -13.04
C LEU B 275 134.70 53.33 -12.95
N ASP B 276 134.52 52.03 -13.21
CA ASP B 276 135.63 51.08 -13.11
C ASP B 276 136.48 51.13 -14.36
N GLU B 277 137.80 51.05 -14.16
CA GLU B 277 138.77 51.00 -15.25
C GLU B 277 138.72 52.29 -16.08
N ALA B 278 138.86 53.41 -15.38
CA ALA B 278 139.01 54.72 -15.99
C ALA B 278 140.48 55.10 -16.10
N GLN B 279 140.89 55.59 -17.28
CA GLN B 279 142.26 56.07 -17.47
C GLN B 279 142.40 57.56 -17.17
N VAL B 280 141.65 58.39 -17.90
CA VAL B 280 141.69 59.84 -17.72
C VAL B 280 140.50 60.24 -16.86
N TRP B 281 140.80 60.79 -15.68
CA TRP B 281 139.74 61.17 -14.76
C TRP B 281 140.32 62.05 -13.67
N ILE B 282 139.43 62.76 -13.00
CA ILE B 282 139.78 63.63 -11.88
C ILE B 282 138.74 63.44 -10.79
N GLU B 283 139.20 63.44 -9.54
CA GLU B 283 138.31 63.23 -8.40
C GLU B 283 138.63 64.28 -7.33
N TYR B 284 137.66 64.56 -6.45
CA TYR B 284 137.84 65.49 -5.34
C TYR B 284 136.63 65.38 -4.42
N GLY B 285 136.90 65.33 -3.12
CA GLY B 285 135.82 65.19 -2.15
C GLY B 285 136.34 64.70 -0.81
N ILE B 286 135.47 63.97 -0.13
CA ILE B 286 135.74 63.44 1.21
C ILE B 286 135.63 61.92 1.15
N SER B 287 136.73 61.24 1.44
CA SER B 287 136.76 59.78 1.42
C SER B 287 136.06 59.23 2.67
N GLU B 288 135.88 57.91 2.69
CA GLU B 288 135.28 57.26 3.85
C GLU B 288 136.04 57.58 5.14
N ASP B 289 137.35 57.79 5.04
CA ASP B 289 138.15 58.34 6.12
C ASP B 289 138.25 59.85 5.98
N ASN B 290 138.39 60.54 7.12
CA ASN B 290 138.35 61.99 7.22
C ASN B 290 139.61 62.60 6.60
N LYS B 291 139.57 62.72 5.28
CA LYS B 291 140.68 63.25 4.49
C LYS B 291 140.16 63.93 3.24
N PHE B 292 140.39 65.24 3.14
CA PHE B 292 140.00 66.05 1.99
C PHE B 292 141.11 65.92 0.95
N TYR B 293 140.74 65.65 -0.31
CA TYR B 293 141.78 65.36 -1.29
C TYR B 293 141.32 65.76 -2.69
N ILE B 294 142.29 66.06 -3.54
CA ILE B 294 142.07 66.18 -4.99
C ILE B 294 143.12 65.32 -5.68
N LYS B 295 142.66 64.35 -6.47
CA LYS B 295 143.53 63.35 -7.07
C LYS B 295 143.19 63.17 -8.54
N ASN B 296 144.20 62.79 -9.31
CA ASN B 296 144.05 62.52 -10.74
C ASN B 296 145.05 61.43 -11.10
N ASP B 297 145.40 61.33 -12.39
CA ASP B 297 146.38 60.34 -12.82
C ASP B 297 147.73 60.66 -12.21
N LYS B 298 148.08 61.95 -12.12
CA LYS B 298 149.29 62.35 -11.43
C LYS B 298 149.05 62.28 -9.92
N HIS B 299 150.14 62.41 -9.15
CA HIS B 299 150.07 62.43 -7.70
C HIS B 299 149.09 63.50 -7.19
N LYS B 300 148.42 63.19 -6.10
CA LYS B 300 147.27 63.95 -5.62
C LYS B 300 147.69 65.10 -4.71
N PHE B 301 146.72 65.97 -4.42
CA PHE B 301 146.82 66.99 -3.38
C PHE B 301 145.85 66.62 -2.27
N GLU B 302 146.39 66.40 -1.07
CA GLU B 302 145.64 65.90 0.07
C GLU B 302 145.77 66.90 1.21
N PHE B 303 144.72 66.96 2.03
CA PHE B 303 144.68 67.82 3.21
C PHE B 303 144.16 66.96 4.36
N THR B 304 145.10 66.33 5.08
CA THR B 304 144.74 65.53 6.23
C THR B 304 144.29 66.43 7.37
N ASP B 305 143.66 65.82 8.38
CA ASP B 305 143.25 66.55 9.59
C ASP B 305 144.37 67.41 10.17
N GLU B 306 145.64 67.02 9.97
CA GLU B 306 146.78 67.82 10.39
C GLU B 306 147.85 67.85 9.30
N GLY B 307 148.26 69.06 8.91
CA GLY B 307 149.30 69.23 7.91
C GLY B 307 148.79 69.20 6.49
N ILE B 308 149.72 69.48 5.57
CA ILE B 308 149.46 69.52 4.13
C ILE B 308 150.45 68.58 3.48
N TYR B 309 149.95 67.63 2.66
CA TYR B 309 150.79 66.67 1.98
C TYR B 309 150.51 66.73 0.49
N ILE B 310 151.48 66.33 -0.32
CA ILE B 310 151.25 66.15 -1.76
C ILE B 310 151.75 64.76 -2.16
N MET C 1 60.07 -28.37 -43.13
CA MET C 1 59.90 -26.88 -43.22
C MET C 1 61.05 -26.26 -44.01
N LYS C 2 60.74 -25.86 -45.25
CA LYS C 2 61.74 -25.46 -46.23
C LYS C 2 61.19 -24.30 -47.04
N THR C 3 62.09 -23.50 -47.61
CA THR C 3 61.63 -22.45 -48.51
C THR C 3 60.96 -23.05 -49.74
N ARG C 4 59.99 -22.33 -50.29
CA ARG C 4 59.55 -22.58 -51.65
C ARG C 4 59.33 -21.25 -52.37
N LYS C 5 60.21 -20.97 -53.32
CA LYS C 5 60.15 -19.72 -54.08
C LYS C 5 58.83 -19.60 -54.85
N LEU C 6 58.38 -18.34 -55.00
CA LEU C 6 57.10 -17.95 -55.57
C LEU C 6 56.74 -18.77 -56.81
N THR C 7 57.63 -18.82 -57.80
CA THR C 7 57.32 -19.50 -59.06
C THR C 7 57.10 -20.99 -58.86
N ASN C 8 57.77 -21.60 -57.87
CA ASN C 8 57.54 -23.01 -57.59
C ASN C 8 56.12 -23.22 -57.08
N ILE C 9 55.68 -22.35 -56.17
CA ILE C 9 54.34 -22.43 -55.62
C ILE C 9 53.33 -22.24 -56.74
N LEU C 10 53.45 -21.10 -57.43
CA LEU C 10 52.57 -20.73 -58.54
C LEU C 10 52.44 -21.85 -59.57
N SER C 11 53.55 -22.49 -59.93
CA SER C 11 53.49 -23.60 -60.88
C SER C 11 52.72 -24.79 -60.31
N LYS C 12 53.02 -25.18 -59.07
CA LYS C 12 52.28 -26.28 -58.45
C LYS C 12 50.78 -25.97 -58.43
N LEU C 13 50.46 -24.71 -58.12
CA LEU C 13 49.08 -24.26 -58.02
C LEU C 13 48.36 -24.36 -59.37
N ILE C 14 48.98 -23.85 -60.45
CA ILE C 14 48.32 -23.91 -61.75
C ILE C 14 48.22 -25.36 -62.25
N ASP C 15 49.26 -26.16 -62.01
CA ASP C 15 49.28 -27.57 -62.38
C ASP C 15 48.14 -28.33 -61.72
N LYS C 16 47.90 -28.10 -60.44
CA LYS C 16 46.73 -28.67 -59.77
C LYS C 16 45.45 -28.10 -60.35
N THR C 17 45.44 -26.80 -60.66
CA THR C 17 44.20 -26.14 -61.08
C THR C 17 43.69 -26.71 -62.40
N MET C 18 44.60 -27.05 -63.30
CA MET C 18 44.21 -27.52 -64.63
C MET C 18 43.66 -28.95 -64.63
N ALA C 19 43.66 -29.64 -63.49
CA ALA C 19 43.13 -31.00 -63.46
C ALA C 19 41.62 -30.96 -63.54
N GLY C 20 41.05 -31.74 -64.47
CA GLY C 20 39.62 -31.89 -64.58
C GLY C 20 38.96 -30.94 -65.55
N THR C 21 39.68 -29.97 -66.09
CA THR C 21 39.12 -29.06 -67.09
C THR C 21 40.25 -28.46 -67.91
N SER C 22 39.87 -27.91 -69.06
CA SER C 22 40.80 -27.23 -69.97
C SER C 22 40.21 -25.93 -70.50
N LYS C 23 39.40 -25.24 -69.68
CA LYS C 23 38.87 -23.90 -69.96
C LYS C 23 39.53 -22.84 -69.10
N ILE C 24 40.80 -23.02 -68.72
CA ILE C 24 41.52 -22.03 -67.93
C ILE C 24 42.90 -21.69 -68.50
N THR C 25 43.45 -22.55 -69.37
CA THR C 25 44.86 -22.45 -69.75
C THR C 25 45.09 -21.23 -70.64
N ASP C 26 45.09 -20.06 -70.01
CA ASP C 26 45.54 -18.82 -70.66
C ASP C 26 46.03 -17.91 -69.54
N PHE C 27 47.34 -17.83 -69.36
CA PHE C 27 47.97 -17.14 -68.23
C PHE C 27 48.98 -16.12 -68.74
N THR C 28 48.50 -15.18 -69.56
CA THR C 28 49.29 -14.03 -69.91
C THR C 28 49.32 -13.07 -68.72
N PRO C 29 50.29 -12.14 -68.66
CA PRO C 29 50.26 -11.15 -67.56
C PRO C 29 48.95 -10.38 -67.45
N GLY C 30 48.27 -10.10 -68.56
CA GLY C 30 47.00 -9.40 -68.49
C GLY C 30 45.89 -10.17 -67.79
N SER C 31 45.94 -11.50 -67.83
CA SER C 31 44.92 -12.30 -67.15
C SER C 31 44.82 -11.95 -65.66
N ALA C 32 43.58 -11.95 -65.16
CA ALA C 32 43.32 -11.65 -63.76
C ALA C 32 43.57 -12.87 -62.87
N SER C 33 43.29 -14.07 -63.38
CA SER C 33 43.55 -15.29 -62.62
C SER C 33 45.04 -15.43 -62.33
N ARG C 34 45.88 -15.14 -63.31
CA ARG C 34 47.31 -15.14 -63.05
C ARG C 34 47.67 -14.13 -61.97
N SER C 35 47.06 -12.94 -61.98
CA SER C 35 47.41 -11.94 -60.97
C SER C 35 47.02 -12.43 -59.58
N LEU C 36 45.81 -12.98 -59.44
CA LEU C 36 45.39 -13.51 -58.16
C LEU C 36 46.32 -14.61 -57.68
N LEU C 37 46.70 -15.51 -58.58
CA LEU C 37 47.52 -16.64 -58.15
C LEU C 37 48.97 -16.21 -57.87
N GLU C 38 49.46 -15.20 -58.59
CA GLU C 38 50.74 -14.58 -58.25
C GLU C 38 50.69 -13.95 -56.87
N ALA C 39 49.55 -13.34 -56.52
CA ALA C 39 49.47 -12.67 -55.22
C ALA C 39 49.42 -13.69 -54.09
N VAL C 40 48.68 -14.78 -54.31
CA VAL C 40 48.60 -15.85 -53.33
C VAL C 40 49.97 -16.49 -53.13
N SER C 41 50.67 -16.79 -54.23
CA SER C 41 52.00 -17.35 -54.10
C SER C 41 53.00 -16.37 -53.47
N LEU C 42 52.88 -15.07 -53.76
CA LEU C 42 53.71 -14.08 -53.06
C LEU C 42 53.47 -14.15 -51.56
N GLU C 43 52.20 -14.19 -51.15
CA GLU C 43 51.92 -14.24 -49.71
C GLU C 43 52.40 -15.53 -49.09
N ILE C 44 52.30 -16.66 -49.80
CA ILE C 44 52.80 -17.91 -49.23
C ILE C 44 54.31 -17.89 -49.11
N GLU C 45 55.00 -17.32 -50.12
CA GLU C 45 56.44 -17.18 -50.03
C GLU C 45 56.83 -16.34 -48.81
N GLN C 46 56.20 -15.17 -48.66
CA GLN C 46 56.51 -14.34 -47.50
C GLN C 46 56.23 -15.07 -46.19
N PHE C 47 55.16 -15.86 -46.15
CA PHE C 47 54.84 -16.63 -44.96
C PHE C 47 55.97 -17.59 -44.61
N TYR C 48 56.45 -18.34 -45.61
CA TYR C 48 57.56 -19.27 -45.37
C TYR C 48 58.79 -18.56 -44.85
N ILE C 49 59.14 -17.43 -45.47
CA ILE C 49 60.35 -16.69 -45.07
C ILE C 49 60.21 -16.18 -43.64
N LEU C 50 59.07 -15.53 -43.33
CA LEU C 50 58.86 -15.05 -41.96
C LEU C 50 58.81 -16.20 -40.97
N THR C 51 58.26 -17.34 -41.37
CA THR C 51 58.26 -18.51 -40.49
C THR C 51 59.69 -18.93 -40.18
N LYS C 52 60.54 -18.99 -41.20
CA LYS C 52 61.91 -19.44 -40.98
C LYS C 52 62.68 -18.47 -40.07
N GLU C 53 62.46 -17.16 -40.29
CA GLU C 53 63.10 -16.11 -39.49
C GLU C 53 62.63 -16.19 -38.03
N ASN C 54 61.32 -16.36 -37.84
CA ASN C 54 60.74 -16.48 -36.52
C ASN C 54 61.19 -17.76 -35.83
N ILE C 55 61.45 -18.82 -36.59
CA ILE C 55 62.00 -20.03 -36.01
C ILE C 55 63.39 -19.73 -35.45
N ASP C 56 64.24 -19.08 -36.27
CA ASP C 56 65.57 -18.70 -35.82
C ASP C 56 65.51 -17.80 -34.58
N TRP C 57 64.53 -16.91 -34.53
CA TRP C 57 64.42 -16.01 -33.40
C TRP C 57 63.96 -16.77 -32.16
N GLY C 58 63.10 -17.76 -32.36
CA GLY C 58 62.69 -18.64 -31.27
C GLY C 58 63.84 -19.46 -30.73
N ILE C 59 64.70 -19.96 -31.62
CA ILE C 59 65.87 -20.72 -31.19
C ILE C 59 66.75 -19.83 -30.30
N GLN C 60 67.03 -18.61 -30.79
CA GLN C 60 67.82 -17.64 -30.04
C GLN C 60 67.18 -17.34 -28.68
N GLU C 61 65.86 -17.13 -28.65
CA GLU C 61 65.18 -16.83 -27.41
C GLU C 61 65.20 -18.00 -26.43
N GLY C 62 65.08 -19.23 -26.92
CA GLY C 62 65.17 -20.36 -26.02
C GLY C 62 66.57 -20.49 -25.47
N ILE C 63 67.56 -20.13 -26.29
CA ILE C 63 68.95 -20.19 -25.84
C ILE C 63 69.17 -19.16 -24.74
N ILE C 64 68.52 -18.01 -24.89
CA ILE C 64 68.52 -16.99 -23.86
C ILE C 64 67.90 -17.55 -22.58
N GLU C 65 66.69 -18.11 -22.69
CA GLU C 65 65.91 -18.50 -21.52
C GLU C 65 66.55 -19.65 -20.75
N ALA C 66 67.06 -20.67 -21.46
CA ALA C 66 67.56 -21.88 -20.83
C ALA C 66 68.70 -21.57 -19.84
N PHE C 67 69.75 -20.88 -20.29
CA PHE C 67 70.94 -20.63 -19.48
C PHE C 67 70.96 -19.23 -18.86
N ASP C 68 69.95 -18.40 -19.13
CA ASP C 68 69.85 -17.06 -18.56
C ASP C 68 71.04 -16.18 -18.96
N PHE C 69 71.58 -16.39 -20.16
CA PHE C 69 72.70 -15.60 -20.68
C PHE C 69 72.16 -14.50 -21.59
N GLN C 70 71.59 -13.48 -20.94
CA GLN C 70 70.94 -12.39 -21.66
C GLN C 70 71.95 -11.60 -22.49
N LYS C 71 71.52 -11.12 -23.65
CA LYS C 71 72.36 -10.29 -24.51
C LYS C 71 72.71 -8.99 -23.80
N ARG C 72 73.96 -8.55 -24.02
CA ARG C 72 74.41 -7.28 -23.46
C ARG C 72 73.64 -6.13 -24.10
N GLN C 73 73.15 -5.22 -23.27
CA GLN C 73 72.39 -4.06 -23.71
C GLN C 73 73.37 -2.99 -24.18
N SER C 74 72.90 -1.75 -24.35
CA SER C 74 73.80 -0.67 -24.75
C SER C 74 74.77 -0.35 -23.62
N LYS C 75 76.03 -0.16 -23.99
CA LYS C 75 77.14 -0.03 -23.06
C LYS C 75 77.54 1.44 -23.02
N ARG C 76 77.66 1.99 -21.81
CA ARG C 76 77.99 3.40 -21.68
C ARG C 76 79.42 3.66 -22.19
N ALA C 77 79.64 4.90 -22.60
CA ALA C 77 80.96 5.40 -23.00
C ALA C 77 81.58 6.16 -21.84
N TYR C 78 82.86 5.92 -21.59
CA TYR C 78 83.55 6.57 -20.50
C TYR C 78 85.03 6.69 -20.82
N GLY C 79 85.73 7.49 -20.01
CA GLY C 79 87.13 7.77 -20.19
C GLY C 79 87.61 8.68 -19.06
N ASP C 80 88.66 9.44 -19.33
CA ASP C 80 89.36 10.28 -18.37
C ASP C 80 89.52 11.69 -18.90
N VAL C 81 89.46 12.68 -17.98
CA VAL C 81 89.68 14.07 -18.37
C VAL C 81 90.64 14.71 -17.36
N THR C 82 91.29 15.78 -17.83
CA THR C 82 92.30 16.53 -17.07
C THR C 82 91.76 17.90 -16.71
N ILE C 83 91.69 18.19 -15.41
CA ILE C 83 91.28 19.51 -14.94
C ILE C 83 92.51 20.38 -14.70
N GLN C 84 92.48 21.64 -15.19
CA GLN C 84 93.65 22.50 -15.11
C GLN C 84 93.28 23.75 -14.34
N PHE C 85 94.03 24.02 -13.27
CA PHE C 85 93.77 25.15 -12.41
C PHE C 85 94.61 26.35 -12.86
N TYR C 86 94.10 27.54 -12.54
CA TYR C 86 94.82 28.78 -12.80
C TYR C 86 96.14 28.83 -12.03
N GLN C 87 96.15 28.36 -10.80
CA GLN C 87 97.27 28.36 -9.88
C GLN C 87 97.27 27.02 -9.15
N PRO C 88 98.37 26.65 -8.52
CA PRO C 88 98.33 25.48 -7.63
C PRO C 88 97.41 25.71 -6.45
N LEU C 89 96.82 24.64 -5.94
CA LEU C 89 95.64 24.74 -5.12
C LEU C 89 95.98 25.10 -3.67
N ASP C 90 95.04 25.78 -3.00
CA ASP C 90 95.24 26.34 -1.65
C ASP C 90 94.47 25.63 -0.54
N MET C 91 93.63 24.65 -0.86
CA MET C 91 92.79 23.95 0.12
C MET C 91 92.41 22.60 -0.45
N ARG C 92 92.01 21.67 0.42
CA ARG C 92 91.69 20.30 -0.01
C ARG C 92 90.30 20.27 -0.68
N MET C 93 90.22 20.94 -1.84
CA MET C 93 88.96 21.14 -2.54
C MET C 93 88.46 19.84 -3.20
N TYR C 94 87.15 19.81 -3.52
CA TYR C 94 86.41 18.57 -3.75
C TYR C 94 85.46 18.69 -4.94
N ILE C 95 85.35 17.62 -5.72
CA ILE C 95 84.38 17.49 -6.81
C ILE C 95 83.36 16.43 -6.39
N PRO C 96 82.04 16.73 -6.40
CA PRO C 96 81.07 15.66 -6.12
C PRO C 96 80.78 14.81 -7.34
N ALA C 97 80.49 13.53 -7.09
CA ALA C 97 79.91 12.65 -8.11
C ALA C 97 78.72 13.29 -8.79
N GLY C 98 78.61 13.09 -10.11
CA GLY C 98 77.52 13.64 -10.88
C GLY C 98 77.72 15.10 -11.25
N THR C 99 78.96 15.56 -11.31
CA THR C 99 79.33 16.79 -11.98
C THR C 99 79.34 16.62 -13.50
N THR C 100 78.80 17.61 -14.19
CA THR C 100 78.58 17.52 -15.63
C THR C 100 79.78 18.06 -16.38
N PHE C 101 80.04 17.46 -17.54
CA PHE C 101 81.06 17.93 -18.47
C PHE C 101 80.43 17.94 -19.85
N THR C 102 80.62 19.04 -20.57
CA THR C 102 80.02 19.25 -21.87
C THR C 102 81.07 19.79 -22.81
N SER C 103 80.95 19.39 -24.08
CA SER C 103 81.85 19.85 -25.14
C SER C 103 81.24 21.06 -25.82
N THR C 104 82.04 22.10 -26.00
CA THR C 104 81.56 23.34 -26.59
C THR C 104 81.34 23.18 -28.09
N ARG C 105 81.92 22.16 -28.72
CA ARG C 105 81.73 21.94 -30.14
C ARG C 105 80.27 21.60 -30.44
N GLN C 106 79.73 22.23 -31.49
CA GLN C 106 78.34 22.02 -31.88
C GLN C 106 78.12 20.64 -32.49
N GLU C 107 79.17 20.03 -33.04
CA GLU C 107 79.04 18.72 -33.66
C GLU C 107 79.05 17.56 -32.67
N TYR C 108 79.36 17.83 -31.39
CA TYR C 108 79.29 16.81 -30.34
C TYR C 108 78.62 17.43 -29.13
N PRO C 109 77.28 17.55 -29.17
CA PRO C 109 76.57 18.13 -28.01
C PRO C 109 76.36 17.17 -26.85
N GLN C 110 76.78 15.91 -26.97
CA GLN C 110 76.59 14.95 -25.88
C GLN C 110 77.32 15.38 -24.60
N GLN C 111 76.66 15.14 -23.48
CA GLN C 111 77.12 15.46 -22.14
C GLN C 111 77.80 14.26 -21.50
N PHE C 112 78.50 14.52 -20.39
CA PHE C 112 79.15 13.49 -19.59
C PHE C 112 78.98 13.82 -18.12
N GLU C 113 79.02 12.80 -17.27
CA GLU C 113 78.89 12.98 -15.83
C GLU C 113 79.78 12.00 -15.08
N THR C 114 80.21 12.41 -13.88
CA THR C 114 81.05 11.58 -13.02
C THR C 114 80.18 10.69 -12.13
N LEU C 115 80.78 9.61 -11.64
CA LEU C 115 80.10 8.65 -10.76
C LEU C 115 80.67 8.54 -9.35
N VAL C 116 81.97 8.78 -9.13
CA VAL C 116 82.58 8.70 -7.81
C VAL C 116 83.27 10.03 -7.52
N ASP C 117 83.24 10.43 -6.25
CA ASP C 117 83.81 11.71 -5.83
C ASP C 117 85.32 11.74 -6.08
N TYR C 118 85.89 12.93 -6.00
CA TYR C 118 87.34 13.08 -5.91
C TYR C 118 87.66 14.30 -5.05
N TYR C 119 88.75 14.21 -4.29
CA TYR C 119 89.32 15.34 -3.56
C TYR C 119 90.64 15.70 -4.22
N ALA C 120 90.87 16.99 -4.42
CA ALA C 120 92.12 17.47 -4.99
C ALA C 120 93.09 17.81 -3.88
N GLU C 121 94.35 17.30 -4.00
CA GLU C 121 95.17 17.47 -2.81
C GLU C 121 95.68 18.91 -2.77
N PRO C 122 95.87 19.48 -1.57
CA PRO C 122 96.35 20.88 -1.54
C PRO C 122 97.73 21.02 -2.15
N ASP C 123 97.99 22.22 -2.67
CA ASP C 123 99.12 22.51 -3.55
C ASP C 123 99.28 21.58 -4.74
N SER C 124 98.22 20.90 -5.20
CA SER C 124 98.30 20.20 -6.47
C SER C 124 97.98 21.15 -7.62
N THR C 125 98.19 20.68 -8.85
CA THR C 125 98.04 21.55 -10.02
C THR C 125 97.20 20.93 -11.13
N GLU C 126 97.14 19.60 -11.20
CA GLU C 126 96.23 18.93 -12.11
C GLU C 126 95.63 17.72 -11.41
N ILE C 127 94.60 17.14 -12.02
CA ILE C 127 93.95 15.95 -11.49
C ILE C 127 93.26 15.25 -12.64
N VAL C 128 93.26 13.91 -12.61
CA VAL C 128 92.61 13.09 -13.62
C VAL C 128 91.39 12.41 -12.98
N VAL C 129 90.22 12.66 -13.56
CA VAL C 129 88.97 12.08 -13.08
C VAL C 129 88.28 11.33 -14.21
N GLU C 130 87.44 10.34 -13.85
CA GLU C 130 86.72 9.57 -14.86
C GLU C 130 85.31 10.13 -15.05
N VAL C 131 84.89 10.19 -16.32
CA VAL C 131 83.59 10.71 -16.71
C VAL C 131 82.84 9.64 -17.50
N TYR C 132 81.53 9.52 -17.24
CA TYR C 132 80.69 8.52 -17.89
C TYR C 132 79.65 9.24 -18.72
N CYS C 133 79.39 8.73 -19.92
CA CYS C 133 78.51 9.40 -20.88
C CYS C 133 77.07 8.99 -20.64
N LYS C 134 76.17 9.98 -20.52
CA LYS C 134 74.75 9.68 -20.34
C LYS C 134 74.20 8.92 -21.54
N GLU C 135 74.41 9.44 -22.74
CA GLU C 135 74.02 8.73 -23.95
C GLU C 135 74.88 7.47 -24.10
N THR C 136 74.30 6.44 -24.73
CA THR C 136 74.99 5.20 -25.02
C THR C 136 74.86 4.89 -26.50
N GLY C 137 75.97 4.67 -27.18
CA GLY C 137 75.95 4.18 -28.55
C GLY C 137 77.23 4.62 -29.26
N VAL C 138 77.07 5.16 -30.48
CA VAL C 138 78.24 5.64 -31.20
C VAL C 138 78.60 7.08 -30.83
N ALA C 139 77.63 7.83 -30.32
CA ALA C 139 77.80 9.26 -30.08
C ALA C 139 78.78 9.54 -28.94
N GLY C 140 79.03 8.55 -28.08
CA GLY C 140 80.00 8.73 -27.01
C GLY C 140 81.45 8.66 -27.46
N ASN C 141 81.70 8.09 -28.64
CA ASN C 141 83.07 7.96 -29.17
C ASN C 141 83.50 9.27 -29.82
N VAL C 142 83.65 10.29 -29.00
CA VAL C 142 84.05 11.61 -29.51
C VAL C 142 85.53 11.58 -29.89
N PRO C 143 86.01 12.49 -30.77
CA PRO C 143 87.44 12.52 -31.08
C PRO C 143 88.28 13.02 -29.92
N GLU C 144 89.57 13.26 -30.17
CA GLU C 144 90.44 13.80 -29.14
C GLU C 144 90.23 15.29 -28.98
N GLY C 145 90.43 15.77 -27.74
CA GLY C 145 90.24 17.17 -27.41
C GLY C 145 88.87 17.70 -27.76
N THR C 146 87.82 17.01 -27.32
CA THR C 146 86.44 17.38 -27.59
C THR C 146 85.77 18.06 -26.39
N ILE C 147 86.03 17.56 -25.18
CA ILE C 147 85.39 18.08 -23.97
C ILE C 147 86.18 19.32 -23.55
N ASN C 148 85.64 20.50 -23.82
CA ASN C 148 86.38 21.73 -23.56
C ASN C 148 86.07 22.34 -22.19
N THR C 149 84.80 22.33 -21.80
CA THR C 149 84.30 23.02 -20.62
C THR C 149 83.62 22.03 -19.67
N ILE C 150 83.40 22.49 -18.42
CA ILE C 150 82.70 21.71 -17.40
C ILE C 150 81.23 22.13 -17.26
N ALA C 151 80.80 23.18 -17.97
CA ALA C 151 79.40 23.60 -17.99
C ALA C 151 78.90 23.95 -16.59
N SER C 152 79.72 24.69 -15.83
CA SER C 152 79.34 25.11 -14.48
C SER C 152 79.98 26.46 -14.21
N GLY C 153 80.27 26.77 -12.94
CA GLY C 153 80.90 28.05 -12.63
C GLY C 153 82.36 28.10 -13.01
N SER C 154 83.09 27.02 -12.72
CA SER C 154 84.50 26.83 -13.12
C SER C 154 85.38 28.01 -12.69
N SER C 155 85.22 28.41 -11.43
CA SER C 155 85.89 29.61 -10.93
C SER C 155 87.39 29.39 -10.88
N LEU C 156 87.82 28.23 -10.36
CA LEU C 156 89.24 27.87 -10.22
C LEU C 156 89.77 27.00 -11.35
N ILE C 157 88.92 26.64 -12.32
CA ILE C 157 89.31 25.85 -13.49
C ILE C 157 89.50 26.77 -14.68
N ARG C 158 90.60 26.56 -15.42
CA ARG C 158 90.86 27.32 -16.64
C ARG C 158 90.27 26.64 -17.87
N SER C 159 90.68 25.40 -18.12
CA SER C 159 90.19 24.65 -19.26
C SER C 159 90.25 23.17 -18.94
N VAL C 160 89.45 22.37 -19.64
CA VAL C 160 89.47 20.93 -19.48
C VAL C 160 89.69 20.32 -20.86
N ASN C 161 90.49 19.25 -20.91
CA ASN C 161 90.73 18.54 -22.16
C ASN C 161 91.02 17.08 -21.89
N ASN C 162 90.83 16.27 -22.93
CA ASN C 162 91.05 14.83 -22.89
C ASN C 162 92.13 14.49 -23.91
N GLU C 163 93.10 13.69 -23.45
CA GLU C 163 94.25 13.34 -24.27
C GLU C 163 94.02 12.11 -25.13
N TYR C 164 92.98 11.33 -24.83
CA TYR C 164 92.69 10.07 -25.48
C TYR C 164 91.25 10.06 -25.95
N SER C 165 90.97 9.22 -26.94
CA SER C 165 89.64 9.12 -27.51
C SER C 165 88.81 8.10 -26.76
N PHE C 166 87.51 8.22 -26.90
CA PHE C 166 86.57 7.29 -26.28
C PHE C 166 86.26 6.18 -27.28
N ASN C 167 86.54 4.95 -26.88
CA ASN C 167 86.32 3.76 -27.70
C ASN C 167 85.34 2.78 -27.09
N THR C 168 84.94 2.97 -25.82
CA THR C 168 84.09 1.99 -25.17
C THR C 168 82.62 2.15 -25.57
N GLY C 169 82.25 3.30 -26.11
CA GLY C 169 80.90 3.48 -26.64
C GLY C 169 80.61 2.59 -27.83
N THR C 170 79.75 1.60 -27.63
CA THR C 170 79.48 0.58 -28.64
C THR C 170 77.99 0.31 -28.72
N LYS C 171 77.56 -0.17 -29.89
CA LYS C 171 76.16 -0.46 -30.13
C LYS C 171 75.81 -1.85 -29.60
N GLU C 172 74.55 -2.24 -29.73
CA GLU C 172 74.13 -3.51 -29.14
C GLU C 172 74.80 -4.66 -29.89
N GLU C 173 75.12 -5.72 -29.16
CA GLU C 173 75.88 -6.83 -29.74
C GLU C 173 75.05 -7.55 -30.79
N SER C 174 75.69 -7.89 -31.90
CA SER C 174 74.99 -8.56 -32.98
C SER C 174 74.76 -10.03 -32.63
N GLN C 175 74.08 -10.74 -33.53
CA GLN C 175 73.87 -12.17 -33.33
C GLN C 175 75.18 -12.94 -33.28
N GLU C 176 76.13 -12.59 -34.15
CA GLU C 176 77.37 -13.36 -34.23
C GLU C 176 78.17 -13.28 -32.94
N ASP C 177 78.39 -12.06 -32.45
CA ASP C 177 79.00 -11.86 -31.12
C ASP C 177 78.30 -12.68 -30.04
N PHE C 178 76.97 -12.70 -30.04
CA PHE C 178 76.27 -13.45 -28.99
C PHE C 178 76.54 -14.93 -29.13
N LYS C 179 76.62 -15.42 -30.37
CA LYS C 179 76.90 -16.83 -30.59
C LYS C 179 78.32 -17.18 -30.14
N ARG C 180 79.29 -16.32 -30.43
CA ARG C 180 80.66 -16.53 -29.98
C ARG C 180 80.72 -16.57 -28.45
N ARG C 181 80.10 -15.59 -27.80
CA ARG C 181 80.04 -15.55 -26.35
C ARG C 181 79.40 -16.81 -25.79
N PHE C 182 78.35 -17.31 -26.45
CA PHE C 182 77.64 -18.46 -25.92
C PHE C 182 78.46 -19.74 -26.14
N HIS C 183 79.20 -19.84 -27.24
CA HIS C 183 80.04 -21.02 -27.44
C HIS C 183 81.18 -21.06 -26.44
N SER C 184 81.73 -19.89 -26.08
CA SER C 184 82.70 -19.88 -24.98
C SER C 184 82.04 -20.25 -23.66
N PHE C 185 80.80 -19.81 -23.45
CA PHE C 185 80.09 -20.16 -22.22
C PHE C 185 79.83 -21.65 -22.13
N VAL C 186 79.49 -22.29 -23.24
CA VAL C 186 79.23 -23.73 -23.24
C VAL C 186 80.53 -24.49 -23.01
N GLU C 187 81.63 -24.01 -23.57
CA GLU C 187 82.92 -24.64 -23.41
C GLU C 187 83.60 -24.30 -22.09
N SER C 188 83.01 -23.40 -21.30
CA SER C 188 83.60 -22.92 -20.05
C SER C 188 82.90 -23.48 -18.82
N ARG C 189 82.16 -24.57 -18.95
CA ARG C 189 81.43 -25.08 -17.81
C ARG C 189 82.37 -25.86 -16.89
N GLY C 190 83.38 -26.51 -17.47
CA GLY C 190 84.45 -27.09 -16.69
C GLY C 190 85.46 -26.03 -16.28
N ARG C 191 85.66 -25.90 -14.96
CA ARG C 191 86.62 -24.99 -14.38
C ARG C 191 88.02 -25.60 -14.36
N ALA C 192 89.01 -24.74 -14.05
CA ALA C 192 90.41 -25.10 -14.17
C ALA C 192 90.77 -25.46 -15.62
N THR C 193 90.50 -24.50 -16.50
CA THR C 193 90.95 -24.56 -17.88
C THR C 193 91.16 -23.13 -18.37
N ASN C 194 92.13 -22.95 -19.28
CA ASN C 194 92.38 -21.62 -19.82
C ASN C 194 91.16 -21.08 -20.55
N LYS C 195 90.51 -21.93 -21.36
CA LYS C 195 89.28 -21.51 -22.03
C LYS C 195 88.19 -21.20 -21.02
N SER C 196 88.21 -21.84 -19.86
CA SER C 196 87.27 -21.50 -18.80
C SER C 196 87.62 -20.15 -18.17
N VAL C 197 88.90 -19.88 -17.93
CA VAL C 197 89.28 -18.62 -17.30
C VAL C 197 89.03 -17.47 -18.27
N ARG C 198 89.08 -17.73 -19.57
CA ARG C 198 88.69 -16.74 -20.58
C ARG C 198 87.28 -16.22 -20.31
N TYR C 199 86.31 -17.12 -20.19
CA TYR C 199 84.94 -16.69 -19.90
C TYR C 199 84.84 -16.12 -18.49
N GLY C 200 85.46 -16.78 -17.53
CA GLY C 200 85.66 -16.31 -16.17
C GLY C 200 85.95 -14.83 -16.02
N ALA C 201 86.85 -14.34 -16.87
CA ALA C 201 87.31 -12.97 -16.84
C ALA C 201 86.61 -12.09 -17.88
N LEU C 202 85.96 -12.69 -18.86
CA LEU C 202 85.18 -11.98 -19.85
C LEU C 202 83.75 -11.71 -19.42
N GLN C 203 83.29 -12.31 -18.31
CA GLN C 203 81.90 -12.16 -17.91
C GLN C 203 81.53 -10.72 -17.58
N ILE C 204 82.49 -9.93 -17.09
CA ILE C 204 82.20 -8.52 -16.84
C ILE C 204 81.84 -7.86 -18.18
N PRO C 205 80.76 -7.07 -18.28
CA PRO C 205 80.42 -6.51 -19.60
C PRO C 205 81.47 -5.55 -20.14
N ASP C 206 82.12 -4.77 -19.28
CA ASP C 206 83.02 -3.74 -19.77
C ASP C 206 84.26 -4.31 -20.44
N VAL C 207 84.66 -5.53 -20.10
CA VAL C 207 85.90 -6.09 -20.62
C VAL C 207 85.66 -6.51 -22.06
N GLU C 208 86.59 -6.12 -22.94
CA GLU C 208 86.60 -6.54 -24.34
C GLU C 208 87.76 -7.46 -24.70
N GLY C 209 88.99 -7.05 -24.42
CA GLY C 209 90.16 -7.87 -24.62
C GLY C 209 90.52 -8.58 -23.33
N VAL C 210 90.96 -9.83 -23.45
CA VAL C 210 91.35 -10.64 -22.31
C VAL C 210 92.25 -11.76 -22.79
N TYR C 211 93.33 -12.00 -22.05
CA TYR C 211 94.27 -13.07 -22.34
C TYR C 211 94.81 -13.61 -21.02
N VAL C 212 95.11 -14.91 -21.00
CA VAL C 212 95.59 -15.59 -19.82
C VAL C 212 96.92 -16.27 -20.16
N TYR C 213 97.95 -15.95 -19.39
CA TYR C 213 99.26 -16.61 -19.49
C TYR C 213 99.47 -17.54 -18.31
N GLU C 214 99.96 -18.75 -18.60
CA GLU C 214 100.16 -19.82 -17.64
C GLU C 214 101.64 -20.15 -17.52
N GLU C 215 102.02 -20.67 -16.35
CA GLU C 215 103.36 -21.19 -16.12
C GLU C 215 103.24 -22.38 -15.18
N THR C 216 104.37 -22.83 -14.61
CA THR C 216 104.39 -24.11 -13.91
C THR C 216 103.57 -24.07 -12.62
N GLY C 217 103.63 -22.96 -11.89
CA GLY C 217 102.91 -22.87 -10.63
C GLY C 217 102.33 -21.49 -10.37
N HIS C 218 101.84 -20.84 -11.42
CA HIS C 218 101.16 -19.56 -11.27
C HIS C 218 100.34 -19.27 -12.52
N ILE C 219 99.18 -18.64 -12.31
CA ILE C 219 98.31 -18.17 -13.39
C ILE C 219 98.25 -16.65 -13.34
N THR C 220 98.28 -16.03 -14.51
CA THR C 220 98.23 -14.58 -14.67
C THR C 220 97.15 -14.23 -15.69
N VAL C 221 96.43 -13.14 -15.44
CA VAL C 221 95.36 -12.69 -16.32
C VAL C 221 95.70 -11.29 -16.83
N PHE C 222 95.59 -11.11 -18.15
CA PHE C 222 95.83 -9.83 -18.82
C PHE C 222 94.54 -9.43 -19.52
N ALA C 223 93.98 -8.28 -19.13
CA ALA C 223 92.73 -7.81 -19.71
C ALA C 223 92.72 -6.29 -19.74
N HIS C 224 91.86 -5.74 -20.59
CA HIS C 224 91.72 -4.30 -20.73
C HIS C 224 90.41 -3.99 -21.43
N ASP C 225 90.02 -2.71 -21.39
CA ASP C 225 88.82 -2.25 -22.07
C ASP C 225 89.16 -1.95 -23.53
N ARG C 226 88.22 -1.36 -24.27
CA ARG C 226 88.53 -0.99 -25.65
C ARG C 226 89.58 0.12 -25.72
N ASN C 227 89.58 1.03 -24.75
CA ASN C 227 90.61 2.08 -24.77
C ASN C 227 92.00 1.48 -24.62
N GLY C 228 92.13 0.48 -23.73
CA GLY C 228 93.40 -0.18 -23.48
C GLY C 228 94.10 0.34 -22.25
N ASN C 229 93.36 0.39 -21.15
CA ASN C 229 93.86 0.87 -19.86
C ASN C 229 93.07 0.18 -18.77
N LEU C 230 93.79 -0.57 -17.94
CA LEU C 230 93.23 -1.24 -16.77
C LEU C 230 93.06 -0.28 -15.59
N SER C 231 91.99 -0.51 -14.86
CA SER C 231 91.55 0.29 -13.73
C SER C 231 91.47 -0.59 -12.48
N ASP C 232 91.66 0.03 -11.32
CA ASP C 232 91.69 -0.73 -10.08
C ASP C 232 90.29 -1.23 -9.72
N THR C 233 89.26 -0.43 -10.01
CA THR C 233 87.90 -0.89 -9.75
C THR C 233 87.56 -2.11 -10.59
N LEU C 234 88.01 -2.13 -11.84
CA LEU C 234 87.75 -3.28 -12.70
C LEU C 234 88.46 -4.52 -12.17
N LYS C 235 89.70 -4.36 -11.72
CA LYS C 235 90.44 -5.47 -11.10
C LYS C 235 89.71 -5.99 -9.87
N GLU C 236 89.24 -5.10 -9.00
CA GLU C 236 88.49 -5.52 -7.83
C GLU C 236 87.22 -6.28 -8.22
N ASP C 237 86.41 -5.69 -9.10
CA ASP C 237 85.21 -6.38 -9.59
C ASP C 237 85.54 -7.74 -10.21
N ILE C 238 86.65 -7.84 -10.95
CA ILE C 238 87.03 -9.11 -11.55
C ILE C 238 87.33 -10.13 -10.45
N ILE C 239 88.09 -9.72 -9.44
CA ILE C 239 88.40 -10.61 -8.32
C ILE C 239 87.11 -11.05 -7.62
N ASP C 240 86.18 -10.11 -7.43
CA ASP C 240 84.95 -10.45 -6.70
C ASP C 240 84.10 -11.44 -7.48
N ALA C 241 83.93 -11.20 -8.79
CA ALA C 241 83.02 -12.00 -9.59
C ALA C 241 83.61 -13.33 -10.02
N LEU C 242 84.93 -13.45 -10.05
CA LEU C 242 85.60 -14.59 -10.66
C LEU C 242 85.83 -15.74 -9.67
N GLN C 243 85.38 -15.59 -8.42
CA GLN C 243 85.61 -16.64 -7.42
C GLN C 243 85.03 -17.98 -7.85
N ASP C 244 83.93 -17.97 -8.61
CA ASP C 244 83.28 -19.23 -8.99
C ASP C 244 83.99 -19.98 -10.11
N TYR C 245 85.09 -19.45 -10.67
CA TYR C 245 85.82 -20.10 -11.75
C TYR C 245 87.31 -20.20 -11.50
N ARG C 246 87.80 -19.64 -10.39
CA ARG C 246 89.22 -19.65 -10.08
C ARG C 246 89.66 -21.07 -9.72
N PRO C 247 90.84 -21.52 -10.19
CA PRO C 247 91.33 -22.82 -9.74
C PRO C 247 91.58 -22.84 -8.25
N SER C 248 91.25 -23.97 -7.61
CA SER C 248 91.31 -24.04 -6.15
C SER C 248 92.75 -23.98 -5.66
N GLY C 249 93.60 -24.87 -6.18
CA GLY C 249 94.94 -25.04 -5.64
C GLY C 249 96.06 -24.26 -6.31
N ILE C 250 95.75 -23.17 -7.02
CA ILE C 250 96.74 -22.40 -7.78
C ILE C 250 96.38 -20.93 -7.63
N MET C 251 97.37 -20.11 -7.30
CA MET C 251 97.15 -18.68 -7.16
C MET C 251 96.80 -18.05 -8.51
N LEU C 252 96.12 -16.90 -8.44
CA LEU C 252 95.75 -16.13 -9.61
C LEU C 252 96.06 -14.65 -9.37
N ASP C 253 96.50 -13.97 -10.43
CA ASP C 253 96.83 -12.55 -10.42
C ASP C 253 96.22 -11.91 -11.67
N VAL C 254 95.58 -10.75 -11.48
CA VAL C 254 94.97 -10.00 -12.58
C VAL C 254 95.66 -8.64 -12.64
N THR C 255 96.63 -8.49 -13.55
CA THR C 255 97.38 -7.26 -13.75
C THR C 255 98.27 -7.45 -14.98
N GLY C 256 98.73 -6.32 -15.55
CA GLY C 256 99.71 -6.38 -16.63
C GLY C 256 99.33 -6.01 -18.06
N VAL C 257 99.66 -4.79 -18.50
CA VAL C 257 99.21 -4.28 -19.80
C VAL C 257 100.23 -3.25 -20.28
N GLU C 258 100.66 -3.39 -21.54
CA GLU C 258 101.62 -2.49 -22.16
C GLU C 258 101.23 -2.26 -23.61
N LYS C 259 101.40 -1.02 -24.07
CA LYS C 259 101.06 -0.61 -25.44
C LYS C 259 102.25 -0.80 -26.38
N GLU C 260 102.23 -1.88 -27.18
CA GLU C 260 103.30 -2.09 -28.15
C GLU C 260 103.10 -1.16 -29.35
N GLU C 261 104.18 -0.51 -29.77
CA GLU C 261 104.15 0.51 -30.81
C GLU C 261 104.81 -0.02 -32.08
N VAL C 262 104.19 0.29 -33.21
CA VAL C 262 104.74 -0.06 -34.52
C VAL C 262 104.27 0.98 -35.53
N ASN C 263 105.14 1.28 -36.47
CA ASN C 263 104.89 2.28 -37.52
C ASN C 263 104.59 1.55 -38.82
N VAL C 264 103.42 1.79 -39.39
CA VAL C 264 102.98 1.11 -40.61
C VAL C 264 103.17 2.06 -41.79
N SER C 265 103.92 1.59 -42.80
CA SER C 265 104.14 2.33 -44.04
C SER C 265 103.72 1.47 -45.23
N ALA C 266 102.73 1.94 -45.98
CA ALA C 266 102.18 1.21 -47.10
C ALA C 266 102.20 2.07 -48.35
N THR C 267 102.14 1.41 -49.50
CA THR C 267 102.13 2.05 -50.81
C THR C 267 100.91 1.55 -51.57
N VAL C 268 100.09 2.48 -52.05
CA VAL C 268 98.78 2.18 -52.63
C VAL C 268 98.74 2.76 -54.03
N THR C 269 98.47 1.93 -55.04
CA THR C 269 98.40 2.40 -56.42
C THR C 269 96.92 2.44 -56.80
N ILE C 270 96.33 3.64 -56.82
CA ILE C 270 94.91 3.78 -57.11
C ILE C 270 94.69 3.55 -58.59
N SER C 271 93.55 2.93 -58.94
CA SER C 271 93.37 2.61 -60.35
C SER C 271 93.15 3.89 -61.16
N ASN C 272 92.39 4.83 -60.60
CA ASN C 272 92.20 6.14 -61.23
C ASN C 272 93.45 6.98 -61.01
N LYS C 273 94.15 7.31 -62.10
CA LYS C 273 95.29 8.21 -62.00
C LYS C 273 94.86 9.58 -61.48
N SER C 274 93.63 10.00 -61.78
CA SER C 274 93.09 11.23 -61.23
C SER C 274 92.63 11.00 -59.80
N ARG C 275 92.53 12.09 -59.05
CA ARG C 275 92.00 12.06 -57.68
C ARG C 275 92.91 11.22 -56.78
N ILE C 276 94.17 11.65 -56.73
CA ILE C 276 95.20 11.00 -55.92
C ILE C 276 95.73 12.05 -54.95
N GLY C 277 94.81 12.83 -54.34
CA GLY C 277 95.20 13.83 -53.37
C GLY C 277 95.09 13.32 -51.95
N ASP C 278 95.77 14.04 -51.06
CA ASP C 278 95.92 13.75 -49.65
C ASP C 278 94.59 13.66 -48.88
N THR C 279 93.46 14.00 -49.50
CA THR C 279 92.19 13.87 -48.79
C THR C 279 91.81 12.40 -48.66
N LEU C 280 91.96 11.65 -49.74
CA LEU C 280 91.68 10.23 -49.66
C LEU C 280 92.69 9.56 -48.73
N GLN C 281 93.96 10.00 -48.79
CA GLN C 281 94.99 9.50 -47.87
C GLN C 281 94.62 9.73 -46.41
N LYS C 282 94.07 10.89 -46.07
CA LYS C 282 93.57 11.10 -44.71
C LYS C 282 92.52 10.07 -44.35
N HIS C 283 91.58 9.81 -45.26
CA HIS C 283 90.57 8.79 -44.96
C HIS C 283 91.21 7.42 -44.76
N ILE C 284 92.23 7.10 -45.56
CA ILE C 284 92.86 5.78 -45.47
C ILE C 284 93.63 5.66 -44.17
N GLU C 285 94.28 6.75 -43.76
CA GLU C 285 94.97 6.73 -42.48
C GLU C 285 93.99 6.57 -41.33
N SER C 286 92.80 7.16 -41.45
CA SER C 286 91.82 7.06 -40.38
C SER C 286 91.22 5.67 -40.33
N VAL C 287 91.11 5.01 -41.49
CA VAL C 287 90.61 3.65 -41.48
C VAL C 287 91.65 2.71 -40.88
N ILE C 288 92.92 2.87 -41.28
CA ILE C 288 93.99 2.07 -40.69
C ILE C 288 94.05 2.27 -39.18
N ARG C 289 93.91 3.52 -38.72
CA ARG C 289 93.93 3.77 -37.28
C ARG C 289 92.77 3.06 -36.58
N SER C 290 91.55 3.16 -37.15
CA SER C 290 90.42 2.48 -36.53
C SER C 290 90.61 0.97 -36.51
N TYR C 291 91.25 0.41 -37.53
CA TYR C 291 91.48 -1.04 -37.58
C TYR C 291 92.48 -1.45 -36.51
N LEU C 292 93.62 -0.76 -36.44
CA LEU C 292 94.69 -1.16 -35.54
C LEU C 292 94.28 -0.96 -34.09
N ASN C 293 93.59 0.14 -33.80
CA ASN C 293 93.15 0.41 -32.44
C ASN C 293 92.11 -0.60 -31.96
N ASN C 294 91.40 -1.26 -32.88
CA ASN C 294 90.34 -2.19 -32.50
C ASN C 294 90.89 -3.54 -32.02
N LEU C 295 92.12 -3.89 -32.37
CA LEU C 295 92.70 -5.16 -31.92
C LEU C 295 92.75 -5.21 -30.39
N LYS C 296 92.97 -6.43 -29.87
CA LYS C 296 93.09 -6.66 -28.44
C LYS C 296 94.36 -7.46 -28.19
N THR C 297 94.64 -7.69 -26.89
CA THR C 297 95.83 -8.45 -26.50
C THR C 297 95.87 -9.83 -27.14
N SER C 298 94.71 -10.48 -27.24
CA SER C 298 94.66 -11.87 -27.71
C SER C 298 94.84 -11.93 -29.23
N ASP C 299 94.53 -10.85 -29.94
CA ASP C 299 94.80 -10.75 -31.37
C ASP C 299 96.24 -10.30 -31.60
N ASP C 300 96.77 -10.65 -32.77
CA ASP C 300 98.12 -10.30 -33.17
C ASP C 300 98.08 -9.69 -34.57
N LEU C 301 98.99 -8.75 -34.81
CA LEU C 301 99.10 -8.12 -36.12
C LEU C 301 99.45 -9.14 -37.19
N ILE C 302 98.59 -9.26 -38.20
CA ILE C 302 98.85 -10.10 -39.36
C ILE C 302 98.82 -9.23 -40.62
N ILE C 303 99.75 -9.49 -41.54
CA ILE C 303 99.80 -8.74 -42.80
C ILE C 303 98.54 -8.97 -43.61
N THR C 304 98.11 -10.23 -43.74
CA THR C 304 96.98 -10.52 -44.60
C THR C 304 95.68 -9.96 -44.01
N ASP C 305 95.54 -9.98 -42.68
CA ASP C 305 94.37 -9.37 -42.05
C ASP C 305 94.34 -7.87 -42.30
N LEU C 306 95.49 -7.21 -42.18
CA LEU C 306 95.57 -5.78 -42.50
C LEU C 306 95.18 -5.54 -43.96
N ILE C 307 95.66 -6.40 -44.86
CA ILE C 307 95.35 -6.24 -46.29
C ILE C 307 93.85 -6.34 -46.51
N GLN C 308 93.22 -7.36 -45.91
CA GLN C 308 91.77 -7.51 -45.99
C GLN C 308 91.07 -6.26 -45.48
N ALA C 309 91.42 -5.81 -44.27
CA ALA C 309 90.78 -4.65 -43.65
C ALA C 309 90.85 -3.42 -44.55
N ILE C 310 92.06 -3.08 -45.02
CA ILE C 310 92.22 -1.88 -45.85
C ILE C 310 91.56 -2.06 -47.21
N MET C 311 91.54 -3.29 -47.74
CA MET C 311 90.94 -3.55 -49.05
C MET C 311 89.42 -3.70 -49.00
N ASN C 312 88.79 -3.46 -47.84
CA ASN C 312 87.33 -3.44 -47.80
C ASN C 312 86.75 -2.41 -48.78
N ILE C 313 87.46 -1.32 -49.01
CA ILE C 313 87.21 -0.38 -50.11
C ILE C 313 87.10 -1.16 -51.41
N ASP C 314 86.28 -0.67 -52.34
CA ASP C 314 86.00 -1.40 -53.58
C ASP C 314 87.25 -1.58 -54.42
N ASP C 315 87.51 -2.84 -54.81
CA ASP C 315 88.73 -3.16 -55.56
C ASP C 315 88.86 -2.43 -56.89
N VAL C 316 87.80 -1.79 -57.40
CA VAL C 316 87.94 -1.00 -58.62
C VAL C 316 88.74 0.27 -58.34
N LEU C 317 88.56 0.86 -57.16
CA LEU C 317 89.31 2.04 -56.79
C LEU C 317 90.76 1.67 -56.53
N ILE C 318 91.01 0.99 -55.41
CA ILE C 318 92.37 0.56 -55.05
C ILE C 318 92.66 -0.73 -55.82
N TYR C 319 93.74 -0.72 -56.60
CA TYR C 319 94.10 -1.82 -57.46
C TYR C 319 95.23 -2.66 -56.87
N ASP C 320 96.10 -2.04 -56.09
CA ASP C 320 97.26 -2.71 -55.53
C ASP C 320 97.59 -2.06 -54.19
N VAL C 321 98.00 -2.89 -53.23
CA VAL C 321 98.56 -2.43 -51.96
C VAL C 321 99.82 -3.22 -51.65
N SER C 322 100.83 -2.53 -51.10
CA SER C 322 102.08 -3.16 -50.72
C SER C 322 102.65 -2.46 -49.50
N PHE C 323 103.50 -3.18 -48.75
CA PHE C 323 104.15 -2.62 -47.57
C PHE C 323 105.65 -2.49 -47.82
N ASP C 324 106.19 -1.32 -47.53
CA ASP C 324 107.63 -1.11 -47.71
C ASP C 324 108.44 -1.62 -46.53
N ASN C 325 107.86 -1.57 -45.32
CA ASN C 325 108.53 -2.00 -44.09
C ASN C 325 108.07 -3.38 -43.61
N LEU C 326 106.77 -3.65 -43.68
CA LEU C 326 106.20 -4.89 -43.15
C LEU C 326 106.37 -6.04 -44.14
N ASP C 327 107.13 -7.08 -43.75
CA ASP C 327 107.38 -8.23 -44.61
C ASP C 327 107.18 -9.55 -43.90
N GLU C 328 106.95 -9.55 -42.58
CA GLU C 328 106.70 -10.75 -41.81
C GLU C 328 105.69 -10.47 -40.70
N ASN C 329 104.95 -11.50 -40.31
CA ASN C 329 104.00 -11.36 -39.21
C ASN C 329 104.71 -11.11 -37.88
N ILE C 330 104.17 -10.16 -37.12
CA ILE C 330 104.70 -9.78 -35.81
C ILE C 330 103.94 -10.52 -34.72
N ILE C 331 104.68 -11.15 -33.81
CA ILE C 331 104.11 -11.92 -32.70
C ILE C 331 104.09 -11.02 -31.47
N VAL C 332 102.91 -10.82 -30.89
CA VAL C 332 102.77 -9.91 -29.77
C VAL C 332 103.06 -10.70 -28.49
N PRO C 333 103.86 -10.19 -27.54
CA PRO C 333 104.02 -10.90 -26.27
C PRO C 333 102.69 -10.92 -25.53
N PRO C 334 102.46 -11.93 -24.66
CA PRO C 334 101.14 -12.01 -23.98
C PRO C 334 100.70 -10.77 -23.23
N GLN C 335 101.63 -10.08 -22.56
CA GLN C 335 101.26 -8.91 -21.76
C GLN C 335 100.97 -7.70 -22.64
N GLY C 336 101.82 -7.44 -23.63
CA GLY C 336 101.64 -6.32 -24.53
C GLY C 336 100.53 -6.50 -25.55
N ILE C 337 100.17 -5.37 -26.16
CA ILE C 337 99.11 -5.28 -27.16
C ILE C 337 99.61 -4.40 -28.29
N ILE C 338 99.40 -4.83 -29.53
CA ILE C 338 99.87 -4.08 -30.70
C ILE C 338 98.80 -3.05 -31.08
N ARG C 339 99.25 -1.83 -31.33
CA ARG C 339 98.37 -0.76 -31.78
C ARG C 339 99.13 0.22 -32.65
N ALA C 340 98.37 1.11 -33.28
CA ALA C 340 98.94 2.11 -34.19
C ALA C 340 99.77 3.13 -33.43
N GLY C 341 100.93 3.46 -34.01
CA GLY C 341 101.76 4.54 -33.50
C GLY C 341 101.53 5.79 -34.32
N GLU C 342 102.54 6.20 -35.07
CA GLU C 342 102.45 7.29 -36.03
C GLU C 342 102.49 6.66 -37.43
N ILE C 343 101.42 6.84 -38.19
CA ILE C 343 101.21 6.13 -39.47
C ILE C 343 101.56 7.10 -40.60
N LYS C 344 102.22 6.58 -41.64
CA LYS C 344 102.54 7.38 -42.82
C LYS C 344 102.10 6.63 -44.06
N VAL C 345 101.23 7.27 -44.85
CA VAL C 345 100.67 6.70 -46.06
C VAL C 345 100.95 7.63 -47.22
N GLU C 346 101.36 7.05 -48.34
CA GLU C 346 101.67 7.83 -49.53
C GLU C 346 101.30 6.99 -50.74
N LEU C 347 101.13 7.69 -51.86
CA LEU C 347 100.76 7.05 -53.12
C LEU C 347 101.91 6.22 -53.67
N LYS C 348 103.01 6.87 -53.99
CA LYS C 348 104.27 6.22 -54.32
C LYS C 348 105.40 7.18 -53.98
N MET D 1 45.37 -12.48 33.53
CA MET D 1 45.29 -13.93 33.90
C MET D 1 46.33 -14.72 33.12
N LYS D 2 46.37 -16.03 33.38
CA LYS D 2 47.29 -16.93 32.70
C LYS D 2 47.13 -16.83 31.19
N THR D 3 48.27 -16.90 30.50
CA THR D 3 48.32 -16.73 29.06
C THR D 3 48.01 -18.07 28.38
N ARG D 4 47.10 -18.05 27.41
CA ARG D 4 46.67 -19.23 26.68
C ARG D 4 47.13 -19.10 25.24
N LYS D 5 47.88 -20.09 24.75
CA LYS D 5 48.39 -20.07 23.40
C LYS D 5 47.37 -20.64 22.42
N LEU D 6 47.65 -20.46 21.13
CA LEU D 6 46.73 -20.87 20.09
C LEU D 6 46.47 -22.37 20.14
N THR D 7 47.53 -23.18 20.28
CA THR D 7 47.38 -24.63 20.16
C THR D 7 46.46 -25.18 21.25
N ASN D 8 46.59 -24.67 22.47
CA ASN D 8 45.74 -25.13 23.56
C ASN D 8 44.28 -24.76 23.33
N ILE D 9 44.01 -23.51 22.94
CA ILE D 9 42.64 -23.10 22.65
C ILE D 9 42.06 -23.91 21.49
N LEU D 10 42.89 -24.20 20.48
CA LEU D 10 42.41 -24.97 19.35
C LEU D 10 42.09 -26.41 19.76
N SER D 11 42.94 -27.01 20.59
CA SER D 11 42.65 -28.35 21.09
C SER D 11 41.39 -28.35 21.94
N LYS D 12 41.16 -27.28 22.71
CA LYS D 12 40.01 -27.27 23.61
C LYS D 12 38.73 -27.11 22.79
N LEU D 13 38.79 -26.27 21.75
CA LEU D 13 37.66 -26.12 20.86
C LEU D 13 37.36 -27.41 20.08
N ILE D 14 38.41 -28.08 19.62
CA ILE D 14 38.21 -29.36 18.92
C ILE D 14 37.55 -30.37 19.86
N ASP D 15 37.99 -30.40 21.11
CA ASP D 15 37.46 -31.39 22.06
C ASP D 15 36.02 -31.07 22.44
N LYS D 16 35.69 -29.78 22.58
CA LYS D 16 34.30 -29.40 22.83
C LYS D 16 33.42 -29.73 21.62
N THR D 17 33.91 -29.50 20.40
CA THR D 17 33.14 -29.83 19.21
C THR D 17 32.91 -31.33 19.10
N MET D 18 33.95 -32.14 19.35
CA MET D 18 33.76 -33.58 19.29
C MET D 18 32.80 -34.03 20.37
N ALA D 19 33.00 -33.57 21.60
CA ALA D 19 32.12 -34.00 22.68
C ALA D 19 30.70 -33.47 22.54
N GLY D 20 30.48 -32.45 21.72
CA GLY D 20 29.20 -31.76 21.64
C GLY D 20 28.18 -32.43 20.74
N THR D 21 28.17 -33.75 20.70
CA THR D 21 27.26 -34.52 19.86
C THR D 21 27.48 -34.17 18.38
N SER D 22 28.67 -34.53 17.90
CA SER D 22 29.08 -34.23 16.54
C SER D 22 30.19 -35.24 16.22
N LYS D 23 29.85 -36.25 15.43
CA LYS D 23 30.81 -37.18 14.88
C LYS D 23 31.08 -36.94 13.41
N ILE D 24 30.15 -36.29 12.71
CA ILE D 24 30.33 -36.06 11.28
C ILE D 24 31.51 -35.13 11.05
N THR D 25 31.63 -34.09 11.88
CA THR D 25 32.63 -33.05 11.70
C THR D 25 34.05 -33.60 11.80
N ASP D 26 34.94 -33.04 10.99
CA ASP D 26 36.35 -33.40 10.98
C ASP D 26 37.16 -32.11 11.02
N PHE D 27 38.37 -32.20 11.57
CA PHE D 27 39.28 -31.09 11.74
C PHE D 27 40.58 -31.37 11.00
N THR D 28 40.49 -31.91 9.77
CA THR D 28 41.69 -31.97 8.94
C THR D 28 42.12 -30.56 8.51
N PRO D 29 43.36 -30.36 8.02
CA PRO D 29 43.73 -29.02 7.58
C PRO D 29 43.15 -28.73 6.20
N GLY D 30 43.03 -27.43 5.90
CA GLY D 30 42.29 -26.98 4.74
C GLY D 30 40.80 -26.84 4.89
N SER D 31 40.20 -27.32 5.98
CA SER D 31 38.76 -27.20 6.16
C SER D 31 38.39 -25.78 6.57
N ALA D 32 37.10 -25.45 6.38
CA ALA D 32 36.62 -24.14 6.81
C ALA D 32 36.46 -24.08 8.32
N SER D 33 35.99 -25.17 8.95
CA SER D 33 35.81 -25.14 10.40
C SER D 33 37.15 -25.04 11.11
N ARG D 34 38.19 -25.69 10.58
CA ARG D 34 39.49 -25.63 11.22
C ARG D 34 40.07 -24.22 11.12
N SER D 35 39.89 -23.57 9.96
CA SER D 35 40.38 -22.22 9.80
C SER D 35 39.65 -21.24 10.70
N LEU D 36 38.33 -21.39 10.82
CA LEU D 36 37.58 -20.52 11.71
C LEU D 36 37.99 -20.75 13.17
N LEU D 37 38.19 -22.01 13.55
CA LEU D 37 38.62 -22.30 14.92
C LEU D 37 39.97 -21.64 15.21
N GLU D 38 40.92 -21.79 14.29
CA GLU D 38 42.24 -21.21 14.45
C GLU D 38 42.17 -19.70 14.55
N ALA D 39 41.40 -19.06 13.68
CA ALA D 39 41.20 -17.61 13.75
C ALA D 39 40.65 -17.18 15.10
N VAL D 40 39.60 -17.85 15.59
CA VAL D 40 39.03 -17.50 16.89
C VAL D 40 40.08 -17.65 17.98
N SER D 41 40.86 -18.73 17.91
CA SER D 41 41.90 -18.98 18.91
C SER D 41 42.95 -17.87 18.89
N LEU D 42 43.33 -17.42 17.69
CA LEU D 42 44.30 -16.34 17.58
C LEU D 42 43.73 -15.03 18.10
N GLU D 43 42.42 -14.81 17.93
CA GLU D 43 41.79 -13.62 18.48
C GLU D 43 41.84 -13.64 20.01
N ILE D 44 41.47 -14.78 20.61
CA ILE D 44 41.57 -14.94 22.06
C ILE D 44 43.01 -14.77 22.54
N GLU D 45 43.99 -15.30 21.78
CA GLU D 45 45.39 -15.07 22.14
C GLU D 45 45.73 -13.59 22.14
N GLN D 46 45.33 -12.89 21.07
CA GLN D 46 45.57 -11.47 20.98
C GLN D 46 44.94 -10.75 22.17
N PHE D 47 43.74 -11.18 22.56
CA PHE D 47 43.04 -10.52 23.65
C PHE D 47 43.78 -10.73 24.95
N TYR D 48 44.30 -11.94 25.18
CA TYR D 48 45.04 -12.21 26.40
C TYR D 48 46.36 -11.45 26.45
N ILE D 49 47.06 -11.35 25.31
CA ILE D 49 48.32 -10.62 25.29
C ILE D 49 48.09 -9.14 25.53
N LEU D 50 47.10 -8.56 24.85
CA LEU D 50 46.75 -7.17 25.09
C LEU D 50 46.26 -6.94 26.51
N THR D 51 45.57 -7.92 27.10
CA THR D 51 45.16 -7.79 28.49
C THR D 51 46.37 -7.73 29.41
N LYS D 52 47.38 -8.54 29.13
CA LYS D 52 48.56 -8.54 29.99
C LYS D 52 49.33 -7.24 29.83
N GLU D 53 49.43 -6.74 28.61
CA GLU D 53 50.08 -5.46 28.37
C GLU D 53 49.30 -4.33 29.03
N ASN D 54 47.96 -4.38 28.97
CA ASN D 54 47.19 -3.36 29.67
C ASN D 54 47.33 -3.46 31.17
N ILE D 55 47.51 -4.67 31.71
CA ILE D 55 47.71 -4.80 33.15
C ILE D 55 49.04 -4.17 33.56
N ASP D 56 50.10 -4.41 32.78
CA ASP D 56 51.38 -3.74 33.05
C ASP D 56 51.25 -2.22 32.96
N TRP D 57 50.63 -1.72 31.88
CA TRP D 57 50.45 -0.28 31.76
C TRP D 57 49.64 0.27 32.92
N GLY D 58 48.59 -0.45 33.32
CA GLY D 58 47.79 -0.03 34.46
C GLY D 58 48.60 0.05 35.73
N ILE D 59 49.47 -0.93 35.96
CA ILE D 59 50.29 -0.91 37.17
C ILE D 59 51.19 0.32 37.17
N GLN D 60 51.84 0.57 36.03
CA GLN D 60 52.70 1.74 35.93
C GLN D 60 51.92 3.04 36.15
N GLU D 61 50.75 3.15 35.52
CA GLU D 61 49.97 4.38 35.63
C GLU D 61 49.40 4.57 37.03
N GLY D 62 49.03 3.48 37.71
CA GLY D 62 48.59 3.61 39.09
C GLY D 62 49.70 4.02 40.01
N ILE D 63 50.93 3.59 39.71
CA ILE D 63 52.04 3.93 40.59
C ILE D 63 52.41 5.39 40.39
N ILE D 64 52.30 5.85 39.13
CA ILE D 64 52.48 7.27 38.81
C ILE D 64 51.44 8.12 39.55
N GLU D 65 50.17 7.73 39.46
CA GLU D 65 49.08 8.51 40.08
C GLU D 65 49.17 8.47 41.59
N ALA D 66 49.39 7.29 42.14
CA ALA D 66 49.60 7.11 43.57
C ALA D 66 50.75 7.99 44.00
N PHE D 67 50.64 8.55 45.21
CA PHE D 67 51.67 9.45 45.73
C PHE D 67 51.81 10.68 44.82
N ASP D 68 52.92 11.41 44.97
CA ASP D 68 53.24 12.58 44.15
C ASP D 68 54.63 12.43 43.51
N PHE D 69 54.98 11.20 43.14
CA PHE D 69 56.29 10.85 42.60
C PHE D 69 56.14 10.60 41.11
N GLN D 70 56.77 11.47 40.29
CA GLN D 70 56.69 11.35 38.84
C GLN D 70 58.06 11.60 38.24
N LYS D 71 58.25 11.05 37.03
CA LYS D 71 59.51 11.23 36.32
C LYS D 71 59.62 12.64 35.77
N ARG D 72 60.86 13.10 35.62
CA ARG D 72 61.16 14.44 35.12
C ARG D 72 61.43 14.38 33.62
N GLN D 73 61.35 15.55 32.98
CA GLN D 73 61.40 15.58 31.52
C GLN D 73 62.84 15.56 31.02
N SER D 74 62.97 15.47 29.71
CA SER D 74 64.27 15.35 29.06
C SER D 74 65.02 16.68 29.08
N LYS D 75 66.34 16.59 29.03
CA LYS D 75 67.21 17.77 28.94
C LYS D 75 67.62 18.05 27.50
N ARG D 76 67.54 19.32 27.11
CA ARG D 76 67.98 19.76 25.81
C ARG D 76 69.50 19.59 25.68
N ALA D 77 69.94 19.13 24.52
CA ALA D 77 71.37 19.04 24.25
C ALA D 77 71.98 20.43 24.16
N TYR D 78 73.26 20.56 24.54
CA TYR D 78 73.96 21.81 24.39
C TYR D 78 75.45 21.54 24.23
N GLY D 79 76.16 22.51 23.67
CA GLY D 79 77.59 22.36 23.48
C GLY D 79 78.22 23.61 22.93
N ASP D 80 79.51 23.49 22.61
CA ASP D 80 80.32 24.61 22.15
C ASP D 80 80.55 24.49 20.64
N VAL D 81 80.60 25.64 19.97
CA VAL D 81 80.76 25.73 18.52
C VAL D 81 81.84 26.77 18.25
N THR D 82 82.67 26.52 17.25
CA THR D 82 83.91 27.27 17.06
C THR D 82 83.84 27.96 15.72
N ILE D 83 84.15 29.25 15.72
CA ILE D 83 84.09 30.11 14.55
C ILE D 83 85.50 30.48 14.11
N GLN D 84 85.75 30.30 12.81
CA GLN D 84 87.03 30.58 12.18
C GLN D 84 86.82 31.64 11.11
N PHE D 85 87.54 32.75 11.21
CA PHE D 85 87.42 33.89 10.32
C PHE D 85 88.61 33.87 9.36
N TYR D 86 88.43 34.56 8.22
CA TYR D 86 89.52 34.66 7.24
C TYR D 86 90.71 35.45 7.79
N GLN D 87 90.43 36.45 8.62
CA GLN D 87 91.43 37.38 9.13
C GLN D 87 90.95 37.89 10.47
N PRO D 88 91.85 38.34 11.35
CA PRO D 88 91.40 38.90 12.63
C PRO D 88 90.58 40.16 12.41
N LEU D 89 89.51 40.29 13.18
CA LEU D 89 88.59 41.40 13.01
C LEU D 89 89.28 42.74 13.30
N ASP D 90 89.04 43.72 12.43
CA ASP D 90 89.62 45.04 12.62
C ASP D 90 88.81 45.91 13.58
N MET D 91 87.49 45.69 13.66
CA MET D 91 86.65 46.38 14.63
C MET D 91 85.75 45.38 15.34
N ARG D 92 85.18 45.81 16.45
CA ARG D 92 84.29 44.97 17.24
C ARG D 92 82.98 44.72 16.51
N MET D 93 82.57 43.46 16.47
CA MET D 93 81.36 43.02 15.82
C MET D 93 80.36 42.49 16.84
N TYR D 94 79.07 42.64 16.54
CA TYR D 94 77.99 42.13 17.39
C TYR D 94 77.28 41.00 16.66
N ILE D 95 77.03 39.92 17.39
CA ILE D 95 76.27 38.78 16.88
C ILE D 95 74.82 38.96 17.32
N PRO D 96 73.85 39.07 16.41
CA PRO D 96 72.44 39.11 16.84
C PRO D 96 72.01 37.86 17.61
N ALA D 97 71.25 38.10 18.66
CA ALA D 97 70.69 37.05 19.49
C ALA D 97 69.82 36.10 18.66
N GLY D 98 69.67 34.86 19.13
CA GLY D 98 68.91 33.92 18.31
C GLY D 98 69.47 33.63 16.94
N THR D 99 70.79 33.62 16.81
CA THR D 99 71.41 33.13 15.59
C THR D 99 71.28 31.61 15.51
N THR D 100 70.94 31.11 14.32
CA THR D 100 70.61 29.70 14.11
C THR D 100 71.84 28.97 13.57
N PHE D 101 72.25 27.92 14.27
CA PHE D 101 73.32 27.03 13.81
C PHE D 101 72.69 25.71 13.39
N THR D 102 73.10 25.20 12.22
CA THR D 102 72.54 23.97 11.65
C THR D 102 73.66 23.19 10.96
N SER D 103 73.27 22.06 10.35
CA SER D 103 74.17 21.21 9.57
C SER D 103 73.55 20.89 8.21
N THR D 104 74.40 20.37 7.32
CA THR D 104 74.02 20.03 5.97
C THR D 104 73.88 18.53 5.71
N ARG D 105 74.37 17.69 6.60
CA ARG D 105 74.17 16.25 6.45
C ARG D 105 72.70 15.90 6.63
N GLN D 106 72.22 14.94 5.84
CA GLN D 106 70.81 14.55 5.96
C GLN D 106 70.55 13.75 7.23
N GLU D 107 71.59 13.20 7.87
CA GLU D 107 71.37 12.40 9.06
C GLU D 107 71.06 13.26 10.27
N TYR D 108 71.53 14.52 10.28
CA TYR D 108 71.32 15.43 11.40
C TYR D 108 70.86 16.78 10.88
N PRO D 109 69.53 16.91 10.62
CA PRO D 109 68.95 18.20 10.21
C PRO D 109 68.40 18.97 11.41
N GLN D 110 68.89 18.66 12.61
CA GLN D 110 68.38 19.31 13.80
C GLN D 110 69.03 20.68 14.00
N GLN D 111 68.21 21.65 14.39
CA GLN D 111 68.63 23.03 14.48
C GLN D 111 69.18 23.32 15.88
N PHE D 112 69.81 24.50 16.01
CA PHE D 112 70.37 24.97 17.26
C PHE D 112 70.16 26.47 17.28
N GLU D 113 70.30 27.07 18.46
CA GLU D 113 70.06 28.49 18.59
C GLU D 113 70.71 28.98 19.88
N THR D 114 71.25 30.20 19.83
CA THR D 114 71.89 30.82 20.98
C THR D 114 70.91 31.55 21.88
N LEU D 115 71.25 31.61 23.16
CA LEU D 115 70.35 32.18 24.16
C LEU D 115 70.74 33.57 24.62
N VAL D 116 72.01 33.94 24.52
CA VAL D 116 72.50 35.22 25.05
C VAL D 116 73.30 35.94 23.96
N ASP D 117 73.53 37.23 24.21
CA ASP D 117 74.32 38.05 23.31
C ASP D 117 75.79 37.64 23.33
N TYR D 118 76.50 37.88 22.22
CA TYR D 118 77.95 37.71 22.18
C TYR D 118 78.57 38.79 21.32
N TYR D 119 79.84 39.10 21.60
CA TYR D 119 80.55 40.21 20.97
C TYR D 119 81.93 39.78 20.52
N ALA D 120 82.28 40.03 19.26
CA ALA D 120 83.53 39.55 18.69
C ALA D 120 84.51 40.72 18.67
N GLU D 121 85.35 40.79 19.70
CA GLU D 121 86.28 41.91 19.83
C GLU D 121 87.31 41.85 18.70
N PRO D 122 87.90 43.00 18.35
CA PRO D 122 88.84 43.01 17.22
C PRO D 122 90.11 42.28 17.59
N ASP D 123 90.91 41.97 16.57
CA ASP D 123 92.18 41.26 16.75
C ASP D 123 91.95 39.91 17.41
N SER D 124 90.85 39.25 17.04
CA SER D 124 90.52 37.91 17.51
C SER D 124 90.14 37.06 16.31
N THR D 125 90.93 36.02 16.02
CA THR D 125 90.69 35.18 14.87
C THR D 125 89.68 34.06 15.11
N GLU D 126 89.11 33.96 16.31
CA GLU D 126 88.16 32.90 16.61
C GLU D 126 87.34 33.30 17.81
N ILE D 127 86.10 32.82 17.83
CA ILE D 127 85.18 33.03 18.94
C ILE D 127 84.37 31.76 19.13
N VAL D 128 84.11 31.42 20.39
CA VAL D 128 83.35 30.24 20.78
C VAL D 128 82.12 30.70 21.57
N VAL D 129 80.95 30.28 21.11
CA VAL D 129 79.69 30.55 21.80
C VAL D 129 78.91 29.26 22.02
N GLU D 130 78.22 29.19 23.17
CA GLU D 130 77.42 28.03 23.52
C GLU D 130 76.08 28.03 22.76
N VAL D 131 75.50 26.84 22.61
CA VAL D 131 74.36 26.63 21.73
C VAL D 131 73.49 25.57 22.39
N TYR D 132 72.18 25.68 22.20
CA TYR D 132 71.21 24.76 22.77
C TYR D 132 70.33 24.17 21.69
N CYS D 133 70.14 22.86 21.75
CA CYS D 133 69.38 22.12 20.76
C CYS D 133 67.90 22.41 20.98
N LYS D 134 67.20 22.88 19.95
CA LYS D 134 65.80 23.23 20.16
C LYS D 134 64.92 21.98 20.30
N GLU D 135 65.23 20.93 19.55
CA GLU D 135 64.50 19.68 19.70
C GLU D 135 64.93 18.95 20.97
N THR D 136 63.94 18.42 21.69
CA THR D 136 64.16 17.78 22.99
C THR D 136 64.28 16.28 22.77
N GLY D 137 65.50 15.82 22.61
CA GLY D 137 65.74 14.41 22.35
C GLY D 137 67.22 14.15 22.21
N VAL D 138 67.54 12.88 21.96
CA VAL D 138 68.93 12.45 21.79
C VAL D 138 69.49 12.79 20.42
N ALA D 139 68.69 13.38 19.53
CA ALA D 139 69.22 13.71 18.22
C ALA D 139 70.27 14.81 18.27
N GLY D 140 70.29 15.60 19.35
CA GLY D 140 71.29 16.64 19.46
C GLY D 140 72.69 16.15 19.71
N ASN D 141 72.86 14.87 20.06
CA ASN D 141 74.20 14.35 20.40
C ASN D 141 74.98 14.06 19.12
N VAL D 142 75.26 15.11 18.34
CA VAL D 142 75.83 14.92 17.02
C VAL D 142 77.32 14.59 17.13
N PRO D 143 77.86 13.74 16.23
CA PRO D 143 79.31 13.48 16.26
C PRO D 143 80.13 14.71 15.91
N GLU D 144 81.46 14.57 15.98
CA GLU D 144 82.37 15.67 15.69
C GLU D 144 82.23 16.12 14.24
N GLY D 145 82.41 17.42 14.03
CA GLY D 145 82.33 18.04 12.72
C GLY D 145 81.04 17.86 11.96
N THR D 146 79.93 18.10 12.64
CA THR D 146 78.60 18.00 12.07
C THR D 146 77.97 19.36 11.83
N ILE D 147 78.00 20.24 12.84
CA ILE D 147 77.37 21.56 12.78
C ILE D 147 78.23 22.48 11.92
N ASN D 148 78.07 22.40 10.60
CA ASN D 148 78.88 23.22 9.71
C ASN D 148 78.05 24.28 8.96
N THR D 149 77.18 25.01 9.66
CA THR D 149 76.38 26.04 9.00
C THR D 149 75.98 27.10 10.00
N ILE D 150 75.93 28.35 9.54
CA ILE D 150 75.52 29.50 10.37
C ILE D 150 74.57 30.37 9.56
N ALA D 151 73.45 30.76 10.17
CA ALA D 151 72.55 31.75 9.62
C ALA D 151 72.99 33.16 10.00
N SER D 152 72.52 34.13 9.20
CA SER D 152 72.86 35.56 9.32
C SER D 152 74.33 35.79 9.67
N GLY D 153 75.21 35.11 8.92
CA GLY D 153 76.64 35.23 9.11
C GLY D 153 77.26 36.15 8.09
N SER D 154 78.22 36.97 8.55
CA SER D 154 78.89 37.90 7.67
C SER D 154 79.87 37.14 6.76
N SER D 155 80.51 37.89 5.87
CA SER D 155 81.49 37.28 4.97
C SER D 155 82.81 36.95 5.68
N LEU D 156 83.11 37.66 6.76
CA LEU D 156 84.32 37.41 7.53
C LEU D 156 84.47 35.94 7.93
N ILE D 157 83.37 35.28 8.35
CA ILE D 157 83.44 33.89 8.78
C ILE D 157 84.02 33.02 7.68
N ARG D 158 85.01 32.20 8.03
CA ARG D 158 85.61 31.25 7.11
C ARG D 158 85.09 29.82 7.29
N SER D 159 85.02 29.33 8.53
CA SER D 159 84.60 27.95 8.78
C SER D 159 83.84 27.88 10.10
N VAL D 160 82.85 27.00 10.15
CA VAL D 160 82.10 26.69 11.36
C VAL D 160 82.29 25.20 11.66
N ASN D 161 82.69 24.88 12.90
CA ASN D 161 82.99 23.51 13.28
C ASN D 161 82.87 23.40 14.81
N ASN D 162 82.30 22.28 15.29
CA ASN D 162 82.35 21.93 16.70
C ASN D 162 83.55 21.01 16.96
N GLU D 163 84.36 21.37 17.95
CA GLU D 163 85.56 20.59 18.26
C GLU D 163 85.24 19.27 18.95
N TYR D 164 84.08 19.16 19.59
CA TYR D 164 83.76 17.97 20.37
C TYR D 164 82.28 17.66 20.26
N SER D 165 81.96 16.37 20.17
CA SER D 165 80.56 15.96 20.15
C SER D 165 79.89 16.33 21.46
N PHE D 166 78.59 16.60 21.39
CA PHE D 166 77.86 17.07 22.57
C PHE D 166 77.81 15.95 23.60
N ASN D 167 77.11 14.87 23.27
CA ASN D 167 76.94 13.73 24.17
C ASN D 167 76.31 14.18 25.49
N THR D 168 75.34 15.09 25.40
CA THR D 168 74.68 15.64 26.58
C THR D 168 73.17 15.49 26.47
N GLY D 169 72.62 15.46 25.25
CA GLY D 169 71.19 15.28 25.13
C GLY D 169 70.76 13.94 25.71
N THR D 170 69.50 13.88 26.13
CA THR D 170 68.94 12.66 26.67
C THR D 170 67.47 12.54 26.26
N LYS D 171 66.97 11.31 26.30
CA LYS D 171 65.56 11.02 26.07
C LYS D 171 64.80 11.14 27.39
N GLU D 172 63.53 10.71 27.40
CA GLU D 172 62.78 10.69 28.66
C GLU D 172 63.43 9.76 29.66
N GLU D 173 63.22 10.07 30.94
CA GLU D 173 63.88 9.39 32.03
C GLU D 173 63.66 7.88 31.97
N SER D 174 64.75 7.15 32.20
CA SER D 174 64.82 5.72 32.01
C SER D 174 63.92 5.04 33.04
N GLN D 175 63.30 3.93 32.62
CA GLN D 175 62.43 3.20 33.54
C GLN D 175 63.21 2.70 34.75
N GLU D 176 64.48 2.32 34.55
CA GLU D 176 65.25 1.77 35.66
C GLU D 176 65.65 2.86 36.64
N ASP D 177 66.05 4.03 36.14
CA ASP D 177 66.44 5.13 37.02
C ASP D 177 65.24 5.65 37.80
N PHE D 178 64.08 5.74 37.14
CA PHE D 178 62.86 6.08 37.86
C PHE D 178 62.56 5.04 38.93
N LYS D 179 62.62 3.76 38.57
CA LYS D 179 62.39 2.69 39.54
C LYS D 179 63.32 2.80 40.74
N ARG D 180 64.61 3.10 40.49
CA ARG D 180 65.57 3.23 41.58
C ARG D 180 65.29 4.45 42.45
N ARG D 181 64.97 5.59 41.82
CA ARG D 181 64.60 6.76 42.61
C ARG D 181 63.34 6.51 43.41
N PHE D 182 62.42 5.70 42.89
CA PHE D 182 61.21 5.44 43.64
C PHE D 182 61.50 4.51 44.81
N HIS D 183 62.44 3.58 44.63
CA HIS D 183 62.90 2.77 45.75
C HIS D 183 63.51 3.65 46.84
N SER D 184 64.47 4.50 46.46
CA SER D 184 64.99 5.51 47.38
C SER D 184 63.87 6.24 48.13
N PHE D 185 62.82 6.68 47.43
CA PHE D 185 61.75 7.39 48.12
C PHE D 185 61.01 6.48 49.10
N VAL D 186 60.75 5.23 48.72
CA VAL D 186 60.02 4.32 49.59
C VAL D 186 60.86 3.99 50.83
N GLU D 187 62.14 3.68 50.65
CA GLU D 187 62.98 3.41 51.82
C GLU D 187 63.15 4.65 52.69
N SER D 188 63.00 5.84 52.12
CA SER D 188 63.18 7.11 52.82
C SER D 188 61.93 7.58 53.54
N ARG D 189 60.87 6.77 53.59
CA ARG D 189 59.67 7.18 54.33
C ARG D 189 59.95 7.24 55.83
N GLY D 190 60.66 6.26 56.38
CA GLY D 190 61.15 6.38 57.74
C GLY D 190 62.25 7.42 57.85
N ARG D 191 61.91 8.58 58.40
CA ARG D 191 62.88 9.67 58.55
C ARG D 191 63.94 9.29 59.59
N ALA D 192 64.90 10.20 59.75
CA ALA D 192 66.06 10.02 60.64
C ALA D 192 66.77 8.70 60.36
N THR D 193 67.40 8.68 59.20
CA THR D 193 68.29 7.58 58.83
C THR D 193 69.10 8.00 57.61
N ASN D 194 70.18 7.26 57.35
CA ASN D 194 71.03 7.51 56.19
C ASN D 194 70.23 7.63 54.90
N LYS D 195 69.28 6.73 54.67
CA LYS D 195 68.55 6.73 53.40
C LYS D 195 67.61 7.93 53.32
N SER D 196 67.10 8.38 54.46
CA SER D 196 66.20 9.53 54.45
C SER D 196 66.96 10.79 54.06
N VAL D 197 68.11 11.02 54.70
CA VAL D 197 69.01 12.09 54.31
C VAL D 197 69.39 11.97 52.84
N ARG D 198 69.64 10.74 52.38
CA ARG D 198 70.05 10.54 50.99
C ARG D 198 68.97 11.03 50.04
N TYR D 199 67.72 10.61 50.27
CA TYR D 199 66.63 11.05 49.40
C TYR D 199 66.38 12.55 49.53
N GLY D 200 66.50 13.10 50.74
CA GLY D 200 66.27 14.52 50.90
C GLY D 200 67.31 15.35 50.18
N ALA D 201 68.49 14.78 49.97
CA ALA D 201 69.56 15.47 49.26
C ALA D 201 69.42 15.28 47.75
N LEU D 202 68.94 14.11 47.34
CA LEU D 202 68.84 13.78 45.92
C LEU D 202 67.60 14.34 45.24
N GLN D 203 66.60 14.80 46.00
CA GLN D 203 65.34 15.22 45.41
C GLN D 203 65.44 16.55 44.66
N ILE D 204 66.52 17.29 44.80
CA ILE D 204 66.72 18.52 44.03
C ILE D 204 67.14 18.13 42.61
N PRO D 205 66.54 18.71 41.56
CA PRO D 205 66.93 18.23 40.22
C PRO D 205 68.34 18.60 39.81
N ASP D 206 68.93 19.66 40.39
CA ASP D 206 70.26 20.06 39.97
C ASP D 206 71.35 19.13 40.51
N VAL D 207 71.26 18.78 41.80
CA VAL D 207 72.29 17.96 42.43
C VAL D 207 72.26 16.54 41.86
N GLU D 208 73.43 15.90 41.81
CA GLU D 208 73.56 14.56 41.26
C GLU D 208 74.67 13.81 41.98
N GLY D 209 74.35 12.60 42.42
CA GLY D 209 75.27 11.69 43.09
C GLY D 209 75.87 12.25 44.38
N VAL D 210 75.04 12.39 45.40
CA VAL D 210 75.51 12.86 46.70
C VAL D 210 76.06 11.68 47.50
N TYR D 211 76.70 11.96 48.64
CA TYR D 211 77.17 10.93 49.56
C TYR D 211 77.00 11.41 51.00
N VAL D 212 76.86 10.47 51.94
CA VAL D 212 76.67 10.74 53.35
C VAL D 212 77.75 10.01 54.15
N TYR D 213 78.29 10.68 55.17
CA TYR D 213 79.38 10.18 56.01
C TYR D 213 79.00 10.52 57.44
N GLU D 214 78.77 9.50 58.27
CA GLU D 214 78.12 9.66 59.57
C GLU D 214 79.13 9.40 60.70
N GLU D 215 79.75 10.50 61.14
CA GLU D 215 80.61 10.64 62.31
C GLU D 215 79.76 10.89 63.54
N THR D 216 80.31 10.60 64.72
CA THR D 216 79.49 10.50 65.92
C THR D 216 78.81 11.83 66.25
N GLY D 217 77.49 11.83 66.20
CA GLY D 217 76.74 13.06 66.39
C GLY D 217 76.95 14.09 65.29
N HIS D 218 77.42 13.66 64.11
CA HIS D 218 77.97 14.61 63.14
C HIS D 218 77.77 14.08 61.71
N ILE D 219 76.62 14.39 61.12
CA ILE D 219 76.37 14.07 59.71
C ILE D 219 77.22 14.98 58.85
N THR D 220 77.70 14.46 57.72
CA THR D 220 78.16 15.32 56.63
C THR D 220 77.68 14.78 55.29
N VAL D 221 77.22 15.69 54.43
CA VAL D 221 76.69 15.36 53.11
C VAL D 221 77.60 16.01 52.07
N PHE D 222 78.10 15.19 51.14
CA PHE D 222 79.03 15.60 50.09
C PHE D 222 78.25 15.70 48.78
N ALA D 223 77.75 16.90 48.49
CA ALA D 223 76.88 17.16 47.35
C ALA D 223 77.57 18.02 46.30
N HIS D 224 77.29 17.67 45.04
CA HIS D 224 77.84 18.36 43.88
C HIS D 224 76.85 18.30 42.73
N ASP D 225 76.97 19.25 41.81
CA ASP D 225 76.16 19.29 40.59
C ASP D 225 76.85 18.52 39.46
N ARG D 226 76.18 18.43 38.31
CA ARG D 226 76.71 17.71 37.15
C ARG D 226 78.07 18.22 36.71
N ASN D 227 78.36 19.49 36.98
CA ASN D 227 79.67 20.07 36.73
C ASN D 227 80.69 19.80 37.84
N GLY D 228 80.27 19.22 38.97
CA GLY D 228 81.20 18.99 40.07
C GLY D 228 81.38 20.15 41.04
N ASN D 229 80.60 21.22 40.90
CA ASN D 229 80.70 22.41 41.75
C ASN D 229 79.53 22.44 42.72
N LEU D 230 79.61 23.36 43.71
CA LEU D 230 78.48 23.60 44.61
C LEU D 230 78.37 25.09 44.97
N SER D 231 77.64 25.83 44.15
CA SER D 231 77.24 27.21 44.43
C SER D 231 76.58 27.36 45.80
N ASP D 232 76.69 28.58 46.35
CA ASP D 232 76.18 28.84 47.70
C ASP D 232 74.66 28.76 47.75
N THR D 233 73.97 29.29 46.73
CA THR D 233 72.52 29.27 46.75
C THR D 233 71.99 27.85 46.73
N LEU D 234 72.50 27.02 45.82
CA LEU D 234 72.11 25.61 45.80
C LEU D 234 72.50 24.90 47.09
N LYS D 235 73.63 25.25 47.70
CA LYS D 235 74.01 24.60 48.96
C LYS D 235 73.00 24.92 50.06
N GLU D 236 72.62 26.19 50.17
CA GLU D 236 71.61 26.61 51.13
C GLU D 236 70.26 25.96 50.84
N ASP D 237 69.89 25.83 49.56
CA ASP D 237 68.64 25.15 49.20
C ASP D 237 68.65 23.69 49.65
N ILE D 238 69.77 23.01 49.45
CA ILE D 238 69.91 21.63 49.93
C ILE D 238 69.79 21.58 51.44
N ILE D 239 70.43 22.52 52.14
CA ILE D 239 70.37 22.51 53.61
C ILE D 239 68.94 22.74 54.07
N ASP D 240 68.22 23.68 53.45
CA ASP D 240 66.85 23.95 53.83
C ASP D 240 65.96 22.75 53.56
N ALA D 241 66.14 22.09 52.41
CA ALA D 241 65.37 20.87 52.12
C ALA D 241 65.65 19.79 53.15
N LEU D 242 66.92 19.59 53.50
CA LEU D 242 67.26 18.54 54.46
C LEU D 242 66.82 18.87 55.88
N GLN D 243 66.60 20.15 56.20
CA GLN D 243 66.11 20.55 57.53
C GLN D 243 64.85 19.79 57.92
N ASP D 244 63.86 19.72 57.02
CA ASP D 244 62.70 18.88 57.27
C ASP D 244 63.08 17.41 57.47
N TYR D 245 64.07 16.91 56.73
CA TYR D 245 64.41 15.49 56.74
C TYR D 245 65.55 15.16 57.70
N ARG D 246 66.19 16.18 58.29
CA ARG D 246 67.36 15.95 59.12
C ARG D 246 66.94 15.34 60.45
N PRO D 247 67.65 14.31 60.96
CA PRO D 247 67.37 13.85 62.32
C PRO D 247 67.56 14.98 63.33
N SER D 248 66.65 15.06 64.29
CA SER D 248 66.68 16.13 65.27
C SER D 248 67.78 15.90 66.29
N GLY D 249 68.37 17.00 66.75
CA GLY D 249 69.39 16.95 67.78
C GLY D 249 70.67 16.25 67.34
N ILE D 250 71.16 16.56 66.13
CA ILE D 250 72.41 16.00 65.63
C ILE D 250 72.91 16.93 64.54
N MET D 251 74.23 17.12 64.51
CA MET D 251 74.84 18.13 63.64
C MET D 251 74.83 17.67 62.18
N LEU D 252 74.62 18.62 61.27
CA LEU D 252 74.75 18.42 59.84
C LEU D 252 75.63 19.51 59.26
N ASP D 253 76.50 19.14 58.31
CA ASP D 253 77.36 20.12 57.65
C ASP D 253 77.72 19.62 56.25
N VAL D 254 78.07 20.55 55.37
CA VAL D 254 78.35 20.24 53.97
C VAL D 254 79.49 21.12 53.50
N THR D 255 80.28 20.61 52.55
CA THR D 255 81.59 21.13 52.19
C THR D 255 81.99 20.68 50.78
N GLY D 256 81.00 20.44 49.92
CA GLY D 256 81.24 20.08 48.54
C GLY D 256 82.02 18.80 48.39
N VAL D 257 82.88 18.78 47.38
CA VAL D 257 83.70 17.64 47.02
C VAL D 257 84.97 18.13 46.34
N GLU D 258 86.05 17.37 46.54
CA GLU D 258 87.38 17.68 46.00
C GLU D 258 87.67 16.77 44.81
N LYS D 259 87.89 17.36 43.64
CA LYS D 259 88.14 16.62 42.41
C LYS D 259 89.53 16.00 42.40
N GLU D 260 89.71 14.95 41.59
CA GLU D 260 91.01 14.35 41.38
C GLU D 260 91.18 14.02 39.91
N GLU D 261 92.42 14.17 39.44
CA GLU D 261 92.78 13.99 38.04
C GLU D 261 93.66 12.76 37.89
N VAL D 262 93.28 11.87 36.97
CA VAL D 262 94.11 10.74 36.57
C VAL D 262 94.09 10.62 35.04
N ASN D 263 95.23 10.23 34.47
CA ASN D 263 95.36 10.03 33.03
C ASN D 263 95.27 8.53 32.72
N VAL D 264 94.28 8.16 31.92
CA VAL D 264 94.06 6.74 31.63
C VAL D 264 95.05 6.24 30.58
N SER D 265 95.31 7.03 29.54
CA SER D 265 96.27 6.61 28.50
C SER D 265 95.80 5.34 27.79
N ALA D 266 94.50 5.23 27.52
CA ALA D 266 93.96 3.95 27.08
C ALA D 266 94.48 3.59 25.69
N THR D 267 94.45 2.29 25.39
CA THR D 267 94.82 1.78 24.08
C THR D 267 93.75 0.80 23.63
N VAL D 268 93.40 0.87 22.33
CA VAL D 268 92.32 0.07 21.77
C VAL D 268 92.76 -0.57 20.47
N THR D 269 92.33 -1.82 20.29
CA THR D 269 92.60 -2.64 19.12
C THR D 269 91.34 -2.70 18.26
N ILE D 270 91.50 -2.43 16.96
CA ILE D 270 90.38 -2.25 16.05
C ILE D 270 90.46 -3.29 14.96
N SER D 271 89.37 -4.04 14.76
CA SER D 271 89.37 -5.12 13.78
C SER D 271 89.55 -4.59 12.36
N ASN D 272 88.75 -3.58 12.00
CA ASN D 272 88.69 -3.05 10.65
C ASN D 272 89.83 -2.07 10.43
N LYS D 273 90.79 -2.43 9.58
CA LYS D 273 91.91 -1.51 9.41
C LYS D 273 91.53 -0.29 8.59
N SER D 274 90.54 -0.41 7.70
CA SER D 274 90.13 0.73 6.89
C SER D 274 89.40 1.77 7.73
N ARG D 275 88.53 1.33 8.65
CA ARG D 275 87.73 2.26 9.44
C ARG D 275 88.58 3.09 10.41
N ILE D 276 89.82 2.71 10.69
CA ILE D 276 90.65 3.48 11.62
C ILE D 276 90.89 4.86 11.04
N GLY D 277 90.73 5.88 11.88
CA GLY D 277 90.95 7.25 11.46
C GLY D 277 90.93 8.20 12.64
N ASP D 278 91.33 9.44 12.37
CA ASP D 278 91.40 10.44 13.43
C ASP D 278 90.01 10.70 14.01
N THR D 279 88.97 10.63 13.18
CA THR D 279 87.62 10.89 13.66
C THR D 279 87.22 9.91 14.76
N LEU D 280 87.46 8.61 14.51
CA LEU D 280 87.17 7.59 15.51
C LEU D 280 87.98 7.80 16.79
N GLN D 281 89.24 8.21 16.66
CA GLN D 281 90.05 8.53 17.83
C GLN D 281 89.40 9.62 18.65
N LYS D 282 88.96 10.68 17.97
CA LYS D 282 88.36 11.81 18.69
C LYS D 282 87.06 11.37 19.37
N HIS D 283 86.31 10.49 18.70
CA HIS D 283 85.06 10.01 19.26
C HIS D 283 85.31 9.14 20.48
N ILE D 284 86.40 8.36 20.46
CA ILE D 284 86.73 7.51 21.61
C ILE D 284 87.19 8.37 22.77
N GLU D 285 87.99 9.40 22.47
CA GLU D 285 88.45 10.32 23.50
C GLU D 285 87.29 11.03 24.17
N SER D 286 86.33 11.51 23.36
CA SER D 286 85.17 12.22 23.89
C SER D 286 84.29 11.29 24.71
N VAL D 287 84.10 10.04 24.23
CA VAL D 287 83.30 9.08 24.98
C VAL D 287 83.94 8.77 26.33
N ILE D 288 85.26 8.59 26.34
CA ILE D 288 85.92 8.25 27.60
C ILE D 288 85.84 9.42 28.57
N ARG D 289 86.15 10.64 28.08
CA ARG D 289 86.06 11.82 28.92
C ARG D 289 84.66 12.04 29.45
N SER D 290 83.64 11.73 28.64
CA SER D 290 82.27 11.91 29.10
C SER D 290 81.94 10.87 30.18
N TYR D 291 82.45 9.65 29.99
CA TYR D 291 82.28 8.61 31.00
C TYR D 291 82.89 9.05 32.32
N LEU D 292 84.07 9.68 32.25
CA LEU D 292 84.74 10.21 33.44
C LEU D 292 83.87 11.23 34.18
N ASN D 293 83.15 12.08 33.45
CA ASN D 293 82.19 12.98 34.08
C ASN D 293 80.87 12.25 34.33
N ASN D 294 79.94 12.93 35.00
CA ASN D 294 78.66 12.33 35.39
C ASN D 294 78.88 11.04 36.19
N LEU D 295 79.87 11.08 37.10
CA LEU D 295 80.15 9.98 38.01
C LEU D 295 79.97 10.42 39.45
N LYS D 296 79.32 9.58 40.25
CA LYS D 296 78.97 9.94 41.62
C LYS D 296 80.18 9.82 42.55
N THR D 297 79.99 10.32 43.77
CA THR D 297 81.06 10.40 44.75
C THR D 297 81.23 9.07 45.49
N SER D 298 82.47 8.79 45.89
CA SER D 298 82.81 7.62 46.70
C SER D 298 82.46 6.33 45.94
N ASP D 299 83.20 6.13 44.84
CA ASP D 299 83.17 4.89 44.08
C ASP D 299 84.53 4.69 43.44
N ASP D 300 85.05 3.46 43.51
CA ASP D 300 86.37 3.18 42.96
C ASP D 300 86.37 3.26 41.44
N LEU D 301 87.53 3.58 40.89
CA LEU D 301 87.73 3.66 39.44
C LEU D 301 87.73 2.24 38.86
N ILE D 302 86.53 1.68 38.74
CA ILE D 302 86.39 0.34 38.20
C ILE D 302 86.69 0.36 36.71
N ILE D 303 87.54 -0.56 36.27
CA ILE D 303 87.95 -0.61 34.87
C ILE D 303 87.03 -1.50 34.04
N THR D 304 86.39 -2.49 34.66
CA THR D 304 85.50 -3.37 33.93
C THR D 304 84.33 -2.60 33.33
N ASP D 305 83.74 -1.69 34.10
CA ASP D 305 82.64 -0.87 33.59
C ASP D 305 83.13 0.10 32.53
N LEU D 306 84.34 0.64 32.69
CA LEU D 306 84.92 1.49 31.64
C LEU D 306 85.02 0.72 30.32
N ILE D 307 85.57 -0.50 30.36
CA ILE D 307 85.78 -1.22 29.11
C ILE D 307 84.46 -1.69 28.53
N GLN D 308 83.49 -2.04 29.39
CA GLN D 308 82.19 -2.43 28.87
C GLN D 308 81.47 -1.22 28.26
N ALA D 309 81.71 -0.03 28.80
CA ALA D 309 81.10 1.18 28.28
C ALA D 309 81.68 1.56 26.94
N ILE D 310 83.00 1.41 26.76
CA ILE D 310 83.59 1.83 25.50
C ILE D 310 83.40 0.75 24.44
N MET D 311 83.33 -0.52 24.83
CA MET D 311 82.95 -1.58 23.91
C MET D 311 81.47 -1.52 23.51
N ASN D 312 80.61 -0.87 24.31
CA ASN D 312 79.20 -0.73 23.97
C ASN D 312 78.98 0.00 22.66
N ILE D 313 79.94 0.84 22.25
CA ILE D 313 79.79 1.61 21.02
C ILE D 313 79.67 0.66 19.83
N ASP D 314 80.60 -0.28 19.71
CA ASP D 314 80.50 -1.31 18.68
C ASP D 314 81.18 -2.58 19.19
N ASP D 315 80.40 -3.64 19.37
CA ASP D 315 80.97 -4.91 19.83
C ASP D 315 81.87 -5.51 18.77
N VAL D 316 81.50 -5.38 17.48
CA VAL D 316 82.27 -6.07 16.46
C VAL D 316 83.48 -5.25 16.03
N LEU D 317 83.28 -3.95 15.82
CA LEU D 317 84.37 -3.10 15.34
C LEU D 317 85.53 -3.05 16.35
N ILE D 318 85.21 -2.83 17.61
CA ILE D 318 86.20 -2.71 18.68
C ILE D 318 86.53 -4.11 19.17
N TYR D 319 87.81 -4.46 19.16
CA TYR D 319 88.23 -5.83 19.43
C TYR D 319 88.56 -6.05 20.92
N ASP D 320 89.48 -5.23 21.44
CA ASP D 320 90.01 -5.36 22.78
C ASP D 320 90.53 -3.99 23.21
N VAL D 321 90.71 -3.85 24.53
CA VAL D 321 91.17 -2.62 25.15
C VAL D 321 92.08 -3.02 26.29
N SER D 322 93.15 -2.27 26.52
CA SER D 322 94.08 -2.56 27.61
C SER D 322 94.55 -1.25 28.20
N PHE D 323 95.25 -1.35 29.34
CA PHE D 323 95.70 -0.18 30.07
C PHE D 323 97.12 -0.43 30.56
N ASP D 324 97.81 0.66 30.90
CA ASP D 324 99.21 0.61 31.28
C ASP D 324 99.42 0.64 32.79
N ASN D 325 98.81 1.61 33.49
CA ASN D 325 99.08 1.75 34.93
C ASN D 325 97.85 1.55 35.78
N LEU D 326 96.67 1.94 35.31
CA LEU D 326 95.42 1.80 36.07
C LEU D 326 94.74 0.49 35.66
N ASP D 327 95.36 -0.60 36.08
CA ASP D 327 94.78 -1.94 35.97
C ASP D 327 94.16 -2.38 37.29
N GLU D 328 94.57 -1.76 38.39
CA GLU D 328 94.02 -1.93 39.72
C GLU D 328 93.09 -0.77 40.04
N ASN D 329 91.94 -1.10 40.64
CA ASN D 329 90.93 -0.09 40.91
C ASN D 329 91.46 0.91 41.94
N ILE D 330 91.26 2.18 41.67
CA ILE D 330 91.73 3.26 42.53
C ILE D 330 90.63 3.56 43.53
N ILE D 331 90.89 3.31 44.80
CA ILE D 331 89.89 3.59 45.83
C ILE D 331 89.87 5.09 46.09
N VAL D 332 88.67 5.68 46.02
CA VAL D 332 88.44 7.11 46.17
C VAL D 332 87.97 7.39 47.60
N PRO D 333 88.41 8.47 48.27
CA PRO D 333 87.89 8.75 49.63
C PRO D 333 86.48 9.29 49.59
N PRO D 334 85.84 9.49 50.76
CA PRO D 334 84.47 10.02 50.77
C PRO D 334 84.34 11.39 50.11
N GLN D 335 85.40 12.21 50.16
CA GLN D 335 85.38 13.55 49.60
C GLN D 335 86.16 13.65 48.28
N GLY D 336 86.33 12.53 47.59
CA GLY D 336 87.01 12.50 46.29
C GLY D 336 86.01 12.18 45.20
N ILE D 337 86.17 12.84 44.05
CA ILE D 337 85.39 12.55 42.85
C ILE D 337 86.36 12.51 41.68
N ILE D 338 86.24 11.48 40.86
CA ILE D 338 87.11 11.31 39.69
C ILE D 338 86.38 11.93 38.50
N ARG D 339 86.77 13.15 38.13
CA ARG D 339 86.12 13.84 37.03
C ARG D 339 87.14 14.37 36.02
N ALA D 340 88.23 14.99 36.46
CA ALA D 340 89.23 15.41 35.50
C ALA D 340 90.03 14.20 35.00
N GLY D 341 90.83 14.44 33.97
CA GLY D 341 91.73 13.42 33.44
C GLY D 341 91.99 13.58 31.96
N GLU D 342 93.26 13.51 31.57
CA GLU D 342 93.67 13.66 30.18
C GLU D 342 93.78 12.26 29.56
N ILE D 343 93.18 12.10 28.38
CA ILE D 343 93.05 10.81 27.68
C ILE D 343 93.93 10.85 26.43
N LYS D 344 94.86 9.90 26.34
CA LYS D 344 95.67 9.67 25.14
C LYS D 344 95.40 8.27 24.59
N VAL D 345 94.97 8.22 23.33
CA VAL D 345 94.64 6.97 22.66
C VAL D 345 95.87 6.46 21.94
N GLU D 346 96.25 5.22 22.22
CA GLU D 346 97.42 4.57 21.60
C GLU D 346 96.95 3.31 20.87
N LEU D 347 96.56 3.48 19.62
CA LEU D 347 96.07 2.35 18.83
C LEU D 347 97.23 1.42 18.47
N LYS D 348 96.97 0.13 18.56
CA LYS D 348 97.99 -0.87 18.29
C LYS D 348 98.19 -1.05 16.79
N MET E 1 18.86 11.23 -44.31
CA MET E 1 18.47 10.80 -42.94
C MET E 1 19.19 11.69 -41.93
N ARG E 2 18.55 11.91 -40.78
CA ARG E 2 19.12 12.68 -39.68
C ARG E 2 19.80 11.76 -38.68
N ARG E 3 21.00 12.15 -38.25
CA ARG E 3 21.74 11.38 -37.26
C ARG E 3 21.03 11.38 -35.92
N ILE E 4 21.23 10.31 -35.16
CA ILE E 4 20.70 10.16 -33.81
C ILE E 4 21.90 10.07 -32.86
N ARG E 5 21.78 10.73 -31.70
CA ARG E 5 22.85 10.81 -30.72
C ARG E 5 22.29 10.54 -29.33
N ARG E 6 23.03 9.73 -28.57
CA ARG E 6 22.66 9.33 -27.21
C ARG E 6 23.90 9.50 -26.36
N PRO E 7 24.14 10.68 -25.79
CA PRO E 7 25.36 10.87 -25.01
C PRO E 7 25.28 10.15 -23.67
N LYS E 8 26.44 9.68 -23.22
CA LYS E 8 26.55 8.91 -21.98
C LYS E 8 27.90 9.27 -21.36
N VAL E 9 27.88 10.15 -20.37
CA VAL E 9 29.10 10.64 -19.74
C VAL E 9 29.48 9.70 -18.60
N ARG E 10 30.78 9.45 -18.48
CA ARG E 10 31.37 8.72 -17.36
C ARG E 10 32.33 9.67 -16.66
N ILE E 11 32.54 9.45 -15.36
CA ILE E 11 33.55 10.17 -14.60
C ILE E 11 34.29 9.18 -13.70
N GLU E 12 35.62 9.30 -13.67
CA GLU E 12 36.50 8.50 -12.82
C GLU E 12 37.36 9.41 -11.97
N ILE E 13 37.43 9.13 -10.66
CA ILE E 13 38.19 9.92 -9.71
C ILE E 13 39.14 9.04 -8.91
N VAL E 14 40.34 9.58 -8.62
CA VAL E 14 41.35 8.92 -7.80
C VAL E 14 41.87 9.93 -6.79
N THR E 15 42.04 9.49 -5.55
CA THR E 15 42.51 10.35 -4.47
C THR E 15 44.04 10.39 -4.43
N TYR E 30 35.18 8.44 -1.41
CA TYR E 30 33.94 8.23 -2.14
C TYR E 30 34.21 7.68 -3.53
N ASN E 31 33.37 6.74 -3.96
CA ASN E 31 33.60 6.08 -5.24
C ASN E 31 33.36 7.05 -6.40
N GLY E 32 34.09 6.83 -7.50
CA GLY E 32 33.93 7.68 -8.67
C GLY E 32 32.62 7.46 -9.40
N ASP E 33 32.12 6.23 -9.41
CA ASP E 33 30.88 5.95 -10.14
C ASP E 33 29.67 6.61 -9.47
N GLU E 34 29.72 6.81 -8.16
CA GLU E 34 28.65 7.54 -7.49
C GLU E 34 28.79 9.04 -7.72
N PHE E 35 30.02 9.53 -7.83
CA PHE E 35 30.26 10.92 -8.18
C PHE E 35 29.76 11.24 -9.58
N GLY E 36 30.03 10.35 -10.54
CA GLY E 36 29.59 10.59 -11.91
C GLY E 36 28.08 10.55 -12.07
N ALA E 37 27.39 9.88 -11.16
CA ALA E 37 25.94 9.74 -11.30
C ALA E 37 25.23 11.07 -11.10
N LYS E 38 25.71 11.86 -10.14
CA LYS E 38 25.15 13.18 -9.83
C LYS E 38 25.74 14.27 -10.73
N LEU E 39 26.17 13.93 -11.93
CA LEU E 39 26.61 14.95 -12.88
C LEU E 39 25.39 15.69 -13.46
N LEU E 40 25.59 16.98 -13.74
CA LEU E 40 24.56 17.80 -14.37
C LEU E 40 25.10 18.63 -15.52
N GLY E 41 26.36 19.02 -15.46
CA GLY E 41 26.95 19.85 -16.49
C GLY E 41 28.38 20.22 -16.15
N PHE E 42 29.18 20.53 -17.17
CA PHE E 42 30.55 20.94 -16.94
C PHE E 42 31.02 21.81 -18.10
N GLN E 43 32.12 22.52 -17.86
CA GLN E 43 32.78 23.37 -18.85
C GLN E 43 34.27 23.06 -18.82
N THR E 44 34.92 23.20 -19.97
CA THR E 44 36.35 22.89 -20.12
C THR E 44 36.97 23.93 -21.04
N LYS E 45 37.37 25.07 -20.47
CA LYS E 45 38.10 26.10 -21.20
C LYS E 45 39.57 25.68 -21.38
N ASN E 46 39.95 25.37 -22.61
CA ASN E 46 41.32 25.05 -22.99
C ASN E 46 41.72 25.96 -24.15
N SER E 47 42.88 26.61 -24.03
CA SER E 47 43.25 27.62 -25.01
C SER E 47 44.75 27.86 -24.98
N MET E 48 45.38 27.75 -26.15
CA MET E 48 46.80 28.03 -26.29
C MET E 48 47.12 29.51 -26.24
N GLU E 49 46.13 30.38 -26.45
CA GLU E 49 46.36 31.82 -26.41
C GLU E 49 46.87 32.26 -25.05
N ASP E 50 46.22 31.79 -23.99
CA ASP E 50 46.60 32.09 -22.61
C ASP E 50 47.47 30.96 -22.06
N ASP E 51 48.14 31.25 -20.95
CA ASP E 51 49.07 30.33 -20.31
C ASP E 51 48.40 29.59 -19.17
N SER E 52 47.19 29.07 -19.37
CA SER E 52 46.48 28.37 -18.30
C SER E 52 45.21 27.74 -18.86
N SER E 53 45.01 26.46 -18.58
CA SER E 53 43.82 25.73 -18.99
C SER E 53 42.99 25.44 -17.76
N VAL E 54 41.69 25.72 -17.84
CA VAL E 54 40.80 25.64 -16.68
C VAL E 54 39.49 25.01 -17.10
N PHE E 55 38.88 24.26 -16.18
CA PHE E 55 37.64 23.56 -16.42
C PHE E 55 36.75 23.69 -15.19
N GLN E 56 35.42 23.63 -15.41
CA GLN E 56 34.44 23.70 -14.33
C GLN E 56 33.44 22.56 -14.45
N ILE E 57 32.95 22.09 -13.30
CA ILE E 57 31.98 21.00 -13.21
C ILE E 57 30.86 21.48 -12.30
N ASN E 58 29.62 21.27 -12.74
CA ASN E 58 28.44 21.52 -11.94
C ASN E 58 27.94 20.21 -11.35
N MET E 59 27.72 20.19 -10.03
CA MET E 59 27.23 19.02 -9.34
C MET E 59 25.89 19.28 -8.65
N ALA E 60 25.06 18.24 -8.63
CA ALA E 60 23.78 18.28 -7.93
C ALA E 60 23.98 18.35 -6.41
N GLY E 61 22.92 18.81 -5.73
CA GLY E 61 22.93 19.03 -4.30
C GLY E 61 22.40 17.89 -3.47
N ASP E 62 22.35 16.69 -4.05
CA ASP E 62 21.82 15.53 -3.33
C ASP E 62 22.67 15.21 -2.11
N THR E 63 23.99 15.27 -2.27
CA THR E 63 24.93 14.96 -1.20
C THR E 63 25.80 16.17 -0.89
N TYR E 64 26.23 16.22 0.37
CA TYR E 64 27.08 17.29 0.90
C TYR E 64 28.50 17.09 0.39
N TRP E 65 28.82 17.69 -0.75
CA TRP E 65 30.12 17.45 -1.37
C TRP E 65 31.23 18.20 -0.64
N ASP E 66 30.88 19.26 0.10
CA ASP E 66 31.86 20.08 0.79
C ASP E 66 32.69 19.27 1.77
N LYS E 67 32.10 18.26 2.40
CA LYS E 67 32.79 17.45 3.39
C LYS E 67 33.53 16.29 2.75
N LEU E 68 33.27 15.98 1.48
CA LEU E 68 33.81 14.79 0.82
C LEU E 68 35.03 15.09 -0.04
N VAL E 69 34.80 15.79 -1.16
CA VAL E 69 35.85 16.14 -2.13
C VAL E 69 36.91 17.08 -1.57
N MET E 70 38.01 16.51 -1.10
CA MET E 70 39.16 17.29 -0.67
C MET E 70 39.88 17.88 -1.87
N ALA E 71 40.51 19.03 -1.65
CA ALA E 71 41.19 19.78 -2.70
C ALA E 71 42.29 18.95 -3.33
N ASN E 72 42.65 19.32 -4.56
CA ASN E 72 43.82 18.80 -5.28
C ASN E 72 43.62 17.38 -5.76
N ASP E 73 42.40 16.86 -5.71
CA ASP E 73 42.10 15.56 -6.29
C ASP E 73 42.08 15.64 -7.81
N ILE E 74 42.25 14.46 -8.42
CA ILE E 74 42.29 14.30 -9.88
C ILE E 74 40.99 13.68 -10.35
N ILE E 75 40.36 14.35 -11.31
CA ILE E 75 39.09 13.93 -11.88
C ILE E 75 39.30 13.66 -13.37
N ARG E 76 38.86 12.48 -13.83
CA ARG E 76 38.88 12.12 -15.24
C ARG E 76 37.45 12.05 -15.76
N ILE E 77 37.26 12.55 -16.97
CA ILE E 77 35.94 12.65 -17.60
C ILE E 77 35.99 11.87 -18.90
N PHE E 78 34.96 11.05 -19.16
CA PHE E 78 34.86 10.31 -20.40
C PHE E 78 33.46 10.53 -20.96
N ILE E 79 33.39 10.76 -22.27
CA ILE E 79 32.16 11.11 -22.97
C ILE E 79 31.92 10.07 -24.06
N THR E 80 30.70 9.52 -24.09
CA THR E 80 30.29 8.59 -25.13
C THR E 80 29.65 9.37 -26.27
N PRO E 81 30.27 9.44 -27.47
CA PRO E 81 29.66 10.26 -28.54
C PRO E 81 28.33 9.73 -29.05
N ASN E 82 28.25 8.46 -29.46
CA ASN E 82 27.03 7.92 -30.07
C ASN E 82 26.77 6.51 -29.53
N ASP E 83 25.85 5.81 -30.18
CA ASP E 83 25.30 4.57 -29.66
C ASP E 83 26.33 3.44 -29.67
N ASP E 84 26.39 2.68 -28.58
CA ASP E 84 27.31 1.55 -28.61
C ASP E 84 26.97 0.56 -29.73
N PRO E 85 25.83 -0.14 -29.70
CA PRO E 85 25.64 -1.31 -30.59
C PRO E 85 25.71 -0.99 -32.08
N ASN E 86 25.27 0.20 -32.51
CA ASN E 86 25.44 0.65 -33.89
C ASN E 86 26.82 0.44 -34.51
N ASP E 87 27.89 0.31 -33.72
CA ASP E 87 29.24 0.08 -34.25
C ASP E 87 29.69 1.29 -35.08
N LYS E 88 29.46 2.47 -34.53
CA LYS E 88 29.93 3.71 -35.12
C LYS E 88 31.38 3.97 -34.72
N GLU E 89 32.09 4.74 -35.56
CA GLU E 89 33.46 5.15 -35.24
C GLU E 89 33.54 5.97 -33.95
N GLY E 90 32.42 6.51 -33.46
CA GLY E 90 32.45 7.32 -32.27
C GLY E 90 32.57 6.52 -31.00
N LYS E 91 32.27 5.22 -31.05
CA LYS E 91 32.42 4.32 -29.91
C LYS E 91 33.92 4.14 -29.67
N GLN E 92 34.50 5.10 -28.93
CA GLN E 92 35.91 5.08 -28.56
C GLN E 92 36.18 5.42 -27.10
N GLU E 93 35.17 5.85 -26.32
CA GLU E 93 35.33 6.42 -24.96
C GLU E 93 36.55 7.32 -24.86
N ARG E 94 36.64 8.29 -25.77
CA ARG E 94 37.77 9.20 -25.76
C ARG E 94 37.69 10.14 -24.54
N LEU E 95 38.79 10.23 -23.81
CA LEU E 95 38.86 11.18 -22.70
C LEU E 95 38.86 12.59 -23.23
N ILE E 96 38.10 13.46 -22.56
CA ILE E 96 37.92 14.84 -23.00
C ILE E 96 38.84 15.79 -22.25
N GLN E 97 38.99 15.63 -20.94
CA GLN E 97 39.91 16.43 -20.17
C GLN E 97 40.22 15.75 -18.84
N VAL E 98 41.43 15.99 -18.33
CA VAL E 98 41.85 15.56 -17.01
C VAL E 98 42.61 16.68 -16.33
N GLY E 99 42.37 16.87 -15.03
CA GLY E 99 43.02 17.96 -14.32
C GLY E 99 42.88 17.83 -12.82
N MET E 100 43.42 18.84 -12.13
CA MET E 100 43.47 18.88 -10.66
C MET E 100 42.46 19.91 -10.18
N VAL E 101 41.52 19.48 -9.34
CA VAL E 101 40.56 20.40 -8.75
C VAL E 101 41.30 21.36 -7.83
N SER E 102 40.79 22.58 -7.73
CA SER E 102 41.37 23.59 -6.85
C SER E 102 40.34 24.48 -6.18
N GLN E 103 39.04 24.14 -6.25
CA GLN E 103 38.03 24.96 -5.60
C GLN E 103 36.70 24.21 -5.62
N VAL E 104 36.00 24.26 -4.49
CA VAL E 104 34.66 23.68 -4.35
C VAL E 104 33.80 24.60 -3.50
N SER E 105 32.60 24.92 -3.99
CA SER E 105 31.78 25.93 -3.33
C SER E 105 30.31 25.60 -3.46
N LYS E 106 29.57 25.85 -2.38
CA LYS E 106 28.12 25.76 -2.41
C LYS E 106 27.60 26.88 -3.29
N VAL E 107 26.51 26.62 -3.99
CA VAL E 107 25.85 27.63 -4.83
C VAL E 107 24.35 27.39 -4.75
N GLY E 108 23.60 28.48 -4.63
CA GLY E 108 22.15 28.34 -4.59
C GLY E 108 21.38 29.63 -4.40
N SER E 109 20.42 29.85 -5.28
CA SER E 109 19.44 30.94 -5.16
C SER E 109 18.12 30.37 -4.67
N TYR E 110 17.93 30.45 -3.35
CA TYR E 110 16.72 29.95 -2.70
C TYR E 110 15.46 30.70 -3.11
N GLY E 111 15.57 31.93 -3.60
CA GLY E 111 14.48 32.53 -4.33
C GLY E 111 13.96 31.65 -5.45
N ASN E 112 14.86 31.05 -6.23
CA ASN E 112 14.38 30.18 -7.30
C ASN E 112 14.21 28.73 -6.84
N ASP E 113 14.48 28.44 -5.57
CA ASP E 113 14.31 27.10 -5.00
C ASP E 113 15.18 26.07 -5.74
N GLN E 114 16.49 26.33 -5.73
CA GLN E 114 17.41 25.42 -6.39
C GLN E 114 18.83 25.72 -5.91
N THR E 115 19.64 24.67 -5.75
CA THR E 115 21.01 24.80 -5.27
C THR E 115 21.87 23.82 -6.06
N GLN E 116 23.16 24.13 -6.14
CA GLN E 116 24.11 23.28 -6.84
C GLN E 116 25.48 23.46 -6.23
N PHE E 117 26.36 22.49 -6.48
CA PHE E 117 27.76 22.55 -6.08
C PHE E 117 28.64 22.63 -7.31
N ARG E 118 29.62 23.52 -7.27
CA ARG E 118 30.49 23.83 -8.40
C ARG E 118 31.93 23.51 -8.04
N ILE E 119 32.60 22.78 -8.93
CA ILE E 119 34.00 22.39 -8.78
C ILE E 119 34.75 22.81 -10.04
N THR E 120 35.94 23.37 -9.86
CA THR E 120 36.76 23.85 -10.96
C THR E 120 38.21 23.56 -10.67
N GLY E 121 39.00 23.39 -11.74
CA GLY E 121 40.38 22.99 -11.68
C GLY E 121 41.08 23.28 -12.99
N GLN E 122 42.37 22.94 -13.03
CA GLN E 122 43.22 23.18 -14.19
C GLN E 122 43.99 21.92 -14.53
N SER E 123 44.35 21.80 -15.81
CA SER E 123 44.90 20.57 -16.36
C SER E 123 46.40 20.49 -16.07
N PHE E 124 46.71 20.15 -14.82
CA PHE E 124 48.08 19.90 -14.37
C PHE E 124 48.97 21.14 -14.44
N VAL E 125 48.37 22.33 -14.60
CA VAL E 125 49.11 23.57 -14.50
C VAL E 125 49.25 24.02 -13.04
N LYS E 126 48.45 23.47 -12.14
CA LYS E 126 48.52 23.86 -10.72
C LYS E 126 49.86 23.55 -10.06
N PRO E 127 50.47 22.37 -10.22
CA PRO E 127 51.75 22.13 -9.51
C PRO E 127 52.84 23.14 -9.87
N PHE E 128 53.07 23.35 -11.18
CA PHE E 128 54.14 24.22 -11.61
C PHE E 128 53.88 25.66 -11.20
N MET E 129 52.67 26.16 -11.50
CA MET E 129 52.30 27.54 -11.21
C MET E 129 52.44 27.86 -9.73
N LYS E 130 52.07 26.93 -8.85
CA LYS E 130 52.20 27.19 -7.43
C LYS E 130 53.63 27.06 -6.91
N PHE E 131 54.41 26.13 -7.46
CA PHE E 131 55.78 25.88 -7.00
C PHE E 131 56.66 27.09 -7.35
N GLY E 132 56.85 27.99 -6.40
CA GLY E 132 57.68 29.14 -6.63
C GLY E 132 59.12 28.92 -6.18
N LEU E 133 60.08 29.01 -7.10
CA LEU E 133 61.49 28.94 -6.71
C LEU E 133 61.89 30.18 -5.92
N GLY E 134 61.74 30.14 -4.60
CA GLY E 134 62.08 31.30 -3.80
C GLY E 134 63.58 31.45 -3.66
N VAL E 135 63.97 32.45 -2.88
CA VAL E 135 65.35 32.85 -2.70
C VAL E 135 65.60 32.86 -1.20
N ILE E 136 66.71 32.26 -0.78
CA ILE E 136 67.13 32.23 0.61
C ILE E 136 68.30 33.19 0.74
N GLN E 137 68.24 34.11 1.71
CA GLN E 137 69.17 35.23 1.73
C GLN E 137 70.35 35.01 2.65
N GLU E 138 70.15 34.41 3.83
CA GLU E 138 71.21 34.37 4.84
C GLU E 138 71.70 32.96 5.15
N VAL E 139 72.23 32.22 4.16
CA VAL E 139 72.78 30.89 4.40
C VAL E 139 74.15 30.79 3.72
N GLN E 140 75.19 30.62 4.55
CA GLN E 140 76.57 30.48 4.10
C GLN E 140 76.88 29.07 3.59
N ALA E 141 76.59 28.04 4.41
CA ALA E 141 76.88 26.65 4.08
C ALA E 141 78.39 26.45 3.80
N VAL E 142 79.17 26.64 4.86
CA VAL E 142 80.62 26.51 4.79
C VAL E 142 81.03 25.15 5.34
N LEU E 143 82.33 24.84 5.23
CA LEU E 143 82.88 23.58 5.74
C LEU E 143 84.30 23.83 6.22
N PRO E 144 84.78 23.06 7.23
CA PRO E 144 86.09 23.33 7.82
C PRO E 144 87.22 22.86 6.92
N GLU E 145 87.94 23.82 6.33
CA GLU E 145 89.13 23.57 5.52
C GLU E 145 88.85 22.61 4.35
N VAL E 146 87.63 22.67 3.81
CA VAL E 146 87.22 21.93 2.62
C VAL E 146 86.31 22.85 1.80
N GLY E 147 86.28 22.64 0.49
CA GLY E 147 85.38 23.40 -0.35
C GLY E 147 85.19 22.76 -1.71
N TRP E 148 84.17 23.23 -2.41
CA TRP E 148 83.75 22.63 -3.68
C TRP E 148 84.42 23.35 -4.85
N LEU E 149 84.94 22.57 -5.80
CA LEU E 149 85.71 23.15 -6.89
C LEU E 149 84.81 23.90 -7.87
N ILE E 150 83.60 23.39 -8.13
CA ILE E 150 82.65 24.12 -8.96
C ILE E 150 82.11 25.33 -8.20
N ASP E 151 81.99 26.47 -8.89
CA ASP E 151 81.41 27.60 -8.19
C ASP E 151 79.89 27.46 -8.18
N GLY E 152 79.22 28.40 -7.51
CA GLY E 152 77.78 28.25 -7.34
C GLY E 152 77.41 27.07 -6.46
N ASP E 153 78.23 26.79 -5.45
CA ASP E 153 78.00 25.71 -4.51
C ASP E 153 78.04 26.28 -3.10
N GLY E 154 77.35 25.60 -2.18
CA GLY E 154 77.06 26.11 -0.84
C GLY E 154 75.78 26.91 -0.84
N ASP E 155 75.64 27.80 -1.83
CA ASP E 155 74.42 28.56 -2.08
C ASP E 155 73.47 27.71 -2.90
N ASN E 156 72.21 28.12 -2.93
CA ASN E 156 71.16 27.37 -3.60
C ASN E 156 71.18 27.52 -5.13
N GLU E 157 72.20 28.16 -5.70
CA GLU E 157 72.30 28.23 -7.16
C GLU E 157 72.33 26.84 -7.80
N VAL E 158 71.57 26.69 -8.88
CA VAL E 158 71.56 25.49 -9.72
C VAL E 158 71.63 25.96 -11.18
N LYS E 159 72.47 25.29 -11.98
CA LYS E 159 72.66 25.63 -13.39
C LYS E 159 72.23 24.45 -14.25
N PHE E 160 71.45 24.75 -15.30
CA PHE E 160 70.99 23.74 -16.24
C PHE E 160 71.68 23.99 -17.57
N THR E 161 72.26 22.94 -18.16
CA THR E 161 72.99 23.07 -19.42
C THR E 161 72.53 22.02 -20.42
N GLY E 162 72.35 22.46 -21.66
CA GLY E 162 71.99 21.59 -22.75
C GLY E 162 72.13 22.33 -24.06
N SER E 163 72.27 21.55 -25.14
CA SER E 163 72.38 22.10 -26.49
C SER E 163 71.04 22.15 -27.22
N SER E 164 69.93 21.86 -26.55
CA SER E 164 68.62 21.94 -27.18
C SER E 164 67.57 22.05 -26.08
N ALA E 165 66.36 22.44 -26.51
CA ALA E 165 65.27 22.61 -25.57
C ALA E 165 64.88 21.30 -24.91
N HIS E 166 64.86 20.21 -25.68
CA HIS E 166 64.50 18.92 -25.09
C HIS E 166 65.55 18.45 -24.10
N GLU E 167 66.81 18.87 -24.29
CA GLU E 167 67.82 18.54 -23.29
C GLU E 167 67.68 19.41 -22.05
N VAL E 168 67.45 20.71 -22.24
CA VAL E 168 67.28 21.59 -21.08
C VAL E 168 65.98 21.26 -20.35
N MET E 169 64.88 21.14 -21.10
CA MET E 169 63.58 20.94 -20.46
C MET E 169 63.54 19.63 -19.68
N THR E 170 64.25 18.60 -20.17
CA THR E 170 64.34 17.36 -19.41
C THR E 170 64.99 17.62 -18.05
N GLY E 171 66.11 18.34 -18.06
CA GLY E 171 66.78 18.66 -16.81
C GLY E 171 65.96 19.54 -15.89
N ILE E 172 65.22 20.49 -16.47
CA ILE E 172 64.40 21.39 -15.65
C ILE E 172 63.28 20.60 -14.97
N ILE E 173 62.54 19.82 -15.75
CA ILE E 173 61.41 19.09 -15.19
C ILE E 173 61.91 18.03 -14.21
N ARG E 174 62.91 17.26 -14.63
CA ARG E 174 63.43 16.18 -13.80
C ARG E 174 64.04 16.69 -12.48
N ARG E 175 64.44 17.95 -12.42
CA ARG E 175 65.06 18.48 -11.20
C ARG E 175 64.07 18.51 -10.04
N PHE E 176 62.81 18.92 -10.31
CA PHE E 176 61.83 19.16 -9.26
C PHE E 176 60.65 18.20 -9.24
N ILE E 177 60.37 17.50 -10.35
CA ILE E 177 59.15 16.68 -10.43
C ILE E 177 59.07 15.57 -9.40
N PRO E 178 60.12 14.79 -9.09
CA PRO E 178 59.88 13.64 -8.21
C PRO E 178 59.50 14.07 -6.80
N TYR E 179 60.26 15.01 -6.26
CA TYR E 179 60.08 15.50 -4.90
C TYR E 179 58.74 16.18 -4.65
N MET E 180 58.01 16.55 -5.71
CA MET E 180 56.68 17.13 -5.55
C MET E 180 55.75 15.99 -5.18
N LYS E 181 55.64 15.73 -3.89
CA LYS E 181 54.95 14.54 -3.41
C LYS E 181 53.53 14.91 -3.01
N TYR E 182 52.65 13.93 -3.14
CA TYR E 182 51.25 14.10 -2.80
C TYR E 182 50.74 12.78 -2.22
N ASN E 183 49.49 12.79 -1.77
CA ASN E 183 48.94 11.69 -0.98
C ASN E 183 48.18 10.68 -1.84
N TYR E 184 48.61 10.48 -3.08
CA TYR E 184 47.94 9.52 -3.96
C TYR E 184 48.11 8.10 -3.43
N THR E 185 46.99 7.37 -3.29
CA THR E 185 47.04 6.03 -2.73
C THR E 185 47.94 5.11 -3.56
N GLU E 186 47.90 5.25 -4.88
CA GLU E 186 48.63 4.34 -5.77
C GLU E 186 50.10 4.77 -5.89
N ASN E 190 52.40 6.98 -6.25
CA ASN E 190 52.86 7.65 -7.46
C ASN E 190 52.81 9.17 -7.31
N THR E 191 53.29 9.87 -8.33
CA THR E 191 53.26 11.33 -8.34
C THR E 191 53.03 11.80 -9.78
N ILE E 192 53.33 13.08 -10.04
CA ILE E 192 53.07 13.68 -11.35
C ILE E 192 53.88 13.05 -12.47
N ASP E 193 54.94 12.30 -12.15
CA ASP E 193 55.82 11.81 -13.20
C ASP E 193 55.21 10.61 -13.90
N ASN E 194 54.39 9.84 -13.17
CA ASN E 194 53.66 8.73 -13.77
C ASN E 194 52.51 9.23 -14.63
N TYR E 195 51.84 10.31 -14.21
CA TYR E 195 50.69 10.82 -14.94
C TYR E 195 51.05 11.76 -16.10
N LEU E 196 52.26 12.32 -16.09
CA LEU E 196 52.73 13.21 -17.15
C LEU E 196 53.93 12.57 -17.81
N ASP E 197 53.82 12.33 -19.13
CA ASP E 197 54.92 11.68 -19.86
C ASP E 197 56.09 12.63 -20.05
N TYR E 198 55.80 13.87 -20.45
CA TYR E 198 56.75 14.95 -20.78
C TYR E 198 57.93 14.44 -21.60
N ASP E 199 57.64 13.59 -22.59
CA ASP E 199 58.61 12.94 -23.46
C ASP E 199 58.28 13.28 -24.92
N ASP E 200 59.15 12.83 -25.83
CA ASP E 200 58.99 13.09 -27.26
C ASP E 200 59.09 14.58 -27.55
N LEU E 201 59.93 15.27 -26.79
CA LEU E 201 60.23 16.69 -26.99
C LEU E 201 61.35 16.85 -28.02
N SER E 202 61.28 17.96 -28.76
CA SER E 202 62.25 18.29 -29.79
C SER E 202 62.26 19.79 -29.98
N SER E 203 63.26 20.28 -30.71
CA SER E 203 63.39 21.69 -31.03
C SER E 203 64.49 21.83 -32.08
N TRP E 204 64.89 23.07 -32.35
CA TRP E 204 65.93 23.37 -33.34
C TRP E 204 67.29 23.16 -32.69
N ASP E 205 67.72 21.90 -32.70
CA ASP E 205 69.01 21.55 -32.09
C ASP E 205 70.18 22.10 -32.90
N GLU E 206 70.05 22.11 -34.23
CA GLU E 206 71.15 22.50 -35.10
C GLU E 206 71.46 24.00 -34.97
N PHE E 207 70.43 24.84 -34.88
CA PHE E 207 70.64 26.29 -34.84
C PHE E 207 70.90 26.82 -33.45
N GLU E 208 70.56 26.07 -32.40
CA GLU E 208 70.73 26.50 -31.01
C GLU E 208 72.05 25.95 -30.47
N LYS E 209 72.84 26.83 -29.87
CA LYS E 209 74.14 26.46 -29.33
C LYS E 209 73.97 25.83 -27.95
N LEU E 210 75.01 25.86 -27.12
CA LEU E 210 74.92 25.41 -25.74
C LEU E 210 74.40 26.54 -24.87
N THR E 211 73.62 26.17 -23.85
CA THR E 211 72.88 27.09 -23.01
C THR E 211 73.32 26.91 -21.57
N GLU E 212 73.27 28.00 -20.82
CA GLU E 212 73.59 28.04 -19.40
C GLU E 212 72.43 28.65 -18.63
N VAL E 213 71.22 28.16 -18.86
CA VAL E 213 70.05 28.79 -18.27
C VAL E 213 70.06 28.59 -16.76
N SER E 214 69.88 29.70 -16.05
CA SER E 214 69.93 29.72 -14.60
C SER E 214 68.58 29.38 -14.00
N ALA E 215 68.62 28.68 -12.86
CA ALA E 215 67.41 28.38 -12.10
C ALA E 215 66.66 29.65 -11.72
N PHE E 216 67.35 30.59 -11.08
CA PHE E 216 66.73 31.78 -10.47
C PHE E 216 66.70 32.97 -11.42
N THR E 217 66.46 32.74 -12.71
CA THR E 217 66.37 33.84 -13.66
C THR E 217 65.23 34.79 -13.30
N ASN E 218 64.19 34.28 -12.65
CA ASN E 218 63.02 35.03 -12.22
C ASN E 218 62.93 35.02 -10.71
N PHE E 219 62.82 36.21 -10.11
CA PHE E 219 62.89 36.35 -8.66
C PHE E 219 61.61 35.77 -8.06
N ASP E 220 61.76 34.66 -7.32
CA ASP E 220 60.66 33.97 -6.63
C ASP E 220 59.47 33.68 -7.53
N GLY E 221 59.73 33.43 -8.82
CA GLY E 221 58.68 33.13 -9.76
C GLY E 221 58.35 31.65 -9.76
N SER E 222 57.36 31.30 -10.58
CA SER E 222 56.87 29.93 -10.65
C SER E 222 57.66 29.17 -11.69
N LEU E 223 57.56 27.84 -11.65
CA LEU E 223 58.23 27.07 -12.70
C LEU E 223 57.66 27.38 -14.08
N LYS E 224 56.39 27.80 -14.16
CA LYS E 224 55.83 28.21 -15.45
C LYS E 224 56.56 29.43 -15.98
N GLN E 225 56.88 30.39 -15.11
CA GLN E 225 57.66 31.55 -15.54
C GLN E 225 59.03 31.14 -16.03
N LEU E 226 59.63 30.14 -15.37
CA LEU E 226 60.95 29.69 -15.80
C LEU E 226 60.81 28.77 -17.01
N MET E 227 59.67 28.09 -17.14
CA MET E 227 59.40 27.28 -18.33
C MET E 227 59.27 28.14 -19.57
N ASP E 228 58.75 29.36 -19.43
CA ASP E 228 58.58 30.22 -20.61
C ASP E 228 59.92 30.62 -21.21
N MET E 229 60.88 30.97 -20.35
CA MET E 229 62.22 31.31 -20.82
C MET E 229 62.82 30.16 -21.62
N VAL E 230 62.71 28.93 -21.12
CA VAL E 230 63.26 27.79 -21.83
C VAL E 230 62.55 27.61 -23.16
N THR E 231 61.24 27.85 -23.19
CA THR E 231 60.48 27.65 -24.42
C THR E 231 60.99 28.54 -25.54
N ALA E 232 61.28 29.80 -25.24
CA ALA E 232 61.70 30.77 -26.25
C ALA E 232 60.61 30.89 -27.31
N ARG E 233 59.46 31.38 -26.88
CA ARG E 233 58.35 31.58 -27.77
C ARG E 233 58.62 32.77 -28.68
N PRO E 234 58.03 32.78 -29.90
CA PRO E 234 57.09 31.84 -30.49
C PRO E 234 57.78 30.71 -31.29
N PHE E 235 59.11 30.62 -31.27
CA PHE E 235 59.78 29.59 -32.04
C PHE E 235 59.48 28.16 -31.58
N ASN E 236 58.91 27.97 -30.38
CA ASN E 236 58.54 26.64 -29.91
C ASN E 236 57.22 26.73 -29.14
N GLU E 237 56.41 25.68 -29.26
CA GLU E 237 55.00 25.73 -28.88
C GLU E 237 54.86 24.82 -27.66
N LEU E 238 54.39 25.38 -26.55
CA LEU E 238 54.22 24.62 -25.31
C LEU E 238 52.77 24.67 -24.86
N PHE E 239 52.22 23.51 -24.52
CA PHE E 239 50.84 23.43 -24.04
C PHE E 239 50.62 22.05 -23.43
N PHE E 240 49.53 21.92 -22.69
CA PHE E 240 49.12 20.67 -22.06
C PHE E 240 47.89 20.16 -22.78
N LYS E 241 47.90 18.87 -23.11
CA LYS E 241 46.88 18.24 -23.93
C LYS E 241 46.85 16.75 -23.60
N ASN E 242 45.74 16.12 -23.92
CA ASN E 242 45.56 14.69 -23.66
C ASN E 242 46.52 13.88 -24.53
N SER E 243 46.93 12.72 -24.02
CA SER E 243 47.83 11.81 -24.75
C SER E 243 46.99 10.82 -25.55
N GLU E 244 46.80 11.10 -26.84
CA GLU E 244 46.06 10.16 -27.69
C GLU E 244 46.80 8.85 -27.85
N LYS E 245 48.14 8.89 -27.90
CA LYS E 245 48.87 7.64 -28.09
C LYS E 245 48.75 6.74 -26.88
N THR E 246 48.55 7.32 -25.69
CA THR E 246 48.43 6.58 -24.44
C THR E 246 47.21 7.14 -23.70
N PRO E 247 46.00 6.70 -24.07
CA PRO E 247 44.80 7.22 -23.40
C PRO E 247 44.81 6.92 -21.92
N GLY E 248 44.20 7.84 -21.15
CA GLY E 248 44.11 7.71 -19.72
C GLY E 248 45.09 8.56 -18.94
N LYS E 249 45.89 9.39 -19.61
CA LYS E 249 46.92 10.16 -18.93
C LYS E 249 47.33 11.34 -19.81
N ALA E 250 47.88 12.36 -19.17
CA ALA E 250 48.20 13.61 -19.86
C ALA E 250 49.66 13.63 -20.31
N GLN E 251 49.98 14.63 -21.15
CA GLN E 251 51.30 14.74 -21.76
C GLN E 251 51.66 16.21 -21.88
N LEU E 252 52.90 16.52 -21.52
CA LEU E 252 53.49 17.83 -21.75
C LEU E 252 54.19 17.85 -23.11
N VAL E 253 53.77 18.77 -23.98
CA VAL E 253 54.28 18.89 -25.35
C VAL E 253 55.23 20.07 -25.43
N LEU E 254 56.39 19.85 -26.03
CA LEU E 254 57.34 20.92 -26.34
C LEU E 254 57.96 20.60 -27.69
N ARG E 255 57.46 21.25 -28.74
CA ARG E 255 57.92 20.96 -30.10
C ARG E 255 58.11 22.27 -30.85
N LYS E 256 58.97 22.22 -31.88
CA LYS E 256 59.15 23.36 -32.77
C LYS E 256 57.83 23.72 -33.44
N THR E 257 57.70 24.99 -33.85
CA THR E 257 56.41 25.47 -34.29
C THR E 257 56.01 24.81 -35.61
N PRO E 258 54.73 24.46 -35.79
CA PRO E 258 54.33 23.75 -37.00
C PRO E 258 54.22 24.60 -38.26
N PHE E 259 54.61 25.88 -38.23
CA PHE E 259 54.52 26.70 -39.43
C PHE E 259 55.55 26.31 -40.48
N ASN E 260 56.51 25.44 -40.17
CA ASN E 260 57.43 24.96 -41.19
C ASN E 260 56.68 24.07 -42.19
N PRO E 261 57.09 24.06 -43.47
CA PRO E 261 56.34 23.24 -44.46
C PRO E 261 56.25 21.76 -44.11
N THR E 262 57.39 21.09 -43.88
CA THR E 262 57.35 19.67 -43.58
C THR E 262 56.74 19.41 -42.21
N GLU E 263 56.92 20.32 -41.25
CA GLU E 263 56.35 20.09 -39.94
C GLU E 263 54.85 20.31 -39.98
N TRP E 264 54.39 21.20 -40.87
CA TRP E 264 52.96 21.40 -41.05
C TRP E 264 52.31 20.13 -41.57
N ARG E 265 52.91 19.51 -42.59
CA ARG E 265 52.40 18.22 -43.09
C ARG E 265 52.48 17.11 -42.03
N ALA E 266 53.35 17.23 -41.02
CA ALA E 266 53.44 16.17 -40.02
C ALA E 266 52.27 16.18 -39.04
N LEU E 267 51.52 17.28 -38.97
CA LEU E 267 50.35 17.28 -38.10
C LEU E 267 49.24 16.40 -38.66
N ASP E 268 48.59 15.66 -37.77
CA ASP E 268 47.44 14.85 -38.17
C ASP E 268 46.28 15.73 -38.60
N MET E 269 45.66 15.35 -39.70
CA MET E 269 44.49 16.02 -40.23
C MET E 269 43.22 15.50 -39.55
N ILE E 270 42.22 16.38 -39.49
CA ILE E 270 40.90 16.07 -38.94
C ILE E 270 39.87 16.66 -39.89
N LYS E 271 38.86 15.87 -40.24
CA LYS E 271 37.78 16.33 -41.11
C LYS E 271 36.52 16.64 -40.30
N VAL E 272 35.78 17.64 -40.78
CA VAL E 272 34.47 18.00 -40.24
C VAL E 272 33.66 18.66 -41.36
N PRO E 273 32.50 18.12 -41.74
CA PRO E 273 31.69 18.83 -42.73
C PRO E 273 30.84 19.91 -42.07
N THR E 274 30.35 20.83 -42.90
CA THR E 274 29.31 21.78 -42.50
C THR E 274 28.15 21.19 -41.70
N GLU E 275 27.89 19.88 -41.78
CA GLU E 275 26.69 19.31 -41.16
C GLU E 275 26.75 19.37 -39.63
N ASP E 276 27.90 19.64 -39.04
CA ASP E 276 28.08 19.77 -37.60
C ASP E 276 28.29 21.20 -37.13
N PHE E 277 28.04 22.19 -37.97
CA PHE E 277 28.32 23.59 -37.65
C PHE E 277 27.08 24.25 -37.05
N ILE E 278 27.20 24.76 -35.84
CA ILE E 278 26.09 25.48 -35.20
C ILE E 278 26.18 26.98 -35.46
N GLU E 279 27.36 27.57 -35.29
CA GLU E 279 27.56 28.98 -35.57
C GLU E 279 29.03 29.19 -35.89
N GLU E 280 29.29 30.25 -36.68
CA GLU E 280 30.63 30.55 -37.15
C GLU E 280 30.86 32.06 -37.12
N ASP E 281 32.11 32.45 -36.82
CA ASP E 281 32.51 33.86 -36.79
C ASP E 281 34.00 33.89 -37.17
N VAL E 282 34.26 33.93 -38.47
CA VAL E 282 35.63 33.82 -39.00
C VAL E 282 35.83 34.84 -40.11
N GLY E 283 37.00 35.45 -40.13
CA GLY E 283 37.25 36.54 -41.06
C GLY E 283 38.70 36.97 -41.00
N LYS E 284 39.08 37.76 -42.01
CA LYS E 284 40.40 38.34 -42.04
C LYS E 284 40.52 39.42 -40.95
N SER E 285 41.75 39.88 -40.72
CA SER E 285 41.98 41.02 -39.84
C SER E 285 43.38 41.55 -40.08
N ASP E 286 43.52 42.87 -39.95
CA ASP E 286 44.83 43.53 -39.94
C ASP E 286 45.21 44.01 -38.55
N VAL E 287 44.95 43.20 -37.52
CA VAL E 287 45.41 43.56 -36.18
C VAL E 287 46.91 43.30 -36.06
N GLU E 288 47.39 42.15 -36.53
CA GLU E 288 48.84 41.91 -36.58
C GLU E 288 49.38 42.31 -37.94
N THR E 289 50.39 43.19 -37.95
CA THR E 289 51.01 43.60 -39.21
C THR E 289 52.44 44.06 -38.91
N TYR E 290 53.43 43.33 -39.41
CA TYR E 290 54.83 43.72 -39.33
C TYR E 290 55.50 43.51 -40.68
N SER E 291 56.54 44.30 -40.92
CA SER E 291 57.36 44.35 -42.13
C SER E 291 58.76 43.82 -41.94
N ILE E 292 59.40 44.12 -40.81
CA ILE E 292 60.78 43.69 -40.52
C ILE E 292 60.72 42.68 -39.38
N PHE E 293 61.39 41.54 -39.57
CA PHE E 293 61.44 40.48 -38.57
C PHE E 293 62.90 40.15 -38.26
N THR E 294 63.19 39.98 -36.97
CA THR E 294 64.55 39.71 -36.54
C THR E 294 64.50 38.90 -35.25
N ALA E 295 65.59 38.18 -34.97
CA ALA E 295 65.71 37.30 -33.81
C ALA E 295 67.03 37.65 -33.16
N THR E 296 66.98 38.63 -32.24
CA THR E 296 68.17 39.06 -31.54
C THR E 296 68.69 37.92 -30.66
N PRO E 297 69.99 37.89 -30.34
CA PRO E 297 70.48 36.89 -29.39
C PRO E 297 70.25 37.41 -27.97
N ALA E 298 70.54 36.57 -26.98
CA ALA E 298 70.41 36.90 -25.55
C ALA E 298 70.96 38.29 -25.23
N GLY E 299 70.15 39.05 -24.50
CA GLY E 299 70.30 40.49 -24.34
C GLY E 299 71.54 41.04 -23.65
N MET E 300 72.47 40.19 -23.23
CA MET E 300 73.75 40.69 -22.74
C MET E 300 74.58 41.29 -23.88
N LEU E 301 74.62 40.61 -25.02
CA LEU E 301 75.43 41.07 -26.14
C LEU E 301 74.84 42.35 -26.71
N LYS E 302 75.68 43.36 -26.87
CA LYS E 302 75.20 44.69 -27.22
C LYS E 302 76.12 45.36 -28.22
N GLU E 303 75.50 46.10 -29.17
CA GLU E 303 76.16 46.44 -30.43
C GLU E 303 77.44 47.23 -30.22
N LEU E 304 77.53 48.02 -29.15
CA LEU E 304 78.65 48.93 -28.98
C LEU E 304 79.84 48.31 -28.27
N ASN E 305 79.78 47.03 -27.90
CA ASN E 305 80.83 46.38 -27.13
C ASN E 305 81.07 44.93 -27.59
N GLY E 306 80.92 44.63 -28.88
CA GLY E 306 81.18 43.26 -29.31
C GLY E 306 80.80 42.96 -30.74
N ASP E 307 80.50 41.68 -30.99
CA ASP E 307 80.29 41.09 -32.31
C ASP E 307 78.91 41.48 -32.86
N VAL E 308 78.59 40.96 -34.08
CA VAL E 308 77.39 41.36 -34.83
C VAL E 308 76.13 41.23 -33.96
N PHE E 309 75.36 42.32 -33.91
CA PHE E 309 74.23 42.44 -33.00
C PHE E 309 72.95 41.78 -33.54
N SER E 310 72.64 41.97 -34.82
CA SER E 310 71.36 41.50 -35.38
C SER E 310 71.46 41.50 -36.89
N LYS E 311 70.49 40.85 -37.54
CA LYS E 311 70.50 40.68 -39.00
C LYS E 311 69.07 40.49 -39.51
N PRO E 312 68.31 41.59 -39.71
CA PRO E 312 66.88 41.48 -40.05
C PRO E 312 66.62 41.15 -41.53
N GLN E 313 65.33 41.05 -41.88
CA GLN E 313 64.83 40.65 -43.19
C GLN E 313 63.52 41.35 -43.48
N PHE E 314 63.34 41.75 -44.75
CA PHE E 314 62.15 42.48 -45.17
C PHE E 314 61.89 42.23 -46.66
N HIS E 315 60.63 42.44 -47.08
CA HIS E 315 60.28 42.43 -48.49
C HIS E 315 60.17 43.87 -49.04
N PRO E 316 60.68 44.19 -50.24
CA PRO E 316 60.60 45.59 -50.70
C PRO E 316 59.18 46.04 -51.00
N GLU E 317 58.33 45.15 -51.53
CA GLU E 317 56.96 45.56 -51.82
C GLU E 317 56.17 45.73 -50.53
N LEU E 318 56.43 44.88 -49.52
CA LEU E 318 55.61 44.90 -48.30
C LEU E 318 55.75 46.22 -47.55
N THR E 319 56.97 46.78 -47.49
CA THR E 319 57.21 47.95 -46.67
C THR E 319 56.57 49.22 -47.22
N ASP E 320 56.06 49.21 -48.45
CA ASP E 320 55.41 50.39 -48.98
C ASP E 320 54.14 50.71 -48.19
N ARG E 321 53.32 49.70 -47.93
CA ARG E 321 52.08 49.93 -47.20
C ARG E 321 52.36 50.21 -45.73
N TYR E 322 53.26 49.40 -45.12
CA TYR E 322 53.62 49.50 -43.71
C TYR E 322 55.13 49.66 -43.62
N GLY E 323 55.58 50.90 -43.45
CA GLY E 323 57.01 51.19 -43.53
C GLY E 323 57.74 50.95 -42.22
N TYR E 324 58.85 50.20 -42.30
CA TYR E 324 59.76 50.02 -41.17
C TYR E 324 59.08 49.45 -39.93
N THR E 325 58.02 48.66 -40.10
CA THR E 325 57.33 48.05 -38.97
C THR E 325 58.15 46.87 -38.46
N LYS E 326 58.80 47.04 -37.31
CA LYS E 326 59.70 46.00 -36.80
C LYS E 326 58.99 45.03 -35.88
N PHE E 327 59.55 43.81 -35.81
CA PHE E 327 59.09 42.74 -34.95
C PHE E 327 60.34 42.07 -34.39
N GLU E 328 60.58 42.24 -33.08
CA GLU E 328 61.78 41.74 -32.42
C GLU E 328 61.42 40.67 -31.39
N VAL E 329 62.27 39.65 -31.31
CA VAL E 329 62.16 38.59 -30.32
C VAL E 329 63.55 38.26 -29.82
N GLU E 330 63.72 38.27 -28.50
CA GLU E 330 64.94 37.76 -27.88
C GLU E 330 64.86 36.24 -27.79
N ASN E 331 65.95 35.57 -28.16
CA ASN E 331 66.10 34.13 -27.99
C ASN E 331 67.26 33.88 -27.03
N ILE E 332 66.94 33.31 -25.87
CA ILE E 332 67.92 32.96 -24.85
C ILE E 332 68.99 32.03 -25.39
N TYR E 333 68.64 31.20 -26.39
CA TYR E 333 69.52 30.09 -26.78
C TYR E 333 70.82 30.57 -27.44
N LEU E 334 70.71 31.48 -28.41
CA LEU E 334 71.82 31.81 -29.31
C LEU E 334 72.96 32.46 -28.55
N THR E 358 113.41 49.74 -53.50
CA THR E 358 112.51 50.88 -53.36
C THR E 358 113.06 51.84 -52.30
N TYR E 359 114.39 52.02 -52.30
CA TYR E 359 115.02 52.93 -51.34
C TYR E 359 114.51 54.35 -51.53
N SER E 360 114.41 54.79 -52.78
CA SER E 360 113.99 56.16 -53.07
C SER E 360 112.58 56.41 -52.54
N LYS E 361 111.63 55.56 -52.95
CA LYS E 361 110.24 55.71 -52.54
C LYS E 361 110.07 55.71 -51.02
N ILE E 362 110.81 54.85 -50.31
CA ILE E 362 110.73 54.81 -48.86
C ILE E 362 111.21 56.14 -48.28
N MET E 363 112.33 56.64 -48.80
CA MET E 363 112.86 57.91 -48.32
C MET E 363 111.92 59.06 -48.65
N LYS E 364 111.38 59.08 -49.87
CA LYS E 364 110.43 60.12 -50.25
C LYS E 364 109.22 60.13 -49.33
N ASP E 365 108.70 58.95 -48.99
CA ASP E 365 107.54 58.87 -48.10
C ASP E 365 107.83 59.51 -46.74
N LEU E 366 108.97 59.18 -46.14
CA LEU E 366 109.36 59.81 -44.88
C LEU E 366 109.51 61.32 -45.03
N SER E 367 110.01 61.77 -46.18
CA SER E 367 110.16 63.19 -46.43
C SER E 367 108.81 63.86 -46.71
N ASN E 368 107.77 63.08 -47.00
CA ASN E 368 106.48 63.65 -47.35
C ASN E 368 105.71 64.00 -46.08
N TYR E 369 105.71 63.09 -45.11
CA TYR E 369 105.10 63.38 -43.83
C TYR E 369 105.97 64.33 -43.01
N GLY E 370 107.29 64.18 -43.07
CA GLY E 370 108.19 65.02 -42.33
C GLY E 370 108.49 64.48 -40.94
N ARG E 371 109.66 64.85 -40.42
CA ARG E 371 110.10 64.31 -39.13
C ARG E 371 109.21 64.79 -37.99
N ASP E 372 108.59 65.96 -38.13
CA ASP E 372 107.70 66.44 -37.07
C ASP E 372 106.44 65.60 -36.98
N ASN E 373 105.88 65.19 -38.14
CA ASN E 373 104.67 64.39 -38.17
C ASN E 373 104.95 62.93 -37.84
N ILE E 374 106.09 62.41 -38.32
CA ILE E 374 106.42 61.02 -38.11
C ILE E 374 106.80 60.78 -36.64
N SER E 375 107.39 61.78 -35.99
CA SER E 375 107.81 61.62 -34.61
C SER E 375 106.64 61.42 -33.66
N LYS E 376 105.42 61.72 -34.10
CA LYS E 376 104.20 61.53 -33.32
C LYS E 376 103.50 60.28 -33.82
N GLY E 377 103.95 59.13 -33.36
CA GLY E 377 103.24 57.89 -33.61
C GLY E 377 104.05 57.02 -34.54
N ILE E 378 105.30 56.79 -34.14
CA ILE E 378 106.22 56.04 -35.00
C ILE E 378 105.74 54.62 -35.19
N ASP E 379 105.09 54.05 -34.18
CA ASP E 379 104.64 52.67 -34.32
C ASP E 379 103.55 52.54 -35.38
N LYS E 380 102.63 53.50 -35.43
CA LYS E 380 101.51 53.37 -36.35
C LYS E 380 101.85 53.94 -37.73
N TYR E 381 102.66 55.00 -37.79
CA TYR E 381 103.17 55.44 -39.08
C TYR E 381 104.01 54.36 -39.73
N THR E 382 104.79 53.62 -38.93
CA THR E 382 105.47 52.42 -39.43
C THR E 382 104.52 51.46 -40.12
N SER E 383 103.30 51.30 -39.59
CA SER E 383 102.36 50.38 -40.21
C SER E 383 101.90 50.88 -41.58
N LYS E 384 101.94 52.20 -41.81
CA LYS E 384 101.59 52.72 -43.12
C LYS E 384 102.58 52.25 -44.17
N LEU E 385 103.88 52.38 -43.89
CA LEU E 385 104.89 51.93 -44.84
C LEU E 385 104.80 50.41 -45.06
N SER E 386 104.70 49.64 -43.98
CA SER E 386 104.64 48.19 -44.11
C SER E 386 103.36 47.74 -44.79
N SER E 387 102.28 48.54 -44.68
CA SER E 387 101.04 48.18 -45.36
C SER E 387 101.18 48.35 -46.87
N LYS E 388 101.83 49.45 -47.28
CA LYS E 388 101.97 49.81 -48.69
C LYS E 388 102.86 48.81 -49.41
N TYR E 389 103.94 48.38 -48.76
CA TYR E 389 104.93 47.48 -49.33
C TYR E 389 105.06 46.27 -48.40
N LYS E 390 104.71 45.08 -48.91
CA LYS E 390 104.82 43.86 -48.12
C LYS E 390 106.23 43.26 -48.15
N ASN E 391 107.22 43.98 -48.67
CA ASN E 391 108.60 43.52 -48.59
C ASN E 391 109.20 43.77 -47.22
N LEU E 392 108.75 44.80 -46.51
CA LEU E 392 109.25 45.16 -45.19
C LEU E 392 108.34 44.60 -44.11
N LYS E 393 108.93 43.91 -43.13
CA LYS E 393 108.20 43.49 -41.94
C LYS E 393 108.15 44.63 -40.93
N LYS E 394 107.36 44.43 -39.88
CA LYS E 394 107.17 45.45 -38.85
C LYS E 394 108.50 45.85 -38.21
N ALA E 395 109.39 44.89 -37.95
CA ALA E 395 110.64 45.25 -37.29
C ALA E 395 111.54 46.05 -38.22
N GLN E 396 111.56 45.68 -39.50
CA GLN E 396 112.42 46.34 -40.47
C GLN E 396 112.05 47.81 -40.63
N ALA E 397 110.76 48.08 -40.81
CA ALA E 397 110.29 49.45 -40.97
C ALA E 397 110.28 50.23 -39.66
N LYS E 398 110.26 49.53 -38.51
CA LYS E 398 110.36 50.19 -37.22
C LYS E 398 111.75 50.77 -37.02
N LYS E 399 112.78 50.03 -37.42
CA LYS E 399 114.16 50.46 -37.19
C LYS E 399 114.55 51.62 -38.10
N ILE E 400 114.16 51.56 -39.37
CA ILE E 400 114.55 52.63 -40.30
C ILE E 400 113.95 53.97 -39.88
N ILE E 401 112.74 53.98 -39.32
CA ILE E 401 112.14 55.25 -38.93
C ILE E 401 112.88 55.83 -37.73
N GLU E 402 113.23 54.99 -36.75
CA GLU E 402 114.00 55.46 -35.61
C GLU E 402 115.32 56.06 -36.04
N LYS E 403 116.01 55.42 -36.98
CA LYS E 403 117.25 55.96 -37.52
C LYS E 403 117.00 57.23 -38.32
N PHE E 404 115.84 57.36 -38.97
CA PHE E 404 115.54 58.57 -39.71
C PHE E 404 115.33 59.76 -38.77
N VAL E 405 114.51 59.58 -37.74
CA VAL E 405 114.18 60.71 -36.88
C VAL E 405 115.40 61.19 -36.10
N LYS E 406 116.24 60.27 -35.64
CA LYS E 406 117.32 60.67 -34.74
C LYS E 406 118.45 61.33 -35.52
N GLU E 407 118.87 60.70 -36.61
CA GLU E 407 119.91 61.27 -37.45
C GLU E 407 119.38 62.40 -38.34
N GLY E 408 118.09 62.36 -38.70
CA GLY E 408 117.50 63.32 -39.60
C GLY E 408 117.61 62.98 -41.06
N LYS E 409 118.35 61.94 -41.43
CA LYS E 409 118.38 61.47 -42.81
C LYS E 409 118.75 60.00 -42.81
N VAL E 410 118.49 59.35 -43.94
CA VAL E 410 118.81 57.95 -44.18
C VAL E 410 119.59 57.85 -45.49
N THR E 411 120.72 57.14 -45.45
CA THR E 411 121.62 56.94 -46.57
C THR E 411 121.53 55.49 -47.03
N GLU E 412 122.27 55.17 -48.09
CA GLU E 412 122.32 53.80 -48.60
C GLU E 412 123.02 52.83 -47.65
N LYS E 413 123.89 53.33 -46.78
CA LYS E 413 124.50 52.48 -45.76
C LYS E 413 123.48 52.05 -44.71
N GLU E 414 122.62 52.98 -44.29
CA GLU E 414 121.58 52.64 -43.32
C GLU E 414 120.59 51.63 -43.90
N TYR E 415 120.17 51.84 -45.15
CA TYR E 415 119.16 50.98 -45.77
C TYR E 415 119.68 49.54 -45.85
N GLU E 416 120.86 49.35 -46.46
CA GLU E 416 121.41 48.00 -46.62
C GLU E 416 121.70 47.35 -45.28
N LYS E 417 122.10 48.13 -44.28
CA LYS E 417 122.32 47.58 -42.94
C LYS E 417 121.02 47.01 -42.36
N ILE E 418 119.89 47.67 -42.62
CA ILE E 418 118.62 47.16 -42.10
C ILE E 418 118.28 45.83 -42.74
N THR E 419 118.49 45.70 -44.05
CA THR E 419 118.23 44.46 -44.75
C THR E 419 119.05 44.46 -46.04
N GLY E 420 119.60 43.31 -46.40
CA GLY E 420 120.36 43.24 -47.63
C GLY E 420 119.50 43.43 -48.85
N ASN E 421 119.67 44.55 -49.53
CA ASN E 421 119.02 44.78 -50.82
C ASN E 421 120.00 45.42 -51.79
N LYS E 422 119.73 45.22 -53.07
CA LYS E 422 120.41 45.91 -54.15
C LYS E 422 119.82 47.32 -54.22
N VAL E 423 120.51 48.29 -53.63
CA VAL E 423 120.01 49.66 -53.71
C VAL E 423 120.38 50.27 -55.05
N ASP E 424 121.52 49.88 -55.61
CA ASP E 424 122.01 50.37 -56.90
C ASP E 424 121.45 49.51 -58.04
N ASP E 425 120.12 49.45 -58.12
CA ASP E 425 119.46 48.69 -59.19
C ASP E 425 118.07 49.26 -59.40
N GLU E 426 117.88 49.97 -60.52
CA GLU E 426 116.63 50.66 -60.80
C GLU E 426 115.82 49.97 -61.91
N LEU E 427 116.40 48.94 -62.55
CA LEU E 427 115.68 48.10 -63.51
C LEU E 427 114.32 47.64 -63.01
N THR E 428 114.27 47.08 -61.79
CA THR E 428 113.18 46.19 -61.42
C THR E 428 111.80 46.86 -61.44
N SER E 429 111.70 48.13 -61.08
CA SER E 429 110.36 48.71 -60.96
C SER E 429 109.68 48.85 -62.32
N ASP E 430 110.44 49.16 -63.37
CA ASP E 430 109.87 49.21 -64.72
C ASP E 430 109.75 47.82 -65.33
N ASN E 431 110.85 47.06 -65.33
CA ASN E 431 110.96 45.78 -66.02
C ASN E 431 111.63 44.77 -65.10
N ARG E 432 111.03 43.58 -64.93
CA ARG E 432 111.66 42.50 -64.16
C ARG E 432 111.50 41.17 -64.93
N PRO E 433 112.57 40.37 -65.07
CA PRO E 433 112.54 39.24 -66.02
C PRO E 433 111.52 38.15 -65.69
N LYS E 434 111.17 37.40 -66.75
CA LYS E 434 110.06 36.46 -66.71
C LYS E 434 110.33 35.24 -65.80
N LEU E 435 111.54 34.69 -65.84
CA LEU E 435 111.90 33.43 -65.16
C LEU E 435 111.11 32.25 -65.72
N THR E 436 111.28 32.00 -67.02
CA THR E 436 110.75 30.78 -67.61
C THR E 436 111.54 29.58 -67.08
N LYS E 437 110.99 28.39 -67.31
CA LYS E 437 111.41 27.16 -66.63
C LYS E 437 112.92 26.92 -66.71
N ASP E 438 113.53 27.15 -67.89
CA ASP E 438 114.96 26.89 -68.02
C ASP E 438 115.80 27.83 -67.16
N LYS E 439 115.29 29.04 -66.87
CA LYS E 439 116.03 29.93 -65.99
C LYS E 439 116.07 29.40 -64.56
N LEU E 440 114.92 28.94 -64.06
CA LEU E 440 114.87 28.30 -62.74
C LEU E 440 115.76 27.08 -62.72
N LYS E 441 115.78 26.31 -63.81
CA LYS E 441 116.66 25.16 -63.82
C LYS E 441 118.12 25.59 -63.71
N SER E 442 118.48 26.66 -64.41
CA SER E 442 119.82 27.24 -64.29
C SER E 442 120.11 27.80 -62.89
N ILE E 443 119.16 28.53 -62.28
CA ILE E 443 119.46 29.13 -60.97
C ILE E 443 119.66 28.05 -59.91
N LEU E 444 118.90 26.96 -59.98
CA LEU E 444 119.15 25.85 -59.06
C LEU E 444 120.53 25.23 -59.28
N LYS E 445 121.00 25.19 -60.53
CA LYS E 445 122.34 24.65 -60.79
C LYS E 445 123.44 25.57 -60.23
N GLU E 446 123.16 26.86 -60.03
CA GLU E 446 124.12 27.75 -59.38
C GLU E 446 124.07 27.60 -57.86
N LYS E 447 122.88 27.56 -57.28
CA LYS E 447 122.73 27.47 -55.84
C LYS E 447 123.21 26.14 -55.28
N PHE E 448 123.12 25.05 -56.05
CA PHE E 448 123.55 23.72 -55.63
C PHE E 448 124.57 23.19 -56.65
N LYS E 449 125.87 23.33 -56.34
CA LYS E 449 126.94 22.96 -57.26
C LYS E 449 127.70 21.71 -56.81
N THR E 450 127.53 21.27 -55.58
CA THR E 450 128.22 20.11 -55.04
C THR E 450 127.22 19.28 -54.25
N GLN E 451 127.50 17.98 -54.14
CA GLN E 451 126.57 17.04 -53.54
C GLN E 451 126.54 17.13 -52.01
N ASP E 452 127.59 17.64 -51.37
CA ASP E 452 127.60 17.74 -49.91
C ASP E 452 126.49 18.64 -49.37
N ASP E 453 126.00 19.59 -50.17
CA ASP E 453 124.97 20.50 -49.69
C ASP E 453 123.73 19.72 -49.23
N PHE E 454 123.34 18.69 -49.98
CA PHE E 454 122.23 17.83 -49.55
C PHE E 454 122.56 17.13 -48.23
N ASN E 455 123.81 16.69 -48.06
CA ASN E 455 124.18 15.97 -46.85
C ASN E 455 124.38 16.87 -45.65
N ASN E 456 124.85 18.11 -45.85
CA ASN E 456 125.11 19.04 -44.77
C ASN E 456 123.95 20.02 -44.72
N SER E 457 123.08 19.85 -43.72
CA SER E 457 121.85 20.62 -43.68
C SER E 457 122.11 22.10 -43.42
N LYS E 458 123.13 22.41 -42.61
CA LYS E 458 123.44 23.77 -42.18
C LYS E 458 123.63 24.70 -43.36
N LYS E 459 124.47 24.30 -44.33
CA LYS E 459 124.64 25.10 -45.53
C LYS E 459 123.41 25.03 -46.44
N LYS E 460 122.68 23.91 -46.42
CA LYS E 460 121.47 23.80 -47.22
C LYS E 460 120.46 24.89 -46.85
N LYS E 461 120.25 25.13 -45.55
CA LYS E 461 119.39 26.24 -45.13
C LYS E 461 119.89 27.57 -45.66
N LYS E 462 121.21 27.80 -45.62
CA LYS E 462 121.75 29.04 -46.18
C LYS E 462 121.52 29.10 -47.68
N ALA E 463 121.78 28.00 -48.39
CA ALA E 463 121.60 27.96 -49.83
C ALA E 463 120.16 28.28 -50.22
N LYS E 464 119.20 27.56 -49.63
CA LYS E 464 117.80 27.69 -50.05
C LYS E 464 117.26 29.09 -49.74
N THR E 465 117.70 29.69 -48.63
CA THR E 465 117.27 31.04 -48.30
C THR E 465 117.79 32.03 -49.33
N ASP E 466 119.02 31.83 -49.81
CA ASP E 466 119.58 32.68 -50.85
C ASP E 466 118.86 32.49 -52.18
N ALA E 467 118.40 31.26 -52.44
CA ALA E 467 117.62 31.01 -53.65
C ALA E 467 116.29 31.74 -53.58
N LEU E 468 115.58 31.59 -52.46
CA LEU E 468 114.28 32.22 -52.29
C LEU E 468 114.41 33.74 -52.22
N LYS E 469 115.51 34.25 -51.67
CA LYS E 469 115.68 35.70 -51.54
C LYS E 469 115.73 36.37 -52.92
N GLU E 470 116.51 35.81 -53.84
CA GLU E 470 116.50 36.35 -55.21
C GLU E 470 115.28 35.90 -56.00
N LEU E 471 114.87 34.64 -55.86
CA LEU E 471 113.81 34.10 -56.69
C LEU E 471 112.45 34.75 -56.39
N THR E 472 112.16 35.14 -55.14
CA THR E 472 110.88 35.80 -54.88
C THR E 472 110.87 37.25 -55.37
N THR E 473 111.99 37.96 -55.28
CA THR E 473 112.08 39.40 -55.51
C THR E 473 112.41 39.75 -56.96
N LYS E 474 113.50 39.16 -57.48
CA LYS E 474 114.14 39.69 -58.69
C LYS E 474 113.27 39.55 -59.94
N TYR E 475 112.40 38.54 -60.00
CA TYR E 475 111.68 38.15 -61.21
C TYR E 475 110.20 38.49 -61.11
N ARG E 476 109.46 38.19 -62.18
CA ARG E 476 108.06 38.63 -62.30
C ARG E 476 107.20 38.13 -61.14
N PHE E 477 107.38 36.88 -60.73
CA PHE E 477 106.45 36.21 -59.82
C PHE E 477 107.21 35.62 -58.63
N GLY E 478 106.75 35.91 -57.40
CA GLY E 478 107.31 35.31 -56.18
C GLY E 478 106.32 34.75 -55.16
N ASN E 479 106.58 33.54 -54.67
CA ASN E 479 105.81 32.94 -53.59
C ASN E 479 106.69 32.05 -52.71
N LYS E 480 106.57 32.18 -51.38
CA LYS E 480 107.37 31.36 -50.46
C LYS E 480 106.93 29.90 -50.47
N THR E 481 105.67 29.62 -50.10
CA THR E 481 105.24 28.24 -49.89
C THR E 481 105.35 27.42 -51.17
N HIS E 482 105.02 28.01 -52.33
CA HIS E 482 105.16 27.30 -53.60
C HIS E 482 106.62 26.97 -53.87
N ALA E 483 107.49 27.96 -53.70
CA ALA E 483 108.90 27.77 -53.98
C ALA E 483 109.51 26.80 -52.98
N THR E 484 109.06 26.86 -51.71
CA THR E 484 109.46 25.88 -50.72
C THR E 484 109.13 24.46 -51.18
N THR E 485 107.88 24.25 -51.60
CA THR E 485 107.42 22.94 -52.08
C THR E 485 108.33 22.36 -53.15
N LEU E 486 108.71 23.19 -54.13
CA LEU E 486 109.66 22.76 -55.16
C LEU E 486 111.00 22.39 -54.54
N LEU E 487 111.48 23.22 -53.60
CA LEU E 487 112.78 22.96 -52.99
C LEU E 487 112.78 21.67 -52.18
N ASP E 488 111.63 21.29 -51.61
CA ASP E 488 111.58 20.12 -50.75
C ASP E 488 111.58 18.86 -51.60
N GLU E 489 110.91 18.93 -52.76
CA GLU E 489 110.96 17.85 -53.73
C GLU E 489 112.34 17.79 -54.39
N TYR E 490 112.90 18.94 -54.75
CA TYR E 490 114.24 18.98 -55.34
C TYR E 490 115.26 18.33 -54.41
N ILE E 491 115.31 18.77 -53.15
CA ILE E 491 116.24 18.20 -52.16
C ILE E 491 116.05 16.69 -52.02
N LYS E 492 114.80 16.24 -51.91
CA LYS E 492 114.52 14.82 -51.69
C LYS E 492 115.03 13.96 -52.85
N TYR E 493 114.83 14.42 -54.08
CA TYR E 493 115.27 13.70 -55.26
C TYR E 493 116.72 14.00 -55.63
N LYS E 494 117.48 14.68 -54.76
CA LYS E 494 118.89 14.97 -54.98
C LYS E 494 119.12 15.81 -56.24
N GLY E 495 118.17 16.69 -56.54
CA GLY E 495 118.31 17.58 -57.67
C GLY E 495 118.07 16.99 -59.04
N GLU E 496 117.54 15.78 -59.13
CA GLU E 496 117.13 15.20 -60.41
C GLU E 496 115.89 14.34 -60.17
N PRO E 497 114.72 14.96 -60.08
CA PRO E 497 113.48 14.19 -59.85
C PRO E 497 113.08 13.40 -61.08
N PRO E 498 112.20 12.39 -60.92
CA PRO E 498 111.84 11.53 -62.06
C PRO E 498 110.97 12.20 -63.12
N ASN E 499 110.55 13.44 -62.96
CA ASN E 499 109.63 14.08 -63.90
C ASN E 499 109.96 15.56 -63.97
N ASP E 500 109.78 16.15 -65.16
CA ASP E 500 110.07 17.56 -65.32
C ASP E 500 108.99 18.43 -64.70
N GLU E 501 107.90 17.83 -64.21
CA GLU E 501 106.84 18.55 -63.50
C GLU E 501 107.38 19.31 -62.29
N ALA E 502 108.49 18.83 -61.70
CA ALA E 502 109.06 19.49 -60.53
C ALA E 502 109.49 20.91 -60.88
N PHE E 503 109.87 21.13 -62.13
CA PHE E 503 110.26 22.45 -62.62
C PHE E 503 109.07 23.21 -63.23
N ASP E 504 108.08 22.51 -63.80
CA ASP E 504 106.79 23.12 -64.10
C ASP E 504 106.09 23.70 -62.88
N LYS E 505 106.09 22.95 -61.77
CA LYS E 505 105.19 23.18 -60.63
C LYS E 505 105.13 24.64 -60.17
N TYR E 506 106.29 25.25 -59.95
CA TYR E 506 106.32 26.64 -59.54
C TYR E 506 105.83 27.56 -60.64
N LEU E 507 106.07 27.19 -61.90
CA LEU E 507 105.59 28.04 -62.99
C LEU E 507 104.07 27.90 -63.17
N LYS E 508 103.52 26.67 -63.12
CA LYS E 508 102.07 26.59 -63.28
C LYS E 508 101.34 27.01 -62.00
N ALA E 509 101.97 26.90 -60.84
CA ALA E 509 101.33 27.33 -59.59
C ALA E 509 101.40 28.83 -59.36
N ILE E 510 102.15 29.60 -60.16
CA ILE E 510 102.25 31.04 -59.98
C ILE E 510 101.83 31.73 -61.26
N GLU E 511 101.30 32.94 -61.09
CA GLU E 511 100.46 33.56 -62.10
C GLU E 511 100.83 35.02 -62.31
N SER E 527 75.17 32.13 -39.85
CA SER E 527 74.17 31.32 -40.54
C SER E 527 72.91 31.09 -39.67
N PRO E 528 73.06 30.80 -38.37
CA PRO E 528 71.86 30.81 -37.51
C PRO E 528 71.16 32.15 -37.47
N LEU E 529 71.88 33.27 -37.60
CA LEU E 529 71.21 34.57 -37.55
C LEU E 529 70.37 34.79 -38.79
N VAL E 530 70.92 34.41 -39.95
CA VAL E 530 70.18 34.53 -41.20
C VAL E 530 69.00 33.57 -41.23
N MET E 531 69.22 32.33 -40.81
CA MET E 531 68.17 31.33 -40.87
C MET E 531 67.00 31.71 -39.97
N PHE E 532 67.30 32.12 -38.74
CA PHE E 532 66.23 32.53 -37.83
C PHE E 532 65.47 33.73 -38.37
N SER E 533 66.18 34.72 -38.92
CA SER E 533 65.49 35.89 -39.46
C SER E 533 64.68 35.54 -40.69
N ARG E 534 65.17 34.59 -41.50
CA ARG E 534 64.41 34.19 -42.68
C ARG E 534 63.12 33.45 -42.30
N MET E 535 63.23 32.39 -41.49
CA MET E 535 62.04 31.62 -41.12
C MET E 535 61.04 32.46 -40.35
N LEU E 536 61.52 33.42 -39.56
CA LEU E 536 60.61 34.28 -38.82
C LEU E 536 59.78 35.14 -39.77
N PHE E 537 60.39 35.64 -40.83
CA PHE E 537 59.64 36.38 -41.85
C PHE E 537 58.63 35.46 -42.54
N ASN E 538 59.01 34.20 -42.77
CA ASN E 538 58.14 33.28 -43.49
C ASN E 538 56.85 33.01 -42.73
N TRP E 539 56.94 32.84 -41.42
CA TRP E 539 55.74 32.51 -40.67
C TRP E 539 54.79 33.70 -40.60
N TYR E 540 55.29 34.84 -40.13
CA TYR E 540 54.44 35.92 -39.68
C TYR E 540 54.28 37.07 -40.67
N HIS E 541 54.84 37.00 -41.88
CA HIS E 541 54.54 38.05 -42.84
C HIS E 541 53.10 37.95 -43.33
N GLY E 542 52.56 36.74 -43.39
CA GLY E 542 51.28 36.52 -44.02
C GLY E 542 50.11 36.61 -43.07
N ASN E 543 50.25 37.35 -41.96
CA ASN E 543 49.12 37.56 -41.05
C ASN E 543 47.89 38.09 -41.77
N PRO E 544 47.95 39.19 -42.52
CA PRO E 544 46.83 39.56 -43.37
C PRO E 544 46.60 38.52 -44.46
N ASN E 545 45.34 38.38 -44.86
CA ASN E 545 44.79 37.44 -45.83
C ASN E 545 44.52 36.07 -45.23
N PHE E 546 44.87 35.81 -43.98
CA PHE E 546 44.53 34.59 -43.27
C PHE E 546 43.22 34.78 -42.53
N TYR E 547 42.59 33.65 -42.18
CA TYR E 547 41.29 33.61 -41.53
C TYR E 547 41.45 33.12 -40.09
N ALA E 548 40.77 33.78 -39.15
CA ALA E 548 40.85 33.39 -37.74
C ALA E 548 39.58 33.76 -36.98
N GLY E 549 39.11 32.83 -36.16
CA GLY E 549 37.93 33.10 -35.35
C GLY E 549 37.60 32.07 -34.30
N ASP E 550 36.31 31.77 -34.15
CA ASP E 550 35.81 30.74 -33.25
C ASP E 550 34.65 30.02 -33.91
N ILE E 551 34.67 28.68 -33.87
CA ILE E 551 33.68 27.85 -34.53
C ILE E 551 33.03 26.94 -33.50
N ILE E 552 31.70 26.85 -33.54
CA ILE E 552 30.93 25.98 -32.65
C ILE E 552 30.48 24.74 -33.41
N VAL E 553 31.39 23.78 -33.58
CA VAL E 553 31.06 22.50 -34.18
C VAL E 553 30.20 21.68 -33.23
N LEU E 554 29.78 20.49 -33.67
CA LEU E 554 28.94 19.65 -32.83
C LEU E 554 29.82 18.95 -31.80
N GLY E 555 29.29 18.79 -30.60
CA GLY E 555 30.06 18.28 -29.47
C GLY E 555 30.64 16.87 -29.57
N ASP E 556 31.92 16.76 -29.92
CA ASP E 556 32.57 15.48 -30.15
C ASP E 556 34.00 15.55 -29.59
N PRO E 557 34.55 14.42 -29.12
CA PRO E 557 35.87 14.45 -28.48
C PRO E 557 37.06 14.33 -29.46
N LYS E 558 36.79 14.22 -30.76
CA LYS E 558 37.83 14.06 -31.77
C LYS E 558 38.73 15.29 -31.87
N TYR E 559 38.19 16.46 -31.59
CA TYR E 559 38.88 17.74 -31.77
C TYR E 559 39.79 17.97 -30.57
N ASP E 560 41.04 18.34 -30.81
CA ASP E 560 41.94 18.58 -29.69
C ASP E 560 42.90 19.70 -30.04
N LEU E 561 43.48 20.30 -28.99
CA LEU E 561 44.36 21.44 -29.14
C LEU E 561 45.59 21.09 -29.99
N GLY E 562 45.95 22.00 -30.88
CA GLY E 562 47.12 21.83 -31.72
C GLY E 562 46.89 20.99 -32.96
N LYS E 563 45.66 20.55 -33.21
CA LYS E 563 45.37 19.63 -34.31
C LYS E 563 44.89 20.41 -35.53
N ARG E 564 45.26 19.93 -36.70
CA ARG E 564 44.93 20.60 -37.94
C ARG E 564 43.50 20.27 -38.34
N LEU E 565 42.76 21.30 -38.76
CA LEU E 565 41.33 21.18 -38.99
C LEU E 565 41.04 21.40 -40.47
N PHE E 566 40.33 20.45 -41.07
CA PHE E 566 39.93 20.51 -42.46
C PHE E 566 38.41 20.64 -42.53
N ILE E 567 37.94 21.63 -43.28
CA ILE E 567 36.51 21.91 -43.45
C ILE E 567 36.19 21.94 -44.93
N GLU E 568 35.06 21.32 -45.30
CA GLU E 568 34.57 21.32 -46.67
C GLU E 568 33.21 22.03 -46.68
N ASP E 569 33.13 23.13 -47.43
CA ASP E 569 31.92 23.92 -47.51
C ASP E 569 31.01 23.36 -48.59
N LYS E 570 29.81 22.94 -48.20
CA LYS E 570 28.79 22.45 -49.11
C LYS E 570 27.94 23.57 -49.70
N GLN E 571 28.01 24.78 -49.13
CA GLN E 571 27.23 25.91 -49.61
C GLN E 571 27.57 26.23 -51.06
N ARG E 572 28.87 26.27 -51.39
CA ARG E 572 29.32 26.58 -52.74
C ARG E 572 30.48 25.70 -53.18
N GLY E 573 30.62 24.50 -52.62
CA GLY E 573 31.69 23.61 -53.02
C GLY E 573 33.08 24.16 -52.79
N ASP E 574 33.31 24.76 -51.63
CA ASP E 574 34.60 25.31 -51.25
C ASP E 574 35.20 24.49 -50.12
N THR E 575 36.52 24.69 -49.90
CA THR E 575 37.38 23.90 -49.03
C THR E 575 38.16 24.88 -48.17
N TRP E 576 38.26 24.60 -46.87
CA TRP E 576 38.97 25.47 -45.94
C TRP E 576 39.90 24.67 -45.05
N GLU E 577 41.03 25.30 -44.72
CA GLU E 577 42.06 24.75 -43.86
C GLU E 577 42.32 25.72 -42.71
N PHE E 578 42.53 25.16 -41.52
CA PHE E 578 42.67 25.92 -40.29
C PHE E 578 43.66 25.23 -39.37
N TYR E 579 44.03 25.92 -38.29
CA TYR E 579 44.93 25.43 -37.27
C TYR E 579 44.28 25.71 -35.93
N ILE E 580 44.11 24.67 -35.11
CA ILE E 580 43.39 24.82 -33.86
C ILE E 580 44.34 25.36 -32.80
N GLU E 581 43.92 26.43 -32.12
CA GLU E 581 44.65 27.01 -31.00
C GLU E 581 43.87 27.00 -29.69
N SER E 582 42.56 26.72 -29.73
CA SER E 582 41.77 26.74 -28.51
C SER E 582 40.47 25.98 -28.74
N VAL E 583 40.03 25.26 -27.71
CA VAL E 583 38.75 24.54 -27.72
C VAL E 583 38.06 24.77 -26.38
N GLU E 584 36.75 25.02 -26.41
CA GLU E 584 35.98 25.21 -25.18
C GLU E 584 34.73 24.34 -25.25
N HIS E 585 34.68 23.34 -24.38
CA HIS E 585 33.59 22.39 -24.32
C HIS E 585 32.44 22.90 -23.46
N LYS E 586 31.23 22.44 -23.75
CA LYS E 586 30.06 22.79 -22.94
C LYS E 586 29.04 21.66 -22.97
N PHE E 587 28.83 21.03 -21.82
CA PHE E 587 27.91 19.91 -21.65
C PHE E 587 26.86 20.29 -20.60
N ASP E 588 25.60 20.09 -20.95
CA ASP E 588 24.50 20.34 -20.02
C ASP E 588 23.24 19.69 -20.57
N TYR E 589 22.52 18.97 -19.71
CA TYR E 589 21.26 18.34 -20.08
C TYR E 589 20.19 19.37 -20.44
N LYS E 590 20.33 20.61 -19.96
CA LYS E 590 19.30 21.63 -20.22
C LYS E 590 19.24 21.99 -21.70
N GLN E 591 20.37 21.92 -22.42
CA GLN E 591 20.35 22.27 -23.84
C GLN E 591 21.59 21.66 -24.51
N GLY E 592 21.42 20.43 -25.00
CA GLY E 592 22.34 19.81 -25.92
C GLY E 592 23.75 19.65 -25.37
N TYR E 593 24.71 19.66 -26.29
CA TYR E 593 26.12 19.49 -25.94
C TYR E 593 26.96 20.04 -27.07
N TYR E 594 27.69 21.11 -26.78
CA TYR E 594 28.40 21.92 -27.76
C TYR E 594 29.90 21.83 -27.55
N THR E 595 30.68 22.17 -28.58
CA THR E 595 32.13 22.23 -28.47
C THR E 595 32.66 23.34 -29.34
N THR E 596 33.30 24.33 -28.73
CA THR E 596 33.93 25.42 -29.47
C THR E 596 35.29 24.98 -29.99
N VAL E 597 35.64 25.47 -31.18
CA VAL E 597 36.91 25.19 -31.84
C VAL E 597 37.48 26.53 -32.28
N GLY E 598 38.37 27.11 -31.48
CA GLY E 598 39.09 28.30 -31.92
C GLY E 598 40.14 27.92 -32.95
N VAL E 599 40.25 28.77 -33.99
CA VAL E 599 41.12 28.55 -35.12
C VAL E 599 41.89 29.82 -35.46
N THR E 600 43.06 29.64 -36.07
CA THR E 600 43.86 30.76 -36.57
C THR E 600 44.64 30.33 -37.81
N ARG E 601 45.09 31.33 -38.58
CA ARG E 601 45.96 31.12 -39.73
C ARG E 601 45.25 30.30 -40.81
N GLY E 602 44.00 30.66 -41.08
CA GLY E 602 43.17 29.90 -41.98
C GLY E 602 43.32 30.30 -43.44
N LEU E 603 43.23 29.32 -44.33
CA LEU E 603 43.28 29.60 -45.76
C LEU E 603 42.33 28.66 -46.51
N LYS E 604 41.99 29.06 -47.75
CA LYS E 604 41.01 28.38 -48.59
C LYS E 604 41.72 27.39 -49.50
N ASP E 605 40.99 26.85 -50.48
CA ASP E 605 41.44 25.90 -51.51
C ASP E 605 42.41 24.85 -50.94
N ALA E 606 41.88 24.09 -49.99
CA ALA E 606 42.64 23.04 -49.34
C ALA E 606 42.58 21.74 -50.14
N ILE E 607 43.59 20.90 -49.93
CA ILE E 607 43.71 19.58 -50.54
C ILE E 607 43.84 18.55 -49.43
N LEU E 608 43.21 17.39 -49.61
CA LEU E 608 43.17 16.35 -48.59
C LEU E 608 44.30 15.33 -48.68
N GLU E 609 44.91 15.20 -49.85
CA GLU E 609 45.81 14.08 -50.11
C GLU E 609 47.09 14.23 -49.29
N ASP E 610 47.33 13.29 -48.38
CA ASP E 610 48.56 13.25 -47.59
C ASP E 610 48.76 14.50 -46.73
N GLY E 611 47.68 15.18 -46.36
CA GLY E 611 47.84 16.40 -45.61
C GLY E 611 48.51 17.52 -46.39
N LYS E 612 48.31 17.54 -47.71
CA LYS E 612 48.94 18.58 -48.54
C LYS E 612 48.45 19.97 -48.13
N GLY E 613 47.16 20.09 -47.81
CA GLY E 613 46.64 21.38 -47.45
C GLY E 613 46.49 22.29 -48.67
N SER E 614 46.44 23.57 -48.40
CA SER E 614 46.24 24.55 -49.44
C SER E 614 47.58 24.88 -50.13
N PRO E 615 47.68 24.76 -51.47
CA PRO E 615 49.00 25.02 -52.07
C PRO E 615 49.35 26.49 -52.07
N HIS E 616 48.35 27.36 -51.94
CA HIS E 616 48.53 28.80 -51.87
C HIS E 616 49.06 29.28 -50.52
N ARG E 617 49.19 28.39 -49.54
CA ARG E 617 49.76 28.79 -48.25
C ARG E 617 51.22 29.23 -48.43
N PHE E 618 51.99 28.48 -49.23
CA PHE E 618 53.37 28.86 -49.54
C PHE E 618 53.34 29.74 -50.78
N ALA E 619 53.02 31.02 -50.57
CA ALA E 619 52.83 31.92 -51.69
C ALA E 619 54.19 32.29 -52.29
N GLY E 620 54.15 33.16 -53.30
CA GLY E 620 55.35 33.64 -53.96
C GLY E 620 56.21 34.56 -53.12
N LEU E 621 55.70 35.03 -51.98
CA LEU E 621 56.42 35.91 -51.07
C LEU E 621 56.94 35.17 -49.84
N TRP E 622 56.70 33.86 -49.75
CA TRP E 622 57.13 33.07 -48.60
C TRP E 622 58.64 33.12 -48.44
N ASN E 623 59.38 32.76 -49.48
CA ASN E 623 60.83 32.65 -49.43
C ASN E 623 61.56 33.79 -50.11
N GLN E 624 61.01 34.34 -51.19
CA GLN E 624 61.63 35.49 -51.84
C GLN E 624 61.62 36.70 -50.90
N SER E 625 62.82 37.23 -50.65
CA SER E 625 63.01 38.35 -49.72
C SER E 625 64.42 38.89 -49.91
N SER E 626 64.94 39.66 -48.95
CA SER E 626 66.26 40.26 -49.11
C SER E 626 66.63 40.94 -47.80
N ASP E 627 67.93 41.17 -47.61
CA ASP E 627 68.43 41.76 -46.38
C ASP E 627 67.95 43.20 -46.21
N PHE E 628 67.70 43.57 -44.96
CA PHE E 628 67.15 44.89 -44.63
C PHE E 628 68.26 45.89 -44.32
N MET E 629 68.21 47.03 -45.00
CA MET E 629 69.15 48.13 -44.79
C MET E 629 68.45 49.43 -45.12
N GLY E 630 69.12 50.55 -44.82
CA GLY E 630 68.57 51.84 -45.15
C GLY E 630 68.71 52.16 -46.62
N GLY E 631 68.53 53.44 -46.94
CA GLY E 631 68.50 53.89 -48.32
C GLY E 631 67.17 53.72 -49.02
N LEU E 632 66.13 53.30 -48.30
CA LEU E 632 64.82 53.09 -48.91
C LEU E 632 63.94 54.34 -48.85
N MET E 633 64.00 55.08 -47.74
CA MET E 633 63.16 56.26 -47.56
C MET E 633 63.93 57.30 -46.76
N GLY E 634 64.26 58.42 -47.40
CA GLY E 634 64.80 59.58 -46.72
C GLY E 634 66.30 59.54 -46.52
N GLU E 635 66.88 58.34 -46.42
CA GLU E 635 68.32 58.18 -46.27
C GLU E 635 69.06 58.41 -47.58
N ASP E 636 68.42 58.14 -48.71
CA ASP E 636 69.07 58.25 -50.02
C ASP E 636 68.97 59.64 -50.65
N THR E 637 68.10 60.52 -50.13
CA THR E 637 67.83 61.78 -50.79
C THR E 637 69.01 62.74 -50.66
N SER E 638 69.76 62.66 -49.56
CA SER E 638 70.94 63.49 -49.38
C SER E 638 72.15 63.00 -50.18
N LYS E 639 72.19 61.73 -50.59
CA LYS E 639 73.38 61.16 -51.23
C LYS E 639 73.31 61.22 -52.76
N GLU E 640 72.41 62.01 -53.34
CA GLU E 640 72.35 62.20 -54.78
C GLU E 640 73.36 63.27 -55.19
N LEU E 641 74.63 62.88 -55.15
CA LEU E 641 75.71 63.77 -55.54
C LEU E 641 75.79 63.88 -57.05
N ASN F 2 72.14 14.58 -55.03
CA ASN F 2 73.53 15.02 -55.02
C ASN F 2 73.61 16.55 -54.82
N ASN F 3 72.70 17.27 -55.47
CA ASN F 3 72.71 18.72 -55.38
C ASN F 3 72.33 19.20 -53.99
N PHE F 4 71.39 18.51 -53.34
CA PHE F 4 70.83 18.97 -52.08
C PHE F 4 71.58 18.42 -50.87
N ILE F 5 71.65 17.10 -50.73
CA ILE F 5 72.17 16.44 -49.53
C ILE F 5 73.20 15.40 -49.92
N PRO F 6 74.05 14.97 -48.98
CA PRO F 6 75.05 13.94 -49.29
C PRO F 6 74.41 12.56 -49.31
N GLN F 7 75.26 11.54 -49.51
CA GLN F 7 74.80 10.16 -49.48
C GLN F 7 75.79 9.29 -48.71
N PRO F 8 75.35 8.12 -48.22
CA PRO F 8 76.25 7.26 -47.45
C PRO F 8 77.43 6.77 -48.28
N GLN F 9 78.54 6.48 -47.58
CA GLN F 9 79.75 6.01 -48.26
C GLN F 9 79.56 4.61 -48.81
N GLY F 10 78.85 3.74 -48.08
CA GLY F 10 78.69 2.39 -48.57
C GLY F 10 77.88 2.31 -49.86
N LEU F 11 76.88 3.18 -49.98
CA LEU F 11 76.03 3.15 -51.16
C LEU F 11 76.76 3.69 -52.37
N LEU F 12 77.55 4.74 -52.15
CA LEU F 12 78.41 5.26 -53.22
C LEU F 12 79.42 4.22 -53.67
N ARG F 13 79.99 3.48 -52.71
CA ARG F 13 80.96 2.45 -53.07
C ARG F 13 80.31 1.27 -53.77
N PHE F 14 79.09 0.91 -53.37
CA PHE F 14 78.38 -0.20 -53.99
C PHE F 14 77.91 0.14 -55.40
N LEU F 15 77.54 1.40 -55.63
CA LEU F 15 76.86 1.76 -56.87
C LEU F 15 77.83 2.05 -58.00
N ASN F 16 79.02 2.58 -57.69
CA ASN F 16 79.98 2.90 -58.73
C ASN F 16 80.57 1.67 -59.41
N THR F 17 80.43 0.49 -58.81
CA THR F 17 80.97 -0.73 -59.39
C THR F 17 82.49 -0.66 -59.51
N SER F 35 74.40 -19.02 -66.13
CA SER F 35 73.74 -19.81 -67.17
C SER F 35 72.32 -20.28 -66.75
N PHE F 36 71.87 -19.84 -65.58
CA PHE F 36 70.54 -20.15 -65.06
C PHE F 36 69.44 -19.64 -66.00
N VAL F 37 68.28 -20.34 -65.97
CA VAL F 37 67.08 -19.94 -66.68
C VAL F 37 65.84 -20.08 -65.78
N SER F 38 64.94 -19.10 -65.86
CA SER F 38 63.60 -19.12 -65.24
C SER F 38 62.56 -19.66 -66.21
N LYS F 39 61.49 -20.22 -65.65
CA LYS F 39 60.37 -20.68 -66.47
C LYS F 39 59.41 -19.55 -66.85
N PHE F 40 59.53 -18.34 -66.28
CA PHE F 40 58.61 -17.22 -66.56
C PHE F 40 59.27 -15.95 -67.13
N TYR F 41 60.59 -15.76 -66.98
CA TYR F 41 61.23 -14.46 -67.20
C TYR F 41 62.50 -14.59 -68.04
N THR F 42 62.86 -13.51 -68.76
CA THR F 42 64.18 -13.32 -69.39
C THR F 42 64.55 -11.84 -69.33
N PRO F 43 65.82 -11.48 -69.08
CA PRO F 43 66.19 -10.06 -69.00
C PRO F 43 66.64 -9.47 -70.34
N GLN F 44 66.84 -8.15 -70.32
CA GLN F 44 67.76 -7.51 -71.27
C GLN F 44 68.42 -6.34 -70.54
N LEU F 45 69.75 -6.29 -70.61
CA LEU F 45 70.55 -5.41 -69.77
C LEU F 45 70.60 -3.97 -70.29
N GLN F 46 69.45 -3.36 -70.53
CA GLN F 46 69.39 -1.98 -71.00
C GLN F 46 69.61 -1.03 -69.83
N LEU F 47 70.58 -0.11 -69.97
CA LEU F 47 70.59 1.04 -69.06
C LEU F 47 69.55 2.07 -69.47
N SER F 48 68.69 2.43 -68.51
CA SER F 48 67.72 3.50 -68.73
C SER F 48 68.46 4.82 -68.98
N GLU F 49 67.83 5.67 -69.79
CA GLU F 49 68.44 6.95 -70.16
C GLU F 49 68.79 7.77 -68.92
N LEU F 50 67.93 7.73 -67.90
CA LEU F 50 68.25 8.46 -66.68
C LEU F 50 69.38 7.79 -65.92
N ALA F 51 69.41 6.45 -65.87
CA ALA F 51 70.56 5.76 -65.30
C ALA F 51 71.85 6.13 -66.02
N LYS F 52 71.79 6.37 -67.33
CA LYS F 52 73.01 6.60 -68.08
C LYS F 52 73.72 7.87 -67.65
N LYS F 53 72.97 8.90 -67.27
CA LYS F 53 73.55 10.21 -66.97
C LYS F 53 73.76 10.40 -65.48
N VAL F 54 72.91 9.79 -64.65
CA VAL F 54 73.14 9.77 -63.20
C VAL F 54 74.35 8.91 -62.85
N LEU F 55 74.58 7.81 -63.57
CA LEU F 55 75.72 6.96 -63.25
C LEU F 55 77.05 7.67 -63.44
N THR F 56 77.14 8.53 -64.46
CA THR F 56 78.38 9.29 -64.66
C THR F 56 78.65 10.22 -63.48
N ASN F 57 77.61 10.87 -62.94
CA ASN F 57 77.80 11.74 -61.79
C ASN F 57 78.27 10.96 -60.57
N ILE F 58 77.72 9.75 -60.37
CA ILE F 58 78.18 8.93 -59.26
C ILE F 58 79.63 8.55 -59.41
N LYS F 59 80.07 8.33 -60.66
CA LYS F 59 81.41 7.86 -60.91
C LYS F 59 82.43 8.98 -60.68
N THR F 60 82.04 10.21 -61.00
CA THR F 60 82.84 11.40 -60.76
C THR F 60 82.76 11.79 -59.29
N ASP F 61 83.74 12.60 -58.87
CA ASP F 61 83.80 13.01 -57.47
C ASP F 61 82.83 14.14 -57.12
N ASP F 62 82.17 14.74 -58.12
CA ASP F 62 81.31 15.91 -57.87
C ASP F 62 79.99 15.43 -57.28
N ILE F 63 80.05 15.08 -56.00
CA ILE F 63 78.89 14.68 -55.22
C ILE F 63 79.25 14.80 -53.74
N PRO F 64 78.41 15.37 -52.88
CA PRO F 64 78.75 15.33 -51.46
C PRO F 64 78.60 13.91 -50.93
N VAL F 65 79.28 13.64 -49.81
CA VAL F 65 79.27 12.31 -49.21
C VAL F 65 79.52 12.47 -47.72
N LEU F 66 79.04 11.50 -46.95
CA LEU F 66 79.02 11.59 -45.50
C LEU F 66 80.25 10.90 -44.92
N GLU F 67 80.64 11.32 -43.72
CA GLU F 67 81.84 10.78 -43.07
C GLU F 67 81.52 9.64 -42.11
N ARG F 68 80.32 9.09 -42.16
CA ARG F 68 79.91 8.04 -41.22
C ARG F 68 78.71 7.32 -41.81
N GLU F 69 78.48 6.09 -41.33
CA GLU F 69 77.43 5.23 -41.87
C GLU F 69 76.56 4.68 -40.74
N PHE F 70 75.27 4.59 -41.01
CA PHE F 70 74.30 4.01 -40.06
C PHE F 70 73.30 3.19 -40.87
N ASN F 71 72.26 2.70 -40.19
CA ASN F 71 71.19 1.94 -40.82
C ASN F 71 71.72 0.63 -41.42
N ASP F 72 72.24 -0.24 -40.55
CA ASP F 72 72.89 -1.44 -41.05
C ASP F 72 71.88 -2.45 -41.58
N ASN F 73 70.58 -2.22 -41.39
CA ASN F 73 69.51 -3.09 -41.87
C ASN F 73 69.13 -2.88 -43.33
N THR F 74 69.77 -1.95 -44.04
CA THR F 74 69.41 -1.71 -45.43
C THR F 74 69.76 -2.91 -46.29
N ILE F 75 69.16 -2.95 -47.49
CA ILE F 75 69.39 -4.06 -48.42
C ILE F 75 70.83 -4.08 -48.94
N ILE F 76 71.51 -2.93 -48.93
CA ILE F 76 72.86 -2.88 -49.48
C ILE F 76 73.80 -3.72 -48.62
N HIS F 77 73.80 -3.51 -47.30
CA HIS F 77 74.65 -4.33 -46.44
C HIS F 77 74.30 -5.81 -46.53
N LYS F 78 73.02 -6.13 -46.76
CA LYS F 78 72.66 -7.54 -46.88
C LYS F 78 73.38 -8.18 -48.05
N ALA F 79 73.33 -7.53 -49.22
CA ALA F 79 74.04 -8.02 -50.42
C ALA F 79 75.54 -8.14 -50.17
N ASN F 80 76.11 -7.18 -49.45
CA ASN F 80 77.55 -7.14 -49.17
C ASN F 80 77.95 -8.32 -48.28
N ASP F 81 77.14 -8.62 -47.27
CA ASP F 81 77.46 -9.70 -46.33
C ASP F 81 77.50 -11.05 -47.01
N THR F 82 76.54 -11.32 -47.90
CA THR F 82 76.54 -12.59 -48.61
C THR F 82 77.65 -12.61 -49.66
N LEU F 83 78.12 -13.83 -49.98
CA LEU F 83 79.13 -14.06 -51.00
C LEU F 83 78.57 -14.02 -52.42
N LEU F 84 77.44 -13.34 -52.64
CA LEU F 84 76.84 -13.27 -53.98
C LEU F 84 77.80 -12.68 -55.01
N LYS F 85 78.75 -11.85 -54.59
CA LYS F 85 79.71 -11.24 -55.50
C LYS F 85 80.54 -12.29 -56.23
N VAL F 86 81.08 -13.26 -55.49
CA VAL F 86 81.99 -14.26 -56.04
C VAL F 86 81.25 -15.51 -56.50
N GLN F 87 80.11 -15.83 -55.87
CA GLN F 87 79.36 -17.01 -56.24
C GLN F 87 78.58 -16.80 -57.54
N ALA F 88 78.05 -15.59 -57.74
CA ALA F 88 77.21 -15.28 -58.90
C ALA F 88 77.39 -13.81 -59.24
N PRO F 89 78.54 -13.45 -59.83
CA PRO F 89 78.76 -12.05 -60.19
C PRO F 89 77.82 -11.52 -61.26
N ARG F 90 77.29 -12.39 -62.13
CA ARG F 90 76.26 -11.95 -63.07
C ARG F 90 75.08 -11.36 -62.32
N MET F 91 74.49 -12.14 -61.42
CA MET F 91 73.33 -11.68 -60.67
C MET F 91 73.67 -10.54 -59.72
N TYR F 92 74.92 -10.50 -59.25
CA TYR F 92 75.36 -9.32 -58.50
C TYR F 92 75.30 -8.07 -59.37
N MET F 93 75.67 -8.21 -60.65
CA MET F 93 75.61 -7.09 -61.58
C MET F 93 74.17 -6.61 -61.76
N ILE F 94 73.24 -7.54 -61.96
CA ILE F 94 71.83 -7.17 -62.17
C ILE F 94 71.29 -6.39 -60.99
N LEU F 95 71.59 -6.83 -59.77
CA LEU F 95 71.18 -6.09 -58.57
C LEU F 95 71.71 -4.66 -58.58
N GLN F 96 72.93 -4.46 -59.05
CA GLN F 96 73.44 -3.09 -59.13
C GLN F 96 72.62 -2.28 -60.12
N SER F 97 72.26 -2.89 -61.25
CA SER F 97 71.40 -2.24 -62.22
C SER F 97 70.03 -1.90 -61.64
N ILE F 98 69.47 -2.81 -60.83
CA ILE F 98 68.18 -2.53 -60.22
C ILE F 98 68.30 -1.35 -59.27
N VAL F 99 69.37 -1.32 -58.48
CA VAL F 99 69.56 -0.24 -57.51
C VAL F 99 69.86 1.06 -58.24
N LEU F 100 70.47 0.99 -59.42
CA LEU F 100 70.81 2.22 -60.14
C LEU F 100 69.54 2.91 -60.65
N GLU F 101 68.66 2.15 -61.30
CA GLU F 101 67.39 2.74 -61.72
C GLU F 101 66.58 3.16 -60.50
N ALA F 102 66.48 2.28 -59.50
CA ALA F 102 65.66 2.57 -58.32
C ALA F 102 66.18 3.79 -57.56
N TYR F 103 67.49 3.98 -57.53
CA TYR F 103 68.07 5.13 -56.84
C TYR F 103 67.75 6.42 -57.58
N ALA F 104 67.81 6.41 -58.90
CA ALA F 104 67.62 7.65 -59.66
C ALA F 104 66.19 8.14 -59.57
N ILE F 105 65.21 7.24 -59.67
CA ILE F 105 63.82 7.65 -59.67
C ILE F 105 63.36 8.15 -58.30
N VAL F 106 64.16 7.91 -57.25
CA VAL F 106 63.91 8.53 -55.95
C VAL F 106 64.44 9.96 -55.92
N ASN F 107 65.49 10.25 -56.69
CA ASN F 107 66.13 11.56 -56.61
C ASN F 107 65.28 12.64 -57.26
N CYS F 108 64.63 12.32 -58.38
CA CYS F 108 63.99 13.36 -59.19
C CYS F 108 62.76 13.95 -58.50
N PHE F 109 61.96 13.11 -57.83
CA PHE F 109 60.78 13.63 -57.14
C PHE F 109 61.14 14.54 -55.97
N VAL F 110 62.18 14.18 -55.21
CA VAL F 110 62.50 14.96 -54.02
C VAL F 110 63.30 16.22 -54.37
N GLU F 111 64.08 16.18 -55.44
CA GLU F 111 64.81 17.36 -55.87
C GLU F 111 65.11 17.23 -57.36
N ASN F 112 65.56 18.34 -57.94
CA ASN F 112 65.85 18.44 -59.36
C ASN F 112 64.73 17.87 -60.23
N PRO F 113 63.57 18.54 -60.35
CA PRO F 113 62.54 18.02 -61.27
C PRO F 113 62.94 18.10 -62.74
N SER F 114 64.00 18.85 -63.09
CA SER F 114 64.39 18.98 -64.48
C SER F 114 64.85 17.66 -65.09
N SER F 115 65.21 16.68 -64.26
CA SER F 115 65.54 15.34 -64.72
C SER F 115 64.35 14.56 -65.27
N LEU F 116 63.11 15.07 -65.16
CA LEU F 116 61.96 14.37 -65.70
C LEU F 116 62.03 14.37 -67.24
N LYS F 117 61.01 13.79 -67.90
CA LYS F 117 61.00 13.54 -69.35
C LYS F 117 62.33 12.96 -69.85
N TYR F 118 62.93 12.10 -69.02
CA TYR F 118 64.08 11.28 -69.37
C TYR F 118 63.89 9.84 -68.88
N LEU F 119 62.67 9.47 -68.49
CA LEU F 119 62.34 8.11 -68.08
C LEU F 119 61.04 7.67 -68.75
N THR F 120 61.03 6.45 -69.29
CA THR F 120 59.86 5.92 -69.99
C THR F 120 59.44 4.58 -69.38
N GLU F 121 58.12 4.32 -69.47
CA GLU F 121 57.51 3.13 -68.89
C GLU F 121 58.20 1.84 -69.35
N GLU F 122 58.78 1.83 -70.55
CA GLU F 122 59.53 0.65 -71.00
C GLU F 122 60.78 0.45 -70.15
N ASP F 123 61.49 1.53 -69.83
CA ASP F 123 62.67 1.41 -68.98
C ASP F 123 62.27 0.91 -67.60
N VAL F 124 61.17 1.43 -67.06
CA VAL F 124 60.75 0.99 -65.73
C VAL F 124 60.20 -0.43 -65.76
N SER F 125 59.55 -0.80 -66.87
CA SER F 125 58.97 -2.14 -66.98
C SER F 125 60.03 -3.23 -66.90
N ILE F 126 61.09 -3.14 -67.72
CA ILE F 126 62.11 -4.18 -67.75
C ILE F 126 62.83 -4.37 -66.42
N THR F 127 62.68 -3.45 -65.46
CA THR F 127 63.32 -3.64 -64.17
C THR F 127 62.65 -4.77 -63.38
N ARG F 128 61.33 -4.92 -63.54
CA ARG F 128 60.61 -6.04 -62.96
C ARG F 128 61.04 -7.35 -63.60
N GLU F 129 61.19 -7.36 -64.93
CA GLU F 129 61.77 -8.51 -65.62
C GLU F 129 63.09 -8.92 -64.99
N ASN F 130 64.01 -7.97 -64.86
CA ASN F 130 65.30 -8.24 -64.24
C ASN F 130 65.15 -8.56 -62.74
N LEU F 131 64.19 -7.93 -62.07
CA LEU F 131 64.02 -8.21 -60.64
C LEU F 131 63.52 -9.64 -60.41
N ASN F 132 62.58 -10.12 -61.21
CA ASN F 132 62.09 -11.48 -61.01
C ASN F 132 63.05 -12.52 -61.59
N TYR F 133 63.74 -12.18 -62.67
CA TYR F 133 64.78 -13.06 -63.20
C TYR F 133 65.89 -13.33 -62.18
N VAL F 134 66.21 -12.33 -61.34
CA VAL F 134 67.13 -12.58 -60.23
C VAL F 134 66.42 -13.19 -59.02
N ALA F 135 65.15 -12.83 -58.78
CA ALA F 135 64.44 -13.41 -57.63
C ALA F 135 64.31 -14.93 -57.71
N ASP F 136 64.06 -15.50 -58.89
CA ASP F 136 64.07 -16.95 -58.99
C ASP F 136 65.43 -17.51 -58.64
N TYR F 137 66.50 -16.90 -59.16
CA TYR F 137 67.83 -17.39 -58.88
C TYR F 137 68.14 -17.32 -57.39
N LEU F 138 67.72 -16.23 -56.75
CA LEU F 138 67.98 -16.10 -55.32
C LEU F 138 67.23 -17.17 -54.53
N GLY F 139 66.10 -17.64 -55.05
CA GLY F 139 65.35 -18.69 -54.37
C GLY F 139 66.05 -20.03 -54.31
N ASN F 140 67.07 -20.26 -55.13
CA ASN F 140 67.75 -21.55 -55.16
C ASN F 140 68.77 -21.73 -54.03
N TYR F 141 69.09 -20.67 -53.31
CA TYR F 141 70.08 -20.71 -52.22
C TYR F 141 69.51 -19.88 -51.08
N ASP F 142 69.04 -20.54 -50.02
CA ASP F 142 68.37 -19.81 -48.94
C ASP F 142 69.34 -19.19 -47.94
N ASP F 143 70.53 -18.83 -48.41
CA ASP F 143 71.32 -17.80 -47.73
C ASP F 143 70.71 -16.42 -47.93
N TYR F 144 70.22 -16.13 -49.14
CA TYR F 144 69.88 -14.79 -49.56
C TYR F 144 68.45 -14.38 -49.18
N ASN F 145 67.79 -15.15 -48.30
CA ASN F 145 66.38 -14.92 -47.96
C ASN F 145 66.11 -13.47 -47.56
N SER F 146 67.03 -12.88 -46.78
CA SER F 146 66.84 -11.50 -46.36
C SER F 146 66.74 -10.55 -47.55
N VAL F 147 67.55 -10.78 -48.59
CA VAL F 147 67.46 -9.96 -49.80
C VAL F 147 66.19 -10.28 -50.59
N VAL F 148 65.87 -11.58 -50.71
CA VAL F 148 64.66 -12.00 -51.43
C VAL F 148 63.45 -11.26 -50.89
N LEU F 149 63.31 -11.30 -49.56
CA LEU F 149 62.17 -10.66 -48.88
C LEU F 149 62.08 -9.18 -49.25
N ASP F 150 63.22 -8.51 -49.34
CA ASP F 150 63.23 -7.09 -49.67
C ASP F 150 62.79 -6.83 -51.11
N LEU F 151 63.43 -7.50 -52.07
CA LEU F 151 63.17 -7.21 -53.49
C LEU F 151 61.72 -7.48 -53.87
N ARG F 152 61.09 -8.48 -53.27
CA ARG F 152 59.67 -8.73 -53.57
C ARG F 152 58.80 -7.54 -53.20
N ASP F 153 59.18 -6.80 -52.16
CA ASP F 153 58.39 -5.62 -51.77
C ASP F 153 58.48 -4.53 -52.82
N LEU F 154 59.63 -4.42 -53.49
CA LEU F 154 59.83 -3.40 -54.51
C LEU F 154 59.19 -3.78 -55.85
N ASP F 155 58.95 -5.06 -56.08
CA ASP F 155 58.42 -5.56 -57.34
C ASP F 155 57.00 -5.04 -57.59
N LEU F 156 56.18 -4.95 -56.54
CA LEU F 156 54.89 -4.28 -56.61
C LEU F 156 55.04 -2.76 -56.56
N CYS F 157 56.14 -2.24 -56.02
CA CYS F 157 56.28 -0.79 -55.92
C CYS F 157 56.46 -0.17 -57.30
N PHE F 158 57.29 -0.79 -58.14
CA PHE F 158 57.56 -0.23 -59.46
C PHE F 158 56.32 -0.23 -60.35
N SER F 159 55.54 -1.32 -60.32
CA SER F 159 54.34 -1.39 -61.15
C SER F 159 53.43 -0.18 -60.94
N ALA F 160 53.30 0.30 -59.70
CA ALA F 160 52.51 1.51 -59.47
C ALA F 160 53.09 2.71 -60.20
N ILE F 161 54.42 2.81 -60.24
CA ILE F 161 55.07 3.95 -60.88
C ILE F 161 54.87 3.89 -62.38
N GLU F 162 54.81 2.68 -62.94
CA GLU F 162 54.67 2.53 -64.39
C GLU F 162 53.32 3.04 -64.85
N LEU F 163 52.27 2.78 -64.07
CA LEU F 163 50.93 3.20 -64.43
C LEU F 163 50.77 4.71 -64.31
N GLN F 164 51.44 5.31 -63.32
CA GLN F 164 51.32 6.73 -63.03
C GLN F 164 52.36 7.58 -63.75
N LEU F 165 53.44 6.98 -64.28
CA LEU F 165 54.51 7.77 -64.86
C LEU F 165 54.06 8.51 -66.12
N PRO F 166 53.38 7.88 -67.10
CA PRO F 166 52.84 8.68 -68.20
C PRO F 166 51.86 9.74 -67.74
N LEU F 167 51.09 9.45 -66.69
CA LEU F 167 50.10 10.41 -66.23
C LEU F 167 50.77 11.55 -65.46
N ILE F 168 51.75 11.21 -64.62
CA ILE F 168 52.43 12.24 -63.83
C ILE F 168 53.21 13.19 -64.74
N LYS F 169 53.87 12.64 -65.76
CA LYS F 169 54.67 13.45 -66.68
C LYS F 169 53.83 14.51 -67.37
N LYS F 170 52.60 14.18 -67.76
CA LYS F 170 51.74 15.20 -68.37
C LYS F 170 51.31 16.23 -67.33
N GLU F 171 51.08 15.79 -66.10
CA GLU F 171 50.69 16.74 -65.06
C GLU F 171 51.80 17.73 -64.76
N ALA F 172 53.04 17.27 -64.77
CA ALA F 172 54.19 18.11 -64.43
C ALA F 172 54.76 18.77 -65.68
N ASN G 3 71.66 1.72 -6.00
CA ASN G 3 70.39 2.31 -5.50
C ASN G 3 69.74 1.39 -4.47
N PHE G 4 70.23 1.50 -3.23
CA PHE G 4 69.70 0.77 -2.09
C PHE G 4 69.63 1.71 -0.89
N ILE G 5 68.47 1.77 -0.25
CA ILE G 5 68.35 2.51 1.00
C ILE G 5 69.33 1.93 2.03
N PRO G 6 70.09 2.75 2.79
CA PRO G 6 70.94 2.19 3.83
C PRO G 6 70.10 1.50 4.90
N GLN G 7 70.70 0.51 5.52
CA GLN G 7 70.10 -0.46 6.41
C GLN G 7 70.43 -0.08 7.84
N PRO G 8 69.60 -0.35 8.85
CA PRO G 8 70.01 0.03 10.22
C PRO G 8 71.15 -0.86 10.68
N GLN G 9 71.97 -0.31 11.59
CA GLN G 9 73.07 -1.09 12.15
C GLN G 9 72.54 -2.32 12.85
N GLY G 10 71.44 -2.17 13.57
CA GLY G 10 70.81 -3.29 14.28
C GLY G 10 70.48 -4.43 13.36
N LEU G 11 69.60 -4.14 12.40
CA LEU G 11 69.17 -5.12 11.41
C LEU G 11 70.35 -5.74 10.66
N LEU G 12 71.35 -4.93 10.32
CA LEU G 12 72.48 -5.46 9.57
C LEU G 12 73.28 -6.45 10.41
N ARG G 13 73.52 -6.13 11.68
CA ARG G 13 74.18 -7.08 12.58
C ARG G 13 73.33 -8.33 12.77
N PHE G 14 72.02 -8.16 12.90
CA PHE G 14 71.13 -9.31 13.14
C PHE G 14 71.11 -10.24 11.94
N LEU G 15 71.10 -9.68 10.73
CA LEU G 15 70.88 -10.46 9.53
C LEU G 15 72.14 -11.20 9.09
N ASN G 16 73.32 -10.68 9.43
CA ASN G 16 74.59 -11.30 9.03
C ASN G 16 75.00 -12.37 10.05
N THR G 17 74.17 -13.41 10.13
CA THR G 17 74.41 -14.54 11.04
C THR G 17 74.53 -14.08 12.49
N SER G 35 63.46 -33.57 21.79
CA SER G 35 63.31 -32.13 21.99
C SER G 35 61.90 -31.68 21.66
N PHE G 36 61.61 -30.41 21.94
CA PHE G 36 60.29 -29.86 21.67
C PHE G 36 59.97 -29.94 20.18
N VAL G 37 58.70 -30.20 19.88
CA VAL G 37 58.21 -30.32 18.51
C VAL G 37 56.71 -30.09 18.54
N SER G 38 56.20 -29.32 17.56
CA SER G 38 54.77 -29.04 17.51
C SER G 38 54.04 -30.01 16.59
N LYS G 39 52.79 -30.34 16.96
CA LYS G 39 52.07 -31.37 16.24
C LYS G 39 51.43 -30.86 14.96
N PHE G 40 51.10 -29.57 14.90
CA PHE G 40 50.40 -29.03 13.73
C PHE G 40 51.39 -28.66 12.63
N TYR G 41 52.33 -27.76 12.92
CA TYR G 41 53.29 -27.30 11.93
C TYR G 41 54.71 -27.56 12.42
N THR G 42 55.56 -27.98 11.50
CA THR G 42 56.97 -28.31 11.71
C THR G 42 57.86 -27.62 10.69
N PRO G 43 59.11 -27.32 11.04
CA PRO G 43 60.03 -26.67 10.11
C PRO G 43 60.84 -27.67 9.29
N GLN G 44 61.48 -27.14 8.24
CA GLN G 44 62.38 -27.92 7.41
C GLN G 44 63.73 -27.28 7.17
N LEU G 45 63.95 -26.02 7.60
CA LEU G 45 65.24 -25.34 7.45
C LEU G 45 65.67 -25.30 5.98
N GLN G 46 64.75 -24.82 5.13
CA GLN G 46 64.97 -24.69 3.70
C GLN G 46 64.96 -23.22 3.36
N LEU G 47 65.94 -22.78 2.57
CA LEU G 47 66.07 -21.38 2.20
C LEU G 47 65.71 -21.20 0.74
N SER G 48 65.13 -20.04 0.43
CA SER G 48 64.75 -19.76 -0.95
C SER G 48 65.94 -19.27 -1.75
N GLU G 49 65.83 -19.45 -3.08
CA GLU G 49 66.85 -18.99 -4.00
C GLU G 49 67.03 -17.48 -3.87
N LEU G 50 65.92 -16.75 -3.79
CA LEU G 50 65.98 -15.31 -3.65
C LEU G 50 66.63 -14.92 -2.34
N ALA G 51 66.34 -15.66 -1.27
CA ALA G 51 66.97 -15.39 0.02
C ALA G 51 68.45 -15.72 0.00
N LYS G 52 68.85 -16.70 -0.81
CA LYS G 52 70.26 -17.03 -0.92
C LYS G 52 71.03 -15.89 -1.57
N LYS G 53 70.53 -15.39 -2.69
CA LYS G 53 71.20 -14.33 -3.43
C LYS G 53 71.38 -13.07 -2.58
N VAL G 54 70.38 -12.71 -1.78
CA VAL G 54 70.52 -11.52 -0.96
C VAL G 54 71.61 -11.72 0.08
N LEU G 55 71.53 -12.84 0.82
CA LEU G 55 72.54 -13.19 1.82
C LEU G 55 73.98 -13.07 1.29
N THR G 56 74.24 -13.52 0.07
CA THR G 56 75.57 -13.38 -0.52
C THR G 56 75.91 -11.91 -0.77
N ASN G 57 74.98 -11.15 -1.34
CA ASN G 57 75.13 -9.71 -1.54
C ASN G 57 75.53 -8.98 -0.26
N ILE G 58 74.89 -9.33 0.86
CA ILE G 58 75.21 -8.62 2.09
C ILE G 58 76.54 -9.12 2.64
N LYS G 59 76.82 -10.42 2.45
CA LYS G 59 78.07 -10.99 2.95
C LYS G 59 79.28 -10.39 2.25
N THR G 60 79.21 -10.22 0.93
CA THR G 60 80.36 -9.76 0.14
C THR G 60 80.40 -8.24 0.04
N ASP G 61 79.36 -7.62 -0.52
CA ASP G 61 79.42 -6.19 -0.80
C ASP G 61 79.06 -5.40 0.45
N ASP G 62 79.71 -4.24 0.58
CA ASP G 62 79.51 -3.39 1.76
C ASP G 62 78.35 -2.46 1.49
N ILE G 63 77.15 -2.90 1.88
CA ILE G 63 75.95 -2.11 1.63
C ILE G 63 76.02 -0.85 2.51
N PRO G 64 75.50 0.30 2.06
CA PRO G 64 75.41 1.45 2.96
C PRO G 64 74.54 1.15 4.17
N VAL G 65 74.81 1.85 5.27
CA VAL G 65 74.17 1.61 6.56
C VAL G 65 73.89 2.94 7.24
N LEU G 66 72.81 3.01 8.04
CA LEU G 66 72.53 4.27 8.71
C LEU G 66 73.35 4.39 9.99
N GLU G 67 73.28 5.57 10.61
CA GLU G 67 73.90 5.85 11.89
C GLU G 67 72.92 6.05 13.02
N ARG G 68 71.70 6.52 12.73
CA ARG G 68 70.71 6.69 13.79
C ARG G 68 69.99 5.38 14.09
N GLU G 69 69.31 5.35 15.24
CA GLU G 69 68.51 4.19 15.64
C GLU G 69 67.29 4.71 16.39
N PHE G 70 66.57 5.64 15.75
CA PHE G 70 65.38 6.21 16.36
C PHE G 70 64.25 5.20 16.45
N ASN G 71 64.05 4.42 15.38
CA ASN G 71 62.93 3.49 15.32
C ASN G 71 63.15 2.38 16.34
N ASP G 72 62.44 2.48 17.47
CA ASP G 72 62.51 1.47 18.53
C ASP G 72 61.39 0.45 18.34
N ASN G 73 61.49 -0.31 17.25
CA ASN G 73 60.52 -1.36 16.97
C ASN G 73 61.30 -2.59 16.49
N THR G 74 60.58 -3.53 15.86
CA THR G 74 61.11 -4.77 15.28
C THR G 74 62.20 -5.40 16.14
N ILE G 75 63.38 -5.71 15.59
CA ILE G 75 64.40 -6.42 16.36
C ILE G 75 65.07 -5.52 17.41
N ILE G 76 64.70 -4.24 17.47
CA ILE G 76 65.36 -3.27 18.35
C ILE G 76 64.80 -3.51 19.75
N HIS G 77 65.62 -4.13 20.61
CA HIS G 77 65.30 -4.37 22.02
C HIS G 77 64.16 -5.37 22.21
N LYS G 78 63.87 -6.18 21.20
CA LYS G 78 62.83 -7.20 21.28
C LYS G 78 63.40 -8.56 20.93
N ALA G 79 64.07 -8.66 19.77
CA ALA G 79 64.64 -9.92 19.33
C ALA G 79 66.01 -10.15 19.95
N ASN G 80 66.75 -9.08 20.24
CA ASN G 80 68.02 -9.17 20.96
C ASN G 80 67.84 -9.12 22.47
N ASP G 81 66.79 -8.47 22.96
CA ASP G 81 66.56 -8.41 24.41
C ASP G 81 66.13 -9.76 24.96
N THR G 82 65.30 -10.49 24.22
CA THR G 82 64.81 -11.78 24.70
C THR G 82 65.97 -12.75 24.88
N LEU G 83 65.78 -13.68 25.81
CA LEU G 83 66.75 -14.73 26.11
C LEU G 83 66.68 -15.90 25.13
N LEU G 84 65.85 -15.80 24.08
CA LEU G 84 65.82 -16.86 23.07
C LEU G 84 67.15 -16.99 22.34
N LYS G 85 67.97 -15.95 22.34
CA LYS G 85 69.24 -16.02 21.62
C LYS G 85 70.20 -17.00 22.30
N VAL G 86 70.21 -17.02 23.63
CA VAL G 86 71.13 -17.89 24.36
C VAL G 86 70.47 -19.23 24.71
N GLN G 87 69.18 -19.22 25.05
CA GLN G 87 68.50 -20.42 25.50
C GLN G 87 68.27 -21.40 24.36
N ALA G 88 67.70 -20.91 23.26
CA ALA G 88 67.30 -21.71 22.11
C ALA G 88 67.97 -21.07 20.90
N PRO G 89 69.18 -21.51 20.55
CA PRO G 89 69.79 -20.96 19.33
C PRO G 89 69.22 -21.53 18.05
N ARG G 90 68.81 -22.80 18.05
CA ARG G 90 68.09 -23.35 16.92
C ARG G 90 66.83 -22.55 16.60
N MET G 91 66.03 -22.24 17.63
CA MET G 91 64.85 -21.38 17.41
C MET G 91 65.27 -20.00 16.90
N TYR G 92 66.42 -19.50 17.35
CA TYR G 92 66.94 -18.23 16.86
C TYR G 92 67.35 -18.30 15.39
N MET G 93 67.59 -19.49 14.85
CA MET G 93 67.93 -19.67 13.44
C MET G 93 66.69 -19.64 12.58
N ILE G 94 65.56 -20.07 13.14
CA ILE G 94 64.29 -19.90 12.44
C ILE G 94 63.96 -18.41 12.29
N LEU G 95 64.00 -17.66 13.39
CA LEU G 95 63.70 -16.23 13.34
C LEU G 95 64.55 -15.50 12.30
N GLN G 96 65.85 -15.82 12.22
CA GLN G 96 66.68 -15.18 11.20
C GLN G 96 66.21 -15.51 9.80
N SER G 97 65.84 -16.77 9.57
CA SER G 97 65.39 -17.17 8.23
C SER G 97 64.14 -16.41 7.82
N ILE G 98 63.23 -16.18 8.78
CA ILE G 98 61.98 -15.48 8.49
C ILE G 98 62.25 -14.02 8.17
N VAL G 99 63.21 -13.41 8.88
CA VAL G 99 63.61 -12.03 8.62
C VAL G 99 64.25 -11.91 7.24
N LEU G 100 65.18 -12.82 6.92
CA LEU G 100 65.75 -12.84 5.58
C LEU G 100 64.69 -13.05 4.52
N GLU G 101 63.77 -14.00 4.73
CA GLU G 101 62.68 -14.20 3.80
C GLU G 101 61.70 -13.04 3.82
N ALA G 102 61.54 -12.37 4.97
CA ALA G 102 60.69 -11.19 5.00
C ALA G 102 61.39 -10.00 4.35
N TYR G 103 62.70 -9.89 4.53
CA TYR G 103 63.45 -8.79 3.96
C TYR G 103 63.69 -8.98 2.46
N ALA G 104 63.72 -10.23 1.99
CA ALA G 104 63.90 -10.50 0.57
C ALA G 104 62.70 -10.07 -0.24
N ILE G 105 61.49 -10.42 0.21
CA ILE G 105 60.30 -10.07 -0.55
C ILE G 105 60.08 -8.56 -0.55
N VAL G 106 60.46 -7.87 0.54
CA VAL G 106 60.30 -6.42 0.61
C VAL G 106 61.35 -5.75 -0.26
N ASN G 107 62.46 -6.42 -0.53
CA ASN G 107 63.54 -5.84 -1.32
C ASN G 107 63.10 -5.61 -2.75
N CYS G 108 62.62 -6.65 -3.41
CA CYS G 108 62.30 -6.57 -4.85
C CYS G 108 61.18 -5.57 -5.13
N PHE G 109 60.08 -5.65 -4.39
CA PHE G 109 58.90 -4.85 -4.71
C PHE G 109 59.17 -3.36 -4.57
N VAL G 110 59.84 -2.95 -3.49
CA VAL G 110 60.17 -1.55 -3.27
C VAL G 110 61.14 -1.05 -4.34
N GLU G 111 62.19 -1.82 -4.61
CA GLU G 111 63.21 -1.40 -5.56
C GLU G 111 63.90 -2.59 -6.18
N ASN G 112 64.30 -2.43 -7.43
CA ASN G 112 64.97 -3.45 -8.23
C ASN G 112 64.04 -4.66 -8.34
N PRO G 113 62.96 -4.57 -9.12
CA PRO G 113 62.04 -5.70 -9.22
C PRO G 113 62.57 -6.86 -10.05
N SER G 114 63.81 -6.80 -10.54
CA SER G 114 64.31 -7.85 -11.43
C SER G 114 64.55 -9.16 -10.69
N SER G 115 64.57 -9.12 -9.36
CA SER G 115 64.90 -10.28 -8.55
C SER G 115 63.66 -11.08 -8.13
N LEU G 116 62.47 -10.54 -8.40
CA LEU G 116 61.20 -11.23 -8.18
C LEU G 116 60.96 -12.38 -9.14
N LYS G 117 61.88 -12.65 -10.08
CA LYS G 117 61.69 -13.78 -10.97
C LYS G 117 61.99 -15.09 -10.28
N TYR G 118 62.89 -15.06 -9.29
CA TYR G 118 63.33 -16.27 -8.60
C TYR G 118 62.39 -16.72 -7.50
N LEU G 119 61.44 -15.89 -7.09
CA LEU G 119 60.51 -16.26 -6.04
C LEU G 119 59.35 -17.09 -6.58
N THR G 120 58.92 -18.05 -5.78
CA THR G 120 57.86 -18.99 -6.16
C THR G 120 56.95 -19.22 -4.96
N GLU G 121 55.90 -20.01 -5.18
CA GLU G 121 54.89 -20.24 -4.15
C GLU G 121 55.46 -20.97 -2.94
N GLU G 122 56.13 -22.10 -3.17
CA GLU G 122 56.73 -22.90 -2.10
C GLU G 122 57.71 -22.10 -1.24
N ASP G 123 58.28 -21.00 -1.76
CA ASP G 123 59.22 -20.22 -0.96
C ASP G 123 58.55 -19.59 0.24
N VAL G 124 57.31 -19.12 0.07
CA VAL G 124 56.57 -18.49 1.17
C VAL G 124 55.81 -19.53 1.98
N SER G 125 55.42 -20.64 1.37
CA SER G 125 54.72 -21.71 2.07
C SER G 125 55.53 -22.20 3.27
N ILE G 126 56.80 -22.53 3.04
CA ILE G 126 57.63 -23.10 4.09
C ILE G 126 57.93 -22.03 5.14
N THR G 127 57.98 -20.76 4.74
CA THR G 127 58.27 -19.69 5.69
C THR G 127 57.18 -19.58 6.75
N ARG G 128 55.92 -19.67 6.33
CA ARG G 128 54.81 -19.58 7.26
C ARG G 128 54.82 -20.74 8.25
N GLU G 129 55.06 -21.96 7.75
CA GLU G 129 55.16 -23.14 8.62
C GLU G 129 56.23 -22.96 9.68
N ASN G 130 57.39 -22.42 9.29
CA ASN G 130 58.46 -22.09 10.24
C ASN G 130 58.00 -21.02 11.21
N LEU G 131 57.20 -20.06 10.73
CA LEU G 131 56.67 -19.02 11.58
C LEU G 131 55.75 -19.61 12.64
N ASN G 132 54.85 -20.52 12.24
CA ASN G 132 53.90 -21.08 13.20
C ASN G 132 54.60 -21.88 14.28
N TYR G 133 55.70 -22.55 13.95
CA TYR G 133 56.36 -23.41 14.92
C TYR G 133 57.08 -22.57 15.97
N VAL G 134 57.85 -21.58 15.53
CA VAL G 134 58.53 -20.71 16.49
C VAL G 134 57.52 -19.93 17.32
N ALA G 135 56.41 -19.53 16.69
CA ALA G 135 55.38 -18.75 17.37
C ALA G 135 54.72 -19.58 18.47
N ASP G 136 54.41 -20.85 18.17
CA ASP G 136 53.82 -21.73 19.17
C ASP G 136 54.77 -21.96 20.33
N TYR G 137 56.07 -22.11 20.05
CA TYR G 137 57.04 -22.31 21.12
C TYR G 137 57.16 -21.08 22.01
N LEU G 138 57.15 -19.88 21.40
CA LEU G 138 57.17 -18.65 22.19
C LEU G 138 55.92 -18.46 23.03
N GLY G 139 54.82 -19.13 22.70
CA GLY G 139 53.62 -18.99 23.51
C GLY G 139 53.76 -19.57 24.90
N ASN G 140 54.69 -20.52 25.09
CA ASN G 140 54.91 -21.05 26.43
C ASN G 140 55.47 -19.99 27.36
N TYR G 141 56.41 -19.18 26.87
CA TYR G 141 56.99 -18.12 27.67
C TYR G 141 55.96 -17.00 27.86
N ASP G 142 55.78 -16.56 29.11
CA ASP G 142 54.83 -15.49 29.40
C ASP G 142 55.44 -14.10 29.31
N ASP G 143 56.77 -14.00 29.26
CA ASP G 143 57.38 -12.68 29.23
C ASP G 143 57.41 -12.14 27.79
N TYR G 144 57.84 -13.00 26.88
CA TYR G 144 58.22 -12.65 25.52
C TYR G 144 57.04 -12.69 24.53
N ASN G 145 55.81 -12.48 25.00
CA ASN G 145 54.68 -12.44 24.08
C ASN G 145 54.73 -11.24 23.14
N SER G 146 55.54 -10.22 23.45
CA SER G 146 55.65 -9.07 22.55
C SER G 146 56.17 -9.49 21.18
N VAL G 147 57.12 -10.43 21.13
CA VAL G 147 57.63 -10.89 19.85
C VAL G 147 56.52 -11.59 19.06
N VAL G 148 55.70 -12.38 19.76
CA VAL G 148 54.64 -13.11 19.07
C VAL G 148 53.62 -12.15 18.48
N LEU G 149 53.41 -11.01 19.15
CA LEU G 149 52.43 -10.01 18.72
C LEU G 149 52.68 -9.57 17.27
N ASP G 150 53.94 -9.34 16.91
CA ASP G 150 54.27 -8.96 15.55
C ASP G 150 54.27 -10.16 14.61
N LEU G 151 54.63 -11.34 15.11
CA LEU G 151 54.74 -12.51 14.25
C LEU G 151 53.38 -12.95 13.72
N ARG G 152 52.34 -12.85 14.55
CA ARG G 152 51.01 -13.22 14.10
C ARG G 152 50.50 -12.27 13.03
N ASP G 153 50.80 -10.97 13.17
CA ASP G 153 50.48 -10.02 12.11
C ASP G 153 51.28 -10.32 10.84
N LEU G 154 52.57 -10.64 11.00
CA LEU G 154 53.39 -11.02 9.85
C LEU G 154 52.95 -12.35 9.25
N ASP G 155 52.36 -13.23 10.05
CA ASP G 155 51.97 -14.56 9.56
C ASP G 155 50.92 -14.44 8.47
N LEU G 156 49.92 -13.60 8.66
CA LEU G 156 48.86 -13.36 7.68
C LEU G 156 49.34 -12.50 6.52
N CYS G 157 50.45 -11.79 6.69
CA CYS G 157 51.01 -11.04 5.57
C CYS G 157 51.62 -11.98 4.54
N PHE G 158 52.31 -13.03 4.99
CA PHE G 158 52.90 -13.97 4.05
C PHE G 158 51.83 -14.75 3.31
N SER G 159 50.71 -15.03 3.97
CA SER G 159 49.66 -15.80 3.33
C SER G 159 48.99 -15.04 2.19
N ALA G 160 48.89 -13.72 2.30
CA ALA G 160 48.35 -12.92 1.21
C ALA G 160 49.30 -12.91 0.01
N ILE G 161 50.61 -12.88 0.27
CA ILE G 161 51.56 -13.05 -0.84
C ILE G 161 51.45 -14.45 -1.41
N GLU G 162 51.26 -15.45 -0.53
CA GLU G 162 51.20 -16.84 -1.00
C GLU G 162 50.05 -17.04 -1.97
N LEU G 163 48.88 -16.48 -1.65
CA LEU G 163 47.69 -16.57 -2.48
C LEU G 163 47.61 -15.50 -3.56
N GLN G 164 48.65 -14.68 -3.73
CA GLN G 164 48.66 -13.60 -4.70
C GLN G 164 49.92 -13.52 -5.53
N LEU G 165 51.02 -14.17 -5.11
CA LEU G 165 52.26 -14.07 -5.88
C LEU G 165 52.18 -14.69 -7.26
N PRO G 166 51.46 -15.79 -7.51
CA PRO G 166 51.43 -16.32 -8.88
C PRO G 166 50.72 -15.40 -9.86
N LEU G 167 49.79 -14.57 -9.40
CA LEU G 167 49.10 -13.63 -10.28
C LEU G 167 49.96 -12.42 -10.60
N ILE G 168 50.83 -12.00 -9.68
CA ILE G 168 51.60 -10.79 -9.89
C ILE G 168 52.62 -10.97 -11.01
N LYS G 169 53.32 -12.11 -11.03
CA LYS G 169 54.33 -12.33 -12.05
C LYS G 169 53.72 -12.40 -13.44
N LYS G 170 52.58 -13.08 -13.59
CA LYS G 170 51.92 -13.14 -14.88
C LYS G 170 51.39 -11.78 -15.32
N GLU G 171 50.94 -10.96 -14.35
CA GLU G 171 50.47 -9.62 -14.68
C GLU G 171 51.62 -8.73 -15.13
N ALA G 172 52.78 -8.83 -14.46
CA ALA G 172 53.95 -8.03 -14.79
C ALA G 172 54.81 -8.70 -15.85
N ALA H 2 41.94 -23.14 -39.25
CA ALA H 2 42.09 -22.68 -40.66
C ALA H 2 41.39 -23.62 -41.63
N ASN H 3 40.37 -23.13 -42.34
CA ASN H 3 39.49 -24.00 -43.12
C ASN H 3 38.89 -23.16 -44.26
N PHE H 4 39.59 -23.14 -45.40
CA PHE H 4 39.22 -22.28 -46.53
C PHE H 4 37.81 -22.56 -47.06
N LEU H 5 37.25 -23.74 -46.82
CA LEU H 5 35.88 -24.03 -47.24
C LEU H 5 34.85 -23.59 -46.21
N LYS H 6 35.23 -23.48 -44.94
CA LYS H 6 34.48 -22.68 -43.99
C LYS H 6 34.80 -21.21 -44.29
N ASN H 7 34.41 -20.30 -43.40
CA ASN H 7 35.13 -19.05 -43.23
C ASN H 7 35.12 -18.20 -44.51
N LEU H 8 34.07 -18.32 -45.34
CA LEU H 8 34.05 -17.70 -46.66
C LEU H 8 32.63 -17.28 -47.04
N HIS H 9 32.55 -16.40 -48.05
CA HIS H 9 31.33 -15.87 -48.69
C HIS H 9 30.30 -16.95 -48.93
N PRO H 10 29.09 -16.88 -48.35
CA PRO H 10 28.19 -18.05 -48.40
C PRO H 10 27.75 -18.52 -49.78
N LEU H 11 27.76 -17.65 -50.82
CA LEU H 11 27.17 -18.03 -52.09
C LEU H 11 28.13 -18.82 -52.99
N LEU H 12 29.44 -18.63 -52.85
CA LEU H 12 30.37 -19.39 -53.67
C LEU H 12 30.23 -20.88 -53.39
N ARG H 13 29.84 -21.64 -54.42
CA ARG H 13 29.46 -23.04 -54.26
C ARG H 13 30.66 -23.87 -53.80
N ARG H 14 30.41 -24.78 -52.85
CA ARG H 14 31.45 -25.37 -52.02
C ARG H 14 31.70 -26.86 -52.29
N ASP H 15 31.03 -27.44 -53.29
CA ASP H 15 31.28 -28.77 -53.82
C ASP H 15 30.69 -28.89 -55.22
N ARG H 16 31.38 -29.66 -56.04
CA ARG H 16 31.28 -29.57 -57.49
C ARG H 16 29.86 -29.85 -58.00
N ASN H 17 29.60 -29.35 -59.20
CA ASN H 17 28.36 -29.61 -59.92
C ASN H 17 28.33 -31.05 -60.44
N LYS H 18 27.34 -31.84 -60.01
CA LYS H 18 27.12 -33.14 -60.62
C LYS H 18 26.44 -33.04 -61.99
N LYS H 19 25.99 -31.85 -62.38
CA LYS H 19 25.14 -31.73 -63.56
C LYS H 19 25.90 -31.82 -64.87
N ASP H 20 27.18 -31.44 -64.89
CA ASP H 20 27.98 -31.50 -66.12
C ASP H 20 29.44 -31.79 -65.76
N ASN H 21 30.23 -32.10 -66.78
CA ASN H 21 31.54 -32.72 -66.58
C ASN H 21 32.55 -31.76 -65.95
N GLN H 22 32.66 -30.54 -66.49
CA GLN H 22 33.79 -29.66 -66.21
C GLN H 22 33.35 -28.46 -65.38
N ASP H 23 34.00 -28.24 -64.24
CA ASP H 23 33.56 -27.23 -63.27
C ASP H 23 34.77 -26.40 -62.86
N PRO H 24 35.10 -25.34 -63.62
CA PRO H 24 36.27 -24.52 -63.25
C PRO H 24 36.21 -23.93 -61.86
N ASN H 25 35.02 -23.52 -61.43
CA ASN H 25 34.84 -23.00 -60.07
C ASN H 25 35.42 -23.96 -59.04
N PHE H 26 34.98 -25.22 -59.09
CA PHE H 26 35.44 -26.19 -58.11
C PHE H 26 36.92 -26.51 -58.29
N ALA H 27 37.41 -26.51 -59.53
CA ALA H 27 38.83 -26.76 -59.76
C ALA H 27 39.68 -25.70 -59.06
N LEU H 28 39.23 -24.45 -59.14
CA LEU H 28 39.95 -23.35 -58.49
C LEU H 28 39.90 -23.50 -56.99
N ILE H 29 38.70 -23.74 -56.44
CA ILE H 29 38.57 -23.87 -54.98
C ILE H 29 39.39 -25.04 -54.48
N ASP H 30 39.42 -26.14 -55.24
CA ASP H 30 40.14 -27.32 -54.80
C ASP H 30 41.64 -27.07 -54.85
N ALA H 31 42.13 -26.41 -55.91
CA ALA H 31 43.55 -26.05 -55.96
C ALA H 31 43.96 -25.17 -54.80
N LEU H 32 43.18 -24.12 -54.54
CA LEU H 32 43.52 -23.22 -53.43
C LEU H 32 43.47 -23.94 -52.08
N ASN H 33 42.45 -24.78 -51.89
CA ASN H 33 42.30 -25.50 -50.63
C ASN H 33 43.44 -26.47 -50.43
N GLU H 34 43.87 -27.12 -51.51
CA GLU H 34 45.03 -28.02 -51.45
C GLU H 34 46.30 -27.25 -51.10
N GLU H 35 46.51 -26.10 -51.75
CA GLU H 35 47.72 -25.32 -51.47
C GLU H 35 47.78 -24.91 -50.01
N MET H 36 46.68 -24.38 -49.48
CA MET H 36 46.71 -23.90 -48.09
C MET H 36 46.63 -25.04 -47.07
N ASN H 37 46.06 -26.18 -47.42
CA ASN H 37 46.15 -27.34 -46.55
C ASN H 37 47.58 -27.85 -46.47
N GLN H 38 48.27 -27.86 -47.61
CA GLN H 38 49.67 -28.25 -47.67
C GLN H 38 50.53 -27.27 -46.85
N VAL H 39 50.18 -25.99 -46.92
CA VAL H 39 50.84 -25.00 -46.06
C VAL H 39 50.60 -25.31 -44.58
N GLU H 40 49.35 -25.60 -44.22
CA GLU H 40 49.02 -25.95 -42.83
C GLU H 40 49.82 -27.17 -42.36
N LYS H 41 49.96 -28.16 -43.24
CA LYS H 41 50.69 -29.37 -42.89
C LYS H 41 52.18 -29.08 -42.69
N ASP H 42 52.74 -28.18 -43.51
CA ASP H 42 54.12 -27.75 -43.26
C ASP H 42 54.23 -27.04 -41.91
N ALA H 43 53.25 -26.19 -41.58
CA ALA H 43 53.32 -25.40 -40.36
C ALA H 43 53.11 -26.26 -39.13
N ILE H 44 52.38 -27.37 -39.26
CA ILE H 44 52.28 -28.35 -38.19
C ILE H 44 53.56 -29.18 -38.12
N GLU H 45 54.03 -29.64 -39.27
CA GLU H 45 55.29 -30.38 -39.32
C GLU H 45 56.47 -29.63 -38.73
N SER H 46 56.41 -28.28 -38.67
CA SER H 46 57.50 -27.50 -38.10
C SER H 46 57.61 -27.60 -36.58
N LYS H 47 56.74 -28.37 -35.93
CA LYS H 47 56.87 -28.61 -34.50
C LYS H 47 58.16 -29.38 -34.19
N LEU H 48 58.48 -30.38 -35.00
CA LEU H 48 59.63 -31.20 -34.71
C LEU H 48 60.90 -30.44 -35.02
N GLN H 49 60.87 -29.58 -36.03
CA GLN H 49 62.04 -28.78 -36.36
C GLN H 49 62.29 -27.70 -35.31
N SER H 50 61.28 -27.30 -34.56
CA SER H 50 61.41 -26.21 -33.58
C SER H 50 61.98 -26.65 -32.24
N SER H 51 62.37 -27.93 -32.09
CA SER H 51 62.90 -28.45 -30.85
C SER H 51 64.20 -29.21 -31.13
N LEU H 52 65.22 -28.93 -30.31
CA LEU H 52 66.49 -29.63 -30.44
C LEU H 52 66.35 -31.15 -30.40
N LYS H 53 65.36 -31.65 -29.65
CA LYS H 53 65.23 -33.09 -29.48
C LYS H 53 64.84 -33.80 -30.78
N THR H 54 64.28 -33.08 -31.76
CA THR H 54 63.85 -33.67 -33.02
C THR H 54 64.28 -32.87 -34.25
N SER H 55 65.01 -31.78 -34.09
CA SER H 55 65.46 -31.00 -35.24
C SER H 55 66.35 -31.83 -36.16
N THR H 56 66.19 -31.63 -37.47
CA THR H 56 66.96 -32.37 -38.46
C THR H 56 67.37 -31.44 -39.60
N SER H 57 68.33 -31.92 -40.38
CA SER H 57 68.93 -31.30 -41.54
C SER H 57 69.49 -29.92 -41.19
N GLU H 58 68.93 -28.84 -41.76
CA GLU H 58 69.52 -27.51 -41.58
C GLU H 58 69.35 -27.02 -40.15
N TYR H 59 68.23 -27.36 -39.51
CA TYR H 59 67.94 -26.81 -38.20
C TYR H 59 68.85 -27.43 -37.15
N LEU H 60 69.19 -28.71 -37.31
CA LEU H 60 70.16 -29.31 -36.39
C LEU H 60 71.54 -28.70 -36.58
N ASP H 61 71.91 -28.35 -37.81
CA ASP H 61 73.18 -27.68 -38.02
C ASP H 61 73.16 -26.30 -37.39
N LYS H 62 72.02 -25.61 -37.45
CA LYS H 62 71.87 -24.35 -36.76
C LYS H 62 72.04 -24.50 -35.25
N PHE H 63 71.39 -25.49 -34.66
CA PHE H 63 71.53 -25.78 -33.23
C PHE H 63 73.00 -26.03 -32.87
N GLY H 64 73.68 -26.82 -33.69
CA GLY H 64 75.06 -27.18 -33.43
C GLY H 64 76.00 -26.01 -33.58
N ASP H 65 75.68 -25.09 -34.49
CA ASP H 65 76.44 -23.84 -34.58
C ASP H 65 76.17 -22.95 -33.38
N TRP H 66 74.93 -22.92 -32.90
CA TRP H 66 74.59 -22.15 -31.71
C TRP H 66 75.40 -22.63 -30.51
N PHE H 67 75.34 -23.93 -30.22
CA PHE H 67 76.08 -24.53 -29.12
C PHE H 67 77.58 -24.62 -29.39
N GLY H 68 78.03 -24.35 -30.62
CA GLY H 68 79.44 -24.39 -30.97
C GLY H 68 79.94 -25.73 -31.46
N VAL H 69 79.14 -26.80 -31.35
CA VAL H 69 79.59 -28.14 -31.70
C VAL H 69 79.40 -28.30 -33.20
N TYR H 70 80.49 -28.42 -33.93
CA TYR H 70 80.46 -28.43 -35.38
C TYR H 70 80.19 -29.85 -35.89
N ARG H 71 79.39 -29.94 -36.95
CA ARG H 71 79.04 -31.25 -37.51
C ARG H 71 80.25 -31.88 -38.18
N LYS H 72 80.48 -33.15 -37.88
CA LYS H 72 81.55 -33.91 -38.52
C LYS H 72 81.09 -34.39 -39.89
N THR H 73 82.06 -34.55 -40.80
CA THR H 73 81.76 -34.99 -42.15
C THR H 73 81.19 -36.40 -42.15
N ASP H 74 80.02 -36.55 -42.78
CA ASP H 74 79.31 -37.82 -42.92
C ASP H 74 78.73 -38.28 -41.59
N GLU H 75 78.27 -37.33 -40.79
CA GLU H 75 77.71 -37.58 -39.47
C GLU H 75 76.19 -37.54 -39.53
N LYS H 76 75.54 -38.53 -38.95
CA LYS H 76 74.08 -38.60 -38.95
C LYS H 76 73.54 -37.82 -37.75
N ASP H 77 72.26 -37.42 -37.86
CA ASP H 77 71.64 -36.59 -36.83
C ASP H 77 71.56 -37.31 -35.49
N ASP H 78 71.34 -38.63 -35.50
CA ASP H 78 71.14 -39.35 -34.25
C ASP H 78 72.38 -39.31 -33.38
N VAL H 79 73.55 -39.52 -33.98
CA VAL H 79 74.79 -39.46 -33.20
C VAL H 79 75.20 -38.01 -32.97
N TYR H 80 74.81 -37.09 -33.85
CA TYR H 80 75.24 -35.71 -33.71
C TYR H 80 74.52 -35.05 -32.53
N ARG H 81 73.24 -35.38 -32.34
CA ARG H 81 72.51 -34.86 -31.19
C ARG H 81 73.15 -35.35 -29.88
N ALA H 82 73.40 -36.67 -29.79
CA ALA H 82 74.00 -37.25 -28.60
C ALA H 82 75.38 -36.67 -28.33
N ARG H 83 76.17 -36.43 -29.39
CA ARG H 83 77.45 -35.78 -29.23
C ARG H 83 77.29 -34.39 -28.63
N ILE H 84 76.35 -33.61 -29.16
CA ILE H 84 76.11 -32.25 -28.66
C ILE H 84 75.74 -32.30 -27.18
N ILE H 85 74.86 -33.23 -26.82
CA ILE H 85 74.40 -33.31 -25.44
C ILE H 85 75.56 -33.66 -24.53
N LYS H 86 76.43 -34.57 -24.98
CA LYS H 86 77.58 -34.95 -24.17
C LYS H 86 78.55 -33.79 -24.02
N TYR H 87 78.80 -33.06 -25.11
CA TYR H 87 79.78 -31.99 -25.09
C TYR H 87 79.30 -30.82 -24.25
N LEU H 88 77.99 -30.60 -24.20
CA LEU H 88 77.46 -29.53 -23.35
C LEU H 88 77.65 -29.84 -21.87
N LEU H 89 77.69 -31.13 -21.53
CA LEU H 89 77.88 -31.66 -20.19
C LEU H 89 79.24 -32.35 -20.18
N LEU H 90 80.27 -31.60 -20.56
CA LEU H 90 81.62 -32.13 -20.56
C LEU H 90 82.14 -32.22 -19.13
N LYS H 91 82.95 -33.24 -18.88
CA LYS H 91 83.42 -33.61 -17.56
C LYS H 91 84.95 -33.62 -17.62
N ARG H 92 85.58 -32.51 -17.24
CA ARG H 92 87.02 -32.36 -17.41
C ARG H 92 87.55 -31.38 -16.38
N GLY H 93 88.76 -31.64 -15.90
CA GLY H 93 89.42 -30.82 -14.90
C GLY H 93 90.05 -31.66 -13.82
N THR H 94 89.52 -32.86 -13.58
CA THR H 94 90.06 -33.78 -12.60
C THR H 94 90.92 -34.81 -13.30
N ASN H 95 91.95 -35.29 -12.59
CA ASN H 95 92.86 -36.25 -13.18
C ASN H 95 92.12 -37.49 -13.67
N ASN H 96 91.14 -37.96 -12.90
CA ASN H 96 90.33 -39.09 -13.35
C ASN H 96 89.47 -38.69 -14.53
N ALA H 97 88.90 -37.48 -14.51
CA ALA H 97 88.09 -36.98 -15.62
C ALA H 97 88.94 -36.79 -16.87
N ILE H 98 90.19 -36.37 -16.70
CA ILE H 98 91.08 -36.18 -17.84
C ILE H 98 91.49 -37.52 -18.41
N ILE H 99 91.70 -38.51 -17.54
CA ILE H 99 92.00 -39.85 -18.00
C ILE H 99 90.78 -40.41 -18.73
N ASP H 100 89.62 -40.32 -18.08
CA ASP H 100 88.35 -40.79 -18.64
C ASP H 100 87.97 -40.07 -19.94
N ALA H 101 88.52 -38.88 -20.19
CA ALA H 101 88.32 -38.21 -21.46
C ALA H 101 89.10 -38.85 -22.61
N ILE H 102 90.01 -39.78 -22.30
CA ILE H 102 90.73 -40.54 -23.33
C ILE H 102 89.78 -41.33 -24.23
N LYS H 103 88.57 -41.65 -23.78
CA LYS H 103 87.66 -42.40 -24.63
C LYS H 103 87.34 -41.65 -25.91
N ASP H 104 87.34 -40.32 -25.85
CA ASP H 104 87.05 -39.45 -26.99
C ASP H 104 88.30 -39.22 -27.84
N TYR H 105 89.46 -39.73 -27.40
CA TYR H 105 90.74 -39.57 -28.09
C TYR H 105 91.37 -40.93 -28.42
N LEU H 106 90.60 -42.01 -28.34
CA LEU H 106 91.11 -43.36 -28.57
C LEU H 106 90.83 -43.82 -29.99
N LYS I 2 58.04 -9.83 -37.52
CA LYS I 2 57.97 -11.30 -37.25
C LYS I 2 56.66 -11.89 -37.78
N THR I 3 55.52 -11.31 -37.39
CA THR I 3 54.20 -11.78 -37.79
C THR I 3 53.41 -10.62 -38.39
N ARG I 4 52.62 -10.91 -39.42
CA ARG I 4 51.82 -9.93 -40.12
C ARG I 4 50.39 -9.96 -39.58
N LYS I 5 49.60 -8.96 -39.97
CA LYS I 5 48.24 -8.84 -39.50
C LYS I 5 47.25 -9.02 -40.65
N LEU I 6 45.97 -8.96 -40.29
CA LEU I 6 44.88 -8.99 -41.26
C LEU I 6 45.07 -7.94 -42.35
N THR I 7 45.08 -6.66 -41.95
CA THR I 7 45.17 -5.58 -42.92
C THR I 7 46.50 -5.62 -43.68
N ASN I 8 47.60 -5.93 -43.00
CA ASN I 8 48.90 -5.92 -43.66
C ASN I 8 48.99 -6.92 -44.81
N ILE I 9 48.20 -7.99 -44.75
CA ILE I 9 48.20 -9.00 -45.80
C ILE I 9 47.17 -8.67 -46.87
N LEU I 10 45.94 -8.36 -46.42
CA LEU I 10 44.86 -8.01 -47.34
C LEU I 10 45.23 -6.86 -48.25
N SER I 11 45.84 -5.79 -47.70
CA SER I 11 46.14 -4.63 -48.53
C SER I 11 47.19 -4.96 -49.57
N LYS I 12 48.21 -5.72 -49.17
CA LYS I 12 49.25 -6.12 -50.11
C LYS I 12 48.69 -7.00 -51.22
N LEU I 13 47.66 -7.78 -50.88
CA LEU I 13 47.08 -8.70 -51.84
C LEU I 13 46.26 -7.93 -52.86
N ILE I 14 45.54 -6.91 -52.39
CA ILE I 14 44.81 -6.04 -53.31
C ILE I 14 45.78 -5.26 -54.18
N ASP I 15 46.89 -4.78 -53.60
CA ASP I 15 47.87 -4.05 -54.40
C ASP I 15 48.39 -4.91 -55.53
N LYS I 16 48.82 -6.15 -55.22
CA LYS I 16 49.35 -7.04 -56.25
C LYS I 16 48.29 -7.39 -57.28
N THR I 17 47.03 -7.59 -56.84
CA THR I 17 45.95 -7.86 -57.78
C THR I 17 45.79 -6.72 -58.77
N MET I 18 45.77 -5.48 -58.26
CA MET I 18 45.64 -4.32 -59.15
C MET I 18 46.82 -4.20 -60.09
N ALA I 19 48.03 -4.47 -59.58
CA ALA I 19 49.22 -4.25 -60.39
C ALA I 19 49.33 -5.29 -61.50
N GLY I 20 48.99 -6.54 -61.20
CA GLY I 20 49.16 -7.59 -62.19
C GLY I 20 48.21 -7.47 -63.37
N THR I 21 46.95 -7.09 -63.11
CA THR I 21 45.93 -7.08 -64.16
C THR I 21 45.13 -5.79 -64.12
N SER I 22 44.69 -5.37 -65.30
CA SER I 22 43.82 -4.20 -65.46
C SER I 22 42.35 -4.59 -65.54
N LYS I 23 42.02 -5.87 -65.50
CA LYS I 23 40.67 -6.38 -65.69
C LYS I 23 39.76 -6.22 -64.47
N ILE I 24 40.33 -5.92 -63.30
CA ILE I 24 39.61 -5.78 -62.04
C ILE I 24 39.88 -4.40 -61.49
N THR I 25 38.82 -3.68 -61.12
CA THR I 25 38.94 -2.36 -60.52
C THR I 25 37.99 -2.15 -59.34
N ASP I 26 37.05 -3.05 -59.10
CA ASP I 26 36.08 -2.95 -58.02
C ASP I 26 36.54 -3.80 -56.84
N PHE I 27 36.57 -3.19 -55.66
CA PHE I 27 36.92 -3.86 -54.41
C PHE I 27 35.97 -3.41 -53.31
N THR I 28 34.67 -3.41 -53.61
CA THR I 28 33.66 -3.03 -52.64
C THR I 28 33.37 -4.22 -51.74
N PRO I 29 32.57 -4.02 -50.68
CA PRO I 29 32.05 -5.17 -49.95
C PRO I 29 31.21 -6.03 -50.86
N GLY I 30 31.27 -7.34 -50.65
CA GLY I 30 30.51 -8.27 -51.45
C GLY I 30 31.11 -8.69 -52.78
N SER I 31 32.25 -8.13 -53.19
CA SER I 31 32.91 -8.61 -54.41
C SER I 31 33.52 -9.98 -54.14
N ALA I 32 33.28 -10.91 -55.07
CA ALA I 32 33.84 -12.25 -54.95
C ALA I 32 35.36 -12.21 -54.82
N SER I 33 36.02 -11.25 -55.48
CA SER I 33 37.46 -11.15 -55.36
C SER I 33 37.86 -10.70 -53.96
N ARG I 34 37.25 -9.63 -53.45
CA ARG I 34 37.61 -9.15 -52.11
C ARG I 34 37.26 -10.21 -51.07
N SER I 35 36.14 -10.90 -51.26
CA SER I 35 35.79 -12.03 -50.40
C SER I 35 36.87 -13.10 -50.41
N LEU I 36 37.28 -13.54 -51.59
CA LEU I 36 38.31 -14.55 -51.70
C LEU I 36 39.59 -14.09 -51.01
N LEU I 37 39.94 -12.82 -51.24
CA LEU I 37 41.16 -12.25 -50.69
C LEU I 37 41.12 -12.21 -49.17
N GLU I 38 39.96 -11.85 -48.63
CA GLU I 38 39.76 -11.80 -47.19
C GLU I 38 39.87 -13.18 -46.58
N ALA I 39 39.24 -14.19 -47.20
CA ALA I 39 39.38 -15.55 -46.69
C ALA I 39 40.83 -16.00 -46.77
N VAL I 40 41.56 -15.59 -47.82
CA VAL I 40 42.97 -16.00 -47.90
C VAL I 40 43.77 -15.37 -46.76
N SER I 41 43.72 -14.04 -46.66
CA SER I 41 44.34 -13.30 -45.58
C SER I 41 44.06 -13.87 -44.19
N LEU I 42 42.79 -14.19 -43.92
CA LEU I 42 42.40 -14.68 -42.61
C LEU I 42 42.98 -16.07 -42.36
N GLU I 43 42.99 -16.93 -43.39
CA GLU I 43 43.67 -18.21 -43.28
C GLU I 43 45.16 -18.03 -42.98
N ILE I 44 45.79 -17.08 -43.65
CA ILE I 44 47.22 -16.88 -43.48
C ILE I 44 47.52 -16.34 -42.08
N GLU I 45 46.67 -15.46 -41.58
CA GLU I 45 46.82 -14.98 -40.21
C GLU I 45 46.70 -16.12 -39.20
N GLN I 46 45.78 -17.06 -39.46
CA GLN I 46 45.67 -18.24 -38.60
C GLN I 46 46.95 -19.05 -38.60
N PHE I 47 47.55 -19.27 -39.78
CA PHE I 47 48.84 -19.96 -39.83
C PHE I 47 49.94 -19.19 -39.12
N TYR I 48 49.91 -17.86 -39.22
CA TYR I 48 50.93 -17.04 -38.56
C TYR I 48 50.84 -17.15 -37.04
N ILE I 49 49.63 -17.12 -36.51
CA ILE I 49 49.42 -17.29 -35.07
C ILE I 49 49.74 -18.71 -34.66
N LEU I 50 49.47 -19.71 -35.52
CA LEU I 50 49.87 -21.07 -35.19
C LEU I 50 51.38 -21.16 -35.07
N THR I 51 52.08 -20.55 -36.00
CA THR I 51 53.55 -20.54 -35.95
C THR I 51 54.04 -19.83 -34.70
N LYS I 52 53.41 -18.70 -34.35
CA LYS I 52 53.83 -17.97 -33.17
C LYS I 52 53.66 -18.79 -31.91
N GLU I 53 52.49 -19.43 -31.75
CA GLU I 53 52.24 -20.28 -30.57
C GLU I 53 53.21 -21.45 -30.53
N ASN I 54 53.54 -22.04 -31.69
CA ASN I 54 54.39 -23.22 -31.69
C ASN I 54 55.83 -22.83 -31.35
N ILE I 55 56.25 -21.64 -31.79
CA ILE I 55 57.57 -21.15 -31.44
C ILE I 55 57.62 -20.80 -29.96
N ASP I 56 56.53 -20.23 -29.44
CA ASP I 56 56.45 -19.95 -28.01
C ASP I 56 56.61 -21.22 -27.19
N TRP I 57 55.94 -22.30 -27.61
CA TRP I 57 56.05 -23.57 -26.91
C TRP I 57 57.46 -24.12 -27.00
N GLY I 58 58.08 -23.99 -28.17
CA GLY I 58 59.46 -24.44 -28.31
C GLY I 58 60.40 -23.67 -27.41
N ILE I 59 60.18 -22.37 -27.27
CA ILE I 59 61.02 -21.57 -26.38
C ILE I 59 60.82 -22.02 -24.95
N GLN I 60 59.58 -22.34 -24.58
CA GLN I 60 59.28 -22.68 -23.19
C GLN I 60 59.82 -24.05 -22.83
N GLU I 61 59.70 -25.04 -23.72
CA GLU I 61 59.94 -26.44 -23.36
C GLU I 61 60.92 -27.18 -24.26
N GLY I 62 60.97 -26.84 -25.55
CA GLY I 62 61.67 -27.68 -26.50
C GLY I 62 63.17 -27.73 -26.28
N ILE I 63 63.77 -26.59 -25.92
CA ILE I 63 65.22 -26.53 -25.87
C ILE I 63 65.77 -27.36 -24.70
N ILE I 64 64.99 -27.49 -23.61
CA ILE I 64 65.47 -28.19 -22.42
C ILE I 64 64.98 -29.64 -22.41
N GLU I 65 63.94 -29.97 -23.19
CA GLU I 65 63.38 -31.31 -23.12
C GLU I 65 64.31 -32.37 -23.70
N ALA I 66 65.34 -31.94 -24.44
CA ALA I 66 66.27 -32.85 -25.11
C ALA I 66 67.13 -33.61 -24.10
N PHE I 67 67.22 -33.11 -22.86
CA PHE I 67 68.00 -33.73 -21.81
C PHE I 67 67.19 -34.71 -20.98
N ASP I 68 66.08 -35.24 -21.54
CA ASP I 68 65.21 -36.24 -20.91
C ASP I 68 64.35 -35.68 -19.78
N PHE I 69 64.35 -34.36 -19.58
CA PHE I 69 63.58 -33.74 -18.49
C PHE I 69 62.25 -33.30 -19.08
N GLN I 70 61.16 -33.88 -18.59
CA GLN I 70 59.81 -33.65 -19.07
C GLN I 70 59.06 -32.74 -18.11
N LYS I 71 58.25 -31.83 -18.66
CA LYS I 71 57.44 -30.92 -17.86
C LYS I 71 56.07 -31.50 -17.57
N ARG I 72 55.58 -31.23 -16.35
CA ARG I 72 54.29 -31.72 -15.89
C ARG I 72 53.19 -30.80 -16.40
N GLN I 73 52.18 -31.37 -17.06
CA GLN I 73 51.14 -30.61 -17.74
C GLN I 73 49.79 -31.00 -17.15
N SER I 74 48.98 -30.00 -16.79
CA SER I 74 47.72 -30.30 -16.11
C SER I 74 46.76 -30.97 -17.08
N LYS I 75 46.21 -32.11 -16.67
CA LYS I 75 45.31 -32.89 -17.51
C LYS I 75 44.18 -33.50 -16.71
N ARG I 76 43.10 -33.83 -17.40
CA ARG I 76 41.97 -34.44 -16.73
C ARG I 76 42.33 -35.86 -16.29
N ALA I 77 42.00 -36.20 -15.05
CA ALA I 77 42.12 -37.59 -14.59
C ALA I 77 41.28 -38.49 -15.47
N TYR I 78 41.77 -39.71 -15.73
CA TYR I 78 41.07 -40.62 -16.64
C TYR I 78 41.47 -42.05 -16.33
N GLY I 79 40.55 -42.96 -16.64
CA GLY I 79 40.88 -44.36 -16.59
C GLY I 79 39.71 -45.23 -16.97
N ASP I 80 39.93 -46.54 -16.92
CA ASP I 80 38.97 -47.50 -17.45
C ASP I 80 37.92 -47.83 -16.42
N VAL I 81 36.66 -47.89 -16.86
CA VAL I 81 35.52 -48.19 -16.01
C VAL I 81 34.74 -49.34 -16.63
N THR I 82 34.38 -50.33 -15.80
CA THR I 82 33.67 -51.53 -16.22
C THR I 82 32.21 -51.44 -15.79
N ILE I 83 31.30 -51.73 -16.72
CA ILE I 83 29.86 -51.74 -16.45
C ILE I 83 29.36 -53.16 -16.60
N GLN I 84 28.58 -53.61 -15.62
CA GLN I 84 27.94 -54.92 -15.63
C GLN I 84 26.44 -54.78 -15.80
N PHE I 85 25.86 -55.67 -16.56
CA PHE I 85 24.44 -55.72 -16.86
C PHE I 85 23.75 -56.81 -16.04
N TYR I 86 22.45 -56.64 -15.81
CA TYR I 86 21.66 -57.67 -15.12
C TYR I 86 21.63 -58.97 -15.92
N GLN I 87 21.49 -58.86 -17.24
CA GLN I 87 21.31 -59.99 -18.14
C GLN I 87 22.01 -59.67 -19.45
N PRO I 88 22.20 -60.65 -20.34
CA PRO I 88 22.86 -60.35 -21.62
C PRO I 88 21.98 -59.55 -22.54
N LEU I 89 22.58 -58.54 -23.16
CA LEU I 89 21.85 -57.60 -24.00
C LEU I 89 21.18 -58.31 -25.17
N ASP I 90 20.08 -57.73 -25.62
CA ASP I 90 19.30 -58.23 -26.75
C ASP I 90 19.31 -57.26 -27.92
N MET I 91 19.50 -55.97 -27.66
CA MET I 91 19.55 -54.95 -28.70
C MET I 91 20.73 -54.03 -28.43
N ARG I 92 21.25 -53.42 -29.49
CA ARG I 92 22.39 -52.53 -29.37
C ARG I 92 21.99 -51.31 -28.53
N MET I 93 22.75 -51.08 -27.46
CA MET I 93 22.46 -50.06 -26.47
C MET I 93 23.27 -48.81 -26.77
N TYR I 94 22.72 -47.66 -26.41
CA TYR I 94 23.33 -46.38 -26.74
C TYR I 94 23.68 -45.61 -25.48
N ILE I 95 24.93 -45.13 -25.44
CA ILE I 95 25.56 -44.43 -24.33
C ILE I 95 26.13 -43.13 -24.86
N PRO I 96 25.44 -41.99 -24.77
CA PRO I 96 25.99 -40.75 -25.33
C PRO I 96 27.20 -40.23 -24.56
N ALA I 97 28.02 -39.45 -25.27
CA ALA I 97 29.01 -38.61 -24.62
C ALA I 97 28.34 -37.67 -23.64
N GLY I 98 29.06 -37.31 -22.58
CA GLY I 98 28.47 -36.56 -21.51
C GLY I 98 27.70 -37.38 -20.51
N THR I 99 27.60 -38.69 -20.72
CA THR I 99 27.02 -39.57 -19.71
C THR I 99 27.81 -39.42 -18.42
N THR I 100 27.11 -39.07 -17.35
CA THR I 100 27.70 -38.47 -16.16
C THR I 100 27.74 -39.48 -15.01
N PHE I 101 28.75 -39.32 -14.14
CA PHE I 101 29.08 -40.30 -13.12
C PHE I 101 29.33 -39.63 -11.77
N THR I 102 28.80 -40.24 -10.70
CA THR I 102 28.85 -39.69 -9.35
C THR I 102 29.12 -40.78 -8.34
N SER I 103 29.79 -40.42 -7.23
CA SER I 103 30.18 -41.37 -6.21
C SER I 103 29.23 -41.32 -5.02
N THR I 104 28.66 -42.48 -4.67
CA THR I 104 27.74 -42.56 -3.54
C THR I 104 28.44 -42.49 -2.18
N ARG I 105 29.76 -42.68 -2.15
CA ARG I 105 30.51 -42.59 -0.91
C ARG I 105 30.49 -41.16 -0.39
N GLN I 106 30.27 -41.00 0.92
CA GLN I 106 30.09 -39.64 1.42
C GLN I 106 31.40 -38.87 1.50
N GLU I 107 32.54 -39.57 1.47
CA GLU I 107 33.83 -38.90 1.58
C GLU I 107 34.41 -38.50 0.22
N TYR I 108 33.75 -38.87 -0.88
CA TYR I 108 34.25 -38.63 -2.23
C TYR I 108 33.18 -37.91 -3.04
N PRO I 109 33.22 -36.56 -3.08
CA PRO I 109 32.26 -35.85 -3.95
C PRO I 109 32.69 -35.75 -5.41
N GLN I 110 33.68 -36.53 -5.82
CA GLN I 110 34.21 -36.44 -7.17
C GLN I 110 33.15 -36.85 -8.20
N GLN I 111 33.30 -36.34 -9.43
CA GLN I 111 32.40 -36.69 -10.53
C GLN I 111 33.19 -36.85 -11.82
N PHE I 112 32.70 -37.75 -12.69
CA PHE I 112 33.34 -37.99 -13.98
C PHE I 112 32.31 -37.90 -15.10
N GLU I 113 32.79 -37.82 -16.33
CA GLU I 113 31.91 -37.88 -17.50
C GLU I 113 32.69 -38.47 -18.67
N THR I 114 31.94 -38.96 -19.67
CA THR I 114 32.53 -39.48 -20.90
C THR I 114 32.68 -38.39 -21.97
N LEU I 115 33.78 -38.46 -22.72
CA LEU I 115 34.04 -37.49 -23.77
C LEU I 115 33.44 -37.87 -25.13
N VAL I 116 33.42 -39.16 -25.47
CA VAL I 116 33.01 -39.61 -26.80
C VAL I 116 31.89 -40.65 -26.65
N ASP I 117 31.15 -40.84 -27.73
CA ASP I 117 30.04 -41.79 -27.71
C ASP I 117 30.57 -43.23 -27.72
N TYR I 118 29.94 -44.08 -26.91
CA TYR I 118 30.19 -45.52 -26.95
C TYR I 118 28.89 -46.28 -27.13
N TYR I 119 29.00 -47.47 -27.71
CA TYR I 119 27.89 -48.36 -27.98
C TYR I 119 28.19 -49.76 -27.45
N ALA I 120 27.15 -50.44 -27.00
CA ALA I 120 27.23 -51.82 -26.56
C ALA I 120 26.53 -52.73 -27.56
N GLU I 121 27.26 -53.71 -28.08
CA GLU I 121 26.69 -54.59 -29.11
C GLU I 121 25.68 -55.54 -28.47
N PRO I 122 24.65 -55.96 -29.22
CA PRO I 122 23.67 -56.90 -28.65
C PRO I 122 24.26 -58.16 -28.05
N ASP I 123 25.32 -58.70 -28.65
CA ASP I 123 25.90 -59.94 -28.17
C ASP I 123 26.75 -59.73 -26.92
N SER I 124 27.28 -58.53 -26.72
CA SER I 124 28.15 -58.25 -25.60
C SER I 124 27.36 -58.35 -24.29
N THR I 125 28.10 -58.55 -23.19
CA THR I 125 27.54 -58.59 -21.84
C THR I 125 28.31 -57.76 -20.83
N GLU I 126 29.55 -57.36 -21.14
CA GLU I 126 30.37 -56.56 -20.25
C GLU I 126 31.18 -55.59 -21.09
N ILE I 127 31.12 -54.30 -20.74
CA ILE I 127 31.69 -53.23 -21.55
C ILE I 127 32.59 -52.40 -20.67
N VAL I 128 33.75 -52.03 -21.20
CA VAL I 128 34.68 -51.11 -20.55
C VAL I 128 34.62 -49.78 -21.29
N VAL I 129 34.36 -48.70 -20.57
CA VAL I 129 34.28 -47.36 -21.13
C VAL I 129 35.15 -46.45 -20.27
N GLU I 130 35.88 -45.57 -20.89
CA GLU I 130 36.74 -44.61 -20.24
C GLU I 130 35.88 -43.38 -19.82
N VAL I 131 36.31 -42.73 -18.75
CA VAL I 131 35.64 -41.54 -18.22
C VAL I 131 36.70 -40.51 -17.86
N TYR I 132 36.28 -39.25 -17.82
CA TYR I 132 37.16 -38.12 -17.56
C TYR I 132 36.54 -37.26 -16.47
N CYS I 133 37.37 -36.85 -15.50
CA CYS I 133 36.90 -36.04 -14.39
C CYS I 133 36.38 -34.70 -14.86
N LYS I 134 35.43 -34.15 -14.12
CA LYS I 134 34.92 -32.81 -14.38
C LYS I 134 35.80 -31.71 -13.81
N GLU I 135 36.88 -32.05 -13.11
CA GLU I 135 37.77 -31.07 -12.50
C GLU I 135 39.21 -31.45 -12.77
N THR I 136 40.05 -30.43 -12.93
CA THR I 136 41.46 -30.61 -13.25
C THR I 136 42.27 -30.82 -11.96
N GLY I 137 43.53 -31.21 -12.14
CA GLY I 137 44.41 -31.45 -11.01
C GLY I 137 44.17 -32.80 -10.37
N VAL I 138 44.65 -32.89 -9.13
CA VAL I 138 44.57 -34.12 -8.32
C VAL I 138 43.20 -34.32 -7.70
N ALA I 139 42.24 -33.41 -7.94
CA ALA I 139 40.92 -33.59 -7.38
C ALA I 139 40.24 -34.82 -7.97
N GLY I 140 40.42 -35.04 -9.28
CA GLY I 140 39.93 -36.23 -9.93
C GLY I 140 40.41 -37.56 -9.36
N ASN I 141 41.55 -37.59 -8.68
CA ASN I 141 42.07 -38.88 -8.20
C ASN I 141 41.11 -39.52 -7.23
N VAL I 142 41.00 -40.85 -7.30
CA VAL I 142 40.03 -41.60 -6.50
C VAL I 142 40.49 -43.03 -6.31
N PRO I 143 40.27 -43.70 -5.17
CA PRO I 143 40.65 -45.12 -5.06
C PRO I 143 39.67 -46.02 -5.80
N GLU I 144 40.07 -47.30 -5.91
CA GLU I 144 39.27 -48.26 -6.68
C GLU I 144 37.91 -48.53 -6.02
N GLY I 145 36.89 -48.59 -6.87
CA GLY I 145 35.52 -48.85 -6.47
C GLY I 145 34.91 -47.70 -5.71
N THR I 146 34.68 -46.57 -6.41
CA THR I 146 34.16 -45.37 -5.76
C THR I 146 32.96 -44.77 -6.48
N ILE I 147 32.80 -44.98 -7.77
CA ILE I 147 31.68 -44.41 -8.50
C ILE I 147 30.39 -45.12 -8.06
N ASN I 148 30.24 -46.41 -8.40
CA ASN I 148 29.11 -47.25 -7.97
C ASN I 148 27.76 -46.83 -8.56
N THR I 149 27.73 -45.87 -9.49
CA THR I 149 26.48 -45.31 -9.99
C THR I 149 26.70 -44.71 -11.38
N ILE I 150 25.63 -44.71 -12.17
CA ILE I 150 25.54 -44.02 -13.44
C ILE I 150 24.31 -43.11 -13.45
N ALA I 151 24.47 -41.92 -14.02
CA ALA I 151 23.39 -40.92 -14.11
C ALA I 151 22.33 -41.20 -15.18
N SER I 152 22.58 -42.06 -16.17
CA SER I 152 21.61 -42.23 -17.27
C SER I 152 20.48 -43.20 -16.95
N GLY I 153 20.42 -43.74 -15.74
CA GLY I 153 19.26 -44.46 -15.25
C GLY I 153 18.74 -45.61 -16.11
N SER I 154 19.54 -46.21 -16.98
CA SER I 154 19.03 -47.30 -17.82
C SER I 154 19.07 -48.59 -17.02
N SER I 155 17.89 -49.20 -16.83
CA SER I 155 17.77 -50.27 -15.86
C SER I 155 18.50 -51.54 -16.27
N LEU I 156 19.03 -51.63 -17.50
CA LEU I 156 19.83 -52.80 -17.83
C LEU I 156 21.13 -52.86 -17.04
N ILE I 157 21.69 -51.70 -16.68
CA ILE I 157 22.98 -51.69 -16.00
C ILE I 157 22.81 -52.16 -14.56
N ARG I 158 23.67 -53.08 -14.13
CA ARG I 158 23.60 -53.64 -12.79
C ARG I 158 24.50 -52.89 -11.81
N SER I 159 25.78 -52.79 -12.11
CA SER I 159 26.72 -52.05 -11.27
C SER I 159 27.84 -51.51 -12.15
N VAL I 160 28.53 -50.48 -11.64
CA VAL I 160 29.62 -49.83 -12.36
C VAL I 160 30.75 -49.62 -11.37
N ASN I 161 31.99 -49.78 -11.84
CA ASN I 161 33.13 -49.54 -10.97
C ASN I 161 34.41 -49.39 -11.78
N ASN I 162 35.26 -48.48 -11.32
CA ASN I 162 36.57 -48.24 -11.93
C ASN I 162 37.57 -49.28 -11.41
N GLU I 163 38.16 -50.05 -12.34
CA GLU I 163 39.02 -51.16 -11.95
C GLU I 163 40.34 -50.68 -11.34
N TYR I 164 40.81 -49.50 -11.73
CA TYR I 164 42.10 -48.96 -11.31
C TYR I 164 41.93 -47.51 -10.88
N SER I 165 42.74 -47.10 -9.91
CA SER I 165 42.64 -45.75 -9.40
C SER I 165 43.16 -44.75 -10.43
N PHE I 166 42.54 -43.57 -10.46
CA PHE I 166 42.98 -42.50 -11.34
C PHE I 166 44.12 -41.74 -10.68
N ASN I 167 45.23 -41.60 -11.41
CA ASN I 167 46.41 -40.90 -10.90
C ASN I 167 47.02 -39.95 -11.93
N THR I 168 46.32 -39.65 -13.02
CA THR I 168 46.85 -38.84 -14.11
C THR I 168 46.51 -37.37 -13.97
N GLY I 169 45.85 -36.97 -12.88
CA GLY I 169 45.51 -35.58 -12.65
C GLY I 169 46.66 -34.75 -12.15
N THR I 170 47.68 -34.55 -12.99
CA THR I 170 48.90 -33.89 -12.57
C THR I 170 48.64 -32.45 -12.18
N LYS I 171 49.43 -31.95 -11.22
CA LYS I 171 49.27 -30.57 -10.78
C LYS I 171 49.96 -29.63 -11.76
N GLU I 172 49.72 -28.33 -11.57
CA GLU I 172 50.28 -27.27 -12.38
C GLU I 172 51.56 -26.72 -11.72
N GLU I 173 52.68 -26.83 -12.43
CA GLU I 173 53.97 -26.37 -11.93
C GLU I 173 54.52 -25.34 -12.91
N SER I 174 54.84 -24.16 -12.40
CA SER I 174 55.42 -23.11 -13.24
C SER I 174 56.83 -23.50 -13.67
N GLN I 175 57.27 -22.90 -14.78
CA GLN I 175 58.59 -23.22 -15.32
C GLN I 175 59.73 -22.69 -14.45
N GLU I 176 59.45 -21.85 -13.44
CA GLU I 176 60.51 -21.34 -12.57
C GLU I 176 61.21 -22.49 -11.84
N ASP I 177 60.44 -23.41 -11.26
CA ASP I 177 61.03 -24.53 -10.54
C ASP I 177 61.83 -25.44 -11.49
N PHE I 178 61.25 -25.76 -12.65
CA PHE I 178 61.99 -26.47 -13.69
C PHE I 178 63.33 -25.81 -14.00
N LYS I 179 63.31 -24.51 -14.28
CA LYS I 179 64.54 -23.80 -14.64
C LYS I 179 65.53 -23.84 -13.49
N ARG I 180 65.04 -23.69 -12.25
CA ARG I 180 65.90 -23.73 -11.09
C ARG I 180 66.60 -25.08 -10.98
N ARG I 181 65.81 -26.16 -11.08
CA ARG I 181 66.37 -27.50 -10.94
C ARG I 181 67.37 -27.82 -12.05
N PHE I 182 67.06 -27.39 -13.29
CA PHE I 182 67.98 -27.57 -14.40
C PHE I 182 69.28 -26.83 -14.16
N HIS I 183 69.21 -25.59 -13.67
CA HIS I 183 70.42 -24.83 -13.41
C HIS I 183 71.21 -25.45 -12.27
N SER I 184 70.52 -25.99 -11.27
CA SER I 184 71.21 -26.67 -10.17
C SER I 184 71.94 -27.92 -10.67
N PHE I 185 71.30 -28.68 -11.56
CA PHE I 185 71.94 -29.83 -12.16
C PHE I 185 73.14 -29.41 -12.99
N VAL I 186 73.04 -28.28 -13.69
CA VAL I 186 74.12 -27.86 -14.57
C VAL I 186 75.30 -27.35 -13.74
N GLU I 187 75.02 -26.72 -12.59
CA GLU I 187 76.09 -26.21 -11.74
C GLU I 187 76.78 -27.32 -10.95
N SER I 188 76.06 -28.41 -10.67
CA SER I 188 76.66 -29.52 -9.93
C SER I 188 77.70 -30.30 -10.74
N ARG I 189 77.77 -30.11 -12.06
CA ARG I 189 78.74 -30.82 -12.87
C ARG I 189 80.10 -30.13 -12.92
N GLY I 190 80.24 -28.96 -12.31
CA GLY I 190 81.53 -28.29 -12.29
C GLY I 190 82.56 -29.10 -11.52
N ARG I 191 83.81 -29.03 -11.99
CA ARG I 191 84.92 -29.76 -11.42
C ARG I 191 86.04 -28.79 -11.10
N ALA I 192 86.84 -29.13 -10.09
CA ALA I 192 87.95 -28.29 -9.65
C ALA I 192 87.47 -26.86 -9.34
N THR I 193 86.60 -26.79 -8.35
CA THR I 193 86.09 -25.53 -7.83
C THR I 193 85.83 -25.68 -6.34
N ASN I 194 85.97 -24.57 -5.61
CA ASN I 194 85.72 -24.59 -4.16
C ASN I 194 84.29 -25.01 -3.85
N LYS I 195 83.32 -24.37 -4.51
CA LYS I 195 81.92 -24.63 -4.19
C LYS I 195 81.52 -26.03 -4.61
N SER I 196 82.07 -26.51 -5.73
CA SER I 196 81.74 -27.85 -6.19
C SER I 196 82.34 -28.92 -5.26
N VAL I 197 83.62 -28.76 -4.90
CA VAL I 197 84.23 -29.63 -3.91
C VAL I 197 83.41 -29.65 -2.62
N ARG I 198 83.01 -28.47 -2.12
CA ARG I 198 82.19 -28.41 -0.90
C ARG I 198 80.89 -29.17 -1.08
N TYR I 199 80.23 -28.98 -2.21
CA TYR I 199 78.99 -29.69 -2.51
C TYR I 199 79.22 -31.19 -2.52
N GLY I 200 80.33 -31.63 -3.11
CA GLY I 200 80.62 -33.05 -3.20
C GLY I 200 80.91 -33.70 -1.87
N ALA I 201 81.41 -32.93 -0.89
CA ALA I 201 81.61 -33.46 0.44
C ALA I 201 80.30 -33.70 1.18
N LEU I 202 79.17 -33.20 0.65
CA LEU I 202 77.90 -33.33 1.36
C LEU I 202 77.25 -34.71 1.18
N GLN I 203 77.67 -35.46 0.15
CA GLN I 203 77.02 -36.74 -0.19
C GLN I 203 77.05 -37.73 0.97
N ILE I 204 78.12 -37.72 1.76
CA ILE I 204 78.19 -38.61 2.91
C ILE I 204 77.18 -38.13 3.96
N PRO I 205 76.34 -38.99 4.55
CA PRO I 205 75.36 -38.47 5.52
C PRO I 205 75.98 -37.83 6.75
N ASP I 206 77.15 -38.32 7.19
CA ASP I 206 77.76 -37.84 8.43
C ASP I 206 78.60 -36.58 8.22
N VAL I 207 78.76 -36.10 7.00
CA VAL I 207 79.53 -34.89 6.72
C VAL I 207 78.56 -33.73 6.63
N GLU I 208 78.58 -32.86 7.66
CA GLU I 208 77.65 -31.76 7.79
C GLU I 208 78.38 -30.42 7.81
N GLY I 209 79.31 -30.21 8.74
CA GLY I 209 79.97 -28.94 8.90
C GLY I 209 81.24 -28.81 8.08
N VAL I 210 81.10 -28.72 6.77
CA VAL I 210 82.23 -28.56 5.86
C VAL I 210 82.64 -27.09 5.86
N TYR I 211 83.94 -26.83 6.05
CA TYR I 211 84.50 -25.48 5.95
C TYR I 211 85.65 -25.50 4.96
N VAL I 212 85.67 -24.49 4.09
CA VAL I 212 86.62 -24.40 2.97
C VAL I 212 87.82 -23.56 3.40
N TYR I 213 89.02 -24.08 3.13
CA TYR I 213 90.27 -23.36 3.34
C TYR I 213 91.19 -23.60 2.15
N GLU I 214 91.99 -22.58 1.79
CA GLU I 214 92.83 -22.62 0.61
C GLU I 214 94.28 -22.29 0.97
N GLU I 215 95.21 -23.08 0.43
CA GLU I 215 96.64 -22.89 0.65
C GLU I 215 97.40 -23.58 -0.47
N THR I 216 98.26 -22.82 -1.16
CA THR I 216 98.98 -23.36 -2.31
C THR I 216 99.94 -24.47 -1.91
N GLY I 217 100.60 -24.33 -0.75
CA GLY I 217 101.53 -25.36 -0.31
C GLY I 217 100.84 -26.67 0.00
N HIS I 218 99.71 -26.61 0.71
CA HIS I 218 98.96 -27.80 1.05
C HIS I 218 97.51 -27.38 1.29
N ILE I 219 96.67 -27.54 0.27
CA ILE I 219 95.26 -27.23 0.43
C ILE I 219 94.62 -28.17 1.43
N THR I 220 93.64 -27.67 2.18
CA THR I 220 92.96 -28.47 3.19
C THR I 220 91.50 -28.04 3.29
N VAL I 221 90.64 -29.00 3.63
CA VAL I 221 89.22 -28.75 3.83
C VAL I 221 88.80 -29.55 5.05
N PHE I 222 88.07 -28.90 5.95
CA PHE I 222 87.74 -29.45 7.26
C PHE I 222 86.26 -29.82 7.31
N ALA I 223 85.95 -30.95 7.94
CA ALA I 223 84.57 -31.38 8.09
C ALA I 223 84.45 -32.31 9.30
N HIS I 224 83.26 -32.29 9.90
CA HIS I 224 83.01 -33.00 11.14
C HIS I 224 81.55 -33.45 11.17
N ASP I 225 81.25 -34.42 12.03
CA ASP I 225 79.91 -34.96 12.20
C ASP I 225 79.33 -34.49 13.54
N ARG I 226 78.03 -34.71 13.70
CA ARG I 226 77.36 -34.28 14.92
C ARG I 226 77.73 -35.17 16.10
N ASN I 227 77.97 -36.46 15.88
CA ASN I 227 78.26 -37.36 16.99
C ASN I 227 79.53 -36.96 17.69
N GLY I 228 80.56 -36.65 16.93
CA GLY I 228 81.77 -36.09 17.50
C GLY I 228 82.67 -35.41 16.51
N ASN I 229 83.97 -35.50 16.75
CA ASN I 229 84.90 -34.74 15.95
C ASN I 229 85.05 -35.37 14.56
N LEU I 230 85.79 -36.47 14.48
CA LEU I 230 85.97 -37.21 13.24
C LEU I 230 86.44 -38.61 13.59
N SER I 231 85.98 -39.60 12.84
CA SER I 231 86.50 -40.96 12.89
C SER I 231 87.50 -41.23 11.77
N ASP I 232 88.16 -42.38 11.87
CA ASP I 232 89.17 -42.78 10.89
C ASP I 232 88.52 -43.35 9.62
N THR I 233 87.50 -44.20 9.80
CA THR I 233 86.82 -44.77 8.64
C THR I 233 86.10 -43.69 7.85
N LEU I 234 85.42 -42.78 8.54
CA LEU I 234 84.76 -41.66 7.85
C LEU I 234 85.79 -40.77 7.16
N LYS I 235 86.93 -40.54 7.80
CA LYS I 235 87.93 -39.68 7.20
C LYS I 235 88.48 -40.32 5.93
N GLU I 236 88.70 -41.64 5.96
CA GLU I 236 89.17 -42.33 4.76
C GLU I 236 88.11 -42.29 3.67
N ASP I 237 86.84 -42.44 4.05
CA ASP I 237 85.76 -42.41 3.08
C ASP I 237 85.64 -41.02 2.45
N ILE I 238 85.89 -39.98 3.24
CA ILE I 238 85.85 -38.60 2.74
C ILE I 238 87.00 -38.37 1.78
N ILE I 239 88.19 -38.87 2.12
CA ILE I 239 89.33 -38.71 1.23
C ILE I 239 89.03 -39.39 -0.11
N ASP I 240 88.54 -40.63 -0.04
CA ASP I 240 88.33 -41.40 -1.27
C ASP I 240 87.17 -40.84 -2.10
N ALA I 241 86.12 -40.35 -1.44
CA ALA I 241 84.93 -39.84 -2.14
C ALA I 241 85.12 -38.44 -2.71
N LEU I 242 86.00 -37.63 -2.14
CA LEU I 242 86.17 -36.26 -2.65
C LEU I 242 86.93 -36.22 -3.97
N GLN I 243 87.66 -37.28 -4.32
CA GLN I 243 88.43 -37.28 -5.57
C GLN I 243 87.58 -37.05 -6.81
N ASP I 244 86.27 -37.27 -6.74
CA ASP I 244 85.40 -37.07 -7.91
C ASP I 244 85.30 -35.62 -8.34
N TYR I 245 85.63 -34.65 -7.47
CA TYR I 245 85.56 -33.23 -7.79
C TYR I 245 86.81 -32.48 -7.35
N ARG I 246 87.90 -33.17 -7.02
CA ARG I 246 89.12 -32.47 -6.67
C ARG I 246 89.85 -32.05 -7.95
N PRO I 247 90.77 -31.08 -7.86
CA PRO I 247 91.63 -30.83 -9.02
C PRO I 247 92.68 -31.91 -9.21
N SER I 248 93.60 -31.73 -10.16
CA SER I 248 94.59 -32.74 -10.45
C SER I 248 95.64 -32.83 -9.34
N GLY I 249 96.07 -34.05 -9.04
CA GLY I 249 97.11 -34.31 -8.08
C GLY I 249 96.62 -34.78 -6.72
N ILE I 250 95.47 -34.28 -6.27
CA ILE I 250 94.85 -34.77 -5.04
C ILE I 250 95.79 -34.51 -3.86
N MET I 251 96.10 -33.25 -3.60
CA MET I 251 97.03 -32.88 -2.53
C MET I 251 96.27 -32.45 -1.29
N LEU I 252 95.44 -33.38 -0.82
CA LEU I 252 94.51 -33.17 0.29
C LEU I 252 94.86 -34.12 1.42
N ASP I 253 94.80 -33.63 2.66
CA ASP I 253 94.74 -34.51 3.82
C ASP I 253 93.83 -33.88 4.86
N VAL I 254 92.62 -34.41 4.99
CA VAL I 254 91.63 -33.85 5.91
C VAL I 254 91.84 -34.41 7.31
N THR I 255 91.94 -33.49 8.26
CA THR I 255 92.18 -33.73 9.68
C THR I 255 90.96 -33.28 10.46
N GLY I 256 90.63 -34.01 11.53
CA GLY I 256 89.40 -33.71 12.25
C GLY I 256 89.63 -32.58 13.23
N VAL I 257 88.59 -31.73 13.36
CA VAL I 257 88.69 -30.48 14.11
C VAL I 257 89.18 -30.75 15.53
N GLU I 258 90.15 -29.95 15.97
CA GLU I 258 90.76 -30.14 17.29
C GLU I 258 89.97 -29.34 18.32
N LYS I 259 88.97 -30.00 18.91
CA LYS I 259 88.20 -29.41 20.00
C LYS I 259 89.07 -29.08 21.20
N GLU I 260 88.76 -27.95 21.82
CA GLU I 260 89.38 -27.48 23.05
C GLU I 260 88.29 -27.05 24.02
N GLU I 261 88.56 -27.24 25.31
CA GLU I 261 87.60 -26.96 26.37
C GLU I 261 88.07 -25.73 27.13
N VAL I 262 87.09 -25.00 27.69
CA VAL I 262 87.32 -23.77 28.42
C VAL I 262 86.77 -23.97 29.82
N ASN I 263 87.52 -23.51 30.81
CA ASN I 263 87.14 -23.61 32.21
C ASN I 263 87.40 -22.26 32.88
N VAL I 264 86.38 -21.75 33.56
CA VAL I 264 86.38 -20.39 34.10
C VAL I 264 85.81 -20.42 35.50
N SER I 265 86.46 -19.67 36.40
CA SER I 265 86.19 -19.62 37.83
C SER I 265 85.74 -18.22 38.26
N ALA I 266 85.00 -17.55 37.38
CA ALA I 266 84.79 -16.10 37.50
C ALA I 266 84.16 -15.70 38.83
N THR I 267 84.66 -14.62 39.43
CA THR I 267 84.11 -14.03 40.63
C THR I 267 83.30 -12.79 40.24
N VAL I 268 82.04 -12.74 40.64
CA VAL I 268 81.06 -11.76 40.16
C VAL I 268 80.58 -10.92 41.35
N THR I 269 80.70 -9.60 41.24
CA THR I 269 80.42 -8.67 42.31
C THR I 269 79.06 -8.02 42.08
N ILE I 270 78.17 -8.13 43.06
CA ILE I 270 76.77 -7.73 42.94
C ILE I 270 76.43 -6.75 44.05
N SER I 271 75.90 -5.58 43.65
CA SER I 271 75.52 -4.51 44.58
C SER I 271 74.02 -4.52 44.85
N ASN I 272 73.46 -5.67 45.21
CA ASN I 272 72.03 -5.80 45.43
C ASN I 272 71.82 -6.96 46.38
N LYS I 273 71.25 -6.66 47.55
CA LYS I 273 71.18 -7.59 48.66
C LYS I 273 69.85 -8.34 48.71
N SER I 274 69.04 -8.25 47.67
CA SER I 274 67.76 -8.95 47.57
C SER I 274 67.70 -9.85 46.35
N ARG I 275 68.09 -9.34 45.18
CA ARG I 275 68.13 -10.18 43.99
C ARG I 275 69.22 -11.25 44.07
N ILE I 276 70.19 -11.08 44.96
CA ILE I 276 71.21 -12.06 45.29
C ILE I 276 70.58 -13.44 45.49
N GLY I 277 70.93 -14.38 44.62
CA GLY I 277 70.29 -15.68 44.61
C GLY I 277 70.90 -16.60 43.57
N ASP I 278 70.67 -17.90 43.78
CA ASP I 278 71.14 -18.91 42.83
C ASP I 278 70.45 -18.80 41.47
N THR I 279 69.30 -18.13 41.38
CA THR I 279 68.70 -17.91 40.06
C THR I 279 69.65 -17.11 39.16
N LEU I 280 70.16 -15.98 39.67
CA LEU I 280 71.11 -15.16 38.93
C LEU I 280 72.39 -15.93 38.61
N GLN I 281 72.89 -16.69 39.58
CA GLN I 281 74.06 -17.54 39.38
C GLN I 281 73.87 -18.46 38.17
N LYS I 282 72.73 -19.17 38.15
CA LYS I 282 72.43 -20.11 37.08
C LYS I 282 72.27 -19.38 35.75
N HIS I 283 71.62 -18.22 35.77
CA HIS I 283 71.43 -17.45 34.53
C HIS I 283 72.76 -17.03 33.94
N ILE I 284 73.68 -16.53 34.78
CA ILE I 284 74.96 -16.08 34.27
C ILE I 284 75.76 -17.27 33.73
N GLU I 285 75.70 -18.41 34.44
CA GLU I 285 76.40 -19.61 33.96
C GLU I 285 75.84 -20.07 32.62
N SER I 286 74.51 -20.03 32.45
CA SER I 286 73.92 -20.43 31.17
C SER I 286 74.32 -19.45 30.07
N VAL I 287 74.36 -18.15 30.39
CA VAL I 287 74.74 -17.14 29.40
C VAL I 287 76.17 -17.38 28.94
N ILE I 288 77.10 -17.55 29.90
CA ILE I 288 78.51 -17.78 29.56
C ILE I 288 78.65 -19.06 28.73
N ARG I 289 77.95 -20.14 29.13
CA ARG I 289 78.06 -21.38 28.37
C ARG I 289 77.54 -21.21 26.95
N SER I 290 76.43 -20.47 26.77
CA SER I 290 75.89 -20.31 25.44
C SER I 290 76.80 -19.43 24.57
N TYR I 291 77.36 -18.37 25.16
CA TYR I 291 78.29 -17.50 24.44
C TYR I 291 79.52 -18.28 24.00
N LEU I 292 80.07 -19.09 24.91
CA LEU I 292 81.15 -20.01 24.56
C LEU I 292 80.75 -20.94 23.41
N ASN I 293 79.51 -21.45 23.44
CA ASN I 293 79.02 -22.27 22.33
C ASN I 293 78.74 -21.44 21.08
N ASN I 294 78.48 -20.14 21.22
CA ASN I 294 78.10 -19.30 20.09
C ASN I 294 79.30 -18.74 19.31
N LEU I 295 80.50 -19.27 19.51
CA LEU I 295 81.67 -18.70 18.87
C LEU I 295 81.83 -19.27 17.48
N LYS I 296 82.31 -18.43 16.55
CA LYS I 296 82.51 -18.84 15.16
C LYS I 296 83.86 -19.52 14.92
N THR I 297 84.40 -20.23 15.92
CA THR I 297 85.59 -21.10 15.82
C THR I 297 86.72 -20.48 14.99
N SER I 298 86.98 -19.20 15.24
CA SER I 298 88.08 -18.51 14.58
C SER I 298 88.50 -17.29 15.38
N ASP I 299 89.33 -17.51 16.39
CA ASP I 299 89.93 -16.44 17.19
C ASP I 299 88.86 -15.50 17.75
N ASP I 300 87.80 -16.08 18.30
CA ASP I 300 86.70 -15.29 18.87
C ASP I 300 86.76 -15.17 20.38
N LEU I 301 87.71 -15.82 21.05
CA LEU I 301 87.71 -15.90 22.51
C LEU I 301 88.68 -14.86 23.05
N ILE I 302 88.14 -13.94 23.85
CA ILE I 302 88.94 -12.89 24.48
C ILE I 302 88.25 -12.51 25.79
N ILE I 303 89.05 -12.11 26.77
CA ILE I 303 88.51 -11.80 28.08
C ILE I 303 87.60 -10.58 28.02
N THR I 304 88.02 -9.54 27.28
CA THR I 304 87.18 -8.34 27.12
C THR I 304 85.76 -8.67 26.66
N ASP I 305 85.62 -9.55 25.68
CA ASP I 305 84.29 -9.86 25.15
C ASP I 305 83.45 -10.54 26.23
N LEU I 306 84.07 -11.41 27.00
CA LEU I 306 83.38 -12.10 28.09
C LEU I 306 82.93 -11.11 29.16
N ILE I 307 83.77 -10.12 29.45
CA ILE I 307 83.41 -9.05 30.38
C ILE I 307 82.24 -8.24 29.85
N GLN I 308 82.27 -7.94 28.54
CA GLN I 308 81.19 -7.15 27.95
C GLN I 308 79.88 -7.93 27.97
N ALA I 309 79.95 -9.23 27.73
CA ALA I 309 78.77 -10.08 27.80
C ALA I 309 78.20 -10.06 29.21
N ILE I 310 79.06 -10.22 30.21
CA ILE I 310 78.60 -10.18 31.60
C ILE I 310 78.01 -8.82 31.94
N MET I 311 78.60 -7.75 31.40
CA MET I 311 78.11 -6.40 31.66
C MET I 311 76.92 -6.01 30.79
N ASN I 312 76.47 -6.87 29.86
CA ASN I 312 75.19 -6.63 29.18
C ASN I 312 74.04 -6.59 30.17
N ILE I 313 74.19 -7.17 31.35
CA ILE I 313 73.18 -7.05 32.38
C ILE I 313 73.26 -5.63 32.93
N ASP I 314 72.12 -5.11 33.41
CA ASP I 314 72.07 -3.72 33.84
C ASP I 314 73.10 -3.46 34.94
N ASP I 315 73.84 -2.35 34.81
CA ASP I 315 74.93 -2.04 35.73
C ASP I 315 74.45 -1.71 37.14
N VAL I 316 73.16 -1.52 37.35
CA VAL I 316 72.65 -1.26 38.70
C VAL I 316 72.92 -2.46 39.59
N LEU I 317 72.75 -3.67 39.04
CA LEU I 317 72.96 -4.92 39.78
C LEU I 317 74.41 -5.37 39.69
N ILE I 318 74.90 -5.60 38.48
CA ILE I 318 76.27 -6.05 38.27
C ILE I 318 77.22 -4.88 38.53
N TYR I 319 78.21 -5.12 39.37
CA TYR I 319 79.24 -4.13 39.67
C TYR I 319 80.58 -4.48 39.05
N ASP I 320 81.13 -5.65 39.39
CA ASP I 320 82.46 -6.02 38.94
C ASP I 320 82.57 -7.53 38.77
N VAL I 321 83.27 -7.96 37.73
CA VAL I 321 83.64 -9.35 37.52
C VAL I 321 85.15 -9.41 37.35
N SER I 322 85.79 -10.31 38.09
CA SER I 322 87.24 -10.48 38.06
C SER I 322 87.56 -11.91 37.63
N PHE I 323 87.94 -12.07 36.37
CA PHE I 323 88.45 -13.34 35.88
C PHE I 323 89.75 -13.68 36.60
N ASP I 324 90.04 -14.99 36.78
CA ASP I 324 91.33 -15.34 37.37
C ASP I 324 91.99 -16.49 36.61
N ASN I 325 91.19 -17.41 36.07
CA ASN I 325 91.72 -18.53 35.32
C ASN I 325 92.16 -18.12 33.92
N LEU I 326 91.45 -17.19 33.29
CA LEU I 326 91.87 -16.67 32.00
C LEU I 326 93.08 -15.75 32.22
N ASP I 327 94.27 -16.31 32.09
CA ASP I 327 95.53 -15.58 32.22
C ASP I 327 96.04 -15.03 30.89
N GLU I 328 95.40 -15.37 29.79
CA GLU I 328 95.81 -14.89 28.47
C GLU I 328 94.64 -15.08 27.53
N ASN I 329 94.77 -14.50 26.34
CA ASN I 329 93.71 -14.56 25.33
C ASN I 329 94.00 -15.75 24.43
N ILE I 330 93.17 -16.78 24.57
CA ILE I 330 93.35 -18.03 23.84
C ILE I 330 92.85 -17.84 22.42
N ILE I 331 93.69 -18.16 21.44
CA ILE I 331 93.38 -17.92 20.03
C ILE I 331 93.66 -19.22 19.28
N VAL I 332 92.68 -20.13 19.29
CA VAL I 332 92.85 -21.43 18.62
C VAL I 332 93.08 -21.20 17.13
N PRO I 333 93.97 -21.94 16.46
CA PRO I 333 94.10 -21.77 15.00
C PRO I 333 92.84 -22.21 14.26
N PRO I 334 92.80 -22.03 12.92
CA PRO I 334 91.63 -22.49 12.16
C PRO I 334 91.43 -24.00 12.18
N GLN I 335 92.46 -24.78 12.50
CA GLN I 335 92.24 -26.23 12.61
C GLN I 335 91.34 -26.50 13.80
N GLY I 336 91.65 -25.92 14.98
CA GLY I 336 90.91 -26.28 16.16
C GLY I 336 89.64 -25.49 16.32
N ILE I 337 88.89 -25.84 17.37
CA ILE I 337 87.63 -25.20 17.73
C ILE I 337 87.56 -25.10 19.24
N ILE I 338 87.14 -23.94 19.74
CA ILE I 338 87.03 -23.67 21.18
C ILE I 338 85.55 -23.68 21.53
N ARG I 339 85.20 -24.36 22.63
CA ARG I 339 83.82 -24.56 23.04
C ARG I 339 83.74 -24.47 24.56
N ALA I 340 82.51 -24.49 25.07
CA ALA I 340 82.28 -24.34 26.50
C ALA I 340 82.79 -25.56 27.25
N GLY I 341 82.80 -25.45 28.58
CA GLY I 341 83.25 -26.51 29.46
C GLY I 341 82.58 -26.43 30.80
N GLU I 342 83.36 -26.60 31.88
CA GLU I 342 82.86 -26.36 33.23
C GLU I 342 83.05 -24.88 33.55
N ILE I 343 81.95 -24.21 33.86
CA ILE I 343 81.86 -22.76 33.94
C ILE I 343 81.19 -22.40 35.26
N LYS I 344 81.85 -21.60 36.10
CA LYS I 344 81.35 -21.23 37.42
C LYS I 344 81.19 -19.73 37.61
N VAL I 345 80.18 -19.38 38.40
CA VAL I 345 79.91 -18.03 38.88
C VAL I 345 79.91 -18.11 40.40
N GLU I 346 80.82 -17.38 41.05
CA GLU I 346 80.82 -17.25 42.50
C GLU I 346 80.58 -15.79 42.86
N LEU I 347 79.67 -15.57 43.81
CA LEU I 347 79.15 -14.24 44.08
C LEU I 347 80.02 -13.53 45.11
N LYS I 348 80.09 -12.21 44.98
CA LYS I 348 81.03 -11.38 45.74
C LYS I 348 80.38 -10.07 46.13
N ALA J 2 26.73 -8.77 27.64
CA ALA J 2 26.10 -9.63 26.60
C ALA J 2 26.90 -10.91 26.40
N ASN J 3 26.34 -11.86 25.68
CA ASN J 3 27.01 -13.12 25.41
C ASN J 3 26.65 -13.61 24.01
N PHE J 4 27.59 -14.38 23.43
CA PHE J 4 27.58 -14.77 22.02
C PHE J 4 26.24 -15.29 21.52
N LEU J 5 25.41 -15.87 22.40
CA LEU J 5 24.11 -16.37 21.96
C LEU J 5 23.17 -15.22 21.60
N LYS J 6 23.14 -14.17 22.43
CA LYS J 6 22.08 -13.18 22.37
C LYS J 6 22.14 -12.35 21.09
N ASN J 7 23.34 -11.96 20.67
CA ASN J 7 23.62 -11.10 19.52
C ASN J 7 23.67 -11.84 18.19
N LEU J 8 23.99 -13.14 18.18
CA LEU J 8 24.18 -13.88 16.93
C LEU J 8 22.89 -13.90 16.11
N HIS J 9 23.06 -13.78 14.75
CA HIS J 9 22.06 -13.74 13.66
C HIS J 9 20.68 -14.24 14.12
N PRO J 10 19.66 -13.38 14.22
CA PRO J 10 18.40 -13.79 14.86
C PRO J 10 17.60 -14.90 14.19
N LEU J 11 17.95 -15.41 13.01
CA LEU J 11 17.25 -16.56 12.45
C LEU J 11 17.89 -17.90 12.81
N LEU J 12 19.10 -17.90 13.37
CA LEU J 12 19.74 -19.17 13.70
C LEU J 12 19.18 -19.75 15.00
N ARG J 13 19.36 -21.07 15.14
CA ARG J 13 18.86 -21.80 16.29
C ARG J 13 19.58 -21.38 17.58
N ARG J 14 18.96 -21.74 18.72
CA ARG J 14 19.49 -21.41 20.03
C ARG J 14 19.37 -22.56 21.03
N ASP J 15 19.11 -23.79 20.57
CA ASP J 15 18.85 -24.89 21.48
C ASP J 15 18.90 -26.21 20.71
N ARG J 16 19.14 -27.30 21.46
CA ARG J 16 19.29 -28.63 20.90
C ARG J 16 18.10 -29.05 20.05
N ASN J 17 18.39 -29.73 18.93
CA ASN J 17 17.33 -30.27 18.09
C ASN J 17 16.83 -31.60 18.66
N LYS J 18 15.50 -31.78 18.68
CA LYS J 18 14.87 -33.02 19.14
C LYS J 18 14.70 -34.06 18.04
N LYS J 19 14.84 -33.67 16.77
CA LYS J 19 14.72 -34.63 15.65
C LYS J 19 15.85 -35.65 15.64
N ASP J 20 17.08 -35.23 15.96
CA ASP J 20 18.24 -36.10 15.91
C ASP J 20 19.17 -35.74 17.06
N ASN J 21 20.07 -36.68 17.41
CA ASN J 21 20.97 -36.44 18.53
C ASN J 21 22.18 -35.62 18.12
N GLN J 22 22.67 -35.82 16.90
CA GLN J 22 23.86 -35.14 16.38
C GLN J 22 23.46 -33.78 15.83
N ASP J 23 24.05 -32.72 16.37
CA ASP J 23 23.77 -31.35 15.92
C ASP J 23 25.10 -30.60 15.79
N PRO J 24 25.73 -30.62 14.60
CA PRO J 24 26.96 -29.81 14.43
C PRO J 24 26.73 -28.32 14.72
N ASN J 25 25.57 -27.78 14.32
CA ASN J 25 25.23 -26.41 14.68
C ASN J 25 25.34 -26.19 16.19
N PHE J 26 24.68 -27.06 16.96
CA PHE J 26 24.67 -26.89 18.40
C PHE J 26 26.05 -27.12 18.98
N ALA J 27 26.85 -28.03 18.40
CA ALA J 27 28.21 -28.22 18.90
C ALA J 27 29.05 -26.96 18.69
N LEU J 28 28.96 -26.37 17.50
CA LEU J 28 29.77 -25.18 17.22
C LEU J 28 29.39 -24.04 18.16
N ILE J 29 28.08 -23.75 18.25
CA ILE J 29 27.63 -22.65 19.09
C ILE J 29 27.96 -22.90 20.55
N ASP J 30 27.78 -24.14 21.03
CA ASP J 30 28.13 -24.47 22.41
C ASP J 30 29.61 -24.25 22.68
N ALA J 31 30.48 -24.74 21.78
CA ALA J 31 31.92 -24.57 21.96
C ALA J 31 32.29 -23.09 22.03
N LEU J 32 31.71 -22.27 21.14
CA LEU J 32 32.07 -20.86 21.10
C LEU J 32 31.53 -20.14 22.32
N ASN J 33 30.30 -20.45 22.73
CA ASN J 33 29.72 -19.93 23.95
C ASN J 33 30.58 -20.28 25.16
N GLU J 34 31.00 -21.53 25.27
CA GLU J 34 31.78 -21.98 26.41
C GLU J 34 33.13 -21.27 26.47
N GLU J 35 33.80 -21.16 25.32
CA GLU J 35 35.09 -20.46 25.27
C GLU J 35 34.95 -18.99 25.67
N MET J 36 33.94 -18.32 25.14
CA MET J 36 33.86 -16.89 25.37
C MET J 36 33.34 -16.57 26.78
N ASN J 37 32.54 -17.46 27.36
CA ASN J 37 32.18 -17.30 28.77
C ASN J 37 33.36 -17.63 29.69
N GLN J 38 34.25 -18.53 29.28
CA GLN J 38 35.42 -18.76 30.11
C GLN J 38 36.34 -17.54 30.06
N VAL J 39 36.50 -16.95 28.87
CA VAL J 39 37.27 -15.72 28.73
C VAL J 39 36.64 -14.61 29.56
N GLU J 40 35.31 -14.55 29.59
CA GLU J 40 34.61 -13.55 30.40
C GLU J 40 34.91 -13.73 31.87
N LYS J 41 34.86 -14.96 32.36
CA LYS J 41 35.22 -15.23 33.76
C LYS J 41 36.65 -14.80 34.04
N ASP J 42 37.57 -15.10 33.12
CA ASP J 42 38.97 -14.70 33.30
C ASP J 42 39.11 -13.19 33.38
N ALA J 43 38.39 -12.47 32.52
CA ALA J 43 38.43 -11.01 32.48
C ALA J 43 37.81 -10.39 33.72
N ILE J 44 36.72 -10.96 34.24
CA ILE J 44 36.24 -10.45 35.54
C ILE J 44 37.29 -10.70 36.62
N GLU J 45 37.96 -11.85 36.61
CA GLU J 45 38.95 -12.11 37.65
C GLU J 45 40.19 -11.24 37.50
N SER J 46 40.40 -10.63 36.33
CA SER J 46 41.54 -9.74 36.12
C SER J 46 41.50 -8.50 37.01
N LYS J 47 40.33 -8.08 37.45
CA LYS J 47 40.20 -6.91 38.32
C LYS J 47 40.98 -7.09 39.63
N LEU J 48 41.01 -8.31 40.15
CA LEU J 48 41.71 -8.59 41.40
C LEU J 48 43.23 -8.46 41.26
N GLN J 49 43.76 -8.75 40.07
CA GLN J 49 45.21 -8.67 39.90
C GLN J 49 45.69 -7.23 39.76
N SER J 50 44.79 -6.29 39.46
CA SER J 50 45.14 -4.88 39.36
C SER J 50 45.24 -4.18 40.70
N SER J 51 44.94 -4.87 41.80
CA SER J 51 45.00 -4.31 43.15
C SER J 51 45.98 -5.13 43.98
N LEU J 52 46.78 -4.43 44.77
CA LEU J 52 47.75 -5.10 45.63
C LEU J 52 47.05 -5.95 46.68
N LYS J 53 45.82 -5.59 47.03
CA LYS J 53 45.08 -6.30 48.07
C LYS J 53 44.75 -7.73 47.69
N THR J 54 44.71 -8.05 46.39
CA THR J 54 44.37 -9.37 45.89
C THR J 54 45.31 -9.87 44.80
N SER J 55 46.36 -9.12 44.44
CA SER J 55 47.28 -9.58 43.42
C SER J 55 48.05 -10.80 43.91
N THR J 56 48.31 -11.73 43.00
CA THR J 56 48.93 -13.01 43.32
C THR J 56 49.94 -13.38 42.25
N SER J 57 50.95 -14.15 42.66
CA SER J 57 51.93 -14.75 41.75
C SER J 57 52.72 -13.64 41.08
N GLU J 58 52.63 -13.48 39.75
CA GLU J 58 53.51 -12.57 39.03
C GLU J 58 53.17 -11.11 39.30
N TYR J 59 51.91 -10.83 39.62
CA TYR J 59 51.48 -9.44 39.81
C TYR J 59 51.86 -8.97 41.20
N LEU J 60 51.84 -9.89 42.16
CA LEU J 60 52.38 -9.59 43.48
C LEU J 60 53.89 -9.39 43.41
N ASP J 61 54.57 -10.17 42.58
CA ASP J 61 56.00 -9.98 42.38
C ASP J 61 56.29 -8.62 41.76
N LYS J 62 55.50 -8.22 40.76
CA LYS J 62 55.67 -6.89 40.17
C LYS J 62 55.48 -5.80 41.21
N PHE J 63 54.43 -5.93 42.03
CA PHE J 63 54.18 -4.96 43.09
C PHE J 63 55.35 -4.89 44.05
N GLY J 64 55.85 -6.04 44.49
CA GLY J 64 57.02 -6.07 45.36
C GLY J 64 58.24 -5.39 44.74
N ASP J 65 58.48 -5.68 43.47
CA ASP J 65 59.66 -5.18 42.77
C ASP J 65 59.56 -3.66 42.65
N TRP J 66 58.36 -3.16 42.38
CA TRP J 66 58.15 -1.71 42.33
C TRP J 66 58.32 -1.07 43.71
N PHE J 67 57.77 -1.69 44.76
CA PHE J 67 58.08 -1.26 46.12
C PHE J 67 59.47 -1.64 46.60
N GLY J 68 60.26 -2.41 45.84
CA GLY J 68 61.60 -2.75 46.26
C GLY J 68 61.70 -3.96 47.17
N VAL J 69 60.58 -4.59 47.53
CA VAL J 69 60.56 -5.77 48.37
C VAL J 69 60.42 -6.97 47.43
N TYR J 70 61.54 -7.63 47.19
CA TYR J 70 61.61 -8.81 46.34
C TYR J 70 61.23 -10.05 47.14
N ARG J 71 60.97 -11.13 46.41
CA ARG J 71 60.41 -12.35 47.00
C ARG J 71 61.54 -13.23 47.50
N LYS J 72 61.43 -13.65 48.76
CA LYS J 72 62.38 -14.56 49.36
C LYS J 72 62.15 -15.98 48.84
N THR J 73 63.23 -16.74 48.77
CA THR J 73 63.17 -18.11 48.25
C THR J 73 62.21 -18.96 49.07
N ASP J 74 61.32 -19.68 48.39
CA ASP J 74 60.29 -20.47 49.09
C ASP J 74 59.49 -19.59 50.04
N GLU J 75 58.93 -18.52 49.49
CA GLU J 75 58.03 -17.63 50.21
C GLU J 75 56.67 -17.64 49.52
N LYS J 76 55.63 -17.91 50.29
CA LYS J 76 54.28 -17.95 49.75
C LYS J 76 53.75 -16.52 49.57
N ASP J 77 52.62 -16.44 48.85
CA ASP J 77 52.08 -15.15 48.45
C ASP J 77 51.63 -14.33 49.65
N ASP J 78 51.02 -14.95 50.65
CA ASP J 78 50.41 -14.18 51.74
C ASP J 78 51.47 -13.47 52.57
N VAL J 79 52.51 -14.20 52.99
CA VAL J 79 53.54 -13.58 53.82
C VAL J 79 54.28 -12.53 53.00
N TYR J 80 54.41 -12.75 51.69
CA TYR J 80 55.17 -11.82 50.86
C TYR J 80 54.40 -10.53 50.68
N ARG J 81 53.08 -10.65 50.52
CA ARG J 81 52.24 -9.47 50.47
C ARG J 81 52.26 -8.74 51.81
N ALA J 82 52.20 -9.49 52.92
CA ALA J 82 52.18 -8.86 54.23
C ALA J 82 53.46 -8.07 54.49
N ARG J 83 54.61 -8.66 54.14
CA ARG J 83 55.87 -7.94 54.28
C ARG J 83 55.94 -6.72 53.37
N ILE J 84 55.43 -6.86 52.12
CA ILE J 84 55.43 -5.72 51.20
C ILE J 84 54.62 -4.56 51.79
N ILE J 85 53.42 -4.85 52.29
CA ILE J 85 52.59 -3.79 52.86
C ILE J 85 53.27 -3.20 54.10
N LYS J 86 53.71 -4.08 55.01
CA LYS J 86 54.37 -3.64 56.24
C LYS J 86 55.60 -2.80 55.95
N TYR J 87 56.27 -3.01 54.81
CA TYR J 87 57.57 -2.38 54.58
C TYR J 87 57.49 -0.86 54.54
N LEU J 88 56.33 -0.31 54.20
CA LEU J 88 56.15 1.13 54.08
C LEU J 88 55.85 1.79 55.43
N LEU J 89 55.84 1.03 56.54
CA LEU J 89 55.61 1.59 57.87
C LEU J 89 56.83 1.37 58.77
N LEU J 90 58.03 1.66 58.27
CA LEU J 90 59.23 1.36 59.02
C LEU J 90 59.32 2.16 60.30
N LYS J 91 58.87 3.43 60.26
CA LYS J 91 59.00 4.40 61.34
C LYS J 91 60.39 4.33 61.98
N ARG J 92 61.41 4.27 61.11
CA ARG J 92 62.79 4.14 61.52
C ARG J 92 63.25 5.35 62.33
N GLY J 93 64.19 5.10 63.24
CA GLY J 93 64.82 6.14 64.05
C GLY J 93 64.40 6.08 65.50
N THR J 94 63.22 5.56 65.79
CA THR J 94 62.74 5.41 67.15
C THR J 94 63.38 4.18 67.79
N ASN J 95 63.57 4.25 69.10
CA ASN J 95 64.16 3.13 69.82
C ASN J 95 63.26 1.90 69.76
N ASN J 96 61.95 2.09 69.95
CA ASN J 96 61.03 0.96 69.87
C ASN J 96 60.89 0.45 68.43
N ALA J 97 60.88 1.34 67.44
CA ALA J 97 61.10 0.92 66.06
C ALA J 97 62.31 0.00 65.91
N ILE J 98 63.46 0.39 66.47
CA ILE J 98 64.66 -0.42 66.31
C ILE J 98 64.47 -1.78 67.00
N ILE J 99 63.81 -1.78 68.16
CA ILE J 99 63.52 -3.04 68.86
C ILE J 99 62.61 -3.91 67.99
N ASP J 100 61.61 -3.31 67.35
CA ASP J 100 60.75 -4.08 66.45
C ASP J 100 61.54 -4.65 65.29
N ALA J 101 62.46 -3.86 64.73
CA ALA J 101 63.27 -4.34 63.62
C ALA J 101 64.20 -5.47 64.04
N ILE J 102 64.59 -5.49 65.31
CA ILE J 102 65.45 -6.56 65.80
C ILE J 102 64.63 -7.81 66.02
N LYS J 103 63.41 -7.64 66.55
CA LYS J 103 62.50 -8.76 66.71
C LYS J 103 62.14 -9.37 65.36
N ASP J 104 61.93 -8.54 64.36
CA ASP J 104 61.74 -9.06 63.01
C ASP J 104 62.97 -9.80 62.54
N TYR J 105 64.15 -9.24 62.79
CA TYR J 105 65.38 -9.88 62.33
C TYR J 105 65.67 -11.15 63.12
N LEU J 106 65.22 -11.23 64.36
CA LEU J 106 65.43 -12.40 65.19
C LEU J 106 64.57 -13.55 64.70
N LYS K 2 46.83 -2.16 23.88
CA LYS K 2 45.61 -1.33 24.14
C LYS K 2 44.38 -1.80 23.40
N THR K 3 43.20 -1.42 23.90
CA THR K 3 41.91 -1.82 23.33
C THR K 3 41.84 -1.51 21.84
N ARG K 4 41.21 -2.42 21.10
CA ARG K 4 40.98 -2.28 19.66
C ARG K 4 39.47 -2.33 19.39
N LYS K 5 39.04 -1.67 18.32
CA LYS K 5 37.64 -1.37 18.16
C LYS K 5 36.98 -2.56 17.44
N LEU K 6 35.69 -2.40 17.13
CA LEU K 6 34.97 -3.43 16.38
C LEU K 6 35.60 -3.66 15.00
N THR K 7 35.94 -2.57 14.31
CA THR K 7 36.34 -2.67 12.91
C THR K 7 37.63 -3.47 12.75
N ASN K 8 38.61 -3.26 13.63
CA ASN K 8 39.90 -3.91 13.43
C ASN K 8 39.77 -5.42 13.64
N ILE K 9 39.10 -5.82 14.72
CA ILE K 9 38.86 -7.24 15.01
C ILE K 9 38.11 -7.89 13.85
N LEU K 10 37.00 -7.29 13.42
CA LEU K 10 36.27 -7.88 12.29
C LEU K 10 37.15 -7.98 11.05
N SER K 11 38.02 -7.00 10.81
CA SER K 11 38.82 -7.03 9.59
C SER K 11 39.89 -8.10 9.69
N LYS K 12 40.47 -8.27 10.88
CA LYS K 12 41.42 -9.34 11.09
C LYS K 12 40.76 -10.72 10.93
N LEU K 13 39.55 -10.90 11.48
CA LEU K 13 38.83 -12.15 11.28
C LEU K 13 38.57 -12.42 9.81
N ILE K 14 38.13 -11.41 9.06
CA ILE K 14 37.86 -11.60 7.64
C ILE K 14 39.13 -12.03 6.93
N ASP K 15 40.22 -11.28 7.16
CA ASP K 15 41.48 -11.54 6.45
C ASP K 15 42.03 -12.93 6.79
N LYS K 16 41.90 -13.36 8.05
CA LYS K 16 42.39 -14.67 8.43
C LYS K 16 41.50 -15.78 7.90
N THR K 17 40.19 -15.54 7.79
CA THR K 17 39.32 -16.53 7.17
C THR K 17 39.68 -16.72 5.71
N MET K 18 39.85 -15.61 4.99
CA MET K 18 40.23 -15.69 3.58
C MET K 18 41.59 -16.34 3.41
N ALA K 19 42.52 -16.09 4.33
CA ALA K 19 43.83 -16.73 4.26
C ALA K 19 43.70 -18.25 4.49
N GLY K 20 42.97 -18.64 5.52
CA GLY K 20 42.78 -20.05 5.78
C GLY K 20 41.77 -20.70 4.84
N THR K 21 40.53 -20.25 4.91
CA THR K 21 39.42 -20.90 4.21
C THR K 21 39.39 -20.53 2.73
N SER K 22 39.36 -21.55 1.86
CA SER K 22 39.03 -21.32 0.45
C SER K 22 37.58 -21.58 0.11
N LYS K 23 36.84 -22.25 1.00
CA LYS K 23 35.44 -22.53 0.74
C LYS K 23 34.62 -21.24 0.69
N ILE K 24 34.97 -20.26 1.53
CA ILE K 24 34.11 -19.12 1.83
C ILE K 24 34.60 -17.92 1.04
N THR K 25 33.67 -17.26 0.34
CA THR K 25 34.00 -16.10 -0.50
C THR K 25 32.96 -14.99 -0.41
N ASP K 26 31.72 -15.29 -0.03
CA ASP K 26 30.65 -14.32 0.10
C ASP K 26 30.66 -13.74 1.53
N PHE K 27 30.65 -12.41 1.62
CA PHE K 27 30.63 -11.69 2.89
C PHE K 27 29.61 -10.55 2.86
N THR K 28 28.54 -10.72 2.08
CA THR K 28 27.48 -9.74 2.06
C THR K 28 26.86 -9.62 3.45
N PRO K 29 26.20 -8.48 3.74
CA PRO K 29 25.47 -8.39 5.01
C PRO K 29 24.25 -9.29 4.98
N GLY K 30 24.32 -10.38 5.75
CA GLY K 30 23.36 -11.46 5.69
C GLY K 30 23.96 -12.84 5.68
N SER K 31 25.25 -12.98 5.35
CA SER K 31 25.88 -14.28 5.47
C SER K 31 25.89 -14.74 6.92
N ALA K 32 25.50 -16.00 7.14
CA ALA K 32 25.62 -16.61 8.45
C ALA K 32 27.05 -16.50 8.97
N SER K 33 28.03 -16.62 8.07
CA SER K 33 29.43 -16.58 8.49
C SER K 33 29.87 -15.17 8.86
N ARG K 34 29.43 -14.15 8.10
CA ARG K 34 29.83 -12.80 8.44
C ARG K 34 29.24 -12.37 9.77
N SER K 35 27.98 -12.73 10.03
CA SER K 35 27.38 -12.32 11.29
C SER K 35 27.86 -13.18 12.44
N LEU K 36 28.27 -14.41 12.15
CA LEU K 36 28.96 -15.22 13.15
C LEU K 36 30.23 -14.52 13.60
N LEU K 37 30.97 -13.98 12.63
CA LEU K 37 32.19 -13.25 12.94
C LEU K 37 31.87 -11.93 13.64
N GLU K 38 30.76 -11.28 13.27
CA GLU K 38 30.42 -10.01 13.92
C GLU K 38 30.03 -10.23 15.38
N ALA K 39 29.25 -11.27 15.65
CA ALA K 39 28.96 -11.67 17.04
C ALA K 39 30.24 -11.91 17.82
N VAL K 40 31.17 -12.70 17.25
CA VAL K 40 32.45 -12.96 17.93
C VAL K 40 33.17 -11.63 18.21
N SER K 41 33.19 -10.74 17.21
CA SER K 41 33.91 -9.49 17.36
C SER K 41 33.29 -8.61 18.45
N LEU K 42 31.96 -8.46 18.44
CA LEU K 42 31.26 -7.72 19.49
C LEU K 42 31.60 -8.25 20.89
N GLU K 43 31.58 -9.58 21.09
CA GLU K 43 31.91 -10.09 22.42
C GLU K 43 33.36 -9.76 22.79
N ILE K 44 34.27 -9.88 21.83
CA ILE K 44 35.68 -9.51 22.07
C ILE K 44 35.81 -8.04 22.46
N GLU K 45 35.13 -7.15 21.72
CA GLU K 45 35.16 -5.73 22.05
C GLU K 45 34.60 -5.46 23.44
N GLN K 46 33.52 -6.15 23.81
CA GLN K 46 32.96 -5.99 25.16
C GLN K 46 33.96 -6.44 26.22
N PHE K 47 34.67 -7.54 25.97
CA PHE K 47 35.69 -7.97 26.93
C PHE K 47 36.82 -6.95 27.01
N TYR K 48 37.15 -6.33 25.87
CA TYR K 48 38.17 -5.28 25.89
C TYR K 48 37.73 -4.10 26.73
N ILE K 49 36.46 -3.71 26.61
CA ILE K 49 35.96 -2.60 27.42
C ILE K 49 35.89 -3.01 28.89
N LEU K 50 35.59 -4.27 29.17
CA LEU K 50 35.62 -4.78 30.54
C LEU K 50 37.03 -4.64 31.14
N THR K 51 38.05 -5.08 30.41
CA THR K 51 39.42 -4.90 30.89
C THR K 51 39.75 -3.42 31.04
N LYS K 52 39.26 -2.58 30.12
CA LYS K 52 39.51 -1.13 30.21
C LYS K 52 38.95 -0.56 31.51
N GLU K 53 37.71 -0.90 31.84
CA GLU K 53 37.09 -0.43 33.07
C GLU K 53 37.82 -0.97 34.30
N ASN K 54 38.25 -2.24 34.25
CA ASN K 54 39.01 -2.80 35.37
C ASN K 54 40.32 -2.06 35.57
N ILE K 55 41.02 -1.75 34.47
CA ILE K 55 42.28 -1.00 34.58
C ILE K 55 42.02 0.40 35.12
N ASP K 56 40.90 1.02 34.71
CA ASP K 56 40.58 2.35 35.20
C ASP K 56 40.34 2.33 36.70
N TRP K 57 39.58 1.35 37.18
CA TRP K 57 39.40 1.19 38.63
C TRP K 57 40.72 0.95 39.34
N GLY K 58 41.59 0.16 38.71
CA GLY K 58 42.84 -0.20 39.36
C GLY K 58 43.73 1.02 39.53
N ILE K 59 43.92 1.77 38.45
CA ILE K 59 44.74 2.97 38.51
C ILE K 59 44.11 3.99 39.45
N GLN K 60 42.78 4.03 39.54
CA GLN K 60 42.14 5.05 40.36
C GLN K 60 42.26 4.74 41.86
N GLU K 61 41.93 3.52 42.30
CA GLU K 61 41.98 3.20 43.73
C GLU K 61 42.53 1.82 44.10
N GLY K 62 42.91 1.00 43.14
CA GLY K 62 43.21 -0.39 43.45
C GLY K 62 44.53 -0.58 44.15
N ILE K 63 45.53 0.24 43.82
CA ILE K 63 46.80 0.16 44.55
C ILE K 63 46.59 0.65 45.97
N ILE K 64 45.71 1.64 46.16
CA ILE K 64 45.53 2.21 47.50
C ILE K 64 44.64 1.33 48.36
N GLU K 65 43.86 0.42 47.75
CA GLU K 65 42.93 -0.40 48.52
C GLU K 65 43.63 -1.31 49.53
N ALA K 66 44.81 -1.83 49.17
CA ALA K 66 45.62 -2.60 50.11
C ALA K 66 45.75 -1.90 51.45
N PHE K 67 46.10 -0.63 51.44
CA PHE K 67 46.27 0.13 52.67
C PHE K 67 44.93 0.33 53.38
N ASP K 68 45.02 0.65 54.67
CA ASP K 68 43.85 0.77 55.55
C ASP K 68 43.09 2.04 55.22
N PHE K 69 42.23 1.93 54.21
CA PHE K 69 41.25 2.96 53.88
C PHE K 69 40.06 2.29 53.21
N GLN K 70 38.91 2.95 53.32
CA GLN K 70 37.66 2.49 52.72
C GLN K 70 37.23 3.47 51.63
N LYS K 71 36.67 2.93 50.55
CA LYS K 71 36.13 3.72 49.44
C LYS K 71 34.61 3.68 49.47
N ARG K 72 34.00 4.77 49.01
CA ARG K 72 32.55 4.95 48.98
C ARG K 72 32.10 5.13 47.54
N GLN K 73 30.99 4.48 47.18
CA GLN K 73 30.48 4.47 45.81
C GLN K 73 29.01 4.86 45.74
N SER K 74 28.58 5.81 46.58
CA SER K 74 27.25 6.41 46.48
C SER K 74 26.15 5.37 46.63
N LYS K 75 26.39 4.36 47.48
CA LYS K 75 25.39 3.32 47.66
C LYS K 75 24.19 3.90 48.38
N ARG K 76 23.00 3.67 47.83
CA ARG K 76 21.78 4.18 48.44
C ARG K 76 21.51 3.46 49.76
N ALA K 77 20.84 4.18 50.67
CA ALA K 77 20.63 3.69 52.03
C ALA K 77 19.66 2.50 52.02
N TYR K 78 19.94 1.51 52.87
CA TYR K 78 19.07 0.35 53.00
C TYR K 78 19.10 -0.16 54.44
N GLY K 79 18.03 -0.86 54.81
CA GLY K 79 17.91 -1.39 56.15
C GLY K 79 16.77 -2.37 56.27
N ASP K 80 16.88 -3.26 57.26
CA ASP K 80 15.83 -4.24 57.52
C ASP K 80 14.56 -3.56 58.02
N VAL K 81 13.41 -4.03 57.54
CA VAL K 81 12.10 -3.53 57.96
C VAL K 81 11.16 -4.71 58.20
N THR K 82 10.30 -4.61 59.21
CA THR K 82 9.43 -5.70 59.62
C THR K 82 7.98 -5.23 59.49
N ILE K 83 7.12 -6.13 59.06
CA ILE K 83 5.68 -5.89 58.91
C ILE K 83 4.93 -6.87 59.79
N GLN K 84 3.75 -6.45 60.26
CA GLN K 84 2.90 -7.20 61.18
C GLN K 84 1.48 -7.28 60.63
N PHE K 85 0.74 -8.33 60.99
CA PHE K 85 -0.64 -8.50 60.53
C PHE K 85 -1.56 -8.74 61.71
N TYR K 86 -2.86 -8.50 61.49
CA TYR K 86 -3.85 -8.67 62.54
C TYR K 86 -3.89 -10.11 63.03
N GLN K 87 -3.98 -11.07 62.10
CA GLN K 87 -4.10 -12.48 62.39
C GLN K 87 -3.08 -13.23 61.54
N PRO K 88 -2.69 -14.45 61.96
CA PRO K 88 -1.83 -15.28 61.08
C PRO K 88 -2.48 -15.51 59.73
N LEU K 89 -1.64 -15.52 58.69
CA LEU K 89 -2.12 -15.67 57.33
C LEU K 89 -2.61 -17.09 57.06
N ASP K 90 -3.43 -17.21 56.02
CA ASP K 90 -3.91 -18.48 55.50
C ASP K 90 -3.77 -18.53 53.99
N MET K 91 -2.70 -17.93 53.46
CA MET K 91 -2.43 -17.91 52.03
C MET K 91 -1.04 -17.32 51.82
N ARG K 92 -0.43 -17.67 50.69
CA ARG K 92 0.90 -17.18 50.34
C ARG K 92 0.72 -15.83 49.66
N MET K 93 0.70 -14.77 50.48
CA MET K 93 0.54 -13.43 49.96
C MET K 93 1.74 -13.01 49.13
N TYR K 94 1.50 -12.15 48.15
CA TYR K 94 2.53 -11.67 47.24
C TYR K 94 2.98 -10.26 47.60
N ILE K 95 4.29 -10.04 47.48
CA ILE K 95 4.91 -8.74 47.77
C ILE K 95 5.74 -8.33 46.56
N PRO K 96 5.21 -7.53 45.64
CA PRO K 96 5.96 -7.25 44.41
C PRO K 96 7.22 -6.43 44.66
N ALA K 97 8.22 -6.68 43.81
CA ALA K 97 9.32 -5.74 43.68
C ALA K 97 8.79 -4.39 43.19
N GLY K 98 9.45 -3.32 43.63
CA GLY K 98 9.02 -1.97 43.33
C GLY K 98 7.96 -1.41 44.26
N THR K 99 7.53 -2.18 45.26
CA THR K 99 6.61 -1.68 46.27
C THR K 99 7.23 -0.53 47.06
N THR K 100 6.42 0.51 47.25
CA THR K 100 6.84 1.76 47.88
C THR K 100 6.41 1.77 49.35
N PHE K 101 7.36 2.04 50.27
CA PHE K 101 7.09 2.23 51.67
C PHE K 101 7.20 3.73 51.97
N THR K 102 6.08 4.44 51.92
CA THR K 102 6.09 5.87 52.16
C THR K 102 6.28 6.22 53.64
N SER K 103 6.96 7.34 53.87
CA SER K 103 7.13 7.90 55.22
C SER K 103 5.77 8.21 55.84
N THR K 104 5.62 7.84 57.12
CA THR K 104 4.42 8.21 57.87
C THR K 104 4.49 9.66 58.36
N ARG K 105 5.68 10.10 58.71
CA ARG K 105 5.86 11.49 59.11
C ARG K 105 5.76 12.41 57.90
N GLN K 106 4.98 13.48 58.06
CA GLN K 106 4.79 14.47 57.01
C GLN K 106 6.08 15.22 56.69
N GLU K 107 6.89 15.47 57.72
CA GLU K 107 8.10 16.27 57.54
C GLU K 107 9.19 15.54 56.76
N TYR K 108 9.10 14.22 56.65
CA TYR K 108 10.13 13.42 55.98
C TYR K 108 9.64 13.05 54.59
N PRO K 109 10.15 13.66 53.51
CA PRO K 109 9.74 13.25 52.17
C PRO K 109 10.44 12.01 51.64
N GLN K 110 11.23 11.32 52.48
CA GLN K 110 11.97 10.16 52.02
C GLN K 110 11.02 9.02 51.65
N GLN K 111 11.43 8.23 50.65
CA GLN K 111 10.67 7.08 50.17
C GLN K 111 11.64 5.92 49.89
N PHE K 112 11.10 4.70 49.93
CA PHE K 112 11.90 3.49 49.80
C PHE K 112 11.18 2.49 48.91
N GLU K 113 11.97 1.63 48.26
CA GLU K 113 11.46 0.62 47.31
C GLU K 113 12.17 -0.70 47.51
N THR K 114 11.45 -1.78 47.14
CA THR K 114 11.84 -3.16 47.40
C THR K 114 12.35 -3.76 46.11
N LEU K 115 13.62 -4.15 46.11
CA LEU K 115 14.25 -4.52 44.85
C LEU K 115 13.81 -5.90 44.37
N VAL K 116 13.49 -6.81 45.29
CA VAL K 116 13.22 -8.22 45.01
C VAL K 116 11.89 -8.64 45.64
N ASP K 117 11.18 -9.51 44.94
CA ASP K 117 9.91 -10.04 45.42
C ASP K 117 10.09 -10.94 46.64
N TYR K 118 9.11 -10.89 47.55
CA TYR K 118 9.05 -11.75 48.74
C TYR K 118 7.69 -12.43 48.76
N TYR K 119 7.66 -13.68 49.22
CA TYR K 119 6.43 -14.47 49.35
C TYR K 119 6.22 -14.81 50.82
N ALA K 120 5.19 -14.22 51.43
CA ALA K 120 4.81 -14.56 52.79
C ALA K 120 4.57 -16.05 52.95
N GLU K 121 4.91 -16.58 54.12
CA GLU K 121 4.73 -17.97 54.42
C GLU K 121 3.24 -18.27 54.55
N PRO K 122 2.85 -19.54 54.70
CA PRO K 122 1.41 -19.81 54.83
C PRO K 122 0.83 -19.29 56.13
N ASP K 123 1.58 -19.39 57.23
CA ASP K 123 1.06 -19.10 58.57
C ASP K 123 1.97 -18.23 59.43
N SER K 124 3.01 -17.60 58.88
CA SER K 124 3.87 -16.77 59.71
C SER K 124 3.21 -15.43 59.97
N THR K 125 3.22 -15.01 61.24
CA THR K 125 2.57 -13.79 61.67
C THR K 125 3.42 -12.53 61.45
N GLU K 126 4.65 -12.66 60.94
CA GLU K 126 5.61 -11.56 60.85
C GLU K 126 6.72 -11.97 59.89
N ILE K 127 7.16 -10.99 59.10
CA ILE K 127 8.23 -11.21 58.13
C ILE K 127 9.06 -9.94 58.01
N VAL K 128 10.38 -10.13 57.89
CA VAL K 128 11.34 -9.03 57.78
C VAL K 128 11.91 -9.05 56.36
N VAL K 129 11.94 -7.88 55.72
CA VAL K 129 12.47 -7.71 54.37
C VAL K 129 13.43 -6.52 54.33
N GLU K 130 14.25 -6.50 53.28
CA GLU K 130 15.23 -5.43 53.07
C GLU K 130 14.68 -4.44 52.05
N VAL K 131 14.77 -3.15 52.37
CA VAL K 131 14.24 -2.08 51.52
C VAL K 131 15.33 -1.05 51.27
N TYR K 132 15.46 -0.63 50.01
CA TYR K 132 16.47 0.35 49.62
C TYR K 132 15.81 1.69 49.36
N CYS K 133 16.48 2.77 49.74
CA CYS K 133 15.96 4.11 49.54
C CYS K 133 16.07 4.52 48.07
N LYS K 134 15.24 5.50 47.68
CA LYS K 134 15.25 5.97 46.30
C LYS K 134 16.35 7.01 46.09
N GLU K 135 16.67 7.77 47.13
CA GLU K 135 17.57 8.91 47.09
C GLU K 135 18.91 8.50 47.69
N THR K 136 19.99 8.78 46.97
CA THR K 136 21.33 8.45 47.45
C THR K 136 21.82 9.53 48.42
N GLY K 137 23.02 9.36 48.97
CA GLY K 137 23.60 10.43 49.78
C GLY K 137 23.19 10.34 51.23
N VAL K 138 23.59 11.37 52.00
CA VAL K 138 23.29 11.28 53.44
C VAL K 138 21.82 11.59 53.70
N ALA K 139 21.20 12.33 52.77
CA ALA K 139 19.78 12.66 52.86
C ALA K 139 18.87 11.45 53.00
N GLY K 140 19.31 10.26 52.58
CA GLY K 140 18.48 9.06 52.73
C GLY K 140 18.43 8.50 54.13
N ASN K 141 19.24 9.00 55.04
CA ASN K 141 19.19 8.51 56.41
C ASN K 141 17.90 8.98 57.09
N VAL K 142 17.33 8.09 57.91
CA VAL K 142 16.05 8.34 58.58
C VAL K 142 16.19 7.85 60.02
N PRO K 143 15.62 8.54 61.01
CA PRO K 143 15.68 8.03 62.38
C PRO K 143 14.76 6.83 62.56
N GLU K 144 14.91 6.19 63.71
CA GLU K 144 14.15 5.00 64.05
C GLU K 144 12.68 5.35 64.26
N GLY K 145 11.81 4.48 63.75
CA GLY K 145 10.41 4.61 64.04
C GLY K 145 9.75 5.62 63.13
N THR K 146 10.15 5.64 61.86
CA THR K 146 9.62 6.57 60.87
C THR K 146 8.85 5.86 59.76
N ILE K 147 9.32 4.71 59.31
CA ILE K 147 8.69 3.97 58.22
C ILE K 147 7.55 3.16 58.84
N ASN K 148 6.31 3.65 58.69
CA ASN K 148 5.14 2.95 59.20
C ASN K 148 3.95 3.05 58.24
N THR K 149 4.21 3.10 56.93
CA THR K 149 3.14 3.10 55.95
C THR K 149 3.60 2.35 54.71
N ILE K 150 2.65 1.69 54.06
CA ILE K 150 2.89 0.91 52.85
C ILE K 150 1.86 1.34 51.81
N ALA K 151 2.32 1.57 50.59
CA ALA K 151 1.45 2.04 49.52
C ALA K 151 0.45 0.97 49.12
N SER K 152 0.92 -0.26 48.89
CA SER K 152 0.07 -1.39 48.52
C SER K 152 -0.50 -2.01 49.79
N GLY K 153 -1.36 -1.25 50.45
CA GLY K 153 -1.96 -1.69 51.69
C GLY K 153 -2.91 -2.85 51.50
N SER K 154 -3.22 -3.52 52.60
CA SER K 154 -4.18 -4.61 52.59
C SER K 154 -4.92 -4.66 53.92
N SER K 155 -6.02 -5.42 53.92
CA SER K 155 -6.79 -5.61 55.14
C SER K 155 -5.98 -6.34 56.21
N LEU K 156 -5.22 -7.35 55.80
CA LEU K 156 -4.49 -8.19 56.74
C LEU K 156 -3.34 -7.41 57.39
N ILE K 157 -2.75 -6.49 56.63
CA ILE K 157 -1.62 -5.70 57.11
C ILE K 157 -2.10 -4.77 58.22
N ARG K 158 -1.37 -4.75 59.34
CA ARG K 158 -1.70 -3.90 60.47
C ARG K 158 -0.84 -2.64 60.50
N SER K 159 0.48 -2.80 60.59
CA SER K 159 1.39 -1.67 60.69
C SER K 159 2.77 -2.16 60.30
N VAL K 160 3.67 -1.19 60.07
CA VAL K 160 5.06 -1.46 59.71
C VAL K 160 5.95 -0.69 60.67
N ASN K 161 7.13 -1.25 60.97
CA ASN K 161 8.09 -0.56 61.80
C ASN K 161 9.48 -1.06 61.47
N ASN K 162 10.47 -0.21 61.74
CA ASN K 162 11.88 -0.50 61.57
C ASN K 162 12.58 -0.34 62.92
N GLU K 163 12.92 -1.47 63.54
CA GLU K 163 13.55 -1.42 64.86
C GLU K 163 14.92 -0.76 64.80
N TYR K 164 15.72 -1.13 63.80
CA TYR K 164 17.09 -0.64 63.65
C TYR K 164 17.10 0.53 62.67
N SER K 165 17.93 1.52 62.98
CA SER K 165 18.04 2.73 62.18
C SER K 165 18.89 2.48 60.94
N PHE K 166 18.65 3.29 59.91
CA PHE K 166 19.36 3.17 58.64
C PHE K 166 20.74 3.79 58.77
N ASN K 167 21.76 2.94 58.88
CA ASN K 167 23.14 3.36 59.07
C ASN K 167 23.95 3.33 57.78
N THR K 168 23.48 2.62 56.75
CA THR K 168 24.23 2.39 55.52
C THR K 168 24.14 3.57 54.54
N GLY K 169 23.76 4.75 55.00
CA GLY K 169 23.77 5.91 54.12
C GLY K 169 25.20 6.28 53.77
N THR K 170 25.46 6.53 52.49
CA THR K 170 26.80 6.69 51.97
C THR K 170 26.83 7.83 50.95
N LYS K 171 27.91 8.61 50.99
CA LYS K 171 28.16 9.72 50.09
C LYS K 171 29.56 9.59 49.51
N GLU K 172 29.70 9.84 48.21
CA GLU K 172 30.97 9.65 47.53
C GLU K 172 31.65 10.97 47.27
N GLU K 173 32.94 11.05 47.60
CA GLU K 173 33.78 12.21 47.41
C GLU K 173 34.65 12.03 46.16
N SER K 174 35.47 13.04 45.87
CA SER K 174 36.33 13.00 44.71
C SER K 174 37.63 12.26 45.01
N GLN K 175 38.36 11.92 43.93
CA GLN K 175 39.61 11.20 44.07
C GLN K 175 40.61 11.96 44.95
N GLU K 176 40.63 13.28 44.85
CA GLU K 176 41.47 14.10 45.71
C GLU K 176 41.18 13.86 47.19
N ASP K 177 39.90 13.82 47.58
CA ASP K 177 39.57 13.57 48.97
C ASP K 177 40.01 12.18 49.40
N PHE K 178 39.96 11.21 48.49
CA PHE K 178 40.46 9.87 48.80
C PHE K 178 41.96 9.87 48.96
N LYS K 179 42.67 10.67 48.16
CA LYS K 179 44.13 10.66 48.20
C LYS K 179 44.67 11.46 49.37
N ARG K 180 43.92 12.47 49.82
CA ARG K 180 44.46 13.36 50.85
C ARG K 180 44.60 12.65 52.19
N ARG K 181 43.61 11.83 52.57
CA ARG K 181 43.71 11.09 53.83
C ARG K 181 44.88 10.10 53.79
N PHE K 182 45.10 9.47 52.63
CA PHE K 182 46.22 8.55 52.49
C PHE K 182 47.54 9.30 52.66
N HIS K 183 47.65 10.47 52.03
CA HIS K 183 48.84 11.28 52.19
C HIS K 183 49.06 11.66 53.65
N SER K 184 47.99 12.08 54.33
CA SER K 184 48.09 12.50 55.73
C SER K 184 48.55 11.36 56.62
N PHE K 185 48.07 10.14 56.35
CA PHE K 185 48.46 8.95 57.10
C PHE K 185 49.92 8.62 56.85
N VAL K 186 50.36 8.63 55.59
CA VAL K 186 51.77 8.37 55.28
C VAL K 186 52.66 9.44 55.91
N GLU K 187 52.28 10.71 55.79
CA GLU K 187 53.08 11.78 56.36
C GLU K 187 53.15 11.64 57.88
N SER K 188 52.05 11.17 58.49
CA SER K 188 52.02 11.09 59.93
C SER K 188 52.95 10.02 60.47
N ARG K 189 53.30 9.02 59.64
CA ARG K 189 54.23 7.98 60.06
C ARG K 189 55.68 8.46 60.16
N GLY K 190 55.99 9.69 59.74
CA GLY K 190 57.32 10.21 59.97
C GLY K 190 57.53 10.47 61.44
N ARG K 191 58.75 10.21 61.90
CA ARG K 191 59.17 10.39 63.28
C ARG K 191 60.59 10.94 63.33
N ALA K 192 61.01 11.31 64.55
CA ALA K 192 62.37 11.83 64.81
C ALA K 192 62.67 13.03 63.91
N THR K 193 61.70 13.93 63.79
CA THR K 193 61.93 15.21 63.12
C THR K 193 61.11 16.30 63.82
N ASN K 194 61.51 17.54 63.57
CA ASN K 194 60.87 18.69 64.20
C ASN K 194 59.39 18.74 63.83
N LYS K 195 59.08 18.69 62.53
CA LYS K 195 57.69 18.77 62.09
C LYS K 195 56.89 17.56 62.58
N SER K 196 57.50 16.38 62.59
CA SER K 196 56.79 15.20 63.06
C SER K 196 56.58 15.26 64.57
N VAL K 197 57.58 15.77 65.31
CA VAL K 197 57.39 15.95 66.74
C VAL K 197 56.26 16.94 67.01
N ARG K 198 56.17 17.99 66.18
CA ARG K 198 55.15 19.02 66.36
C ARG K 198 53.77 18.44 66.08
N TYR K 199 53.66 17.63 65.03
CA TYR K 199 52.40 16.98 64.71
C TYR K 199 51.99 16.03 65.82
N GLY K 200 52.95 15.28 66.38
CA GLY K 200 52.60 14.30 67.37
C GLY K 200 52.22 14.94 68.69
N ALA K 201 52.81 16.11 68.98
CA ALA K 201 52.34 16.89 70.12
C ALA K 201 50.94 17.43 69.88
N LEU K 202 50.68 17.96 68.68
CA LEU K 202 49.37 18.53 68.37
C LEU K 202 48.28 17.46 68.26
N GLN K 203 48.65 16.19 68.12
CA GLN K 203 47.65 15.13 68.06
C GLN K 203 46.86 15.03 69.36
N ILE K 204 47.53 15.12 70.49
CA ILE K 204 46.85 15.06 71.80
C ILE K 204 46.05 16.34 72.00
N PRO K 205 44.86 16.31 72.62
CA PRO K 205 44.10 17.55 72.76
C PRO K 205 44.73 18.44 73.83
N ASP K 206 44.33 19.71 73.83
CA ASP K 206 44.94 20.71 74.70
C ASP K 206 46.42 20.87 74.39
N VAL K 207 46.74 20.94 73.10
CA VAL K 207 48.08 21.26 72.62
C VAL K 207 47.94 22.22 71.44
N GLU K 208 48.36 23.46 71.63
CA GLU K 208 48.33 24.47 70.58
C GLU K 208 49.49 25.42 70.78
N GLY K 209 49.97 25.98 69.67
CA GLY K 209 51.14 26.85 69.68
C GLY K 209 52.32 26.29 70.43
N VAL K 210 52.65 25.04 70.15
CA VAL K 210 53.86 24.40 70.68
C VAL K 210 55.08 24.94 69.94
N TYR K 211 56.12 25.29 70.68
CA TYR K 211 57.37 25.76 70.11
C TYR K 211 58.48 24.77 70.46
N VAL K 212 59.33 24.49 69.49
CA VAL K 212 60.42 23.53 69.63
C VAL K 212 61.73 24.26 69.44
N TYR K 213 62.67 24.02 70.37
CA TYR K 213 64.01 24.56 70.31
C TYR K 213 64.96 23.39 70.24
N GLU K 214 65.88 23.41 69.27
CA GLU K 214 66.73 22.27 68.97
C GLU K 214 68.19 22.61 69.27
N GLU K 215 68.88 21.67 69.91
CA GLU K 215 70.32 21.79 70.11
C GLU K 215 70.93 20.40 70.09
N THR K 216 72.15 20.30 69.54
CA THR K 216 72.96 19.09 69.55
C THR K 216 72.95 18.36 70.90
N GLY K 217 72.94 19.11 71.99
CA GLY K 217 72.98 18.55 73.32
C GLY K 217 71.62 18.03 73.73
N HIS K 218 70.64 18.94 73.77
CA HIS K 218 69.34 18.69 74.38
C HIS K 218 68.26 19.20 73.44
N ILE K 219 67.06 18.65 73.57
CA ILE K 219 65.89 19.11 72.82
C ILE K 219 64.84 19.52 73.84
N THR K 220 64.37 20.77 73.74
CA THR K 220 63.54 21.40 74.75
C THR K 220 62.24 21.87 74.08
N VAL K 221 61.11 21.45 74.63
CA VAL K 221 59.80 21.76 74.09
C VAL K 221 58.97 22.42 75.18
N PHE K 222 58.36 23.55 74.85
CA PHE K 222 57.54 24.30 75.79
C PHE K 222 56.38 24.93 75.03
N ALA K 223 55.22 25.03 75.69
CA ALA K 223 54.01 25.49 75.05
C ALA K 223 53.13 26.22 76.05
N HIS K 224 52.26 27.09 75.52
CA HIS K 224 51.24 27.77 76.30
C HIS K 224 49.87 27.29 75.81
N ASP K 225 49.65 25.97 75.84
CA ASP K 225 48.46 25.42 75.20
C ASP K 225 47.19 25.77 75.97
N ARG K 226 47.19 25.58 77.30
CA ARG K 226 45.98 25.65 78.11
C ARG K 226 45.86 27.03 78.75
N ASN K 227 44.99 27.87 78.18
CA ASN K 227 44.70 29.21 78.68
C ASN K 227 45.97 30.01 78.99
N GLY K 228 46.99 29.84 78.16
CA GLY K 228 48.23 30.57 78.32
C GLY K 228 49.20 29.99 79.31
N ASN K 229 48.91 28.81 79.87
CA ASN K 229 49.69 28.21 80.92
C ASN K 229 49.84 26.73 80.63
N LEU K 230 50.85 26.12 81.22
CA LEU K 230 51.10 24.69 81.11
C LEU K 230 51.01 24.07 82.49
N SER K 231 50.33 22.92 82.61
CA SER K 231 50.20 22.24 83.89
C SER K 231 51.19 21.08 83.98
N ASP K 232 51.51 20.69 85.22
CA ASP K 232 52.45 19.60 85.41
C ASP K 232 51.88 18.29 84.84
N THR K 233 50.58 18.07 85.01
CA THR K 233 49.98 16.82 84.54
C THR K 233 50.10 16.69 83.04
N LEU K 234 49.90 17.79 82.32
CA LEU K 234 50.02 17.77 80.87
C LEU K 234 51.46 17.52 80.45
N LYS K 235 52.41 18.04 81.21
CA LYS K 235 53.81 17.77 80.96
C LYS K 235 54.12 16.28 81.11
N GLU K 236 53.62 15.65 82.17
CA GLU K 236 53.85 14.22 82.35
C GLU K 236 53.23 13.43 81.19
N ASP K 237 52.00 13.81 80.81
CA ASP K 237 51.31 13.09 79.75
C ASP K 237 52.05 13.22 78.42
N ILE K 238 52.55 14.41 78.12
CA ILE K 238 53.14 14.65 76.82
C ILE K 238 54.57 14.13 76.76
N ILE K 239 55.26 14.08 77.90
CA ILE K 239 56.56 13.41 77.93
C ILE K 239 56.41 11.95 77.53
N ASP K 240 55.37 11.28 78.05
CA ASP K 240 55.27 9.86 77.72
C ASP K 240 54.89 9.66 76.25
N ALA K 241 53.98 10.50 75.73
CA ALA K 241 53.59 10.40 74.32
C ALA K 241 54.77 10.62 73.37
N LEU K 242 55.65 11.59 73.66
CA LEU K 242 56.71 11.96 72.73
C LEU K 242 57.86 10.98 72.71
N GLN K 243 57.81 9.91 73.51
CA GLN K 243 58.91 8.95 73.54
C GLN K 243 59.03 8.26 72.19
N ASP K 244 57.89 7.91 71.58
CA ASP K 244 57.90 7.33 70.26
C ASP K 244 58.41 8.30 69.19
N TYR K 245 58.28 9.60 69.41
CA TYR K 245 58.71 10.61 68.43
C TYR K 245 60.14 11.09 68.61
N ARG K 246 60.75 10.92 69.79
CA ARG K 246 62.07 11.49 69.98
C ARG K 246 63.13 10.67 69.23
N PRO K 247 64.28 11.27 68.86
CA PRO K 247 65.35 10.47 68.25
C PRO K 247 66.02 9.57 69.26
N SER K 248 66.39 8.39 68.78
CA SER K 248 67.11 7.43 69.61
C SER K 248 68.46 7.98 70.06
N GLY K 249 68.73 7.92 71.36
CA GLY K 249 70.01 8.37 71.90
C GLY K 249 70.12 9.86 72.12
N ILE K 250 69.09 10.62 71.79
CA ILE K 250 69.03 12.06 72.02
C ILE K 250 68.09 12.32 73.20
N MET K 251 68.54 13.18 74.12
CA MET K 251 67.75 13.56 75.27
C MET K 251 66.56 14.43 74.85
N LEU K 252 65.47 14.28 75.60
CA LEU K 252 64.26 15.06 75.43
C LEU K 252 63.91 15.70 76.77
N ASP K 253 63.56 16.98 76.72
CA ASP K 253 63.22 17.77 77.89
C ASP K 253 61.98 18.60 77.62
N VAL K 254 61.09 18.69 78.60
CA VAL K 254 59.88 19.49 78.50
C VAL K 254 59.84 20.47 79.67
N THR K 255 59.57 21.75 79.37
CA THR K 255 59.55 22.82 80.35
C THR K 255 58.37 23.74 80.05
N GLY K 256 58.09 24.65 80.99
CA GLY K 256 57.01 25.60 80.82
C GLY K 256 57.47 26.86 80.10
N VAL K 257 56.51 27.78 79.93
CA VAL K 257 56.70 29.03 79.21
C VAL K 257 56.66 30.18 80.20
N GLU K 258 57.66 31.07 80.14
CA GLU K 258 57.72 32.27 80.95
C GLU K 258 57.46 33.51 80.10
N LYS K 259 57.18 34.62 80.78
CA LYS K 259 56.89 35.90 80.15
C LYS K 259 57.71 37.00 80.81
N GLU K 260 58.03 38.04 80.03
CA GLU K 260 58.78 39.20 80.49
C GLU K 260 57.96 40.45 80.22
N GLU K 261 57.42 41.06 81.29
CA GLU K 261 56.64 42.27 81.13
C GLU K 261 57.55 43.46 80.88
N VAL K 262 57.22 44.24 79.86
CA VAL K 262 58.00 45.40 79.46
C VAL K 262 57.32 46.65 79.98
N ASN K 263 58.12 47.59 80.47
CA ASN K 263 57.67 48.90 80.91
C ASN K 263 58.21 49.92 79.92
N VAL K 264 57.32 50.76 79.41
CA VAL K 264 57.67 51.74 78.39
C VAL K 264 56.86 53.01 78.64
N SER K 265 57.52 54.15 78.55
CA SER K 265 56.87 55.47 78.62
C SER K 265 57.33 56.26 77.39
N ALA K 266 56.56 56.15 76.31
CA ALA K 266 56.90 56.76 75.04
C ALA K 266 56.36 58.17 74.93
N THR K 267 56.98 58.95 74.05
CA THR K 267 56.55 60.32 73.76
C THR K 267 56.35 60.48 72.27
N VAL K 268 55.30 61.20 71.88
CA VAL K 268 54.92 61.36 70.48
C VAL K 268 54.68 62.84 70.22
N THR K 269 55.33 63.37 69.18
CA THR K 269 55.08 64.73 68.70
C THR K 269 54.09 64.68 67.54
N ILE K 270 53.08 65.55 67.61
CA ILE K 270 52.04 65.65 66.59
C ILE K 270 52.21 66.98 65.86
N SER K 271 52.10 66.95 64.53
CA SER K 271 52.20 68.21 63.78
C SER K 271 51.11 69.21 64.16
N ASN K 272 49.87 68.74 64.28
CA ASN K 272 48.72 69.61 64.56
C ASN K 272 48.31 69.40 66.01
N LYS K 273 48.78 70.29 66.89
CA LYS K 273 48.50 70.11 68.31
C LYS K 273 47.02 70.30 68.63
N SER K 274 46.25 70.97 67.76
CA SER K 274 44.83 71.13 68.03
C SER K 274 44.07 69.80 68.05
N ARG K 275 44.61 68.76 67.43
CA ARG K 275 43.92 67.48 67.33
C ARG K 275 43.97 66.65 68.61
N ILE K 276 44.89 66.97 69.53
CA ILE K 276 45.14 66.11 70.67
C ILE K 276 43.89 66.00 71.56
N GLY K 277 43.72 64.85 72.19
CA GLY K 277 42.63 64.66 73.13
C GLY K 277 42.74 63.32 73.80
N ASP K 278 41.98 63.18 74.89
CA ASP K 278 42.00 61.97 75.71
C ASP K 278 41.76 60.72 74.86
N THR K 279 40.79 60.78 73.93
CA THR K 279 40.52 59.65 73.06
C THR K 279 41.74 59.28 72.21
N LEU K 280 42.47 60.28 71.72
CA LEU K 280 43.60 60.00 70.84
C LEU K 280 44.70 59.27 71.59
N GLN K 281 45.08 59.77 72.77
CA GLN K 281 46.12 59.08 73.53
C GLN K 281 45.65 57.72 74.04
N LYS K 282 44.38 57.59 74.45
CA LYS K 282 43.87 56.26 74.79
C LYS K 282 44.01 55.29 73.63
N HIS K 283 43.58 55.70 72.43
CA HIS K 283 43.70 54.83 71.27
C HIS K 283 45.15 54.47 70.97
N ILE K 284 46.05 55.43 71.13
CA ILE K 284 47.46 55.14 70.90
C ILE K 284 47.94 54.10 71.92
N GLU K 285 47.57 54.29 73.19
CA GLU K 285 48.01 53.32 74.21
C GLU K 285 47.41 51.94 73.94
N SER K 286 46.18 51.90 73.43
CA SER K 286 45.57 50.60 73.15
C SER K 286 46.26 49.91 71.98
N VAL K 287 46.62 50.70 70.96
CA VAL K 287 47.32 50.13 69.82
C VAL K 287 48.69 49.62 70.26
N ILE K 288 49.39 50.38 71.10
CA ILE K 288 50.72 49.97 71.52
C ILE K 288 50.65 48.69 72.34
N ARG K 289 49.69 48.61 73.27
CA ARG K 289 49.59 47.44 74.13
C ARG K 289 49.13 46.21 73.35
N SER K 290 48.25 46.39 72.34
CA SER K 290 47.86 45.27 71.51
C SER K 290 49.03 44.77 70.65
N TYR K 291 49.82 45.71 70.11
CA TYR K 291 50.99 45.35 69.32
C TYR K 291 52.02 44.62 70.18
N LEU K 292 52.21 45.07 71.42
CA LEU K 292 53.19 44.44 72.29
C LEU K 292 52.68 43.11 72.82
N ASN K 293 51.36 42.94 72.91
CA ASN K 293 50.83 41.66 73.34
C ASN K 293 51.01 40.58 72.28
N ASN K 294 50.80 40.93 71.00
CA ASN K 294 50.83 39.92 69.94
C ASN K 294 52.26 39.76 69.44
N LEU K 295 53.08 39.08 70.24
CA LEU K 295 54.47 38.78 69.90
C LEU K 295 54.72 37.29 69.91
N LYS K 296 55.54 36.83 68.96
CA LYS K 296 55.71 35.40 68.77
C LYS K 296 56.72 34.90 69.80
N THR K 297 56.71 33.59 70.06
CA THR K 297 57.65 33.04 71.02
C THR K 297 59.08 33.27 70.56
N SER K 298 59.94 33.67 71.52
CA SER K 298 61.36 33.92 71.25
C SER K 298 61.56 35.03 70.22
N ASP K 299 60.68 36.02 70.24
CA ASP K 299 60.76 37.17 69.34
C ASP K 299 61.37 38.33 70.11
N ASP K 300 62.55 38.78 69.66
CA ASP K 300 63.21 39.91 70.28
C ASP K 300 62.45 41.20 70.02
N LEU K 301 62.34 42.03 71.05
CA LEU K 301 61.62 43.30 70.97
C LEU K 301 62.54 44.33 70.35
N ILE K 302 62.58 44.34 69.02
CA ILE K 302 63.33 45.34 68.26
C ILE K 302 62.62 46.68 68.36
N ILE K 303 63.36 47.72 68.79
CA ILE K 303 62.82 49.07 68.84
C ILE K 303 62.43 49.56 67.45
N THR K 304 63.11 49.07 66.40
CA THR K 304 62.82 49.52 65.05
C THR K 304 61.40 49.14 64.63
N ASP K 305 61.00 47.89 64.90
CA ASP K 305 59.65 47.47 64.57
C ASP K 305 58.62 48.24 65.39
N LEU K 306 58.92 48.51 66.66
CA LEU K 306 57.98 49.29 67.47
C LEU K 306 57.82 50.69 66.90
N ILE K 307 58.91 51.27 66.43
CA ILE K 307 58.86 52.60 65.84
C ILE K 307 58.01 52.58 64.57
N GLN K 308 58.26 51.60 63.71
CA GLN K 308 57.47 51.43 62.49
C GLN K 308 55.99 51.26 62.82
N ALA K 309 55.69 50.40 63.79
CA ALA K 309 54.30 50.12 64.15
C ALA K 309 53.59 51.36 64.70
N ILE K 310 54.25 52.09 65.60
CA ILE K 310 53.58 53.23 66.22
C ILE K 310 53.47 54.38 65.23
N MET K 311 54.40 54.50 64.29
CA MET K 311 54.35 55.59 63.33
C MET K 311 53.35 55.31 62.23
N ASN K 312 53.10 54.03 61.93
CA ASN K 312 52.21 53.67 60.84
C ASN K 312 50.74 53.92 61.16
N ILE K 313 50.42 54.39 62.35
CA ILE K 313 49.04 54.79 62.65
C ILE K 313 48.61 55.92 61.72
N ASP K 314 49.45 56.93 61.53
CA ASP K 314 49.07 58.00 60.61
C ASP K 314 50.31 58.82 60.36
N ASP K 315 50.78 58.85 59.12
CA ASP K 315 52.06 59.49 58.84
C ASP K 315 51.98 61.00 58.98
N VAL K 316 50.82 61.59 58.64
CA VAL K 316 50.64 63.03 58.73
C VAL K 316 50.55 63.46 60.19
N LEU K 317 49.83 62.69 61.01
CA LEU K 317 49.67 63.03 62.42
C LEU K 317 51.00 63.07 63.16
N ILE K 318 51.74 61.95 63.15
CA ILE K 318 52.97 61.81 63.90
C ILE K 318 54.10 62.50 63.14
N TYR K 319 54.91 63.27 63.88
CA TYR K 319 56.09 63.95 63.35
C TYR K 319 57.39 63.42 63.94
N ASP K 320 57.41 63.17 65.25
CA ASP K 320 58.58 62.65 65.96
C ASP K 320 58.13 61.71 67.06
N VAL K 321 58.96 60.70 67.36
CA VAL K 321 58.66 59.75 68.43
C VAL K 321 59.97 59.41 69.16
N SER K 322 59.85 59.09 70.44
CA SER K 322 61.03 58.74 71.23
C SER K 322 60.54 57.99 72.45
N PHE K 323 61.44 57.20 73.05
CA PHE K 323 61.15 56.45 74.29
C PHE K 323 62.05 56.93 75.42
N ASP K 324 61.43 57.48 76.47
CA ASP K 324 62.17 57.86 77.67
C ASP K 324 62.85 56.66 78.32
N ASN K 325 62.12 55.56 78.51
CA ASN K 325 62.62 54.44 79.32
C ASN K 325 62.76 53.17 78.49
N LEU K 326 63.39 53.28 77.32
CA LEU K 326 63.73 52.11 76.52
C LEU K 326 65.04 52.42 75.81
N ASP K 327 66.13 51.81 76.27
CA ASP K 327 67.44 52.16 75.74
C ASP K 327 67.66 51.54 74.35
N GLU K 328 67.68 50.21 74.25
CA GLU K 328 67.86 49.56 72.95
C GLU K 328 66.81 48.45 72.82
N ASN K 329 67.04 47.57 71.85
CA ASN K 329 66.20 46.38 71.70
C ASN K 329 66.46 45.40 72.84
N ILE K 330 65.40 44.75 73.28
CA ILE K 330 65.43 43.81 74.40
C ILE K 330 65.46 42.40 73.85
N ILE K 331 66.53 41.67 74.17
CA ILE K 331 66.71 40.27 73.80
C ILE K 331 66.04 39.41 74.86
N VAL K 332 65.47 38.29 74.43
CA VAL K 332 64.62 37.45 75.27
C VAL K 332 65.15 36.02 75.10
N PRO K 333 65.08 35.15 76.09
CA PRO K 333 65.49 33.76 75.87
C PRO K 333 64.56 33.07 74.89
N PRO K 334 64.78 31.80 74.59
CA PRO K 334 63.82 31.09 73.73
C PRO K 334 62.48 30.86 74.38
N GLN K 335 62.45 30.66 75.70
CA GLN K 335 61.22 30.38 76.41
C GLN K 335 60.46 31.63 76.83
N GLY K 336 61.02 32.83 76.64
CA GLY K 336 60.35 34.05 77.05
C GLY K 336 59.42 34.59 75.98
N ILE K 337 58.34 35.23 76.43
CA ILE K 337 57.39 35.91 75.55
C ILE K 337 57.16 37.33 76.08
N ILE K 338 57.05 38.30 75.17
CA ILE K 338 56.87 39.70 75.53
C ILE K 338 55.43 39.92 75.97
N ARG K 339 55.25 40.73 77.03
CA ARG K 339 53.91 41.10 77.48
C ARG K 339 53.93 42.58 77.86
N ALA K 340 52.75 43.20 77.82
CA ALA K 340 52.59 44.60 78.22
C ALA K 340 52.33 44.70 79.71
N GLY K 341 53.35 45.08 80.49
CA GLY K 341 53.14 45.39 81.89
C GLY K 341 52.55 46.75 82.24
N GLU K 342 53.17 47.82 81.74
CA GLU K 342 52.71 49.18 82.02
C GLU K 342 53.16 50.07 80.86
N ILE K 343 52.20 50.78 80.25
CA ILE K 343 52.45 51.59 79.06
C ILE K 343 51.87 52.96 79.31
N LYS K 344 52.64 53.98 78.94
CA LYS K 344 52.21 55.36 79.09
C LYS K 344 52.68 56.14 77.86
N VAL K 345 51.84 57.06 77.38
CA VAL K 345 52.10 57.81 76.14
C VAL K 345 51.95 59.30 76.42
N GLU K 346 53.01 60.06 76.15
CA GLU K 346 53.00 61.50 76.29
C GLU K 346 52.85 62.15 74.93
N LEU K 347 52.08 63.23 74.88
CA LEU K 347 51.85 64.00 73.67
C LEU K 347 52.57 65.34 73.76
N LYS K 348 53.33 65.66 72.72
CA LYS K 348 54.12 66.89 72.65
C LYS K 348 53.67 67.79 71.49
N ARG L 2 33.22 12.20 -62.53
CA ARG L 2 31.91 11.89 -63.15
C ARG L 2 31.62 12.77 -64.38
N PHE L 3 30.65 12.35 -65.19
CA PHE L 3 30.42 13.00 -66.48
C PHE L 3 28.97 12.84 -66.92
N LYS L 4 28.60 13.66 -67.90
CA LYS L 4 27.33 13.57 -68.61
C LYS L 4 27.58 13.23 -70.08
N LYS L 5 26.68 12.40 -70.63
CA LYS L 5 26.70 12.00 -72.03
C LYS L 5 26.00 13.06 -72.87
N HIS L 6 26.39 13.15 -74.15
CA HIS L 6 25.76 14.07 -75.09
C HIS L 6 26.01 13.54 -76.51
N VAL L 7 25.25 14.06 -77.49
CA VAL L 7 25.46 13.76 -78.91
C VAL L 7 25.51 15.02 -79.77
N VAL L 8 26.31 14.95 -80.83
CA VAL L 8 26.47 16.01 -81.84
C VAL L 8 25.18 16.14 -82.65
N GLN L 9 24.61 17.34 -82.67
CA GLN L 9 23.44 17.69 -83.46
C GLN L 9 23.82 18.40 -84.77
N HIS L 10 22.86 18.45 -85.71
CA HIS L 10 23.07 19.04 -87.04
C HIS L 10 23.57 20.47 -86.93
N GLU L 11 24.79 20.71 -87.43
CA GLU L 11 25.42 22.04 -87.43
C GLU L 11 25.36 22.74 -86.07
N GLU L 12 25.63 21.99 -85.01
CA GLU L 12 25.93 22.55 -83.70
C GLU L 12 27.43 22.83 -83.59
N THR L 13 27.78 24.04 -83.15
CA THR L 13 29.17 24.42 -82.94
C THR L 13 29.61 24.06 -81.53
N MET L 14 30.90 23.75 -81.40
CA MET L 14 31.48 23.40 -80.10
C MET L 14 31.34 24.52 -79.08
N GLN L 15 31.28 25.79 -79.52
CA GLN L 15 30.98 26.86 -78.59
C GLN L 15 29.63 26.64 -77.88
N ALA L 16 28.63 26.20 -78.64
CA ALA L 16 27.26 26.16 -78.15
C ALA L 16 27.06 25.18 -76.98
N ILE L 17 27.85 24.11 -76.94
CA ILE L 17 27.68 23.06 -75.94
C ILE L 17 28.15 23.55 -74.58
N ALA L 18 29.39 24.06 -74.53
CA ALA L 18 29.97 24.57 -73.29
C ALA L 18 29.10 25.67 -72.68
N GLN L 19 28.58 26.56 -73.52
CA GLN L 19 27.72 27.63 -73.03
C GLN L 19 26.42 27.08 -72.43
N ARG L 20 25.82 26.09 -73.07
CA ARG L 20 24.53 25.61 -72.57
C ARG L 20 24.69 24.84 -71.26
N TYR L 21 25.74 24.02 -71.12
CA TYR L 21 25.87 23.23 -69.91
C TYR L 21 26.62 23.95 -68.78
N TYR L 22 27.74 24.62 -69.06
CA TYR L 22 28.56 25.23 -68.02
C TYR L 22 28.30 26.73 -67.87
N GLY L 23 27.39 27.29 -68.65
CA GLY L 23 27.14 28.72 -68.61
C GLY L 23 28.04 29.55 -69.50
N ASP L 24 29.30 29.76 -69.10
CA ASP L 24 30.22 30.54 -69.91
C ASP L 24 30.67 29.77 -71.15
N VAL L 25 30.66 30.46 -72.30
CA VAL L 25 31.21 29.91 -73.55
C VAL L 25 32.72 29.70 -73.43
N SER L 26 33.37 30.47 -72.55
CA SER L 26 34.82 30.51 -72.46
C SER L 26 35.44 29.13 -72.25
N TYR L 27 34.69 28.20 -71.64
CA TYR L 27 35.20 26.89 -71.24
C TYR L 27 35.34 25.88 -72.37
N TRP L 28 34.90 26.20 -73.60
CA TRP L 28 34.96 25.20 -74.66
C TRP L 28 36.41 24.76 -74.90
N ILE L 29 37.35 25.69 -74.74
CA ILE L 29 38.76 25.47 -75.06
C ILE L 29 39.32 24.27 -74.28
N ASP L 30 39.08 24.23 -72.97
CA ASP L 30 39.45 23.06 -72.20
C ASP L 30 38.55 21.87 -72.50
N LEU L 31 37.32 22.11 -72.97
CA LEU L 31 36.39 21.02 -73.17
C LEU L 31 36.72 20.16 -74.39
N VAL L 32 37.46 20.71 -75.36
CA VAL L 32 37.82 19.92 -76.55
C VAL L 32 38.93 18.92 -76.22
N GLU L 33 39.80 19.23 -75.26
CA GLU L 33 40.87 18.30 -74.90
C GLU L 33 40.29 17.02 -74.27
N HIS L 34 39.16 17.12 -73.57
CA HIS L 34 38.56 15.92 -72.99
C HIS L 34 38.09 14.96 -74.07
N ASN L 35 37.49 15.47 -75.14
CA ASN L 35 37.08 14.65 -76.27
C ASN L 35 38.18 14.53 -77.33
N ASN L 36 39.42 14.88 -76.97
CA ASN L 36 40.61 14.56 -77.78
C ASN L 36 40.52 15.01 -79.23
N LEU L 37 39.83 16.13 -79.49
CA LEU L 37 39.45 16.48 -80.85
C LEU L 37 40.54 17.28 -81.57
N LYS L 38 40.77 16.95 -82.85
CA LYS L 38 41.54 17.83 -83.72
C LYS L 38 40.71 19.06 -84.06
N TYR L 39 41.40 20.11 -84.56
CA TYR L 39 40.80 21.43 -84.80
C TYR L 39 39.37 21.42 -85.36
N PRO L 40 39.01 20.59 -86.37
CA PRO L 40 37.64 20.58 -86.89
C PRO L 40 36.67 19.93 -85.89
N TYR L 41 36.68 20.44 -84.65
CA TYR L 41 36.27 19.70 -83.45
C TYR L 41 34.96 18.94 -83.63
N LEU L 42 33.94 19.65 -84.12
CA LEU L 42 32.69 19.07 -84.59
C LEU L 42 32.54 19.43 -86.05
N VAL L 43 32.26 18.43 -86.90
CA VAL L 43 32.13 18.62 -88.34
C VAL L 43 30.92 17.83 -88.83
N GLU L 44 30.15 18.41 -89.75
CA GLU L 44 28.83 17.86 -90.06
C GLU L 44 28.91 16.49 -90.72
N THR L 45 29.86 16.29 -91.62
CA THR L 45 29.82 15.21 -92.60
C THR L 45 30.62 14.00 -92.12
N ASP L 46 30.09 12.80 -92.35
CA ASP L 46 30.82 11.59 -91.96
C ASP L 46 31.91 11.22 -92.95
N GLU L 47 31.71 11.46 -94.25
CA GLU L 47 32.81 11.25 -95.18
C GLU L 47 33.98 12.21 -94.92
N GLU L 48 33.76 13.26 -94.14
CA GLU L 48 34.83 14.11 -93.62
C GLU L 48 35.40 13.55 -92.32
N LYS L 49 34.60 12.88 -91.50
CA LYS L 49 35.16 12.12 -90.38
C LYS L 49 36.03 10.98 -90.87
N MET L 50 35.82 10.53 -92.11
CA MET L 50 36.60 9.42 -92.64
C MET L 50 38.05 9.85 -92.92
N LYS L 51 38.34 11.14 -92.80
CA LYS L 51 39.70 11.68 -92.93
C LYS L 51 40.67 11.02 -91.96
N ASP L 52 40.31 10.98 -90.68
CA ASP L 52 41.11 10.36 -89.64
C ASP L 52 40.17 10.07 -88.48
N PRO L 53 39.41 8.94 -88.53
CA PRO L 53 38.20 8.85 -87.70
C PRO L 53 38.37 9.07 -86.20
N GLU L 54 39.46 8.62 -85.57
CA GLU L 54 39.40 8.63 -84.11
C GLU L 54 39.50 10.03 -83.50
N ARG L 55 40.02 11.02 -84.24
CA ARG L 55 40.33 12.34 -83.69
C ARG L 55 39.25 13.39 -84.00
N LEU L 56 38.01 12.97 -84.27
CA LEU L 56 36.96 13.93 -84.62
C LEU L 56 35.62 13.42 -84.11
N ALA L 57 34.64 14.33 -84.12
CA ALA L 57 33.24 13.99 -83.90
C ALA L 57 32.40 14.60 -85.01
N SER L 58 31.36 13.88 -85.44
CA SER L 58 30.44 14.40 -86.45
C SER L 58 28.99 14.13 -86.02
N THR L 59 28.04 14.55 -86.86
CA THR L 59 26.63 14.53 -86.52
C THR L 59 26.16 13.12 -86.17
N GLY L 60 25.63 12.99 -84.94
CA GLY L 60 25.20 11.73 -84.39
C GLY L 60 26.19 11.07 -83.46
N ASP L 61 27.43 11.56 -83.39
CA ASP L 61 28.40 10.95 -82.49
C ASP L 61 28.22 11.42 -81.05
N THR L 62 28.57 10.54 -80.11
CA THR L 62 28.55 10.88 -78.69
C THR L 62 29.63 11.90 -78.36
N LEU L 63 29.44 12.60 -77.23
CA LEU L 63 30.46 13.43 -76.61
C LEU L 63 30.46 13.20 -75.10
N ILE L 64 31.57 13.60 -74.46
CA ILE L 64 31.73 13.53 -73.01
C ILE L 64 31.70 14.95 -72.44
N ILE L 65 30.99 15.11 -71.32
CA ILE L 65 30.82 16.40 -70.66
C ILE L 65 31.15 16.25 -69.16
N PRO L 66 32.38 16.58 -68.72
CA PRO L 66 32.72 16.51 -67.29
C PRO L 66 31.80 17.36 -66.41
N ILE L 67 31.81 17.06 -65.10
CA ILE L 67 31.36 18.05 -64.13
C ILE L 67 32.42 19.13 -63.98
N GLU L 68 31.99 20.30 -63.54
CA GLU L 68 32.84 21.49 -63.58
C GLU L 68 34.08 21.34 -62.69
N SER L 69 33.98 20.57 -61.61
CA SER L 69 35.15 20.36 -60.74
C SER L 69 36.23 19.57 -61.46
N ASP L 70 35.85 18.54 -62.22
CA ASP L 70 36.84 17.77 -62.98
C ASP L 70 37.19 18.39 -64.33
N LEU L 71 36.57 19.54 -64.68
CA LEU L 71 36.89 20.19 -65.94
C LEU L 71 38.35 20.61 -65.99
N THR L 72 38.85 21.19 -64.91
CA THR L 72 40.21 21.73 -64.89
C THR L 72 41.26 20.70 -64.54
N ASP L 73 40.88 19.51 -64.07
CA ASP L 73 41.86 18.51 -63.70
C ASP L 73 42.55 17.95 -64.94
N VAL L 74 43.88 17.98 -64.93
CA VAL L 74 44.66 17.48 -66.06
C VAL L 74 44.53 15.95 -66.13
N SER L 75 44.41 15.28 -64.99
CA SER L 75 44.26 13.82 -65.02
C SER L 75 42.93 13.43 -65.65
N ALA L 76 41.85 14.15 -65.32
CA ALA L 76 40.57 13.89 -65.96
C ALA L 76 40.66 14.13 -67.47
N LYS L 77 41.45 15.11 -67.87
CA LYS L 77 41.61 15.41 -69.29
C LYS L 77 42.30 14.25 -70.01
N GLU L 78 43.43 13.82 -69.45
CA GLU L 78 44.20 12.71 -70.03
C GLU L 78 43.39 11.43 -70.11
N ILE L 79 42.62 11.12 -69.06
CA ILE L 79 41.87 9.87 -69.02
C ILE L 79 40.70 9.92 -70.01
N ASN L 80 39.95 11.03 -70.03
CA ASN L 80 38.83 11.15 -70.93
C ASN L 80 39.27 11.26 -72.39
N SER L 81 40.51 11.66 -72.64
CA SER L 81 40.99 11.80 -74.01
C SER L 81 40.96 10.47 -74.76
N ARG L 82 41.50 9.42 -74.13
CA ARG L 82 41.76 8.16 -74.80
C ARG L 82 40.76 7.07 -74.41
N ASP L 83 40.27 7.06 -73.17
CA ASP L 83 39.42 5.95 -72.75
C ASP L 83 38.11 5.92 -73.54
N LYS L 84 37.53 7.10 -73.82
CA LYS L 84 36.25 7.24 -74.52
C LYS L 84 35.16 6.35 -73.91
N ASP L 85 34.70 5.31 -74.62
CA ASP L 85 33.57 4.52 -74.14
C ASP L 85 33.91 3.70 -72.91
N VAL L 86 35.20 3.46 -72.64
CA VAL L 86 35.60 2.72 -71.46
C VAL L 86 35.37 3.51 -70.17
N LEU L 87 34.98 4.78 -70.27
CA LEU L 87 34.57 5.58 -69.12
C LEU L 87 33.53 4.86 -68.26
N VAL L 88 32.36 4.57 -68.83
CA VAL L 88 31.27 3.99 -68.06
C VAL L 88 31.72 2.73 -67.31
N GLU L 89 32.52 1.89 -67.96
CA GLU L 89 32.91 0.63 -67.36
C GLU L 89 33.81 0.86 -66.14
N LEU L 90 34.83 1.70 -66.31
CA LEU L 90 35.73 2.10 -65.24
C LEU L 90 34.98 2.82 -64.12
N ALA L 91 33.96 3.60 -64.46
CA ALA L 91 33.30 4.46 -63.47
C ALA L 91 32.32 3.66 -62.60
N LEU L 92 31.75 2.60 -63.17
CA LEU L 92 30.97 1.56 -62.52
C LEU L 92 31.80 0.38 -62.04
N GLY L 93 33.04 0.28 -62.49
CA GLY L 93 34.03 -0.64 -61.97
C GLY L 93 33.90 -2.02 -62.61
N ARG L 94 34.87 -2.87 -62.28
CA ARG L 94 35.07 -4.15 -62.94
C ARG L 94 35.11 -5.25 -61.89
N ASP L 95 34.54 -6.41 -62.19
CA ASP L 95 34.47 -7.46 -61.18
C ASP L 95 34.29 -8.82 -61.87
N LEU L 96 34.63 -9.87 -61.12
CA LEU L 96 34.46 -11.24 -61.57
C LEU L 96 32.97 -11.60 -61.63
N ASN L 97 32.59 -12.23 -62.74
CA ASN L 97 31.21 -12.63 -62.96
C ASN L 97 30.94 -13.96 -62.28
N ILE L 98 29.89 -14.00 -61.44
CA ILE L 98 29.51 -15.20 -60.71
C ILE L 98 28.04 -15.54 -60.89
N THR L 99 27.40 -14.95 -61.91
CA THR L 99 26.05 -15.35 -62.30
C THR L 99 26.12 -16.45 -63.36
N ALA L 100 26.80 -17.55 -63.00
CA ALA L 100 27.01 -18.59 -64.00
C ALA L 100 25.70 -19.26 -64.37
N ASP L 101 24.89 -19.57 -63.36
CA ASP L 101 23.63 -20.27 -63.51
C ASP L 101 22.51 -19.27 -63.21
N GLU L 102 22.19 -18.45 -64.21
CA GLU L 102 21.14 -17.44 -64.01
C GLU L 102 19.77 -18.08 -63.86
N LYS L 103 19.50 -19.14 -64.62
CA LYS L 103 18.26 -19.86 -64.43
C LYS L 103 18.17 -20.47 -63.03
N TYR L 104 19.30 -20.89 -62.45
CA TYR L 104 19.30 -21.67 -61.22
C TYR L 104 19.23 -20.83 -59.95
N PHE L 105 20.02 -19.75 -59.83
CA PHE L 105 20.05 -19.04 -58.55
C PHE L 105 18.70 -18.45 -58.19
N ASN L 106 17.86 -18.25 -59.18
CA ASN L 106 16.48 -17.81 -59.03
C ASN L 106 15.50 -18.94 -58.71
N GLU L 107 16.02 -20.12 -58.31
CA GLU L 107 15.20 -21.19 -57.78
C GLU L 107 15.46 -21.47 -56.30
N HIS L 108 16.52 -20.90 -55.68
CA HIS L 108 16.82 -21.26 -54.29
C HIS L 108 17.34 -20.08 -53.46
N GLY L 109 16.96 -18.84 -53.77
CA GLY L 109 17.45 -17.70 -53.01
C GLY L 109 17.21 -17.74 -51.51
N THR L 110 18.07 -17.06 -50.75
CA THR L 110 18.20 -17.14 -49.29
C THR L 110 18.70 -18.51 -48.83
N SER L 111 19.23 -19.33 -49.74
CA SER L 111 20.00 -20.51 -49.40
C SER L 111 21.43 -20.32 -49.88
N ASP L 112 22.37 -20.96 -49.21
CA ASP L 112 23.78 -20.78 -49.53
C ASP L 112 24.20 -21.66 -50.70
N ASN L 113 25.48 -21.56 -51.07
CA ASN L 113 26.15 -22.35 -52.10
C ASN L 113 25.60 -22.11 -53.50
N ILE L 114 24.93 -20.97 -53.73
CA ILE L 114 24.14 -20.80 -54.95
C ILE L 114 24.90 -20.20 -56.15
N LEU L 115 25.98 -19.46 -55.92
CA LEU L 115 26.70 -18.79 -57.02
C LEU L 115 28.06 -19.43 -57.25
N ALA L 116 28.65 -19.14 -58.42
CA ALA L 116 29.81 -19.92 -58.84
C ALA L 116 30.47 -19.19 -60.00
N PHE L 117 31.79 -19.33 -60.07
CA PHE L 117 32.54 -18.74 -61.16
C PHE L 117 32.11 -19.36 -62.49
N SER L 118 32.41 -18.66 -63.58
CA SER L 118 32.12 -19.16 -64.92
C SER L 118 33.24 -18.72 -65.85
N THR L 119 33.15 -19.15 -67.11
CA THR L 119 34.21 -18.93 -68.08
C THR L 119 33.59 -18.32 -69.33
N ASN L 120 34.19 -17.22 -69.79
CA ASN L 120 33.83 -16.60 -71.05
C ASN L 120 35.11 -16.27 -71.80
N GLY L 121 35.01 -16.26 -73.13
CA GLY L 121 36.17 -16.00 -73.95
C GLY L 121 36.94 -17.29 -74.14
N ASN L 122 38.13 -17.37 -73.55
CA ASN L 122 38.91 -18.61 -73.56
C ASN L 122 40.04 -18.57 -72.55
N GLY L 123 40.07 -19.54 -71.65
CA GLY L 123 41.16 -19.67 -70.70
C GLY L 123 41.22 -18.60 -69.64
N ASP L 124 40.11 -17.90 -69.40
CA ASP L 124 40.06 -16.84 -68.39
C ASP L 124 38.70 -16.85 -67.73
N LEU L 125 38.70 -16.65 -66.41
CA LEU L 125 37.46 -16.53 -65.65
C LEU L 125 36.62 -15.37 -66.19
N ASP L 126 35.30 -15.55 -66.19
CA ASP L 126 34.41 -14.53 -66.69
C ASP L 126 34.42 -13.30 -65.78
N THR L 127 34.25 -12.14 -66.41
CA THR L 127 34.17 -10.86 -65.71
C THR L 127 32.97 -10.08 -66.19
N VAL L 128 32.47 -9.21 -65.31
CA VAL L 128 31.29 -8.39 -65.56
C VAL L 128 31.66 -6.93 -65.30
N LYS L 129 31.03 -6.05 -66.05
CA LYS L 129 31.37 -4.62 -65.99
C LYS L 129 30.14 -3.81 -66.37
N GLY L 130 30.18 -2.54 -66.00
CA GLY L 130 29.13 -1.62 -66.38
C GLY L 130 27.89 -1.81 -65.52
N ILE L 131 26.74 -1.62 -66.17
CA ILE L 131 25.47 -1.71 -65.48
C ILE L 131 25.19 -3.14 -65.04
N ASP L 132 25.62 -4.12 -65.84
CA ASP L 132 25.45 -5.52 -65.46
C ASP L 132 26.11 -5.81 -64.12
N ASN L 133 27.32 -5.28 -63.92
CA ASN L 133 28.01 -5.40 -62.64
C ASN L 133 27.16 -4.82 -61.50
N MET L 134 26.53 -3.67 -61.74
CA MET L 134 25.77 -3.02 -60.68
C MET L 134 24.55 -3.87 -60.33
N LYS L 135 23.88 -4.40 -61.36
CA LYS L 135 22.76 -5.32 -61.14
C LYS L 135 23.21 -6.54 -60.33
N GLN L 136 24.22 -7.24 -60.83
CA GLN L 136 24.75 -8.42 -60.14
C GLN L 136 25.04 -8.13 -58.67
N GLN L 137 25.63 -6.98 -58.39
CA GLN L 137 25.99 -6.64 -57.02
C GLN L 137 24.74 -6.38 -56.17
N LEU L 138 23.76 -5.66 -56.73
CA LEU L 138 22.48 -5.49 -56.03
C LEU L 138 21.81 -6.84 -55.76
N GLN L 139 21.85 -7.72 -56.76
CA GLN L 139 21.26 -9.05 -56.67
C GLN L 139 21.91 -9.85 -55.54
N ALA L 140 23.25 -9.89 -55.52
CA ALA L 140 23.96 -10.60 -54.46
C ALA L 140 23.69 -9.99 -53.10
N ARG L 141 23.65 -8.66 -53.02
CA ARG L 141 23.41 -7.99 -51.74
C ARG L 141 22.03 -8.34 -51.21
N LEU L 142 21.05 -8.39 -52.10
CA LEU L 142 19.70 -8.72 -51.66
C LEU L 142 19.62 -10.18 -51.16
N LEU L 143 20.18 -11.13 -51.91
CA LEU L 143 20.28 -12.53 -51.53
C LEU L 143 21.55 -12.78 -50.72
N THR L 144 21.64 -12.16 -49.54
CA THR L 144 22.64 -12.51 -48.53
C THR L 144 22.13 -12.08 -47.15
N PRO L 145 22.20 -12.92 -46.11
CA PRO L 145 21.67 -12.51 -44.79
C PRO L 145 22.58 -11.58 -44.00
N ARG L 146 21.93 -10.67 -43.26
CA ARG L 146 22.52 -9.44 -42.72
C ARG L 146 23.87 -9.59 -42.01
N GLY L 147 24.25 -10.77 -41.51
CA GLY L 147 25.48 -10.85 -40.75
C GLY L 147 26.27 -12.08 -41.13
N SER L 148 26.41 -12.38 -42.42
CA SER L 148 26.99 -13.64 -42.85
C SER L 148 28.30 -13.52 -43.64
N LEU L 149 28.77 -12.31 -43.96
CA LEU L 149 30.11 -12.15 -44.54
C LEU L 149 31.11 -12.00 -43.41
N MET L 150 32.29 -12.62 -43.59
CA MET L 150 33.22 -12.80 -42.49
C MET L 150 33.85 -11.49 -41.99
N LEU L 151 33.73 -10.40 -42.75
CA LEU L 151 34.13 -9.09 -42.30
C LEU L 151 33.06 -8.11 -42.75
N HIS L 152 33.18 -6.86 -42.29
CA HIS L 152 32.23 -5.77 -42.52
C HIS L 152 30.78 -6.28 -42.48
N PRO L 153 30.34 -6.87 -41.35
CA PRO L 153 28.94 -7.29 -41.21
C PRO L 153 27.99 -6.12 -41.14
N ASN L 154 26.71 -6.39 -40.88
CA ASN L 154 25.64 -5.44 -41.18
C ASN L 154 25.64 -5.11 -42.68
N TYR L 155 25.76 -6.18 -43.47
CA TYR L 155 25.69 -6.22 -44.92
C TYR L 155 24.66 -7.27 -45.27
N GLY L 156 23.83 -7.01 -46.28
CA GLY L 156 22.76 -7.94 -46.63
C GLY L 156 21.38 -7.50 -46.14
N SER L 157 20.49 -8.47 -45.93
CA SER L 157 19.07 -8.21 -45.70
C SER L 157 18.52 -9.24 -44.71
N ASP L 158 17.36 -8.92 -44.14
CA ASP L 158 16.56 -9.87 -43.38
C ASP L 158 15.45 -10.50 -44.21
N LEU L 159 15.67 -10.63 -45.53
CA LEU L 159 14.67 -11.23 -46.40
C LEU L 159 14.39 -12.67 -46.02
N HIS L 160 15.37 -13.35 -45.45
CA HIS L 160 15.19 -14.73 -45.00
C HIS L 160 14.36 -14.81 -43.73
N ASN L 161 14.05 -13.68 -43.11
CA ASN L 161 13.35 -13.61 -41.84
C ASN L 161 11.91 -13.10 -41.97
N LEU L 162 11.53 -12.57 -43.13
CA LEU L 162 10.29 -11.83 -43.32
C LEU L 162 9.14 -12.70 -43.83
N PHE L 163 9.33 -14.02 -43.91
CA PHE L 163 8.27 -14.92 -44.36
C PHE L 163 7.11 -14.95 -43.37
N GLY L 164 5.92 -14.55 -43.84
CA GLY L 164 4.78 -14.39 -42.97
C GLY L 164 3.46 -14.55 -43.70
N LEU L 165 2.38 -14.24 -42.99
CA LEU L 165 1.00 -14.60 -43.37
C LEU L 165 0.43 -13.87 -44.60
N ASN L 166 1.28 -13.20 -45.40
CA ASN L 166 0.92 -12.48 -46.63
C ASN L 166 -0.16 -11.40 -46.43
N ILE L 167 -0.44 -10.99 -45.20
CA ILE L 167 -1.28 -9.81 -44.96
C ILE L 167 -0.50 -8.54 -45.34
N PRO L 168 -1.15 -7.43 -45.72
CA PRO L 168 -0.39 -6.32 -46.35
C PRO L 168 0.73 -5.71 -45.53
N GLU L 169 0.66 -5.79 -44.19
CA GLU L 169 1.69 -5.16 -43.37
C GLU L 169 3.02 -5.86 -43.58
N GLN L 170 2.98 -7.18 -43.73
CA GLN L 170 4.16 -7.96 -44.09
C GLN L 170 4.69 -7.55 -45.46
N ALA L 171 3.82 -7.08 -46.35
CA ALA L 171 4.23 -6.75 -47.70
C ALA L 171 4.87 -5.38 -47.74
N THR L 172 4.35 -4.44 -46.95
CA THR L 172 5.03 -3.16 -46.78
C THR L 172 6.37 -3.34 -46.08
N LEU L 173 6.43 -4.16 -45.02
CA LEU L 173 7.71 -4.51 -44.40
C LEU L 173 8.72 -5.03 -45.42
N ILE L 174 8.30 -5.97 -46.29
CA ILE L 174 9.22 -6.51 -47.29
C ILE L 174 9.68 -5.41 -48.26
N GLU L 175 8.72 -4.59 -48.72
CA GLU L 175 9.02 -3.42 -49.54
C GLU L 175 10.09 -2.54 -48.90
N MET L 176 9.91 -2.22 -47.61
CA MET L 176 10.86 -1.34 -46.94
C MET L 176 12.23 -1.98 -46.81
N GLU L 177 12.28 -3.28 -46.49
CA GLU L 177 13.57 -3.96 -46.43
C GLU L 177 14.28 -3.92 -47.78
N VAL L 178 13.58 -4.30 -48.85
CA VAL L 178 14.17 -4.24 -50.18
C VAL L 178 14.68 -2.83 -50.49
N LEU L 179 13.89 -1.80 -50.16
CA LEU L 179 14.31 -0.44 -50.48
C LEU L 179 15.56 -0.04 -49.69
N ARG L 180 15.58 -0.36 -48.40
CA ARG L 180 16.78 -0.15 -47.60
C ARG L 180 17.98 -0.86 -48.21
N THR L 181 17.82 -2.15 -48.57
CA THR L 181 18.92 -2.92 -49.13
C THR L 181 19.44 -2.29 -50.41
N LEU L 182 18.53 -1.80 -51.26
CA LEU L 182 18.94 -1.22 -52.53
C LEU L 182 19.59 0.13 -52.34
N THR L 183 19.09 0.93 -51.41
CA THR L 183 19.63 2.26 -51.15
C THR L 183 20.89 2.24 -50.29
N SER L 184 21.36 1.06 -49.88
CA SER L 184 22.56 1.00 -49.07
C SER L 184 23.77 1.48 -49.87
N ASP L 185 23.89 1.04 -51.12
CA ASP L 185 24.99 1.45 -51.97
C ASP L 185 24.88 2.93 -52.29
N ASN L 186 25.96 3.68 -52.06
CA ASN L 186 25.93 5.12 -52.30
C ASN L 186 25.82 5.45 -53.78
N ARG L 187 26.27 4.54 -54.66
CA ARG L 187 26.18 4.80 -56.09
C ARG L 187 24.75 5.01 -56.56
N VAL L 188 23.79 4.35 -55.91
CA VAL L 188 22.38 4.47 -56.29
C VAL L 188 21.77 5.63 -55.54
N LYS L 189 20.90 6.36 -56.22
CA LYS L 189 20.36 7.61 -55.69
C LYS L 189 19.20 7.34 -54.75
N SER L 190 18.17 6.67 -55.29
CA SER L 190 16.94 6.33 -54.60
C SER L 190 16.43 5.03 -55.19
N ALA L 191 15.59 4.33 -54.43
CA ALA L 191 14.69 3.35 -55.02
C ALA L 191 13.26 3.74 -54.65
N ASN L 192 12.32 3.21 -55.42
CA ASN L 192 10.90 3.34 -55.14
C ASN L 192 10.15 2.18 -55.78
N LEU L 193 9.13 1.73 -55.06
CA LEU L 193 8.25 0.70 -55.58
C LEU L 193 7.31 1.28 -56.62
N ILE L 194 7.04 0.48 -57.64
CA ILE L 194 6.04 0.78 -58.65
C ILE L 194 4.90 -0.24 -58.69
N ASP L 195 5.12 -1.44 -58.16
CA ASP L 195 4.04 -2.41 -58.03
C ASP L 195 4.34 -3.39 -56.91
N TRP L 196 3.32 -3.71 -56.10
CA TRP L 196 3.33 -4.94 -55.31
C TRP L 196 2.00 -5.65 -55.53
N LYS L 197 2.08 -6.98 -55.54
CA LYS L 197 1.06 -7.85 -56.10
C LYS L 197 1.17 -9.19 -55.39
N ILE L 198 0.03 -9.85 -55.18
CA ILE L 198 -0.05 -11.07 -54.39
C ILE L 198 -0.77 -12.15 -55.21
N GLN L 199 -0.32 -13.41 -55.03
CA GLN L 199 -0.90 -14.59 -55.69
C GLN L 199 -0.90 -15.69 -54.62
N GLY L 200 -1.84 -15.60 -53.70
CA GLY L 200 -1.97 -16.60 -52.65
C GLY L 200 -0.79 -16.63 -51.70
N ASN L 201 0.09 -17.61 -51.90
CA ASN L 201 1.33 -17.73 -51.14
C ASN L 201 2.56 -17.22 -51.89
N VAL L 202 2.36 -16.44 -52.97
CA VAL L 202 3.44 -15.88 -53.76
C VAL L 202 3.35 -14.36 -53.72
N TYR L 203 4.45 -13.72 -53.31
CA TYR L 203 4.65 -12.28 -53.48
C TYR L 203 5.19 -12.01 -54.88
N SER L 204 4.76 -10.88 -55.46
CA SER L 204 5.42 -10.33 -56.64
C SER L 204 5.34 -8.81 -56.63
N GLY L 205 6.38 -8.18 -57.17
CA GLY L 205 6.49 -6.73 -57.19
C GLY L 205 7.75 -6.32 -57.94
N GLN L 206 7.84 -5.02 -58.23
CA GLN L 206 9.00 -4.48 -58.92
C GLN L 206 9.36 -3.09 -58.39
N PHE L 207 10.66 -2.78 -58.50
CA PHE L 207 11.26 -1.57 -57.95
C PHE L 207 12.08 -0.86 -59.03
N SER L 208 11.90 0.46 -59.13
CA SER L 208 12.73 1.32 -59.97
C SER L 208 13.84 1.97 -59.15
N VAL L 209 15.06 1.94 -59.69
CA VAL L 209 16.26 2.44 -59.02
C VAL L 209 16.92 3.47 -59.93
N GLU L 210 17.28 4.61 -59.34
CA GLU L 210 17.89 5.73 -60.06
C GLU L 210 19.40 5.61 -59.91
N ILE L 211 20.06 5.15 -60.98
CA ILE L 211 21.51 5.01 -60.98
C ILE L 211 22.11 6.31 -61.51
N LYS L 212 23.17 6.77 -60.85
CA LYS L 212 23.83 7.98 -61.28
C LYS L 212 24.40 7.80 -62.68
N SER L 213 24.23 8.84 -63.49
CA SER L 213 24.49 8.89 -64.95
C SER L 213 25.59 7.98 -65.48
N PRO M 2 -4.87 2.84 -47.98
CA PRO M 2 -6.30 2.58 -48.08
C PRO M 2 -7.18 3.43 -47.17
N GLN M 3 -8.41 3.65 -47.62
CA GLN M 3 -9.46 4.22 -46.79
C GLN M 3 -10.66 3.30 -46.93
N SER M 4 -11.83 3.81 -46.58
CA SER M 4 -13.07 3.09 -46.76
C SER M 4 -13.68 3.33 -48.13
N ASP M 5 -13.00 4.08 -49.01
CA ASP M 5 -13.64 4.57 -50.23
C ASP M 5 -13.12 3.84 -51.47
N GLY M 6 -14.07 3.34 -52.29
CA GLY M 6 -13.83 2.44 -53.40
C GLY M 6 -13.01 1.17 -53.18
N ILE M 7 -11.94 1.26 -52.42
CA ILE M 7 -11.06 0.13 -52.12
C ILE M 7 -11.60 -0.60 -50.89
N SER M 8 -11.04 -1.77 -50.60
CA SER M 8 -11.49 -2.56 -49.46
C SER M 8 -11.08 -1.88 -48.15
N ASN M 9 -11.48 -2.51 -47.04
CA ASN M 9 -11.49 -1.85 -45.74
C ASN M 9 -10.09 -1.38 -45.34
N LEU M 10 -10.02 -0.14 -44.84
CA LEU M 10 -8.75 0.46 -44.49
C LEU M 10 -8.02 -0.38 -43.45
N HIS M 11 -6.70 -0.19 -43.40
CA HIS M 11 -5.87 -0.83 -42.38
C HIS M 11 -5.49 0.22 -41.36
N ARG M 12 -5.62 -0.15 -40.08
CA ARG M 12 -5.32 0.74 -38.97
C ARG M 12 -3.84 1.13 -38.96
N ILE M 13 -3.50 2.07 -38.07
CA ILE M 13 -2.11 2.55 -37.94
C ILE M 13 -1.38 1.59 -37.02
N ALA M 14 -0.10 1.35 -37.31
CA ALA M 14 0.71 0.39 -36.58
C ALA M 14 2.03 1.03 -36.19
N LEU M 15 2.57 0.56 -35.07
CA LEU M 15 3.86 1.02 -34.55
C LEU M 15 4.79 -0.17 -34.38
N ARG M 16 6.03 -0.02 -34.84
CA ARG M 16 7.03 -1.06 -34.77
C ARG M 16 8.13 -0.63 -33.80
N PHE M 17 8.37 -1.43 -32.79
CA PHE M 17 9.36 -1.19 -31.75
C PHE M 17 10.51 -2.17 -31.92
N PRO M 18 11.65 -1.97 -31.20
CA PRO M 18 12.80 -2.88 -31.41
C PRO M 18 12.95 -3.89 -30.30
N LYS M 19 13.01 -5.18 -30.66
CA LYS M 19 13.10 -6.24 -29.68
C LYS M 19 14.51 -6.31 -29.12
N GLU M 20 14.62 -6.43 -27.79
CA GLU M 20 15.92 -6.51 -27.14
C GLU M 20 16.70 -7.71 -27.67
N GLY M 21 16.03 -8.86 -27.77
CA GLY M 21 16.68 -10.11 -28.10
C GLY M 21 16.79 -10.41 -29.60
N GLY M 22 16.89 -9.38 -30.44
CA GLY M 22 16.84 -9.63 -31.87
C GLY M 22 15.46 -9.80 -32.47
N GLY M 23 15.27 -9.43 -33.74
CA GLY M 23 13.93 -9.39 -34.29
C GLY M 23 13.22 -8.10 -33.88
N TYR M 24 11.91 -8.08 -34.06
CA TYR M 24 11.13 -6.86 -33.88
C TYR M 24 9.74 -7.21 -33.36
N ASP M 25 9.18 -6.29 -32.58
CA ASP M 25 7.80 -6.37 -32.11
C ASP M 25 7.03 -5.12 -32.52
N MET M 26 5.74 -5.31 -32.79
CA MET M 26 4.89 -4.30 -33.40
C MET M 26 3.65 -4.09 -32.54
N TYR M 27 2.95 -2.99 -32.80
CA TYR M 27 1.76 -2.62 -32.05
C TYR M 27 0.77 -1.95 -32.99
N ARG M 28 -0.39 -2.57 -33.19
CA ARG M 28 -1.42 -1.97 -34.02
C ARG M 28 -2.54 -1.46 -33.12
N PHE M 29 -3.05 -0.29 -33.50
CA PHE M 29 -4.12 0.39 -32.78
C PHE M 29 -5.45 -0.20 -33.22
N LYS M 30 -6.27 -0.62 -32.26
CA LYS M 30 -7.59 -1.14 -32.61
C LYS M 30 -8.54 -0.02 -33.04
N VAL M 31 -8.29 1.21 -32.58
CA VAL M 31 -9.16 2.36 -32.83
C VAL M 31 -8.30 3.48 -33.41
N ASN M 32 -8.66 3.96 -34.60
CA ASN M 32 -7.87 5.01 -35.25
C ASN M 32 -7.94 6.32 -34.46
N PRO M 33 -6.89 7.14 -34.53
CA PRO M 33 -6.80 8.31 -33.66
C PRO M 33 -7.88 9.35 -33.96
N GLU M 34 -8.27 10.09 -32.91
CA GLU M 34 -9.30 11.11 -33.05
C GLU M 34 -8.77 12.30 -33.83
N ASN M 35 -7.52 12.69 -33.58
CA ASN M 35 -6.86 13.77 -34.29
C ASN M 35 -5.52 13.29 -34.78
N TYR M 36 -5.11 13.79 -35.94
CA TYR M 36 -3.84 13.40 -36.55
C TYR M 36 -3.32 14.66 -37.25
N THR M 37 -2.24 15.22 -36.71
CA THR M 37 -1.61 16.45 -37.21
C THR M 37 -0.18 16.14 -37.59
N ILE M 38 0.28 16.74 -38.69
CA ILE M 38 1.65 16.62 -39.17
C ILE M 38 2.13 18.03 -39.44
N ASP M 39 3.16 18.48 -38.72
CA ASP M 39 3.76 19.78 -38.96
C ASP M 39 5.07 19.60 -39.71
N SER M 40 5.22 20.34 -40.82
CA SER M 40 6.40 20.27 -41.68
C SER M 40 6.92 21.68 -41.94
N PRO M 41 7.51 22.33 -40.92
CA PRO M 41 7.93 23.73 -41.11
C PRO M 41 9.15 23.82 -42.02
N GLN M 42 9.61 25.04 -42.25
CA GLN M 42 10.80 25.30 -43.04
C GLN M 42 11.71 26.23 -42.26
N ARG M 43 13.02 25.98 -42.36
CA ARG M 43 14.04 26.81 -41.73
C ARG M 43 14.49 27.81 -42.79
N THR M 44 13.84 28.96 -42.80
CA THR M 44 14.16 30.03 -43.74
C THR M 44 13.78 31.35 -43.09
N THR M 45 14.59 32.38 -43.35
CA THR M 45 14.38 33.70 -42.78
C THR M 45 14.40 34.74 -43.90
N ALA M 46 13.53 35.75 -43.79
CA ALA M 46 13.41 36.80 -44.80
C ALA M 46 13.62 38.15 -44.14
N ILE M 47 14.60 38.90 -44.64
CA ILE M 47 14.97 40.21 -44.10
C ILE M 47 15.12 41.18 -45.26
N LYS M 48 14.27 42.20 -45.30
CA LYS M 48 14.31 43.19 -46.35
C LYS M 48 15.40 44.24 -46.11
N THR M 49 16.07 44.63 -47.19
CA THR M 49 17.01 45.76 -47.17
C THR M 49 16.29 47.03 -47.65
N LYS M 50 17.05 48.07 -48.00
CA LYS M 50 16.47 49.37 -48.30
C LYS M 50 15.51 49.32 -49.48
N SER M 51 15.83 48.49 -50.47
CA SER M 51 15.10 48.45 -51.74
C SER M 51 15.16 47.08 -52.40
N ASP M 52 15.28 46.02 -51.61
CA ASP M 52 15.30 44.66 -52.11
C ASP M 52 14.90 43.71 -51.00
N ILE M 53 14.53 42.49 -51.37
CA ILE M 53 14.19 41.46 -50.40
C ILE M 53 15.17 40.30 -50.54
N VAL M 54 15.76 39.90 -49.40
CA VAL M 54 16.72 38.81 -49.31
C VAL M 54 16.05 37.61 -48.66
N ILE M 55 16.06 36.49 -49.39
CA ILE M 55 15.53 35.21 -48.92
C ILE M 55 16.70 34.23 -48.85
N GLU M 56 16.83 33.57 -47.71
CA GLU M 56 17.81 32.51 -47.49
C GLU M 56 17.12 31.31 -46.86
N ASP M 57 17.55 30.12 -47.27
CA ASP M 57 17.00 28.86 -46.78
C ASP M 57 18.14 27.90 -46.47
N TYR M 58 17.90 26.99 -45.54
CA TYR M 58 18.88 25.99 -45.10
C TYR M 58 18.20 24.64 -44.89
N GLY M 59 17.46 24.18 -45.89
CA GLY M 59 16.98 22.81 -45.87
C GLY M 59 15.61 22.65 -45.24
N LYS M 60 15.20 21.38 -45.18
CA LYS M 60 13.91 20.99 -44.63
C LYS M 60 13.99 20.90 -43.12
N ASP M 61 12.93 21.35 -42.45
CA ASP M 61 12.88 21.28 -41.00
C ASP M 61 12.34 19.94 -40.54
N ILE M 62 12.46 19.67 -39.23
CA ILE M 62 11.92 18.45 -38.66
C ILE M 62 10.42 18.39 -38.90
N GLU M 63 9.96 17.24 -39.40
CA GLU M 63 8.55 17.00 -39.67
C GLU M 63 7.94 16.39 -38.41
N VAL M 64 7.17 17.19 -37.66
CA VAL M 64 6.63 16.77 -36.38
C VAL M 64 5.26 16.13 -36.59
N ILE M 65 5.12 14.91 -36.08
CA ILE M 65 3.90 14.12 -36.16
C ILE M 65 3.28 14.07 -34.77
N ASN M 66 1.98 14.38 -34.70
CA ASN M 66 1.22 14.37 -33.46
C ASN M 66 -0.17 13.87 -33.77
N PHE M 67 -0.66 12.97 -32.91
CA PHE M 67 -1.98 12.38 -33.05
C PHE M 67 -2.50 11.90 -31.70
N THR M 68 -3.82 11.90 -31.58
CA THR M 68 -4.55 11.57 -30.35
C THR M 68 -5.54 10.47 -30.64
N GLY M 69 -5.57 9.44 -29.79
CA GLY M 69 -6.47 8.32 -29.97
C GLY M 69 -6.95 7.77 -28.65
N THR M 70 -7.97 6.91 -28.70
CA THR M 70 -8.44 6.17 -27.53
C THR M 70 -8.37 4.66 -27.81
N THR M 71 -8.77 3.86 -26.82
CA THR M 71 -8.88 2.41 -26.94
C THR M 71 -10.31 1.95 -26.68
N GLY M 72 -10.80 1.03 -27.51
CA GLY M 72 -12.16 0.53 -27.37
C GLY M 72 -12.38 -0.30 -26.12
N PHE M 73 -13.63 -0.29 -25.64
CA PHE M 73 -13.98 -1.07 -24.47
C PHE M 73 -14.27 -2.54 -24.81
N ARG M 74 -14.83 -2.80 -25.99
CA ARG M 74 -15.03 -4.18 -26.42
C ARG M 74 -13.68 -4.91 -26.45
N PRO M 75 -13.66 -6.22 -26.19
CA PRO M 75 -12.48 -7.00 -26.57
C PRO M 75 -12.52 -7.34 -28.05
N VAL M 76 -11.38 -7.83 -28.53
CA VAL M 76 -11.19 -8.18 -29.93
C VAL M 76 -10.12 -9.26 -30.00
N ARG M 77 -10.20 -10.09 -31.04
CA ARG M 77 -9.17 -11.11 -31.22
C ARG M 77 -7.80 -10.49 -31.43
N GLU M 78 -6.77 -11.22 -30.99
CA GLU M 78 -5.37 -10.80 -31.07
C GLU M 78 -4.55 -11.94 -31.66
N ALA M 79 -3.24 -11.71 -31.79
CA ALA M 79 -2.37 -12.78 -32.29
C ALA M 79 -2.13 -13.83 -31.23
N ASP M 80 -2.20 -13.44 -29.96
CA ASP M 80 -2.01 -14.36 -28.84
C ASP M 80 -2.78 -13.82 -27.65
N GLY M 81 -3.81 -14.53 -27.22
CA GLY M 81 -4.58 -14.12 -26.06
C GLY M 81 -5.75 -13.26 -26.42
N LEU M 82 -6.46 -12.80 -25.39
CA LEU M 82 -7.60 -11.89 -25.52
C LEU M 82 -7.30 -10.65 -24.68
N LYS M 83 -6.90 -9.56 -25.33
CA LYS M 83 -6.47 -8.34 -24.67
C LYS M 83 -7.51 -7.24 -24.86
N THR M 84 -8.02 -6.69 -23.76
CA THR M 84 -9.01 -5.63 -23.82
C THR M 84 -8.31 -4.28 -23.97
N GLY M 85 -9.10 -3.19 -24.00
CA GLY M 85 -8.50 -1.88 -24.27
C GLY M 85 -7.52 -1.45 -23.19
N LYS M 86 -7.80 -1.82 -21.95
CA LYS M 86 -7.00 -1.46 -20.79
C LYS M 86 -5.64 -2.14 -20.88
N GLN M 87 -5.64 -3.44 -21.17
CA GLN M 87 -4.41 -4.18 -21.37
C GLN M 87 -3.63 -3.63 -22.54
N LYS M 88 -4.34 -3.24 -23.60
CA LYS M 88 -3.69 -2.69 -24.78
C LYS M 88 -2.96 -1.40 -24.45
N MET M 89 -3.62 -0.52 -23.71
CA MET M 89 -3.01 0.75 -23.33
C MET M 89 -1.88 0.55 -22.32
N GLU M 90 -2.03 -0.40 -21.39
CA GLU M 90 -0.94 -0.74 -20.48
C GLU M 90 0.28 -1.26 -21.24
N GLU M 91 0.06 -2.10 -22.25
CA GLU M 91 1.18 -2.61 -23.04
C GLU M 91 1.86 -1.48 -23.81
N LEU M 92 1.06 -0.56 -24.34
CA LEU M 92 1.62 0.62 -24.99
C LEU M 92 2.49 1.43 -24.04
N GLN M 93 1.97 1.70 -22.83
CA GLN M 93 2.74 2.40 -21.81
C GLN M 93 4.05 1.69 -21.51
N SER M 94 3.99 0.35 -21.34
CA SER M 94 5.18 -0.39 -20.99
C SER M 94 6.20 -0.35 -22.12
N ARG M 95 5.73 -0.40 -23.36
CA ARG M 95 6.61 -0.33 -24.53
C ARG M 95 7.30 1.03 -24.61
N VAL M 96 6.53 2.11 -24.52
CA VAL M 96 7.12 3.45 -24.48
C VAL M 96 8.10 3.61 -23.33
N SER M 97 7.80 2.99 -22.20
CA SER M 97 8.68 3.16 -21.04
C SER M 97 9.97 2.37 -21.23
N GLU M 98 9.87 1.22 -21.90
CA GLU M 98 11.06 0.46 -22.26
C GLU M 98 11.91 1.21 -23.30
N TYR M 99 11.28 1.97 -24.18
CA TYR M 99 12.03 2.71 -25.19
C TYR M 99 12.63 4.00 -24.62
N ALA M 100 12.01 4.57 -23.59
CA ALA M 100 12.37 5.88 -23.05
C ALA M 100 13.20 5.83 -21.77
N MET M 101 12.86 4.94 -20.84
CA MET M 101 13.45 4.96 -19.51
C MET M 101 14.90 4.48 -19.55
N GLN M 102 15.16 3.43 -20.33
CA GLN M 102 16.52 2.90 -20.56
C GLN M 102 17.03 3.35 -21.91
N GLY M 103 16.71 4.57 -22.33
CA GLY M 103 17.25 5.13 -23.55
C GLY M 103 18.56 5.85 -23.29
N GLY M 104 18.51 6.83 -22.39
CA GLY M 104 19.72 7.52 -22.00
C GLY M 104 20.60 6.71 -21.06
N SER M 105 20.00 5.81 -20.29
CA SER M 105 20.72 4.91 -19.40
C SER M 105 20.67 3.48 -19.94
N GLY M 106 21.68 2.69 -19.57
CA GLY M 106 21.77 1.35 -20.10
C GLY M 106 22.02 1.38 -21.60
N ASN M 107 21.22 0.63 -22.34
CA ASN M 107 21.32 0.54 -23.79
C ASN M 107 20.06 -0.07 -24.39
N VAL M 108 19.67 0.45 -25.55
CA VAL M 108 18.53 -0.02 -26.33
C VAL M 108 19.07 -0.47 -27.68
N SER M 109 18.63 -1.66 -28.11
CA SER M 109 19.14 -2.23 -29.35
C SER M 109 18.76 -1.37 -30.55
N GLY M 110 17.50 -0.98 -30.66
CA GLY M 110 17.09 -0.17 -31.79
C GLY M 110 17.61 1.25 -31.67
N SER M 111 17.94 1.85 -32.81
CA SER M 111 18.31 3.26 -32.88
C SER M 111 17.14 4.18 -33.21
N TYR M 112 15.98 3.65 -33.56
CA TYR M 112 14.88 4.48 -34.04
C TYR M 112 13.61 3.63 -34.08
N LEU M 113 12.48 4.26 -34.48
CA LEU M 113 11.18 3.61 -34.45
C LEU M 113 10.55 3.83 -35.82
N GLN M 114 9.90 2.79 -36.35
CA GLN M 114 9.30 2.83 -37.67
C GLN M 114 7.81 3.08 -37.48
N PHE M 115 7.28 4.13 -38.11
CA PHE M 115 5.90 4.57 -37.91
C PHE M 115 5.17 4.37 -39.24
N PHE M 116 4.16 3.48 -39.25
CA PHE M 116 3.50 3.03 -40.47
C PHE M 116 2.11 3.63 -40.53
N ASN M 117 1.81 4.35 -41.61
CA ASN M 117 0.48 4.93 -41.82
C ASN M 117 -0.13 4.25 -43.03
N PHE M 118 -0.73 3.09 -42.79
CA PHE M 118 -1.39 2.37 -43.88
C PHE M 118 -2.56 3.20 -44.41
N THR M 119 -3.27 3.91 -43.54
CA THR M 119 -4.43 4.66 -43.99
C THR M 119 -4.03 5.83 -44.88
N ASP M 120 -2.94 6.52 -44.53
CA ASP M 120 -2.44 7.65 -45.29
C ASP M 120 -1.42 7.25 -46.36
N ASP M 121 -0.99 5.99 -46.39
CA ASP M 121 -0.05 5.45 -47.36
C ASP M 121 1.28 6.20 -47.29
N SER M 122 1.80 6.32 -46.06
CA SER M 122 3.01 7.06 -45.79
C SER M 122 3.79 6.33 -44.70
N TYR M 123 5.12 6.44 -44.76
CA TYR M 123 6.01 5.76 -43.81
C TYR M 123 7.14 6.70 -43.40
N TYR M 124 7.53 6.62 -42.13
CA TYR M 124 8.64 7.43 -41.64
C TYR M 124 9.29 6.72 -40.45
N LYS M 125 10.51 7.14 -40.18
CA LYS M 125 11.32 6.71 -39.05
C LYS M 125 11.29 7.83 -38.02
N VAL M 126 10.83 7.51 -36.80
CA VAL M 126 10.47 8.53 -35.82
C VAL M 126 11.19 8.26 -34.50
N HIS M 127 11.26 9.32 -33.68
CA HIS M 127 11.82 9.25 -32.33
C HIS M 127 10.90 10.07 -31.44
N LEU M 128 10.87 9.69 -30.16
CA LEU M 128 10.00 10.36 -29.20
C LEU M 128 10.30 11.86 -29.18
N ALA M 129 9.25 12.67 -29.22
CA ALA M 129 9.42 14.11 -29.19
C ALA M 129 9.88 14.58 -27.81
N PRO M 130 10.21 15.87 -27.65
CA PRO M 130 10.43 16.39 -26.30
C PRO M 130 9.16 16.45 -25.46
N GLN M 131 7.99 16.67 -26.08
CA GLN M 131 6.76 16.67 -25.29
C GLN M 131 6.45 15.28 -24.76
N GLY M 132 6.61 14.23 -25.56
CA GLY M 132 6.55 12.90 -25.02
C GLY M 132 5.12 12.45 -24.80
N LEU M 133 4.99 11.22 -24.34
CA LEU M 133 3.68 10.61 -24.18
C LEU M 133 2.88 11.32 -23.10
N LYS M 134 1.56 11.35 -23.29
CA LYS M 134 0.66 12.03 -22.37
C LYS M 134 -0.64 11.22 -22.34
N ILE M 135 -0.94 10.64 -21.19
CA ILE M 135 -2.13 9.83 -20.98
C ILE M 135 -3.06 10.56 -20.03
N THR M 136 -4.36 10.50 -20.31
CA THR M 136 -5.36 11.14 -19.47
C THR M 136 -6.72 10.44 -19.57
N ARG M 137 -7.41 10.37 -18.43
CA ARG M 137 -8.73 9.76 -18.29
C ARG M 137 -9.67 10.78 -17.65
N SER M 138 -10.91 10.84 -18.14
CA SER M 138 -11.81 11.94 -17.82
C SER M 138 -13.21 11.45 -17.46
N LYS M 139 -13.87 12.25 -16.63
CA LYS M 139 -15.26 12.17 -16.17
C LYS M 139 -16.19 11.51 -17.20
N ASP M 140 -16.30 12.13 -18.38
CA ASP M 140 -17.21 11.68 -19.43
C ASP M 140 -16.62 10.57 -20.28
N GLU M 141 -15.64 9.82 -19.73
CA GLU M 141 -15.14 8.61 -20.33
C GLU M 141 -14.77 7.61 -19.24
N PRO M 142 -15.73 7.22 -18.38
CA PRO M 142 -15.38 6.39 -17.21
C PRO M 142 -14.64 5.10 -17.51
N LEU M 143 -14.91 4.48 -18.65
CA LEU M 143 -14.33 3.19 -18.99
C LEU M 143 -13.15 3.27 -19.95
N LEU M 144 -12.94 4.40 -20.62
CA LEU M 144 -11.96 4.50 -21.70
C LEU M 144 -10.62 5.04 -21.20
N PHE M 145 -9.66 5.12 -22.13
CA PHE M 145 -8.33 5.65 -21.88
C PHE M 145 -7.82 6.34 -23.12
N ARG M 146 -7.43 7.60 -22.98
CA ARG M 146 -7.00 8.44 -24.10
C ARG M 146 -5.50 8.66 -24.00
N TYR M 147 -4.83 8.70 -25.15
CA TYR M 147 -3.39 8.84 -25.24
C TYR M 147 -3.08 9.95 -26.24
N GLU M 148 -2.00 10.67 -25.99
CA GLU M 148 -1.56 11.80 -26.82
C GLU M 148 -0.05 11.70 -26.93
N ILE M 149 0.44 11.56 -28.15
CA ILE M 149 1.85 11.33 -28.42
C ILE M 149 2.32 12.28 -29.51
N THR M 150 3.53 12.78 -29.37
CA THR M 150 4.16 13.62 -30.36
C THR M 150 5.47 12.97 -30.78
N LEU M 151 5.82 13.10 -32.07
CA LEU M 151 6.96 12.42 -32.63
C LEU M 151 7.72 13.38 -33.55
N VAL M 152 8.98 13.05 -33.79
CA VAL M 152 9.85 13.81 -34.68
C VAL M 152 10.42 12.83 -35.68
N VAL M 153 10.37 13.19 -36.96
CA VAL M 153 10.71 12.26 -38.04
C VAL M 153 12.21 12.28 -38.28
N ILE M 154 12.87 11.14 -38.08
CA ILE M 154 14.29 11.07 -38.42
C ILE M 154 14.48 11.14 -39.94
N GLY M 155 13.62 10.49 -40.69
CA GLY M 155 13.73 10.51 -42.13
C GLY M 155 12.83 9.46 -42.76
N SER M 156 12.88 9.41 -44.08
CA SER M 156 12.08 8.45 -44.82
C SER M 156 12.54 7.03 -44.53
N LEU M 157 11.56 6.13 -44.39
CA LEU M 157 11.83 4.73 -44.08
C LEU M 157 12.42 3.98 -45.27
N THR M 158 12.21 4.48 -46.49
CA THR M 158 12.71 3.77 -47.66
C THR M 158 14.22 3.89 -47.77
N GLU M 159 14.81 4.97 -47.29
CA GLU M 159 16.26 5.13 -47.35
C GLU M 159 16.93 4.27 -46.28
N ALA M 160 18.23 4.04 -46.48
CA ALA M 160 18.98 3.13 -45.63
C ALA M 160 19.65 3.94 -44.51
N ASP M 161 20.14 3.23 -43.51
CA ASP M 161 20.72 3.88 -42.35
C ASP M 161 22.08 4.50 -42.66
N ARG M 162 22.40 5.60 -41.98
CA ARG M 162 23.67 6.29 -42.20
C ARG M 162 24.86 5.35 -42.03
N SER M 163 24.83 4.54 -40.98
CA SER M 163 25.93 3.65 -40.66
C SER M 163 25.97 2.42 -41.55
N ALA M 164 24.91 2.16 -42.31
CA ALA M 164 24.80 1.00 -43.18
C ALA M 164 24.86 1.42 -44.65
N VAL M 165 25.69 2.42 -44.94
CA VAL M 165 25.87 2.95 -46.30
C VAL M 165 27.24 2.54 -46.80
N THR M 166 27.32 2.17 -48.07
CA THR M 166 28.55 1.76 -48.72
C THR M 166 28.92 2.78 -49.80
N THR M 167 30.13 3.31 -49.69
CA THR M 167 30.67 4.26 -50.65
C THR M 167 31.14 3.53 -51.91
N GLU M 168 31.67 4.30 -52.85
CA GLU M 168 32.15 3.71 -54.11
C GLU M 168 33.34 2.80 -53.85
N GLU M 169 34.39 3.34 -53.22
CA GLU M 169 35.53 2.55 -52.74
C GLU M 169 36.24 1.81 -53.89
N PHE M 170 36.34 2.47 -55.04
CA PHE M 170 37.05 1.89 -56.16
C PHE M 170 38.55 1.85 -55.89
N GLY M 171 39.17 0.72 -56.21
CA GLY M 171 40.58 0.52 -55.96
C GLY M 171 40.85 0.23 -54.49
N ASN M 172 42.15 0.14 -54.17
CA ASN M 172 42.52 -0.14 -52.79
C ASN M 172 42.16 1.03 -51.89
N VAL M 173 41.61 0.72 -50.72
CA VAL M 173 41.28 1.74 -49.74
C VAL M 173 42.43 1.98 -48.77
N LYS M 174 43.24 0.95 -48.51
CA LYS M 174 44.30 1.03 -47.51
C LYS M 174 45.62 1.36 -48.19
N PRO M 175 46.29 2.49 -47.89
CA PRO M 175 47.63 2.70 -48.46
C PRO M 175 48.64 1.85 -47.75
N ASN M 176 48.95 0.68 -48.32
CA ASN M 176 49.91 -0.24 -47.70
C ASN M 176 51.33 0.28 -47.75
N ALA M 177 51.63 1.18 -48.68
CA ALA M 177 52.96 1.78 -48.73
C ALA M 177 53.28 2.52 -47.44
N SER M 178 52.36 3.36 -46.98
CA SER M 178 52.57 4.08 -45.73
C SER M 178 52.67 3.13 -44.55
N GLN M 179 51.88 2.05 -44.57
CA GLN M 179 51.89 1.08 -43.49
C GLN M 179 53.25 0.42 -43.38
N ARG M 180 53.82 -0.04 -44.51
CA ARG M 180 55.13 -0.65 -44.43
C ARG M 180 56.23 0.37 -44.20
N VAL M 181 56.03 1.63 -44.61
CA VAL M 181 57.03 2.64 -44.32
C VAL M 181 57.11 2.85 -42.81
N ASP M 182 55.95 2.94 -42.15
CA ASP M 182 55.95 3.10 -40.70
C ASP M 182 56.54 1.87 -40.01
N GLU M 183 56.21 0.67 -40.52
CA GLU M 183 56.77 -0.56 -39.94
C GLU M 183 58.28 -0.60 -40.07
N GLY M 184 58.82 -0.17 -41.21
CA GLY M 184 60.26 -0.17 -41.39
C GLY M 184 60.93 0.93 -40.59
N ILE M 185 60.26 2.08 -40.45
CA ILE M 185 60.83 3.16 -39.65
C ILE M 185 60.92 2.75 -38.19
N LYS M 186 60.00 1.90 -37.73
CA LYS M 186 60.01 1.52 -36.32
C LYS M 186 61.33 0.86 -35.92
N GLU M 187 61.85 0.00 -36.80
CA GLU M 187 63.10 -0.72 -36.54
C GLU M 187 64.35 0.16 -36.65
N LEU M 188 64.25 1.37 -37.19
CA LEU M 188 65.44 2.21 -37.40
C LEU M 188 66.08 2.66 -36.10
N ASP M 189 67.41 2.78 -36.15
CA ASP M 189 68.21 3.24 -35.02
C ASP M 189 68.06 4.75 -34.79
N LYS M 190 68.47 5.18 -33.59
CA LYS M 190 68.29 6.57 -33.17
C LYS M 190 68.99 7.54 -34.12
N ASN M 191 70.25 7.25 -34.46
CA ASN M 191 71.00 8.05 -35.43
C ASN M 191 70.30 8.11 -36.78
N ALA M 192 69.77 6.97 -37.25
CA ALA M 192 69.06 6.96 -38.52
C ALA M 192 67.88 7.92 -38.48
N ARG M 193 67.14 7.90 -37.37
CA ARG M 193 65.98 8.76 -37.27
C ARG M 193 66.38 10.22 -37.15
N LYS M 194 67.52 10.49 -36.50
CA LYS M 194 67.95 11.87 -36.34
C LYS M 194 68.38 12.43 -37.68
N THR M 195 69.08 11.61 -38.47
CA THR M 195 69.49 12.02 -39.79
C THR M 195 68.31 12.19 -40.73
N ARG M 196 67.25 11.41 -40.53
CA ARG M 196 66.09 11.57 -41.40
C ARG M 196 65.36 12.85 -41.05
N ASP M 197 65.31 13.21 -39.76
CA ASP M 197 64.79 14.51 -39.37
C ASP M 197 65.62 15.64 -39.96
N ARG M 198 66.95 15.55 -39.87
CA ARG M 198 67.79 16.62 -40.41
C ARG M 198 67.62 16.75 -41.91
N ASN M 199 67.60 15.62 -42.63
CA ASN M 199 67.40 15.67 -44.08
C ASN M 199 66.05 16.30 -44.44
N ASN M 200 65.00 15.92 -43.69
CA ASN M 200 63.67 16.49 -43.89
C ASN M 200 63.67 18.00 -43.70
N GLN M 201 64.32 18.48 -42.64
CA GLN M 201 64.48 19.92 -42.44
C GLN M 201 65.24 20.55 -43.61
N GLU M 202 66.28 19.89 -44.11
CA GLU M 202 67.11 20.49 -45.16
C GLU M 202 66.32 20.63 -46.46
N ILE M 203 65.53 19.61 -46.80
CA ILE M 203 64.68 19.69 -47.98
C ILE M 203 63.61 20.76 -47.77
N SER M 204 63.05 20.82 -46.57
CA SER M 204 61.93 21.71 -46.28
C SER M 204 62.32 23.18 -46.47
N ARG M 205 63.46 23.58 -45.91
CA ARG M 205 63.86 24.99 -45.92
C ARG M 205 64.35 25.48 -47.28
N ARG M 206 64.26 24.68 -48.35
CA ARG M 206 64.68 25.11 -49.68
C ARG M 206 63.71 24.60 -50.74
N GLU M 207 62.41 24.71 -50.47
CA GLU M 207 61.39 24.26 -51.40
C GLU M 207 61.05 25.33 -52.43
N ASN M 208 60.57 26.49 -51.98
CA ASN M 208 60.20 27.55 -52.91
C ASN M 208 61.44 28.11 -53.59
N THR M 209 61.37 28.23 -54.91
CA THR M 209 62.44 28.86 -55.68
C THR M 209 61.98 29.23 -57.09
N ILE M 233 40.91 5.33 -51.27
CA ILE M 233 40.73 5.18 -52.70
C ILE M 233 42.11 5.23 -53.37
N TYR M 234 43.02 4.34 -52.96
CA TYR M 234 44.33 4.25 -53.58
C TYR M 234 44.24 3.34 -54.81
N ASN M 235 44.65 3.88 -55.96
CA ASN M 235 44.66 3.13 -57.21
C ASN M 235 45.74 3.70 -58.12
N PRO M 236 46.77 2.94 -58.52
CA PRO M 236 47.78 3.51 -59.42
C PRO M 236 47.25 3.70 -60.84
N ARG M 237 46.14 3.06 -61.20
CA ARG M 237 45.53 3.30 -62.50
C ARG M 237 44.62 4.52 -62.39
N GLN M 238 44.61 5.34 -63.45
CA GLN M 238 43.72 6.51 -63.57
C GLN M 238 43.69 7.35 -62.30
N SER M 239 44.89 7.60 -61.74
CA SER M 239 45.08 8.43 -60.55
C SER M 239 46.53 8.49 -60.10
N THR M 240 46.87 9.61 -59.46
CA THR M 240 48.20 9.98 -58.98
C THR M 240 48.17 10.39 -57.51
N ASN M 241 47.18 9.94 -56.75
CA ASN M 241 47.11 10.32 -55.34
C ASN M 241 48.17 9.61 -54.51
N GLY M 242 48.40 8.32 -54.78
CA GLY M 242 49.38 7.57 -54.01
C GLY M 242 50.77 7.56 -54.62
N LEU M 243 51.30 8.75 -54.91
CA LEU M 243 52.63 8.84 -55.53
C LEU M 243 53.74 8.76 -54.49
N LYS M 244 53.78 9.73 -53.58
CA LYS M 244 54.89 9.79 -52.64
C LYS M 244 54.91 8.60 -51.69
N GLY M 245 53.76 7.93 -51.49
CA GLY M 245 53.74 6.77 -50.60
C GLY M 245 54.64 5.66 -51.08
N ASN M 246 54.62 5.37 -52.38
CA ASN M 246 55.48 4.32 -52.91
C ASN M 246 56.95 4.72 -52.88
N ILE M 247 57.23 6.01 -53.09
CA ILE M 247 58.61 6.50 -53.00
C ILE M 247 59.17 6.32 -51.60
N ASP M 248 58.33 6.44 -50.57
CA ASP M 248 58.87 6.47 -49.21
C ASP M 248 59.42 5.10 -48.83
N ASN M 249 58.71 4.05 -49.20
CA ASN M 249 59.20 2.70 -48.99
C ASN M 249 60.50 2.48 -49.76
N MET M 250 60.48 2.81 -51.06
CA MET M 250 61.63 2.56 -51.92
C MET M 250 62.86 3.32 -51.46
N ALA M 251 62.68 4.49 -50.86
CA ALA M 251 63.79 5.31 -50.39
C ALA M 251 64.29 4.79 -49.05
N LEU M 252 63.41 4.21 -48.25
CA LEU M 252 63.82 3.61 -46.99
C LEU M 252 64.56 2.30 -47.22
N ILE M 253 64.02 1.41 -48.05
CA ILE M 253 64.64 0.11 -48.23
C ILE M 253 65.97 0.25 -48.98
N ILE M 254 66.02 1.16 -49.96
CA ILE M 254 67.25 1.33 -50.74
C ILE M 254 68.24 2.22 -50.00
N GLY M 255 67.77 3.34 -49.43
CA GLY M 255 68.62 4.13 -48.56
C GLY M 255 69.17 5.42 -49.12
N TYR M 256 68.34 6.46 -49.19
CA TYR M 256 68.76 7.79 -49.67
C TYR M 256 69.17 8.54 -48.40
N GLY M 257 70.46 8.55 -48.11
CA GLY M 257 70.90 9.04 -46.83
C GLY M 257 70.83 7.92 -45.80
N ASP M 258 71.12 8.31 -44.56
CA ASP M 258 71.18 7.31 -43.50
C ASP M 258 69.79 6.83 -43.12
N GLY M 259 68.84 7.75 -43.01
CA GLY M 259 67.47 7.41 -42.76
C GLY M 259 66.65 7.39 -44.04
N GLY M 260 66.63 8.51 -44.77
CA GLY M 260 65.74 8.66 -45.90
C GLY M 260 65.32 10.11 -46.03
N VAL M 261 64.42 10.35 -46.99
CA VAL M 261 63.87 11.69 -47.24
C VAL M 261 62.37 11.57 -47.47
N SER M 262 61.61 12.46 -46.85
CA SER M 262 60.15 12.52 -47.01
C SER M 262 59.48 11.27 -46.45
N PRO N 2 -8.65 -2.85 -10.60
CA PRO N 2 -9.55 -3.06 -11.74
C PRO N 2 -10.60 -1.95 -11.84
N GLN N 3 -10.99 -1.63 -13.07
CA GLN N 3 -12.13 -0.77 -13.34
C GLN N 3 -13.41 -1.60 -13.36
N SER N 4 -14.55 -0.92 -13.30
CA SER N 4 -15.82 -1.62 -13.52
C SER N 4 -15.87 -2.08 -14.97
N ASP N 5 -15.67 -3.38 -15.18
CA ASP N 5 -15.66 -3.98 -16.51
C ASP N 5 -16.69 -5.10 -16.67
N GLY N 6 -17.59 -5.27 -15.71
CA GLY N 6 -18.47 -6.41 -15.70
C GLY N 6 -17.85 -7.70 -15.22
N ILE N 7 -16.56 -7.71 -14.86
CA ILE N 7 -15.90 -8.91 -14.35
C ILE N 7 -15.48 -8.71 -12.90
N SER N 8 -15.12 -7.47 -12.52
CA SER N 8 -14.75 -7.19 -11.13
C SER N 8 -15.32 -5.83 -10.77
N ASN N 9 -15.58 -5.61 -9.48
CA ASN N 9 -16.06 -4.30 -9.05
C ASN N 9 -14.92 -3.29 -8.99
N LEU N 10 -15.28 -2.01 -9.15
CA LEU N 10 -14.33 -0.90 -9.05
C LEU N 10 -13.54 -0.95 -7.76
N HIS N 11 -12.27 -0.54 -7.85
CA HIS N 11 -11.37 -0.41 -6.72
C HIS N 11 -10.77 1.01 -6.77
N ARG N 12 -10.96 1.77 -5.68
CA ARG N 12 -10.61 3.18 -5.65
C ARG N 12 -9.20 3.44 -5.10
N ILE N 13 -8.65 4.60 -5.48
CA ILE N 13 -7.28 5.01 -5.18
C ILE N 13 -7.05 5.19 -3.68
N ALA N 14 -5.78 5.01 -3.27
CA ALA N 14 -5.32 5.13 -1.90
C ALA N 14 -3.92 5.74 -1.83
N LEU N 15 -3.72 6.62 -0.84
CA LEU N 15 -2.43 7.26 -0.59
C LEU N 15 -1.86 6.70 0.70
N ARG N 16 -0.59 6.30 0.67
CA ARG N 16 0.10 5.73 1.83
C ARG N 16 1.22 6.69 2.23
N PHE N 17 0.88 7.63 3.16
CA PHE N 17 1.79 8.65 3.66
C PHE N 17 2.74 8.08 4.73
N PRO N 18 3.91 8.69 4.92
CA PRO N 18 4.81 8.28 6.00
C PRO N 18 4.39 8.83 7.35
N LYS N 19 4.54 7.98 8.38
CA LYS N 19 4.21 8.27 9.77
C LYS N 19 5.47 8.70 10.51
N GLU N 20 5.31 9.66 11.42
CA GLU N 20 6.45 10.30 12.09
C GLU N 20 7.40 9.29 12.74
N GLY N 21 6.85 8.29 13.41
CA GLY N 21 7.61 7.23 14.06
C GLY N 21 7.90 6.02 13.18
N GLY N 22 7.81 6.21 11.86
CA GLY N 22 7.95 5.15 10.89
C GLY N 22 6.70 4.30 10.80
N GLY N 23 6.61 3.54 9.71
CA GLY N 23 5.35 3.00 9.28
C GLY N 23 4.56 4.11 8.61
N TYR N 24 3.28 3.85 8.35
CA TYR N 24 2.55 4.60 7.34
C TYR N 24 1.07 4.68 7.62
N ASP N 25 0.46 5.73 7.08
CA ASP N 25 -0.98 5.93 7.13
C ASP N 25 -1.57 5.09 6.01
N MET N 26 -2.89 5.11 5.86
CA MET N 26 -3.49 4.59 4.63
C MET N 26 -4.76 5.39 4.36
N TYR N 27 -4.58 6.51 3.68
CA TYR N 27 -5.69 7.37 3.26
C TYR N 27 -6.24 6.83 1.94
N ARG N 28 -7.46 6.29 1.97
CA ARG N 28 -8.11 5.81 0.76
C ARG N 28 -9.30 6.69 0.40
N PHE N 29 -9.38 7.07 -0.88
CA PHE N 29 -10.43 7.97 -1.34
C PHE N 29 -11.76 7.23 -1.37
N LYS N 30 -12.83 7.89 -0.92
CA LYS N 30 -14.16 7.30 -0.98
C LYS N 30 -14.96 7.72 -2.21
N VAL N 31 -14.53 8.74 -2.95
CA VAL N 31 -14.98 8.97 -4.32
C VAL N 31 -13.73 9.22 -5.17
N ASN N 32 -13.64 8.55 -6.31
CA ASN N 32 -12.49 8.56 -7.21
C ASN N 32 -12.45 9.88 -8.00
N PRO N 33 -11.29 10.20 -8.61
CA PRO N 33 -11.13 11.52 -9.22
C PRO N 33 -11.99 11.70 -10.47
N GLU N 34 -12.27 12.96 -10.78
CA GLU N 34 -13.09 13.37 -11.91
C GLU N 34 -12.24 13.58 -13.16
N ASN N 35 -11.07 14.20 -13.02
CA ASN N 35 -10.06 14.28 -14.06
C ASN N 35 -8.80 13.59 -13.57
N TYR N 36 -8.11 12.90 -14.48
CA TYR N 36 -6.88 12.20 -14.18
C TYR N 36 -5.97 12.34 -15.40
N THR N 37 -4.81 12.98 -15.20
CA THR N 37 -3.85 13.27 -16.25
C THR N 37 -2.48 12.79 -15.83
N ILE N 38 -1.72 12.24 -16.78
CA ILE N 38 -0.34 11.80 -16.55
C ILE N 38 0.51 12.24 -17.73
N ASP N 39 1.59 12.96 -17.43
CA ASP N 39 2.52 13.46 -18.43
C ASP N 39 3.83 12.69 -18.36
N SER N 40 4.45 12.50 -19.52
CA SER N 40 5.73 11.82 -19.64
C SER N 40 6.63 12.63 -20.55
N PRO N 41 7.27 13.68 -20.03
CA PRO N 41 8.15 14.51 -20.86
C PRO N 41 9.48 13.83 -21.15
N GLN N 42 10.04 14.16 -22.31
CA GLN N 42 11.34 13.65 -22.73
C GLN N 42 12.36 14.79 -22.76
N ARG N 43 13.60 14.44 -22.44
CA ARG N 43 14.73 15.37 -22.48
C ARG N 43 15.33 15.51 -23.88
N THR N 44 14.62 15.17 -24.94
CA THR N 44 15.20 15.26 -26.27
C THR N 44 15.32 16.72 -26.66
N THR N 45 16.42 17.04 -27.35
CA THR N 45 16.65 18.39 -27.84
C THR N 45 16.99 18.33 -29.32
N ALA N 46 16.67 19.42 -30.03
CA ALA N 46 16.91 19.54 -31.47
C ALA N 46 17.69 20.81 -31.74
N ILE N 47 18.83 20.68 -32.41
CA ILE N 47 19.64 21.80 -32.85
C ILE N 47 19.81 21.73 -34.36
N LYS N 48 19.82 22.89 -35.03
CA LYS N 48 19.77 22.93 -36.49
C LYS N 48 21.09 23.50 -36.97
N THR N 49 21.92 22.63 -37.55
CA THR N 49 23.19 23.02 -38.14
C THR N 49 22.98 23.49 -39.57
N LYS N 50 23.99 24.19 -40.09
CA LYS N 50 23.83 24.92 -41.35
C LYS N 50 23.55 24.00 -42.53
N SER N 51 23.84 22.71 -42.42
CA SER N 51 23.67 21.75 -43.49
C SER N 51 22.93 20.48 -43.10
N ASP N 52 22.59 20.29 -41.83
CA ASP N 52 21.91 19.09 -41.34
C ASP N 52 21.23 19.39 -40.02
N ILE N 53 20.28 18.53 -39.69
CA ILE N 53 19.61 18.51 -38.40
C ILE N 53 20.25 17.44 -37.56
N VAL N 54 20.37 17.68 -36.26
CA VAL N 54 21.02 16.76 -35.33
C VAL N 54 19.99 16.47 -34.24
N ILE N 55 19.67 15.19 -34.05
CA ILE N 55 18.72 14.76 -33.04
C ILE N 55 19.50 14.13 -31.90
N GLU N 56 19.28 14.62 -30.69
CA GLU N 56 20.00 14.16 -29.51
C GLU N 56 19.02 13.94 -28.37
N ASP N 57 19.19 12.81 -27.68
CA ASP N 57 18.33 12.41 -26.59
C ASP N 57 19.19 12.05 -25.39
N TYR N 58 18.64 12.28 -24.21
CA TYR N 58 19.30 12.00 -22.94
C TYR N 58 18.51 11.07 -22.04
N GLY N 59 17.31 10.66 -22.45
CA GLY N 59 16.52 9.67 -21.76
C GLY N 59 15.30 10.29 -21.10
N LYS N 60 14.62 9.45 -20.30
CA LYS N 60 13.35 9.81 -19.70
C LYS N 60 13.53 10.95 -18.69
N ASP N 61 12.52 11.81 -18.60
CA ASP N 61 12.46 13.00 -17.76
C ASP N 61 11.44 12.79 -16.65
N ILE N 62 11.34 13.75 -15.74
CA ILE N 62 10.55 13.50 -14.54
C ILE N 62 9.07 13.57 -14.93
N GLU N 63 8.34 12.48 -14.67
CA GLU N 63 6.93 12.42 -14.99
C GLU N 63 6.13 13.30 -14.03
N VAL N 64 4.93 13.68 -14.46
CA VAL N 64 4.02 14.49 -13.68
C VAL N 64 2.67 13.78 -13.61
N ILE N 65 2.09 13.73 -12.42
CA ILE N 65 0.77 13.16 -12.17
C ILE N 65 -0.12 14.26 -11.62
N ASN N 66 -1.27 14.48 -12.27
CA ASN N 66 -2.22 15.50 -11.82
C ASN N 66 -3.64 14.98 -11.98
N PHE N 67 -4.46 15.20 -10.94
CA PHE N 67 -5.83 14.69 -10.94
C PHE N 67 -6.70 15.59 -10.07
N THR N 68 -8.01 15.56 -10.34
CA THR N 68 -8.94 16.48 -9.71
C THR N 68 -10.24 15.72 -9.44
N GLY N 69 -10.85 15.99 -8.29
CA GLY N 69 -12.05 15.29 -7.89
C GLY N 69 -12.77 15.98 -6.76
N THR N 70 -13.90 15.39 -6.37
CA THR N 70 -14.77 15.92 -5.33
C THR N 70 -15.05 14.84 -4.29
N THR N 71 -14.99 15.24 -3.02
CA THR N 71 -15.34 14.33 -1.93
C THR N 71 -16.85 14.20 -1.81
N GLY N 72 -17.31 12.97 -1.57
CA GLY N 72 -18.74 12.71 -1.51
C GLY N 72 -19.43 13.48 -0.39
N PHE N 73 -20.75 13.62 -0.53
CA PHE N 73 -21.58 14.38 0.41
C PHE N 73 -22.12 13.50 1.54
N ARG N 74 -22.78 12.42 1.18
CA ARG N 74 -23.57 11.64 2.12
C ARG N 74 -22.64 10.86 3.05
N PRO N 75 -23.00 10.69 4.33
CA PRO N 75 -22.07 10.01 5.25
C PRO N 75 -21.84 8.57 4.82
N VAL N 76 -20.61 8.10 5.06
CA VAL N 76 -20.19 6.79 4.60
C VAL N 76 -19.35 6.14 5.69
N ARG N 77 -19.63 4.89 6.01
CA ARG N 77 -18.90 4.25 7.10
C ARG N 77 -17.43 4.08 6.76
N GLU N 78 -16.62 4.07 7.81
CA GLU N 78 -15.17 4.00 7.73
C GLU N 78 -14.68 2.79 8.51
N ALA N 79 -13.54 2.24 8.08
CA ALA N 79 -12.87 1.16 8.77
C ALA N 79 -12.52 1.45 10.24
N ASP N 80 -12.78 2.65 10.78
CA ASP N 80 -12.67 2.75 12.24
C ASP N 80 -13.49 3.93 12.73
N GLY N 81 -14.58 4.22 12.05
CA GLY N 81 -15.36 5.41 12.37
C GLY N 81 -16.53 5.58 11.43
N LEU N 82 -17.25 6.69 11.63
CA LEU N 82 -18.19 7.18 10.62
C LEU N 82 -17.79 8.62 10.27
N LYS N 83 -17.04 8.78 9.17
CA LYS N 83 -16.45 10.07 8.82
C LYS N 83 -17.17 10.66 7.62
N THR N 84 -17.44 11.96 7.68
CA THR N 84 -18.13 12.66 6.60
C THR N 84 -17.10 13.22 5.62
N GLY N 85 -17.61 13.72 4.48
CA GLY N 85 -16.73 14.22 3.45
C GLY N 85 -15.87 15.38 3.91
N LYS N 86 -16.42 16.23 4.78
CA LYS N 86 -15.66 17.38 5.25
C LYS N 86 -14.54 16.93 6.18
N GLN N 87 -14.82 15.95 7.05
CA GLN N 87 -13.76 15.39 7.88
C GLN N 87 -12.70 14.71 7.04
N LYS N 88 -13.10 14.02 5.98
CA LYS N 88 -12.12 13.38 5.10
C LYS N 88 -11.25 14.42 4.43
N MET N 89 -11.86 15.49 3.90
CA MET N 89 -11.07 16.53 3.25
C MET N 89 -10.12 17.21 4.25
N GLU N 90 -10.58 17.45 5.48
CA GLU N 90 -9.72 18.08 6.48
C GLU N 90 -8.57 17.17 6.88
N GLU N 91 -8.85 15.87 7.05
CA GLU N 91 -7.78 14.91 7.31
C GLU N 91 -6.74 14.94 6.19
N LEU N 92 -7.19 14.96 4.94
CA LEU N 92 -6.26 15.09 3.82
C LEU N 92 -5.41 16.34 3.95
N GLN N 93 -6.05 17.48 4.16
CA GLN N 93 -5.31 18.73 4.28
C GLN N 93 -4.28 18.68 5.39
N SER N 94 -4.59 17.98 6.47
CA SER N 94 -3.71 17.96 7.63
C SER N 94 -2.55 17.00 7.40
N ARG N 95 -2.80 15.87 6.73
CA ARG N 95 -1.70 15.00 6.31
C ARG N 95 -0.74 15.74 5.40
N VAL N 96 -1.26 16.40 4.37
CA VAL N 96 -0.39 17.08 3.42
C VAL N 96 0.35 18.22 4.09
N SER N 97 -0.32 18.96 4.99
CA SER N 97 0.37 20.02 5.72
C SER N 97 1.51 19.47 6.55
N GLU N 98 1.28 18.31 7.19
CA GLU N 98 2.29 17.75 8.09
C GLU N 98 3.47 17.19 7.32
N TYR N 99 3.20 16.56 6.18
CA TYR N 99 4.26 16.07 5.30
C TYR N 99 5.09 17.24 4.76
N ALA N 100 4.42 18.28 4.26
CA ALA N 100 5.14 19.41 3.70
C ALA N 100 5.98 20.13 4.76
N MET N 101 5.43 20.35 5.96
CA MET N 101 6.13 21.20 6.92
C MET N 101 7.36 20.50 7.49
N GLN N 102 7.29 19.18 7.71
CA GLN N 102 8.41 18.47 8.30
C GLN N 102 9.61 18.33 7.36
N GLY N 103 9.46 18.66 6.07
CA GLY N 103 10.55 18.52 5.13
C GLY N 103 11.54 19.68 5.12
N GLY N 104 11.75 20.35 6.24
CA GLY N 104 12.57 21.54 6.27
C GLY N 104 14.06 21.29 6.40
N SER N 105 14.52 20.06 6.19
CA SER N 105 15.93 19.70 6.22
C SER N 105 16.39 19.24 4.85
N GLY N 106 15.95 19.93 3.80
CA GLY N 106 16.35 19.56 2.46
C GLY N 106 15.48 18.47 1.87
N ASN N 107 15.37 17.34 2.57
CA ASN N 107 14.55 16.22 2.12
C ASN N 107 14.39 15.25 3.27
N VAL N 108 13.19 14.67 3.41
CA VAL N 108 12.95 13.69 4.45
C VAL N 108 13.86 12.48 4.25
N SER N 109 14.46 12.00 5.34
CA SER N 109 15.29 10.82 5.24
C SER N 109 14.50 9.53 5.04
N GLY N 110 13.21 9.52 5.37
CA GLY N 110 12.39 8.35 5.18
C GLY N 110 11.80 8.17 3.79
N SER N 111 10.58 7.66 3.70
CA SER N 111 9.96 7.55 2.38
C SER N 111 9.41 8.88 1.90
N TYR N 112 9.32 8.96 0.58
CA TYR N 112 8.46 9.83 -0.20
C TYR N 112 7.02 9.32 -0.02
N LEU N 113 6.06 9.93 -0.72
CA LEU N 113 4.70 9.39 -0.71
C LEU N 113 4.65 8.12 -1.56
N GLN N 114 3.76 7.22 -1.19
CA GLN N 114 3.42 6.07 -2.04
C GLN N 114 1.99 6.19 -2.56
N PHE N 115 1.84 6.02 -3.87
CA PHE N 115 0.63 6.32 -4.64
C PHE N 115 0.07 5.06 -5.30
N PHE N 116 -0.88 4.41 -4.61
CA PHE N 116 -1.50 3.18 -5.11
C PHE N 116 -2.66 3.51 -6.05
N ASN N 117 -2.32 3.69 -7.33
CA ASN N 117 -3.32 3.89 -8.37
C ASN N 117 -3.90 2.52 -8.72
N PHE N 118 -4.83 2.09 -7.88
CA PHE N 118 -5.38 0.74 -7.99
C PHE N 118 -6.30 0.55 -9.18
N THR N 119 -6.88 1.62 -9.74
CA THR N 119 -7.95 1.44 -10.70
C THR N 119 -7.42 0.81 -11.98
N ASP N 120 -6.38 1.40 -12.58
CA ASP N 120 -5.56 0.73 -13.59
C ASP N 120 -4.24 0.32 -12.94
N ASP N 121 -3.88 -0.96 -13.12
CA ASP N 121 -2.76 -1.56 -12.41
C ASP N 121 -1.45 -0.82 -12.65
N SER N 122 -1.03 0.02 -11.70
CA SER N 122 0.24 0.73 -11.80
C SER N 122 0.55 1.35 -10.44
N TYR N 123 1.85 1.40 -10.12
CA TYR N 123 2.30 1.81 -8.80
C TYR N 123 3.51 2.73 -8.94
N TYR N 124 3.54 3.80 -8.14
CA TYR N 124 4.56 4.84 -8.24
C TYR N 124 4.97 5.31 -6.85
N LYS N 125 6.18 5.85 -6.77
CA LYS N 125 6.65 6.66 -5.63
C LYS N 125 6.67 8.12 -6.07
N VAL N 126 6.03 9.00 -5.29
CA VAL N 126 5.71 10.35 -5.74
C VAL N 126 6.02 11.37 -4.65
N HIS N 127 6.18 12.62 -5.08
CA HIS N 127 6.43 13.77 -4.22
C HIS N 127 5.50 14.91 -4.61
N LEU N 128 5.14 15.73 -3.61
CA LEU N 128 4.29 16.88 -3.84
C LEU N 128 4.88 17.80 -4.90
N ALA N 129 4.09 18.12 -5.92
CA ALA N 129 4.54 19.01 -6.97
C ALA N 129 4.48 20.45 -6.46
N PRO N 130 5.13 21.39 -7.15
CA PRO N 130 5.05 22.80 -6.74
C PRO N 130 3.69 23.45 -6.96
N GLN N 131 2.70 22.73 -7.48
CA GLN N 131 1.34 23.26 -7.50
C GLN N 131 0.67 23.06 -6.15
N GLY N 132 0.95 21.93 -5.49
CA GLY N 132 0.45 21.69 -4.16
C GLY N 132 -1.04 21.36 -4.14
N LEU N 133 -1.57 21.25 -2.92
CA LEU N 133 -2.96 20.88 -2.68
C LEU N 133 -3.80 22.15 -2.71
N LYS N 134 -4.38 22.42 -3.87
CA LYS N 134 -5.28 23.54 -4.11
C LYS N 134 -6.70 23.11 -3.81
N ILE N 135 -7.35 23.77 -2.85
CA ILE N 135 -8.70 23.41 -2.42
C ILE N 135 -9.60 24.60 -2.68
N THR N 136 -10.79 24.33 -3.23
CA THR N 136 -11.73 25.39 -3.57
C THR N 136 -13.14 24.87 -3.44
N ARG N 137 -14.08 25.81 -3.30
CA ARG N 137 -15.50 25.50 -3.19
C ARG N 137 -16.26 26.72 -3.70
N SER N 138 -16.75 26.63 -4.94
CA SER N 138 -17.46 27.72 -5.59
C SER N 138 -18.94 27.72 -5.22
N LYS N 139 -19.68 28.67 -5.80
CA LYS N 139 -21.12 28.75 -5.59
C LYS N 139 -21.82 27.50 -6.08
N ASP N 140 -21.47 27.05 -7.27
CA ASP N 140 -22.02 25.80 -7.79
C ASP N 140 -21.56 24.64 -6.93
N GLU N 141 -22.49 23.75 -6.61
CA GLU N 141 -22.24 22.63 -5.70
C GLU N 141 -21.77 23.17 -4.36
N PRO N 142 -22.65 23.84 -3.61
CA PRO N 142 -22.19 24.47 -2.36
C PRO N 142 -21.68 23.49 -1.31
N LEU N 143 -22.28 22.31 -1.21
CA LEU N 143 -22.00 21.34 -0.17
C LEU N 143 -21.00 20.26 -0.59
N LEU N 144 -20.36 20.41 -1.75
CA LEU N 144 -19.33 19.47 -2.23
C LEU N 144 -17.98 20.18 -2.29
N PHE N 145 -16.98 19.58 -1.65
CA PHE N 145 -15.61 20.06 -1.79
C PHE N 145 -14.97 19.47 -3.04
N ARG N 146 -13.98 20.19 -3.56
CA ARG N 146 -13.16 19.81 -4.70
C ARG N 146 -11.69 19.93 -4.33
N TYR N 147 -10.85 19.02 -4.85
CA TYR N 147 -9.44 19.08 -4.53
C TYR N 147 -8.64 18.86 -5.81
N GLU N 148 -7.52 19.57 -5.93
CA GLU N 148 -6.63 19.48 -7.08
C GLU N 148 -5.25 19.14 -6.56
N ILE N 149 -4.72 17.99 -6.98
CA ILE N 149 -3.41 17.50 -6.57
C ILE N 149 -2.53 17.37 -7.80
N THR N 150 -1.24 17.73 -7.67
CA THR N 150 -0.26 17.51 -8.70
C THR N 150 0.98 16.89 -8.04
N LEU N 151 1.56 15.91 -8.74
CA LEU N 151 2.61 15.07 -8.19
C LEU N 151 3.68 14.79 -9.23
N VAL N 152 4.91 14.61 -8.77
CA VAL N 152 6.04 14.26 -9.63
C VAL N 152 6.51 12.87 -9.22
N VAL N 153 6.88 12.04 -10.21
CA VAL N 153 7.17 10.64 -9.98
C VAL N 153 8.67 10.51 -9.74
N ILE N 154 9.05 9.83 -8.66
CA ILE N 154 10.47 9.56 -8.42
C ILE N 154 10.88 8.24 -9.06
N GLY N 155 10.06 7.21 -8.94
CA GLY N 155 10.36 5.93 -9.54
C GLY N 155 9.28 4.93 -9.21
N SER N 156 9.36 3.78 -9.89
CA SER N 156 8.41 2.71 -9.62
C SER N 156 8.59 2.21 -8.20
N LEU N 157 7.49 1.77 -7.60
CA LEU N 157 7.52 1.30 -6.22
C LEU N 157 8.05 -0.13 -6.14
N THR N 158 8.14 -0.80 -7.29
CA THR N 158 8.73 -2.14 -7.34
C THR N 158 10.22 -2.11 -6.98
N GLU N 159 10.91 -1.01 -7.27
CA GLU N 159 12.36 -0.89 -7.11
C GLU N 159 12.68 -0.20 -5.80
N ALA N 160 13.58 -0.80 -5.03
CA ALA N 160 14.01 -0.22 -3.77
C ALA N 160 14.92 0.98 -4.03
N ASP N 161 15.28 1.68 -2.96
CA ASP N 161 16.04 2.92 -3.08
C ASP N 161 17.40 2.67 -3.74
N ARG N 162 17.89 3.68 -4.44
CA ARG N 162 19.12 3.53 -5.22
C ARG N 162 20.31 3.29 -4.28
N SER N 163 20.55 4.23 -3.36
CA SER N 163 21.70 4.11 -2.47
C SER N 163 21.59 2.93 -1.51
N ALA N 164 20.38 2.46 -1.20
CA ALA N 164 20.20 1.41 -0.21
C ALA N 164 20.53 0.00 -0.73
N VAL N 165 20.79 -0.15 -2.04
CA VAL N 165 21.00 -1.47 -2.63
C VAL N 165 22.26 -2.08 -2.05
N THR N 166 22.18 -3.35 -1.66
CA THR N 166 23.31 -4.05 -1.07
C THR N 166 24.25 -4.51 -2.18
N THR N 167 25.44 -3.91 -2.25
CA THR N 167 26.43 -4.29 -3.25
C THR N 167 27.04 -5.65 -2.91
N GLU N 168 27.81 -6.17 -3.88
CA GLU N 168 28.43 -7.49 -3.74
C GLU N 168 29.30 -7.58 -2.49
N GLU N 169 30.27 -6.67 -2.38
CA GLU N 169 31.08 -6.53 -1.16
C GLU N 169 31.85 -7.82 -0.85
N PHE N 170 32.24 -8.58 -1.87
CA PHE N 170 33.03 -9.77 -1.67
C PHE N 170 34.46 -9.38 -1.28
N GLY N 171 35.14 -10.31 -0.60
CA GLY N 171 36.44 -10.02 -0.07
C GLY N 171 36.34 -9.22 1.22
N ASN N 172 36.88 -8.01 1.22
CA ASN N 172 36.84 -7.17 2.43
C ASN N 172 36.95 -5.71 2.02
N VAL N 173 35.92 -4.92 2.32
CA VAL N 173 35.99 -3.50 2.02
C VAL N 173 36.76 -2.72 3.09
N LYS N 174 36.99 -3.30 4.28
CA LYS N 174 37.60 -2.59 5.40
C LYS N 174 38.91 -3.29 5.77
N PRO N 175 39.93 -3.20 4.92
CA PRO N 175 41.15 -3.98 5.18
C PRO N 175 41.87 -3.56 6.46
N ASN N 176 42.39 -4.56 7.18
CA ASN N 176 43.13 -4.31 8.41
C ASN N 176 44.54 -3.79 8.16
N ALA N 177 45.08 -4.04 6.95
CA ALA N 177 46.43 -3.61 6.64
C ALA N 177 46.56 -2.10 6.73
N SER N 178 45.61 -1.36 6.15
CA SER N 178 45.63 0.10 6.21
C SER N 178 45.57 0.58 7.66
N GLN N 179 44.74 -0.07 8.46
CA GLN N 179 44.47 0.35 9.83
C GLN N 179 45.73 0.17 10.68
N ARG N 180 46.37 -0.99 10.57
CA ARG N 180 47.52 -1.25 11.41
C ARG N 180 48.76 -0.53 10.89
N VAL N 181 48.80 -0.25 9.58
CA VAL N 181 49.86 0.60 9.06
C VAL N 181 49.75 1.98 9.70
N ASP N 182 48.57 2.62 9.59
CA ASP N 182 48.33 3.92 10.21
C ASP N 182 48.62 3.91 11.70
N GLU N 183 48.27 2.84 12.42
CA GLU N 183 48.58 2.78 13.84
C GLU N 183 50.09 2.72 14.06
N GLY N 184 50.80 1.89 13.30
CA GLY N 184 52.25 1.89 13.32
C GLY N 184 52.85 3.27 13.13
N ILE N 185 52.43 3.95 12.06
CA ILE N 185 53.01 5.25 11.73
C ILE N 185 52.65 6.29 12.79
N LYS N 186 51.45 6.21 13.38
CA LYS N 186 51.17 7.06 14.54
C LYS N 186 52.15 6.78 15.66
N GLU N 187 52.45 5.50 15.89
CA GLU N 187 53.31 5.13 17.01
C GLU N 187 54.77 5.46 16.77
N LEU N 188 55.16 5.75 15.53
CA LEU N 188 56.56 6.06 15.23
C LEU N 188 56.97 7.42 15.82
N ASP N 189 58.27 7.56 16.05
CA ASP N 189 58.85 8.81 16.51
C ASP N 189 59.03 9.79 15.36
N LYS N 190 58.86 11.08 15.67
CA LYS N 190 58.99 12.16 14.69
C LYS N 190 60.23 12.03 13.81
N ASN N 191 61.38 11.69 14.42
CA ASN N 191 62.57 11.41 13.61
C ASN N 191 62.37 10.20 12.71
N ALA N 192 61.65 9.18 13.21
CA ALA N 192 61.40 8.00 12.38
C ALA N 192 60.62 8.37 11.12
N ARG N 193 59.55 9.14 11.28
CA ARG N 193 58.71 9.56 10.15
C ARG N 193 59.48 10.51 9.24
N LYS N 194 60.35 11.35 9.82
CA LYS N 194 61.15 12.25 8.99
C LYS N 194 62.07 11.43 8.08
N THR N 195 62.70 10.39 8.64
CA THR N 195 63.56 9.52 7.84
C THR N 195 62.74 8.74 6.80
N ARG N 196 61.52 8.32 7.16
CA ARG N 196 60.66 7.65 6.21
C ARG N 196 60.33 8.58 5.03
N ASP N 197 60.07 9.86 5.34
CA ASP N 197 59.85 10.85 4.29
C ASP N 197 61.08 10.99 3.41
N ARG N 198 62.27 11.01 4.02
CA ARG N 198 63.50 11.10 3.24
C ARG N 198 63.65 9.88 2.31
N ASN N 199 63.35 8.69 2.81
CA ASN N 199 63.48 7.49 1.99
C ASN N 199 62.47 7.50 0.84
N ASN N 200 61.24 7.93 1.13
CA ASN N 200 60.23 8.07 0.09
C ASN N 200 60.70 9.06 -0.99
N GLN N 201 61.26 10.20 -0.57
CA GLN N 201 61.75 11.17 -1.54
C GLN N 201 62.90 10.60 -2.35
N GLU N 202 63.78 9.81 -1.72
CA GLU N 202 64.87 9.19 -2.45
C GLU N 202 64.36 8.21 -3.49
N ILE N 203 63.40 7.38 -3.11
CA ILE N 203 62.80 6.42 -4.04
C ILE N 203 62.18 7.14 -5.22
N SER N 204 61.38 8.19 -4.94
CA SER N 204 60.78 9.02 -5.98
C SER N 204 61.85 9.60 -6.91
N ARG N 205 63.03 9.93 -6.37
CA ARG N 205 64.11 10.40 -7.22
C ARG N 205 64.59 9.29 -8.15
N ARG N 206 64.63 8.06 -7.65
CA ARG N 206 65.12 6.90 -8.41
C ARG N 206 64.05 6.29 -9.31
N GLU N 207 62.95 6.99 -9.56
CA GLU N 207 61.90 6.45 -10.43
C GLU N 207 62.43 6.28 -11.85
N ASN N 208 63.17 7.26 -12.36
CA ASN N 208 63.79 7.11 -13.67
C ASN N 208 64.87 8.16 -13.83
N THR N 209 65.94 7.78 -14.54
CA THR N 209 67.08 8.68 -14.76
C THR N 209 67.71 9.04 -13.42
N ILE N 233 35.87 -4.81 -2.63
CA ILE N 233 36.43 -5.13 -3.93
C ILE N 233 37.74 -5.86 -3.67
N TYR N 234 38.49 -5.38 -2.69
CA TYR N 234 39.74 -6.00 -2.26
C TYR N 234 39.53 -7.45 -1.87
N ASN N 235 40.43 -8.32 -2.31
CA ASN N 235 40.39 -9.72 -1.95
C ASN N 235 41.83 -10.22 -1.80
N PRO N 236 42.15 -11.00 -0.75
CA PRO N 236 43.50 -11.60 -0.69
C PRO N 236 43.77 -12.65 -1.76
N ARG N 237 42.75 -13.05 -2.51
CA ARG N 237 42.81 -14.09 -3.50
C ARG N 237 42.40 -13.48 -4.83
N GLN N 238 43.05 -13.89 -5.91
CA GLN N 238 42.71 -13.48 -7.28
C GLN N 238 42.41 -11.98 -7.39
N SER N 239 43.31 -11.17 -6.83
CA SER N 239 43.24 -9.71 -6.92
C SER N 239 44.61 -9.13 -6.63
N THR N 240 44.99 -8.11 -7.39
CA THR N 240 46.24 -7.38 -7.23
C THR N 240 46.10 -5.98 -6.63
N ASN N 241 44.87 -5.45 -6.48
CA ASN N 241 44.72 -4.09 -5.95
C ASN N 241 45.28 -3.96 -4.53
N GLY N 242 45.16 -5.02 -3.72
CA GLY N 242 45.64 -4.99 -2.36
C GLY N 242 47.08 -5.44 -2.18
N LEU N 243 47.86 -5.44 -3.26
CA LEU N 243 49.27 -5.82 -3.17
C LEU N 243 50.03 -4.85 -2.28
N LYS N 244 49.83 -3.55 -2.51
CA LYS N 244 50.55 -2.54 -1.74
C LYS N 244 50.25 -2.62 -0.25
N GLY N 245 49.03 -3.00 0.12
CA GLY N 245 48.69 -3.08 1.54
C GLY N 245 49.50 -4.12 2.28
N ASN N 246 49.79 -5.24 1.62
CA ASN N 246 50.62 -6.28 2.24
C ASN N 246 52.08 -5.84 2.31
N ILE N 247 52.56 -5.12 1.29
CA ILE N 247 53.93 -4.61 1.31
C ILE N 247 54.05 -3.42 2.25
N ASP N 248 53.03 -2.55 2.28
CA ASP N 248 53.11 -1.39 3.17
C ASP N 248 53.09 -1.84 4.62
N ASN N 249 52.38 -2.94 4.92
CA ASN N 249 52.39 -3.50 6.27
C ASN N 249 53.79 -3.99 6.67
N MET N 250 54.61 -4.38 5.71
CA MET N 250 55.99 -4.72 5.99
C MET N 250 56.82 -3.44 5.97
N ALA N 251 58.10 -3.58 6.33
CA ALA N 251 59.06 -2.47 6.51
C ALA N 251 58.82 -1.78 7.84
N LEU N 252 58.08 -2.41 8.75
CA LEU N 252 57.90 -1.98 10.13
C LEU N 252 58.11 -3.13 11.10
N ILE N 253 57.62 -4.33 10.77
CA ILE N 253 58.02 -5.52 11.51
C ILE N 253 59.47 -5.87 11.20
N ILE N 254 59.92 -5.57 9.98
CA ILE N 254 61.34 -5.66 9.60
C ILE N 254 61.85 -4.25 9.36
N GLY N 255 62.98 -3.95 9.95
CA GLY N 255 63.63 -2.65 9.85
C GLY N 255 64.17 -2.29 8.48
N TYR N 256 63.32 -2.30 7.45
CA TYR N 256 63.76 -1.86 6.13
C TYR N 256 63.92 -0.34 6.18
N GLY N 257 65.02 0.10 6.78
CA GLY N 257 65.30 1.51 6.86
C GLY N 257 64.56 2.12 8.03
N ASP N 258 65.08 3.23 8.56
CA ASP N 258 64.53 3.77 9.79
C ASP N 258 63.13 4.31 9.58
N GLY N 259 62.15 3.40 9.43
CA GLY N 259 60.81 3.77 9.02
C GLY N 259 60.36 3.08 7.75
N GLY N 260 59.05 2.94 7.58
CA GLY N 260 58.50 2.27 6.43
C GLY N 260 58.69 3.04 5.14
N VAL N 261 58.22 2.44 4.06
CA VAL N 261 58.37 2.95 2.70
C VAL N 261 57.03 2.88 2.00
N SER N 262 56.59 4.00 1.43
CA SER N 262 55.30 4.06 0.75
C SER N 262 54.16 3.79 1.73
N ARG O 2 32.57 -9.30 -16.35
CA ARG O 2 31.64 -10.48 -16.41
C ARG O 2 31.57 -11.03 -17.85
N PHE O 3 30.78 -12.08 -18.08
CA PHE O 3 30.93 -12.93 -19.25
C PHE O 3 29.57 -13.35 -19.83
N LYS O 4 29.64 -14.06 -20.97
CA LYS O 4 28.51 -14.75 -21.57
C LYS O 4 28.89 -16.16 -21.98
N LYS O 5 27.94 -17.09 -21.87
CA LYS O 5 28.10 -18.44 -22.39
C LYS O 5 27.86 -18.47 -23.90
N HIS O 6 28.44 -19.48 -24.55
CA HIS O 6 28.18 -19.80 -25.95
C HIS O 6 28.20 -21.32 -26.08
N VAL O 7 27.44 -21.85 -27.05
CA VAL O 7 27.51 -23.26 -27.42
C VAL O 7 27.99 -23.38 -28.86
N VAL O 8 29.02 -24.21 -29.07
CA VAL O 8 29.61 -24.40 -30.41
C VAL O 8 28.61 -25.13 -31.30
N GLN O 9 28.43 -24.63 -32.53
CA GLN O 9 27.53 -25.18 -33.52
C GLN O 9 28.30 -25.91 -34.63
N HIS O 10 27.55 -26.54 -35.54
CA HIS O 10 28.13 -27.36 -36.61
C HIS O 10 29.07 -26.55 -37.49
N GLU O 11 30.28 -27.07 -37.68
CA GLU O 11 31.36 -26.45 -38.46
C GLU O 11 31.49 -24.97 -38.14
N GLU O 12 31.31 -24.60 -36.87
CA GLU O 12 31.27 -23.18 -36.52
C GLU O 12 32.64 -22.55 -36.70
N THR O 13 32.68 -21.52 -37.53
CA THR O 13 33.90 -20.76 -37.75
C THR O 13 34.26 -19.97 -36.48
N MET O 14 35.50 -20.15 -36.03
CA MET O 14 35.97 -19.47 -34.82
C MET O 14 35.81 -17.96 -34.93
N GLN O 15 36.18 -17.40 -36.08
CA GLN O 15 36.03 -15.97 -36.32
C GLN O 15 34.57 -15.54 -36.33
N ALA O 16 33.65 -16.45 -36.63
CA ALA O 16 32.25 -16.06 -36.61
C ALA O 16 31.77 -15.75 -35.20
N ILE O 17 32.30 -16.45 -34.19
CA ILE O 17 31.95 -16.15 -32.80
C ILE O 17 32.35 -14.70 -32.47
N ALA O 18 33.62 -14.36 -32.70
CA ALA O 18 34.14 -13.05 -32.37
C ALA O 18 33.36 -11.94 -33.08
N GLN O 19 33.06 -12.15 -34.37
CA GLN O 19 32.26 -11.18 -35.11
C GLN O 19 30.87 -11.08 -34.53
N ARG O 20 30.27 -12.23 -34.24
CA ARG O 20 28.87 -12.28 -33.89
C ARG O 20 28.59 -11.57 -32.59
N TYR O 21 29.61 -11.48 -31.70
CA TYR O 21 29.43 -10.79 -30.42
C TYR O 21 30.28 -9.53 -30.22
N TYR O 22 31.17 -9.17 -31.16
CA TYR O 22 31.98 -7.96 -31.04
C TYR O 22 32.04 -7.12 -32.31
N GLY O 23 31.44 -7.55 -33.41
CA GLY O 23 31.39 -6.72 -34.62
C GLY O 23 32.62 -6.75 -35.50
N ASP O 24 33.81 -6.59 -34.91
CA ASP O 24 35.06 -6.83 -35.62
C ASP O 24 35.47 -8.28 -35.46
N VAL O 25 36.21 -8.76 -36.47
CA VAL O 25 36.70 -10.13 -36.47
C VAL O 25 37.95 -10.28 -35.60
N SER O 26 38.73 -9.21 -35.44
CA SER O 26 40.13 -9.34 -35.06
C SER O 26 40.33 -9.73 -33.60
N TYR O 27 39.30 -9.68 -32.77
CA TYR O 27 39.42 -10.04 -31.36
C TYR O 27 39.37 -11.54 -31.10
N TRP O 28 39.46 -12.39 -32.13
CA TRP O 28 39.43 -13.83 -31.87
C TRP O 28 40.75 -14.31 -31.26
N ILE O 29 41.86 -13.62 -31.53
CA ILE O 29 43.12 -13.90 -30.84
C ILE O 29 42.94 -13.77 -29.33
N ASP O 30 42.18 -12.76 -28.88
CA ASP O 30 42.01 -12.60 -27.43
C ASP O 30 41.05 -13.65 -26.87
N LEU O 31 39.99 -13.95 -27.61
CA LEU O 31 38.99 -14.90 -27.13
C LEU O 31 39.59 -16.29 -26.93
N VAL O 32 40.44 -16.73 -27.86
CA VAL O 32 41.00 -18.07 -27.74
C VAL O 32 42.06 -18.12 -26.64
N GLU O 33 42.71 -17.00 -26.35
CA GLU O 33 43.57 -16.93 -25.17
C GLU O 33 42.74 -16.94 -23.88
N HIS O 34 41.51 -16.41 -23.92
CA HIS O 34 40.69 -16.42 -22.71
C HIS O 34 40.22 -17.83 -22.37
N ASN O 35 40.12 -18.70 -23.38
CA ASN O 35 39.61 -20.05 -23.26
C ASN O 35 40.69 -21.13 -23.40
N ASN O 36 41.97 -20.75 -23.30
CA ASN O 36 43.11 -21.67 -23.20
C ASN O 36 43.07 -22.75 -24.30
N LEU O 37 42.72 -22.34 -25.52
CA LEU O 37 42.68 -23.23 -26.67
C LEU O 37 44.05 -23.36 -27.35
N LYS O 38 44.33 -24.54 -27.91
CA LYS O 38 45.42 -24.69 -28.86
C LYS O 38 44.95 -24.22 -30.23
N TYR O 39 45.83 -24.33 -31.23
CA TYR O 39 45.48 -23.89 -32.60
C TYR O 39 44.22 -24.53 -33.13
N PRO O 40 43.99 -25.85 -33.02
CA PRO O 40 42.68 -26.36 -33.42
C PRO O 40 41.61 -25.84 -32.46
N TYR O 41 41.06 -24.66 -32.78
CA TYR O 41 40.16 -23.98 -31.84
C TYR O 41 38.83 -24.71 -31.74
N LEU O 42 38.29 -25.17 -32.88
CA LEU O 42 37.08 -25.95 -32.91
C LEU O 42 37.28 -27.09 -33.90
N VAL O 43 36.66 -28.25 -33.65
CA VAL O 43 36.78 -29.37 -34.59
C VAL O 43 35.45 -30.11 -34.70
N GLU O 44 35.16 -30.57 -35.92
CA GLU O 44 33.93 -31.29 -36.22
C GLU O 44 33.87 -32.63 -35.48
N THR O 45 34.92 -33.43 -35.60
CA THR O 45 34.95 -34.78 -35.06
C THR O 45 35.20 -34.72 -33.56
N ASP O 46 34.43 -35.51 -32.80
CA ASP O 46 34.60 -35.53 -31.35
C ASP O 46 35.69 -36.49 -30.90
N GLU O 47 36.12 -37.39 -31.77
CA GLU O 47 37.20 -38.29 -31.43
C GLU O 47 38.53 -37.55 -31.36
N GLU O 48 38.65 -36.45 -32.08
CA GLU O 48 39.89 -35.69 -32.02
C GLU O 48 40.04 -35.04 -30.66
N LYS O 49 38.94 -34.71 -29.99
CA LYS O 49 39.04 -34.11 -28.67
C LYS O 49 39.65 -35.07 -27.66
N MET O 50 39.45 -36.38 -27.84
CA MET O 50 40.03 -37.39 -26.95
C MET O 50 41.53 -37.16 -26.66
N LYS O 51 42.27 -36.61 -27.62
CA LYS O 51 43.73 -36.56 -27.51
C LYS O 51 44.15 -35.52 -26.49
N ASP O 52 43.58 -34.31 -26.59
CA ASP O 52 43.84 -33.21 -25.65
C ASP O 52 42.49 -32.62 -25.29
N PRO O 53 41.72 -33.29 -24.42
CA PRO O 53 40.36 -32.79 -24.13
C PRO O 53 40.35 -31.35 -23.61
N GLU O 54 41.14 -31.03 -22.58
CA GLU O 54 41.08 -29.70 -21.97
C GLU O 54 41.46 -28.58 -22.95
N ARG O 55 42.35 -28.85 -23.91
CA ARG O 55 42.86 -27.82 -24.81
C ARG O 55 42.28 -27.93 -26.21
N LEU O 56 41.13 -28.60 -26.37
CA LEU O 56 40.55 -28.83 -27.70
C LEU O 56 39.05 -28.92 -27.53
N ALA O 57 38.31 -28.08 -28.24
CA ALA O 57 36.85 -28.01 -28.17
C ALA O 57 36.22 -28.54 -29.46
N SER O 58 34.98 -29.02 -29.36
CA SER O 58 34.26 -29.60 -30.47
C SER O 58 32.80 -29.15 -30.44
N THR O 59 32.02 -29.61 -31.43
CA THR O 59 30.62 -29.24 -31.57
C THR O 59 29.83 -29.53 -30.29
N GLY O 60 29.04 -28.55 -29.86
CA GLY O 60 28.26 -28.68 -28.65
C GLY O 60 28.99 -28.35 -27.36
N ASP O 61 30.31 -28.18 -27.42
CA ASP O 61 31.06 -27.71 -26.26
C ASP O 61 30.71 -26.25 -25.96
N THR O 62 31.06 -25.82 -24.74
CA THR O 62 30.74 -24.50 -24.22
C THR O 62 32.00 -23.64 -24.16
N LEU O 63 31.91 -22.40 -24.66
CA LEU O 63 32.99 -21.42 -24.58
C LEU O 63 32.56 -20.23 -23.75
N ILE O 64 33.55 -19.48 -23.23
CA ILE O 64 33.32 -18.33 -22.38
C ILE O 64 33.64 -17.08 -23.18
N ILE O 65 32.69 -16.15 -23.24
CA ILE O 65 32.82 -14.89 -23.98
C ILE O 65 32.94 -13.76 -22.96
N PRO O 66 34.08 -13.06 -22.88
CA PRO O 66 34.17 -11.88 -22.00
C PRO O 66 33.24 -10.78 -22.47
N ILE O 67 33.06 -9.74 -21.62
CA ILE O 67 32.53 -8.48 -22.12
C ILE O 67 33.73 -7.67 -22.59
N GLU O 68 33.45 -6.66 -23.42
CA GLU O 68 34.48 -5.93 -24.16
C GLU O 68 35.55 -5.31 -23.26
N SER O 69 35.20 -4.92 -22.05
CA SER O 69 36.14 -4.16 -21.24
C SER O 69 37.24 -5.03 -20.66
N ASP O 70 36.90 -6.27 -20.29
CA ASP O 70 37.87 -7.24 -19.79
C ASP O 70 38.52 -8.07 -20.89
N LEU O 71 38.57 -7.56 -22.12
CA LEU O 71 39.06 -8.37 -23.23
C LEU O 71 40.57 -8.55 -23.17
N THR O 72 41.31 -7.45 -22.95
CA THR O 72 42.76 -7.44 -23.01
C THR O 72 43.41 -7.51 -21.64
N ASP O 73 42.64 -7.71 -20.57
CA ASP O 73 43.21 -7.77 -19.24
C ASP O 73 43.81 -9.16 -19.01
N VAL O 74 45.13 -9.20 -18.83
CA VAL O 74 45.84 -10.47 -18.65
C VAL O 74 45.35 -11.18 -17.40
N SER O 75 45.03 -10.42 -16.35
CA SER O 75 44.55 -11.06 -15.13
C SER O 75 43.20 -11.70 -15.35
N ALA O 76 42.28 -11.03 -16.07
CA ALA O 76 41.02 -11.67 -16.39
C ALA O 76 41.24 -12.88 -17.29
N LYS O 77 42.21 -12.80 -18.21
CA LYS O 77 42.55 -13.97 -19.03
C LYS O 77 43.03 -15.13 -18.16
N GLU O 78 43.82 -14.83 -17.14
CA GLU O 78 44.31 -15.85 -16.22
C GLU O 78 43.17 -16.47 -15.41
N ILE O 79 42.39 -15.63 -14.73
CA ILE O 79 41.25 -16.14 -13.96
C ILE O 79 40.26 -16.87 -14.87
N ASN O 80 39.96 -16.30 -16.03
CA ASN O 80 39.03 -16.96 -16.96
C ASN O 80 39.59 -18.26 -17.52
N SER O 81 40.90 -18.49 -17.40
CA SER O 81 41.49 -19.78 -17.74
C SER O 81 41.36 -20.80 -16.62
N ARG O 82 41.11 -20.37 -15.38
CA ARG O 82 40.84 -21.25 -14.26
C ARG O 82 39.36 -21.63 -14.18
N ASP O 83 38.49 -20.64 -13.99
CA ASP O 83 37.07 -20.93 -13.79
C ASP O 83 36.29 -21.34 -15.04
N LYS O 84 36.81 -22.26 -15.84
CA LYS O 84 36.14 -22.64 -17.08
C LYS O 84 34.84 -23.41 -16.79
N ASP O 85 33.72 -22.89 -17.32
CA ASP O 85 32.35 -23.35 -16.99
C ASP O 85 32.14 -23.52 -15.49
N VAL O 86 32.77 -22.68 -14.68
CA VAL O 86 32.39 -22.53 -13.28
C VAL O 86 32.41 -21.06 -12.87
N LEU O 87 32.73 -20.17 -13.83
CA LEU O 87 32.88 -18.73 -13.61
C LEU O 87 31.72 -18.08 -12.86
N VAL O 88 30.50 -18.65 -12.98
CA VAL O 88 29.33 -18.19 -12.21
C VAL O 88 29.67 -18.05 -10.73
N GLU O 89 30.49 -18.97 -10.21
CA GLU O 89 30.84 -18.98 -8.80
C GLU O 89 31.55 -17.71 -8.35
N LEU O 90 32.19 -16.98 -9.27
CA LEU O 90 32.90 -15.78 -8.87
C LEU O 90 31.94 -14.61 -8.66
N ALA O 91 30.80 -14.62 -9.34
CA ALA O 91 29.85 -13.52 -9.17
C ALA O 91 28.86 -13.77 -8.04
N LEU O 92 28.24 -14.96 -8.03
CA LEU O 92 27.24 -15.25 -7.01
C LEU O 92 27.89 -15.63 -5.67
N GLY O 93 29.05 -16.32 -5.69
CA GLY O 93 29.81 -16.61 -4.48
C GLY O 93 29.56 -17.97 -3.85
N ARG O 94 30.30 -18.22 -2.77
CA ARG O 94 30.14 -19.40 -1.92
C ARG O 94 29.88 -18.95 -0.48
N ASP O 95 29.03 -19.70 0.22
CA ASP O 95 28.64 -19.39 1.58
C ASP O 95 28.27 -20.69 2.30
N LEU O 96 28.13 -20.61 3.63
CA LEU O 96 27.75 -21.78 4.41
C LEU O 96 26.26 -22.09 4.28
N ASN O 97 25.93 -23.38 4.24
CA ASN O 97 24.54 -23.83 4.20
C ASN O 97 23.95 -23.71 5.60
N ILE O 98 22.78 -23.06 5.70
CA ILE O 98 22.00 -23.08 6.93
C ILE O 98 20.58 -23.58 6.71
N THR O 99 20.22 -23.98 5.49
CA THR O 99 18.91 -24.56 5.21
C THR O 99 19.01 -26.07 5.37
N ALA O 100 18.93 -26.54 6.62
CA ALA O 100 19.13 -27.95 6.90
C ALA O 100 17.95 -28.78 6.42
N ASP O 101 16.74 -28.24 6.46
CA ASP O 101 15.56 -28.91 5.93
C ASP O 101 14.56 -27.86 5.48
N GLU O 102 14.27 -27.81 4.18
CA GLU O 102 13.21 -26.95 3.71
C GLU O 102 11.83 -27.45 4.10
N LYS O 103 11.76 -28.67 4.64
CA LYS O 103 10.55 -29.22 5.21
C LYS O 103 10.27 -28.67 6.60
N TYR O 104 11.22 -27.92 7.20
CA TYR O 104 11.06 -27.46 8.59
C TYR O 104 10.63 -25.99 8.60
N PHE O 105 11.51 -25.09 8.16
CA PHE O 105 11.24 -23.66 8.37
C PHE O 105 10.06 -23.16 7.54
N ASN O 106 9.69 -23.85 6.47
CA ASN O 106 8.59 -23.38 5.66
C ASN O 106 7.25 -23.55 6.37
N GLU O 107 7.18 -24.45 7.36
CA GLU O 107 5.98 -24.66 8.17
C GLU O 107 5.97 -23.85 9.47
N HIS O 108 7.05 -23.13 9.81
CA HIS O 108 7.08 -22.27 10.99
C HIS O 108 7.23 -20.78 10.68
N GLY O 109 7.85 -20.42 9.55
CA GLY O 109 7.80 -19.02 9.15
C GLY O 109 8.49 -18.03 10.09
N THR O 110 8.06 -16.77 10.00
CA THR O 110 8.75 -15.69 10.71
C THR O 110 8.85 -15.89 12.23
N SER O 111 10.03 -16.27 12.72
CA SER O 111 10.26 -16.47 14.15
C SER O 111 11.75 -16.50 14.47
N ASP O 112 12.04 -16.40 15.76
CA ASP O 112 13.37 -16.72 16.29
C ASP O 112 13.60 -18.23 16.20
N ASN O 113 14.87 -18.65 16.24
CA ASN O 113 15.26 -20.04 16.47
C ASN O 113 14.80 -20.97 15.33
N ILE O 114 15.22 -20.65 14.10
CA ILE O 114 14.78 -21.38 12.90
C ILE O 114 16.00 -22.10 12.29
N LEU O 115 16.85 -21.39 11.56
CA LEU O 115 17.81 -22.01 10.64
C LEU O 115 19.05 -22.51 11.38
N ALA O 116 19.81 -23.41 10.73
CA ALA O 116 21.03 -23.92 11.37
C ALA O 116 22.04 -24.48 10.37
N PHE O 117 23.33 -24.38 10.72
CA PHE O 117 24.40 -25.02 9.94
C PHE O 117 24.25 -26.54 9.94
N SER O 118 24.66 -27.15 8.82
CA SER O 118 24.56 -28.60 8.63
C SER O 118 25.76 -29.09 7.81
N THR O 119 25.86 -30.42 7.66
CA THR O 119 27.04 -31.08 7.10
C THR O 119 26.64 -32.05 5.99
N ASN O 120 27.19 -31.84 4.79
CA ASN O 120 26.97 -32.69 3.63
C ASN O 120 28.21 -33.55 3.38
N GLY O 121 28.01 -34.85 3.21
CA GLY O 121 29.11 -35.77 3.01
C GLY O 121 29.72 -36.24 4.32
N ASN O 122 30.97 -35.88 4.57
CA ASN O 122 31.63 -36.24 5.82
C ASN O 122 32.74 -35.26 6.10
N GLY O 123 32.82 -34.80 7.35
CA GLY O 123 33.94 -34.00 7.80
C GLY O 123 34.03 -32.56 7.30
N ASP O 124 33.79 -32.34 6.01
CA ASP O 124 33.80 -31.00 5.43
C ASP O 124 32.48 -30.30 5.66
N LEU O 125 32.53 -29.11 6.22
CA LEU O 125 31.29 -28.44 6.59
C LEU O 125 30.59 -27.98 5.31
N ASP O 126 29.25 -28.03 5.31
CA ASP O 126 28.54 -27.88 4.03
C ASP O 126 28.62 -26.43 3.56
N THR O 127 29.36 -26.21 2.48
CA THR O 127 29.42 -24.94 1.77
C THR O 127 28.53 -24.96 0.53
N VAL O 128 27.61 -24.00 0.44
CA VAL O 128 26.59 -23.97 -0.61
C VAL O 128 26.88 -22.80 -1.54
N LYS O 129 26.83 -23.06 -2.85
CA LYS O 129 27.61 -22.29 -3.81
C LYS O 129 26.78 -21.93 -5.05
N GLY O 130 27.21 -20.86 -5.72
CA GLY O 130 26.58 -20.41 -6.96
C GLY O 130 25.09 -20.14 -6.82
N ILE O 131 24.33 -20.64 -7.80
CA ILE O 131 22.88 -20.46 -7.81
C ILE O 131 22.28 -20.92 -6.48
N ASP O 132 22.82 -22.00 -5.91
CA ASP O 132 22.31 -22.47 -4.65
C ASP O 132 22.65 -21.52 -3.49
N ASN O 133 23.78 -20.81 -3.58
CA ASN O 133 24.01 -19.71 -2.64
C ASN O 133 22.98 -18.61 -2.82
N MET O 134 22.63 -18.31 -4.06
CA MET O 134 21.69 -17.22 -4.35
C MET O 134 20.29 -17.54 -3.81
N LYS O 135 19.85 -18.80 -3.96
CA LYS O 135 18.62 -19.26 -3.32
C LYS O 135 18.62 -18.91 -1.84
N GLN O 136 19.66 -19.36 -1.13
CA GLN O 136 19.75 -19.10 0.30
C GLN O 136 19.81 -17.61 0.60
N GLN O 137 20.57 -16.84 -0.17
CA GLN O 137 20.77 -15.45 0.20
C GLN O 137 19.58 -14.57 -0.15
N LEU O 138 18.62 -15.07 -0.93
CA LEU O 138 17.31 -14.42 -1.01
C LEU O 138 16.36 -14.92 0.08
N GLN O 139 16.36 -16.23 0.33
CA GLN O 139 15.43 -16.82 1.29
C GLN O 139 15.70 -16.33 2.71
N ALA O 140 16.94 -16.48 3.16
CA ALA O 140 17.35 -16.07 4.51
C ALA O 140 17.23 -14.57 4.71
N ARG O 141 17.41 -13.79 3.64
CA ARG O 141 17.18 -12.36 3.74
C ARG O 141 15.71 -12.07 3.99
N LEU O 142 14.85 -12.61 3.12
CA LEU O 142 13.45 -12.23 3.16
C LEU O 142 12.76 -12.69 4.45
N LEU O 143 13.18 -13.81 5.03
CA LEU O 143 12.55 -14.24 6.27
C LEU O 143 12.92 -13.36 7.48
N THR O 144 13.97 -12.54 7.38
CA THR O 144 14.42 -11.74 8.51
C THR O 144 13.60 -10.44 8.59
N PRO O 145 13.13 -10.02 9.77
CA PRO O 145 12.45 -8.74 9.86
C PRO O 145 13.43 -7.57 9.83
N ARG O 146 12.97 -6.44 9.27
CA ARG O 146 13.86 -5.38 8.79
C ARG O 146 14.84 -4.91 9.86
N GLY O 147 14.33 -4.63 11.07
CA GLY O 147 15.13 -4.11 12.16
C GLY O 147 16.19 -5.07 12.69
N SER O 148 16.04 -6.37 12.42
CA SER O 148 16.61 -7.44 13.22
C SER O 148 18.12 -7.31 13.46
N LEU O 149 18.93 -7.42 12.39
CA LEU O 149 20.31 -7.88 12.54
C LEU O 149 21.20 -6.86 13.25
N MET O 150 22.15 -7.37 14.03
CA MET O 150 22.88 -6.63 15.05
C MET O 150 24.01 -5.76 14.47
N LEU O 151 24.21 -5.76 13.15
CA LEU O 151 25.00 -4.72 12.49
C LEU O 151 24.34 -4.50 11.14
N HIS O 152 24.65 -3.35 10.50
CA HIS O 152 24.07 -2.87 9.25
C HIS O 152 22.56 -3.08 9.31
N PRO O 153 21.81 -2.24 10.04
CA PRO O 153 20.36 -2.38 10.00
C PRO O 153 19.78 -1.98 8.65
N ASN O 154 18.44 -2.02 8.52
CA ASN O 154 17.73 -1.97 7.24
C ASN O 154 18.09 -3.19 6.38
N TYR O 155 18.43 -4.29 7.04
CA TYR O 155 18.42 -5.63 6.47
C TYR O 155 16.94 -6.05 6.33
N GLY O 156 16.67 -7.31 6.00
CA GLY O 156 15.37 -7.91 6.23
C GLY O 156 14.20 -7.31 5.43
N SER O 157 12.99 -7.52 5.95
CA SER O 157 11.77 -7.00 5.33
C SER O 157 10.73 -6.63 6.38
N ASP O 158 9.70 -5.88 5.96
CA ASP O 158 8.56 -5.58 6.82
C ASP O 158 7.47 -6.65 6.74
N LEU O 159 7.78 -7.83 6.20
CA LEU O 159 6.75 -8.83 5.90
C LEU O 159 5.91 -9.21 7.11
N HIS O 160 6.51 -9.25 8.30
CA HIS O 160 5.78 -9.68 9.48
C HIS O 160 4.70 -8.68 9.90
N ASN O 161 4.78 -7.42 9.43
CA ASN O 161 3.76 -6.45 9.76
C ASN O 161 2.44 -6.69 9.01
N LEU O 162 2.50 -7.38 7.87
CA LEU O 162 1.48 -7.26 6.84
C LEU O 162 0.35 -8.28 6.94
N PHE O 163 0.16 -8.91 8.10
CA PHE O 163 -0.96 -9.82 8.30
C PHE O 163 -2.22 -9.06 8.75
N GLY O 164 -2.62 -8.10 7.92
CA GLY O 164 -3.90 -7.41 8.06
C GLY O 164 -5.10 -8.13 7.50
N LEU O 165 -6.14 -7.35 7.18
CA LEU O 165 -7.37 -7.87 6.61
C LEU O 165 -7.11 -8.44 5.22
N ASN O 166 -7.81 -9.54 4.88
CA ASN O 166 -7.58 -10.29 3.64
C ASN O 166 -8.07 -9.57 2.33
N ILE O 167 -8.34 -8.27 2.36
CA ILE O 167 -9.01 -7.55 1.27
C ILE O 167 -7.96 -7.13 0.23
N PRO O 168 -8.34 -6.91 -1.04
CA PRO O 168 -7.34 -6.83 -2.14
C PRO O 168 -6.17 -5.84 -1.98
N GLU O 169 -6.45 -4.60 -1.54
CA GLU O 169 -5.38 -3.64 -1.29
C GLU O 169 -4.25 -4.21 -0.43
N GLN O 170 -4.61 -4.96 0.61
CA GLN O 170 -3.61 -5.54 1.49
C GLN O 170 -2.74 -6.56 0.75
N ALA O 171 -3.34 -7.30 -0.17
CA ALA O 171 -2.58 -8.24 -0.98
C ALA O 171 -1.56 -7.53 -1.86
N THR O 172 -1.96 -6.40 -2.46
CA THR O 172 -0.97 -5.63 -3.23
C THR O 172 0.12 -5.06 -2.33
N LEU O 173 -0.19 -4.72 -1.08
CA LEU O 173 0.87 -4.26 -0.18
C LEU O 173 1.88 -5.37 0.09
N ILE O 174 1.41 -6.62 0.20
CA ILE O 174 2.33 -7.74 0.39
C ILE O 174 3.21 -7.91 -0.86
N GLU O 175 2.60 -7.76 -2.05
CA GLU O 175 3.39 -7.78 -3.28
C GLU O 175 4.47 -6.72 -3.24
N MET O 176 4.11 -5.51 -2.84
CA MET O 176 5.07 -4.41 -2.83
C MET O 176 6.23 -4.68 -1.87
N GLU O 177 5.95 -5.16 -0.66
CA GLU O 177 7.07 -5.40 0.24
C GLU O 177 7.95 -6.54 -0.28
N VAL O 178 7.36 -7.55 -0.94
CA VAL O 178 8.20 -8.62 -1.51
C VAL O 178 9.10 -8.05 -2.60
N LEU O 179 8.52 -7.27 -3.50
CA LEU O 179 9.29 -6.67 -4.59
C LEU O 179 10.42 -5.79 -4.05
N ARG O 180 10.09 -4.92 -3.09
CA ARG O 180 11.08 -4.06 -2.45
C ARG O 180 12.20 -4.86 -1.79
N THR O 181 11.85 -5.95 -1.12
CA THR O 181 12.88 -6.72 -0.42
C THR O 181 13.80 -7.42 -1.41
N LEU O 182 13.25 -7.90 -2.51
CA LEU O 182 14.02 -8.75 -3.42
C LEU O 182 14.94 -7.93 -4.33
N THR O 183 14.47 -6.78 -4.82
CA THR O 183 15.33 -5.90 -5.62
C THR O 183 16.38 -5.17 -4.78
N SER O 184 16.43 -5.37 -3.46
CA SER O 184 17.37 -4.66 -2.61
C SER O 184 18.80 -5.16 -2.71
N ASP O 185 19.06 -6.32 -3.34
CA ASP O 185 20.42 -6.87 -3.46
C ASP O 185 20.84 -6.75 -4.92
N ASN O 186 22.07 -6.26 -5.14
CA ASN O 186 22.60 -6.02 -6.49
C ASN O 186 22.67 -7.28 -7.37
N ARG O 187 22.69 -8.48 -6.78
CA ARG O 187 22.84 -9.69 -7.58
C ARG O 187 21.64 -9.97 -8.49
N VAL O 188 20.51 -9.33 -8.23
CA VAL O 188 19.28 -9.46 -9.02
C VAL O 188 19.08 -8.15 -9.78
N LYS O 189 18.78 -8.21 -11.08
CA LYS O 189 18.54 -6.95 -11.77
C LYS O 189 17.22 -6.33 -11.35
N SER O 190 16.14 -7.11 -11.41
CA SER O 190 14.80 -6.60 -11.21
C SER O 190 13.87 -7.75 -10.84
N ALA O 191 12.62 -7.41 -10.53
CA ALA O 191 11.60 -8.39 -10.17
C ALA O 191 10.23 -7.90 -10.63
N ASN O 192 9.32 -8.83 -10.85
CA ASN O 192 7.92 -8.49 -11.12
C ASN O 192 7.02 -9.69 -10.83
N LEU O 193 5.75 -9.39 -10.56
CA LEU O 193 4.77 -10.40 -10.17
C LEU O 193 4.21 -11.11 -11.40
N ILE O 194 4.13 -12.44 -11.33
CA ILE O 194 3.43 -13.21 -12.37
C ILE O 194 1.95 -13.35 -12.00
N ASP O 195 1.64 -13.82 -10.79
CA ASP O 195 0.26 -14.18 -10.45
C ASP O 195 0.09 -14.13 -8.93
N TRP O 196 -1.16 -13.92 -8.51
CA TRP O 196 -1.49 -14.05 -7.09
C TRP O 196 -2.91 -14.62 -6.91
N LYS O 197 -3.11 -15.20 -5.73
CA LYS O 197 -4.26 -16.05 -5.46
C LYS O 197 -4.61 -15.88 -3.97
N ILE O 198 -5.73 -15.23 -3.68
CA ILE O 198 -6.18 -15.02 -2.30
C ILE O 198 -7.19 -16.11 -1.98
N GLN O 199 -6.80 -17.03 -1.10
CA GLN O 199 -7.71 -18.01 -0.55
C GLN O 199 -8.37 -17.36 0.68
N GLY O 200 -9.23 -18.11 1.39
CA GLY O 200 -9.96 -17.52 2.50
C GLY O 200 -9.09 -16.96 3.60
N ASN O 201 -7.92 -17.56 3.82
CA ASN O 201 -6.94 -16.98 4.74
C ASN O 201 -5.51 -17.29 4.31
N VAL O 202 -5.31 -17.77 3.08
CA VAL O 202 -3.99 -18.09 2.52
C VAL O 202 -3.74 -17.12 1.37
N TYR O 203 -2.64 -16.38 1.46
CA TYR O 203 -2.06 -15.65 0.35
C TYR O 203 -1.16 -16.62 -0.40
N SER O 204 -1.29 -16.65 -1.72
CA SER O 204 -0.34 -17.31 -2.60
C SER O 204 -0.05 -16.38 -3.77
N GLY O 205 1.23 -16.23 -4.08
CA GLY O 205 1.63 -15.41 -5.21
C GLY O 205 3.01 -15.84 -5.66
N GLN O 206 3.31 -15.62 -6.95
CA GLN O 206 4.58 -16.06 -7.51
C GLN O 206 5.23 -14.95 -8.35
N PHE O 207 6.55 -14.83 -8.19
CA PHE O 207 7.36 -13.68 -8.61
C PHE O 207 8.57 -14.17 -9.41
N SER O 208 8.93 -13.40 -10.44
CA SER O 208 10.14 -13.63 -11.22
C SER O 208 11.27 -12.75 -10.69
N VAL O 209 12.51 -13.24 -10.76
CA VAL O 209 13.68 -12.41 -10.46
C VAL O 209 14.77 -12.65 -11.50
N GLU O 210 15.40 -11.58 -11.96
CA GLU O 210 16.48 -11.67 -12.93
C GLU O 210 17.81 -11.74 -12.19
N ILE O 211 18.16 -12.96 -11.75
CA ILE O 211 19.54 -13.21 -11.32
C ILE O 211 20.44 -12.89 -12.50
N LYS O 212 21.61 -12.35 -12.18
CA LYS O 212 22.64 -12.12 -13.18
C LYS O 212 23.42 -13.40 -13.49
N SER O 213 23.68 -13.60 -14.77
CA SER O 213 24.40 -14.72 -15.40
C SER O 213 23.65 -16.06 -15.31
N THR P 12 -1.69 -25.84 11.04
CA THR P 12 -1.18 -25.38 12.33
C THR P 12 -1.20 -23.85 12.39
N ARG P 13 -0.36 -23.28 13.26
CA ARG P 13 -0.27 -21.85 13.56
C ARG P 13 -0.01 -20.94 12.34
N PRO P 14 -0.27 -19.63 12.45
CA PRO P 14 0.09 -18.70 11.37
C PRO P 14 1.59 -18.69 11.07
N HIS P 15 1.92 -18.50 9.79
CA HIS P 15 3.31 -18.51 9.33
C HIS P 15 3.43 -17.95 7.91
N ALA P 16 4.68 -17.82 7.45
CA ALA P 16 5.01 -17.45 6.07
C ALA P 16 6.01 -18.43 5.48
N SER P 17 5.88 -18.67 4.17
CA SER P 17 6.67 -19.67 3.44
C SER P 17 7.24 -19.09 2.16
N ILE P 18 8.43 -19.56 1.78
CA ILE P 18 9.09 -19.17 0.53
C ILE P 18 9.72 -20.44 -0.05
N GLU P 19 9.19 -20.92 -1.17
CA GLU P 19 9.79 -22.05 -1.90
C GLU P 19 10.47 -21.54 -3.15
N VAL P 20 11.75 -21.84 -3.27
CA VAL P 20 12.57 -21.47 -4.42
C VAL P 20 12.38 -22.48 -5.55
N ASP P 21 11.13 -22.60 -6.01
CA ASP P 21 10.67 -23.72 -6.84
C ASP P 21 11.57 -23.97 -8.05
N THR P 22 12.03 -25.22 -8.18
CA THR P 22 12.84 -25.65 -9.32
C THR P 22 12.03 -26.05 -10.54
N SER P 23 10.70 -25.89 -10.49
CA SER P 23 9.84 -26.16 -11.64
C SER P 23 10.32 -25.42 -12.89
N GLY P 24 10.39 -26.16 -14.00
CA GLY P 24 10.86 -25.61 -15.26
C GLY P 24 12.29 -25.11 -15.22
N ILE P 25 13.12 -25.64 -14.31
CA ILE P 25 14.53 -25.29 -14.13
C ILE P 25 14.81 -23.79 -14.21
N SER P 32 0.70 -21.07 -25.69
CA SER P 32 0.58 -22.17 -24.75
C SER P 32 -0.71 -22.97 -24.97
N GLU P 33 -1.34 -22.78 -26.13
CA GLU P 33 -2.75 -23.13 -26.25
C GLU P 33 -2.97 -24.63 -26.52
N LYS P 34 -2.35 -25.19 -27.56
CA LYS P 34 -2.61 -26.55 -28.01
C LYS P 34 -1.98 -27.60 -27.07
N VAL P 35 -2.31 -28.88 -27.31
CA VAL P 35 -1.81 -30.02 -26.53
C VAL P 35 -1.06 -30.97 -27.45
N PHE P 36 0.01 -31.58 -26.94
CA PHE P 36 0.92 -32.47 -27.67
C PHE P 36 0.98 -33.87 -27.02
N CYS P 37 0.89 -34.92 -27.85
CA CYS P 37 0.80 -36.30 -27.38
C CYS P 37 2.04 -37.11 -27.77
N LEU P 38 2.60 -37.83 -26.79
CA LEU P 38 3.77 -38.70 -26.98
C LEU P 38 3.51 -40.08 -26.39
N ILE P 39 3.75 -41.13 -27.19
CA ILE P 39 3.71 -42.51 -26.72
C ILE P 39 5.04 -43.17 -27.10
N GLY P 40 5.76 -43.66 -26.09
CA GLY P 40 7.06 -44.25 -26.33
C GLY P 40 7.51 -45.12 -25.19
N GLN P 41 8.81 -45.45 -25.21
CA GLN P 41 9.43 -46.38 -24.27
C GLN P 41 10.25 -45.64 -23.24
N ALA P 42 10.02 -45.94 -21.97
CA ALA P 42 10.76 -45.37 -20.85
C ALA P 42 10.51 -46.26 -19.64
N GLU P 43 11.40 -46.16 -18.66
CA GLU P 43 11.50 -47.19 -17.62
C GLU P 43 11.04 -46.65 -16.26
N GLY P 44 9.77 -46.28 -16.18
CA GLY P 44 9.13 -45.83 -14.95
C GLY P 44 7.72 -45.40 -15.26
N GLY P 45 6.93 -45.18 -14.20
CA GLY P 45 5.54 -44.79 -14.34
C GLY P 45 4.58 -45.95 -14.54
N GLU P 46 3.38 -45.86 -13.93
CA GLU P 46 2.44 -46.99 -13.99
C GLU P 46 1.89 -47.14 -15.40
N PRO P 47 1.78 -48.37 -15.93
CA PRO P 47 1.46 -48.53 -17.35
C PRO P 47 -0.03 -48.41 -17.69
N ASN P 48 -0.28 -48.11 -18.97
CA ASN P 48 -1.61 -48.12 -19.59
C ASN P 48 -2.57 -47.09 -18.99
N THR P 49 -2.04 -46.00 -18.43
CA THR P 49 -2.83 -44.82 -18.06
C THR P 49 -2.14 -43.54 -18.56
N VAL P 50 -2.92 -42.65 -19.17
CA VAL P 50 -2.40 -41.36 -19.64
C VAL P 50 -2.06 -40.45 -18.48
N TYR P 51 -1.09 -39.57 -18.70
CA TYR P 51 -0.69 -38.50 -17.78
C TYR P 51 -0.57 -37.19 -18.54
N GLU P 52 -0.88 -36.08 -17.86
CA GLU P 52 -0.65 -34.74 -18.40
C GLU P 52 0.58 -34.16 -17.71
N LEU P 53 1.57 -33.76 -18.50
CA LEU P 53 2.80 -33.15 -17.99
C LEU P 53 2.78 -31.66 -18.31
N ARG P 54 2.93 -30.85 -17.26
CA ARG P 54 2.92 -29.40 -17.32
C ARG P 54 4.26 -28.82 -16.89
N ASN P 55 5.23 -29.65 -16.50
CA ASN P 55 6.47 -29.21 -15.86
C ASN P 55 7.51 -30.29 -16.07
N TYR P 56 8.66 -29.92 -16.65
CA TYR P 56 9.77 -30.86 -16.81
C TYR P 56 10.16 -31.50 -15.49
N SER P 57 10.27 -30.71 -14.42
CA SER P 57 10.64 -31.27 -13.13
C SER P 57 9.61 -32.28 -12.61
N GLN P 58 8.39 -32.28 -13.16
CA GLN P 58 7.43 -33.31 -12.80
C GLN P 58 7.65 -34.58 -13.62
N ALA P 59 8.14 -34.43 -14.84
CA ALA P 59 8.43 -35.58 -15.70
C ALA P 59 9.61 -36.39 -15.17
N LYS P 60 10.61 -35.74 -14.57
CA LYS P 60 11.74 -36.42 -13.98
C LYS P 60 11.37 -37.26 -12.75
N ARG P 61 10.13 -37.17 -12.28
CA ARG P 61 9.65 -37.75 -11.03
C ARG P 61 8.54 -38.75 -11.28
N LEU P 62 7.65 -38.46 -12.22
CA LEU P 62 6.74 -39.48 -12.73
C LEU P 62 7.51 -40.57 -13.45
N PHE P 63 8.40 -40.19 -14.37
CA PHE P 63 9.27 -41.09 -15.09
C PHE P 63 10.69 -40.99 -14.52
N ARG P 64 11.64 -41.65 -15.19
CA ARG P 64 13.02 -41.71 -14.73
C ARG P 64 14.02 -41.58 -15.87
N SER P 65 13.90 -42.42 -16.90
CA SER P 65 14.99 -42.62 -17.84
C SER P 65 14.46 -42.98 -19.22
N GLY P 66 15.29 -42.74 -20.23
CA GLY P 66 15.02 -43.20 -21.59
C GLY P 66 14.27 -42.23 -22.48
N GLU P 67 13.89 -42.76 -23.65
CA GLU P 67 13.43 -41.93 -24.77
C GLU P 67 12.24 -41.02 -24.44
N LEU P 68 11.20 -41.56 -23.78
CA LEU P 68 10.02 -40.73 -23.48
C LEU P 68 10.39 -39.48 -22.70
N LEU P 69 11.39 -39.58 -21.82
CA LEU P 69 11.77 -38.42 -21.03
C LEU P 69 12.76 -37.54 -21.80
N ASP P 70 13.72 -38.14 -22.50
CA ASP P 70 14.60 -37.33 -23.34
C ASP P 70 13.83 -36.67 -24.47
N ALA P 71 12.74 -37.30 -24.92
CA ALA P 71 11.86 -36.68 -25.90
C ALA P 71 11.21 -35.43 -25.34
N ILE P 72 10.72 -35.51 -24.09
CA ILE P 72 10.06 -34.37 -23.48
C ILE P 72 11.06 -33.26 -23.15
N GLU P 73 12.24 -33.64 -22.64
CA GLU P 73 13.30 -32.67 -22.40
C GLU P 73 13.72 -31.96 -23.68
N LEU P 74 13.51 -32.59 -24.84
CA LEU P 74 13.76 -32.00 -26.15
C LEU P 74 12.58 -31.16 -26.63
N ALA P 75 11.37 -31.67 -26.46
CA ALA P 75 10.18 -31.01 -27.01
C ALA P 75 10.02 -29.60 -26.43
N TRP P 76 10.17 -29.46 -25.11
CA TRP P 76 10.09 -28.18 -24.42
C TRP P 76 11.41 -27.37 -24.50
N GLY P 77 12.31 -27.63 -25.46
CA GLY P 77 13.46 -26.75 -25.63
C GLY P 77 14.01 -26.62 -27.04
N SER P 78 13.26 -27.06 -28.05
CA SER P 78 13.77 -27.07 -29.41
C SER P 78 13.92 -25.69 -30.04
N ASN P 79 13.42 -24.60 -29.43
CA ASN P 79 13.59 -23.23 -29.97
C ASN P 79 13.77 -22.27 -28.79
N PRO P 80 14.63 -21.24 -28.91
CA PRO P 80 14.94 -20.42 -27.72
C PRO P 80 13.81 -19.50 -27.29
N ASN P 81 12.81 -19.26 -28.13
CA ASN P 81 11.73 -18.31 -27.88
C ASN P 81 10.36 -18.97 -27.86
N TYR P 82 10.06 -19.81 -28.84
CA TYR P 82 8.86 -20.63 -28.87
C TYR P 82 9.07 -21.93 -28.09
N THR P 83 7.98 -22.52 -27.60
CA THR P 83 8.08 -23.86 -27.03
C THR P 83 6.71 -24.53 -26.99
N ALA P 84 6.73 -25.86 -26.88
CA ALA P 84 5.53 -26.68 -26.93
C ALA P 84 4.61 -26.42 -25.74
N GLY P 85 3.33 -26.75 -25.94
CA GLY P 85 2.32 -26.62 -24.89
C GLY P 85 2.40 -27.72 -23.86
N ARG P 86 1.25 -28.03 -23.24
CA ARG P 86 1.19 -29.16 -22.32
C ARG P 86 1.24 -30.46 -23.10
N ILE P 87 1.86 -31.48 -22.47
CA ILE P 87 2.17 -32.74 -23.11
C ILE P 87 1.37 -33.85 -22.44
N LEU P 88 0.80 -34.75 -23.27
CA LEU P 88 0.18 -35.98 -22.79
C LEU P 88 1.10 -37.15 -23.09
N ALA P 89 1.27 -38.03 -22.11
CA ALA P 89 2.25 -39.11 -22.17
C ALA P 89 1.57 -40.46 -22.00
N MET P 90 2.18 -41.49 -22.59
CA MET P 90 1.86 -42.87 -22.25
C MET P 90 3.09 -43.74 -22.43
N ARG P 91 3.26 -44.70 -21.52
CA ARG P 91 4.34 -45.67 -21.56
C ARG P 91 3.91 -46.90 -22.35
N ILE P 92 4.83 -47.41 -23.18
CA ILE P 92 4.54 -48.51 -24.10
C ILE P 92 5.08 -49.84 -23.56
N GLU P 93 4.87 -50.09 -22.26
CA GLU P 93 5.36 -51.30 -21.62
C GLU P 93 4.31 -51.78 -20.63
N ASP P 94 4.25 -53.09 -20.43
CA ASP P 94 3.40 -53.67 -19.39
C ASP P 94 4.23 -54.03 -18.15
N ALA P 95 4.82 -52.99 -17.57
CA ALA P 95 5.72 -53.15 -16.43
C ALA P 95 4.96 -53.67 -15.20
N LYS P 96 5.45 -54.78 -14.65
CA LYS P 96 4.99 -55.27 -13.36
C LYS P 96 5.65 -54.46 -12.24
N PRO P 97 5.01 -54.37 -11.07
CA PRO P 97 5.70 -53.81 -9.89
C PRO P 97 6.50 -54.87 -9.14
N ALA P 98 7.64 -54.45 -8.61
CA ALA P 98 8.46 -55.37 -7.83
C ALA P 98 7.83 -55.63 -6.47
N SER P 99 7.79 -56.89 -6.08
CA SER P 99 7.10 -57.30 -4.87
C SER P 99 7.78 -58.53 -4.29
N ALA P 100 7.33 -58.90 -3.09
CA ALA P 100 7.76 -60.14 -2.45
C ALA P 100 6.74 -60.47 -1.37
N GLU P 101 6.67 -61.75 -1.03
CA GLU P 101 6.02 -62.21 0.20
C GLU P 101 7.15 -62.57 1.14
N ILE P 102 7.30 -61.80 2.20
CA ILE P 102 8.34 -62.03 3.20
C ILE P 102 7.70 -61.83 4.57
N GLY P 103 7.87 -62.80 5.46
CA GLY P 103 7.10 -62.77 6.68
C GLY P 103 5.64 -63.01 6.37
N GLY P 104 4.77 -62.40 7.16
CA GLY P 104 3.34 -62.39 6.87
C GLY P 104 2.82 -61.17 6.14
N LEU P 105 3.67 -60.52 5.35
CA LEU P 105 3.38 -59.27 4.68
C LEU P 105 3.57 -59.42 3.18
N LYS P 106 2.61 -58.89 2.42
CA LYS P 106 2.79 -58.66 0.99
C LYS P 106 3.40 -57.28 0.83
N ILE P 107 4.65 -57.22 0.38
CA ILE P 107 5.35 -55.97 0.12
C ILE P 107 5.29 -55.73 -1.38
N THR P 108 4.75 -54.57 -1.77
CA THR P 108 4.60 -54.18 -3.17
C THR P 108 5.10 -52.75 -3.32
N SER P 109 5.89 -52.52 -4.36
CA SER P 109 6.51 -51.22 -4.60
C SER P 109 5.67 -50.38 -5.52
N LYS P 110 5.54 -49.08 -5.18
CA LYS P 110 4.78 -48.17 -6.03
C LYS P 110 5.44 -47.92 -7.38
N ILE P 111 6.72 -48.25 -7.51
CA ILE P 111 7.41 -48.19 -8.78
C ILE P 111 7.00 -49.41 -9.59
N TYR P 112 6.87 -49.21 -10.91
CA TYR P 112 6.60 -50.28 -11.86
C TYR P 112 7.80 -50.39 -12.78
N GLY P 113 8.44 -51.56 -12.80
CA GLY P 113 9.56 -51.81 -13.69
C GLY P 113 10.74 -52.48 -13.04
N ASN P 114 11.81 -52.67 -13.82
CA ASN P 114 12.98 -53.37 -13.33
C ASN P 114 13.70 -52.60 -12.22
N VAL P 115 13.70 -51.26 -12.33
CA VAL P 115 14.38 -50.39 -11.35
C VAL P 115 13.97 -50.73 -9.93
N ALA P 116 12.70 -51.10 -9.74
CA ALA P 116 12.18 -51.39 -8.41
C ALA P 116 12.82 -52.61 -7.75
N ASN P 117 13.55 -53.43 -8.51
CA ASN P 117 14.23 -54.60 -7.94
C ASN P 117 15.36 -54.19 -6.99
N ASN P 118 15.85 -52.96 -7.05
CA ASN P 118 16.90 -52.50 -6.16
C ASN P 118 16.40 -52.23 -4.75
N ILE P 119 15.09 -52.31 -4.51
CA ILE P 119 14.54 -51.95 -3.22
C ILE P 119 14.87 -53.02 -2.19
N GLN P 120 15.07 -52.58 -0.95
CA GLN P 120 15.40 -53.44 0.18
C GLN P 120 14.49 -53.12 1.36
N VAL P 121 13.96 -54.15 2.01
CA VAL P 121 13.12 -53.99 3.19
C VAL P 121 13.55 -55.00 4.25
N GLY P 122 13.51 -54.58 5.51
CA GLY P 122 13.86 -55.45 6.62
C GLY P 122 13.09 -55.05 7.86
N LEU P 123 13.10 -55.93 8.86
CA LEU P 123 12.43 -55.67 10.12
C LEU P 123 13.22 -56.31 11.26
N GLU P 124 13.29 -55.60 12.38
CA GLU P 124 13.96 -56.09 13.57
C GLU P 124 13.17 -55.63 14.80
N LYS P 125 13.24 -56.41 15.86
CA LYS P 125 12.49 -56.13 17.08
C LYS P 125 13.41 -55.56 18.15
N ASN P 126 12.96 -54.50 18.81
CA ASN P 126 13.74 -53.82 19.83
C ASN P 126 13.38 -54.39 21.19
N THR P 127 14.39 -54.75 21.97
CA THR P 127 14.13 -55.29 23.30
C THR P 127 13.72 -54.18 24.25
N LEU P 128 14.33 -53.00 24.12
CA LEU P 128 14.07 -51.90 25.05
C LEU P 128 12.68 -51.28 24.91
N SER P 129 11.91 -51.63 23.87
CA SER P 129 10.53 -51.13 23.75
C SER P 129 9.53 -52.19 23.29
N ASP P 130 9.94 -53.45 23.13
CA ASP P 130 9.07 -54.55 22.69
C ASP P 130 8.26 -54.19 21.44
N SER P 131 8.96 -53.62 20.45
CA SER P 131 8.34 -53.17 19.21
C SER P 131 9.28 -53.49 18.05
N LEU P 132 8.75 -53.28 16.84
CA LEU P 132 9.51 -53.50 15.61
C LEU P 132 10.21 -52.22 15.17
N ARG P 133 11.29 -52.38 14.40
CA ARG P 133 11.99 -51.28 13.76
C ARG P 133 12.07 -51.58 12.27
N LEU P 134 11.55 -50.67 11.46
CA LEU P 134 11.40 -50.87 10.02
C LEU P 134 12.43 -50.04 9.26
N ARG P 135 13.01 -50.64 8.22
CA ARG P 135 13.98 -49.97 7.36
C ARG P 135 13.66 -50.26 5.90
N VAL P 136 13.65 -49.20 5.09
CA VAL P 136 13.45 -49.29 3.64
C VAL P 136 14.60 -48.57 2.98
N ILE P 137 15.14 -49.15 1.92
CA ILE P 137 16.30 -48.61 1.22
C ILE P 137 16.07 -48.74 -0.28
N PHE P 138 16.42 -47.67 -1.01
CA PHE P 138 16.44 -47.69 -2.47
C PHE P 138 17.56 -46.76 -2.92
N GLN P 139 18.30 -47.20 -3.93
CA GLN P 139 19.60 -46.59 -4.23
C GLN P 139 19.45 -45.28 -5.02
N ASP P 140 18.86 -45.35 -6.22
CA ASP P 140 18.95 -44.25 -7.17
C ASP P 140 18.30 -42.96 -6.67
N ASP P 141 17.31 -43.04 -5.79
CA ASP P 141 16.73 -41.84 -5.18
C ASP P 141 17.39 -41.48 -3.86
N ARG P 142 18.49 -42.15 -3.48
CA ARG P 142 19.19 -41.92 -2.22
C ARG P 142 18.21 -41.97 -1.04
N PHE P 143 17.43 -43.06 -0.94
CA PHE P 143 16.38 -43.17 0.06
C PHE P 143 16.78 -44.27 1.03
N ASN P 144 16.92 -43.90 2.31
CA ASN P 144 17.41 -44.83 3.31
C ASN P 144 17.03 -44.26 4.69
N GLU P 145 15.84 -44.64 5.16
CA GLU P 145 15.28 -44.09 6.38
C GLU P 145 14.66 -45.20 7.22
N VAL P 146 14.45 -44.92 8.49
CA VAL P 146 14.05 -45.91 9.48
C VAL P 146 12.82 -45.40 10.24
N TYR P 147 11.91 -46.31 10.56
CA TYR P 147 10.76 -46.04 11.41
C TYR P 147 10.78 -47.02 12.57
N ASP P 148 10.53 -46.51 13.78
CA ASP P 148 10.75 -47.24 15.02
C ASP P 148 9.52 -47.12 15.89
N ASN P 149 9.52 -47.90 16.98
CA ASN P 149 8.41 -47.93 17.93
C ASN P 149 7.10 -48.23 17.22
N ILE P 150 7.11 -49.30 16.43
CA ILE P 150 5.95 -49.68 15.63
C ILE P 150 5.01 -50.46 16.54
N GLY P 151 3.79 -49.95 16.70
CA GLY P 151 2.91 -50.37 17.77
C GLY P 151 2.97 -49.38 18.92
N ASN P 152 3.02 -49.88 20.17
CA ASN P 152 3.20 -49.04 21.36
C ASN P 152 2.12 -47.96 21.45
N ILE P 153 0.94 -48.26 20.89
CA ILE P 153 -0.02 -47.22 20.54
C ILE P 153 -0.53 -46.46 21.77
N PHE P 154 -0.68 -47.12 22.92
CA PHE P 154 -0.78 -46.39 24.20
C PHE P 154 -0.63 -47.36 25.36
N THR P 155 -0.31 -46.79 26.53
CA THR P 155 0.01 -47.51 27.75
C THR P 155 -1.12 -47.36 28.75
N ILE P 156 -1.16 -48.29 29.71
CA ILE P 156 -2.07 -48.20 30.85
C ILE P 156 -1.26 -48.51 32.11
N LYS P 157 -1.57 -47.82 33.20
CA LYS P 157 -1.21 -48.29 34.53
C LYS P 157 -2.43 -48.21 35.44
N TYR P 158 -2.74 -49.33 36.09
CA TYR P 158 -3.79 -49.37 37.10
C TYR P 158 -3.24 -48.93 38.45
N LYS P 159 -4.09 -48.22 39.22
CA LYS P 159 -3.67 -47.60 40.46
C LYS P 159 -4.47 -47.99 41.70
N GLY P 160 -5.52 -48.81 41.58
CA GLY P 160 -6.20 -49.36 42.74
C GLY P 160 -5.25 -50.22 43.58
N GLU P 161 -5.70 -50.56 44.81
CA GLU P 161 -4.90 -51.35 45.74
C GLU P 161 -5.41 -52.78 45.96
N GLU P 162 -6.30 -53.30 45.12
CA GLU P 162 -6.42 -54.75 45.01
C GLU P 162 -5.08 -55.38 44.63
N ALA P 163 -4.98 -56.70 44.84
CA ALA P 163 -3.71 -57.40 44.75
C ALA P 163 -3.06 -57.27 43.38
N ASN P 164 -3.80 -57.60 42.31
CA ASN P 164 -3.22 -57.54 40.97
C ASN P 164 -4.32 -57.48 39.93
N ALA P 165 -4.36 -56.40 39.14
CA ALA P 165 -5.37 -56.17 38.13
C ALA P 165 -4.80 -56.31 36.73
N THR P 166 -5.68 -56.54 35.76
CA THR P 166 -5.29 -56.73 34.37
C THR P 166 -6.28 -56.04 33.43
N PHE P 167 -6.00 -56.14 32.12
CA PHE P 167 -6.94 -55.77 31.07
C PHE P 167 -6.93 -56.85 29.99
N SER P 168 -7.90 -56.78 29.08
CA SER P 168 -7.99 -57.72 27.97
C SER P 168 -8.59 -57.02 26.76
N VAL P 169 -8.26 -57.55 25.57
CA VAL P 169 -8.72 -57.01 24.29
C VAL P 169 -9.01 -58.23 23.41
N GLU P 170 -10.29 -58.43 23.09
CA GLU P 170 -10.77 -59.61 22.38
C GLU P 170 -11.08 -59.27 20.93
N HIS P 171 -10.81 -60.22 20.03
CA HIS P 171 -11.12 -60.03 18.62
C HIS P 171 -12.57 -60.35 18.29
N ASP P 172 -12.99 -59.87 17.11
CA ASP P 172 -14.15 -60.38 16.39
C ASP P 172 -13.68 -61.61 15.64
N GLU P 173 -14.04 -62.80 16.14
CA GLU P 173 -13.49 -64.03 15.59
C GLU P 173 -13.89 -64.24 14.12
N GLU P 174 -14.98 -63.61 13.66
CA GLU P 174 -15.35 -63.71 12.27
C GLU P 174 -14.40 -62.93 11.36
N THR P 175 -13.72 -61.90 11.87
CA THR P 175 -12.97 -60.97 11.03
C THR P 175 -11.59 -60.61 11.57
N GLN P 176 -11.21 -61.06 12.76
CA GLN P 176 -9.94 -60.70 13.39
C GLN P 176 -9.82 -59.20 13.62
N LYS P 177 -10.95 -58.53 13.81
CA LYS P 177 -11.00 -57.12 14.17
C LYS P 177 -11.21 -57.00 15.68
N ALA P 178 -10.84 -55.84 16.22
CA ALA P 178 -10.97 -55.64 17.65
C ALA P 178 -12.44 -55.53 18.03
N SER P 179 -12.85 -56.20 19.11
CA SER P 179 -14.26 -56.24 19.50
C SER P 179 -14.56 -55.58 20.84
N ARG P 180 -13.81 -55.89 21.89
CA ARG P 180 -13.97 -55.20 23.18
C ARG P 180 -12.59 -54.92 23.78
N LEU P 181 -12.61 -53.95 24.70
CA LEU P 181 -11.50 -53.67 25.62
C LEU P 181 -12.12 -53.70 27.00
N VAL P 182 -11.55 -54.51 27.88
CA VAL P 182 -12.13 -54.79 29.19
C VAL P 182 -11.05 -54.61 30.24
N LEU P 183 -11.47 -54.15 31.42
CA LEU P 183 -10.58 -53.95 32.56
C LEU P 183 -11.02 -54.91 33.66
N LYS P 184 -10.08 -55.71 34.18
CA LYS P 184 -10.40 -56.73 35.18
C LYS P 184 -9.53 -56.55 36.41
N VAL P 185 -10.18 -56.32 37.55
CA VAL P 185 -9.55 -56.35 38.87
C VAL P 185 -9.92 -57.69 39.48
N GLY P 186 -8.96 -58.60 39.56
CA GLY P 186 -9.31 -59.98 39.88
C GLY P 186 -10.28 -60.51 38.84
N ASP P 187 -11.39 -61.08 39.33
CA ASP P 187 -12.42 -61.62 38.44
C ASP P 187 -13.47 -60.60 38.03
N GLN P 188 -13.50 -59.40 38.61
CA GLN P 188 -14.55 -58.42 38.32
C GLN P 188 -14.18 -57.57 37.12
N GLU P 189 -15.08 -57.51 36.13
CA GLU P 189 -15.02 -56.54 35.05
C GLU P 189 -15.28 -55.14 35.59
N VAL P 190 -14.22 -54.37 35.81
CA VAL P 190 -14.37 -52.98 36.25
C VAL P 190 -15.18 -52.17 35.21
N LYS P 191 -14.83 -52.28 33.93
CA LYS P 191 -15.41 -51.45 32.87
C LYS P 191 -15.18 -52.16 31.54
N SER P 192 -15.91 -51.76 30.50
CA SER P 192 -15.65 -52.30 29.18
C SER P 192 -16.16 -51.35 28.10
N TYR P 193 -15.59 -51.48 26.90
CA TYR P 193 -15.92 -50.65 25.77
C TYR P 193 -15.97 -51.51 24.51
N ASP P 194 -16.99 -51.28 23.67
CA ASP P 194 -17.04 -51.91 22.35
C ASP P 194 -16.09 -51.23 21.39
N LEU P 195 -15.44 -52.03 20.54
CA LEU P 195 -14.52 -51.51 19.52
C LEU P 195 -14.94 -51.81 18.09
N THR P 196 -15.96 -52.63 17.85
CA THR P 196 -16.53 -52.79 16.50
C THR P 196 -17.29 -51.55 16.03
N GLY P 197 -16.78 -50.34 16.23
CA GLY P 197 -17.59 -49.15 16.08
C GLY P 197 -18.58 -48.93 17.21
N GLY P 198 -18.88 -47.67 17.51
CA GLY P 198 -19.76 -47.34 18.61
C GLY P 198 -19.58 -45.88 18.99
N ALA P 199 -19.12 -45.63 20.21
CA ALA P 199 -18.62 -44.31 20.59
C ALA P 199 -17.14 -44.15 20.29
N TYR P 200 -16.40 -45.26 20.17
CA TYR P 200 -14.95 -45.27 20.24
C TYR P 200 -14.26 -45.54 18.91
N ASP P 201 -14.83 -45.06 17.80
CA ASP P 201 -14.27 -45.36 16.49
C ASP P 201 -12.86 -44.80 16.30
N TYR P 202 -12.57 -43.62 16.85
CA TYR P 202 -11.18 -43.13 16.93
C TYR P 202 -10.68 -43.36 18.36
N THR P 203 -9.40 -43.73 18.49
CA THR P 203 -8.82 -44.07 19.79
C THR P 203 -8.92 -42.94 20.82
N ASN P 204 -9.19 -41.69 20.38
CA ASN P 204 -9.19 -40.54 21.29
C ASN P 204 -10.16 -40.72 22.46
N ALA P 205 -11.34 -41.27 22.18
CA ALA P 205 -12.35 -41.41 23.23
C ALA P 205 -11.97 -42.46 24.27
N ILE P 206 -11.17 -43.48 23.92
CA ILE P 206 -10.62 -44.37 24.95
C ILE P 206 -9.66 -43.59 25.85
N ILE P 207 -8.88 -42.69 25.27
CA ILE P 207 -7.86 -41.97 26.02
C ILE P 207 -8.46 -41.03 27.07
N THR P 208 -9.75 -40.67 26.94
CA THR P 208 -10.48 -40.01 28.01
C THR P 208 -11.14 -41.02 28.95
N ASP P 209 -11.86 -41.99 28.38
CA ASP P 209 -12.79 -42.84 29.13
C ASP P 209 -12.11 -43.94 29.95
N ILE P 210 -10.78 -44.06 29.89
CA ILE P 210 -10.03 -44.80 30.90
C ILE P 210 -9.60 -43.86 32.03
N ASN P 211 -9.00 -42.73 31.65
CA ASN P 211 -8.47 -41.79 32.63
C ASN P 211 -9.55 -41.29 33.59
N GLN P 212 -10.77 -41.10 33.10
CA GLN P 212 -11.80 -40.50 33.94
C GLN P 212 -12.42 -41.47 34.96
N LEU P 213 -12.00 -42.74 34.97
CA LEU P 213 -12.35 -43.66 36.04
C LEU P 213 -11.39 -43.48 37.21
N PRO P 214 -11.76 -43.92 38.43
CA PRO P 214 -10.84 -43.73 39.57
C PRO P 214 -9.56 -44.58 39.51
N ASP P 215 -9.69 -45.90 39.29
CA ASP P 215 -8.59 -46.83 39.54
C ASP P 215 -7.61 -47.00 38.38
N PHE P 216 -7.80 -46.30 37.25
CA PHE P 216 -6.94 -46.51 36.08
C PHE P 216 -6.53 -45.18 35.46
N GLU P 217 -5.32 -45.15 34.89
CA GLU P 217 -4.88 -44.05 34.04
C GLU P 217 -4.08 -44.58 32.84
N ALA P 218 -4.28 -43.92 31.70
CA ALA P 218 -3.73 -44.33 30.41
C ALA P 218 -3.15 -43.12 29.71
N LYS P 219 -1.98 -43.28 29.08
CA LYS P 219 -1.31 -42.15 28.44
C LYS P 219 -0.58 -42.58 27.16
N LEU P 220 -0.49 -41.63 26.23
CA LEU P 220 0.04 -41.82 24.89
C LEU P 220 1.57 -41.72 24.86
N SER P 221 2.16 -42.35 23.84
CA SER P 221 3.58 -42.17 23.57
C SER P 221 3.79 -40.80 22.92
N PRO P 222 4.90 -40.11 23.21
CA PRO P 222 5.06 -38.75 22.66
C PRO P 222 5.45 -38.69 21.19
N PHE P 223 5.71 -39.82 20.53
CA PHE P 223 6.25 -39.80 19.17
C PHE P 223 5.09 -39.75 18.16
N GLY P 224 4.56 -38.55 17.98
CA GLY P 224 3.56 -38.30 16.96
C GLY P 224 2.15 -38.68 17.40
N ASP P 225 1.18 -37.98 16.82
CA ASP P 225 -0.23 -38.30 17.05
C ASP P 225 -0.59 -39.57 16.29
N LYS P 226 -0.89 -40.65 17.01
CA LYS P 226 -1.31 -41.91 16.37
C LYS P 226 -2.82 -41.90 16.17
N ASN P 227 -3.59 -41.98 17.26
CA ASN P 227 -5.06 -41.84 17.25
C ASN P 227 -5.72 -42.72 16.18
N LEU P 228 -5.34 -44.00 16.18
CA LEU P 228 -5.76 -44.97 15.19
C LEU P 228 -7.26 -45.30 15.29
N GLU P 229 -7.79 -45.89 14.22
CA GLU P 229 -9.13 -46.46 14.23
C GLU P 229 -9.16 -47.71 15.11
N SER P 230 -10.10 -47.72 16.06
CA SER P 230 -10.03 -48.66 17.18
C SER P 230 -10.16 -50.13 16.78
N SER P 231 -10.73 -50.43 15.61
CA SER P 231 -10.86 -51.83 15.18
C SER P 231 -9.52 -52.51 14.83
N LYS P 232 -8.37 -51.85 14.97
CA LYS P 232 -7.10 -52.37 14.52
C LYS P 232 -6.23 -52.94 15.63
N LEU P 233 -6.71 -52.98 16.88
CA LEU P 233 -5.93 -53.54 17.97
C LEU P 233 -5.83 -55.07 17.83
N ASP P 234 -4.91 -55.66 18.59
CA ASP P 234 -4.63 -57.09 18.54
C ASP P 234 -5.11 -57.79 19.80
N LYS P 235 -5.34 -59.10 19.66
CA LYS P 235 -5.95 -59.89 20.73
C LYS P 235 -4.97 -60.11 21.88
N ILE P 236 -5.34 -59.62 23.07
CA ILE P 236 -4.57 -59.82 24.29
C ILE P 236 -5.56 -60.11 25.41
N GLU P 237 -5.13 -60.92 26.37
CA GLU P 237 -5.94 -61.31 27.52
C GLU P 237 -5.15 -61.19 28.81
N ASN P 238 -5.70 -60.45 29.78
CA ASN P 238 -5.23 -60.47 31.17
C ASN P 238 -3.73 -60.18 31.27
N ALA P 239 -3.37 -58.95 30.87
CA ALA P 239 -2.01 -58.44 31.01
C ALA P 239 -1.92 -57.58 32.27
N ASN P 240 -0.97 -57.93 33.14
CA ASN P 240 -0.77 -57.17 34.38
C ASN P 240 -0.37 -55.74 34.08
N ILE P 241 -1.00 -54.79 34.77
CA ILE P 241 -0.64 -53.38 34.65
C ILE P 241 -0.67 -52.69 36.01
N LYS P 242 -0.21 -53.39 37.05
CA LYS P 242 0.07 -52.80 38.35
C LYS P 242 1.56 -52.74 38.63
N ASP P 243 2.26 -53.84 38.33
CA ASP P 243 3.71 -53.88 38.43
C ASP P 243 4.38 -53.19 37.24
N LYS P 244 3.68 -53.04 36.11
CA LYS P 244 4.23 -52.41 34.91
C LYS P 244 3.23 -51.48 34.25
N ALA P 245 3.76 -50.52 33.50
CA ALA P 245 2.98 -49.72 32.56
C ALA P 245 3.13 -50.31 31.15
N VAL P 246 2.40 -51.40 30.92
CA VAL P 246 2.52 -52.16 29.67
C VAL P 246 1.85 -51.41 28.52
N TYR P 247 2.38 -51.64 27.33
CA TYR P 247 1.85 -51.09 26.09
C TYR P 247 0.65 -51.91 25.58
N VAL P 248 -0.28 -51.24 24.92
CA VAL P 248 -1.12 -51.90 23.92
C VAL P 248 -0.40 -51.79 22.59
N LYS P 249 -0.49 -52.85 21.79
CA LYS P 249 0.46 -53.03 20.69
C LYS P 249 -0.14 -52.56 19.36
N ALA P 250 -1.02 -53.36 18.76
CA ALA P 250 -1.63 -53.02 17.46
C ALA P 250 -0.54 -52.78 16.40
N VAL P 251 0.21 -53.85 16.12
CA VAL P 251 1.47 -53.66 15.40
C VAL P 251 1.26 -53.45 13.91
N PHE P 252 0.25 -54.06 13.30
CA PHE P 252 0.08 -53.94 11.85
C PHE P 252 -0.50 -52.59 11.47
N GLY P 253 -1.61 -52.18 12.10
CA GLY P 253 -2.23 -50.96 11.62
C GLY P 253 -1.43 -49.70 11.88
N ASP P 254 -0.42 -49.77 12.75
CA ASP P 254 0.45 -48.64 12.97
C ASP P 254 1.33 -48.34 11.77
N LEU P 255 1.56 -49.33 10.89
CA LEU P 255 2.42 -49.12 9.73
C LEU P 255 1.86 -48.07 8.79
N GLU P 256 0.53 -47.99 8.68
CA GLU P 256 -0.09 -47.00 7.80
C GLU P 256 0.18 -45.58 8.30
N LYS P 257 0.02 -45.36 9.61
CA LYS P 257 0.32 -44.05 10.17
C LYS P 257 1.81 -43.75 10.07
N GLN P 258 2.65 -44.78 10.04
CA GLN P 258 4.10 -44.56 10.08
C GLN P 258 4.66 -44.20 8.71
N THR P 259 4.12 -44.77 7.62
CA THR P 259 4.81 -44.77 6.32
C THR P 259 3.93 -44.60 5.10
N ALA P 260 2.61 -44.48 5.24
CA ALA P 260 1.74 -44.60 4.07
C ALA P 260 1.93 -43.43 3.10
N TYR P 261 2.14 -42.23 3.62
CA TYR P 261 2.15 -41.03 2.79
C TYR P 261 3.49 -40.78 2.11
N ASN P 262 4.53 -41.56 2.42
CA ASN P 262 5.89 -41.27 2.02
C ASN P 262 6.50 -42.44 1.27
N GLY P 263 7.54 -42.12 0.49
CA GLY P 263 8.46 -43.13 0.02
C GLY P 263 7.95 -43.96 -1.15
N ILE P 264 8.43 -45.19 -1.19
CA ILE P 264 8.42 -46.01 -2.38
C ILE P 264 7.67 -47.33 -2.19
N VAL P 265 7.43 -47.77 -0.96
CA VAL P 265 6.93 -49.11 -0.65
C VAL P 265 5.57 -49.02 0.01
N SER P 266 4.78 -50.08 -0.15
CA SER P 266 3.50 -50.27 0.52
C SER P 266 3.44 -51.68 1.08
N PHE P 267 2.57 -51.90 2.06
CA PHE P 267 2.50 -53.15 2.80
C PHE P 267 1.06 -53.62 2.85
N GLU P 268 0.86 -54.93 2.69
CA GLU P 268 -0.46 -55.53 2.71
C GLU P 268 -0.36 -56.89 3.39
N GLN P 269 -1.46 -57.30 4.02
CA GLN P 269 -1.48 -58.49 4.87
C GLN P 269 -2.08 -59.67 4.13
N LEU P 270 -1.48 -60.84 4.31
CA LEU P 270 -1.97 -62.07 3.71
C LEU P 270 -3.33 -62.48 4.29
N LYS P 298 -2.92 -64.01 9.57
CA LYS P 298 -1.50 -64.29 9.64
C LYS P 298 -0.80 -63.26 10.52
N THR P 299 0.38 -63.64 11.03
CA THR P 299 1.10 -62.87 12.03
C THR P 299 2.30 -62.17 11.41
N ILE P 300 2.49 -60.90 11.79
CA ILE P 300 3.64 -60.14 11.33
C ILE P 300 4.87 -60.62 12.08
N GLU P 301 5.97 -60.83 11.35
CA GLU P 301 7.19 -61.41 11.89
C GLU P 301 8.43 -60.66 11.43
N PRO P 302 9.45 -60.49 12.28
CA PRO P 302 10.71 -59.91 11.81
C PRO P 302 11.35 -60.72 10.69
N PHE P 303 12.23 -60.05 9.94
CA PHE P 303 13.03 -60.72 8.92
C PHE P 303 14.23 -59.85 8.56
N GLU P 304 15.23 -60.48 7.96
CA GLU P 304 16.45 -59.78 7.57
C GLU P 304 16.16 -58.76 6.48
N LEU P 305 17.13 -57.87 6.26
CA LEU P 305 16.98 -56.85 5.24
C LEU P 305 17.16 -57.50 3.87
N THR P 306 16.06 -57.62 3.12
CA THR P 306 15.98 -58.48 1.95
C THR P 306 15.49 -57.69 0.74
N LYS P 307 15.97 -58.10 -0.43
CA LYS P 307 15.55 -57.44 -1.66
C LYS P 307 14.19 -57.95 -2.12
N LEU P 308 13.58 -57.20 -3.04
CA LEU P 308 12.32 -57.61 -3.66
C LEU P 308 12.62 -58.41 -4.92
N LYS P 309 11.58 -58.79 -5.66
CA LYS P 309 11.75 -59.54 -6.89
C LYS P 309 10.58 -59.22 -7.81
N GLY P 310 10.71 -59.67 -9.07
CA GLY P 310 9.62 -59.61 -10.02
C GLY P 310 9.45 -58.28 -10.72
N GLY P 311 10.19 -57.24 -10.34
CA GLY P 311 10.20 -56.04 -11.16
C GLY P 311 10.69 -56.30 -12.57
N THR P 312 9.76 -56.24 -13.52
CA THR P 312 9.98 -56.65 -14.90
C THR P 312 9.29 -55.68 -15.85
N ASN P 313 10.05 -55.06 -16.76
CA ASN P 313 9.44 -54.24 -17.80
C ASN P 313 8.72 -55.11 -18.83
N GLY P 314 9.15 -56.37 -18.97
CA GLY P 314 8.53 -57.29 -19.89
C GLY P 314 8.94 -57.05 -21.33
N GLU P 315 8.52 -57.98 -22.17
CA GLU P 315 8.73 -57.89 -23.61
C GLU P 315 8.08 -56.62 -24.15
N PRO P 316 8.67 -55.96 -25.16
CA PRO P 316 7.94 -54.87 -25.80
C PRO P 316 6.71 -55.39 -26.52
N PRO P 317 5.63 -54.60 -26.61
CA PRO P 317 4.41 -55.13 -27.22
C PRO P 317 4.54 -55.24 -28.74
N ALA P 318 3.97 -56.32 -29.27
CA ALA P 318 3.96 -56.55 -30.72
C ALA P 318 3.09 -55.57 -31.50
N THR P 319 2.22 -54.80 -30.84
CA THR P 319 1.36 -53.84 -31.54
C THR P 319 1.08 -52.68 -30.60
N TRP P 320 0.92 -51.48 -31.17
CA TRP P 320 0.68 -50.28 -30.37
C TRP P 320 -0.76 -49.77 -30.41
N ALA P 321 -1.62 -50.30 -31.29
CA ALA P 321 -2.96 -49.74 -31.46
C ALA P 321 -3.79 -49.86 -30.20
N ASP P 322 -3.65 -50.96 -29.44
CA ASP P 322 -4.54 -51.17 -28.30
C ASP P 322 -4.31 -50.09 -27.25
N LYS P 323 -3.06 -49.68 -27.05
CA LYS P 323 -2.78 -48.58 -26.14
C LYS P 323 -2.99 -47.21 -26.79
N LEU P 324 -2.78 -47.10 -28.10
CA LEU P 324 -3.09 -45.87 -28.82
C LEU P 324 -4.56 -45.51 -28.76
N ASP P 325 -5.43 -46.48 -28.47
CA ASP P 325 -6.86 -46.20 -28.35
C ASP P 325 -7.16 -45.19 -27.25
N LYS P 326 -6.29 -45.10 -26.24
CA LYS P 326 -6.62 -44.26 -25.08
C LYS P 326 -6.51 -42.76 -25.35
N PHE P 327 -5.73 -42.33 -26.35
CA PHE P 327 -5.68 -40.90 -26.66
C PHE P 327 -6.96 -40.38 -27.32
N ALA P 328 -7.96 -41.22 -27.55
CA ALA P 328 -9.08 -40.87 -28.42
C ALA P 328 -9.90 -39.70 -27.89
N HIS P 329 -9.88 -39.47 -26.56
CA HIS P 329 -10.75 -38.46 -25.95
C HIS P 329 -10.02 -37.61 -24.91
N GLU P 330 -8.69 -37.57 -24.96
CA GLU P 330 -7.92 -36.77 -24.01
C GLU P 330 -7.65 -35.35 -24.50
N GLY P 331 -8.01 -35.03 -25.74
CA GLY P 331 -7.94 -33.66 -26.23
C GLY P 331 -6.67 -33.28 -26.97
N GLY P 332 -5.90 -34.25 -27.46
CA GLY P 332 -4.71 -33.96 -28.22
C GLY P 332 -5.01 -33.35 -29.58
N TYR P 333 -3.94 -33.00 -30.30
CA TYR P 333 -4.02 -32.62 -31.70
C TYR P 333 -2.87 -33.22 -32.50
N TYR P 334 -1.64 -33.08 -32.00
CA TYR P 334 -0.44 -33.59 -32.65
C TYR P 334 0.09 -34.79 -31.85
N ILE P 335 0.38 -35.89 -32.57
CA ILE P 335 0.78 -37.14 -31.95
C ILE P 335 2.02 -37.68 -32.66
N VAL P 336 2.96 -38.21 -31.89
CA VAL P 336 4.19 -38.80 -32.43
C VAL P 336 4.48 -40.10 -31.71
N PRO P 337 4.67 -41.23 -32.40
CA PRO P 337 5.18 -42.44 -31.73
C PRO P 337 6.70 -42.50 -31.76
N LEU P 338 7.28 -42.92 -30.63
CA LEU P 338 8.73 -42.92 -30.46
C LEU P 338 9.30 -44.29 -30.86
N SER P 339 9.22 -44.57 -32.15
CA SER P 339 9.76 -45.83 -32.67
C SER P 339 9.83 -45.78 -34.19
N SER P 340 10.84 -46.45 -34.75
CA SER P 340 11.04 -46.55 -36.19
C SER P 340 10.28 -47.70 -36.85
N LYS P 341 9.58 -48.55 -36.09
CA LYS P 341 8.97 -49.73 -36.70
C LYS P 341 7.84 -49.34 -37.64
N GLN P 342 7.79 -50.01 -38.80
CA GLN P 342 6.84 -49.65 -39.85
C GLN P 342 5.41 -50.00 -39.45
N SER P 343 5.23 -51.04 -38.62
CA SER P 343 3.88 -51.40 -38.19
C SER P 343 3.28 -50.30 -37.34
N VAL P 344 4.09 -49.68 -36.48
CA VAL P 344 3.62 -48.60 -35.62
C VAL P 344 3.23 -47.40 -36.46
N HIS P 345 3.96 -47.14 -37.54
CA HIS P 345 3.66 -45.99 -38.38
C HIS P 345 2.36 -46.19 -39.13
N ALA P 346 2.04 -47.44 -39.49
CA ALA P 346 0.80 -47.70 -40.21
C ALA P 346 -0.38 -47.69 -39.27
N GLU P 347 -0.18 -48.17 -38.04
CA GLU P 347 -1.26 -48.17 -37.05
C GLU P 347 -1.62 -46.76 -36.63
N VAL P 348 -0.61 -45.90 -36.41
CA VAL P 348 -0.87 -44.53 -35.99
C VAL P 348 -1.54 -43.76 -37.11
N ALA P 349 -1.07 -43.96 -38.35
CA ALA P 349 -1.68 -43.30 -39.50
C ALA P 349 -3.14 -43.69 -39.64
N SER P 350 -3.45 -44.99 -39.50
CA SER P 350 -4.84 -45.38 -39.62
C SER P 350 -5.64 -44.89 -38.43
N PHE P 351 -5.00 -44.77 -37.26
CA PHE P 351 -5.70 -44.25 -36.11
C PHE P 351 -6.06 -42.79 -36.27
N VAL P 352 -5.16 -41.99 -36.87
CA VAL P 352 -5.43 -40.57 -37.05
C VAL P 352 -6.56 -40.38 -38.03
N LYS P 353 -6.66 -41.24 -39.04
CA LYS P 353 -7.75 -41.11 -40.00
C LYS P 353 -9.07 -41.47 -39.36
N GLU P 354 -9.07 -42.46 -38.47
CA GLU P 354 -10.29 -42.87 -37.79
C GLU P 354 -10.79 -41.77 -36.85
N ARG P 355 -9.86 -41.08 -36.16
CA ARG P 355 -10.27 -39.96 -35.31
C ARG P 355 -10.83 -38.81 -36.14
N SER P 356 -10.19 -38.52 -37.27
CA SER P 356 -10.65 -37.41 -38.11
C SER P 356 -12.03 -37.66 -38.67
N ASP P 357 -12.42 -38.92 -38.87
CA ASP P 357 -13.76 -39.25 -39.32
C ASP P 357 -14.82 -39.04 -38.26
N ALA P 358 -14.43 -38.86 -37.00
CA ALA P 358 -15.33 -38.84 -35.86
C ALA P 358 -15.27 -37.51 -35.12
N GLY P 359 -15.02 -36.44 -35.84
CA GLY P 359 -15.19 -35.10 -35.34
C GLY P 359 -13.94 -34.50 -34.72
N GLU P 360 -12.88 -35.28 -34.57
CA GLU P 360 -11.65 -34.88 -33.90
C GLU P 360 -10.51 -34.90 -34.90
N PRO P 361 -10.11 -33.75 -35.47
CA PRO P 361 -8.95 -33.77 -36.37
C PRO P 361 -7.66 -34.01 -35.60
N MET P 362 -6.72 -34.70 -36.27
CA MET P 362 -5.44 -35.02 -35.68
C MET P 362 -4.40 -35.14 -36.79
N ARG P 363 -3.13 -35.05 -36.41
CA ARG P 363 -2.03 -35.09 -37.35
C ARG P 363 -0.85 -35.77 -36.68
N ALA P 364 -0.14 -36.58 -37.46
CA ALA P 364 0.99 -37.37 -37.01
C ALA P 364 2.23 -36.92 -37.77
N ILE P 365 3.35 -36.88 -37.07
CA ILE P 365 4.67 -36.63 -37.62
C ILE P 365 5.56 -37.78 -37.21
N VAL P 366 6.24 -38.37 -38.19
CA VAL P 366 6.95 -39.62 -38.01
C VAL P 366 8.35 -39.49 -38.59
N GLY P 367 9.32 -40.13 -37.93
CA GLY P 367 10.65 -40.33 -38.46
C GLY P 367 10.95 -41.81 -38.62
N GLY P 368 12.17 -42.09 -39.08
CA GLY P 368 12.58 -43.46 -39.31
C GLY P 368 14.07 -43.75 -39.25
N GLY P 369 14.48 -44.63 -38.34
CA GLY P 369 15.82 -45.18 -38.33
C GLY P 369 16.93 -44.19 -38.00
N PHE P 370 18.16 -44.68 -38.21
CA PHE P 370 19.38 -43.89 -38.09
C PHE P 370 19.95 -43.65 -39.48
N ASN P 371 19.71 -42.44 -40.01
CA ASN P 371 20.26 -41.97 -41.29
C ASN P 371 19.85 -42.91 -42.44
N GLU P 372 18.56 -42.82 -42.78
CA GLU P 372 17.97 -43.66 -43.82
C GLU P 372 18.33 -43.17 -45.23
N SER P 373 18.30 -44.11 -46.17
CA SER P 373 18.53 -43.86 -47.59
C SER P 373 17.24 -43.42 -48.28
N LYS P 374 17.41 -42.75 -49.43
CA LYS P 374 16.27 -42.43 -50.30
C LYS P 374 15.38 -43.63 -50.57
N GLU P 375 15.99 -44.78 -50.92
CA GLU P 375 15.20 -45.95 -51.28
C GLU P 375 14.33 -46.39 -50.12
N GLN P 376 14.87 -46.33 -48.90
CA GLN P 376 14.10 -46.66 -47.71
C GLN P 376 13.01 -45.64 -47.47
N LEU P 377 13.34 -44.35 -47.61
CA LEU P 377 12.36 -43.30 -47.35
C LEU P 377 11.19 -43.36 -48.33
N PHE P 378 11.47 -43.39 -49.64
CA PHE P 378 10.38 -43.47 -50.61
C PHE P 378 9.64 -44.80 -50.50
N GLY P 379 10.30 -45.85 -50.00
CA GLY P 379 9.58 -47.05 -49.64
C GLY P 379 8.61 -46.87 -48.49
N ARG P 380 8.95 -46.01 -47.52
CA ARG P 380 8.04 -45.73 -46.41
C ARG P 380 6.94 -44.79 -46.83
N GLN P 381 7.27 -43.84 -47.71
CA GLN P 381 6.27 -42.88 -48.17
C GLN P 381 5.23 -43.57 -49.04
N ALA P 382 5.66 -44.45 -49.95
CA ALA P 382 4.74 -45.10 -50.86
C ALA P 382 3.77 -46.02 -50.12
N SER P 383 4.21 -46.61 -49.00
CA SER P 383 3.33 -47.43 -48.19
C SER P 383 2.41 -46.63 -47.27
N LEU P 384 2.60 -45.30 -47.20
CA LEU P 384 1.97 -44.47 -46.18
C LEU P 384 1.56 -43.12 -46.77
N SER P 385 1.05 -43.14 -48.00
CA SER P 385 0.80 -41.92 -48.77
C SER P 385 -0.55 -41.28 -48.50
N ASN P 386 -1.02 -41.33 -47.23
CA ASN P 386 -2.29 -40.70 -46.88
C ASN P 386 -2.05 -39.34 -46.23
N PRO P 387 -3.02 -38.43 -46.26
CA PRO P 387 -2.81 -37.11 -45.66
C PRO P 387 -2.92 -37.19 -44.13
N ARG P 388 -2.72 -36.03 -43.49
CA ARG P 388 -2.64 -35.92 -42.03
C ARG P 388 -1.46 -36.71 -41.46
N VAL P 389 -0.43 -36.93 -42.27
CA VAL P 389 0.80 -37.57 -41.85
C VAL P 389 1.93 -36.78 -42.50
N SER P 390 3.06 -36.66 -41.79
CA SER P 390 4.26 -36.07 -42.36
C SER P 390 5.48 -36.86 -41.94
N LEU P 391 6.40 -37.06 -42.88
CA LEU P 391 7.58 -37.90 -42.71
C LEU P 391 8.85 -37.03 -42.67
N VAL P 392 9.73 -37.32 -41.72
CA VAL P 392 10.99 -36.62 -41.51
C VAL P 392 12.16 -37.57 -41.74
N ALA P 393 13.18 -37.09 -42.45
CA ALA P 393 14.33 -37.89 -42.86
C ALA P 393 15.47 -37.88 -41.84
N ASN P 394 16.00 -36.70 -41.51
CA ASN P 394 17.30 -36.60 -40.86
C ASN P 394 17.30 -37.18 -39.45
N SER P 395 18.50 -37.51 -38.98
CA SER P 395 18.77 -37.85 -37.59
C SER P 395 19.87 -36.92 -37.08
N GLY P 396 19.57 -36.15 -36.03
CA GLY P 396 20.45 -35.08 -35.58
C GLY P 396 21.22 -35.43 -34.32
N THR P 397 21.90 -34.42 -33.78
CA THR P 397 22.50 -34.45 -32.46
C THR P 397 22.05 -33.20 -31.69
N PHE P 398 21.80 -33.36 -30.39
CA PHE P 398 21.34 -32.28 -29.54
C PHE P 398 22.20 -32.20 -28.28
N VAL P 399 22.49 -30.98 -27.83
CA VAL P 399 23.16 -30.79 -26.55
C VAL P 399 22.12 -30.89 -25.46
N MET P 400 21.94 -32.09 -24.93
CA MET P 400 20.97 -32.30 -23.87
C MET P 400 21.48 -31.69 -22.57
N ASP P 401 20.57 -31.08 -21.82
CA ASP P 401 20.91 -30.15 -20.73
C ASP P 401 21.71 -30.78 -19.59
N ASP P 402 21.83 -32.12 -19.55
CA ASP P 402 22.85 -32.71 -18.68
C ASP P 402 24.29 -32.39 -19.09
N GLY P 403 24.51 -31.72 -20.22
CA GLY P 403 25.82 -31.67 -20.83
C GLY P 403 26.08 -32.86 -21.73
N ARG P 404 25.03 -33.50 -22.22
CA ARG P 404 25.03 -34.82 -22.82
C ARG P 404 24.82 -34.66 -24.32
N LYS P 405 25.93 -34.74 -25.08
CA LYS P 405 25.96 -34.46 -26.52
C LYS P 405 25.27 -35.59 -27.28
N ASN P 406 23.95 -35.66 -27.16
CA ASN P 406 23.19 -36.82 -27.57
C ASN P 406 23.03 -36.89 -29.09
N HIS P 407 23.56 -37.95 -29.70
CA HIS P 407 23.22 -38.34 -31.07
C HIS P 407 21.85 -39.01 -31.07
N VAL P 408 20.93 -38.50 -31.89
CA VAL P 408 19.50 -38.72 -31.67
C VAL P 408 18.81 -39.20 -32.96
N PRO P 409 17.97 -40.29 -32.92
CA PRO P 409 17.40 -40.84 -34.15
C PRO P 409 16.36 -39.95 -34.84
N ALA P 410 15.85 -40.38 -36.00
CA ALA P 410 14.95 -39.53 -36.77
C ALA P 410 13.60 -39.37 -36.11
N TYR P 411 13.07 -40.44 -35.51
CA TYR P 411 11.77 -40.31 -34.84
C TYR P 411 11.80 -39.38 -33.63
N MET P 412 12.98 -39.01 -33.15
CA MET P 412 13.11 -38.01 -32.10
C MET P 412 13.29 -36.60 -32.64
N VAL P 413 13.89 -36.43 -33.82
CA VAL P 413 13.83 -35.12 -34.50
C VAL P 413 12.37 -34.79 -34.79
N ALA P 414 11.55 -35.80 -35.08
CA ALA P 414 10.13 -35.58 -35.28
C ALA P 414 9.46 -35.03 -34.01
N VAL P 415 9.95 -35.41 -32.83
CA VAL P 415 9.46 -34.81 -31.60
C VAL P 415 9.83 -33.34 -31.54
N ALA P 416 11.13 -33.06 -31.72
CA ALA P 416 11.63 -31.69 -31.69
C ALA P 416 10.86 -30.82 -32.67
N LEU P 417 10.60 -31.36 -33.85
CA LEU P 417 9.83 -30.63 -34.86
C LEU P 417 8.37 -30.50 -34.44
N GLY P 418 7.72 -31.62 -34.11
CA GLY P 418 6.31 -31.56 -33.71
C GLY P 418 6.06 -30.67 -32.52
N GLY P 419 7.00 -30.65 -31.57
CA GLY P 419 6.87 -29.75 -30.43
C GLY P 419 6.82 -28.29 -30.85
N LEU P 420 7.77 -27.87 -31.69
CA LEU P 420 7.76 -26.50 -32.19
C LEU P 420 6.47 -26.19 -32.94
N ALA P 421 6.11 -27.07 -33.88
CA ALA P 421 4.92 -26.83 -34.69
C ALA P 421 3.66 -26.72 -33.84
N SER P 422 3.60 -27.49 -32.75
CA SER P 422 2.42 -27.45 -31.89
C SER P 422 2.31 -26.17 -31.09
N GLY P 423 3.45 -25.55 -30.72
CA GLY P 423 3.37 -24.43 -29.81
C GLY P 423 2.98 -23.11 -30.43
N LEU P 424 3.23 -22.95 -31.73
CA LEU P 424 3.02 -21.67 -32.39
C LEU P 424 1.52 -21.39 -32.51
N GLU P 425 1.20 -20.11 -32.76
CA GLU P 425 -0.18 -19.71 -32.98
C GLU P 425 -0.76 -20.43 -34.20
N ILE P 426 -2.09 -20.60 -34.20
CA ILE P 426 -2.76 -21.30 -35.29
C ILE P 426 -2.50 -20.58 -36.60
N GLY P 427 -2.24 -21.35 -37.65
CA GLY P 427 -2.08 -20.82 -38.99
C GLY P 427 -0.66 -20.44 -39.37
N GLU P 428 0.27 -20.41 -38.43
CA GLU P 428 1.68 -20.26 -38.77
C GLU P 428 2.23 -21.61 -39.22
N SER P 429 3.35 -21.57 -39.95
CA SER P 429 4.00 -22.77 -40.47
C SER P 429 5.40 -22.90 -39.90
N ILE P 430 5.88 -24.15 -39.82
CA ILE P 430 7.29 -24.42 -39.56
C ILE P 430 8.19 -23.91 -40.68
N THR P 431 7.63 -23.60 -41.85
CA THR P 431 8.34 -23.07 -43.02
C THR P 431 9.35 -22.00 -42.65
N PHE P 432 10.63 -22.30 -42.92
CA PHE P 432 11.76 -21.39 -42.75
C PHE P 432 11.98 -20.95 -41.29
N LYS P 433 11.43 -21.71 -40.31
CA LYS P 433 11.77 -21.49 -38.90
C LYS P 433 13.06 -22.23 -38.52
N PRO P 434 13.85 -21.71 -37.57
CA PRO P 434 15.06 -22.41 -37.13
C PRO P 434 14.79 -23.39 -36.00
N LEU P 435 15.66 -24.40 -35.91
CA LEU P 435 15.62 -25.41 -34.84
C LEU P 435 16.96 -25.44 -34.11
N ARG P 436 16.92 -25.70 -32.81
CA ARG P 436 18.14 -25.62 -31.97
C ARG P 436 18.92 -26.95 -31.97
N VAL P 437 19.00 -27.63 -33.12
CA VAL P 437 19.80 -28.86 -33.25
C VAL P 437 21.27 -28.51 -33.39
N SER P 438 22.13 -29.39 -32.88
CA SER P 438 23.57 -29.14 -32.83
C SER P 438 24.26 -29.52 -34.13
N SER P 439 24.11 -30.78 -34.54
CA SER P 439 24.70 -31.24 -35.80
C SER P 439 23.84 -32.37 -36.36
N LEU P 440 24.06 -32.68 -37.64
CA LEU P 440 23.24 -33.65 -38.38
C LEU P 440 24.10 -34.78 -38.93
N ASP P 441 23.58 -36.00 -38.83
CA ASP P 441 24.10 -37.17 -39.54
C ASP P 441 23.25 -37.29 -40.79
N GLN P 442 23.74 -36.73 -41.90
CA GLN P 442 22.89 -36.45 -43.05
C GLN P 442 23.58 -36.71 -44.39
N ILE P 443 22.77 -37.09 -45.38
CA ILE P 443 23.17 -37.11 -46.79
C ILE P 443 22.72 -35.85 -47.52
N TYR P 444 21.51 -35.38 -47.22
CA TYR P 444 20.75 -34.57 -48.18
C TYR P 444 21.17 -33.11 -48.17
N GLU P 445 21.35 -32.56 -49.37
CA GLU P 445 21.78 -31.18 -49.61
C GLU P 445 20.87 -30.56 -50.66
N SER P 446 21.27 -29.41 -51.25
CA SER P 446 20.34 -28.53 -51.97
C SER P 446 19.58 -29.22 -53.10
N ILE P 447 20.25 -30.06 -53.89
CA ILE P 447 19.52 -30.71 -54.98
C ILE P 447 18.63 -31.82 -54.43
N ASP P 448 19.11 -32.53 -53.40
CA ASP P 448 18.25 -33.50 -52.72
C ASP P 448 17.07 -32.81 -52.04
N LEU P 449 17.24 -31.57 -51.61
CA LEU P 449 16.15 -30.81 -51.00
C LEU P 449 15.18 -30.26 -52.02
N ASP P 450 15.37 -30.57 -53.32
CA ASP P 450 14.29 -30.61 -54.28
C ASP P 450 13.62 -31.98 -54.29
N GLU P 451 14.44 -33.03 -54.48
CA GLU P 451 13.92 -34.38 -54.66
C GLU P 451 13.02 -34.79 -53.49
N LEU P 452 13.53 -34.69 -52.26
CA LEU P 452 12.77 -35.21 -51.13
C LEU P 452 11.52 -34.38 -50.88
N ASN P 453 11.66 -33.04 -50.89
CA ASN P 453 10.53 -32.16 -50.61
C ASN P 453 9.47 -32.28 -51.69
N GLU P 454 9.88 -32.39 -52.95
CA GLU P 454 8.95 -32.57 -54.06
C GLU P 454 8.13 -33.84 -53.91
N ASN P 455 8.70 -34.88 -53.31
CA ASN P 455 8.00 -36.12 -53.04
C ASN P 455 7.33 -36.15 -51.66
N GLY P 456 7.26 -35.02 -50.97
CA GLY P 456 6.46 -34.96 -49.75
C GLY P 456 7.15 -35.41 -48.49
N ILE P 457 8.48 -35.28 -48.40
CA ILE P 457 9.24 -35.66 -47.21
C ILE P 457 9.96 -34.42 -46.70
N ILE P 458 9.87 -34.18 -45.37
CA ILE P 458 10.46 -32.99 -44.77
C ILE P 458 11.93 -33.26 -44.45
N SER P 459 12.74 -32.21 -44.49
CA SER P 459 14.16 -32.25 -44.12
C SER P 459 14.65 -30.86 -43.71
N ILE P 460 15.74 -30.88 -42.94
CA ILE P 460 16.36 -29.70 -42.33
C ILE P 460 17.56 -29.25 -43.18
N GLU P 461 17.68 -27.93 -43.42
CA GLU P 461 18.72 -27.40 -44.29
C GLU P 461 19.79 -26.60 -43.52
N PHE P 462 21.03 -26.75 -43.97
CA PHE P 462 22.21 -26.12 -43.37
C PHE P 462 22.46 -24.76 -44.02
N VAL P 463 22.37 -23.70 -43.20
CA VAL P 463 22.65 -22.32 -43.61
C VAL P 463 23.81 -21.83 -42.76
N ARG P 464 24.89 -21.37 -43.41
CA ARG P 464 26.19 -21.37 -42.74
C ARG P 464 26.32 -20.40 -41.57
N ASN P 465 25.47 -19.37 -41.44
CA ASN P 465 25.73 -18.41 -40.37
C ASN P 465 24.53 -17.52 -40.06
N ARG P 466 24.67 -16.80 -38.95
CA ARG P 466 23.79 -15.76 -38.39
C ARG P 466 22.38 -16.22 -38.04
N THR P 467 21.71 -16.96 -38.93
CA THR P 467 20.47 -17.63 -38.54
C THR P 467 20.74 -18.55 -37.36
N ASN P 468 20.03 -18.32 -36.24
CA ASN P 468 20.41 -18.73 -34.88
C ASN P 468 21.26 -19.99 -34.76
N THR P 469 20.76 -21.15 -35.20
CA THR P 469 21.48 -22.42 -35.05
C THR P 469 22.17 -22.92 -36.31
N PHE P 470 22.25 -22.11 -37.36
CA PHE P 470 22.71 -22.49 -38.71
C PHE P 470 21.74 -23.43 -39.42
N PHE P 471 20.59 -23.77 -38.83
CA PHE P 471 19.69 -24.80 -39.37
C PHE P 471 18.26 -24.30 -39.37
N ARG P 472 17.60 -24.44 -40.52
CA ARG P 472 16.20 -24.09 -40.70
C ARG P 472 15.54 -25.18 -41.52
N ILE P 473 14.22 -25.34 -41.36
CA ILE P 473 13.49 -26.46 -41.95
C ILE P 473 12.77 -25.98 -43.20
N VAL P 474 12.90 -26.75 -44.30
CA VAL P 474 12.67 -26.16 -45.61
C VAL P 474 11.18 -25.94 -45.88
N ASP P 475 10.32 -26.87 -45.45
CA ASP P 475 8.93 -26.86 -45.87
C ASP P 475 8.07 -27.53 -44.80
N ASP P 476 6.76 -27.53 -45.05
CA ASP P 476 5.78 -28.23 -44.23
C ASP P 476 4.90 -29.17 -45.06
N VAL P 477 5.46 -29.74 -46.14
CA VAL P 477 4.73 -30.64 -47.01
C VAL P 477 4.35 -31.92 -46.27
N THR P 478 3.17 -32.46 -46.59
CA THR P 478 2.71 -33.71 -46.00
C THR P 478 3.05 -34.90 -46.89
N THR P 479 2.73 -36.11 -46.41
CA THR P 479 2.99 -37.37 -47.11
C THR P 479 1.98 -37.65 -48.22
N PHE P 480 0.96 -36.82 -48.39
CA PHE P 480 -0.05 -37.07 -49.42
C PHE P 480 0.57 -36.93 -50.81
N ASN P 481 0.08 -37.76 -51.74
CA ASN P 481 0.69 -37.86 -53.06
C ASN P 481 0.50 -36.57 -53.86
N ASP P 482 -0.75 -36.13 -54.02
CA ASP P 482 -1.07 -35.01 -54.90
C ASP P 482 -0.87 -33.69 -54.18
N LYS P 483 0.07 -32.88 -54.67
CA LYS P 483 0.42 -31.60 -54.06
C LYS P 483 -0.44 -30.44 -54.55
N SER P 484 -1.31 -30.64 -55.54
CA SER P 484 -2.04 -29.51 -56.11
C SER P 484 -2.94 -28.86 -55.07
N ASP P 485 -3.60 -29.64 -54.19
CA ASP P 485 -4.54 -29.04 -53.26
C ASP P 485 -3.78 -28.58 -52.02
N PRO P 486 -3.88 -27.31 -51.58
CA PRO P 486 -3.04 -26.90 -50.43
C PRO P 486 -3.54 -27.40 -49.07
N VAL P 487 -4.84 -27.61 -48.92
CA VAL P 487 -5.38 -28.09 -47.65
C VAL P 487 -4.82 -29.49 -47.34
N LYS P 488 -4.87 -30.40 -48.32
CA LYS P 488 -4.25 -31.71 -48.13
C LYS P 488 -2.73 -31.59 -48.08
N ALA P 489 -2.15 -30.80 -48.99
CA ALA P 489 -0.71 -30.88 -49.23
C ALA P 489 0.10 -30.29 -48.08
N GLU P 490 -0.19 -29.04 -47.70
CA GLU P 490 0.69 -28.27 -46.83
C GLU P 490 0.10 -28.18 -45.42
N MET P 491 0.93 -28.51 -44.43
CA MET P 491 0.44 -28.77 -43.07
C MET P 491 -0.27 -27.55 -42.48
N ALA P 492 0.36 -26.37 -42.57
CA ALA P 492 -0.16 -25.19 -41.89
C ALA P 492 -1.55 -24.80 -42.38
N VAL P 493 -1.78 -24.89 -43.70
CA VAL P 493 -3.12 -24.61 -44.24
C VAL P 493 -4.13 -25.58 -43.66
N GLY P 494 -3.78 -26.86 -43.59
CA GLY P 494 -4.67 -27.81 -42.95
C GLY P 494 -4.92 -27.48 -41.49
N GLU P 495 -3.87 -27.11 -40.76
CA GLU P 495 -4.01 -26.84 -39.33
C GLU P 495 -4.86 -25.61 -39.06
N ALA P 496 -4.91 -24.66 -40.00
CA ALA P 496 -5.83 -23.53 -39.88
C ALA P 496 -7.25 -23.94 -40.26
N ASN P 497 -7.39 -24.74 -41.33
CA ASN P 497 -8.70 -25.23 -41.75
C ASN P 497 -9.39 -26.01 -40.65
N ASP P 498 -8.69 -26.98 -40.02
CA ASP P 498 -9.33 -27.91 -39.10
C ASP P 498 -10.01 -27.21 -37.93
N PHE P 499 -9.40 -26.14 -37.39
CA PHE P 499 -10.04 -25.45 -36.26
C PHE P 499 -11.10 -24.46 -36.72
N LEU P 500 -10.85 -23.74 -37.82
CA LEU P 500 -11.92 -22.94 -38.44
C LEU P 500 -13.16 -23.78 -38.73
N VAL P 501 -12.97 -24.99 -39.29
CA VAL P 501 -14.12 -25.84 -39.64
C VAL P 501 -14.89 -26.23 -38.39
N SER P 502 -14.18 -26.68 -37.35
CA SER P 502 -14.81 -27.05 -36.09
C SER P 502 -15.66 -25.90 -35.53
N GLU P 503 -15.17 -24.66 -35.64
CA GLU P 503 -15.93 -23.54 -35.11
C GLU P 503 -17.19 -23.27 -35.94
N LEU P 504 -17.10 -23.37 -37.27
CA LEU P 504 -18.30 -23.25 -38.09
C LEU P 504 -19.30 -24.35 -37.76
N LYS P 505 -18.79 -25.57 -37.52
CA LYS P 505 -19.65 -26.67 -37.10
C LYS P 505 -20.37 -26.34 -35.80
N VAL P 506 -19.60 -25.98 -34.76
CA VAL P 506 -20.17 -25.83 -33.42
C VAL P 506 -21.17 -24.67 -33.38
N GLN P 507 -20.85 -23.56 -34.04
CA GLN P 507 -21.78 -22.42 -34.05
C GLN P 507 -23.04 -22.69 -34.86
N LEU P 508 -22.93 -23.32 -36.04
CA LEU P 508 -24.15 -23.73 -36.75
C LEU P 508 -25.00 -24.69 -35.93
N GLU P 509 -24.38 -25.49 -35.06
CA GLU P 509 -25.10 -26.59 -34.43
C GLU P 509 -26.25 -26.08 -33.57
N ASP P 510 -25.95 -25.24 -32.58
CA ASP P 510 -26.95 -24.77 -31.63
C ASP P 510 -27.88 -23.72 -32.25
N GLN P 511 -27.44 -23.04 -33.31
CA GLN P 511 -28.32 -22.08 -33.98
C GLN P 511 -29.38 -22.78 -34.81
N PHE P 512 -29.06 -23.93 -35.42
CA PHE P 512 -29.92 -24.58 -36.40
C PHE P 512 -30.16 -26.06 -36.16
N ILE P 513 -29.11 -26.85 -35.93
CA ILE P 513 -29.24 -28.32 -35.85
C ILE P 513 -30.06 -28.75 -34.63
N GLY P 514 -30.14 -27.89 -33.62
CA GLY P 514 -31.05 -27.96 -32.50
C GLY P 514 -32.51 -28.05 -32.92
N THR P 515 -32.83 -27.59 -34.11
CA THR P 515 -34.17 -27.73 -34.70
C THR P 515 -35.20 -26.98 -33.87
N ARG P 516 -34.87 -25.75 -33.49
CA ARG P 516 -35.74 -24.99 -32.61
C ARG P 516 -37.06 -24.62 -33.31
N THR P 517 -37.03 -24.44 -34.63
CA THR P 517 -38.25 -24.27 -35.42
C THR P 517 -37.90 -24.30 -36.90
N ILE P 518 -38.84 -24.76 -37.72
CA ILE P 518 -38.66 -24.70 -39.18
C ILE P 518 -38.89 -23.30 -39.71
N ASN P 519 -39.59 -22.45 -38.97
CA ASN P 519 -39.97 -21.11 -39.46
C ASN P 519 -38.74 -20.20 -39.32
N THR P 520 -37.74 -20.50 -40.15
CA THR P 520 -36.50 -19.72 -40.25
C THR P 520 -35.80 -20.18 -41.53
N SER P 521 -36.28 -19.69 -42.66
CA SER P 521 -35.90 -20.19 -43.98
C SER P 521 -34.45 -19.85 -44.32
N ALA P 522 -34.08 -20.03 -45.60
CA ALA P 522 -32.69 -19.99 -46.02
C ALA P 522 -32.15 -18.57 -46.09
N SER P 523 -33.02 -17.57 -46.23
CA SER P 523 -32.57 -16.19 -46.22
C SER P 523 -31.92 -15.81 -44.90
N ILE P 524 -32.39 -16.40 -43.80
CA ILE P 524 -31.80 -16.11 -42.49
C ILE P 524 -30.43 -16.77 -42.37
N ILE P 525 -30.26 -17.93 -43.02
CA ILE P 525 -28.97 -18.61 -43.00
C ILE P 525 -27.90 -17.75 -43.67
N LYS P 526 -28.28 -17.05 -44.75
CA LYS P 526 -27.33 -16.13 -45.38
C LYS P 526 -26.97 -14.99 -44.45
N ASP P 527 -27.92 -14.53 -43.65
CA ASP P 527 -27.64 -13.48 -42.67
C ASP P 527 -26.67 -13.97 -41.60
N PHE P 528 -26.89 -15.18 -41.10
CA PHE P 528 -26.03 -15.71 -40.04
C PHE P 528 -24.63 -16.00 -40.57
N ILE P 529 -24.52 -16.61 -41.74
CA ILE P 529 -23.21 -16.97 -42.28
C ILE P 529 -22.40 -15.72 -42.67
N GLN P 530 -23.04 -14.72 -43.28
CA GLN P 530 -22.28 -13.51 -43.60
C GLN P 530 -21.83 -12.80 -42.34
N SER P 531 -22.67 -12.77 -41.30
CA SER P 531 -22.21 -12.27 -40.01
C SER P 531 -21.07 -13.11 -39.47
N TYR P 532 -21.12 -14.42 -39.65
CA TYR P 532 -20.04 -15.29 -39.16
C TYR P 532 -18.75 -15.01 -39.94
N LEU P 533 -18.82 -14.99 -41.27
CA LEU P 533 -17.65 -14.68 -42.07
C LEU P 533 -17.11 -13.28 -41.78
N GLY P 534 -17.99 -12.31 -41.54
CA GLY P 534 -17.54 -10.96 -41.23
C GLY P 534 -16.71 -10.89 -39.97
N ARG P 535 -17.00 -11.77 -39.00
CA ARG P 535 -16.17 -11.83 -37.79
C ARG P 535 -14.79 -12.41 -38.10
N LYS P 536 -14.73 -13.44 -38.95
CA LYS P 536 -13.46 -14.11 -39.20
C LYS P 536 -12.51 -13.21 -39.97
N LYS P 537 -13.03 -12.42 -40.91
CA LYS P 537 -12.20 -11.43 -41.58
C LYS P 537 -11.70 -10.39 -40.59
N ARG P 538 -12.57 -9.93 -39.70
CA ARG P 538 -12.17 -8.91 -38.73
C ARG P 538 -11.14 -9.47 -37.74
N ASP P 539 -11.26 -10.75 -37.41
CA ASP P 539 -10.39 -11.41 -36.45
C ASP P 539 -9.11 -11.97 -37.08
N ASN P 540 -8.92 -11.80 -38.39
CA ASN P 540 -7.72 -12.18 -39.14
C ASN P 540 -7.57 -13.69 -39.30
N GLU P 541 -8.58 -14.47 -38.92
CA GLU P 541 -8.50 -15.91 -39.08
C GLU P 541 -8.66 -16.34 -40.53
N ILE P 542 -9.17 -15.46 -41.40
CA ILE P 542 -9.18 -15.66 -42.83
C ILE P 542 -8.65 -14.37 -43.47
N GLN P 543 -8.15 -14.49 -44.70
CA GLN P 543 -7.62 -13.32 -45.38
C GLN P 543 -8.77 -12.39 -45.79
N ASP P 544 -9.74 -12.91 -46.53
CA ASP P 544 -10.88 -12.13 -47.00
C ASP P 544 -11.91 -13.10 -47.54
N PHE P 545 -13.13 -12.60 -47.76
CA PHE P 545 -14.21 -13.41 -48.33
C PHE P 545 -15.14 -12.53 -49.13
N PRO P 546 -15.77 -13.06 -50.20
CA PRO P 546 -16.81 -12.29 -50.90
C PRO P 546 -18.19 -12.53 -50.28
N ALA P 547 -18.88 -11.46 -49.91
CA ALA P 547 -20.15 -11.62 -49.19
C ALA P 547 -21.29 -11.99 -50.13
N GLU P 548 -21.32 -11.41 -51.32
CA GLU P 548 -22.39 -11.66 -52.29
C GLU P 548 -22.05 -12.81 -53.22
N ASP P 549 -21.40 -13.86 -52.71
CA ASP P 549 -21.20 -15.10 -53.44
C ASP P 549 -21.45 -16.26 -52.47
N VAL P 550 -22.65 -16.24 -51.88
CA VAL P 550 -23.13 -17.28 -50.97
C VAL P 550 -24.46 -17.78 -51.52
N GLN P 551 -24.59 -19.10 -51.64
CA GLN P 551 -25.83 -19.72 -52.12
C GLN P 551 -26.32 -20.74 -51.11
N VAL P 552 -27.61 -20.65 -50.77
CA VAL P 552 -28.26 -21.55 -49.81
C VAL P 552 -29.50 -22.16 -50.46
N ILE P 553 -29.71 -23.45 -50.21
CA ILE P 553 -30.86 -24.21 -50.71
C ILE P 553 -31.38 -25.05 -49.54
N VAL P 554 -32.70 -25.26 -49.52
CA VAL P 554 -33.36 -25.87 -48.38
C VAL P 554 -34.58 -26.66 -48.85
N GLU P 555 -34.91 -27.72 -48.10
CA GLU P 555 -36.08 -28.54 -48.37
C GLU P 555 -36.83 -28.89 -47.09
N GLY P 556 -36.52 -28.25 -45.97
CA GLY P 556 -37.20 -28.44 -44.69
C GLY P 556 -36.63 -29.57 -43.85
N ASN P 557 -36.32 -30.69 -44.49
CA ASN P 557 -35.61 -31.79 -43.85
C ASN P 557 -34.10 -31.61 -43.90
N GLU P 558 -33.58 -30.84 -44.86
CA GLU P 558 -32.16 -30.61 -45.02
C GLU P 558 -31.94 -29.24 -45.64
N ALA P 559 -30.92 -28.53 -45.16
CA ALA P 559 -30.43 -27.30 -45.78
C ALA P 559 -29.08 -27.55 -46.41
N ARG P 560 -28.83 -26.87 -47.54
CA ARG P 560 -27.58 -26.93 -48.27
C ARG P 560 -26.98 -25.54 -48.36
N ILE P 561 -25.65 -25.45 -48.22
CA ILE P 561 -24.91 -24.21 -48.11
C ILE P 561 -23.75 -24.22 -49.10
N SER P 562 -23.46 -23.05 -49.67
CA SER P 562 -22.26 -22.84 -50.47
C SER P 562 -21.66 -21.48 -50.13
N MET P 563 -20.33 -21.48 -49.96
CA MET P 563 -19.61 -20.28 -49.56
C MET P 563 -18.17 -20.38 -50.06
N THR P 564 -17.56 -19.23 -50.30
CA THR P 564 -16.15 -19.12 -50.69
C THR P 564 -15.39 -18.30 -49.67
N VAL P 565 -14.15 -18.73 -49.40
CA VAL P 565 -13.24 -18.03 -48.50
C VAL P 565 -11.87 -17.93 -49.16
N TYR P 566 -11.18 -16.80 -48.94
CA TYR P 566 -9.84 -16.60 -49.46
C TYR P 566 -8.82 -16.87 -48.36
N PRO P 567 -7.99 -17.92 -48.43
CA PRO P 567 -7.27 -18.35 -47.23
C PRO P 567 -6.05 -17.49 -46.90
N ILE P 568 -5.49 -17.75 -45.72
CA ILE P 568 -4.29 -17.08 -45.21
C ILE P 568 -3.23 -18.14 -44.98
N ARG P 569 -2.04 -17.94 -45.54
CA ARG P 569 -0.97 -18.91 -45.40
C ARG P 569 0.36 -18.22 -45.67
N SER P 570 1.42 -18.83 -45.15
CA SER P 570 2.76 -18.26 -45.23
C SER P 570 3.21 -18.01 -46.66
N PHE P 571 3.90 -16.90 -46.88
CA PHE P 571 4.62 -16.71 -48.13
C PHE P 571 5.58 -17.87 -48.35
N LYS P 572 5.78 -18.22 -49.63
CA LYS P 572 6.78 -19.23 -49.96
C LYS P 572 7.61 -18.92 -51.21
N LYS P 573 7.11 -18.13 -52.15
CA LYS P 573 7.88 -17.62 -53.27
C LYS P 573 7.85 -16.10 -53.23
N ILE P 574 9.03 -15.47 -53.25
CA ILE P 574 9.16 -14.02 -53.35
C ILE P 574 9.91 -13.71 -54.63
N SER P 575 9.19 -13.17 -55.61
CA SER P 575 9.75 -12.71 -56.88
C SER P 575 9.74 -11.19 -56.87
N VAL P 576 10.90 -10.58 -56.63
CA VAL P 576 11.06 -9.13 -56.61
C VAL P 576 11.89 -8.78 -57.84
N SER P 577 11.38 -7.89 -58.69
CA SER P 577 12.07 -7.50 -59.91
C SER P 577 12.71 -6.12 -59.76
N LEU P 578 13.79 -5.90 -60.51
CA LEU P 578 14.50 -4.62 -60.54
C LEU P 578 14.51 -4.06 -61.95
N VAL P 579 14.06 -2.80 -62.09
CA VAL P 579 14.23 -2.02 -63.31
C VAL P 579 14.93 -0.71 -62.93
N TYR P 580 15.39 0.02 -63.94
CA TYR P 580 15.93 1.37 -63.74
C TYR P 580 15.55 2.24 -64.94
N LYS P 581 16.17 3.41 -64.99
CA LYS P 581 16.13 4.33 -66.12
C LYS P 581 17.54 4.68 -66.62
N GLN P 582 18.54 3.87 -66.30
CA GLN P 582 19.87 3.93 -66.89
C GLN P 582 20.52 5.31 -66.73
N THR Q 12 -24.35 32.08 40.94
CA THR Q 12 -22.93 31.87 41.05
C THR Q 12 -22.15 33.14 40.69
N ARG Q 13 -21.20 33.48 41.55
CA ARG Q 13 -20.23 34.54 41.32
C ARG Q 13 -19.67 34.42 39.90
N PRO Q 14 -19.46 35.53 39.18
CA PRO Q 14 -18.90 35.46 37.82
C PRO Q 14 -17.38 35.43 37.87
N HIS Q 15 -16.79 34.37 37.30
CA HIS Q 15 -15.36 34.16 37.42
C HIS Q 15 -14.88 33.18 36.37
N ALA Q 16 -13.58 33.23 36.08
CA ALA Q 16 -12.91 32.14 35.37
C ALA Q 16 -12.47 31.06 36.35
N SER Q 17 -12.38 29.83 35.87
CA SER Q 17 -11.86 28.73 36.68
C SER Q 17 -11.27 27.69 35.74
N ILE Q 18 -10.19 27.04 36.19
CA ILE Q 18 -9.37 26.19 35.34
C ILE Q 18 -8.77 25.07 36.16
N GLU Q 19 -9.00 23.86 35.71
CA GLU Q 19 -8.48 22.69 36.39
C GLU Q 19 -7.60 21.95 35.43
N VAL Q 20 -6.53 21.40 35.98
CA VAL Q 20 -5.57 20.65 35.21
C VAL Q 20 -5.65 19.21 35.71
N ASP Q 21 -5.95 18.29 34.78
CA ASP Q 21 -6.60 17.02 35.08
C ASP Q 21 -5.61 15.86 35.02
N THR Q 22 -5.55 15.07 36.11
CA THR Q 22 -4.87 13.78 36.08
C THR Q 22 -5.84 12.65 35.72
N SER Q 23 -6.97 12.95 35.08
CA SER Q 23 -8.01 11.98 34.77
C SER Q 23 -7.65 11.03 33.60
N GLY Q 24 -6.45 11.05 33.03
CA GLY Q 24 -6.10 10.20 31.89
C GLY Q 24 -4.97 9.23 32.14
N ILE Q 25 -4.10 9.55 33.10
CA ILE Q 25 -2.84 8.84 33.30
C ILE Q 25 -3.07 7.35 33.59
N SER Q 32 -12.27 1.45 22.72
CA SER Q 32 -13.27 1.54 21.68
C SER Q 32 -14.63 0.96 22.13
N GLU Q 33 -15.55 0.82 21.19
CA GLU Q 33 -16.95 0.55 21.47
C GLU Q 33 -17.17 -0.73 22.30
N LYS Q 34 -16.51 -1.83 21.93
CA LYS Q 34 -16.77 -3.13 22.57
C LYS Q 34 -16.51 -3.13 24.08
N VAL Q 35 -17.57 -3.00 24.88
CA VAL Q 35 -17.45 -2.93 26.33
C VAL Q 35 -16.86 -4.23 26.91
N PHE Q 36 -16.14 -4.08 28.05
CA PHE Q 36 -15.23 -5.08 28.61
C PHE Q 36 -15.49 -5.24 30.11
N CYS Q 37 -15.57 -6.48 30.59
CA CYS Q 37 -16.03 -6.80 31.94
C CYS Q 37 -14.98 -7.53 32.76
N LEU Q 38 -14.86 -7.14 34.05
CA LEU Q 38 -13.96 -7.74 35.02
C LEU Q 38 -14.69 -8.03 36.33
N ILE Q 39 -14.33 -9.12 37.01
CA ILE Q 39 -14.85 -9.42 38.34
C ILE Q 39 -13.74 -10.03 39.19
N GLY Q 40 -13.52 -9.47 40.38
CA GLY Q 40 -12.43 -9.90 41.23
C GLY Q 40 -12.46 -9.21 42.58
N GLN Q 41 -11.42 -9.46 43.37
CA GLN Q 41 -11.32 -8.98 44.74
C GLN Q 41 -10.62 -7.63 44.81
N ALA Q 42 -11.07 -6.79 45.74
CA ALA Q 42 -10.45 -5.50 46.02
C ALA Q 42 -11.06 -4.96 47.30
N GLU Q 43 -10.25 -4.22 48.06
CA GLU Q 43 -10.70 -3.66 49.35
C GLU Q 43 -11.48 -2.35 49.16
N GLY Q 44 -12.53 -2.40 48.35
CA GLY Q 44 -13.37 -1.22 48.21
C GLY Q 44 -14.63 -1.51 47.41
N GLY Q 45 -15.57 -0.56 47.49
CA GLY Q 45 -16.77 -0.59 46.69
C GLY Q 45 -17.92 -1.37 47.28
N GLU Q 46 -19.15 -0.88 47.07
CA GLU Q 46 -20.35 -1.55 47.53
C GLU Q 46 -20.60 -2.83 46.73
N PRO Q 47 -20.95 -3.95 47.37
CA PRO Q 47 -20.93 -5.24 46.65
C PRO Q 47 -22.10 -5.44 45.69
N ASN Q 48 -21.96 -6.50 44.88
CA ASN Q 48 -22.92 -7.01 43.90
C ASN Q 48 -23.24 -6.07 42.73
N THR Q 49 -23.34 -4.76 42.96
CA THR Q 49 -23.59 -3.82 41.88
C THR Q 49 -22.43 -3.77 40.89
N VAL Q 50 -22.75 -3.64 39.60
CA VAL Q 50 -21.73 -3.37 38.58
C VAL Q 50 -21.42 -1.88 38.58
N TYR Q 51 -20.13 -1.57 38.46
CA TYR Q 51 -19.65 -0.22 38.23
C TYR Q 51 -19.26 -0.05 36.77
N GLU Q 52 -19.31 1.20 36.30
CA GLU Q 52 -18.76 1.57 35.00
C GLU Q 52 -17.60 2.54 35.24
N LEU Q 53 -16.46 2.23 34.62
CA LEU Q 53 -15.21 2.93 34.85
C LEU Q 53 -14.70 3.45 33.51
N ARG Q 54 -14.22 4.69 33.48
CA ARG Q 54 -13.76 5.30 32.25
C ARG Q 54 -12.31 5.76 32.26
N ASN Q 55 -11.69 5.94 33.44
CA ASN Q 55 -10.24 5.97 33.56
C ASN Q 55 -9.88 5.71 35.02
N TYR Q 56 -8.79 4.97 35.24
CA TYR Q 56 -8.49 4.47 36.58
C TYR Q 56 -8.24 5.54 37.62
N SER Q 57 -7.97 6.80 37.23
CA SER Q 57 -7.92 7.84 38.26
C SER Q 57 -9.23 7.93 39.03
N GLN Q 58 -10.36 7.55 38.40
CA GLN Q 58 -11.61 7.41 39.14
C GLN Q 58 -11.67 6.10 39.91
N ALA Q 59 -11.41 4.96 39.23
CA ALA Q 59 -11.52 3.64 39.86
C ALA Q 59 -10.71 3.55 41.14
N LYS Q 60 -9.54 4.17 41.15
CA LYS Q 60 -8.63 4.17 42.29
C LYS Q 60 -9.25 4.84 43.52
N ARG Q 61 -10.26 5.68 43.32
CA ARG Q 61 -10.97 6.35 44.41
C ARG Q 61 -12.03 5.45 45.03
N LEU Q 62 -12.61 4.56 44.25
CA LEU Q 62 -13.80 3.81 44.65
C LEU Q 62 -13.50 2.37 45.04
N PHE Q 63 -12.50 1.75 44.41
CA PHE Q 63 -11.85 0.56 44.94
C PHE Q 63 -10.69 1.01 45.83
N ARG Q 64 -9.74 0.12 46.11
CA ARG Q 64 -8.51 0.50 46.81
C ARG Q 64 -7.31 -0.09 46.08
N SER Q 65 -7.13 -1.40 46.18
CA SER Q 65 -6.02 -2.11 45.53
C SER Q 65 -6.42 -3.57 45.37
N GLY Q 66 -5.43 -4.43 45.08
CA GLY Q 66 -5.68 -5.84 44.84
C GLY Q 66 -5.81 -6.16 43.36
N GLU Q 67 -6.18 -7.42 43.11
CA GLU Q 67 -6.12 -7.99 41.76
C GLU Q 67 -6.95 -7.20 40.76
N LEU Q 68 -8.15 -6.77 41.14
CA LEU Q 68 -9.03 -6.09 40.20
C LEU Q 68 -8.42 -4.79 39.70
N LEU Q 69 -7.82 -4.00 40.60
CA LEU Q 69 -7.19 -2.74 40.21
C LEU Q 69 -5.81 -2.95 39.62
N ASP Q 70 -5.15 -4.06 39.95
CA ASP Q 70 -3.98 -4.46 39.18
C ASP Q 70 -4.35 -4.73 37.73
N ALA Q 71 -5.49 -5.40 37.53
CA ALA Q 71 -5.93 -5.74 36.18
C ALA Q 71 -6.35 -4.50 35.39
N ILE Q 72 -7.08 -3.58 36.02
CA ILE Q 72 -7.64 -2.44 35.29
C ILE Q 72 -6.53 -1.52 34.80
N GLU Q 73 -5.60 -1.13 35.70
CA GLU Q 73 -4.47 -0.28 35.31
C GLU Q 73 -3.63 -0.93 34.22
N LEU Q 74 -3.71 -2.25 34.08
CA LEU Q 74 -3.00 -2.98 33.06
C LEU Q 74 -3.85 -3.12 31.80
N ALA Q 75 -5.16 -3.24 31.98
CA ALA Q 75 -6.06 -3.47 30.85
C ALA Q 75 -6.03 -2.32 29.85
N TRP Q 76 -5.85 -1.08 30.32
CA TRP Q 76 -5.82 0.09 29.44
C TRP Q 76 -4.42 0.40 28.90
N GLY Q 77 -3.36 -0.21 29.42
CA GLY Q 77 -2.00 0.07 28.99
C GLY Q 77 -1.34 -0.94 28.07
N SER Q 78 -2.01 -2.07 27.80
CA SER Q 78 -1.33 -3.25 27.28
C SER Q 78 -0.78 -3.10 25.85
N ASN Q 79 -1.16 -2.08 25.08
CA ASN Q 79 -0.58 -1.89 23.73
C ASN Q 79 -0.59 -0.41 23.38
N PRO Q 80 0.48 0.13 22.75
CA PRO Q 80 0.55 1.60 22.62
C PRO Q 80 -0.52 2.23 21.73
N ASN Q 81 -1.07 1.49 20.75
CA ASN Q 81 -2.02 2.03 19.79
C ASN Q 81 -3.43 1.45 19.93
N TYR Q 82 -3.62 0.44 20.79
CA TYR Q 82 -4.91 -0.22 20.95
C TYR Q 82 -5.20 -0.45 22.44
N THR Q 83 -6.41 -0.08 22.87
CA THR Q 83 -6.81 -0.18 24.28
C THR Q 83 -8.33 -0.29 24.38
N ALA Q 84 -8.78 -0.95 25.45
CA ALA Q 84 -10.19 -1.11 25.75
C ALA Q 84 -10.85 0.25 26.04
N GLY Q 85 -12.15 0.34 25.75
CA GLY Q 85 -12.93 1.52 26.04
C GLY Q 85 -13.51 1.47 27.44
N ARG Q 86 -14.81 1.74 27.54
CA ARG Q 86 -15.53 1.63 28.80
C ARG Q 86 -15.34 0.25 29.40
N ILE Q 87 -14.98 0.20 30.69
CA ILE Q 87 -14.81 -1.02 31.45
C ILE Q 87 -15.94 -1.10 32.48
N LEU Q 88 -16.45 -2.31 32.69
CA LEU Q 88 -17.40 -2.61 33.74
C LEU Q 88 -16.75 -3.56 34.75
N ALA Q 89 -16.94 -3.28 36.03
CA ALA Q 89 -16.22 -3.97 37.11
C ALA Q 89 -17.18 -4.29 38.25
N MET Q 90 -16.82 -5.31 39.03
CA MET Q 90 -17.62 -5.70 40.19
C MET Q 90 -16.73 -6.38 41.23
N ARG Q 91 -17.05 -6.15 42.50
CA ARG Q 91 -16.38 -6.78 43.64
C ARG Q 91 -17.05 -8.10 44.00
N ILE Q 92 -16.24 -9.17 44.09
CA ILE Q 92 -16.73 -10.49 44.51
C ILE Q 92 -16.46 -10.69 46.00
N GLU Q 93 -17.16 -9.93 46.84
CA GLU Q 93 -17.05 -10.00 48.30
C GLU Q 93 -18.40 -9.63 48.91
N ASP Q 94 -18.69 -10.27 50.05
CA ASP Q 94 -19.82 -9.94 50.91
C ASP Q 94 -19.41 -9.03 52.06
N ALA Q 95 -18.94 -7.84 51.69
CA ALA Q 95 -18.35 -6.92 52.66
C ALA Q 95 -19.42 -6.24 53.51
N LYS Q 96 -19.01 -5.85 54.72
CA LYS Q 96 -19.83 -5.05 55.64
C LYS Q 96 -19.01 -3.87 56.13
N PRO Q 97 -19.64 -2.75 56.46
CA PRO Q 97 -18.88 -1.57 56.89
C PRO Q 97 -18.53 -1.62 58.37
N ALA Q 98 -17.58 -0.77 58.76
CA ALA Q 98 -17.27 -0.56 60.16
C ALA Q 98 -18.26 0.42 60.78
N SER Q 99 -18.59 0.19 62.05
CA SER Q 99 -19.58 1.01 62.74
C SER Q 99 -19.31 0.99 64.24
N ALA Q 100 -19.87 2.00 64.91
CA ALA Q 100 -19.85 2.14 66.36
C ALA Q 100 -21.13 2.81 66.80
N GLU Q 101 -21.34 2.82 68.12
CA GLU Q 101 -22.50 3.45 68.75
C GLU Q 101 -22.06 4.15 70.01
N ILE Q 102 -22.39 5.43 70.14
CA ILE Q 102 -22.12 6.15 71.38
C ILE Q 102 -22.95 7.42 71.41
N GLY Q 103 -23.44 7.75 72.60
CA GLY Q 103 -24.31 8.90 72.78
C GLY Q 103 -25.69 8.53 72.26
N GLY Q 104 -26.28 9.44 71.49
CA GLY Q 104 -27.49 9.13 70.74
C GLY Q 104 -27.21 8.86 69.28
N LEU Q 105 -25.95 8.56 68.95
CA LEU Q 105 -25.47 8.51 67.58
C LEU Q 105 -24.93 7.11 67.26
N LYS Q 106 -25.27 6.60 66.07
CA LYS Q 106 -24.62 5.43 65.50
C LYS Q 106 -23.77 5.90 64.33
N ILE Q 107 -22.52 5.45 64.29
CA ILE Q 107 -21.56 5.88 63.29
C ILE Q 107 -21.45 4.78 62.24
N THR Q 108 -21.48 5.15 60.96
CA THR Q 108 -21.32 4.19 59.88
C THR Q 108 -20.32 4.74 58.86
N SER Q 109 -19.43 3.87 58.38
CA SER Q 109 -18.40 4.27 57.44
C SER Q 109 -18.90 4.03 56.02
N LYS Q 110 -18.53 4.92 55.11
CA LYS Q 110 -19.00 4.79 53.73
C LYS Q 110 -18.29 3.66 52.98
N ILE Q 111 -17.01 3.41 53.28
CA ILE Q 111 -16.19 2.37 52.64
C ILE Q 111 -16.45 1.05 53.35
N TYR Q 112 -16.47 -0.02 52.55
CA TYR Q 112 -16.74 -1.38 53.03
C TYR Q 112 -15.46 -2.20 52.94
N GLY Q 113 -14.87 -2.49 54.09
CA GLY Q 113 -13.71 -3.36 54.17
C GLY Q 113 -12.96 -3.09 55.46
N ASN Q 114 -11.99 -3.96 55.74
CA ASN Q 114 -11.24 -3.83 56.99
C ASN Q 114 -10.49 -2.51 57.07
N VAL Q 115 -10.14 -1.93 55.91
CA VAL Q 115 -9.48 -0.62 55.87
C VAL Q 115 -10.27 0.42 56.67
N ALA Q 116 -11.60 0.37 56.57
CA ALA Q 116 -12.44 1.30 57.34
C ALA Q 116 -12.19 1.20 58.85
N ASN Q 117 -11.75 0.05 59.36
CA ASN Q 117 -11.57 -0.09 60.80
C ASN Q 117 -10.52 0.87 61.35
N ASN Q 118 -9.58 1.32 60.51
CA ASN Q 118 -8.56 2.26 60.95
C ASN Q 118 -9.10 3.67 61.15
N ILE Q 119 -10.25 4.01 60.56
CA ILE Q 119 -10.79 5.36 60.70
C ILE Q 119 -11.23 5.57 62.15
N GLN Q 120 -10.94 6.75 62.69
CA GLN Q 120 -11.28 7.13 64.05
C GLN Q 120 -12.11 8.40 64.08
N VAL Q 121 -13.03 8.48 65.04
CA VAL Q 121 -13.87 9.66 65.26
C VAL Q 121 -13.98 9.89 66.77
N GLY Q 122 -13.94 11.16 67.17
CA GLY Q 122 -14.27 11.54 68.53
C GLY Q 122 -15.03 12.86 68.53
N LEU Q 123 -15.67 13.14 69.66
CA LEU Q 123 -16.28 14.45 69.91
C LEU Q 123 -15.64 15.07 71.14
N GLU Q 124 -14.99 16.21 70.96
CA GLU Q 124 -14.50 17.03 72.06
C GLU Q 124 -15.33 18.31 72.15
N LYS Q 125 -15.10 19.09 73.21
CA LYS Q 125 -15.92 20.26 73.49
C LYS Q 125 -15.06 21.43 73.95
N ASN Q 126 -15.50 22.64 73.56
CA ASN Q 126 -14.87 23.91 73.91
C ASN Q 126 -15.79 24.64 74.88
N THR Q 127 -15.32 24.82 76.13
CA THR Q 127 -16.17 25.44 77.14
C THR Q 127 -16.36 26.93 76.89
N LEU Q 128 -15.40 27.58 76.22
CA LEU Q 128 -15.49 29.02 76.02
C LEU Q 128 -16.65 29.39 75.09
N SER Q 129 -16.72 28.76 73.92
CA SER Q 129 -17.86 28.93 73.02
C SER Q 129 -18.98 27.93 73.26
N ASP Q 130 -18.76 26.92 74.11
CA ASP Q 130 -19.75 25.88 74.40
C ASP Q 130 -20.20 25.16 73.12
N SER Q 131 -19.26 24.93 72.22
CA SER Q 131 -19.46 24.26 70.95
C SER Q 131 -18.68 22.96 70.94
N LEU Q 132 -19.03 22.06 70.01
CA LEU Q 132 -18.49 20.71 70.00
C LEU Q 132 -17.45 20.58 68.89
N ARG Q 133 -16.28 20.03 69.22
CA ARG Q 133 -15.22 19.82 68.26
C ARG Q 133 -15.30 18.39 67.75
N LEU Q 134 -15.60 18.24 66.46
CA LEU Q 134 -15.66 16.95 65.78
C LEU Q 134 -14.38 16.74 65.00
N ARG Q 135 -13.74 15.59 65.17
CA ARG Q 135 -12.50 15.26 64.47
C ARG Q 135 -12.57 13.87 63.88
N VAL Q 136 -12.15 13.76 62.62
CA VAL Q 136 -11.97 12.49 61.92
C VAL Q 136 -10.46 12.30 61.73
N ILE Q 137 -9.97 11.11 62.03
CA ILE Q 137 -8.60 10.72 61.73
C ILE Q 137 -8.63 9.49 60.84
N PHE Q 138 -7.85 9.51 59.76
CA PHE Q 138 -7.70 8.34 58.87
C PHE Q 138 -6.32 8.45 58.22
N GLN Q 139 -5.30 8.03 59.00
CA GLN Q 139 -3.90 8.16 58.62
C GLN Q 139 -3.61 7.61 57.21
N ASP Q 140 -4.30 6.56 56.79
CA ASP Q 140 -3.94 5.84 55.57
C ASP Q 140 -4.13 6.68 54.31
N ASP Q 141 -4.91 7.75 54.38
CA ASP Q 141 -5.06 8.76 53.33
C ASP Q 141 -4.45 10.08 53.77
N ARG Q 142 -3.84 10.11 54.96
CA ARG Q 142 -3.54 11.32 55.73
C ARG Q 142 -4.76 12.26 55.84
N PHE Q 143 -5.97 11.70 55.74
CA PHE Q 143 -7.19 12.50 55.84
C PHE Q 143 -7.45 12.80 57.30
N ASN Q 144 -7.49 14.10 57.62
CA ASN Q 144 -7.59 14.54 59.00
C ASN Q 144 -8.32 15.88 58.99
N GLU Q 145 -9.53 15.93 59.53
CA GLU Q 145 -10.36 17.13 59.47
C GLU Q 145 -11.02 17.39 60.82
N VAL Q 146 -11.07 18.67 61.19
CA VAL Q 146 -11.58 19.13 62.48
C VAL Q 146 -12.72 20.09 62.20
N TYR Q 147 -13.94 19.66 62.52
CA TYR Q 147 -15.13 20.51 62.42
C TYR Q 147 -15.46 20.99 63.83
N ASP Q 148 -15.56 22.31 63.96
CA ASP Q 148 -15.82 23.02 65.21
C ASP Q 148 -16.97 24.00 64.97
N ASN Q 149 -17.44 24.59 66.07
CA ASN Q 149 -18.62 25.44 66.11
C ASN Q 149 -19.90 24.65 65.82
N ILE Q 150 -19.87 23.33 66.03
CA ILE Q 150 -21.09 22.53 65.97
C ILE Q 150 -21.89 22.82 67.23
N GLY Q 151 -23.16 23.16 67.05
CA GLY Q 151 -23.94 23.87 68.03
C GLY Q 151 -23.96 25.35 67.70
N ASN Q 152 -24.77 26.08 68.47
CA ASN Q 152 -24.94 27.52 68.27
C ASN Q 152 -25.41 27.85 66.85
N ILE Q 153 -26.67 27.58 66.53
CA ILE Q 153 -27.16 27.88 65.18
C ILE Q 153 -27.43 29.38 65.04
N PHE Q 154 -28.15 29.98 65.99
CA PHE Q 154 -28.37 31.43 65.98
C PHE Q 154 -28.67 31.89 67.40
N THR Q 155 -28.43 33.18 67.65
CA THR Q 155 -28.62 33.79 68.96
C THR Q 155 -29.95 34.53 69.06
N ILE Q 156 -30.53 34.52 70.26
CA ILE Q 156 -31.66 35.33 70.65
C ILE Q 156 -31.15 36.39 71.62
N LYS Q 157 -31.70 37.60 71.54
CA LYS Q 157 -31.29 38.67 72.45
C LYS Q 157 -32.48 39.60 72.68
N TYR Q 158 -32.45 40.30 73.83
CA TYR Q 158 -33.59 41.05 74.35
C TYR Q 158 -33.21 42.50 74.60
N LYS Q 159 -34.17 43.41 74.39
CA LYS Q 159 -33.92 44.84 74.45
C LYS Q 159 -34.95 45.62 75.26
N GLY Q 160 -36.04 44.99 75.71
CA GLY Q 160 -37.06 45.70 76.47
C GLY Q 160 -36.62 46.03 77.89
N GLU Q 161 -37.43 46.86 78.55
CA GLU Q 161 -37.15 47.34 79.89
C GLU Q 161 -37.78 46.50 81.00
N GLU Q 162 -38.65 45.55 80.66
CA GLU Q 162 -39.43 44.83 81.67
C GLU Q 162 -38.51 43.95 82.51
N ALA Q 163 -39.11 43.10 83.35
CA ALA Q 163 -38.36 42.49 84.44
C ALA Q 163 -37.46 41.36 83.94
N ASN Q 164 -38.05 40.37 83.29
CA ASN Q 164 -37.35 39.17 82.84
C ASN Q 164 -37.90 38.72 81.50
N ALA Q 165 -37.02 38.19 80.65
CA ALA Q 165 -37.36 37.68 79.34
C ALA Q 165 -36.80 36.27 79.18
N THR Q 166 -37.63 35.35 78.72
CA THR Q 166 -37.23 33.96 78.50
C THR Q 166 -37.85 33.45 77.20
N PHE Q 167 -37.44 32.25 76.78
CA PHE Q 167 -37.92 31.61 75.57
C PHE Q 167 -37.96 30.11 75.83
N SER Q 168 -38.46 29.34 74.87
CA SER Q 168 -38.35 27.89 74.94
C SER Q 168 -38.66 27.28 73.57
N VAL Q 169 -38.00 26.15 73.30
CA VAL Q 169 -38.37 25.24 72.23
C VAL Q 169 -39.13 24.08 72.86
N GLU Q 170 -40.13 23.56 72.16
CA GLU Q 170 -40.90 22.41 72.60
C GLU Q 170 -40.77 21.29 71.58
N HIS Q 171 -40.75 20.05 72.08
CA HIS Q 171 -40.71 18.85 71.26
C HIS Q 171 -41.97 18.05 71.59
N ASP Q 172 -42.76 17.75 70.56
CA ASP Q 172 -43.87 16.85 70.75
C ASP Q 172 -43.35 15.43 70.61
N GLU Q 173 -43.70 14.56 71.57
CA GLU Q 173 -43.08 13.24 71.63
C GLU Q 173 -43.41 12.40 70.40
N GLU Q 174 -44.65 12.52 69.88
CA GLU Q 174 -45.06 11.72 68.73
C GLU Q 174 -44.40 12.14 67.42
N THR Q 175 -43.53 13.15 67.42
CA THR Q 175 -42.78 13.55 66.24
C THR Q 175 -41.30 13.76 66.50
N GLN Q 176 -40.88 14.00 67.74
CA GLN Q 176 -39.48 14.26 68.07
C GLN Q 176 -38.96 15.39 67.20
N LYS Q 177 -39.74 16.48 67.14
CA LYS Q 177 -39.40 17.62 66.32
C LYS Q 177 -39.93 18.88 66.98
N ALA Q 178 -39.30 20.01 66.65
CA ALA Q 178 -39.68 21.30 67.20
C ALA Q 178 -41.16 21.59 66.96
N SER Q 179 -41.97 21.38 67.99
CA SER Q 179 -43.41 21.61 67.85
C SER Q 179 -43.74 23.10 68.00
N ARG Q 180 -43.03 23.79 68.89
CA ARG Q 180 -43.28 25.21 69.15
C ARG Q 180 -41.97 25.92 69.43
N LEU Q 181 -41.97 27.23 69.16
CA LEU Q 181 -40.97 28.14 69.71
C LEU Q 181 -41.72 29.33 70.27
N VAL Q 182 -41.30 29.75 71.47
CA VAL Q 182 -42.07 30.68 72.30
C VAL Q 182 -41.11 31.74 72.81
N LEU Q 183 -41.58 32.99 72.84
CA LEU Q 183 -40.91 34.07 73.55
C LEU Q 183 -41.83 34.61 74.64
N LYS Q 184 -41.23 35.05 75.75
CA LYS Q 184 -41.97 35.56 76.89
C LYS Q 184 -41.35 36.85 77.39
N VAL Q 185 -42.19 37.69 77.98
CA VAL Q 185 -41.76 38.87 78.74
C VAL Q 185 -42.52 38.85 80.06
N GLY Q 186 -41.79 38.98 81.17
CA GLY Q 186 -42.37 38.85 82.49
C GLY Q 186 -42.85 37.44 82.76
N ASP Q 187 -44.12 37.15 82.48
CA ASP Q 187 -44.66 35.81 82.65
C ASP Q 187 -45.75 35.53 81.62
N GLN Q 188 -45.66 36.16 80.45
CA GLN Q 188 -46.68 36.09 79.42
C GLN Q 188 -46.01 35.95 78.06
N GLU Q 189 -46.58 35.10 77.22
CA GLU Q 189 -46.06 34.89 75.87
C GLU Q 189 -46.33 36.09 74.99
N VAL Q 190 -45.38 36.37 74.10
CA VAL Q 190 -45.45 37.51 73.19
C VAL Q 190 -45.50 37.08 71.72
N LYS Q 191 -45.11 35.85 71.40
CA LYS Q 191 -45.20 35.35 70.03
C LYS Q 191 -45.07 33.83 70.05
N SER Q 192 -45.46 33.20 68.94
CA SER Q 192 -45.39 31.75 68.81
C SER Q 192 -45.04 31.38 67.38
N TYR Q 193 -44.50 30.18 67.22
CA TYR Q 193 -44.10 29.67 65.90
C TYR Q 193 -44.34 28.18 65.85
N ASP Q 194 -45.09 27.74 64.82
CA ASP Q 194 -45.38 26.34 64.58
C ASP Q 194 -44.32 25.77 63.64
N LEU Q 195 -43.23 25.26 64.23
CA LEU Q 195 -42.07 24.85 63.44
C LEU Q 195 -42.17 23.44 62.88
N THR Q 196 -43.24 22.69 63.15
CA THR Q 196 -43.42 21.43 62.44
C THR Q 196 -43.66 21.69 60.96
N GLY Q 197 -44.60 22.60 60.65
CA GLY Q 197 -45.02 22.82 59.28
C GLY Q 197 -45.71 24.15 59.04
N GLY Q 198 -45.09 25.03 58.28
CA GLY Q 198 -45.71 26.25 57.80
C GLY Q 198 -44.66 27.28 57.42
N ALA Q 199 -44.99 28.54 57.74
CA ALA Q 199 -44.18 29.69 57.31
C ALA Q 199 -42.75 29.60 57.81
N TYR Q 200 -42.57 29.15 59.05
CA TYR Q 200 -41.31 29.21 59.78
C TYR Q 200 -40.48 27.95 59.63
N ASP Q 201 -40.72 27.14 58.59
CA ASP Q 201 -39.99 25.90 58.42
C ASP Q 201 -38.50 26.10 58.22
N TYR Q 202 -38.07 27.31 57.84
CA TYR Q 202 -36.68 27.66 57.64
C TYR Q 202 -36.32 28.73 58.66
N THR Q 203 -35.11 28.65 59.22
CA THR Q 203 -34.71 29.58 60.26
C THR Q 203 -34.60 31.01 59.75
N ASN Q 204 -34.63 31.22 58.43
CA ASN Q 204 -34.60 32.59 57.90
C ASN Q 204 -35.84 33.36 58.32
N ALA Q 205 -36.99 32.69 58.34
CA ALA Q 205 -38.23 33.38 58.69
C ALA Q 205 -38.28 33.68 60.18
N ILE Q 206 -37.74 32.79 61.01
CA ILE Q 206 -37.72 33.03 62.45
C ILE Q 206 -36.82 34.22 62.77
N ILE Q 207 -35.68 34.32 62.09
CA ILE Q 207 -34.73 35.40 62.34
C ILE Q 207 -35.34 36.74 61.98
N THR Q 208 -36.01 36.81 60.84
CA THR Q 208 -36.64 38.06 60.41
C THR Q 208 -37.78 38.45 61.33
N ASP Q 209 -38.60 37.48 61.72
CA ASP Q 209 -39.80 37.77 62.51
C ASP Q 209 -39.50 37.95 63.99
N ILE Q 210 -38.33 37.56 64.47
CA ILE Q 210 -37.89 38.00 65.80
C ILE Q 210 -37.39 39.43 65.75
N ASN Q 211 -36.60 39.75 64.71
CA ASN Q 211 -36.02 41.08 64.64
C ASN Q 211 -37.10 42.15 64.50
N GLN Q 212 -38.19 41.82 63.80
CA GLN Q 212 -39.31 42.76 63.63
C GLN Q 212 -39.87 43.26 64.95
N LEU Q 213 -39.79 42.46 66.02
CA LEU Q 213 -40.33 42.92 67.30
C LEU Q 213 -39.37 43.97 67.87
N PRO Q 214 -39.83 45.20 68.16
CA PRO Q 214 -38.90 46.19 68.74
C PRO Q 214 -38.18 45.73 69.99
N ASP Q 215 -38.84 45.02 70.90
CA ASP Q 215 -38.17 44.72 72.16
C ASP Q 215 -37.09 43.63 72.05
N PHE Q 216 -37.01 42.90 70.94
CA PHE Q 216 -36.18 41.71 70.82
C PHE Q 216 -35.12 41.88 69.73
N GLU Q 217 -34.17 40.94 69.70
CA GLU Q 217 -33.16 40.90 68.64
C GLU Q 217 -32.71 39.47 68.45
N ALA Q 218 -32.20 39.19 67.25
CA ALA Q 218 -31.65 37.88 66.92
C ALA Q 218 -30.57 38.05 65.86
N LYS Q 219 -29.53 37.23 65.94
CA LYS Q 219 -28.34 37.35 65.10
C LYS Q 219 -27.82 35.96 64.78
N LEU Q 220 -27.33 35.79 63.57
CA LEU Q 220 -26.93 34.49 63.06
C LEU Q 220 -25.41 34.30 63.16
N SER Q 221 -25.00 33.06 63.43
CA SER Q 221 -23.59 32.75 63.66
C SER Q 221 -22.75 33.11 62.43
N PRO Q 222 -21.48 33.49 62.60
CA PRO Q 222 -20.69 33.93 61.44
C PRO Q 222 -20.04 32.82 60.64
N PHE Q 223 -20.08 31.55 61.08
CA PHE Q 223 -19.25 30.52 60.46
C PHE Q 223 -19.96 29.97 59.22
N GLY Q 224 -20.01 30.83 58.21
CA GLY Q 224 -20.73 30.67 56.96
C GLY Q 224 -22.21 30.40 57.17
N ASP Q 225 -22.78 29.62 56.26
CA ASP Q 225 -24.21 29.35 56.29
C ASP Q 225 -24.55 28.35 57.38
N LYS Q 226 -25.78 28.47 57.90
CA LYS Q 226 -26.40 27.43 58.70
C LYS Q 226 -27.85 27.32 58.25
N ASN Q 227 -28.72 28.21 58.78
CA ASN Q 227 -30.08 28.41 58.27
C ASN Q 227 -30.84 27.09 58.14
N LEU Q 228 -30.76 26.28 59.19
CA LEU Q 228 -31.35 24.95 59.20
C LEU Q 228 -32.87 25.01 59.02
N GLU Q 229 -33.43 23.91 58.55
CA GLU Q 229 -34.87 23.70 58.70
C GLU Q 229 -35.21 23.69 60.18
N SER Q 230 -36.13 24.57 60.58
CA SER Q 230 -36.41 24.78 62.00
C SER Q 230 -37.02 23.57 62.69
N SER Q 231 -37.42 22.53 61.95
CA SER Q 231 -37.97 21.34 62.60
C SER Q 231 -36.92 20.56 63.39
N LYS Q 232 -35.64 20.72 63.06
CA LYS Q 232 -34.55 19.97 63.69
C LYS Q 232 -33.81 20.79 64.74
N LEU Q 233 -34.48 21.75 65.38
CA LEU Q 233 -33.91 22.38 66.56
C LEU Q 233 -33.93 21.37 67.71
N ASP Q 234 -33.22 21.68 68.80
CA ASP Q 234 -33.21 20.84 70.00
C ASP Q 234 -33.92 21.53 71.16
N LYS Q 235 -34.28 20.75 72.18
CA LYS Q 235 -35.17 21.27 73.23
C LYS Q 235 -34.39 22.05 74.29
N ILE Q 236 -34.41 23.37 74.16
CA ILE Q 236 -33.85 24.31 75.12
C ILE Q 236 -35.01 25.10 75.71
N GLU Q 237 -35.02 25.26 77.04
CA GLU Q 237 -36.16 25.87 77.73
C GLU Q 237 -35.68 26.82 78.82
N ASN Q 238 -36.27 28.01 78.85
CA ASN Q 238 -36.31 28.86 80.06
C ASN Q 238 -34.94 29.44 80.41
N ALA Q 239 -34.26 30.00 79.41
CA ALA Q 239 -33.00 30.70 79.62
C ALA Q 239 -33.25 32.20 79.57
N ASN Q 240 -32.52 32.96 80.40
CA ASN Q 240 -32.82 34.38 80.57
C ASN Q 240 -32.16 35.15 79.43
N ILE Q 241 -32.99 35.76 78.58
CA ILE Q 241 -32.47 36.49 77.42
C ILE Q 241 -31.88 37.84 77.84
N LYS Q 242 -32.50 38.49 78.82
CA LYS Q 242 -32.00 39.79 79.28
C LYS Q 242 -30.62 39.65 79.89
N ASP Q 243 -30.30 38.47 80.42
CA ASP Q 243 -29.00 38.20 81.01
C ASP Q 243 -27.98 37.74 79.97
N LYS Q 244 -28.39 36.95 78.98
CA LYS Q 244 -27.49 36.33 78.01
C LYS Q 244 -27.99 36.46 76.58
N ALA Q 245 -27.06 36.69 75.66
CA ALA Q 245 -27.35 36.52 74.23
C ALA Q 245 -27.34 35.01 73.91
N VAL Q 246 -28.43 34.35 74.31
CA VAL Q 246 -28.45 32.89 74.35
C VAL Q 246 -28.42 32.29 72.94
N TYR Q 247 -27.62 31.24 72.79
CA TYR Q 247 -27.64 30.40 71.60
C TYR Q 247 -28.81 29.42 71.63
N VAL Q 248 -29.44 29.19 70.46
CA VAL Q 248 -30.14 27.94 70.19
C VAL Q 248 -29.11 27.03 69.52
N LYS Q 249 -29.07 25.76 69.91
CA LYS Q 249 -27.95 24.91 69.53
C LYS Q 249 -28.18 24.16 68.22
N ALA Q 250 -29.23 23.36 68.16
CA ALA Q 250 -29.50 22.48 67.01
C ALA Q 250 -28.27 21.65 66.61
N VAL Q 251 -27.77 20.82 67.53
CA VAL Q 251 -26.52 20.11 67.27
C VAL Q 251 -26.64 19.18 66.07
N PHE Q 252 -27.70 18.37 66.00
CA PHE Q 252 -27.77 17.41 64.90
C PHE Q 252 -27.97 18.11 63.56
N GLY Q 253 -28.50 19.34 63.56
CA GLY Q 253 -28.57 20.09 62.33
C GLY Q 253 -27.20 20.44 61.79
N ASP Q 254 -26.27 20.79 62.69
CA ASP Q 254 -24.91 21.10 62.26
C ASP Q 254 -24.18 19.84 61.77
N LEU Q 255 -24.35 18.70 62.45
CA LEU Q 255 -23.79 17.45 61.94
C LEU Q 255 -24.19 17.17 60.49
N GLU Q 256 -25.47 17.33 60.16
CA GLU Q 256 -25.87 17.13 58.77
C GLU Q 256 -25.22 18.18 57.86
N LYS Q 257 -25.40 19.46 58.21
CA LYS Q 257 -24.89 20.56 57.38
C LYS Q 257 -23.39 20.44 57.15
N GLN Q 258 -22.63 20.02 58.16
CA GLN Q 258 -21.18 19.98 58.08
C GLN Q 258 -20.61 18.60 57.79
N THR Q 259 -21.44 17.54 57.72
CA THR Q 259 -20.93 16.21 57.42
C THR Q 259 -21.88 15.39 56.57
N ALA Q 260 -22.81 16.02 55.84
CA ALA Q 260 -23.57 15.30 54.82
C ALA Q 260 -22.67 14.88 53.66
N TYR Q 261 -22.23 15.85 52.87
CA TYR Q 261 -21.42 15.62 51.67
C TYR Q 261 -19.94 15.88 51.91
N ASN Q 262 -19.51 15.99 53.18
CA ASN Q 262 -18.24 16.59 53.55
C ASN Q 262 -17.30 15.65 54.32
N GLY Q 263 -17.38 14.34 54.12
CA GLY Q 263 -16.73 13.40 55.02
C GLY Q 263 -16.64 12.00 54.47
N ILE Q 264 -15.77 11.20 55.10
CA ILE Q 264 -15.66 9.76 54.83
C ILE Q 264 -16.62 8.93 55.69
N VAL Q 265 -17.20 9.52 56.74
CA VAL Q 265 -17.99 8.78 57.72
C VAL Q 265 -19.28 9.55 57.99
N SER Q 266 -20.38 8.81 58.14
CA SER Q 266 -21.72 9.35 58.33
C SER Q 266 -22.23 9.07 59.74
N PHE Q 267 -23.31 9.77 60.11
CA PHE Q 267 -23.97 9.61 61.40
C PHE Q 267 -25.46 9.34 61.19
N GLU Q 268 -26.06 8.60 62.12
CA GLU Q 268 -27.50 8.36 62.14
C GLU Q 268 -28.01 8.42 63.57
N GLN Q 269 -29.18 9.05 63.75
CA GLN Q 269 -29.67 9.49 65.04
C GLN Q 269 -30.64 8.46 65.62
N LEU Q 270 -30.34 7.96 66.82
CA LEU Q 270 -31.16 6.92 67.43
C LEU Q 270 -32.43 7.55 67.99
N LYS Q 298 -32.12 10.43 73.90
CA LYS Q 298 -31.47 10.42 72.60
C LYS Q 298 -30.44 11.57 72.62
N THR Q 299 -29.97 11.97 73.81
CA THR Q 299 -29.13 13.15 73.94
C THR Q 299 -27.71 12.84 73.47
N ILE Q 300 -27.03 13.87 72.96
CA ILE Q 300 -25.69 13.78 72.39
C ILE Q 300 -24.73 14.41 73.38
N GLU Q 301 -23.57 13.80 73.58
CA GLU Q 301 -22.55 14.35 74.48
C GLU Q 301 -21.18 13.96 73.94
N PRO Q 302 -20.13 14.64 74.37
CA PRO Q 302 -18.79 14.30 73.84
C PRO Q 302 -18.29 12.95 74.35
N PHE Q 303 -17.27 12.46 73.66
CA PHE Q 303 -16.69 11.16 73.93
C PHE Q 303 -15.28 11.17 73.38
N GLU Q 304 -14.47 10.25 73.85
CA GLU Q 304 -13.05 10.24 73.49
C GLU Q 304 -12.87 9.75 72.04
N LEU Q 305 -11.63 9.88 71.54
CA LEU Q 305 -11.30 9.34 70.23
C LEU Q 305 -11.45 7.81 70.22
N THR Q 306 -12.14 7.28 69.21
CA THR Q 306 -12.49 5.86 69.19
C THR Q 306 -12.24 5.29 67.80
N LYS Q 307 -11.93 4.00 67.75
CA LYS Q 307 -11.71 3.26 66.52
C LYS Q 307 -12.98 2.51 66.16
N LEU Q 308 -13.32 2.53 64.87
CA LEU Q 308 -14.53 1.86 64.40
C LEU Q 308 -14.28 0.37 64.26
N LYS Q 309 -15.34 -0.42 64.41
CA LYS Q 309 -15.25 -1.88 64.44
C LYS Q 309 -16.35 -2.47 63.57
N GLY Q 310 -16.19 -3.77 63.30
CA GLY Q 310 -17.12 -4.54 62.51
C GLY Q 310 -16.79 -4.61 61.03
N GLY Q 311 -15.92 -3.73 60.53
CA GLY Q 311 -15.54 -3.75 59.13
C GLY Q 311 -14.89 -5.05 58.72
N THR Q 312 -15.42 -5.68 57.67
CA THR Q 312 -15.03 -7.03 57.29
C THR Q 312 -15.09 -7.15 55.76
N ASN Q 313 -14.01 -7.65 55.17
CA ASN Q 313 -14.03 -7.96 53.74
C ASN Q 313 -14.95 -9.15 53.45
N GLY Q 314 -14.89 -10.18 54.28
CA GLY Q 314 -15.69 -11.37 54.08
C GLY Q 314 -14.95 -12.45 53.32
N GLU Q 315 -15.01 -13.67 53.85
CA GLU Q 315 -14.36 -14.81 53.22
C GLU Q 315 -14.88 -15.00 51.78
N PRO Q 316 -14.12 -15.67 50.92
CA PRO Q 316 -14.64 -15.93 49.57
C PRO Q 316 -15.85 -16.86 49.66
N PRO Q 317 -16.77 -16.77 48.70
CA PRO Q 317 -17.93 -17.67 48.72
C PRO Q 317 -17.61 -19.02 48.11
N ALA Q 318 -18.58 -19.93 48.22
CA ALA Q 318 -18.48 -21.22 47.55
C ALA Q 318 -18.54 -21.06 46.03
N THR Q 319 -19.39 -20.16 45.54
CA THR Q 319 -19.68 -20.05 44.12
C THR Q 319 -19.82 -18.58 43.72
N TRP Q 320 -19.69 -18.32 42.42
CA TRP Q 320 -19.88 -16.99 41.87
C TRP Q 320 -21.20 -16.82 41.13
N ALA Q 321 -22.03 -17.87 41.08
CA ALA Q 321 -23.07 -17.97 40.06
C ALA Q 321 -24.10 -16.84 40.15
N ASP Q 322 -24.81 -16.73 41.29
CA ASP Q 322 -25.88 -15.71 41.38
C ASP Q 322 -25.35 -14.30 41.67
N LYS Q 323 -24.06 -14.06 41.44
CA LYS Q 323 -23.47 -12.74 41.40
C LYS Q 323 -22.84 -12.44 40.05
N LEU Q 324 -22.31 -13.47 39.40
CA LEU Q 324 -21.78 -13.40 38.04
C LEU Q 324 -22.87 -13.06 37.03
N ASP Q 325 -24.12 -13.43 37.35
CA ASP Q 325 -25.23 -13.17 36.42
C ASP Q 325 -25.45 -11.68 36.20
N LYS Q 326 -25.02 -10.84 37.13
CA LYS Q 326 -25.51 -9.47 37.19
C LYS Q 326 -24.97 -8.60 36.06
N PHE Q 327 -23.91 -9.02 35.37
CA PHE Q 327 -23.39 -8.24 34.23
C PHE Q 327 -24.31 -8.27 33.01
N ALA Q 328 -25.30 -9.16 32.98
CA ALA Q 328 -25.98 -9.56 31.74
C ALA Q 328 -26.38 -8.38 30.86
N HIS Q 329 -27.24 -7.51 31.37
CA HIS Q 329 -27.92 -6.48 30.58
C HIS Q 329 -27.16 -5.17 30.48
N GLU Q 330 -25.97 -5.08 31.07
CA GLU Q 330 -25.11 -3.93 30.86
C GLU Q 330 -24.42 -3.95 29.50
N GLY Q 331 -24.46 -5.07 28.78
CA GLY Q 331 -24.12 -5.12 27.37
C GLY Q 331 -22.69 -5.47 27.04
N GLY Q 332 -21.88 -5.86 28.02
CA GLY Q 332 -20.51 -6.21 27.76
C GLY Q 332 -20.39 -7.43 26.86
N TYR Q 333 -19.31 -7.44 26.06
CA TYR Q 333 -19.03 -8.52 25.10
C TYR Q 333 -17.93 -9.45 25.58
N TYR Q 334 -16.82 -8.90 26.08
CA TYR Q 334 -15.72 -9.68 26.64
C TYR Q 334 -15.80 -9.69 28.17
N ILE Q 335 -15.60 -10.87 28.76
CA ILE Q 335 -15.60 -11.05 30.20
C ILE Q 335 -14.42 -11.92 30.58
N VAL Q 336 -13.87 -11.68 31.77
CA VAL Q 336 -12.76 -12.47 32.31
C VAL Q 336 -13.00 -12.70 33.80
N PRO Q 337 -12.87 -13.94 34.33
CA PRO Q 337 -12.89 -14.11 35.79
C PRO Q 337 -11.48 -14.12 36.36
N LEU Q 338 -11.26 -13.33 37.42
CA LEU Q 338 -9.92 -13.12 37.97
C LEU Q 338 -9.60 -14.18 39.04
N SER Q 339 -9.61 -15.44 38.62
CA SER Q 339 -9.25 -16.52 39.54
C SER Q 339 -8.81 -17.74 38.72
N SER Q 340 -8.37 -18.77 39.44
CA SER Q 340 -7.81 -19.97 38.82
C SER Q 340 -8.63 -21.24 39.05
N LYS Q 341 -9.48 -21.26 40.08
CA LYS Q 341 -10.29 -22.44 40.40
C LYS Q 341 -11.13 -22.91 39.22
N GLN Q 342 -11.01 -24.20 38.90
CA GLN Q 342 -11.77 -24.76 37.77
C GLN Q 342 -13.28 -24.71 37.97
N SER Q 343 -13.77 -24.73 39.22
CA SER Q 343 -15.20 -24.50 39.45
C SER Q 343 -15.66 -23.19 38.84
N VAL Q 344 -14.89 -22.11 39.02
CA VAL Q 344 -15.33 -20.81 38.53
C VAL Q 344 -15.39 -20.81 37.00
N HIS Q 345 -14.44 -21.50 36.37
CA HIS Q 345 -14.42 -21.55 34.90
C HIS Q 345 -15.60 -22.33 34.36
N ALA Q 346 -16.14 -23.27 35.12
CA ALA Q 346 -17.32 -24.00 34.67
C ALA Q 346 -18.58 -23.16 34.79
N GLU Q 347 -18.63 -22.25 35.76
CA GLU Q 347 -19.77 -21.36 35.88
C GLU Q 347 -19.75 -20.26 34.83
N VAL Q 348 -18.56 -19.75 34.50
CA VAL Q 348 -18.45 -18.79 33.41
C VAL Q 348 -18.82 -19.43 32.08
N ALA Q 349 -18.40 -20.69 31.87
CA ALA Q 349 -18.76 -21.40 30.64
C ALA Q 349 -20.27 -21.55 30.51
N SER Q 350 -20.91 -21.93 31.61
CA SER Q 350 -22.37 -22.07 31.64
C SER Q 350 -23.03 -20.71 31.44
N PHE Q 351 -22.44 -19.66 32.01
CA PHE Q 351 -23.00 -18.33 31.89
C PHE Q 351 -22.98 -17.88 30.43
N VAL Q 352 -21.80 -17.97 29.79
CA VAL Q 352 -21.69 -17.52 28.40
C VAL Q 352 -22.60 -18.32 27.50
N LYS Q 353 -22.74 -19.63 27.77
CA LYS Q 353 -23.71 -20.45 27.05
C LYS Q 353 -25.12 -19.94 27.26
N GLU Q 354 -25.46 -19.57 28.49
CA GLU Q 354 -26.81 -19.14 28.81
C GLU Q 354 -27.18 -17.84 28.09
N ARG Q 355 -26.22 -16.90 27.99
CA ARG Q 355 -26.52 -15.63 27.32
C ARG Q 355 -26.52 -15.79 25.80
N SER Q 356 -25.50 -16.46 25.24
CA SER Q 356 -25.38 -16.56 23.79
C SER Q 356 -26.55 -17.31 23.17
N ASP Q 357 -27.05 -18.36 23.84
CA ASP Q 357 -28.22 -19.06 23.32
C ASP Q 357 -29.47 -18.17 23.31
N ALA Q 358 -29.47 -17.10 24.11
CA ALA Q 358 -30.60 -16.19 24.20
C ALA Q 358 -30.60 -15.11 23.11
N GLY Q 359 -29.62 -15.10 22.21
CA GLY Q 359 -29.42 -13.96 21.35
C GLY Q 359 -28.65 -12.82 21.99
N GLU Q 360 -27.95 -13.10 23.09
CA GLU Q 360 -27.19 -12.12 23.87
C GLU Q 360 -25.73 -12.57 23.86
N PRO Q 361 -25.02 -12.39 22.74
CA PRO Q 361 -23.71 -13.03 22.60
C PRO Q 361 -22.67 -12.50 23.57
N MET Q 362 -21.80 -13.39 24.02
CA MET Q 362 -20.67 -13.03 24.86
C MET Q 362 -19.52 -14.00 24.60
N ARG Q 363 -18.30 -13.58 24.97
CA ARG Q 363 -17.13 -14.43 24.87
C ARG Q 363 -16.25 -14.21 26.09
N ALA Q 364 -15.67 -15.30 26.60
CA ALA Q 364 -14.87 -15.30 27.81
C ALA Q 364 -13.41 -15.63 27.49
N ILE Q 365 -12.50 -14.99 28.22
CA ILE Q 365 -11.08 -15.31 28.18
C ILE Q 365 -10.68 -15.79 29.58
N VAL Q 366 -9.92 -16.87 29.64
CA VAL Q 366 -9.59 -17.55 30.90
C VAL Q 366 -8.11 -17.88 30.93
N GLY Q 367 -7.53 -17.84 32.13
CA GLY Q 367 -6.13 -18.17 32.33
C GLY Q 367 -5.84 -18.77 33.70
N GLY Q 368 -5.34 -20.01 33.73
CA GLY Q 368 -5.11 -20.70 34.98
C GLY Q 368 -3.72 -20.56 35.58
N GLY Q 369 -3.62 -20.02 36.80
CA GLY Q 369 -2.45 -20.31 37.60
C GLY Q 369 -1.15 -19.63 37.17
N PHE Q 370 -0.04 -20.20 37.66
CA PHE Q 370 1.30 -19.86 37.22
C PHE Q 370 1.99 -21.13 36.74
N ASN Q 371 2.94 -20.98 35.81
CA ASN Q 371 3.95 -21.99 35.51
C ASN Q 371 3.36 -23.33 35.03
N GLU Q 372 2.07 -23.40 34.71
CA GLU Q 372 1.45 -24.69 34.50
C GLU Q 372 1.87 -25.30 33.17
N SER Q 373 2.11 -26.60 33.19
CA SER Q 373 2.68 -27.35 32.09
C SER Q 373 1.62 -27.89 31.13
N LYS Q 374 2.11 -28.53 30.05
CA LYS Q 374 1.28 -28.88 28.90
C LYS Q 374 0.17 -29.85 29.26
N GLU Q 375 0.46 -30.89 30.04
CA GLU Q 375 -0.56 -31.90 30.32
C GLU Q 375 -1.70 -31.31 31.13
N GLN Q 376 -1.40 -30.39 32.05
CA GLN Q 376 -2.47 -29.73 32.80
C GLN Q 376 -3.36 -28.91 31.89
N LEU Q 377 -2.77 -28.17 30.94
CA LEU Q 377 -3.56 -27.42 29.97
C LEU Q 377 -4.46 -28.32 29.15
N PHE Q 378 -3.96 -29.49 28.72
CA PHE Q 378 -4.79 -30.36 27.90
C PHE Q 378 -5.93 -30.93 28.73
N GLY Q 379 -5.64 -31.26 29.99
CA GLY Q 379 -6.70 -31.69 30.90
C GLY Q 379 -7.74 -30.61 31.11
N ARG Q 380 -7.32 -29.34 31.17
CA ARG Q 380 -8.25 -28.24 31.37
C ARG Q 380 -8.99 -27.86 30.09
N GLN Q 381 -8.37 -28.05 28.92
CA GLN Q 381 -9.09 -27.83 27.66
C GLN Q 381 -10.23 -28.83 27.51
N ALA Q 382 -9.91 -30.13 27.66
CA ALA Q 382 -10.87 -31.20 27.46
C ALA Q 382 -12.10 -31.02 28.35
N SER Q 383 -11.84 -30.78 29.63
CA SER Q 383 -12.81 -30.48 30.68
C SER Q 383 -13.62 -29.21 30.43
N LEU Q 384 -13.22 -28.36 29.49
CA LEU Q 384 -13.88 -27.07 29.25
C LEU Q 384 -13.98 -26.80 27.74
N SER Q 385 -14.46 -27.79 26.99
CA SER Q 385 -14.30 -27.87 25.54
C SER Q 385 -15.23 -26.97 24.70
N ASN Q 386 -16.09 -26.13 25.28
CA ASN Q 386 -17.12 -25.41 24.51
C ASN Q 386 -16.52 -24.21 23.78
N PRO Q 387 -17.17 -23.70 22.72
CA PRO Q 387 -16.68 -22.48 22.07
C PRO Q 387 -17.04 -21.28 22.92
N ARG Q 388 -16.68 -20.09 22.43
CA ARG Q 388 -16.87 -18.82 23.14
C ARG Q 388 -16.06 -18.72 24.43
N VAL Q 389 -15.11 -19.63 24.63
CA VAL Q 389 -14.12 -19.55 25.71
C VAL Q 389 -12.77 -19.69 25.04
N SER Q 390 -11.79 -18.89 25.47
CA SER Q 390 -10.42 -18.95 24.93
C SER Q 390 -9.42 -19.01 26.09
N LEU Q 391 -8.89 -20.20 26.34
CA LEU Q 391 -7.91 -20.40 27.41
C LEU Q 391 -6.55 -19.85 27.01
N VAL Q 392 -5.94 -19.06 27.89
CA VAL Q 392 -4.63 -18.45 27.67
C VAL Q 392 -3.67 -19.02 28.71
N ALA Q 393 -2.53 -19.52 28.23
CA ALA Q 393 -1.62 -20.42 28.94
C ALA Q 393 -0.60 -19.70 29.82
N ASN Q 394 0.11 -18.70 29.28
CA ASN Q 394 1.38 -18.29 29.86
C ASN Q 394 1.21 -17.54 31.18
N SER Q 395 2.34 -17.35 31.86
CA SER Q 395 2.47 -16.51 33.05
C SER Q 395 3.78 -15.73 32.95
N GLY Q 396 3.84 -14.56 33.61
CA GLY Q 396 5.02 -13.71 33.49
C GLY Q 396 5.10 -12.51 34.41
N THR Q 397 5.47 -11.34 33.87
CA THR Q 397 5.62 -10.12 34.66
C THR Q 397 5.03 -8.92 33.91
N PHE Q 398 4.69 -7.89 34.68
CA PHE Q 398 4.19 -6.61 34.19
C PHE Q 398 4.71 -5.52 35.11
N VAL Q 399 4.70 -4.27 34.62
CA VAL Q 399 5.24 -3.12 35.36
C VAL Q 399 4.24 -1.97 35.27
N MET Q 400 3.57 -1.67 36.38
CA MET Q 400 2.70 -0.50 36.45
C MET Q 400 3.52 0.79 36.48
N ASP Q 401 2.87 1.89 36.06
CA ASP Q 401 3.57 3.14 35.81
C ASP Q 401 4.14 3.79 37.07
N ASP Q 402 3.68 3.38 38.25
CA ASP Q 402 4.29 3.81 39.52
C ASP Q 402 5.67 3.21 39.76
N GLY Q 403 6.16 2.34 38.88
CA GLY Q 403 7.44 1.68 39.06
C GLY Q 403 7.35 0.25 39.57
N ARG Q 404 6.15 -0.21 39.94
CA ARG Q 404 5.98 -1.48 40.62
C ARG Q 404 5.95 -2.64 39.63
N LYS Q 405 6.83 -3.63 39.84
CA LYS Q 405 6.84 -4.84 39.02
C LYS Q 405 5.78 -5.82 39.53
N ASN Q 406 5.64 -6.95 38.82
CA ASN Q 406 4.64 -7.95 39.18
C ASN Q 406 5.07 -9.33 38.72
N HIS Q 407 4.66 -10.34 39.49
CA HIS Q 407 4.72 -11.76 39.13
C HIS Q 407 3.26 -12.17 38.89
N VAL Q 408 2.94 -12.54 37.66
CA VAL Q 408 1.61 -12.36 37.08
C VAL Q 408 0.96 -13.73 36.92
N PRO Q 409 -0.24 -13.97 37.45
CA PRO Q 409 -0.96 -15.20 37.09
C PRO Q 409 -1.59 -15.11 35.71
N ALA Q 410 -1.92 -16.28 35.16
CA ALA Q 410 -2.35 -16.37 33.77
C ALA Q 410 -3.67 -15.67 33.48
N TYR Q 411 -4.55 -15.50 34.49
CA TYR Q 411 -5.76 -14.74 34.23
C TYR Q 411 -5.49 -13.25 34.09
N MET Q 412 -4.40 -12.75 34.66
CA MET Q 412 -4.02 -11.36 34.40
C MET Q 412 -3.50 -11.21 32.97
N VAL Q 413 -2.74 -12.19 32.47
CA VAL Q 413 -2.30 -12.14 31.07
C VAL Q 413 -3.50 -12.22 30.14
N ALA Q 414 -4.54 -12.97 30.55
CA ALA Q 414 -5.74 -13.04 29.73
C ALA Q 414 -6.43 -11.68 29.67
N VAL Q 415 -6.41 -10.94 30.77
CA VAL Q 415 -7.02 -9.61 30.79
C VAL Q 415 -6.20 -8.64 29.93
N ALA Q 416 -4.87 -8.60 30.16
CA ALA Q 416 -4.01 -7.77 29.33
C ALA Q 416 -4.25 -8.03 27.84
N LEU Q 417 -4.36 -9.30 27.48
CA LEU Q 417 -4.69 -9.67 26.11
C LEU Q 417 -6.11 -9.25 25.75
N GLY Q 418 -7.06 -9.44 26.68
CA GLY Q 418 -8.42 -8.97 26.45
C GLY Q 418 -8.50 -7.48 26.17
N GLY Q 419 -7.60 -6.71 26.76
CA GLY Q 419 -7.53 -5.28 26.45
C GLY Q 419 -7.26 -5.01 24.98
N LEU Q 420 -6.45 -5.86 24.34
CA LEU Q 420 -6.26 -5.76 22.90
C LEU Q 420 -7.50 -6.24 22.15
N ALA Q 421 -8.04 -7.40 22.56
CA ALA Q 421 -9.19 -7.97 21.87
C ALA Q 421 -10.38 -7.03 21.86
N SER Q 422 -10.58 -6.28 22.96
CA SER Q 422 -11.66 -5.32 23.04
C SER Q 422 -11.34 -4.03 22.29
N GLY Q 423 -10.10 -3.56 22.38
CA GLY Q 423 -9.74 -2.28 21.79
C GLY Q 423 -9.61 -2.29 20.26
N LEU Q 424 -9.32 -3.44 19.67
CA LEU Q 424 -9.29 -3.50 18.21
C LEU Q 424 -10.69 -3.29 17.62
N GLU Q 425 -10.72 -2.61 16.48
CA GLU Q 425 -11.99 -2.33 15.80
C GLU Q 425 -12.54 -3.64 15.26
N ILE Q 426 -13.88 -3.73 15.22
CA ILE Q 426 -14.62 -4.99 15.07
C ILE Q 426 -14.05 -5.84 13.94
N GLY Q 427 -13.80 -7.11 14.24
CA GLY Q 427 -13.44 -8.12 13.28
C GLY Q 427 -11.95 -8.35 13.12
N GLU Q 428 -11.13 -7.35 13.43
CA GLU Q 428 -9.68 -7.48 13.31
C GLU Q 428 -9.13 -8.33 14.45
N SER Q 429 -8.06 -9.07 14.17
CA SER Q 429 -7.54 -10.09 15.08
C SER Q 429 -6.38 -9.60 15.93
N ILE Q 430 -6.30 -10.18 17.14
CA ILE Q 430 -5.15 -10.05 18.02
C ILE Q 430 -3.88 -10.68 17.45
N THR Q 431 -3.99 -11.60 16.49
CA THR Q 431 -2.87 -12.38 15.95
C THR Q 431 -1.68 -11.50 15.54
N PHE Q 432 -0.48 -11.93 15.94
CA PHE Q 432 0.83 -11.34 15.66
C PHE Q 432 1.01 -9.91 16.19
N LYS Q 433 0.05 -9.35 16.91
CA LYS Q 433 0.24 -8.02 17.49
C LYS Q 433 1.22 -8.10 18.67
N PRO Q 434 1.90 -6.99 19.01
CA PRO Q 434 2.79 -7.02 20.17
C PRO Q 434 2.03 -6.78 21.46
N LEU Q 435 2.40 -7.52 22.51
CA LEU Q 435 1.61 -7.59 23.73
C LEU Q 435 2.19 -6.80 24.91
N ARG Q 436 3.38 -6.21 24.78
CA ARG Q 436 3.95 -5.33 25.79
C ARG Q 436 4.20 -6.01 27.14
N VAL Q 437 4.15 -7.35 27.21
CA VAL Q 437 4.46 -8.06 28.45
C VAL Q 437 5.96 -8.00 28.70
N SER Q 438 6.33 -7.67 29.95
CA SER Q 438 7.71 -7.29 30.24
C SER Q 438 8.63 -8.50 30.25
N SER Q 439 8.19 -9.60 30.86
CA SER Q 439 8.96 -10.84 30.82
C SER Q 439 8.01 -12.01 31.06
N LEU Q 440 8.43 -13.18 30.60
CA LEU Q 440 7.57 -14.36 30.55
C LEU Q 440 8.30 -15.57 31.12
N ASP Q 441 7.53 -16.48 31.72
CA ASP Q 441 8.07 -17.70 32.32
C ASP Q 441 8.23 -18.78 31.24
N GLN Q 442 9.11 -18.48 30.30
CA GLN Q 442 9.14 -19.15 29.00
C GLN Q 442 9.62 -20.59 29.12
N ILE Q 443 8.68 -21.51 28.89
CA ILE Q 443 8.97 -22.92 28.66
C ILE Q 443 8.50 -23.37 27.27
N TYR Q 444 7.77 -22.51 26.55
CA TYR Q 444 6.83 -22.93 25.51
C TYR Q 444 7.51 -22.71 24.17
N GLU Q 445 8.27 -23.72 23.75
CA GLU Q 445 9.15 -23.63 22.61
C GLU Q 445 8.37 -23.73 21.30
N SER Q 446 9.10 -23.62 20.19
CA SER Q 446 8.54 -23.75 18.86
C SER Q 446 7.63 -24.98 18.71
N ILE Q 447 8.10 -26.16 19.12
CA ILE Q 447 7.24 -27.35 19.04
C ILE Q 447 5.98 -27.16 19.88
N ASP Q 448 6.08 -26.51 21.05
CA ASP Q 448 4.88 -26.35 21.85
C ASP Q 448 3.88 -25.41 21.18
N LEU Q 449 4.37 -24.47 20.36
CA LEU Q 449 3.50 -23.59 19.60
C LEU Q 449 2.87 -24.29 18.40
N ASP Q 450 3.17 -25.58 18.18
CA ASP Q 450 2.36 -26.47 17.35
C ASP Q 450 1.37 -27.27 18.18
N GLU Q 451 1.81 -27.81 19.33
CA GLU Q 451 0.96 -28.70 20.11
C GLU Q 451 -0.07 -27.91 20.92
N LEU Q 452 0.36 -26.84 21.59
CA LEU Q 452 -0.60 -26.00 22.29
C LEU Q 452 -1.59 -25.40 21.31
N ASN Q 453 -1.11 -24.90 20.18
CA ASN Q 453 -1.99 -24.12 19.31
C ASN Q 453 -2.95 -25.02 18.53
N GLU Q 454 -2.48 -26.19 18.07
CA GLU Q 454 -3.35 -27.07 17.30
C GLU Q 454 -4.44 -27.70 18.17
N ASN Q 455 -4.18 -27.84 19.47
CA ASN Q 455 -5.24 -28.25 20.40
C ASN Q 455 -6.16 -27.09 20.80
N GLY Q 456 -5.96 -25.90 20.25
CA GLY Q 456 -6.82 -24.78 20.56
C GLY Q 456 -6.53 -24.10 21.89
N ILE Q 457 -5.29 -23.67 22.09
CA ILE Q 457 -4.88 -22.95 23.31
C ILE Q 457 -3.95 -21.81 22.89
N ILE Q 458 -4.29 -20.58 23.30
CA ILE Q 458 -3.51 -19.39 22.98
C ILE Q 458 -2.20 -19.36 23.76
N SER Q 459 -1.15 -18.89 23.09
CA SER Q 459 0.15 -18.65 23.71
C SER Q 459 0.86 -17.45 23.10
N ILE Q 460 1.86 -16.97 23.83
CA ILE Q 460 2.78 -15.91 23.40
C ILE Q 460 4.11 -16.57 23.08
N GLU Q 461 4.67 -16.23 21.94
CA GLU Q 461 5.99 -16.72 21.53
C GLU Q 461 7.04 -15.71 21.96
N PHE Q 462 8.18 -16.20 22.49
CA PHE Q 462 9.31 -15.28 22.58
C PHE Q 462 9.84 -15.07 21.18
N VAL Q 463 9.97 -13.81 20.80
CA VAL Q 463 10.28 -13.45 19.41
C VAL Q 463 11.33 -12.35 19.43
N ARG Q 464 12.41 -12.57 18.68
CA ARG Q 464 13.55 -11.67 18.59
C ARG Q 464 13.40 -10.65 17.46
N ASN Q 465 12.16 -10.25 17.15
CA ASN Q 465 11.92 -9.22 16.12
C ASN Q 465 12.15 -7.87 16.79
N ARG Q 466 13.36 -7.36 16.63
CA ARG Q 466 13.83 -6.20 17.39
C ARG Q 466 13.14 -4.90 17.04
N THR Q 467 12.33 -4.82 15.98
CA THR Q 467 11.87 -3.49 15.55
C THR Q 467 10.84 -2.89 16.50
N ASN Q 468 10.32 -3.66 17.44
CA ASN Q 468 9.32 -3.20 18.40
C ASN Q 468 9.55 -3.98 19.69
N THR Q 469 8.62 -3.90 20.64
CA THR Q 469 8.76 -4.70 21.85
C THR Q 469 8.58 -6.17 21.48
N PHE Q 470 9.36 -7.04 22.13
CA PHE Q 470 9.66 -8.35 21.56
C PHE Q 470 8.42 -9.24 21.45
N PHE Q 471 7.78 -9.55 22.59
CA PHE Q 471 6.79 -10.61 22.64
C PHE Q 471 5.61 -10.37 21.69
N ARG Q 472 5.11 -11.43 21.04
CA ARG Q 472 3.88 -11.35 20.26
C ARG Q 472 3.06 -12.64 20.36
N ILE Q 473 1.74 -12.48 20.27
CA ILE Q 473 0.78 -13.58 20.34
C ILE Q 473 0.77 -14.35 19.03
N VAL Q 474 0.72 -15.68 19.11
CA VAL Q 474 0.80 -16.51 17.90
C VAL Q 474 -0.54 -16.56 17.16
N ASP Q 475 -1.66 -16.70 17.86
CA ASP Q 475 -2.92 -17.06 17.23
C ASP Q 475 -4.09 -16.59 18.10
N ASP Q 476 -5.28 -16.60 17.48
CA ASP Q 476 -6.54 -16.19 18.10
C ASP Q 476 -7.52 -17.35 18.26
N VAL Q 477 -7.01 -18.57 18.45
CA VAL Q 477 -7.84 -19.78 18.47
C VAL Q 477 -8.62 -19.90 19.78
N THR Q 478 -9.81 -20.50 19.69
CA THR Q 478 -10.67 -20.77 20.85
C THR Q 478 -10.37 -22.15 21.47
N THR Q 479 -11.00 -22.43 22.62
CA THR Q 479 -10.84 -23.69 23.35
C THR Q 479 -11.51 -24.89 22.66
N PHE Q 480 -12.27 -24.67 21.59
CA PHE Q 480 -13.09 -25.73 21.02
C PHE Q 480 -12.23 -26.74 20.26
N ASN Q 481 -12.52 -28.03 20.47
CA ASN Q 481 -11.60 -29.10 20.08
C ASN Q 481 -11.46 -29.28 18.57
N ASP Q 482 -12.41 -28.81 17.77
CA ASP Q 482 -12.48 -29.14 16.34
C ASP Q 482 -11.99 -27.97 15.49
N LYS Q 483 -11.00 -28.26 14.63
CA LYS Q 483 -10.40 -27.26 13.72
C LYS Q 483 -11.37 -26.78 12.65
N SER Q 484 -12.32 -27.61 12.24
CA SER Q 484 -12.96 -27.46 10.93
C SER Q 484 -13.72 -26.14 10.80
N ASP Q 485 -14.68 -25.87 11.70
CA ASP Q 485 -15.56 -24.74 11.52
C ASP Q 485 -14.85 -23.47 12.00
N PRO Q 486 -14.57 -22.48 11.15
CA PRO Q 486 -13.84 -21.31 11.64
C PRO Q 486 -14.64 -20.42 12.60
N VAL Q 487 -15.97 -20.39 12.46
CA VAL Q 487 -16.81 -19.60 13.36
C VAL Q 487 -16.64 -20.07 14.81
N LYS Q 488 -16.48 -21.38 15.01
CA LYS Q 488 -16.17 -21.91 16.33
C LYS Q 488 -14.70 -21.72 16.68
N ALA Q 489 -13.82 -21.97 15.70
CA ALA Q 489 -12.39 -22.08 16.00
C ALA Q 489 -11.73 -20.72 16.25
N GLU Q 490 -12.03 -19.70 15.45
CA GLU Q 490 -11.25 -18.47 15.40
C GLU Q 490 -12.03 -17.30 15.99
N MET Q 491 -11.49 -16.70 17.05
CA MET Q 491 -12.17 -15.60 17.73
C MET Q 491 -12.45 -14.43 16.78
N ALA Q 492 -11.52 -14.11 15.88
CA ALA Q 492 -11.77 -12.99 14.96
C ALA Q 492 -12.85 -13.29 13.92
N VAL Q 493 -13.26 -14.55 13.76
CA VAL Q 493 -14.39 -14.88 12.88
C VAL Q 493 -15.70 -14.86 13.65
N GLY Q 494 -15.71 -15.47 14.84
CA GLY Q 494 -16.91 -15.46 15.67
C GLY Q 494 -17.40 -14.06 15.99
N GLU Q 495 -16.46 -13.12 16.15
CA GLU Q 495 -16.86 -11.75 16.46
C GLU Q 495 -17.68 -11.13 15.33
N ALA Q 496 -17.16 -11.18 14.10
CA ALA Q 496 -17.89 -10.62 12.96
C ALA Q 496 -19.18 -11.41 12.69
N ASN Q 497 -19.16 -12.73 12.91
CA ASN Q 497 -20.39 -13.51 12.83
C ASN Q 497 -21.45 -12.98 13.79
N ASP Q 498 -21.10 -12.76 15.06
CA ASP Q 498 -22.10 -12.34 16.04
C ASP Q 498 -22.72 -10.99 15.66
N PHE Q 499 -21.89 -10.05 15.21
CA PHE Q 499 -22.41 -8.71 14.91
C PHE Q 499 -23.27 -8.72 13.65
N LEU Q 500 -22.91 -9.53 12.65
CA LEU Q 500 -23.72 -9.58 11.44
C LEU Q 500 -25.05 -10.27 11.72
N VAL Q 501 -25.01 -11.38 12.46
CA VAL Q 501 -26.23 -12.10 12.84
C VAL Q 501 -27.19 -11.15 13.55
N SER Q 502 -26.69 -10.46 14.58
CA SER Q 502 -27.54 -9.59 15.39
C SER Q 502 -28.15 -8.46 14.58
N GLU Q 503 -27.37 -7.84 13.70
CA GLU Q 503 -27.91 -6.71 12.94
C GLU Q 503 -28.95 -7.18 11.93
N LEU Q 504 -28.69 -8.29 11.24
CA LEU Q 504 -29.69 -8.84 10.33
C LEU Q 504 -30.94 -9.29 11.08
N LYS Q 505 -30.79 -9.78 12.31
CA LYS Q 505 -31.95 -10.02 13.16
C LYS Q 505 -32.77 -8.76 13.38
N VAL Q 506 -32.12 -7.65 13.76
CA VAL Q 506 -32.86 -6.43 14.07
C VAL Q 506 -33.55 -5.88 12.82
N GLN Q 507 -32.86 -5.91 11.68
CA GLN Q 507 -33.46 -5.41 10.44
C GLN Q 507 -34.72 -6.20 10.06
N LEU Q 508 -34.66 -7.53 10.16
CA LEU Q 508 -35.84 -8.33 9.85
C LEU Q 508 -36.94 -8.13 10.88
N GLU Q 509 -36.56 -7.84 12.13
CA GLU Q 509 -37.57 -7.48 13.12
C GLU Q 509 -38.23 -6.16 12.77
N ASP Q 510 -37.42 -5.20 12.33
CA ASP Q 510 -37.91 -3.88 11.93
C ASP Q 510 -38.87 -3.96 10.75
N GLN Q 511 -38.41 -4.57 9.66
CA GLN Q 511 -39.11 -4.44 8.38
C GLN Q 511 -40.35 -5.33 8.31
N PHE Q 512 -40.29 -6.54 8.89
CA PHE Q 512 -41.28 -7.58 8.60
C PHE Q 512 -42.04 -8.10 9.81
N ILE Q 513 -41.35 -8.51 10.88
CA ILE Q 513 -42.05 -9.16 11.99
C ILE Q 513 -42.84 -8.16 12.84
N GLY Q 514 -42.73 -6.86 12.53
CA GLY Q 514 -43.69 -5.92 13.07
C GLY Q 514 -45.05 -6.01 12.37
N THR Q 515 -45.18 -6.94 11.43
CA THR Q 515 -46.42 -7.53 10.93
C THR Q 515 -47.43 -6.48 10.47
N ARG Q 516 -47.05 -5.71 9.44
CA ARG Q 516 -48.09 -4.89 8.82
C ARG Q 516 -49.07 -5.75 8.01
N THR Q 517 -48.56 -6.73 7.27
CA THR Q 517 -49.43 -7.58 6.45
C THR Q 517 -48.71 -8.85 6.00
N ILE Q 518 -49.52 -9.85 5.62
CA ILE Q 518 -49.04 -11.00 4.86
C ILE Q 518 -48.84 -10.68 3.39
N ASN Q 519 -49.48 -9.63 2.87
CA ASN Q 519 -49.42 -9.30 1.45
C ASN Q 519 -48.09 -8.61 1.12
N THR Q 520 -47.00 -9.35 1.34
CA THR Q 520 -45.67 -8.90 0.91
C THR Q 520 -44.87 -10.18 0.70
N SER Q 521 -44.71 -10.57 -0.56
CA SER Q 521 -44.24 -11.91 -0.92
C SER Q 521 -42.84 -12.20 -0.40
N ALA Q 522 -42.50 -13.49 -0.45
CA ALA Q 522 -41.13 -13.97 -0.40
C ALA Q 522 -40.22 -13.21 -1.36
N SER Q 523 -40.74 -12.93 -2.56
CA SER Q 523 -39.95 -12.25 -3.58
C SER Q 523 -39.50 -10.86 -3.12
N ILE Q 524 -40.32 -10.16 -2.33
CA ILE Q 524 -39.89 -8.87 -1.82
C ILE Q 524 -38.93 -9.05 -0.64
N ILE Q 525 -39.03 -10.16 0.10
CA ILE Q 525 -38.02 -10.42 1.14
C ILE Q 525 -36.67 -10.67 0.50
N LYS Q 526 -36.66 -11.43 -0.61
CA LYS Q 526 -35.44 -11.61 -1.40
C LYS Q 526 -34.85 -10.27 -1.82
N ASP Q 527 -35.71 -9.32 -2.23
CA ASP Q 527 -35.25 -8.01 -2.65
C ASP Q 527 -34.69 -7.20 -1.49
N PHE Q 528 -35.39 -7.22 -0.34
CA PHE Q 528 -34.91 -6.50 0.84
C PHE Q 528 -33.55 -7.03 1.29
N ILE Q 529 -33.41 -8.35 1.34
CA ILE Q 529 -32.18 -8.96 1.83
C ILE Q 529 -31.02 -8.64 0.90
N GLN Q 530 -31.27 -8.62 -0.41
CA GLN Q 530 -30.21 -8.26 -1.36
C GLN Q 530 -29.87 -6.78 -1.28
N SER Q 531 -30.88 -5.92 -1.12
CA SER Q 531 -30.62 -4.52 -0.77
C SER Q 531 -29.69 -4.42 0.43
N TYR Q 532 -30.05 -5.10 1.53
CA TYR Q 532 -29.28 -5.03 2.76
C TYR Q 532 -27.84 -5.46 2.56
N LEU Q 533 -27.63 -6.64 1.96
CA LEU Q 533 -26.26 -7.11 1.73
C LEU Q 533 -25.52 -6.22 0.75
N GLY Q 534 -26.22 -5.41 -0.04
CA GLY Q 534 -25.53 -4.46 -0.91
C GLY Q 534 -24.86 -3.36 -0.10
N ARG Q 535 -25.45 -2.99 1.05
CA ARG Q 535 -24.78 -2.05 1.94
C ARG Q 535 -23.59 -2.69 2.64
N LYS Q 536 -23.69 -3.98 2.97
CA LYS Q 536 -22.55 -4.67 3.58
C LYS Q 536 -21.40 -4.83 2.61
N LYS Q 537 -21.70 -5.05 1.32
CA LYS Q 537 -20.66 -5.01 0.30
C LYS Q 537 -20.16 -3.58 0.05
N ARG Q 538 -21.03 -2.58 0.11
CA ARG Q 538 -20.59 -1.21 -0.14
C ARG Q 538 -19.71 -0.70 0.99
N ASP Q 539 -20.05 -1.02 2.24
CA ASP Q 539 -19.37 -0.45 3.40
C ASP Q 539 -18.22 -1.29 3.93
N ASN Q 540 -17.88 -2.38 3.24
CA ASN Q 540 -16.66 -3.15 3.51
C ASN Q 540 -16.68 -3.84 4.87
N GLU Q 541 -17.64 -4.74 5.08
CA GLU Q 541 -17.59 -5.71 6.16
C GLU Q 541 -17.71 -7.16 5.70
N ILE Q 542 -18.10 -7.39 4.45
CA ILE Q 542 -18.11 -8.71 3.84
C ILE Q 542 -17.33 -8.61 2.53
N GLN Q 543 -16.64 -9.69 2.16
CA GLN Q 543 -15.85 -9.66 0.94
C GLN Q 543 -16.74 -9.59 -0.29
N ASP Q 544 -17.78 -10.42 -0.32
CA ASP Q 544 -18.73 -10.45 -1.42
C ASP Q 544 -19.91 -11.29 -0.98
N PHE Q 545 -21.00 -11.24 -1.75
CA PHE Q 545 -22.08 -12.19 -1.60
C PHE Q 545 -22.65 -12.55 -2.97
N PRO Q 546 -22.73 -13.86 -3.32
CA PRO Q 546 -23.35 -14.20 -4.62
C PRO Q 546 -24.85 -14.01 -4.53
N ALA Q 547 -25.33 -12.82 -4.93
CA ALA Q 547 -26.73 -12.46 -4.74
C ALA Q 547 -27.69 -13.49 -5.33
N GLU Q 548 -27.28 -14.17 -6.40
CA GLU Q 548 -28.11 -15.21 -7.00
C GLU Q 548 -28.38 -16.35 -6.03
N ASP Q 549 -27.46 -16.63 -5.11
CA ASP Q 549 -27.67 -17.72 -4.17
C ASP Q 549 -28.87 -17.53 -3.25
N VAL Q 550 -29.38 -16.31 -3.06
CA VAL Q 550 -30.38 -16.14 -2.01
C VAL Q 550 -31.66 -16.85 -2.41
N GLN Q 551 -32.09 -17.83 -1.60
CA GLN Q 551 -33.31 -18.59 -1.84
C GLN Q 551 -34.29 -18.34 -0.70
N VAL Q 552 -35.55 -18.04 -1.05
CA VAL Q 552 -36.57 -17.57 -0.11
C VAL Q 552 -37.85 -18.38 -0.31
N ILE Q 553 -38.45 -18.84 0.80
CA ILE Q 553 -39.76 -19.48 0.80
C ILE Q 553 -40.64 -18.83 1.87
N VAL Q 554 -41.95 -18.84 1.62
CA VAL Q 554 -42.95 -18.30 2.54
C VAL Q 554 -44.05 -19.34 2.71
N GLU Q 555 -44.52 -19.49 3.95
CA GLU Q 555 -45.41 -20.55 4.39
C GLU Q 555 -46.56 -19.96 5.19
N GLY Q 556 -47.12 -18.86 4.70
CA GLY Q 556 -48.26 -18.18 5.34
C GLY Q 556 -47.80 -17.08 6.30
N ASN Q 557 -47.96 -17.32 7.59
CA ASN Q 557 -47.53 -16.40 8.64
C ASN Q 557 -46.06 -16.61 9.07
N GLU Q 558 -45.23 -17.23 8.23
CA GLU Q 558 -43.82 -17.47 8.50
C GLU Q 558 -43.10 -17.48 7.15
N ALA Q 559 -41.80 -17.14 7.16
CA ALA Q 559 -40.97 -17.27 5.98
C ALA Q 559 -39.57 -17.74 6.36
N ARG Q 560 -38.81 -18.18 5.35
CA ARG Q 560 -37.49 -18.77 5.57
C ARG Q 560 -36.56 -18.44 4.40
N ILE Q 561 -35.26 -18.29 4.70
CA ILE Q 561 -34.25 -17.83 3.75
C ILE Q 561 -33.01 -18.72 3.82
N SER Q 562 -32.31 -18.86 2.68
CA SER Q 562 -30.93 -19.36 2.65
C SER Q 562 -30.08 -18.43 1.81
N MET Q 563 -28.81 -18.27 2.21
CA MET Q 563 -27.91 -17.31 1.58
C MET Q 563 -26.46 -17.79 1.74
N THR Q 564 -25.56 -17.12 1.00
CA THR Q 564 -24.12 -17.34 1.09
C THR Q 564 -23.42 -16.00 1.23
N VAL Q 565 -22.35 -15.97 2.03
CA VAL Q 565 -21.54 -14.78 2.25
C VAL Q 565 -20.09 -15.24 2.33
N TYR Q 566 -19.17 -14.46 1.75
CA TYR Q 566 -17.75 -14.75 1.84
C TYR Q 566 -17.15 -13.88 2.95
N PRO Q 567 -16.79 -14.44 4.10
CA PRO Q 567 -16.40 -13.58 5.24
C PRO Q 567 -15.06 -12.89 5.06
N ILE Q 568 -14.91 -11.75 5.74
CA ILE Q 568 -13.61 -11.10 5.88
C ILE Q 568 -12.85 -11.78 7.00
N ARG Q 569 -11.55 -11.95 6.80
CA ARG Q 569 -10.68 -12.60 7.78
C ARG Q 569 -9.34 -11.88 7.76
N SER Q 570 -8.50 -12.18 8.73
CA SER Q 570 -7.10 -11.82 8.59
C SER Q 570 -6.42 -12.84 7.69
N PHE Q 571 -5.31 -12.42 7.08
CA PHE Q 571 -4.39 -13.39 6.53
C PHE Q 571 -3.77 -14.20 7.67
N LYS Q 572 -3.47 -15.47 7.40
CA LYS Q 572 -2.75 -16.31 8.36
C LYS Q 572 -1.62 -17.14 7.78
N LYS Q 573 -1.68 -17.52 6.50
CA LYS Q 573 -0.53 -18.10 5.80
C LYS Q 573 -0.19 -17.20 4.61
N ILE Q 574 1.07 -16.79 4.51
CA ILE Q 574 1.59 -16.11 3.32
C ILE Q 574 2.58 -17.05 2.65
N SER Q 575 2.29 -17.43 1.41
CA SER Q 575 3.16 -18.29 0.62
C SER Q 575 3.66 -17.54 -0.61
N VAL Q 576 4.98 -17.51 -0.79
CA VAL Q 576 5.64 -16.89 -1.92
C VAL Q 576 6.36 -18.00 -2.69
N SER Q 577 6.23 -17.99 -4.01
CA SER Q 577 7.05 -18.83 -4.88
C SER Q 577 7.95 -17.91 -5.71
N LEU Q 578 9.23 -18.27 -5.76
CA LEU Q 578 10.29 -17.40 -6.27
C LEU Q 578 11.05 -18.14 -7.36
N VAL Q 579 11.02 -17.59 -8.59
CA VAL Q 579 11.43 -18.32 -9.79
C VAL Q 579 12.46 -17.52 -10.59
N TYR Q 580 13.36 -18.23 -11.27
CA TYR Q 580 14.55 -17.69 -11.93
C TYR Q 580 14.41 -17.64 -13.46
N LYS Q 581 15.31 -16.85 -14.08
CA LYS Q 581 15.26 -16.53 -15.50
C LYS Q 581 16.64 -16.55 -16.15
N GLN Q 582 16.63 -16.52 -17.49
CA GLN Q 582 17.80 -16.59 -18.39
C GLN Q 582 18.90 -17.54 -17.89
N ALA R 2 -55.07 -6.02 -52.65
CA ALA R 2 -55.98 -6.63 -51.64
C ALA R 2 -55.41 -7.97 -51.13
N SER R 3 -55.27 -8.96 -52.01
CA SER R 3 -54.82 -10.27 -51.56
C SER R 3 -53.34 -10.24 -51.18
N GLU R 4 -53.00 -11.09 -50.21
CA GLU R 4 -51.66 -11.16 -49.62
C GLU R 4 -50.57 -11.31 -50.67
N ALA R 5 -50.67 -12.34 -51.51
CA ALA R 5 -49.63 -12.59 -52.49
C ALA R 5 -49.63 -11.57 -53.62
N LYS R 6 -50.73 -10.84 -53.82
CA LYS R 6 -50.94 -10.03 -55.01
C LYS R 6 -50.89 -8.52 -54.76
N GLN R 7 -50.94 -8.05 -53.51
CA GLN R 7 -50.67 -6.64 -53.26
C GLN R 7 -49.22 -6.33 -53.65
N THR R 8 -48.89 -5.04 -53.79
CA THR R 8 -47.48 -4.65 -53.94
C THR R 8 -47.13 -3.45 -53.06
N VAL R 9 -47.62 -3.46 -51.82
CA VAL R 9 -47.13 -2.58 -50.76
C VAL R 9 -47.16 -3.36 -49.45
N HIS R 10 -46.17 -3.11 -48.58
CA HIS R 10 -46.12 -3.75 -47.27
C HIS R 10 -47.05 -3.05 -46.30
N THR R 11 -48.05 -3.78 -45.83
CA THR R 11 -48.78 -3.40 -44.63
C THR R 11 -48.04 -3.99 -43.44
N GLY R 12 -48.24 -3.38 -42.27
CA GLY R 12 -47.72 -3.96 -41.02
C GLY R 12 -48.20 -5.38 -40.77
N ASN R 13 -49.26 -5.79 -41.46
CA ASN R 13 -49.72 -7.17 -41.41
C ASN R 13 -48.63 -8.13 -41.90
N THR R 14 -48.08 -7.91 -43.09
CA THR R 14 -47.18 -8.84 -43.78
C THR R 14 -45.70 -8.72 -43.36
N VAL R 15 -45.40 -8.07 -42.23
CA VAL R 15 -44.03 -7.91 -41.76
C VAL R 15 -43.88 -8.51 -40.38
N LEU R 16 -42.94 -9.46 -40.25
CA LEU R 16 -42.46 -9.91 -38.94
C LEU R 16 -41.23 -9.15 -38.53
N LEU R 17 -41.07 -8.98 -37.22
CA LEU R 17 -39.90 -8.37 -36.60
C LEU R 17 -39.22 -9.44 -35.77
N MET R 18 -37.96 -9.71 -36.08
CA MET R 18 -37.19 -10.78 -35.45
C MET R 18 -35.92 -10.21 -34.82
N ILE R 19 -35.47 -10.85 -33.73
CA ILE R 19 -34.39 -10.33 -32.90
C ILE R 19 -33.79 -11.47 -32.07
N LYS R 20 -32.46 -11.60 -32.12
CA LYS R 20 -31.74 -12.75 -31.55
C LYS R 20 -32.36 -14.06 -32.04
N GLY R 21 -32.66 -14.10 -33.33
CA GLY R 21 -33.18 -15.30 -33.98
C GLY R 21 -34.49 -15.81 -33.42
N LYS R 22 -35.40 -14.90 -33.06
CA LYS R 22 -36.65 -15.28 -32.41
C LYS R 22 -37.71 -14.22 -32.74
N PRO R 23 -38.94 -14.60 -33.10
CA PRO R 23 -39.96 -13.58 -33.37
C PRO R 23 -40.45 -12.91 -32.10
N VAL R 24 -40.89 -11.65 -32.23
CA VAL R 24 -41.35 -10.85 -31.09
C VAL R 24 -42.88 -10.89 -31.03
N GLY R 25 -43.41 -11.09 -29.83
CA GLY R 25 -44.83 -10.92 -29.59
C GLY R 25 -45.19 -9.52 -29.14
N ARG R 26 -46.22 -8.96 -29.78
CA ARG R 26 -46.85 -7.70 -29.36
C ARG R 26 -45.90 -6.53 -29.46
N ALA R 27 -45.09 -6.51 -30.52
CA ALA R 27 -44.37 -5.31 -30.89
C ALA R 27 -45.31 -4.35 -31.62
N GLN R 28 -44.94 -3.06 -31.63
CA GLN R 28 -45.81 -2.01 -32.16
C GLN R 28 -45.14 -1.25 -33.30
N SER R 29 -44.10 -0.45 -33.04
CA SER R 29 -43.39 0.27 -34.08
C SER R 29 -41.93 -0.16 -34.10
N ALA R 30 -41.30 0.04 -35.26
CA ALA R 30 -39.95 -0.42 -35.59
C ALA R 30 -39.39 0.59 -36.58
N SER R 31 -39.16 1.80 -36.06
CA SER R 31 -38.67 2.92 -36.86
C SER R 31 -37.16 2.89 -36.95
N GLY R 32 -36.64 2.91 -38.19
CA GLY R 32 -35.21 2.91 -38.45
C GLY R 32 -34.73 4.15 -39.17
N GLN R 33 -33.93 4.96 -38.50
CA GLN R 33 -33.51 6.26 -39.02
C GLN R 33 -32.00 6.28 -39.23
N ARG R 34 -31.57 6.98 -40.28
CA ARG R 34 -30.17 7.03 -40.68
C ARG R 34 -29.77 8.45 -41.08
N GLU R 35 -28.55 8.83 -40.70
CA GLU R 35 -27.95 10.11 -41.09
C GLU R 35 -26.51 9.87 -41.50
N TYR R 36 -26.17 10.18 -42.75
CA TYR R 36 -24.81 10.08 -43.25
C TYR R 36 -24.07 11.41 -43.18
N GLY R 37 -24.40 12.23 -42.18
CA GLY R 37 -23.83 13.55 -41.95
C GLY R 37 -23.39 14.36 -43.16
N THR R 38 -24.19 14.33 -44.24
CA THR R 38 -23.72 14.84 -45.52
C THR R 38 -23.68 16.35 -45.47
N THR R 39 -22.55 16.95 -45.83
CA THR R 39 -22.48 18.41 -45.82
C THR R 39 -21.41 18.81 -46.84
N GLY R 40 -21.85 19.28 -48.01
CA GLY R 40 -20.94 19.44 -49.12
C GLY R 40 -19.99 20.60 -48.87
N VAL R 41 -18.85 20.55 -49.55
CA VAL R 41 -17.80 21.54 -49.34
C VAL R 41 -18.23 22.86 -49.98
N TYR R 42 -18.38 23.90 -49.16
CA TYR R 42 -18.43 25.25 -49.69
C TYR R 42 -17.02 25.76 -49.94
N GLU R 43 -16.92 26.84 -50.71
CA GLU R 43 -15.70 27.19 -51.44
C GLU R 43 -15.74 28.67 -51.80
N ILE R 44 -14.76 29.45 -51.33
CA ILE R 44 -14.77 30.90 -51.58
C ILE R 44 -14.53 31.14 -53.06
N GLY R 45 -15.32 32.05 -53.65
CA GLY R 45 -15.36 32.23 -55.09
C GLY R 45 -16.59 31.62 -55.74
N SER R 46 -17.41 30.85 -55.00
CA SER R 46 -18.72 30.53 -55.57
C SER R 46 -19.76 30.32 -54.48
N ILE R 47 -21.02 30.52 -54.90
CA ILE R 47 -22.17 30.50 -53.99
C ILE R 47 -22.60 29.10 -53.58
N MET R 48 -22.26 28.08 -54.38
CA MET R 48 -22.92 26.78 -54.31
C MET R 48 -21.92 25.65 -54.00
N PRO R 49 -22.39 24.54 -53.41
CA PRO R 49 -21.45 23.49 -52.99
C PRO R 49 -20.90 22.72 -54.18
N GLN R 50 -19.61 22.37 -54.10
CA GLN R 50 -18.95 21.75 -55.24
C GLN R 50 -19.31 20.28 -55.37
N GLU R 51 -19.36 19.56 -54.24
CA GLU R 51 -19.77 18.16 -54.22
C GLU R 51 -20.22 17.82 -52.82
N HIS R 52 -21.22 16.95 -52.73
CA HIS R 52 -21.77 16.57 -51.43
C HIS R 52 -21.09 15.31 -50.91
N VAL R 53 -20.56 15.39 -49.69
CA VAL R 53 -19.62 14.40 -49.17
C VAL R 53 -20.01 14.03 -47.74
N TYR R 54 -19.68 12.79 -47.37
CA TYR R 54 -20.20 12.15 -46.17
C TYR R 54 -19.19 12.25 -45.02
N LEU R 55 -19.69 12.68 -43.84
CA LEU R 55 -18.85 13.04 -42.71
C LEU R 55 -18.99 12.15 -41.48
N ARG R 56 -20.11 11.44 -41.28
CA ARG R 56 -20.20 10.40 -40.24
C ARG R 56 -21.50 9.60 -40.32
N TYR R 57 -21.38 8.29 -40.45
CA TYR R 57 -22.55 7.41 -40.41
C TYR R 57 -23.21 7.45 -39.03
N GLU R 58 -24.54 7.39 -39.04
CA GLU R 58 -25.36 7.34 -37.83
C GLU R 58 -26.60 6.51 -38.08
N GLY R 59 -26.83 5.51 -37.22
CA GLY R 59 -27.91 4.56 -37.39
C GLY R 59 -28.65 4.27 -36.09
N THR R 60 -29.94 4.57 -36.07
CA THR R 60 -30.82 4.36 -34.92
C THR R 60 -32.02 3.53 -35.36
N ILE R 61 -32.37 2.53 -34.57
CA ILE R 61 -33.58 1.73 -34.77
C ILE R 61 -34.33 1.74 -33.44
N THR R 62 -35.56 2.24 -33.45
CA THR R 62 -36.41 2.28 -32.26
C THR R 62 -37.47 1.19 -32.35
N VAL R 63 -37.65 0.45 -31.26
CA VAL R 63 -38.67 -0.58 -31.15
C VAL R 63 -39.52 -0.25 -29.93
N GLU R 64 -40.84 -0.34 -30.09
CA GLU R 64 -41.83 -0.09 -29.04
C GLU R 64 -42.76 -1.30 -28.98
N ARG R 65 -43.05 -1.72 -27.76
CA ARG R 65 -43.70 -2.98 -27.41
C ARG R 65 -44.58 -2.87 -26.17
N LEU R 66 -45.73 -3.56 -26.21
CA LEU R 66 -46.58 -3.70 -25.02
C LEU R 66 -45.85 -4.63 -24.07
N ARG R 67 -45.87 -4.33 -22.76
CA ARG R 67 -45.06 -5.15 -21.85
C ARG R 67 -45.73 -6.50 -21.62
N MET R 68 -45.09 -7.58 -22.11
CA MET R 68 -45.65 -8.90 -21.87
C MET R 68 -45.24 -9.44 -20.51
N LYS R 69 -46.09 -10.33 -19.98
CA LYS R 69 -45.94 -10.82 -18.61
C LYS R 69 -44.64 -11.60 -18.46
N LYS R 70 -44.25 -12.34 -19.49
CA LYS R 70 -42.96 -13.02 -19.57
C LYS R 70 -42.32 -12.62 -20.90
N GLU R 71 -41.06 -13.01 -21.08
CA GLU R 71 -40.29 -12.72 -22.31
C GLU R 71 -40.40 -11.26 -22.72
N ASN R 72 -40.27 -10.39 -21.74
CA ASN R 72 -40.02 -8.97 -21.98
C ASN R 72 -38.56 -8.81 -22.44
N PHE R 73 -38.20 -7.60 -22.88
CA PHE R 73 -36.85 -7.41 -23.42
C PHE R 73 -35.75 -7.54 -22.37
N ALA R 74 -36.07 -7.54 -21.07
CA ALA R 74 -35.10 -8.01 -20.07
C ALA R 74 -35.01 -9.52 -20.01
N ASP R 75 -36.14 -10.21 -20.09
CA ASP R 75 -36.12 -11.67 -20.06
C ASP R 75 -35.51 -12.23 -21.33
N LEU R 76 -35.79 -11.62 -22.48
CA LEU R 76 -35.11 -12.06 -23.69
C LEU R 76 -33.64 -11.61 -23.71
N GLY R 77 -33.20 -10.83 -22.72
CA GLY R 77 -31.81 -10.54 -22.48
C GLY R 77 -31.29 -9.27 -23.14
N TYR R 78 -32.12 -8.59 -23.93
CA TYR R 78 -31.63 -7.44 -24.70
C TYR R 78 -31.39 -6.24 -23.80
N ALA R 79 -32.41 -5.82 -23.08
CA ALA R 79 -32.36 -4.71 -22.13
C ALA R 79 -31.78 -5.17 -20.80
N SER R 80 -31.31 -4.20 -20.02
CA SER R 80 -30.81 -4.53 -18.69
C SER R 80 -30.71 -3.29 -17.82
N LEU R 81 -30.59 -3.52 -16.52
CA LEU R 81 -30.68 -2.50 -15.48
C LEU R 81 -29.36 -2.46 -14.71
N GLY R 82 -28.82 -1.26 -14.50
CA GLY R 82 -27.57 -1.04 -13.79
C GLY R 82 -26.31 -1.45 -14.57
N GLU R 83 -25.24 -1.67 -13.79
CA GLU R 83 -23.92 -2.02 -14.35
C GLU R 83 -23.93 -3.25 -15.25
N GLU R 84 -24.93 -4.12 -15.11
CA GLU R 84 -24.97 -5.42 -15.78
C GLU R 84 -24.87 -5.31 -17.30
N ILE R 85 -25.10 -4.13 -17.86
CA ILE R 85 -25.05 -3.88 -19.29
C ILE R 85 -23.66 -4.16 -19.84
N LEU R 86 -22.62 -3.87 -19.06
CA LEU R 86 -21.27 -4.14 -19.55
C LEU R 86 -21.08 -5.61 -19.86
N LYS R 87 -21.83 -6.50 -19.19
CA LYS R 87 -21.77 -7.91 -19.55
C LYS R 87 -22.47 -8.23 -20.85
N LYS R 88 -23.24 -7.30 -21.44
CA LYS R 88 -24.03 -7.64 -22.60
C LYS R 88 -23.17 -7.62 -23.87
N ASP R 89 -23.71 -8.19 -24.95
CA ASP R 89 -23.02 -8.31 -26.23
C ASP R 89 -23.91 -7.79 -27.35
N ILE R 90 -23.29 -7.65 -28.53
CA ILE R 90 -23.92 -7.13 -29.74
C ILE R 90 -25.18 -7.92 -30.08
N ILE R 91 -26.35 -7.26 -29.94
CA ILE R 91 -27.64 -7.84 -30.30
C ILE R 91 -27.84 -7.75 -31.82
N ASP R 92 -28.78 -8.54 -32.37
CA ASP R 92 -28.94 -8.69 -33.81
C ASP R 92 -30.43 -8.74 -34.21
N ILE R 93 -30.83 -7.97 -35.23
CA ILE R 93 -32.24 -7.66 -35.52
C ILE R 93 -32.53 -7.81 -37.01
N LEU R 94 -33.73 -8.32 -37.34
CA LEU R 94 -34.18 -8.51 -38.72
C LEU R 94 -35.63 -8.09 -38.92
N VAL R 95 -35.97 -7.77 -40.18
CA VAL R 95 -37.31 -7.41 -40.65
C VAL R 95 -37.65 -8.36 -41.80
N VAL R 96 -38.76 -9.12 -41.66
CA VAL R 96 -38.99 -10.29 -42.51
C VAL R 96 -40.39 -10.32 -43.11
N ASP R 97 -40.49 -10.88 -44.34
CA ASP R 97 -41.76 -11.14 -45.02
C ASP R 97 -42.53 -12.18 -44.21
N ASN R 98 -43.69 -11.82 -43.67
CA ASN R 98 -44.48 -12.79 -42.92
C ASN R 98 -44.96 -13.93 -43.83
N LEU R 99 -45.25 -13.62 -45.09
CA LEU R 99 -45.85 -14.60 -45.99
C LEU R 99 -44.85 -15.66 -46.50
N THR R 100 -43.53 -15.39 -46.45
CA THR R 100 -42.53 -16.33 -46.94
C THR R 100 -41.31 -16.51 -46.03
N LYS R 101 -41.21 -15.75 -44.93
CA LYS R 101 -40.08 -15.83 -43.98
C LYS R 101 -38.75 -15.49 -44.67
N GLN R 102 -38.85 -14.53 -45.62
CA GLN R 102 -37.75 -13.98 -46.41
C GLN R 102 -37.34 -12.65 -45.83
N VAL R 103 -36.03 -12.47 -45.58
CA VAL R 103 -35.53 -11.24 -44.97
C VAL R 103 -35.73 -10.07 -45.92
N ILE R 104 -36.19 -8.94 -45.37
CA ILE R 104 -36.19 -7.67 -46.09
C ILE R 104 -34.92 -6.89 -45.81
N ILE R 105 -34.57 -6.69 -44.53
CA ILE R 105 -33.32 -6.06 -44.16
C ILE R 105 -32.83 -6.60 -42.82
N SER R 106 -31.52 -6.47 -42.57
CA SER R 106 -30.88 -6.81 -41.32
C SER R 106 -30.12 -5.62 -40.75
N TYR R 107 -29.96 -5.62 -39.42
CA TYR R 107 -29.16 -4.65 -38.67
C TYR R 107 -28.06 -5.41 -37.95
N HIS R 108 -26.84 -5.44 -38.53
CA HIS R 108 -25.87 -6.48 -38.18
C HIS R 108 -25.03 -6.16 -36.92
N GLY R 109 -25.40 -5.16 -36.12
CA GLY R 109 -24.77 -4.98 -34.83
C GLY R 109 -25.31 -3.80 -34.04
N CYS R 110 -25.97 -4.07 -32.92
CA CYS R 110 -26.71 -3.06 -32.17
C CYS R 110 -26.31 -3.01 -30.69
N SER R 111 -26.66 -1.89 -30.06
CA SER R 111 -26.57 -1.71 -28.61
C SER R 111 -27.63 -0.71 -28.18
N ALA R 112 -28.05 -0.82 -26.92
CA ALA R 112 -29.16 -0.01 -26.44
C ALA R 112 -28.70 1.41 -26.13
N ASN R 113 -29.57 2.40 -26.41
CA ASN R 113 -29.40 3.74 -25.87
C ASN R 113 -30.22 3.90 -24.59
N ASN R 114 -31.52 3.59 -24.66
CA ASN R 114 -32.40 3.78 -23.53
C ASN R 114 -33.54 2.77 -23.52
N TYR R 115 -34.18 2.64 -22.35
CA TYR R 115 -35.13 1.57 -22.08
C TYR R 115 -36.35 2.17 -21.38
N ASN R 116 -37.00 3.14 -22.04
CA ASN R 116 -38.11 3.89 -21.48
C ASN R 116 -39.32 3.00 -21.21
N GLU R 117 -40.01 3.24 -20.08
CA GLU R 117 -41.16 2.45 -19.66
C GLU R 117 -42.24 3.34 -19.05
N THR R 118 -43.51 2.95 -19.22
CA THR R 118 -44.66 3.69 -18.69
C THR R 118 -45.72 2.76 -18.10
N TRP R 119 -46.12 3.02 -16.85
CA TRP R 119 -47.35 2.47 -16.28
C TRP R 119 -48.30 3.67 -16.12
N GLN R 120 -49.58 3.46 -16.47
CA GLN R 120 -50.58 4.52 -16.40
C GLN R 120 -51.97 3.94 -16.12
N THR R 121 -52.84 4.78 -15.56
CA THR R 121 -54.16 4.34 -15.08
C THR R 121 -55.05 3.88 -16.23
N ASN R 122 -55.51 2.63 -16.15
CA ASN R 122 -56.43 2.03 -17.14
C ASN R 122 -55.80 1.94 -18.52
N GLU R 123 -54.47 1.83 -18.58
CA GLU R 123 -53.76 1.73 -19.84
C GLU R 123 -52.82 0.53 -19.84
N ILE R 124 -52.46 0.08 -21.04
CA ILE R 124 -51.55 -1.05 -21.20
C ILE R 124 -50.11 -0.56 -21.05
N VAL R 125 -49.31 -1.33 -20.31
CA VAL R 125 -47.92 -0.97 -20.05
C VAL R 125 -47.11 -1.21 -21.33
N THR R 126 -46.01 -0.46 -21.48
CA THR R 126 -45.14 -0.60 -22.64
C THR R 126 -43.67 -0.62 -22.28
N GLU R 127 -42.89 -1.33 -23.09
CA GLU R 127 -41.46 -1.11 -23.23
C GLU R 127 -41.20 -0.26 -24.47
N GLU R 128 -40.13 0.51 -24.40
CA GLU R 128 -39.54 1.20 -25.54
C GLU R 128 -38.04 0.99 -25.48
N ILE R 129 -37.43 0.72 -26.63
CA ILE R 129 -35.97 0.67 -26.76
C ILE R 129 -35.57 1.49 -27.98
N GLU R 130 -34.55 2.32 -27.82
CA GLU R 130 -33.89 3.04 -28.89
C GLU R 130 -32.49 2.45 -29.05
N PHE R 131 -32.36 1.42 -29.91
CA PHE R 131 -31.04 0.86 -30.19
C PHE R 131 -30.28 1.79 -31.14
N SER R 132 -28.96 1.87 -30.95
CA SER R 132 -28.04 2.34 -31.98
C SER R 132 -27.43 1.14 -32.67
N TYR R 133 -27.00 1.32 -33.93
CA TYR R 133 -26.46 0.18 -34.67
C TYR R 133 -25.36 0.62 -35.65
N LEU R 134 -24.42 -0.30 -35.87
CA LEU R 134 -23.28 -0.05 -36.77
C LEU R 134 -23.72 0.01 -38.23
N THR R 135 -24.24 -1.10 -38.77
CA THR R 135 -24.50 -1.23 -40.20
C THR R 135 -25.83 -1.95 -40.42
N ALA R 136 -26.38 -1.74 -41.62
CA ALA R 136 -27.56 -2.44 -42.10
C ALA R 136 -27.28 -2.99 -43.50
N SER R 137 -27.77 -4.19 -43.79
CA SER R 137 -27.53 -4.80 -45.10
C SER R 137 -28.66 -5.77 -45.38
N ASP R 138 -28.64 -6.32 -46.61
CA ASP R 138 -29.66 -7.28 -47.01
C ASP R 138 -29.19 -8.10 -48.20
N LYS R 139 -29.70 -9.33 -48.27
CA LYS R 139 -29.52 -10.21 -49.41
C LYS R 139 -30.84 -10.90 -49.71
N ALA R 140 -31.14 -11.06 -50.98
CA ALA R 140 -32.40 -11.67 -51.43
C ALA R 140 -33.61 -11.01 -50.79
N ALA S 2 -58.13 -12.35 -21.66
CA ALA S 2 -59.38 -11.75 -21.09
C ALA S 2 -59.32 -11.71 -19.56
N SER S 3 -59.15 -12.87 -18.94
CA SER S 3 -59.09 -12.95 -17.49
C SER S 3 -57.71 -12.58 -16.98
N GLU S 4 -57.66 -12.18 -15.70
CA GLU S 4 -56.40 -11.86 -15.06
C GLU S 4 -55.48 -13.09 -15.02
N ALA S 5 -56.05 -14.26 -14.76
CA ALA S 5 -55.28 -15.50 -14.60
C ALA S 5 -54.75 -16.06 -15.91
N LYS S 6 -55.05 -15.40 -17.05
CA LYS S 6 -54.62 -15.91 -18.35
C LYS S 6 -54.09 -14.85 -19.32
N GLN S 7 -54.21 -13.57 -19.02
CA GLN S 7 -53.78 -12.55 -19.96
C GLN S 7 -52.25 -12.52 -20.05
N THR S 8 -51.77 -12.12 -21.22
CA THR S 8 -50.36 -12.11 -21.57
C THR S 8 -49.66 -10.77 -21.37
N VAL S 9 -50.42 -9.72 -21.04
CA VAL S 9 -49.92 -8.34 -21.06
C VAL S 9 -50.16 -7.72 -19.68
N HIS S 10 -49.24 -6.84 -19.28
CA HIS S 10 -49.41 -6.06 -18.07
C HIS S 10 -50.24 -4.81 -18.35
N THR S 11 -51.02 -4.42 -17.35
CA THR S 11 -52.01 -3.34 -17.45
C THR S 11 -51.90 -2.50 -16.19
N GLY S 12 -52.56 -1.35 -16.22
CA GLY S 12 -52.61 -0.51 -15.04
C GLY S 12 -53.33 -1.15 -13.87
N ASN S 13 -54.29 -2.04 -14.14
CA ASN S 13 -55.06 -2.63 -13.06
C ASN S 13 -54.37 -3.83 -12.40
N THR S 14 -53.43 -4.51 -13.06
CA THR S 14 -52.73 -5.65 -12.45
C THR S 14 -51.42 -5.31 -11.74
N VAL S 15 -51.05 -4.04 -11.57
CA VAL S 15 -49.76 -3.65 -10.99
C VAL S 15 -49.99 -2.81 -9.75
N LEU S 16 -49.11 -2.97 -8.75
CA LEU S 16 -49.07 -2.13 -7.56
C LEU S 16 -47.69 -1.52 -7.43
N LEU S 17 -47.65 -0.26 -7.00
CA LEU S 17 -46.41 0.51 -6.82
C LEU S 17 -46.15 0.61 -5.33
N MET S 18 -45.07 -0.03 -4.86
CA MET S 18 -44.75 -0.12 -3.43
C MET S 18 -43.55 0.74 -3.11
N ILE S 19 -43.73 1.65 -2.15
CA ILE S 19 -42.71 2.57 -1.67
C ILE S 19 -42.55 2.34 -0.18
N LYS S 20 -41.30 2.07 0.24
CA LYS S 20 -40.94 1.82 1.64
C LYS S 20 -41.88 0.83 2.33
N GLY S 21 -42.27 -0.20 1.59
CA GLY S 21 -43.05 -1.30 2.14
C GLY S 21 -44.55 -1.13 2.08
N LYS S 22 -45.06 0.02 1.60
CA LYS S 22 -46.48 0.33 1.54
C LYS S 22 -46.92 0.53 0.10
N PRO S 23 -48.18 0.24 -0.25
CA PRO S 23 -48.66 0.53 -1.61
C PRO S 23 -48.98 2.02 -1.77
N VAL S 24 -48.59 2.58 -2.92
CA VAL S 24 -48.95 3.97 -3.24
C VAL S 24 -50.43 4.01 -3.58
N GLY S 25 -51.14 5.00 -3.01
CA GLY S 25 -52.57 5.15 -3.26
C GLY S 25 -52.83 6.23 -4.29
N ARG S 26 -53.65 5.90 -5.28
CA ARG S 26 -54.25 6.89 -6.17
C ARG S 26 -53.21 7.66 -7.00
N ALA S 27 -52.16 6.95 -7.39
CA ALA S 27 -51.29 7.35 -8.49
C ALA S 27 -52.07 7.40 -9.80
N GLN S 28 -51.51 8.11 -10.77
CA GLN S 28 -52.04 8.19 -12.13
C GLN S 28 -51.09 7.62 -13.17
N SER S 29 -49.79 7.93 -13.10
CA SER S 29 -48.83 7.25 -13.95
C SER S 29 -47.45 7.26 -13.32
N ALA S 30 -46.69 6.22 -13.61
CA ALA S 30 -45.27 6.13 -13.28
C ALA S 30 -44.49 5.80 -14.54
N SER S 31 -43.44 6.58 -14.83
CA SER S 31 -42.67 6.39 -16.05
C SER S 31 -41.20 6.51 -15.72
N GLY S 32 -40.40 5.60 -16.30
CA GLY S 32 -38.99 5.52 -16.02
C GLY S 32 -38.14 5.54 -17.26
N GLN S 33 -37.18 6.46 -17.32
CA GLN S 33 -36.20 6.52 -18.39
C GLN S 33 -34.83 6.15 -17.84
N ARG S 34 -34.17 5.22 -18.52
CA ARG S 34 -32.80 4.81 -18.23
C ARG S 34 -32.04 4.93 -19.53
N GLU S 35 -31.03 5.80 -19.55
CA GLU S 35 -30.21 6.02 -20.73
C GLU S 35 -28.75 5.83 -20.34
N TYR S 36 -28.03 5.06 -21.16
CA TYR S 36 -26.64 4.73 -20.89
C TYR S 36 -25.68 5.72 -21.51
N GLY S 37 -26.19 6.76 -22.17
CA GLY S 37 -25.34 7.66 -22.91
C GLY S 37 -24.53 6.96 -23.99
N THR S 38 -25.06 5.87 -24.54
CA THR S 38 -24.34 5.05 -25.52
C THR S 38 -23.90 5.88 -26.71
N THR S 39 -22.64 5.72 -27.10
CA THR S 39 -22.00 6.53 -28.13
C THR S 39 -21.07 5.65 -28.95
N GLY S 40 -21.01 5.88 -30.27
CA GLY S 40 -20.12 5.12 -31.12
C GLY S 40 -18.74 5.76 -31.25
N VAL S 41 -17.73 4.91 -31.44
CA VAL S 41 -16.34 5.34 -31.53
C VAL S 41 -15.97 5.42 -33.01
N TYR S 42 -15.74 6.64 -33.53
CA TYR S 42 -15.39 6.81 -34.92
C TYR S 42 -13.86 6.89 -35.10
N GLU S 43 -13.44 7.10 -36.35
CA GLU S 43 -12.10 6.77 -36.80
C GLU S 43 -11.79 7.57 -38.05
N ILE S 44 -10.54 8.04 -38.17
CA ILE S 44 -10.10 8.64 -39.43
C ILE S 44 -10.04 7.54 -40.49
N GLY S 45 -10.36 7.91 -41.73
CA GLY S 45 -10.28 7.02 -42.86
C GLY S 45 -11.50 6.16 -43.10
N SER S 46 -12.27 5.85 -42.06
CA SER S 46 -13.51 5.09 -42.19
C SER S 46 -14.65 5.89 -41.59
N ILE S 47 -15.74 6.01 -42.34
CA ILE S 47 -16.81 6.92 -41.96
C ILE S 47 -17.69 6.37 -40.86
N MET S 48 -17.71 5.01 -40.65
CA MET S 48 -18.68 4.43 -39.73
C MET S 48 -18.02 4.01 -38.41
N PRO S 49 -18.76 4.02 -37.31
CA PRO S 49 -18.16 3.67 -36.02
C PRO S 49 -17.98 2.17 -35.89
N GLN S 50 -16.95 1.78 -35.13
CA GLN S 50 -16.52 0.39 -35.06
C GLN S 50 -16.92 -0.33 -33.79
N GLU S 51 -17.38 0.40 -32.77
CA GLU S 51 -18.11 -0.18 -31.65
C GLU S 51 -18.88 0.95 -30.97
N HIS S 52 -19.79 0.59 -30.07
CA HIS S 52 -20.35 1.54 -29.13
C HIS S 52 -19.69 1.32 -27.77
N VAL S 53 -19.78 2.36 -26.93
CA VAL S 53 -19.34 2.29 -25.54
C VAL S 53 -20.39 3.03 -24.72
N TYR S 54 -20.37 2.82 -23.42
CA TYR S 54 -21.37 3.34 -22.51
C TYR S 54 -20.76 4.36 -21.55
N LEU S 55 -21.42 5.52 -21.40
CA LEU S 55 -20.88 6.62 -20.63
C LEU S 55 -21.43 6.69 -19.19
N ARG S 56 -22.64 7.21 -18.98
CA ARG S 56 -23.17 7.48 -17.65
C ARG S 56 -24.55 6.87 -17.49
N TYR S 57 -24.79 6.21 -16.36
CA TYR S 57 -26.10 5.59 -16.12
C TYR S 57 -27.07 6.69 -15.69
N GLU S 58 -27.69 7.32 -16.68
CA GLU S 58 -28.67 8.37 -16.43
C GLU S 58 -30.04 7.72 -16.22
N GLY S 59 -30.37 7.46 -14.94
CA GLY S 59 -31.56 6.71 -14.56
C GLY S 59 -32.58 7.50 -13.74
N THR S 60 -33.84 7.50 -14.17
CA THR S 60 -34.87 8.35 -13.59
C THR S 60 -36.22 7.64 -13.58
N ILE S 61 -37.05 7.98 -12.58
CA ILE S 61 -38.47 7.59 -12.55
C ILE S 61 -39.28 8.79 -12.07
N THR S 62 -40.39 9.06 -12.77
CA THR S 62 -41.35 10.08 -12.39
C THR S 62 -42.60 9.40 -11.84
N VAL S 63 -43.18 9.99 -10.79
CA VAL S 63 -44.43 9.53 -10.20
C VAL S 63 -45.41 10.69 -10.22
N GLU S 64 -46.60 10.46 -10.79
CA GLU S 64 -47.67 11.45 -10.81
C GLU S 64 -48.85 10.89 -10.04
N ARG S 65 -49.42 11.70 -9.14
CA ARG S 65 -50.38 11.19 -8.17
C ARG S 65 -51.41 12.26 -7.83
N LEU S 66 -52.62 11.81 -7.51
CA LEU S 66 -53.68 12.68 -7.01
C LEU S 66 -53.52 12.83 -5.51
N ARG S 67 -53.70 14.04 -5.01
CA ARG S 67 -53.32 14.33 -3.64
C ARG S 67 -54.29 13.67 -2.68
N MET S 68 -53.79 12.70 -1.91
CA MET S 68 -54.57 12.15 -0.83
C MET S 68 -54.85 13.24 0.20
N LYS S 69 -56.02 13.17 0.84
CA LYS S 69 -56.44 14.25 1.73
C LYS S 69 -55.42 14.48 2.85
N LYS S 70 -54.83 13.41 3.35
CA LYS S 70 -53.63 13.47 4.17
C LYS S 70 -52.71 12.34 3.70
N GLU S 71 -51.64 12.10 4.44
CA GLU S 71 -50.62 11.07 4.15
C GLU S 71 -50.11 11.15 2.70
N ASN S 72 -49.97 12.36 2.17
CA ASN S 72 -49.29 12.50 0.89
C ASN S 72 -47.79 12.27 1.07
N PHE S 73 -47.02 12.45 -0.01
CA PHE S 73 -45.58 12.18 0.06
C PHE S 73 -44.90 12.99 1.15
N ALA S 74 -45.08 14.31 1.12
CA ALA S 74 -44.42 15.18 2.10
C ALA S 74 -44.91 14.88 3.51
N ASP S 75 -46.22 14.77 3.70
CA ASP S 75 -46.77 14.51 5.02
C ASP S 75 -46.27 13.19 5.58
N LEU S 76 -46.35 12.12 4.78
CA LEU S 76 -45.98 10.79 5.26
C LEU S 76 -44.46 10.60 5.34
N GLY S 77 -43.68 11.46 4.70
CA GLY S 77 -42.23 11.47 4.89
C GLY S 77 -41.43 10.84 3.78
N TYR S 78 -41.74 11.19 2.52
CA TYR S 78 -40.89 10.87 1.38
C TYR S 78 -40.44 12.13 0.67
N ALA S 79 -41.37 12.98 0.23
CA ALA S 79 -40.97 14.28 -0.30
C ALA S 79 -40.53 15.19 0.85
N SER S 80 -40.00 16.35 0.50
CA SER S 80 -39.46 17.26 1.50
C SER S 80 -39.50 18.69 0.99
N LEU S 81 -39.25 19.63 1.92
CA LEU S 81 -39.32 21.06 1.62
C LEU S 81 -38.21 21.77 2.37
N GLY S 82 -37.52 22.70 1.70
CA GLY S 82 -36.46 23.45 2.37
C GLY S 82 -35.28 22.56 2.72
N GLU S 83 -34.66 22.83 3.88
CA GLU S 83 -33.57 21.99 4.40
C GLU S 83 -34.08 20.70 5.06
N GLU S 84 -35.32 20.28 4.76
CA GLU S 84 -35.72 18.91 5.08
C GLU S 84 -35.14 17.91 4.10
N ILE S 85 -34.91 18.33 2.85
CA ILE S 85 -34.30 17.48 1.82
C ILE S 85 -33.05 16.82 2.36
N LEU S 86 -32.29 17.59 3.11
CA LEU S 86 -31.13 17.14 3.84
C LEU S 86 -31.30 15.80 4.55
N LYS S 87 -32.27 15.76 5.47
CA LYS S 87 -32.41 14.67 6.42
C LYS S 87 -33.00 13.40 5.79
N LYS S 88 -33.73 13.54 4.70
CA LYS S 88 -34.45 12.42 4.07
C LYS S 88 -33.44 11.48 3.42
N ASP S 89 -33.04 10.42 4.14
CA ASP S 89 -32.07 9.47 3.61
C ASP S 89 -32.65 8.72 2.41
N ILE S 90 -31.84 7.81 1.88
CA ILE S 90 -32.19 7.11 0.64
C ILE S 90 -33.49 6.32 0.83
N ILE S 91 -34.32 6.29 -0.23
CA ILE S 91 -35.62 5.62 -0.24
C ILE S 91 -35.60 4.56 -1.34
N ASP S 92 -36.35 3.48 -1.12
CA ASP S 92 -36.44 2.36 -2.07
C ASP S 92 -37.86 2.21 -2.61
N ILE S 93 -37.97 1.88 -3.90
CA ILE S 93 -39.25 1.71 -4.59
C ILE S 93 -39.25 0.39 -5.35
N LEU S 94 -40.44 -0.24 -5.41
CA LEU S 94 -40.67 -1.53 -6.07
C LEU S 94 -41.95 -1.46 -6.90
N VAL S 95 -41.93 -2.12 -8.05
CA VAL S 95 -43.11 -2.32 -8.89
C VAL S 95 -43.49 -3.80 -8.83
N VAL S 96 -44.76 -4.05 -8.51
CA VAL S 96 -45.19 -5.32 -7.91
C VAL S 96 -46.37 -5.88 -8.69
N ASP S 97 -46.33 -7.19 -8.94
CA ASP S 97 -47.36 -7.93 -9.66
C ASP S 97 -48.51 -8.27 -8.71
N ASN S 98 -49.70 -7.74 -9.00
CA ASN S 98 -50.79 -7.62 -8.03
C ASN S 98 -51.10 -8.92 -7.28
N LEU S 99 -51.46 -9.99 -7.99
CA LEU S 99 -51.96 -11.19 -7.32
C LEU S 99 -50.89 -11.78 -6.40
N THR S 100 -49.77 -12.22 -6.96
CA THR S 100 -48.71 -12.88 -6.20
C THR S 100 -47.83 -11.91 -5.41
N LYS S 101 -47.89 -10.60 -5.68
CA LYS S 101 -46.86 -9.64 -5.28
C LYS S 101 -45.44 -10.17 -5.49
N GLN S 102 -45.22 -10.78 -6.65
CA GLN S 102 -43.86 -11.02 -7.14
C GLN S 102 -43.26 -9.70 -7.58
N VAL S 103 -41.93 -9.58 -7.52
CA VAL S 103 -41.30 -8.36 -8.02
C VAL S 103 -41.40 -8.33 -9.55
N ILE S 104 -41.67 -7.14 -10.10
CA ILE S 104 -41.56 -6.93 -11.55
C ILE S 104 -40.20 -6.29 -11.79
N ILE S 105 -39.95 -5.14 -11.16
CA ILE S 105 -38.63 -4.51 -11.13
C ILE S 105 -38.50 -3.74 -9.82
N SER S 106 -37.27 -3.35 -9.48
CA SER S 106 -36.99 -2.59 -8.26
C SER S 106 -35.91 -1.55 -8.51
N TYR S 107 -35.92 -0.53 -7.65
CA TYR S 107 -35.02 0.63 -7.74
C TYR S 107 -34.24 0.74 -6.42
N HIS S 108 -33.03 0.19 -6.38
CA HIS S 108 -32.19 0.37 -5.20
C HIS S 108 -31.83 1.85 -5.06
N GLY S 109 -32.39 2.48 -4.03
CA GLY S 109 -32.01 3.81 -3.62
C GLY S 109 -32.33 4.96 -4.56
N CYS S 110 -33.56 5.44 -4.49
CA CYS S 110 -33.98 6.62 -5.23
C CYS S 110 -33.53 7.90 -4.50
N SER S 111 -33.70 9.03 -5.21
CA SER S 111 -33.40 10.35 -4.66
C SER S 111 -34.18 11.39 -5.44
N ALA S 112 -34.83 12.31 -4.73
CA ALA S 112 -35.63 13.34 -5.38
C ALA S 112 -34.82 14.28 -6.28
N ASN S 113 -35.49 14.72 -7.34
CA ASN S 113 -35.03 15.78 -8.24
C ASN S 113 -35.93 17.00 -8.13
N ASN S 114 -37.21 16.87 -8.54
CA ASN S 114 -38.14 17.98 -8.50
C ASN S 114 -39.49 17.50 -7.98
N TYR S 115 -40.23 18.42 -7.35
CA TYR S 115 -41.51 18.13 -6.71
C TYR S 115 -42.46 19.24 -7.12
N ASN S 116 -43.60 18.86 -7.70
CA ASN S 116 -44.57 19.80 -8.24
C ASN S 116 -45.94 19.42 -7.70
N GLU S 117 -46.54 20.33 -6.93
CA GLU S 117 -47.93 20.23 -6.47
C GLU S 117 -48.75 21.25 -7.25
N THR S 118 -49.89 20.81 -7.79
CA THR S 118 -50.62 21.62 -8.77
C THR S 118 -52.07 21.74 -8.30
N TRP S 119 -52.49 22.97 -7.98
CA TRP S 119 -53.90 23.27 -7.74
C TRP S 119 -54.47 24.01 -8.95
N GLN S 120 -55.72 23.71 -9.29
CA GLN S 120 -56.39 24.35 -10.42
C GLN S 120 -57.88 24.50 -10.11
N THR S 121 -58.52 25.43 -10.83
CA THR S 121 -59.95 25.67 -10.71
C THR S 121 -60.77 24.40 -10.83
N ASN S 122 -61.62 24.15 -9.82
CA ASN S 122 -62.57 23.04 -9.76
C ASN S 122 -61.90 21.68 -9.55
N GLU S 123 -60.88 21.36 -10.33
CA GLU S 123 -60.47 19.99 -10.58
C GLU S 123 -59.74 19.38 -9.38
N ILE S 124 -59.38 18.11 -9.51
CA ILE S 124 -58.63 17.41 -8.48
C ILE S 124 -57.20 17.93 -8.44
N VAL S 125 -56.64 18.05 -7.24
CA VAL S 125 -55.25 18.43 -7.06
C VAL S 125 -54.35 17.27 -7.48
N THR S 126 -53.32 17.59 -8.25
CA THR S 126 -52.37 16.61 -8.76
C THR S 126 -50.96 16.90 -8.28
N GLU S 127 -50.17 15.85 -8.11
CA GLU S 127 -48.80 15.96 -7.61
C GLU S 127 -47.83 15.24 -8.55
N GLU S 128 -46.64 15.82 -8.73
CA GLU S 128 -45.59 15.22 -9.56
C GLU S 128 -44.28 15.21 -8.79
N ILE S 129 -43.58 14.06 -8.83
CA ILE S 129 -42.23 13.93 -8.29
C ILE S 129 -41.39 13.19 -9.32
N GLU S 130 -40.15 13.64 -9.48
CA GLU S 130 -39.15 13.02 -10.34
C GLU S 130 -37.99 12.53 -9.47
N PHE S 131 -37.73 11.22 -9.52
CA PHE S 131 -36.68 10.56 -8.74
C PHE S 131 -35.56 10.08 -9.66
N SER S 132 -34.31 10.21 -9.20
CA SER S 132 -33.16 9.56 -9.82
C SER S 132 -32.56 8.55 -8.85
N TYR S 133 -32.17 7.38 -9.39
CA TYR S 133 -31.78 6.24 -8.58
C TYR S 133 -30.37 5.76 -8.93
N LEU S 134 -29.77 5.03 -7.98
CA LEU S 134 -28.40 4.54 -8.11
C LEU S 134 -28.33 3.36 -9.08
N THR S 135 -29.14 2.31 -8.84
CA THR S 135 -29.21 1.17 -9.76
C THR S 135 -30.59 0.55 -9.72
N ALA S 136 -31.20 0.40 -10.89
CA ALA S 136 -32.38 -0.46 -11.05
C ALA S 136 -31.97 -1.93 -11.10
N SER S 137 -32.85 -2.81 -10.60
CA SER S 137 -32.54 -4.25 -10.53
C SER S 137 -33.82 -5.05 -10.32
N ASP S 138 -33.71 -6.37 -10.51
CA ASP S 138 -34.84 -7.27 -10.29
C ASP S 138 -34.34 -8.68 -10.01
N LYS S 139 -35.27 -9.51 -9.49
CA LYS S 139 -35.06 -10.95 -9.32
C LYS S 139 -36.37 -11.67 -9.64
N ALA S 140 -36.40 -12.34 -10.79
CA ALA S 140 -37.60 -12.99 -11.32
C ALA S 140 -38.83 -12.09 -11.23
N THR T 12 -42.28 -20.25 19.70
CA THR T 12 -43.62 -19.89 19.25
C THR T 12 -43.94 -18.42 19.52
N ARG T 13 -43.11 -17.75 20.32
CA ARG T 13 -43.18 -16.30 20.39
C ARG T 13 -42.65 -15.71 19.08
N PRO T 14 -43.14 -14.55 18.65
CA PRO T 14 -42.62 -13.98 17.40
C PRO T 14 -41.16 -13.58 17.56
N HIS T 15 -40.31 -14.11 16.68
CA HIS T 15 -38.88 -13.88 16.78
C HIS T 15 -38.23 -14.11 15.43
N ALA T 16 -36.99 -13.60 15.29
CA ALA T 16 -36.13 -13.97 14.19
C ALA T 16 -34.82 -14.58 14.71
N SER T 17 -34.25 -15.48 13.92
CA SER T 17 -32.98 -16.10 14.28
C SER T 17 -32.23 -16.40 12.99
N ILE T 18 -30.91 -16.54 13.11
CA ILE T 18 -30.05 -16.78 11.95
C ILE T 18 -29.41 -18.16 12.08
N SER T 32 -39.50 -26.20 -12.34
CA SER T 32 -40.11 -26.45 -13.64
C SER T 32 -41.26 -27.44 -13.58
N GLU T 33 -42.00 -27.52 -14.69
CA GLU T 33 -43.25 -28.27 -14.71
C GLU T 33 -43.00 -29.78 -14.66
N LYS T 34 -42.03 -30.28 -15.40
CA LYS T 34 -41.87 -31.72 -15.57
C LYS T 34 -41.21 -32.30 -14.32
N VAL T 35 -42.05 -32.76 -13.39
CA VAL T 35 -41.58 -33.39 -12.18
C VAL T 35 -40.74 -34.62 -12.52
N PHE T 36 -39.78 -34.94 -11.63
CA PHE T 36 -38.75 -35.96 -11.85
C PHE T 36 -38.74 -36.94 -10.69
N CYS T 37 -38.51 -38.23 -10.99
CA CYS T 37 -38.49 -39.29 -9.99
C CYS T 37 -37.12 -39.95 -9.93
N LEU T 38 -36.75 -40.45 -8.74
CA LEU T 38 -35.54 -41.26 -8.55
C LEU T 38 -35.84 -42.39 -7.58
N ILE T 39 -35.25 -43.57 -7.82
CA ILE T 39 -35.47 -44.72 -6.96
C ILE T 39 -34.27 -45.67 -7.05
N GLY T 40 -33.74 -46.06 -5.88
CA GLY T 40 -32.54 -46.89 -5.84
C GLY T 40 -32.16 -47.22 -4.41
N GLN T 41 -30.96 -47.79 -4.26
CA GLN T 41 -30.47 -48.34 -2.99
C GLN T 41 -29.49 -47.38 -2.33
N ALA T 42 -29.82 -46.91 -1.12
CA ALA T 42 -28.88 -46.12 -0.33
C ALA T 42 -29.25 -46.26 1.15
N GLU T 43 -28.41 -45.68 2.00
CA GLU T 43 -28.61 -45.73 3.45
C GLU T 43 -29.46 -44.56 3.95
N GLY T 44 -30.43 -44.86 4.80
CA GLY T 44 -31.25 -43.86 5.48
C GLY T 44 -32.71 -43.90 5.00
N GLY T 45 -33.52 -43.09 5.70
CA GLY T 45 -34.94 -42.91 5.37
C GLY T 45 -35.87 -44.08 5.65
N GLU T 46 -37.16 -43.78 5.79
CA GLU T 46 -38.17 -44.78 6.11
C GLU T 46 -38.34 -45.75 4.95
N PRO T 47 -38.60 -47.05 5.21
CA PRO T 47 -38.82 -47.98 4.10
C PRO T 47 -40.20 -47.78 3.47
N ASN T 48 -40.22 -47.83 2.14
CA ASN T 48 -41.45 -47.79 1.36
C ASN T 48 -42.19 -46.46 1.59
N THR T 49 -41.50 -45.36 1.30
CA THR T 49 -42.12 -44.03 1.23
C THR T 49 -41.45 -43.19 0.16
N VAL T 50 -42.21 -42.25 -0.40
CA VAL T 50 -41.70 -41.25 -1.35
C VAL T 50 -41.46 -39.94 -0.60
N TYR T 51 -40.28 -39.34 -0.85
CA TYR T 51 -39.90 -38.06 -0.26
C TYR T 51 -39.80 -36.98 -1.32
N GLU T 52 -40.39 -35.82 -1.04
CA GLU T 52 -40.30 -34.64 -1.90
C GLU T 52 -39.04 -33.87 -1.51
N LEU T 53 -37.93 -34.21 -2.16
CA LEU T 53 -36.67 -33.50 -1.97
C LEU T 53 -36.65 -32.23 -2.82
N ARG T 54 -36.15 -31.14 -2.21
CA ARG T 54 -36.04 -29.87 -2.92
C ARG T 54 -34.75 -29.11 -2.64
N ASN T 55 -33.78 -29.68 -1.91
CA ASN T 55 -32.47 -29.05 -1.73
C ASN T 55 -31.45 -30.11 -1.32
N TYR T 56 -30.18 -29.83 -1.63
CA TYR T 56 -29.07 -30.72 -1.28
C TYR T 56 -29.03 -31.10 0.21
N SER T 57 -29.21 -30.11 1.11
CA SER T 57 -29.12 -30.42 2.54
C SER T 57 -30.27 -31.31 3.00
N GLN T 58 -31.44 -31.14 2.40
CA GLN T 58 -32.55 -32.03 2.71
C GLN T 58 -32.21 -33.46 2.33
N ALA T 59 -31.49 -33.64 1.21
CA ALA T 59 -31.09 -34.99 0.81
C ALA T 59 -30.14 -35.62 1.82
N LYS T 60 -29.01 -34.95 2.12
CA LYS T 60 -28.06 -35.48 3.10
C LYS T 60 -28.66 -35.70 4.49
N ARG T 61 -29.73 -34.99 4.85
CA ARG T 61 -30.38 -35.29 6.14
C ARG T 61 -31.16 -36.60 6.06
N LEU T 62 -31.78 -36.86 4.91
CA LEU T 62 -32.55 -38.08 4.71
C LEU T 62 -31.62 -39.27 4.51
N PHE T 63 -30.71 -39.18 3.53
CA PHE T 63 -29.81 -40.29 3.21
C PHE T 63 -28.37 -39.92 3.54
N ARG T 64 -27.55 -40.95 3.70
CA ARG T 64 -26.16 -40.82 4.14
C ARG T 64 -25.12 -41.26 3.12
N SER T 65 -25.28 -42.42 2.47
CA SER T 65 -24.39 -42.82 1.38
C SER T 65 -25.16 -43.72 0.42
N GLY T 66 -24.75 -43.72 -0.84
CA GLY T 66 -25.33 -44.56 -1.86
C GLY T 66 -25.49 -43.85 -3.19
N GLU T 67 -25.64 -44.65 -4.26
CA GLU T 67 -25.83 -44.08 -5.59
C GLU T 67 -27.08 -43.22 -5.71
N LEU T 68 -28.09 -43.44 -4.87
CA LEU T 68 -29.26 -42.57 -4.89
C LEU T 68 -28.87 -41.13 -4.57
N LEU T 69 -27.99 -40.93 -3.60
CA LEU T 69 -27.59 -39.57 -3.24
C LEU T 69 -26.76 -38.92 -4.34
N ASP T 70 -25.81 -39.64 -4.93
CA ASP T 70 -25.07 -39.09 -6.07
C ASP T 70 -26.02 -38.74 -7.21
N ALA T 71 -27.02 -39.58 -7.44
CA ALA T 71 -28.01 -39.29 -8.48
C ALA T 71 -28.80 -38.02 -8.17
N ILE T 72 -29.22 -37.84 -6.91
CA ILE T 72 -29.92 -36.62 -6.53
C ILE T 72 -29.05 -35.40 -6.79
N GLU T 73 -27.84 -35.41 -6.22
CA GLU T 73 -26.93 -34.28 -6.37
C GLU T 73 -26.50 -34.10 -7.82
N LEU T 74 -26.49 -35.19 -8.60
CA LEU T 74 -26.22 -35.07 -10.03
C LEU T 74 -27.38 -34.39 -10.76
N ALA T 75 -28.61 -34.65 -10.34
CA ALA T 75 -29.78 -34.14 -11.04
C ALA T 75 -29.81 -32.62 -11.06
N TRP T 76 -29.42 -31.99 -9.94
CA TRP T 76 -29.33 -30.54 -9.84
C TRP T 76 -27.94 -30.00 -10.22
N GLY T 77 -27.11 -30.80 -10.89
CA GLY T 77 -25.82 -30.35 -11.35
C GLY T 77 -25.26 -31.18 -12.49
N SER T 78 -26.15 -31.68 -13.35
CA SER T 78 -25.72 -32.24 -14.62
C SER T 78 -25.35 -31.14 -15.62
N ASN T 79 -25.95 -29.96 -15.50
CA ASN T 79 -25.58 -28.80 -16.31
C ASN T 79 -25.86 -27.55 -15.49
N PRO T 80 -24.97 -26.54 -15.50
CA PRO T 80 -25.26 -25.36 -14.67
C PRO T 80 -26.44 -24.55 -15.17
N ASN T 81 -26.64 -24.52 -16.49
CA ASN T 81 -27.69 -23.68 -17.05
C ASN T 81 -29.06 -24.38 -16.96
N TYR T 82 -29.12 -25.66 -17.33
CA TYR T 82 -30.35 -26.45 -17.25
C TYR T 82 -30.27 -27.43 -16.10
N THR T 83 -31.33 -27.47 -15.30
CA THR T 83 -31.37 -28.25 -14.07
C THR T 83 -32.78 -28.80 -13.86
N ALA T 84 -32.86 -29.91 -13.13
CA ALA T 84 -34.13 -30.58 -12.88
C ALA T 84 -34.99 -29.73 -11.94
N GLY T 85 -36.28 -30.07 -11.90
CA GLY T 85 -37.18 -29.55 -10.88
C GLY T 85 -37.22 -30.44 -9.66
N ARG T 86 -38.40 -30.49 -9.03
CA ARG T 86 -38.64 -31.29 -7.84
C ARG T 86 -38.21 -32.73 -8.05
N ILE T 87 -37.72 -33.35 -6.97
CA ILE T 87 -37.17 -34.70 -7.00
C ILE T 87 -37.99 -35.53 -6.03
N LEU T 88 -38.60 -36.61 -6.54
CA LEU T 88 -39.29 -37.59 -5.71
C LEU T 88 -38.39 -38.80 -5.56
N ALA T 89 -37.80 -38.94 -4.37
CA ALA T 89 -36.82 -39.97 -4.07
C ALA T 89 -37.48 -41.13 -3.31
N MET T 90 -37.04 -42.35 -3.59
CA MET T 90 -37.47 -43.54 -2.83
C MET T 90 -36.27 -44.45 -2.61
N ARG T 91 -36.18 -44.98 -1.39
CA ARG T 91 -35.06 -45.82 -0.94
C ARG T 91 -35.62 -47.23 -0.76
N ILE T 92 -35.21 -48.15 -1.65
CA ILE T 92 -35.92 -49.42 -1.82
C ILE T 92 -35.17 -50.56 -1.13
N GLU T 93 -35.37 -50.66 0.19
CA GLU T 93 -34.87 -51.74 1.03
C GLU T 93 -35.90 -51.99 2.12
N ASP T 94 -36.11 -53.27 2.48
CA ASP T 94 -36.98 -53.62 3.61
C ASP T 94 -36.22 -53.47 4.93
N ALA T 95 -35.85 -52.23 5.22
CA ALA T 95 -34.99 -51.91 6.35
C ALA T 95 -35.75 -51.95 7.67
N LYS T 96 -35.01 -52.28 8.75
CA LYS T 96 -35.56 -52.38 10.10
C LYS T 96 -34.93 -51.34 11.03
N PRO T 97 -35.66 -50.84 12.02
CA PRO T 97 -35.04 -49.91 13.00
C PRO T 97 -34.33 -50.68 14.10
N ALA T 98 -33.21 -50.12 14.56
CA ALA T 98 -32.41 -50.79 15.56
C ALA T 98 -33.00 -50.56 16.94
N SER T 99 -33.20 -51.64 17.69
CA SER T 99 -33.82 -51.57 19.00
C SER T 99 -33.15 -52.57 19.94
N ALA T 100 -33.32 -52.29 21.24
CA ALA T 100 -32.87 -53.18 22.31
C ALA T 100 -33.65 -52.86 23.57
N GLU T 101 -34.37 -53.86 24.09
CA GLU T 101 -35.19 -53.67 25.28
C GLU T 101 -34.36 -53.92 26.52
N ILE T 102 -34.18 -52.87 27.32
CA ILE T 102 -33.27 -52.85 28.45
C ILE T 102 -33.85 -51.85 29.47
N GLY T 103 -33.53 -52.07 30.75
CA GLY T 103 -34.06 -51.21 31.81
C GLY T 103 -35.56 -51.29 31.96
N GLY T 104 -36.28 -50.28 31.46
CA GLY T 104 -37.72 -50.31 31.36
C GLY T 104 -38.19 -49.59 30.12
N LEU T 105 -37.42 -49.66 29.02
CA LEU T 105 -37.73 -48.92 27.80
C LEU T 105 -37.64 -49.77 26.54
N LYS T 106 -38.61 -49.57 25.65
CA LYS T 106 -38.57 -50.05 24.27
C LYS T 106 -37.74 -49.10 23.41
N ILE T 107 -36.42 -49.14 23.62
CA ILE T 107 -35.56 -48.20 22.91
C ILE T 107 -35.58 -48.53 21.42
N THR T 108 -35.90 -47.53 20.60
CA THR T 108 -36.00 -47.67 19.15
C THR T 108 -35.35 -46.46 18.48
N SER T 109 -34.69 -46.69 17.35
CA SER T 109 -34.06 -45.63 16.57
C SER T 109 -34.94 -45.21 15.40
N LYS T 110 -34.90 -43.92 15.07
CA LYS T 110 -35.64 -43.42 13.92
C LYS T 110 -35.04 -43.90 12.60
N ILE T 111 -33.73 -44.11 12.55
CA ILE T 111 -33.03 -44.35 11.29
C ILE T 111 -33.02 -45.84 11.03
N TYR T 112 -33.74 -46.25 9.97
CA TYR T 112 -33.86 -47.66 9.59
C TYR T 112 -32.61 -48.13 8.84
N GLY T 113 -32.04 -49.27 9.27
CA GLY T 113 -31.02 -49.97 8.49
C GLY T 113 -29.81 -50.39 9.31
N ASN T 114 -28.82 -50.92 8.58
CA ASN T 114 -27.55 -51.37 9.16
C ASN T 114 -26.93 -50.29 10.06
N VAL T 115 -26.92 -49.05 9.58
CA VAL T 115 -26.20 -47.93 10.19
C VAL T 115 -26.56 -47.79 11.67
N ALA T 116 -27.83 -48.01 12.02
CA ALA T 116 -28.27 -47.70 13.37
C ALA T 116 -27.60 -48.54 14.46
N ASN T 117 -26.94 -49.66 14.11
CA ASN T 117 -26.22 -50.42 15.13
C ASN T 117 -25.10 -49.62 15.77
N ASN T 118 -24.65 -48.54 15.13
CA ASN T 118 -23.58 -47.70 15.65
C ASN T 118 -24.05 -46.74 16.76
N ILE T 119 -25.34 -46.72 17.08
CA ILE T 119 -25.87 -45.87 18.17
C ILE T 119 -25.51 -46.50 19.51
N GLN T 120 -25.27 -45.65 20.52
CA GLN T 120 -25.12 -46.10 21.90
C GLN T 120 -25.98 -45.25 22.82
N VAL T 121 -26.56 -45.88 23.84
CA VAL T 121 -27.44 -45.24 24.81
C VAL T 121 -27.09 -45.69 26.22
N GLY T 122 -27.09 -44.75 27.16
CA GLY T 122 -26.98 -45.06 28.58
C GLY T 122 -27.75 -44.12 29.48
N LEU T 123 -28.32 -44.65 30.56
CA LEU T 123 -29.04 -43.87 31.56
C LEU T 123 -28.32 -44.02 32.89
N GLU T 124 -27.71 -42.92 33.34
CA GLU T 124 -26.83 -42.90 34.51
C GLU T 124 -27.59 -42.24 35.66
N LYS T 125 -27.51 -42.82 36.86
CA LYS T 125 -28.16 -42.18 38.00
C LYS T 125 -27.26 -41.06 38.52
N ASN T 126 -27.87 -39.90 38.80
CA ASN T 126 -27.15 -38.72 39.27
C ASN T 126 -27.66 -38.38 40.67
N THR T 127 -26.74 -38.30 41.64
CA THR T 127 -27.13 -38.34 43.05
C THR T 127 -27.58 -36.99 43.60
N LEU T 128 -26.89 -35.89 43.27
CA LEU T 128 -27.36 -34.58 43.73
C LEU T 128 -28.79 -34.28 43.31
N SER T 129 -29.23 -34.81 42.17
CA SER T 129 -30.62 -34.69 41.77
C SER T 129 -31.46 -35.88 42.18
N ASP T 130 -30.82 -37.00 42.57
CA ASP T 130 -31.51 -38.28 42.77
C ASP T 130 -32.38 -38.62 41.55
N SER T 131 -31.87 -38.25 40.37
CA SER T 131 -32.56 -38.46 39.10
C SER T 131 -31.77 -39.42 38.22
N LEU T 132 -32.31 -39.67 37.04
CA LEU T 132 -31.56 -40.25 35.94
C LEU T 132 -31.01 -39.14 35.04
N ARG T 133 -29.98 -39.51 34.26
CA ARG T 133 -29.40 -38.65 33.25
C ARG T 133 -29.19 -39.48 31.99
N LEU T 134 -29.54 -38.92 30.84
CA LEU T 134 -29.44 -39.60 29.55
C LEU T 134 -28.24 -39.09 28.75
N ARG T 135 -27.48 -40.00 28.15
CA ARG T 135 -26.49 -39.66 27.13
C ARG T 135 -26.70 -40.56 25.92
N VAL T 136 -26.89 -39.93 24.76
CA VAL T 136 -27.11 -40.60 23.48
C VAL T 136 -25.94 -40.26 22.58
N ILE T 137 -25.34 -41.29 21.97
CA ILE T 137 -24.16 -41.15 21.14
C ILE T 137 -24.39 -41.87 19.82
N PHE T 138 -23.90 -41.27 18.74
CA PHE T 138 -23.98 -41.82 17.38
C PHE T 138 -22.85 -41.15 16.63
N GLN T 139 -21.92 -41.94 16.10
CA GLN T 139 -20.62 -41.39 15.73
C GLN T 139 -20.64 -40.63 14.40
N ASP T 140 -21.49 -41.02 13.43
CA ASP T 140 -21.44 -40.35 12.13
C ASP T 140 -21.82 -38.87 12.24
N ASP T 141 -22.84 -38.55 13.05
CA ASP T 141 -23.15 -37.15 13.37
C ASP T 141 -22.50 -36.67 14.66
N ARG T 142 -21.70 -37.53 15.32
CA ARG T 142 -21.03 -37.21 16.59
C ARG T 142 -22.00 -36.57 17.59
N PHE T 143 -23.21 -37.11 17.67
CA PHE T 143 -24.34 -36.42 18.29
C PHE T 143 -24.06 -36.00 19.74
N ASN T 144 -24.00 -36.95 20.67
CA ASN T 144 -23.31 -36.81 21.95
C ASN T 144 -23.84 -35.66 22.85
N GLU T 145 -25.09 -35.21 22.70
CA GLU T 145 -25.67 -34.31 23.70
C GLU T 145 -26.24 -35.09 24.89
N VAL T 146 -26.52 -34.37 25.98
CA VAL T 146 -26.94 -34.96 27.26
C VAL T 146 -28.25 -34.30 27.73
N TYR T 147 -29.14 -35.11 28.28
CA TYR T 147 -30.40 -34.65 28.87
C TYR T 147 -30.37 -35.00 30.36
N ASP T 148 -30.54 -33.99 31.21
CA ASP T 148 -30.21 -34.07 32.62
C ASP T 148 -31.37 -33.70 33.53
N ASN T 149 -31.25 -34.10 34.80
CA ASN T 149 -32.29 -33.92 35.81
C ASN T 149 -33.61 -34.49 35.32
N ILE T 150 -33.54 -35.73 34.84
CA ILE T 150 -34.68 -36.41 34.23
C ILE T 150 -35.61 -36.88 35.36
N GLY T 151 -36.83 -36.37 35.35
CA GLY T 151 -37.75 -36.50 36.47
C GLY T 151 -37.79 -35.19 37.22
N ASN T 152 -37.86 -35.24 38.55
CA ASN T 152 -37.73 -34.08 39.43
C ASN T 152 -38.55 -32.88 38.96
N ILE T 153 -39.86 -33.09 38.84
CA ILE T 153 -40.66 -32.13 38.07
C ILE T 153 -41.02 -30.89 38.89
N PHE T 154 -41.28 -31.02 40.19
CA PHE T 154 -41.52 -29.84 41.04
C PHE T 154 -41.39 -30.24 42.52
N THR T 155 -41.31 -29.22 43.38
CA THR T 155 -41.01 -29.37 44.81
C THR T 155 -42.15 -28.85 45.69
N ILE T 156 -42.27 -29.39 46.93
CA ILE T 156 -43.38 -29.11 47.85
C ILE T 156 -42.85 -28.88 49.27
N LYS T 157 -43.56 -28.01 50.02
CA LYS T 157 -43.24 -27.66 51.42
C LYS T 157 -44.54 -27.42 52.20
N TYR T 158 -44.48 -27.54 53.54
CA TYR T 158 -45.55 -27.12 54.45
C TYR T 158 -44.99 -26.37 55.65
N LYS T 159 -45.67 -25.28 56.04
CA LYS T 159 -45.19 -24.38 57.08
C LYS T 159 -45.83 -24.54 58.47
N GLY T 160 -47.05 -25.07 58.55
CA GLY T 160 -47.85 -24.96 59.78
C GLY T 160 -47.24 -25.66 60.99
N GLU T 161 -47.87 -25.41 62.15
CA GLU T 161 -47.41 -25.96 63.42
C GLU T 161 -47.78 -27.43 63.62
N GLU T 162 -48.65 -27.99 62.79
CA GLU T 162 -48.94 -29.43 62.85
C GLU T 162 -47.67 -30.27 62.68
N ALA T 163 -47.47 -31.21 63.61
CA ALA T 163 -46.23 -31.99 63.62
C ALA T 163 -46.14 -32.96 62.44
N ASN T 164 -47.24 -33.62 62.07
CA ASN T 164 -47.24 -34.61 60.99
C ASN T 164 -48.03 -34.13 59.79
N ALA T 165 -47.38 -34.06 58.63
CA ALA T 165 -47.99 -33.69 57.36
C ALA T 165 -47.26 -34.42 56.23
N THR T 166 -47.98 -34.75 55.16
CA THR T 166 -47.44 -35.66 54.15
C THR T 166 -48.27 -35.60 52.86
N PHE T 167 -47.69 -36.16 51.78
CA PHE T 167 -48.15 -36.09 50.40
C PHE T 167 -48.29 -37.51 49.83
N SER T 168 -49.30 -37.73 48.98
CA SER T 168 -49.43 -39.03 48.32
C SER T 168 -50.13 -38.91 46.96
N VAL T 169 -50.01 -39.99 46.17
CA VAL T 169 -50.61 -40.14 44.85
C VAL T 169 -51.17 -41.56 44.78
N GLU T 170 -52.41 -41.70 44.28
CA GLU T 170 -53.04 -43.01 44.12
C GLU T 170 -53.56 -43.15 42.69
N HIS T 171 -53.63 -44.40 42.24
CA HIS T 171 -53.74 -44.72 40.81
C HIS T 171 -55.08 -45.34 40.42
N ASP T 172 -55.40 -45.19 39.14
CA ASP T 172 -56.35 -46.06 38.46
C ASP T 172 -55.73 -47.44 38.31
N GLU T 173 -56.26 -48.42 39.05
CA GLU T 173 -55.65 -49.74 39.07
C GLU T 173 -55.73 -50.44 37.72
N GLU T 174 -56.60 -49.99 36.81
CA GLU T 174 -56.76 -50.64 35.51
C GLU T 174 -55.70 -50.20 34.50
N THR T 175 -54.96 -49.13 34.79
CA THR T 175 -53.86 -48.68 33.92
C THR T 175 -52.65 -48.17 34.69
N GLN T 176 -52.74 -47.98 36.01
CA GLN T 176 -51.68 -47.37 36.81
C GLN T 176 -51.29 -45.98 36.30
N LYS T 177 -52.25 -45.27 35.71
CA LYS T 177 -52.21 -43.81 35.65
C LYS T 177 -52.68 -43.24 36.98
N ALA T 178 -52.09 -42.11 37.38
CA ALA T 178 -52.48 -41.46 38.62
C ALA T 178 -53.87 -40.82 38.50
N SER T 179 -54.72 -41.08 39.49
CA SER T 179 -56.09 -40.57 39.53
C SER T 179 -56.37 -39.67 40.73
N ARG T 180 -55.62 -39.81 41.82
CA ARG T 180 -55.67 -38.91 42.96
C ARG T 180 -54.26 -38.37 43.26
N LEU T 181 -54.22 -37.13 43.72
CA LEU T 181 -53.09 -36.61 44.48
C LEU T 181 -53.68 -35.90 45.70
N VAL T 182 -53.08 -36.15 46.87
CA VAL T 182 -53.63 -35.70 48.14
C VAL T 182 -52.54 -35.15 49.06
N LEU T 183 -52.93 -34.17 49.87
CA LEU T 183 -52.17 -33.65 50.99
C LEU T 183 -52.81 -34.11 52.30
N LYS T 184 -51.97 -34.49 53.28
CA LYS T 184 -52.44 -34.79 54.63
C LYS T 184 -51.80 -33.81 55.61
N VAL T 185 -52.56 -33.42 56.65
CA VAL T 185 -52.09 -32.49 57.68
C VAL T 185 -52.71 -32.88 59.01
N GLY T 186 -51.91 -32.87 60.08
CA GLY T 186 -52.45 -33.33 61.35
C GLY T 186 -52.97 -34.75 61.27
N ASP T 187 -52.31 -35.59 60.47
CA ASP T 187 -52.64 -36.99 60.30
C ASP T 187 -54.06 -37.22 59.81
N GLN T 188 -54.51 -36.41 58.85
CA GLN T 188 -55.73 -36.69 58.09
C GLN T 188 -55.64 -36.02 56.72
N GLU T 189 -56.40 -36.56 55.76
CA GLU T 189 -56.41 -36.00 54.40
C GLU T 189 -57.02 -34.60 54.39
N VAL T 190 -56.39 -33.70 53.64
CA VAL T 190 -56.86 -32.32 53.50
C VAL T 190 -57.80 -32.21 52.30
N LYS T 191 -57.27 -32.45 51.10
CA LYS T 191 -57.99 -32.13 49.86
C LYS T 191 -57.59 -33.13 48.79
N SER T 192 -58.53 -33.42 47.88
CA SER T 192 -58.26 -34.24 46.71
C SER T 192 -57.88 -33.39 45.51
N TYR T 193 -56.98 -33.91 44.68
CA TYR T 193 -56.67 -33.32 43.38
C TYR T 193 -57.04 -34.34 42.31
N ASP T 194 -58.09 -34.00 41.55
CA ASP T 194 -58.81 -34.96 40.71
C ASP T 194 -58.15 -34.99 39.34
N LEU T 195 -57.27 -35.98 39.15
CA LEU T 195 -56.30 -35.99 38.07
C LEU T 195 -56.85 -36.53 36.75
N THR T 196 -58.17 -36.48 36.55
CA THR T 196 -58.78 -36.55 35.24
C THR T 196 -60.06 -35.72 35.16
N GLY T 197 -60.34 -34.90 36.18
CA GLY T 197 -61.60 -34.16 36.28
C GLY T 197 -61.47 -32.66 36.11
N GLY T 198 -60.39 -32.18 35.51
CA GLY T 198 -60.33 -30.75 35.20
C GLY T 198 -58.97 -30.30 34.69
N ALA T 199 -58.61 -29.07 35.09
CA ALA T 199 -57.31 -28.46 34.75
C ALA T 199 -56.13 -29.25 35.28
N TYR T 200 -56.36 -30.18 36.22
CA TYR T 200 -55.36 -31.04 36.84
C TYR T 200 -54.83 -32.08 35.87
N ASP T 201 -55.30 -32.06 34.61
CA ASP T 201 -54.60 -32.75 33.55
C ASP T 201 -53.11 -32.36 33.51
N TYR T 202 -52.81 -31.09 33.69
CA TYR T 202 -51.44 -30.57 33.60
C TYR T 202 -50.89 -30.28 35.00
N THR T 203 -49.63 -30.72 35.24
CA THR T 203 -49.00 -30.52 36.56
C THR T 203 -49.11 -29.10 37.10
N ASN T 204 -49.08 -28.09 36.24
CA ASN T 204 -49.10 -26.69 36.70
C ASN T 204 -50.26 -26.42 37.65
N ALA T 205 -51.39 -27.07 37.41
CA ALA T 205 -52.63 -26.80 38.14
C ALA T 205 -52.53 -27.18 39.61
N ILE T 206 -51.66 -28.13 39.93
CA ILE T 206 -51.38 -28.51 41.31
C ILE T 206 -50.46 -27.47 41.95
N ILE T 207 -49.53 -26.92 41.17
CA ILE T 207 -48.56 -25.98 41.73
C ILE T 207 -49.21 -24.64 42.03
N THR T 208 -50.06 -24.15 41.11
CA THR T 208 -50.82 -22.94 41.38
C THR T 208 -51.72 -23.12 42.60
N ASP T 209 -52.53 -24.18 42.58
CA ASP T 209 -53.56 -24.36 43.59
C ASP T 209 -52.97 -24.58 44.99
N ILE T 210 -51.82 -25.26 45.09
CA ILE T 210 -51.10 -25.27 46.35
C ILE T 210 -50.70 -23.85 46.75
N ASN T 211 -50.25 -23.03 45.78
CA ASN T 211 -49.82 -21.68 46.10
C ASN T 211 -50.97 -20.77 46.54
N GLN T 212 -52.22 -21.16 46.32
CA GLN T 212 -53.37 -20.50 46.93
C GLN T 212 -53.66 -20.91 48.38
N LEU T 213 -53.06 -21.96 48.92
CA LEU T 213 -53.46 -22.44 50.24
C LEU T 213 -52.89 -21.57 51.37
N PRO T 214 -53.45 -21.67 52.59
CA PRO T 214 -52.88 -20.91 53.71
C PRO T 214 -51.43 -21.21 54.04
N ASP T 215 -51.04 -22.49 54.20
CA ASP T 215 -49.72 -22.84 54.72
C ASP T 215 -48.98 -23.91 53.94
N PHE T 216 -49.59 -24.49 52.90
CA PHE T 216 -48.90 -25.41 51.99
C PHE T 216 -48.32 -24.64 50.80
N GLU T 217 -47.13 -25.05 50.37
CA GLU T 217 -46.37 -24.31 49.35
C GLU T 217 -45.72 -25.27 48.36
N ALA T 218 -45.53 -24.80 47.12
CA ALA T 218 -44.90 -25.60 46.08
C ALA T 218 -44.21 -24.67 45.08
N LYS T 219 -43.14 -25.18 44.45
CA LYS T 219 -42.37 -24.39 43.49
C LYS T 219 -41.93 -25.25 42.30
N LEU T 220 -42.11 -24.70 41.10
CA LEU T 220 -41.80 -25.38 39.85
C LEU T 220 -40.29 -25.55 39.67
N SER T 221 -39.93 -26.60 38.91
CA SER T 221 -38.52 -26.91 38.66
C SER T 221 -37.79 -25.71 38.06
N PRO T 222 -36.56 -25.41 38.48
CA PRO T 222 -35.80 -24.35 37.81
C PRO T 222 -35.11 -24.80 36.53
N PHE T 223 -35.32 -26.05 36.10
CA PHE T 223 -34.60 -26.62 34.98
C PHE T 223 -35.27 -26.38 33.62
N GLY T 224 -36.54 -25.97 33.58
CA GLY T 224 -37.12 -25.57 32.31
C GLY T 224 -38.64 -25.71 32.25
N ASP T 225 -39.14 -25.58 31.01
CA ASP T 225 -40.56 -25.56 30.66
C ASP T 225 -41.11 -26.99 30.62
N LYS T 226 -41.18 -27.61 31.80
CA LYS T 226 -41.57 -29.02 31.84
C LYS T 226 -43.04 -29.21 31.48
N ASN T 227 -43.96 -28.58 32.21
CA ASN T 227 -45.44 -28.66 32.01
C ASN T 227 -45.93 -30.02 31.54
N LEU T 228 -45.60 -31.06 32.31
CA LEU T 228 -46.02 -32.42 32.03
C LEU T 228 -47.44 -32.68 32.54
N GLU T 229 -48.09 -33.69 31.96
CA GLU T 229 -49.40 -34.11 32.45
C GLU T 229 -49.28 -34.79 33.81
N SER T 230 -50.38 -34.72 34.58
CA SER T 230 -50.46 -35.49 35.82
C SER T 230 -50.64 -36.98 35.56
N SER T 231 -51.19 -37.32 34.38
CA SER T 231 -51.43 -38.72 34.02
C SER T 231 -50.17 -39.57 34.12
N LYS T 232 -48.99 -38.98 33.91
CA LYS T 232 -47.74 -39.72 33.91
C LYS T 232 -46.96 -39.57 35.22
N LEU T 233 -47.63 -39.24 36.32
CA LEU T 233 -47.00 -39.27 37.62
C LEU T 233 -46.60 -40.72 37.97
N ASP T 234 -45.60 -40.88 38.83
CA ASP T 234 -45.16 -42.20 39.28
C ASP T 234 -45.77 -42.56 40.64
N LYS T 235 -45.79 -43.87 40.91
CA LYS T 235 -46.45 -44.42 42.10
C LYS T 235 -45.66 -44.02 43.35
N ILE T 236 -46.26 -43.21 44.23
CA ILE T 236 -45.60 -42.83 45.49
C ILE T 236 -46.66 -42.40 46.49
N GLU T 237 -46.47 -42.81 47.75
CA GLU T 237 -47.39 -42.49 48.85
C GLU T 237 -46.61 -42.19 50.14
N ASN T 238 -47.27 -41.41 51.00
CA ASN T 238 -46.79 -41.04 52.35
C ASN T 238 -45.37 -40.48 52.32
N ALA T 239 -45.13 -39.53 51.43
CA ALA T 239 -43.89 -38.75 51.43
C ALA T 239 -43.94 -37.74 52.57
N ASN T 240 -43.25 -38.04 53.69
CA ASN T 240 -43.34 -37.19 54.87
C ASN T 240 -42.70 -35.82 54.60
N ILE T 241 -43.52 -34.77 54.66
CA ILE T 241 -43.12 -33.42 54.21
C ILE T 241 -43.65 -32.39 55.19
N LYS T 242 -42.76 -31.59 55.77
CA LYS T 242 -43.11 -30.22 56.16
C LYS T 242 -41.89 -29.32 56.06
N ASP T 243 -40.84 -29.60 56.86
CA ASP T 243 -39.59 -28.84 56.78
C ASP T 243 -38.65 -29.50 55.76
N LYS T 244 -39.14 -29.58 54.53
CA LYS T 244 -38.40 -30.16 53.42
C LYS T 244 -38.80 -29.46 52.13
N ALA T 245 -38.16 -29.86 51.02
CA ALA T 245 -38.53 -29.43 49.68
C ALA T 245 -38.46 -30.66 48.77
N VAL T 246 -39.36 -31.63 49.04
CA VAL T 246 -39.31 -32.93 48.38
C VAL T 246 -39.75 -32.80 46.92
N TYR T 247 -39.05 -33.49 46.03
CA TYR T 247 -39.41 -33.54 44.62
C TYR T 247 -40.50 -34.56 44.34
N VAL T 248 -41.48 -34.17 43.50
CA VAL T 248 -42.30 -35.13 42.77
C VAL T 248 -41.58 -35.44 41.47
N LYS T 249 -41.58 -36.71 41.05
CA LYS T 249 -40.68 -37.13 39.97
C LYS T 249 -41.35 -37.25 38.59
N ALA T 250 -42.27 -38.20 38.40
CA ALA T 250 -42.91 -38.42 37.09
C ALA T 250 -41.87 -38.71 35.99
N VAL T 251 -41.07 -39.77 36.22
CA VAL T 251 -39.88 -39.97 35.39
C VAL T 251 -40.22 -40.22 33.93
N PHE T 252 -41.12 -41.17 33.62
CA PHE T 252 -41.28 -41.56 32.22
C PHE T 252 -41.80 -40.40 31.37
N GLY T 253 -42.85 -39.72 31.85
CA GLY T 253 -43.37 -38.59 31.11
C GLY T 253 -42.33 -37.50 30.89
N ASP T 254 -41.43 -37.31 31.85
CA ASP T 254 -40.35 -36.35 31.66
C ASP T 254 -39.37 -36.82 30.58
N LEU T 255 -39.16 -38.13 30.46
CA LEU T 255 -38.31 -38.64 29.38
C LEU T 255 -38.90 -38.30 28.01
N GLU T 256 -40.22 -38.41 27.87
CA GLU T 256 -40.85 -38.10 26.58
C GLU T 256 -40.76 -36.61 26.28
N LYS T 257 -41.20 -35.78 27.23
CA LYS T 257 -41.25 -34.35 26.99
C LYS T 257 -39.87 -33.77 26.71
N GLN T 258 -38.88 -34.09 27.55
CA GLN T 258 -37.58 -33.43 27.44
C GLN T 258 -36.65 -34.04 26.40
N THR T 259 -36.96 -35.23 25.84
CA THR T 259 -36.02 -35.93 24.95
C THR T 259 -36.65 -36.50 23.70
N ALA T 260 -37.85 -37.09 23.79
CA ALA T 260 -38.39 -37.85 22.67
C ALA T 260 -38.63 -36.99 21.43
N TYR T 261 -38.79 -35.68 21.61
CA TYR T 261 -39.07 -34.78 20.50
C TYR T 261 -37.81 -34.31 19.77
N ASN T 262 -36.65 -34.89 20.04
CA ASN T 262 -35.41 -34.43 19.43
C ASN T 262 -34.47 -35.61 19.23
N GLY T 263 -33.48 -35.44 18.33
CA GLY T 263 -32.43 -36.43 18.19
C GLY T 263 -32.83 -37.70 17.45
N ILE T 264 -31.97 -38.71 17.58
CA ILE T 264 -32.03 -39.92 16.76
C ILE T 264 -32.94 -40.98 17.36
N VAL T 265 -33.02 -41.07 18.69
CA VAL T 265 -33.55 -42.23 19.39
C VAL T 265 -34.88 -41.87 20.03
N SER T 266 -35.77 -42.88 20.10
CA SER T 266 -37.12 -42.72 20.65
C SER T 266 -37.38 -43.78 21.70
N PHE T 267 -38.18 -43.41 22.71
CA PHE T 267 -38.40 -44.22 23.90
C PHE T 267 -39.88 -44.46 24.13
N GLU T 268 -40.23 -45.71 24.46
CA GLU T 268 -41.55 -46.07 24.96
C GLU T 268 -41.39 -46.98 26.16
N GLN T 269 -42.31 -46.87 27.11
CA GLN T 269 -42.25 -47.64 28.35
C GLN T 269 -43.00 -48.96 28.19
N LEU T 270 -42.44 -50.03 28.76
CA LEU T 270 -43.04 -51.37 28.70
C LEU T 270 -44.27 -51.44 29.58
N LYS T 298 -43.00 -53.34 35.02
CA LYS T 298 -41.79 -52.84 34.37
C LYS T 298 -41.56 -51.39 34.75
N THR T 299 -40.42 -51.09 35.40
CA THR T 299 -40.09 -49.75 35.86
C THR T 299 -38.72 -49.31 35.34
N ILE T 300 -38.68 -48.06 34.83
CA ILE T 300 -37.46 -47.48 34.25
C ILE T 300 -36.41 -47.25 35.34
N GLU T 301 -35.19 -47.77 35.12
CA GLU T 301 -34.13 -47.65 36.11
C GLU T 301 -32.77 -47.67 35.40
N PRO T 302 -31.69 -47.25 36.08
CA PRO T 302 -30.40 -47.02 35.39
C PRO T 302 -29.79 -48.26 34.74
N PHE T 303 -28.98 -48.03 33.69
CA PHE T 303 -28.19 -49.08 33.05
C PHE T 303 -27.03 -48.47 32.26
N GLU T 304 -26.03 -49.30 31.99
CA GLU T 304 -24.77 -48.85 31.40
C GLU T 304 -24.91 -48.47 29.92
N LEU T 305 -23.94 -47.69 29.43
CA LEU T 305 -23.83 -47.27 28.03
C LEU T 305 -23.61 -48.45 27.09
N THR T 306 -24.56 -48.71 26.18
CA THR T 306 -24.58 -49.94 25.37
C THR T 306 -25.13 -49.66 23.97
N LYS T 307 -24.73 -50.52 23.02
CA LYS T 307 -25.17 -50.45 21.63
C LYS T 307 -26.64 -50.83 21.46
N LEU T 308 -27.28 -50.27 20.44
CA LEU T 308 -28.52 -50.80 19.90
C LEU T 308 -28.22 -51.88 18.86
N LYS T 309 -29.20 -52.75 18.63
CA LYS T 309 -28.99 -53.98 17.86
C LYS T 309 -30.08 -54.18 16.82
N GLY T 310 -29.83 -55.12 15.92
CA GLY T 310 -30.82 -55.62 14.97
C GLY T 310 -31.14 -54.72 13.80
N GLY T 311 -30.63 -53.49 13.76
CA GLY T 311 -30.84 -52.63 12.61
C GLY T 311 -30.30 -53.26 11.35
N THR T 312 -31.16 -53.51 10.34
CA THR T 312 -30.75 -54.29 9.19
C THR T 312 -31.46 -53.76 7.94
N ASN T 313 -30.76 -53.84 6.79
CA ASN T 313 -31.35 -53.35 5.54
C ASN T 313 -32.28 -54.37 4.89
N GLY T 314 -32.03 -55.66 5.06
CA GLY T 314 -32.81 -56.71 4.41
C GLY T 314 -32.19 -57.18 3.11
N GLU T 315 -32.94 -58.02 2.40
CA GLU T 315 -32.42 -58.65 1.19
C GLU T 315 -32.56 -57.73 -0.03
N PRO T 316 -31.75 -57.93 -1.07
CA PRO T 316 -31.90 -57.13 -2.30
C PRO T 316 -33.29 -57.30 -2.89
N PRO T 317 -33.96 -56.22 -3.32
CA PRO T 317 -35.37 -56.33 -3.71
C PRO T 317 -35.56 -57.20 -4.95
N ALA T 318 -36.52 -58.13 -4.86
CA ALA T 318 -36.80 -59.05 -5.95
C ALA T 318 -37.71 -58.44 -7.00
N THR T 319 -38.72 -57.67 -6.57
CA THR T 319 -39.66 -57.00 -7.45
C THR T 319 -39.92 -55.60 -6.92
N TRP T 320 -39.92 -54.61 -7.83
CA TRP T 320 -40.12 -53.21 -7.48
C TRP T 320 -41.52 -52.72 -7.83
N ALA T 321 -42.40 -53.59 -8.34
CA ALA T 321 -43.68 -53.11 -8.87
C ALA T 321 -44.59 -52.59 -7.76
N ASP T 322 -44.77 -53.38 -6.71
CA ASP T 322 -45.72 -52.99 -5.65
C ASP T 322 -45.23 -51.79 -4.84
N LYS T 323 -43.96 -51.40 -4.97
CA LYS T 323 -43.47 -50.14 -4.43
C LYS T 323 -43.48 -49.01 -5.45
N LEU T 324 -43.50 -49.35 -6.74
CA LEU T 324 -43.69 -48.36 -7.80
C LEU T 324 -45.12 -47.84 -7.86
N ASP T 325 -46.04 -48.43 -7.09
CA ASP T 325 -47.40 -47.89 -6.98
C ASP T 325 -47.44 -46.52 -6.32
N LYS T 326 -46.40 -46.14 -5.58
CA LYS T 326 -46.44 -44.90 -4.81
C LYS T 326 -46.30 -43.67 -5.69
N PHE T 327 -45.84 -43.83 -6.93
CA PHE T 327 -45.78 -42.75 -7.90
C PHE T 327 -47.08 -42.56 -8.69
N ALA T 328 -48.10 -43.37 -8.43
CA ALA T 328 -49.28 -43.39 -9.29
C ALA T 328 -50.15 -42.15 -9.15
N HIS T 329 -49.89 -41.28 -8.16
CA HIS T 329 -50.70 -40.10 -7.92
C HIS T 329 -49.90 -38.81 -7.81
N GLU T 330 -48.56 -38.88 -7.87
CA GLU T 330 -47.73 -37.69 -7.91
C GLU T 330 -47.46 -37.18 -9.32
N GLY T 331 -47.71 -38.00 -10.33
CA GLY T 331 -47.61 -37.54 -11.71
C GLY T 331 -46.23 -37.20 -12.20
N GLY T 332 -45.18 -37.81 -11.64
CA GLY T 332 -43.84 -37.57 -12.12
C GLY T 332 -43.66 -38.13 -13.52
N TYR T 333 -43.32 -37.28 -14.47
CA TYR T 333 -43.36 -37.64 -15.88
C TYR T 333 -42.15 -38.49 -16.28
N TYR T 334 -40.95 -37.99 -16.02
CA TYR T 334 -39.72 -38.74 -16.22
C TYR T 334 -39.36 -39.50 -14.95
N ILE T 335 -38.86 -40.71 -15.12
CA ILE T 335 -38.43 -41.59 -14.03
C ILE T 335 -37.16 -42.29 -14.47
N VAL T 336 -36.17 -42.32 -13.58
CA VAL T 336 -34.88 -42.96 -13.85
C VAL T 336 -34.62 -44.03 -12.80
N PRO T 337 -35.03 -45.28 -13.00
CA PRO T 337 -34.70 -46.32 -12.02
C PRO T 337 -33.19 -46.54 -12.01
N LEU T 338 -32.63 -46.59 -10.80
CA LEU T 338 -31.22 -46.95 -10.65
C LEU T 338 -31.02 -48.47 -10.60
N SER T 339 -32.08 -49.23 -10.89
CA SER T 339 -32.01 -50.69 -10.90
C SER T 339 -30.93 -51.18 -11.85
N SER T 340 -30.27 -52.27 -11.45
CA SER T 340 -29.18 -52.83 -12.24
C SER T 340 -29.68 -53.84 -13.28
N LYS T 341 -30.58 -54.72 -12.88
CA LYS T 341 -30.89 -55.92 -13.66
C LYS T 341 -31.96 -55.65 -14.72
N GLN T 342 -31.91 -56.46 -15.78
CA GLN T 342 -32.90 -56.36 -16.85
C GLN T 342 -34.30 -56.72 -16.37
N SER T 343 -34.40 -57.54 -15.31
CA SER T 343 -35.70 -57.93 -14.79
C SER T 343 -36.50 -56.73 -14.27
N VAL T 344 -35.82 -55.79 -13.61
CA VAL T 344 -36.51 -54.63 -13.05
C VAL T 344 -36.79 -53.61 -14.14
N HIS T 345 -35.94 -53.56 -15.17
CA HIS T 345 -36.21 -52.67 -16.29
C HIS T 345 -37.52 -53.06 -16.99
N ALA T 346 -37.75 -54.36 -17.17
CA ALA T 346 -39.02 -54.83 -17.71
C ALA T 346 -40.20 -54.50 -16.81
N GLU T 347 -39.97 -54.43 -15.49
CA GLU T 347 -41.05 -54.04 -14.59
C GLU T 347 -41.37 -52.56 -14.73
N VAL T 348 -40.34 -51.72 -14.82
CA VAL T 348 -40.54 -50.30 -15.06
C VAL T 348 -41.24 -50.09 -16.40
N ALA T 349 -40.88 -50.89 -17.41
CA ALA T 349 -41.53 -50.74 -18.70
C ALA T 349 -42.99 -51.11 -18.62
N SER T 350 -43.29 -52.18 -17.88
CA SER T 350 -44.68 -52.57 -17.65
C SER T 350 -45.42 -51.50 -16.87
N PHE T 351 -44.75 -50.88 -15.89
CA PHE T 351 -45.39 -49.84 -15.10
C PHE T 351 -45.74 -48.63 -15.96
N VAL T 352 -44.80 -48.17 -16.78
CA VAL T 352 -45.06 -47.02 -17.64
C VAL T 352 -46.15 -47.35 -18.65
N LYS T 353 -46.21 -48.61 -19.11
CA LYS T 353 -47.29 -48.98 -20.01
C LYS T 353 -48.63 -48.95 -19.29
N GLU T 354 -48.64 -49.41 -18.04
CA GLU T 354 -49.88 -49.45 -17.26
C GLU T 354 -50.38 -48.04 -16.93
N ARG T 355 -49.46 -47.11 -16.67
CA ARG T 355 -49.88 -45.72 -16.43
C ARG T 355 -50.34 -45.06 -17.72
N SER T 356 -49.77 -45.46 -18.87
CA SER T 356 -50.25 -44.95 -20.15
C SER T 356 -51.67 -45.40 -20.43
N ASP T 357 -51.98 -46.66 -20.13
CA ASP T 357 -53.35 -47.13 -20.30
C ASP T 357 -54.30 -46.43 -19.34
N ALA T 358 -53.81 -46.04 -18.17
CA ALA T 358 -54.63 -45.28 -17.22
C ALA T 358 -54.87 -43.85 -17.65
N GLY T 359 -54.19 -43.37 -18.69
CA GLY T 359 -54.39 -42.03 -19.19
C GLY T 359 -53.29 -41.06 -18.81
N GLU T 360 -52.38 -41.48 -17.92
CA GLU T 360 -51.37 -40.63 -17.32
C GLU T 360 -50.06 -40.78 -18.09
N PRO T 361 -49.46 -39.70 -18.59
CA PRO T 361 -48.22 -39.85 -19.38
C PRO T 361 -47.01 -40.00 -18.48
N MET T 362 -46.15 -40.97 -18.81
CA MET T 362 -44.89 -41.17 -18.09
C MET T 362 -43.88 -41.77 -19.06
N ARG T 363 -42.60 -41.54 -18.79
CA ARG T 363 -41.52 -42.06 -19.62
C ARG T 363 -40.35 -42.44 -18.74
N ALA T 364 -39.66 -43.52 -19.11
CA ALA T 364 -38.55 -44.06 -18.33
C ALA T 364 -37.27 -44.01 -19.15
N ILE T 365 -36.19 -43.56 -18.51
CA ILE T 365 -34.85 -43.56 -19.10
C ILE T 365 -33.97 -44.54 -18.33
N VAL T 366 -33.34 -45.48 -19.06
CA VAL T 366 -32.68 -46.64 -18.47
C VAL T 366 -31.27 -46.76 -19.03
N GLY T 367 -30.36 -47.31 -18.21
CA GLY T 367 -29.00 -47.61 -18.61
C GLY T 367 -28.71 -49.10 -18.51
N GLY T 368 -27.51 -49.48 -18.96
CA GLY T 368 -27.09 -50.88 -18.99
C GLY T 368 -25.63 -51.09 -18.68
N GLY T 369 -25.34 -51.75 -17.55
CA GLY T 369 -24.02 -52.22 -17.18
C GLY T 369 -22.83 -51.30 -17.25
N PHE T 370 -21.64 -51.89 -17.20
CA PHE T 370 -20.37 -51.24 -17.54
C PHE T 370 -19.84 -51.84 -18.83
N ASN T 371 -19.32 -50.99 -19.71
CA ASN T 371 -18.54 -51.43 -20.86
C ASN T 371 -19.34 -52.40 -21.74
N GLU T 372 -20.61 -52.07 -21.97
CA GLU T 372 -21.47 -52.93 -22.76
C GLU T 372 -21.12 -52.82 -24.23
N SER T 373 -21.20 -53.95 -24.94
CA SER T 373 -20.99 -53.96 -26.38
C SER T 373 -22.30 -53.63 -27.07
N LYS T 374 -22.19 -53.35 -28.38
CA LYS T 374 -23.35 -53.07 -29.22
C LYS T 374 -24.41 -54.15 -29.08
N GLU T 375 -23.97 -55.41 -29.03
CA GLU T 375 -24.88 -56.53 -29.09
C GLU T 375 -25.59 -56.77 -27.77
N GLN T 376 -24.87 -56.69 -26.65
CA GLN T 376 -25.55 -56.71 -25.36
C GLN T 376 -26.60 -55.61 -25.27
N LEU T 377 -26.32 -54.43 -25.86
CA LEU T 377 -27.32 -53.37 -25.84
C LEU T 377 -28.48 -53.67 -26.77
N PHE T 378 -28.21 -54.35 -27.90
CA PHE T 378 -29.30 -54.79 -28.76
C PHE T 378 -30.18 -55.82 -28.06
N GLY T 379 -29.60 -56.64 -27.18
CA GLY T 379 -30.39 -57.63 -26.46
C GLY T 379 -31.23 -57.00 -25.36
N ARG T 380 -30.83 -55.82 -24.88
CA ARG T 380 -31.72 -55.05 -24.02
C ARG T 380 -32.79 -54.34 -24.85
N GLN T 381 -32.39 -53.77 -25.98
CA GLN T 381 -33.31 -53.04 -26.85
C GLN T 381 -34.45 -53.95 -27.32
N ALA T 382 -34.15 -55.17 -27.72
CA ALA T 382 -35.19 -56.08 -28.16
C ALA T 382 -36.10 -56.50 -26.99
N SER T 383 -35.52 -56.75 -25.82
CA SER T 383 -36.29 -57.15 -24.66
C SER T 383 -37.00 -55.99 -23.98
N LEU T 384 -36.73 -54.75 -24.39
CA LEU T 384 -37.37 -53.56 -23.84
C LEU T 384 -38.02 -52.79 -24.98
N SER T 385 -38.96 -53.43 -25.67
CA SER T 385 -39.38 -52.99 -27.00
C SER T 385 -40.27 -51.75 -27.01
N ASN T 386 -41.12 -51.54 -26.00
CA ASN T 386 -42.22 -50.60 -26.15
C ASN T 386 -41.73 -49.15 -26.10
N PRO T 387 -42.50 -48.21 -26.66
CA PRO T 387 -42.12 -46.80 -26.53
C PRO T 387 -42.34 -46.31 -25.11
N ARG T 388 -41.93 -45.06 -24.87
CA ARG T 388 -41.86 -44.44 -23.54
C ARG T 388 -40.79 -45.07 -22.65
N VAL T 389 -39.86 -45.82 -23.23
CA VAL T 389 -38.71 -46.34 -22.49
C VAL T 389 -37.47 -46.02 -23.31
N SER T 390 -36.47 -45.41 -22.66
CA SER T 390 -35.32 -44.83 -23.34
C SER T 390 -34.04 -45.46 -22.78
N LEU T 391 -33.30 -46.13 -23.66
CA LEU T 391 -32.09 -46.85 -23.28
C LEU T 391 -30.85 -45.97 -23.48
N VAL T 392 -30.02 -45.89 -22.44
CA VAL T 392 -28.77 -45.13 -22.43
C VAL T 392 -27.62 -46.12 -22.50
N ALA T 393 -26.54 -45.69 -23.17
CA ALA T 393 -25.43 -46.60 -23.45
C ALA T 393 -24.33 -46.59 -22.38
N ASN T 394 -23.45 -45.59 -22.45
CA ASN T 394 -22.11 -45.69 -21.87
C ASN T 394 -22.08 -45.40 -20.37
N SER T 395 -20.98 -45.83 -19.73
CA SER T 395 -20.71 -45.66 -18.31
C SER T 395 -19.40 -44.91 -18.14
N GLY T 396 -19.44 -43.78 -17.44
CA GLY T 396 -18.29 -42.89 -17.24
C GLY T 396 -18.08 -42.44 -15.81
N THR T 397 -17.74 -41.16 -15.68
CA THR T 397 -17.33 -40.55 -14.42
C THR T 397 -17.89 -39.14 -14.35
N PHE T 398 -18.13 -38.68 -13.13
CA PHE T 398 -18.61 -37.33 -12.87
C PHE T 398 -17.87 -36.77 -11.68
N VAL T 399 -17.69 -35.46 -11.66
CA VAL T 399 -17.04 -34.77 -10.55
C VAL T 399 -18.15 -34.45 -9.55
N MET T 400 -18.21 -35.21 -8.46
CA MET T 400 -19.29 -35.09 -7.51
C MET T 400 -18.96 -33.97 -6.51
N ASP T 401 -19.93 -33.66 -5.66
CA ASP T 401 -19.85 -32.64 -4.61
C ASP T 401 -18.54 -32.68 -3.81
N ASP T 402 -18.03 -33.89 -3.57
CA ASP T 402 -16.81 -34.07 -2.77
C ASP T 402 -15.56 -33.52 -3.45
N GLY T 403 -15.62 -33.24 -4.76
CA GLY T 403 -14.42 -33.12 -5.56
C GLY T 403 -13.73 -34.44 -5.83
N ARG T 404 -14.48 -35.54 -5.83
CA ARG T 404 -13.95 -36.88 -6.03
C ARG T 404 -14.29 -37.38 -7.43
N LYS T 405 -13.41 -38.22 -7.97
CA LYS T 405 -13.51 -38.72 -9.34
C LYS T 405 -14.41 -39.95 -9.39
N ASN T 406 -15.68 -39.73 -9.07
CA ASN T 406 -16.62 -40.84 -8.89
C ASN T 406 -16.83 -41.62 -10.18
N HIS T 407 -16.71 -42.95 -10.09
CA HIS T 407 -17.06 -43.83 -11.19
C HIS T 407 -18.57 -44.03 -11.22
N VAL T 408 -19.13 -44.04 -12.43
CA VAL T 408 -20.56 -43.95 -12.64
C VAL T 408 -20.99 -45.06 -13.60
N PRO T 409 -21.92 -45.94 -13.23
CA PRO T 409 -22.46 -46.89 -14.21
C PRO T 409 -23.52 -46.25 -15.07
N ALA T 410 -23.85 -46.93 -16.18
CA ALA T 410 -24.91 -46.44 -17.05
C ALA T 410 -26.23 -46.28 -16.31
N TYR T 411 -26.41 -47.02 -15.20
CA TYR T 411 -27.60 -46.86 -14.37
C TYR T 411 -27.68 -45.44 -13.81
N MET T 412 -26.53 -44.83 -13.50
CA MET T 412 -26.49 -43.45 -13.02
C MET T 412 -26.29 -42.43 -14.14
N VAL T 413 -25.60 -42.80 -15.23
CA VAL T 413 -25.50 -41.90 -16.37
C VAL T 413 -26.87 -41.61 -16.95
N ALA T 414 -27.81 -42.55 -16.80
CA ALA T 414 -29.19 -42.28 -17.19
C ALA T 414 -29.74 -41.08 -16.41
N VAL T 415 -29.32 -40.90 -15.16
CA VAL T 415 -29.79 -39.76 -14.37
C VAL T 415 -29.36 -38.45 -14.99
N ALA T 416 -28.21 -38.42 -15.67
CA ALA T 416 -27.75 -37.16 -16.26
C ALA T 416 -28.72 -36.69 -17.35
N LEU T 417 -29.23 -37.62 -18.15
CA LEU T 417 -30.20 -37.23 -19.18
C LEU T 417 -31.58 -36.97 -18.57
N GLY T 418 -31.94 -37.72 -17.53
CA GLY T 418 -33.20 -37.47 -16.84
C GLY T 418 -33.23 -36.10 -16.20
N GLY T 419 -32.14 -35.69 -15.55
CA GLY T 419 -32.04 -34.35 -15.01
C GLY T 419 -32.08 -33.26 -16.07
N LEU T 420 -31.77 -33.62 -17.32
CA LEU T 420 -31.71 -32.64 -18.40
C LEU T 420 -33.08 -32.48 -19.04
N ALA T 421 -33.72 -33.61 -19.33
CA ALA T 421 -35.00 -33.60 -20.02
C ALA T 421 -36.09 -33.01 -19.12
N SER T 422 -35.95 -33.15 -17.81
CA SER T 422 -36.92 -32.57 -16.89
C SER T 422 -36.69 -31.07 -16.70
N GLY T 423 -35.45 -30.61 -16.88
CA GLY T 423 -35.13 -29.19 -16.80
C GLY T 423 -35.59 -28.40 -18.01
N LEU T 424 -35.46 -29.00 -19.20
CA LEU T 424 -35.73 -28.28 -20.43
C LEU T 424 -37.22 -27.94 -20.55
N GLU T 425 -37.50 -26.97 -21.41
CA GLU T 425 -38.87 -26.57 -21.66
C GLU T 425 -39.64 -27.70 -22.33
N ILE T 426 -40.96 -27.67 -22.19
CA ILE T 426 -41.77 -28.72 -22.77
C ILE T 426 -41.75 -28.61 -24.30
N GLY T 427 -41.63 -29.75 -24.97
CA GLY T 427 -41.40 -29.80 -26.41
C GLY T 427 -39.99 -29.55 -26.88
N GLU T 428 -39.06 -29.15 -26.00
CA GLU T 428 -37.69 -28.94 -26.41
C GLU T 428 -36.96 -30.27 -26.58
N SER T 429 -36.05 -30.31 -27.55
CA SER T 429 -35.28 -31.50 -27.85
C SER T 429 -34.04 -31.61 -26.96
N ILE T 430 -33.79 -32.82 -26.46
CA ILE T 430 -32.57 -33.07 -25.69
C ILE T 430 -31.32 -33.11 -26.58
N THR T 431 -31.49 -33.23 -27.89
CA THR T 431 -30.39 -33.38 -28.84
C THR T 431 -29.35 -32.26 -28.70
N PHE T 432 -28.07 -32.67 -28.76
CA PHE T 432 -26.88 -31.83 -28.90
C PHE T 432 -26.65 -30.87 -27.72
N LYS T 433 -27.38 -31.02 -26.61
CA LYS T 433 -27.08 -30.23 -25.42
C LYS T 433 -25.86 -30.80 -24.69
N PRO T 434 -25.13 -29.97 -23.94
CA PRO T 434 -23.94 -30.49 -23.24
C PRO T 434 -24.33 -31.53 -22.21
N LEU T 435 -23.33 -32.30 -21.77
CA LEU T 435 -23.53 -33.40 -20.83
C LEU T 435 -22.65 -33.33 -19.59
N ARG T 436 -21.51 -32.64 -19.65
CA ARG T 436 -20.70 -32.34 -18.47
C ARG T 436 -20.22 -33.63 -17.80
N VAL T 437 -19.40 -34.38 -18.54
CA VAL T 437 -18.90 -35.69 -18.13
C VAL T 437 -17.37 -35.62 -18.12
N SER T 438 -16.77 -36.12 -17.05
CA SER T 438 -15.33 -35.93 -16.87
C SER T 438 -14.53 -36.93 -17.72
N SER T 439 -14.96 -38.18 -17.73
CA SER T 439 -14.40 -39.27 -18.53
C SER T 439 -15.45 -40.34 -18.71
N LEU T 440 -15.43 -40.97 -19.89
CA LEU T 440 -16.51 -41.85 -20.28
C LEU T 440 -15.99 -42.91 -21.24
N ASP T 441 -16.47 -44.13 -21.05
CA ASP T 441 -16.13 -45.24 -21.94
C ASP T 441 -16.85 -45.01 -23.27
N GLN T 442 -16.22 -44.27 -24.17
CA GLN T 442 -16.89 -43.62 -25.30
C GLN T 442 -16.08 -43.79 -26.58
N ILE T 443 -15.53 -44.97 -26.82
CA ILE T 443 -14.72 -45.15 -28.02
C ILE T 443 -15.59 -45.16 -29.28
N TYR T 444 -16.90 -45.40 -29.16
CA TYR T 444 -17.77 -45.56 -30.33
C TYR T 444 -17.66 -44.31 -31.21
N GLU T 445 -17.53 -44.57 -32.51
CA GLU T 445 -17.22 -43.57 -33.52
C GLU T 445 -18.51 -43.15 -34.24
N SER T 446 -18.33 -42.22 -35.20
CA SER T 446 -19.47 -41.65 -35.93
C SER T 446 -20.33 -42.71 -36.59
N ILE T 447 -19.71 -43.72 -37.20
CA ILE T 447 -20.51 -44.79 -37.79
C ILE T 447 -21.17 -45.63 -36.70
N ASP T 448 -20.53 -45.76 -35.54
CA ASP T 448 -21.20 -46.46 -34.44
C ASP T 448 -22.42 -45.69 -33.96
N LEU T 449 -22.32 -44.36 -33.92
CA LEU T 449 -23.44 -43.53 -33.49
C LEU T 449 -24.65 -43.73 -34.40
N ASP T 450 -24.40 -43.86 -35.70
CA ASP T 450 -25.48 -44.11 -36.64
C ASP T 450 -26.10 -45.49 -36.40
N GLU T 451 -25.29 -46.50 -36.06
CA GLU T 451 -25.83 -47.82 -35.80
C GLU T 451 -26.57 -47.88 -34.48
N LEU T 452 -26.03 -47.26 -33.43
CA LEU T 452 -26.75 -47.21 -32.16
C LEU T 452 -28.02 -46.38 -32.28
N ASN T 453 -27.96 -45.24 -33.00
CA ASN T 453 -29.12 -44.37 -33.10
C ASN T 453 -30.23 -45.00 -33.92
N GLU T 454 -29.90 -45.62 -35.06
CA GLU T 454 -30.91 -46.25 -35.90
C GLU T 454 -31.65 -47.33 -35.14
N ASN T 455 -30.93 -48.11 -34.34
CA ASN T 455 -31.51 -49.16 -33.53
C ASN T 455 -32.19 -48.65 -32.27
N GLY T 456 -32.14 -47.33 -32.01
CA GLY T 456 -32.90 -46.74 -30.92
C GLY T 456 -32.19 -46.73 -29.58
N ILE T 457 -30.89 -46.47 -29.58
CA ILE T 457 -30.05 -46.53 -28.40
C ILE T 457 -29.36 -45.18 -28.27
N ILE T 458 -29.60 -44.49 -27.16
CA ILE T 458 -29.06 -43.15 -26.97
C ILE T 458 -27.56 -43.24 -26.76
N SER T 459 -26.80 -42.42 -27.50
CA SER T 459 -25.35 -42.43 -27.48
C SER T 459 -24.81 -41.03 -27.14
N ILE T 460 -23.48 -40.96 -26.99
CA ILE T 460 -22.75 -39.76 -26.58
C ILE T 460 -21.59 -39.60 -27.55
N GLU T 461 -21.17 -38.34 -27.76
CA GLU T 461 -20.15 -38.00 -28.74
C GLU T 461 -19.14 -37.01 -28.17
N PHE T 462 -17.87 -37.18 -28.56
CA PHE T 462 -16.84 -36.19 -28.30
C PHE T 462 -16.76 -35.17 -29.42
N VAL T 463 -16.71 -33.89 -29.06
CA VAL T 463 -16.70 -32.77 -29.99
C VAL T 463 -15.61 -31.80 -29.58
N ARG T 464 -14.91 -31.25 -30.57
CA ARG T 464 -13.77 -30.37 -30.32
C ARG T 464 -14.14 -28.97 -30.79
N ASN T 465 -14.05 -28.00 -29.89
CA ASN T 465 -14.30 -26.61 -30.25
C ASN T 465 -13.02 -26.04 -30.84
N ARG T 466 -12.83 -24.72 -30.79
CA ARG T 466 -11.56 -24.14 -31.21
C ARG T 466 -10.41 -24.69 -30.38
N THR T 467 -10.49 -24.50 -29.06
CA THR T 467 -9.55 -25.08 -28.10
C THR T 467 -10.25 -25.88 -27.01
N ASN T 468 -11.35 -25.38 -26.47
CA ASN T 468 -12.13 -26.16 -25.50
C ASN T 468 -12.74 -27.38 -26.16
N THR T 469 -13.18 -28.32 -25.34
CA THR T 469 -13.92 -29.49 -25.78
C THR T 469 -15.15 -29.69 -24.91
N PHE T 470 -16.09 -30.49 -25.41
CA PHE T 470 -17.28 -30.84 -24.65
C PHE T 470 -17.91 -32.09 -25.25
N PHE T 471 -18.79 -32.71 -24.47
CA PHE T 471 -19.50 -33.92 -24.86
C PHE T 471 -20.99 -33.63 -24.91
N ARG T 472 -21.62 -33.93 -26.06
CA ARG T 472 -23.04 -33.69 -26.27
C ARG T 472 -23.72 -34.96 -26.74
N ILE T 473 -25.04 -35.01 -26.54
CA ILE T 473 -25.84 -36.21 -26.78
C ILE T 473 -26.47 -36.07 -28.16
N VAL T 474 -26.39 -37.13 -28.98
CA VAL T 474 -26.48 -36.93 -30.42
C VAL T 474 -27.89 -37.05 -31.01
N ASP T 475 -28.87 -37.55 -30.27
CA ASP T 475 -30.21 -37.63 -30.81
C ASP T 475 -31.22 -37.90 -29.71
N ASP T 476 -32.41 -37.32 -29.87
CA ASP T 476 -33.55 -37.56 -28.97
C ASP T 476 -34.36 -38.81 -29.31
N VAL T 477 -33.72 -39.89 -29.75
CA VAL T 477 -34.45 -41.08 -30.18
C VAL T 477 -34.90 -41.89 -28.97
N THR T 478 -35.95 -42.69 -29.17
CA THR T 478 -36.43 -43.67 -28.19
C THR T 478 -35.99 -45.07 -28.62
N THR T 479 -36.44 -46.07 -27.86
CA THR T 479 -36.22 -47.49 -28.19
C THR T 479 -37.18 -48.01 -29.24
N PHE T 480 -38.03 -47.15 -29.82
CA PHE T 480 -39.06 -47.59 -30.75
C PHE T 480 -38.52 -47.79 -32.16
N ASN T 481 -39.14 -48.73 -32.88
CA ASN T 481 -38.66 -49.23 -34.16
C ASN T 481 -38.96 -48.29 -35.34
N ASP T 482 -40.22 -47.91 -35.51
CA ASP T 482 -40.69 -47.31 -36.75
C ASP T 482 -40.07 -45.93 -36.98
N LYS T 483 -39.50 -45.75 -38.18
CA LYS T 483 -38.84 -44.49 -38.53
C LYS T 483 -39.81 -43.42 -39.02
N SER T 484 -41.02 -43.80 -39.44
CA SER T 484 -42.01 -42.86 -39.96
C SER T 484 -43.03 -42.43 -38.92
N ASP T 485 -42.78 -42.70 -37.63
CA ASP T 485 -43.74 -42.43 -36.55
C ASP T 485 -43.04 -41.62 -35.45
N PRO T 486 -42.74 -40.36 -35.72
CA PRO T 486 -41.89 -39.59 -34.78
C PRO T 486 -42.52 -39.34 -33.42
N VAL T 487 -43.85 -39.32 -33.31
CA VAL T 487 -44.53 -39.30 -32.03
C VAL T 487 -44.06 -40.42 -31.09
N LYS T 488 -43.67 -41.58 -31.62
CA LYS T 488 -43.12 -42.67 -30.81
C LYS T 488 -41.60 -42.80 -30.91
N ALA T 489 -41.02 -42.46 -32.06
CA ALA T 489 -39.58 -42.60 -32.26
C ALA T 489 -38.74 -41.49 -31.62
N GLU T 490 -39.35 -40.35 -31.27
CA GLU T 490 -38.62 -39.18 -30.79
C GLU T 490 -39.22 -38.75 -29.46
N MET T 491 -38.40 -38.79 -28.40
CA MET T 491 -38.86 -38.46 -27.05
C MET T 491 -39.50 -37.08 -26.98
N ALA T 492 -38.93 -36.07 -27.64
CA ALA T 492 -39.47 -34.72 -27.50
C ALA T 492 -40.79 -34.58 -28.24
N VAL T 493 -41.00 -35.33 -29.31
CA VAL T 493 -42.27 -35.25 -30.03
C VAL T 493 -43.36 -35.98 -29.25
N GLY T 494 -43.04 -37.17 -28.73
CA GLY T 494 -43.96 -37.84 -27.82
C GLY T 494 -44.37 -36.97 -26.64
N GLU T 495 -43.43 -36.18 -26.12
CA GLU T 495 -43.71 -35.33 -24.97
C GLU T 495 -44.70 -34.23 -25.37
N ALA T 496 -44.41 -33.54 -26.47
CA ALA T 496 -45.33 -32.56 -27.02
C ALA T 496 -46.71 -33.16 -27.28
N ASN T 497 -46.79 -34.43 -27.68
CA ASN T 497 -48.08 -35.08 -27.86
C ASN T 497 -48.75 -35.36 -26.52
N ASP T 498 -47.99 -35.90 -25.56
CA ASP T 498 -48.54 -36.22 -24.25
C ASP T 498 -49.11 -34.99 -23.56
N PHE T 499 -48.32 -33.92 -23.47
CA PHE T 499 -48.78 -32.75 -22.73
C PHE T 499 -49.96 -32.07 -23.42
N LEU T 500 -50.01 -32.13 -24.75
CA LEU T 500 -51.18 -31.66 -25.48
C LEU T 500 -52.41 -32.52 -25.16
N VAL T 501 -52.24 -33.84 -25.24
CA VAL T 501 -53.37 -34.75 -25.01
C VAL T 501 -53.87 -34.65 -23.57
N SER T 502 -53.00 -34.35 -22.61
CA SER T 502 -53.47 -34.24 -21.24
C SER T 502 -54.43 -33.07 -21.08
N GLU T 503 -54.23 -31.98 -21.85
CA GLU T 503 -55.17 -30.88 -21.80
C GLU T 503 -56.41 -31.15 -22.65
N LEU T 504 -56.18 -31.70 -23.85
CA LEU T 504 -57.28 -31.92 -24.80
C LEU T 504 -58.33 -32.84 -24.22
N LYS T 505 -57.91 -33.86 -23.47
CA LYS T 505 -58.87 -34.75 -22.84
C LYS T 505 -59.76 -33.98 -21.88
N VAL T 506 -59.15 -33.13 -21.04
CA VAL T 506 -59.89 -32.45 -20.00
C VAL T 506 -60.88 -31.46 -20.58
N GLN T 507 -60.45 -30.70 -21.60
CA GLN T 507 -61.36 -29.75 -22.25
C GLN T 507 -62.47 -30.43 -23.03
N LEU T 508 -62.29 -31.69 -23.45
CA LEU T 508 -63.40 -32.43 -24.04
C LEU T 508 -64.37 -32.90 -22.96
N GLU T 509 -63.85 -33.28 -21.79
CA GLU T 509 -64.72 -33.61 -20.67
C GLU T 509 -65.59 -32.41 -20.29
N ASP T 510 -64.95 -31.29 -19.98
CA ASP T 510 -65.69 -30.11 -19.54
C ASP T 510 -66.73 -29.64 -20.56
N GLN T 511 -66.52 -29.91 -21.86
CA GLN T 511 -67.45 -29.41 -22.87
C GLN T 511 -68.63 -30.37 -23.08
N PHE T 512 -68.35 -31.64 -23.38
CA PHE T 512 -69.38 -32.55 -23.89
C PHE T 512 -69.90 -33.54 -22.87
N ILE T 513 -69.09 -33.94 -21.87
CA ILE T 513 -69.57 -34.84 -20.82
C ILE T 513 -69.95 -34.00 -19.60
N GLY T 514 -70.37 -32.76 -19.87
CA GLY T 514 -71.39 -32.06 -19.11
C GLY T 514 -72.75 -32.74 -19.16
N THR T 515 -73.00 -33.56 -20.18
CA THR T 515 -74.15 -34.46 -20.24
C THR T 515 -75.48 -33.72 -20.17
N ARG T 516 -75.56 -32.51 -20.73
CA ARG T 516 -76.83 -31.78 -20.68
C ARG T 516 -77.87 -32.45 -21.58
N THR T 517 -77.52 -32.72 -22.84
CA THR T 517 -78.46 -33.39 -23.74
C THR T 517 -77.73 -34.01 -24.92
N ILE T 518 -78.38 -35.03 -25.51
CA ILE T 518 -77.96 -35.59 -26.79
C ILE T 518 -78.07 -34.58 -27.92
N ASN T 519 -78.85 -33.51 -27.74
CA ASN T 519 -79.11 -32.59 -28.85
C ASN T 519 -77.87 -31.86 -29.33
N THR T 520 -76.74 -31.95 -28.63
CA THR T 520 -75.49 -31.39 -29.11
C THR T 520 -75.01 -32.22 -30.30
N SER T 521 -75.37 -31.80 -31.51
CA SER T 521 -75.07 -32.59 -32.69
C SER T 521 -73.60 -32.40 -33.09
N ALA T 522 -73.18 -33.16 -34.11
CA ALA T 522 -71.75 -33.30 -34.37
C ALA T 522 -71.13 -32.01 -34.86
N SER T 523 -71.94 -31.16 -35.51
CA SER T 523 -71.47 -29.84 -35.94
C SER T 523 -70.90 -29.03 -34.77
N ILE T 524 -71.43 -29.23 -33.56
CA ILE T 524 -70.95 -28.46 -32.41
C ILE T 524 -69.57 -28.95 -32.00
N ILE T 525 -69.36 -30.26 -31.99
CA ILE T 525 -68.04 -30.82 -31.75
C ILE T 525 -67.09 -30.33 -32.83
N LYS T 526 -67.56 -30.29 -34.07
CA LYS T 526 -66.75 -29.79 -35.18
C LYS T 526 -66.32 -28.35 -34.94
N ASP T 527 -67.17 -27.54 -34.32
CA ASP T 527 -66.79 -26.18 -33.99
C ASP T 527 -65.78 -26.13 -32.85
N PHE T 528 -66.00 -26.94 -31.80
CA PHE T 528 -65.15 -26.90 -30.62
C PHE T 528 -63.73 -27.32 -30.94
N ILE T 529 -63.55 -28.20 -31.91
CA ILE T 529 -62.20 -28.59 -32.29
C ILE T 529 -61.50 -27.43 -33.01
N GLN T 530 -62.27 -26.61 -33.73
CA GLN T 530 -61.69 -25.42 -34.34
C GLN T 530 -61.22 -24.43 -33.28
N SER T 531 -61.98 -24.30 -32.19
CA SER T 531 -61.56 -23.41 -31.11
C SER T 531 -60.28 -23.88 -30.44
N TYR T 532 -60.14 -25.20 -30.27
CA TYR T 532 -58.98 -25.75 -29.58
C TYR T 532 -57.76 -25.68 -30.48
N LEU T 533 -57.93 -25.95 -31.77
CA LEU T 533 -56.81 -25.90 -32.68
C LEU T 533 -56.38 -24.46 -32.93
N GLY T 534 -57.32 -23.51 -32.83
CA GLY T 534 -56.95 -22.11 -32.95
C GLY T 534 -56.25 -21.59 -31.72
N ARG T 535 -56.66 -22.05 -30.53
CA ARG T 535 -55.98 -21.62 -29.31
C ARG T 535 -54.57 -22.21 -29.24
N LYS T 536 -54.38 -23.44 -29.75
CA LYS T 536 -53.08 -24.08 -29.70
C LYS T 536 -52.15 -23.57 -30.79
N LYS T 537 -52.70 -23.11 -31.92
CA LYS T 537 -51.87 -22.42 -32.89
C LYS T 537 -51.45 -21.05 -32.37
N ARG T 538 -52.36 -20.38 -31.66
CA ARG T 538 -52.05 -19.07 -31.07
C ARG T 538 -50.84 -19.15 -30.15
N ASP T 539 -50.77 -20.18 -29.30
CA ASP T 539 -49.61 -20.36 -28.44
C ASP T 539 -48.45 -21.07 -29.14
N ASN T 540 -48.54 -21.28 -30.45
CA ASN T 540 -47.48 -21.88 -31.28
C ASN T 540 -47.15 -23.30 -30.86
N GLU T 541 -48.06 -23.99 -30.16
CA GLU T 541 -47.82 -25.39 -29.82
C GLU T 541 -48.00 -26.31 -31.02
N ILE T 542 -48.68 -25.85 -32.07
CA ILE T 542 -48.79 -26.56 -33.33
C ILE T 542 -48.38 -25.61 -34.45
N GLN T 543 -47.79 -26.17 -35.51
CA GLN T 543 -47.39 -25.32 -36.63
C GLN T 543 -48.60 -24.90 -37.44
N ASP T 544 -49.48 -25.85 -37.76
CA ASP T 544 -50.62 -25.58 -38.62
C ASP T 544 -51.60 -26.73 -38.50
N PHE T 545 -52.82 -26.51 -39.00
CA PHE T 545 -53.85 -27.52 -39.03
C PHE T 545 -54.78 -27.17 -40.18
N PRO T 546 -55.31 -28.16 -40.94
CA PRO T 546 -56.31 -27.85 -41.97
C PRO T 546 -57.70 -27.76 -41.37
N ALA T 547 -58.28 -26.56 -41.39
CA ALA T 547 -59.60 -26.34 -40.80
C ALA T 547 -60.69 -27.11 -41.52
N GLU T 548 -60.45 -27.57 -42.75
CA GLU T 548 -61.45 -28.31 -43.51
C GLU T 548 -61.56 -29.77 -43.08
N ASP T 549 -60.58 -30.31 -42.35
CA ASP T 549 -60.42 -31.75 -42.21
C ASP T 549 -60.99 -32.30 -40.92
N VAL T 550 -61.88 -31.56 -40.25
CA VAL T 550 -62.52 -32.02 -39.03
C VAL T 550 -63.79 -32.79 -39.40
N GLN T 551 -63.83 -34.07 -39.08
CA GLN T 551 -65.00 -34.93 -39.29
C GLN T 551 -65.44 -35.49 -37.97
N VAL T 552 -66.74 -35.44 -37.68
CA VAL T 552 -67.30 -35.97 -36.44
C VAL T 552 -68.63 -36.63 -36.73
N ILE T 553 -68.85 -37.78 -36.10
CA ILE T 553 -70.12 -38.53 -36.17
C ILE T 553 -70.57 -38.78 -34.74
N VAL T 554 -71.88 -38.61 -34.50
CA VAL T 554 -72.49 -38.87 -33.21
C VAL T 554 -73.59 -39.91 -33.39
N GLU T 555 -73.68 -40.84 -32.45
CA GLU T 555 -74.69 -41.90 -32.50
C GLU T 555 -75.14 -42.20 -31.08
N GLY T 556 -76.35 -41.76 -30.74
CA GLY T 556 -76.83 -41.85 -29.37
C GLY T 556 -75.89 -41.19 -28.38
N ASN T 557 -75.35 -41.98 -27.46
CA ASN T 557 -74.44 -41.48 -26.44
C ASN T 557 -72.98 -41.47 -26.86
N GLU T 558 -72.68 -41.87 -28.11
CA GLU T 558 -71.32 -42.16 -28.56
C GLU T 558 -70.95 -41.18 -29.67
N ALA T 559 -69.73 -40.66 -29.64
CA ALA T 559 -69.23 -39.82 -30.73
C ALA T 559 -67.84 -40.28 -31.15
N ARG T 560 -67.55 -40.13 -32.45
CA ARG T 560 -66.24 -40.44 -33.02
C ARG T 560 -65.71 -39.23 -33.78
N ILE T 561 -64.42 -38.95 -33.58
CA ILE T 561 -63.78 -37.73 -34.08
C ILE T 561 -62.54 -38.13 -34.89
N SER T 562 -62.24 -37.31 -35.89
CA SER T 562 -61.02 -37.42 -36.69
C SER T 562 -60.57 -36.02 -37.09
N MET T 563 -59.26 -35.83 -37.19
CA MET T 563 -58.70 -34.53 -37.55
C MET T 563 -57.26 -34.72 -38.02
N THR T 564 -56.61 -33.60 -38.34
CA THR T 564 -55.26 -33.57 -38.88
C THR T 564 -54.52 -32.39 -38.28
N VAL T 565 -53.22 -32.57 -38.05
CA VAL T 565 -52.37 -31.52 -37.48
C VAL T 565 -51.04 -31.54 -38.21
N TYR T 566 -50.54 -30.35 -38.57
CA TYR T 566 -49.17 -30.19 -39.04
C TYR T 566 -48.26 -29.94 -37.83
N PRO T 567 -47.49 -30.92 -37.35
CA PRO T 567 -46.58 -30.64 -36.23
C PRO T 567 -45.40 -29.81 -36.69
N ILE T 568 -44.79 -29.13 -35.72
CA ILE T 568 -43.62 -28.30 -36.00
C ILE T 568 -42.50 -29.18 -36.55
N ARG T 569 -42.00 -28.84 -37.74
CA ARG T 569 -40.99 -29.63 -38.41
C ARG T 569 -39.60 -29.28 -37.91
N SER T 570 -38.74 -30.30 -37.83
CA SER T 570 -37.37 -30.16 -37.37
C SER T 570 -36.47 -29.66 -38.51
N PHE T 571 -35.16 -29.64 -38.26
CA PHE T 571 -34.17 -29.06 -39.16
C PHE T 571 -32.85 -29.83 -39.01
N LYS T 572 -32.95 -31.17 -39.11
CA LYS T 572 -31.95 -32.04 -38.50
C LYS T 572 -30.62 -32.04 -39.25
N LYS T 573 -30.62 -31.94 -40.58
CA LYS T 573 -29.40 -32.08 -41.38
C LYS T 573 -29.00 -30.75 -42.01
N ILE T 574 -27.69 -30.49 -42.03
CA ILE T 574 -27.11 -29.35 -42.74
C ILE T 574 -25.89 -29.87 -43.49
N SER T 575 -25.80 -29.54 -44.77
CA SER T 575 -24.65 -29.84 -45.61
C SER T 575 -24.02 -28.53 -46.09
N VAL T 576 -22.70 -28.55 -46.28
CA VAL T 576 -21.96 -27.36 -46.70
C VAL T 576 -21.02 -27.75 -47.82
N SER T 577 -20.80 -26.81 -48.75
CA SER T 577 -19.81 -26.94 -49.82
C SER T 577 -18.88 -25.73 -49.70
N LEU T 578 -17.71 -25.96 -49.11
CA LEU T 578 -16.75 -24.94 -48.73
C LEU T 578 -15.58 -24.97 -49.72
N VAL T 579 -15.31 -23.83 -50.37
CA VAL T 579 -14.30 -23.77 -51.42
C VAL T 579 -13.27 -22.69 -51.11
N TYR T 580 -11.99 -22.96 -51.43
CA TYR T 580 -10.91 -22.01 -51.27
C TYR T 580 -10.40 -21.59 -52.65
N LYS T 581 -10.17 -20.28 -52.84
CA LYS T 581 -9.78 -19.70 -54.13
C LYS T 581 -8.58 -18.79 -53.97
N GLN T 582 -7.80 -18.64 -55.07
CA GLN T 582 -6.78 -17.60 -55.06
C GLN T 582 -7.45 -16.23 -55.01
N GLN T 583 -6.62 -15.24 -54.73
CA GLN T 583 -7.01 -13.85 -54.53
C GLN T 583 -5.85 -12.92 -54.89
N THR T 584 -6.18 -11.74 -55.39
CA THR T 584 -5.21 -10.68 -55.66
C THR T 584 -5.36 -9.54 -54.65
N LEU T 585 -4.22 -8.98 -54.24
CA LEU T 585 -4.17 -7.72 -53.52
C LEU T 585 -3.04 -6.92 -54.17
N GLN T 586 -3.24 -5.61 -54.35
CA GLN T 586 -2.29 -4.84 -55.14
C GLN T 586 -2.08 -3.42 -54.57
N ALA T 587 -0.87 -2.92 -54.79
CA ALA T 587 -0.55 -1.49 -54.69
C ALA T 587 -1.64 -0.65 -55.33
N THR U 12 -62.56 43.26 31.15
CA THR U 12 -61.68 42.34 30.44
C THR U 12 -61.49 42.90 29.02
N ARG U 13 -60.96 44.12 28.95
CA ARG U 13 -60.75 44.78 27.66
C ARG U 13 -59.73 43.98 26.85
N PRO U 14 -59.81 44.02 25.51
CA PRO U 14 -58.95 43.12 24.70
C PRO U 14 -57.47 43.40 24.91
N HIS U 15 -56.66 42.33 24.90
CA HIS U 15 -55.25 42.45 25.24
C HIS U 15 -54.45 41.25 24.78
N ALA U 16 -53.13 41.39 24.85
CA ALA U 16 -52.16 40.30 24.83
C ALA U 16 -51.59 40.12 26.23
N SER U 17 -51.51 38.87 26.70
CA SER U 17 -50.95 38.54 28.00
C SER U 17 -49.90 37.46 27.84
N ILE U 18 -48.76 37.65 28.50
CA ILE U 18 -47.54 36.91 28.20
C ILE U 18 -46.87 36.47 29.50
N SER U 32 -55.19 11.71 19.29
CA SER U 32 -55.28 10.26 19.48
C SER U 32 -56.69 9.87 19.95
N GLU U 33 -57.29 8.91 19.24
CA GLU U 33 -58.66 8.51 19.50
C GLU U 33 -58.81 7.53 20.66
N LYS U 34 -57.74 6.86 21.08
CA LYS U 34 -57.78 5.92 22.20
C LYS U 34 -57.43 6.66 23.48
N VAL U 35 -58.47 7.08 24.21
CA VAL U 35 -58.29 7.74 25.49
C VAL U 35 -57.74 6.74 26.52
N PHE U 36 -56.92 7.25 27.44
CA PHE U 36 -56.20 6.44 28.42
C PHE U 36 -56.58 6.90 29.82
N CYS U 37 -56.89 5.94 30.71
CA CYS U 37 -57.32 6.24 32.07
C CYS U 37 -56.32 5.74 33.10
N LEU U 38 -56.34 6.39 34.27
CA LEU U 38 -55.45 6.09 35.38
C LEU U 38 -56.22 6.27 36.69
N ILE U 39 -55.78 5.54 37.73
CA ILE U 39 -56.34 5.72 39.06
C ILE U 39 -55.30 5.32 40.11
N GLY U 40 -54.96 6.23 41.00
CA GLY U 40 -53.96 5.97 42.01
C GLY U 40 -53.89 7.07 43.05
N GLN U 41 -52.80 7.06 43.80
CA GLN U 41 -52.54 8.06 44.84
C GLN U 41 -52.01 9.34 44.20
N ALA U 42 -52.33 10.46 44.85
CA ALA U 42 -51.77 11.76 44.49
C ALA U 42 -52.04 12.74 45.64
N GLU U 43 -51.09 13.63 45.89
CA GLU U 43 -51.24 14.68 46.91
C GLU U 43 -51.86 15.94 46.33
N GLY U 44 -53.00 15.80 45.65
CA GLY U 44 -53.67 16.98 45.11
C GLY U 44 -54.86 16.67 44.24
N GLY U 45 -55.79 17.62 44.15
CA GLY U 45 -57.02 17.43 43.42
C GLY U 45 -58.10 16.79 44.27
N GLU U 46 -59.35 17.23 44.10
CA GLU U 46 -60.43 16.67 44.88
C GLU U 46 -60.71 15.24 44.41
N PRO U 47 -60.91 14.30 45.32
CA PRO U 47 -61.15 12.91 44.91
C PRO U 47 -62.58 12.71 44.44
N ASN U 48 -62.83 11.54 43.85
CA ASN U 48 -64.14 11.12 43.37
C ASN U 48 -64.61 11.99 42.20
N THR U 49 -63.67 12.48 41.40
CA THR U 49 -64.00 13.20 40.17
C THR U 49 -62.92 12.93 39.14
N VAL U 50 -63.32 12.49 37.96
CA VAL U 50 -62.36 12.18 36.91
C VAL U 50 -62.00 13.47 36.18
N TYR U 51 -60.71 13.78 36.18
CA TYR U 51 -60.16 14.98 35.54
C TYR U 51 -59.62 14.63 34.16
N GLU U 52 -59.67 15.60 33.25
CA GLU U 52 -59.03 15.50 31.95
C GLU U 52 -57.87 16.48 31.92
N LEU U 53 -56.66 15.96 31.66
CA LEU U 53 -55.42 16.71 31.82
C LEU U 53 -54.98 17.16 30.43
N ARG U 54 -55.05 18.47 30.17
CA ARG U 54 -54.82 18.96 28.82
C ARG U 54 -53.33 19.00 28.47
N ASN U 55 -52.45 19.08 29.46
CA ASN U 55 -51.02 19.26 29.24
C ASN U 55 -50.32 18.99 30.56
N TYR U 56 -49.19 18.27 30.49
CA TYR U 56 -48.50 17.86 31.73
C TYR U 56 -48.04 19.05 32.55
N SER U 57 -47.96 20.24 31.97
CA SER U 57 -47.81 21.44 32.78
C SER U 57 -49.02 21.64 33.69
N GLN U 58 -50.20 21.26 33.23
CA GLN U 58 -51.41 21.35 34.06
C GLN U 58 -51.54 20.14 35.00
N ALA U 59 -50.98 19.00 34.62
CA ALA U 59 -50.98 17.84 35.50
C ALA U 59 -50.30 18.15 36.83
N LYS U 60 -49.07 18.68 36.77
CA LYS U 60 -48.35 19.05 37.99
C LYS U 60 -49.11 20.08 38.81
N ARG U 61 -49.85 20.98 38.15
CA ARG U 61 -50.60 22.00 38.89
C ARG U 61 -51.77 21.40 39.65
N LEU U 62 -52.32 20.27 39.19
CA LEU U 62 -53.41 19.59 39.86
C LEU U 62 -52.90 18.48 40.76
N PHE U 63 -52.15 17.54 40.18
CA PHE U 63 -51.57 16.41 40.89
C PHE U 63 -50.14 16.80 41.27
N ARG U 64 -50.00 17.30 42.50
CA ARG U 64 -48.74 17.88 42.94
C ARG U 64 -47.64 16.84 43.02
N SER U 65 -47.94 15.68 43.59
CA SER U 65 -46.92 14.71 43.93
C SER U 65 -47.60 13.36 44.10
N GLY U 66 -46.81 12.31 43.98
CA GLY U 66 -47.27 10.95 44.15
C GLY U 66 -47.12 10.15 42.88
N GLU U 67 -47.47 8.86 43.00
CA GLU U 67 -47.24 7.90 41.92
C GLU U 67 -48.02 8.28 40.66
N LEU U 68 -49.16 8.96 40.80
CA LEU U 68 -49.95 9.33 39.63
C LEU U 68 -49.21 10.32 38.74
N LEU U 69 -48.40 11.22 39.33
CA LEU U 69 -47.67 12.18 38.50
C LEU U 69 -46.58 11.50 37.70
N ASP U 70 -45.81 10.60 38.33
CA ASP U 70 -44.83 9.81 37.59
C ASP U 70 -45.49 8.93 36.54
N ALA U 71 -46.72 8.49 36.79
CA ALA U 71 -47.42 7.64 35.84
C ALA U 71 -47.89 8.42 34.63
N ILE U 72 -48.23 9.70 34.84
CA ILE U 72 -48.65 10.54 33.72
C ILE U 72 -47.44 10.90 32.86
N GLU U 73 -46.36 11.38 33.49
CA GLU U 73 -45.20 11.83 32.73
C GLU U 73 -44.41 10.67 32.13
N LEU U 74 -44.47 9.49 32.76
CA LEU U 74 -43.89 8.30 32.14
C LEU U 74 -44.66 7.90 30.90
N ALA U 75 -45.99 8.01 30.94
CA ALA U 75 -46.81 7.56 29.82
C ALA U 75 -46.63 8.44 28.59
N TRP U 76 -46.65 9.76 28.79
CA TRP U 76 -46.46 10.70 27.70
C TRP U 76 -45.01 10.74 27.22
N GLY U 77 -44.06 10.33 28.05
CA GLY U 77 -42.65 10.30 27.71
C GLY U 77 -42.08 8.93 27.36
N SER U 78 -42.92 7.90 27.26
CA SER U 78 -42.42 6.54 27.16
C SER U 78 -41.62 6.24 25.88
N ASN U 79 -41.76 7.08 24.83
CA ASN U 79 -41.08 6.84 23.55
C ASN U 79 -41.02 8.19 22.84
N PRO U 80 -39.97 8.50 22.07
CA PRO U 80 -39.89 9.85 21.49
C PRO U 80 -40.96 10.17 20.44
N ASN U 81 -41.74 9.18 19.98
CA ASN U 81 -42.72 9.42 18.90
C ASN U 81 -44.06 8.75 19.17
N TYR U 82 -44.08 7.56 19.75
CA TYR U 82 -45.31 6.87 20.11
C TYR U 82 -45.85 7.39 21.45
N THR U 83 -46.12 8.68 21.50
CA THR U 83 -46.57 9.32 22.73
C THR U 83 -48.03 8.96 23.03
N ALA U 84 -48.39 9.01 24.31
CA ALA U 84 -49.74 8.62 24.71
C ALA U 84 -50.74 9.72 24.39
N GLY U 85 -52.03 9.33 24.30
CA GLY U 85 -53.09 10.26 23.98
C GLY U 85 -53.61 11.01 25.20
N ARG U 86 -54.86 11.40 25.10
CA ARG U 86 -55.60 12.18 26.08
C ARG U 86 -55.78 11.33 27.35
N ILE U 87 -55.30 11.83 28.49
CA ILE U 87 -55.30 11.09 29.74
C ILE U 87 -56.46 11.56 30.61
N LEU U 88 -57.11 10.60 31.26
CA LEU U 88 -58.08 10.84 32.32
C LEU U 88 -57.50 10.23 33.59
N ALA U 89 -57.65 10.92 34.72
CA ALA U 89 -57.12 10.39 35.97
C ALA U 89 -57.97 10.84 37.15
N MET U 90 -57.79 10.12 38.27
CA MET U 90 -58.44 10.47 39.52
C MET U 90 -57.57 10.05 40.70
N ARG U 91 -57.51 10.93 41.69
CA ARG U 91 -56.94 10.62 43.00
C ARG U 91 -57.93 9.75 43.77
N ILE U 92 -57.52 8.55 44.17
CA ILE U 92 -58.35 7.68 44.99
C ILE U 92 -57.86 7.79 46.44
N GLU U 93 -58.55 8.61 47.23
CA GLU U 93 -58.25 8.76 48.63
C GLU U 93 -59.52 9.19 49.36
N ASP U 94 -59.52 9.03 50.67
CA ASP U 94 -60.59 9.55 51.53
C ASP U 94 -60.17 10.86 52.17
N ALA U 95 -59.60 11.75 51.38
CA ALA U 95 -59.02 12.97 51.91
C ALA U 95 -60.13 13.97 52.26
N LYS U 96 -59.82 14.86 53.19
CA LYS U 96 -60.72 15.93 53.59
C LYS U 96 -59.91 17.22 53.78
N PRO U 97 -60.57 18.38 53.77
CA PRO U 97 -59.83 19.64 53.82
C PRO U 97 -59.42 20.06 55.21
N ALA U 98 -58.47 20.99 55.24
CA ALA U 98 -58.12 21.70 56.46
C ALA U 98 -58.96 22.96 56.59
N SER U 99 -59.37 23.27 57.81
CA SER U 99 -60.25 24.42 58.04
C SER U 99 -60.05 24.95 59.45
N ALA U 100 -60.62 26.14 59.69
CA ALA U 100 -60.61 26.77 61.00
C ALA U 100 -61.79 27.71 61.09
N GLU U 101 -62.23 27.97 62.33
CA GLU U 101 -63.36 28.86 62.61
C GLU U 101 -62.95 29.79 63.73
N ILE U 102 -62.80 31.08 63.40
CA ILE U 102 -62.19 32.05 64.32
C ILE U 102 -62.64 33.43 63.93
N GLY U 103 -62.67 34.33 64.89
CA GLY U 103 -63.24 35.64 64.66
C GLY U 103 -64.70 35.48 64.27
N GLY U 104 -65.03 36.00 63.09
CA GLY U 104 -66.36 35.89 62.51
C GLY U 104 -66.44 34.93 61.34
N LEU U 105 -65.35 34.26 60.98
CA LEU U 105 -65.16 33.66 59.68
C LEU U 105 -64.80 32.19 59.81
N LYS U 106 -65.46 31.35 59.04
CA LYS U 106 -64.96 30.00 58.77
C LYS U 106 -64.03 30.05 57.56
N ILE U 107 -62.81 29.54 57.75
CA ILE U 107 -61.77 29.55 56.72
C ILE U 107 -61.53 28.10 56.31
N THR U 108 -61.62 27.84 55.00
CA THR U 108 -61.53 26.50 54.43
C THR U 108 -60.54 26.49 53.28
N SER U 109 -59.98 25.31 52.99
CA SER U 109 -58.88 25.13 52.05
C SER U 109 -59.35 24.29 50.87
N LYS U 110 -59.12 24.79 49.65
CA LYS U 110 -59.43 24.02 48.46
C LYS U 110 -58.48 22.85 48.20
N ILE U 111 -57.29 22.84 48.79
CA ILE U 111 -56.42 21.67 48.74
C ILE U 111 -56.89 20.68 49.79
N TYR U 112 -57.04 19.41 49.40
CA TYR U 112 -57.43 18.33 50.29
C TYR U 112 -56.22 17.43 50.50
N GLY U 113 -55.84 17.22 51.76
CA GLY U 113 -54.70 16.41 52.08
C GLY U 113 -53.87 16.98 53.22
N ASN U 114 -52.74 16.32 53.49
CA ASN U 114 -51.83 16.81 54.52
C ASN U 114 -51.21 18.15 54.16
N VAL U 115 -51.07 18.43 52.86
CA VAL U 115 -50.43 19.67 52.42
C VAL U 115 -51.19 20.89 52.96
N ALA U 116 -52.52 20.82 52.98
CA ALA U 116 -53.34 21.89 53.57
C ALA U 116 -52.98 22.24 55.00
N ASN U 117 -52.44 21.31 55.78
CA ASN U 117 -52.00 21.67 57.13
C ASN U 117 -50.88 22.71 57.15
N ASN U 118 -50.18 22.94 56.04
CA ASN U 118 -49.13 23.96 55.99
C ASN U 118 -49.69 25.37 55.80
N ILE U 119 -50.96 25.51 55.44
CA ILE U 119 -51.55 26.83 55.23
C ILE U 119 -51.58 27.59 56.54
N GLN U 120 -51.32 28.90 56.48
CA GLN U 120 -51.47 29.80 57.63
C GLN U 120 -52.17 31.07 57.18
N VAL U 121 -52.96 31.65 58.07
CA VAL U 121 -53.73 32.86 57.78
C VAL U 121 -53.75 33.70 59.04
N GLY U 122 -53.70 35.03 58.87
CA GLY U 122 -53.78 35.94 59.99
C GLY U 122 -54.23 37.32 59.57
N LEU U 123 -55.00 37.99 60.41
CA LEU U 123 -55.55 39.32 60.12
C LEU U 123 -54.88 40.38 60.99
N GLU U 124 -54.97 41.62 60.51
CA GLU U 124 -54.66 42.79 61.30
C GLU U 124 -55.68 43.87 60.98
N LYS U 125 -55.84 44.83 61.89
CA LYS U 125 -56.48 46.09 61.60
C LYS U 125 -55.45 47.21 61.69
N ASN U 126 -55.36 48.00 60.63
CA ASN U 126 -54.29 48.96 60.40
C ASN U 126 -54.82 50.36 60.70
N THR U 127 -54.26 50.99 61.74
CA THR U 127 -54.58 52.37 62.07
C THR U 127 -54.09 53.38 61.05
N LEU U 128 -53.23 52.99 60.10
CA LEU U 128 -52.85 53.93 59.03
C LEU U 128 -53.99 54.14 58.05
N SER U 129 -54.83 53.12 57.87
CA SER U 129 -55.92 53.11 56.92
C SER U 129 -57.29 52.92 57.55
N ASP U 130 -57.36 52.60 58.84
CA ASP U 130 -58.60 52.16 59.50
C ASP U 130 -59.25 50.98 58.78
N SER U 131 -58.47 50.18 58.04
CA SER U 131 -58.96 49.02 57.32
C SER U 131 -58.49 47.74 58.01
N LEU U 132 -58.99 46.63 57.50
CA LEU U 132 -58.47 45.31 57.80
C LEU U 132 -57.31 44.96 56.86
N ARG U 133 -56.45 44.06 57.32
CA ARG U 133 -55.35 43.54 56.53
C ARG U 133 -55.29 42.02 56.70
N LEU U 134 -55.00 41.32 55.60
CA LEU U 134 -54.97 39.86 55.56
C LEU U 134 -53.62 39.39 55.03
N ARG U 135 -53.15 38.25 55.54
CA ARG U 135 -51.93 37.63 55.04
C ARG U 135 -52.10 36.12 54.95
N VAL U 136 -51.70 35.55 53.82
CA VAL U 136 -51.75 34.12 53.54
C VAL U 136 -50.35 33.67 53.15
N ILE U 137 -49.90 32.57 53.79
CA ILE U 137 -48.60 31.93 53.58
C ILE U 137 -48.78 30.48 53.22
N PHE U 138 -47.92 30.00 52.30
CA PHE U 138 -47.96 28.62 51.82
C PHE U 138 -46.56 28.30 51.28
N GLN U 139 -45.68 27.86 52.18
CA GLN U 139 -44.28 27.69 51.83
C GLN U 139 -44.02 26.55 50.86
N ASP U 140 -44.96 25.61 50.70
CA ASP U 140 -44.70 24.47 49.82
C ASP U 140 -44.48 24.93 48.39
N ASP U 141 -45.36 25.80 47.88
CA ASP U 141 -45.22 26.40 46.56
C ASP U 141 -44.40 27.68 46.59
N ARG U 142 -43.77 28.01 47.72
CA ARG U 142 -43.07 29.28 47.90
C ARG U 142 -44.00 30.45 47.59
N PHE U 143 -45.25 30.32 48.05
CA PHE U 143 -46.35 31.22 47.75
C PHE U 143 -46.69 32.04 48.99
N ASN U 144 -46.82 33.35 48.81
CA ASN U 144 -47.10 34.27 49.90
C ASN U 144 -47.82 35.49 49.33
N GLU U 145 -48.76 36.05 50.11
CA GLU U 145 -49.56 37.18 49.68
C GLU U 145 -49.98 38.02 50.88
N VAL U 146 -50.18 39.31 50.65
CA VAL U 146 -50.74 40.23 51.64
C VAL U 146 -51.82 41.07 50.97
N TYR U 147 -52.96 41.23 51.65
CA TYR U 147 -54.07 42.06 51.18
C TYR U 147 -54.32 43.17 52.19
N ASP U 148 -54.34 44.40 51.70
CA ASP U 148 -54.51 45.59 52.53
C ASP U 148 -55.66 46.43 51.99
N ASN U 149 -56.09 47.40 52.80
CA ASN U 149 -57.29 48.20 52.51
C ASN U 149 -58.51 47.29 52.32
N ILE U 150 -58.62 46.29 53.19
CA ILE U 150 -59.75 45.36 53.15
C ILE U 150 -60.94 46.05 53.81
N GLY U 151 -62.07 46.05 53.13
CA GLY U 151 -63.21 46.85 53.55
C GLY U 151 -63.05 48.30 53.10
N ASN U 152 -63.80 49.18 53.75
CA ASN U 152 -63.72 50.63 53.53
C ASN U 152 -63.90 50.96 52.04
N ILE U 153 -65.13 50.68 51.56
CA ILE U 153 -65.40 50.65 50.13
C ILE U 153 -65.24 52.03 49.50
N PHE U 154 -65.99 53.03 49.97
CA PHE U 154 -65.98 54.35 49.32
C PHE U 154 -66.26 55.43 50.36
N THR U 155 -65.87 56.67 50.02
CA THR U 155 -65.94 57.78 50.97
C THR U 155 -67.25 58.56 50.85
N ILE U 156 -67.71 59.12 51.97
CA ILE U 156 -68.80 60.09 52.03
C ILE U 156 -68.29 61.33 52.78
N LYS U 157 -68.78 62.51 52.38
CA LYS U 157 -68.42 63.76 53.07
C LYS U 157 -69.49 64.80 52.73
N TYR U 158 -69.54 65.89 53.51
CA TYR U 158 -70.48 67.00 53.30
C TYR U 158 -69.73 68.32 53.16
N LYS U 159 -70.16 69.14 52.20
CA LYS U 159 -69.56 70.44 51.92
C LYS U 159 -70.54 71.61 51.93
N GLY U 160 -71.84 71.37 52.08
CA GLY U 160 -72.83 72.42 52.08
C GLY U 160 -72.69 73.32 53.31
N GLU U 161 -73.44 74.42 53.27
CA GLU U 161 -73.32 75.48 54.28
C GLU U 161 -73.60 75.00 55.71
N GLU U 162 -74.46 73.99 55.90
CA GLU U 162 -74.90 73.58 57.24
C GLU U 162 -73.78 73.28 58.23
N ALA U 163 -74.09 73.38 59.52
CA ALA U 163 -73.15 73.13 60.61
C ALA U 163 -72.94 71.64 60.89
N ASN U 164 -73.91 70.78 60.53
CA ASN U 164 -73.85 69.34 60.82
C ASN U 164 -74.26 68.53 59.61
N ALA U 165 -73.61 67.39 59.42
CA ALA U 165 -74.09 66.35 58.50
C ALA U 165 -73.69 64.98 59.04
N THR U 166 -74.49 63.97 58.73
CA THR U 166 -74.20 62.57 59.05
C THR U 166 -74.81 61.69 57.97
N PHE U 167 -74.93 60.39 58.24
CA PHE U 167 -75.57 59.44 57.33
C PHE U 167 -75.95 58.20 58.13
N SER U 168 -76.67 57.27 57.48
CA SER U 168 -76.94 55.98 58.10
C SER U 168 -77.15 54.90 57.06
N VAL U 169 -76.98 53.66 57.49
CA VAL U 169 -77.22 52.45 56.72
C VAL U 169 -77.92 51.46 57.64
N GLU U 170 -78.96 50.78 57.14
CA GLU U 170 -79.78 49.88 57.97
C GLU U 170 -79.99 48.53 57.28
N HIS U 171 -80.37 47.54 58.09
CA HIS U 171 -80.58 46.17 57.62
C HIS U 171 -82.06 45.80 57.52
N ASP U 172 -82.31 44.76 56.73
CA ASP U 172 -83.49 43.91 56.91
C ASP U 172 -83.37 43.16 58.23
N GLU U 173 -84.42 43.22 59.06
CA GLU U 173 -84.35 42.58 60.37
C GLU U 173 -84.22 41.06 60.25
N GLU U 174 -84.68 40.47 59.14
CA GLU U 174 -84.65 39.01 58.98
C GLU U 174 -83.34 38.54 58.38
N THR U 175 -83.07 38.88 57.11
CA THR U 175 -81.87 38.37 56.45
C THR U 175 -80.60 39.04 56.95
N GLN U 176 -80.71 40.23 57.54
CA GLN U 176 -79.57 41.06 57.91
C GLN U 176 -78.74 41.51 56.71
N LYS U 177 -79.34 41.50 55.53
CA LYS U 177 -78.84 42.24 54.37
C LYS U 177 -79.17 43.71 54.54
N ALA U 178 -78.35 44.58 53.95
CA ALA U 178 -78.65 46.00 54.00
C ALA U 178 -79.90 46.29 53.17
N SER U 179 -80.67 47.29 53.63
CA SER U 179 -81.95 47.65 53.02
C SER U 179 -82.10 49.13 52.75
N ARG U 180 -81.54 50.01 53.59
CA ARG U 180 -81.60 51.46 53.40
C ARG U 180 -80.20 52.05 53.54
N LEU U 181 -79.92 53.07 52.72
CA LEU U 181 -78.83 54.01 52.98
C LEU U 181 -79.39 55.42 52.83
N VAL U 182 -78.97 56.32 53.73
CA VAL U 182 -79.57 57.65 53.84
C VAL U 182 -78.50 58.69 54.14
N LEU U 183 -78.50 59.78 53.37
CA LEU U 183 -77.79 61.00 53.75
C LEU U 183 -78.61 61.77 54.77
N LYS U 184 -77.94 62.28 55.81
CA LYS U 184 -78.59 63.13 56.81
C LYS U 184 -78.02 64.54 56.84
N VAL U 185 -78.91 65.53 56.80
CA VAL U 185 -78.58 66.92 57.14
C VAL U 185 -78.70 67.02 58.65
N GLY U 186 -77.57 67.23 59.32
CA GLY U 186 -77.48 67.01 60.75
C GLY U 186 -78.00 65.65 61.16
N ASP U 187 -79.11 65.65 61.89
CA ASP U 187 -79.71 64.44 62.43
C ASP U 187 -80.77 63.80 61.53
N GLN U 188 -81.19 64.47 60.45
CA GLN U 188 -82.43 64.14 59.75
C GLN U 188 -82.21 63.65 58.32
N GLU U 189 -83.00 62.65 57.94
CA GLU U 189 -82.87 61.95 56.67
C GLU U 189 -83.20 62.88 55.48
N VAL U 190 -82.28 62.98 54.52
CA VAL U 190 -82.49 63.79 53.32
C VAL U 190 -83.13 62.94 52.22
N LYS U 191 -82.42 61.91 51.78
CA LYS U 191 -82.93 61.01 50.74
C LYS U 191 -82.41 59.60 51.00
N SER U 192 -83.19 58.62 50.55
CA SER U 192 -83.01 57.19 50.79
C SER U 192 -82.78 56.48 49.46
N TYR U 193 -81.97 55.43 49.50
CA TYR U 193 -81.72 54.54 48.36
C TYR U 193 -82.21 53.13 48.67
N ASP U 194 -83.04 52.59 47.78
CA ASP U 194 -83.71 51.30 47.97
C ASP U 194 -82.72 50.17 47.71
N LEU U 195 -81.97 49.81 48.76
CA LEU U 195 -81.05 48.68 48.66
C LEU U 195 -81.76 47.33 48.63
N THR U 196 -83.08 47.30 48.88
CA THR U 196 -83.84 46.06 48.77
C THR U 196 -83.99 45.58 47.34
N GLY U 197 -83.80 46.44 46.36
CA GLY U 197 -83.95 46.06 44.96
C GLY U 197 -83.95 47.21 43.96
N GLY U 198 -83.58 46.91 42.71
CA GLY U 198 -83.72 47.87 41.63
C GLY U 198 -82.46 48.55 41.16
N ALA U 199 -82.56 49.84 40.76
CA ALA U 199 -81.42 50.48 40.13
C ALA U 199 -80.21 50.61 41.05
N TYR U 200 -80.41 50.55 42.37
CA TYR U 200 -79.36 50.81 43.35
C TYR U 200 -78.77 49.53 43.94
N ASP U 201 -78.96 48.39 43.28
CA ASP U 201 -78.37 47.14 43.75
C ASP U 201 -76.85 47.14 43.67
N TYR U 202 -76.24 47.98 42.83
CA TYR U 202 -74.80 48.12 42.72
C TYR U 202 -74.37 49.48 43.29
N THR U 203 -73.38 49.46 44.19
CA THR U 203 -73.00 50.69 44.91
C THR U 203 -72.53 51.80 43.97
N ASN U 204 -72.15 51.48 42.73
CA ASN U 204 -71.77 52.50 41.77
C ASN U 204 -72.89 53.52 41.57
N ALA U 205 -74.15 53.07 41.53
CA ALA U 205 -75.27 53.99 41.36
C ALA U 205 -75.34 55.00 42.50
N ILE U 206 -75.03 54.57 43.73
CA ILE U 206 -75.05 55.49 44.86
C ILE U 206 -73.80 56.38 44.83
N ILE U 207 -72.67 55.85 44.35
CA ILE U 207 -71.46 56.67 44.23
C ILE U 207 -71.69 57.77 43.21
N THR U 208 -72.54 57.54 42.20
CA THR U 208 -72.94 58.61 41.29
C THR U 208 -73.97 59.52 41.93
N ASP U 209 -75.06 58.96 42.47
CA ASP U 209 -76.20 59.79 42.86
C ASP U 209 -76.01 60.56 44.16
N ILE U 210 -75.03 60.20 45.00
CA ILE U 210 -74.67 61.12 46.09
C ILE U 210 -74.15 62.41 45.51
N ASN U 211 -73.40 62.33 44.40
CA ASN U 211 -73.03 63.49 43.60
C ASN U 211 -74.10 63.85 42.58
N GLN U 212 -75.37 63.67 42.96
CA GLN U 212 -76.50 64.39 42.39
C GLN U 212 -77.30 65.10 43.49
N LEU U 213 -76.76 65.15 44.71
CA LEU U 213 -77.24 66.03 45.79
C LEU U 213 -76.00 66.82 46.22
N PRO U 214 -75.50 67.73 45.37
CA PRO U 214 -74.09 68.14 45.45
C PRO U 214 -73.69 68.90 46.70
N ASP U 215 -74.59 69.14 47.67
CA ASP U 215 -74.13 69.62 48.96
C ASP U 215 -73.29 68.57 49.67
N PHE U 216 -73.63 67.29 49.48
CA PHE U 216 -72.82 66.18 49.96
C PHE U 216 -71.75 65.86 48.93
N GLU U 217 -70.87 64.94 49.32
CA GLU U 217 -69.87 64.36 48.44
C GLU U 217 -69.84 62.85 48.64
N ALA U 218 -69.50 62.16 47.57
CA ALA U 218 -68.99 60.79 47.64
C ALA U 218 -67.80 60.72 46.70
N LYS U 219 -66.78 59.95 47.08
CA LYS U 219 -65.67 59.72 46.17
C LYS U 219 -65.14 58.30 46.34
N LEU U 220 -64.58 57.79 45.25
CA LEU U 220 -64.18 56.39 45.08
C LEU U 220 -62.87 56.11 45.81
N SER U 221 -62.64 54.83 46.05
CA SER U 221 -61.36 54.38 46.60
C SER U 221 -60.31 54.38 45.49
N PRO U 222 -59.05 54.72 45.79
CA PRO U 222 -58.01 54.56 44.75
C PRO U 222 -57.51 53.14 44.59
N PHE U 223 -57.80 52.26 45.54
CA PHE U 223 -57.13 50.96 45.65
C PHE U 223 -57.88 49.86 44.89
N GLY U 224 -57.97 50.03 43.57
CA GLY U 224 -58.50 48.99 42.71
C GLY U 224 -60.02 48.94 42.69
N ASP U 225 -60.54 48.05 41.85
CA ASP U 225 -61.98 48.01 41.57
C ASP U 225 -62.73 47.33 42.71
N LYS U 226 -63.99 47.72 42.91
CA LYS U 226 -64.80 47.18 43.99
C LYS U 226 -66.21 46.71 43.62
N ASN U 227 -67.00 47.55 42.95
CA ASN U 227 -68.30 47.22 42.34
C ASN U 227 -69.16 46.32 43.25
N LEU U 228 -69.29 46.74 44.50
CA LEU U 228 -69.97 45.92 45.50
C LEU U 228 -71.48 46.02 45.34
N GLU U 229 -72.17 44.87 45.42
CA GLU U 229 -73.62 44.89 45.49
C GLU U 229 -74.04 45.48 46.84
N SER U 230 -74.88 46.52 46.79
CA SER U 230 -75.14 47.33 47.97
C SER U 230 -75.84 46.57 49.09
N SER U 231 -76.49 45.44 48.78
CA SER U 231 -77.10 44.62 49.82
C SER U 231 -76.08 44.04 50.80
N LYS U 232 -74.80 43.99 50.42
CA LYS U 232 -73.74 43.43 51.26
C LYS U 232 -73.13 44.45 52.23
N LEU U 233 -73.57 45.70 52.21
CA LEU U 233 -73.10 46.71 53.17
C LEU U 233 -73.59 46.39 54.58
N ASP U 234 -72.96 47.02 55.57
CA ASP U 234 -73.25 46.79 56.99
C ASP U 234 -73.82 48.04 57.66
N LYS U 235 -74.70 47.79 58.64
CA LYS U 235 -75.54 48.81 59.27
C LYS U 235 -74.72 49.76 60.15
N ILE U 236 -74.91 51.07 59.95
CA ILE U 236 -74.12 52.12 60.61
C ILE U 236 -75.02 53.35 60.82
N GLU U 237 -74.71 54.15 61.85
CA GLU U 237 -75.47 55.38 62.14
C GLU U 237 -74.58 56.55 62.59
N ASN U 238 -75.02 57.77 62.19
CA ASN U 238 -74.70 59.05 62.85
C ASN U 238 -73.22 59.32 63.07
N ALA U 239 -72.36 58.92 62.13
CA ALA U 239 -70.98 59.44 62.11
C ALA U 239 -70.98 60.95 61.83
N ASN U 240 -70.19 61.71 62.62
CA ASN U 240 -70.19 63.17 62.63
C ASN U 240 -69.38 63.75 61.47
N ILE U 241 -70.00 64.55 60.59
CA ILE U 241 -69.40 64.93 59.30
C ILE U 241 -69.57 66.41 58.96
N LYS U 242 -68.50 66.98 58.38
CA LYS U 242 -68.46 68.15 57.52
C LYS U 242 -67.05 68.19 56.94
N ASP U 243 -66.09 68.58 57.77
CA ASP U 243 -64.68 68.48 57.42
C ASP U 243 -64.29 67.04 57.09
N LYS U 244 -64.72 66.09 57.91
CA LYS U 244 -64.33 64.70 57.83
C LYS U 244 -64.83 64.01 56.55
N ALA U 245 -64.11 62.97 56.13
CA ALA U 245 -64.56 62.00 55.13
C ALA U 245 -64.58 60.61 55.77
N VAL U 246 -65.69 59.89 55.62
CA VAL U 246 -65.90 58.60 56.29
C VAL U 246 -66.31 57.54 55.27
N TYR U 247 -65.83 56.32 55.48
CA TYR U 247 -66.21 55.22 54.59
C TYR U 247 -67.45 54.49 55.10
N VAL U 248 -68.14 53.79 54.18
CA VAL U 248 -68.96 52.65 54.55
C VAL U 248 -68.02 51.44 54.52
N LYS U 249 -68.16 50.52 55.47
CA LYS U 249 -67.03 49.67 55.82
C LYS U 249 -67.10 48.25 55.27
N ALA U 250 -68.26 47.59 55.38
CA ALA U 250 -68.66 46.43 54.55
C ALA U 250 -67.54 45.40 54.34
N VAL U 251 -66.89 44.99 55.44
CA VAL U 251 -65.62 44.27 55.33
C VAL U 251 -65.79 42.93 54.60
N PHE U 252 -66.85 42.18 54.89
CA PHE U 252 -66.99 40.88 54.22
C PHE U 252 -67.37 41.06 52.76
N GLY U 253 -68.08 42.13 52.43
CA GLY U 253 -68.42 42.37 51.03
C GLY U 253 -67.19 42.66 50.21
N ASP U 254 -66.20 43.32 50.82
CA ASP U 254 -64.94 43.56 50.14
C ASP U 254 -64.10 42.28 50.08
N LEU U 255 -64.16 41.46 51.13
CA LEU U 255 -63.34 40.24 51.14
C LEU U 255 -63.74 39.29 50.01
N GLU U 256 -65.03 39.26 49.66
CA GLU U 256 -65.45 38.47 48.50
C GLU U 256 -64.77 38.93 47.23
N LYS U 257 -64.51 40.25 47.10
CA LYS U 257 -63.75 40.72 45.95
C LYS U 257 -62.29 40.32 46.04
N GLN U 258 -61.68 40.49 47.23
CA GLN U 258 -60.27 40.16 47.41
C GLN U 258 -59.98 38.67 47.29
N THR U 259 -60.99 37.80 47.36
CA THR U 259 -60.80 36.34 47.32
C THR U 259 -61.45 35.68 46.10
N ALA U 260 -61.93 36.48 45.14
CA ALA U 260 -62.61 35.99 43.94
C ALA U 260 -61.88 34.83 43.25
N TYR U 261 -60.57 34.96 43.02
CA TYR U 261 -59.79 33.97 42.27
C TYR U 261 -58.49 33.59 43.00
N ASN U 262 -58.35 33.92 44.27
CA ASN U 262 -57.04 34.11 44.88
C ASN U 262 -56.60 32.90 45.70
N GLY U 263 -55.43 32.36 45.34
CA GLY U 263 -54.73 31.41 46.19
C GLY U 263 -55.43 30.07 46.37
N ILE U 264 -55.39 29.57 47.59
CA ILE U 264 -55.84 28.22 47.94
C ILE U 264 -57.08 28.22 48.82
N VAL U 265 -57.42 29.34 49.45
CA VAL U 265 -58.30 29.38 50.61
C VAL U 265 -59.61 30.08 50.22
N SER U 266 -60.70 29.68 50.88
CA SER U 266 -61.98 30.36 50.77
C SER U 266 -62.56 30.61 52.16
N PHE U 267 -63.55 31.51 52.21
CA PHE U 267 -64.06 32.07 53.46
C PHE U 267 -65.58 32.01 53.52
N GLU U 268 -66.11 31.75 54.71
CA GLU U 268 -67.56 31.79 54.95
C GLU U 268 -67.82 32.49 56.28
N GLN U 269 -68.74 33.45 56.26
CA GLN U 269 -69.13 34.18 57.46
C GLN U 269 -70.12 33.38 58.28
N LEU U 270 -69.92 33.38 59.58
CA LEU U 270 -70.85 32.70 60.48
C LEU U 270 -72.14 33.50 60.60
N LYS U 298 -73.13 36.45 63.54
CA LYS U 298 -71.84 36.69 64.17
C LYS U 298 -71.09 37.81 63.44
N THR U 299 -70.02 38.32 64.05
CA THR U 299 -69.34 39.52 63.59
C THR U 299 -67.84 39.28 63.45
N ILE U 300 -67.27 39.81 62.36
CA ILE U 300 -65.87 39.61 62.01
C ILE U 300 -64.97 40.45 62.91
N GLU U 301 -63.80 39.91 63.24
CA GLU U 301 -62.80 40.57 64.04
C GLU U 301 -61.43 40.03 63.65
N PRO U 302 -60.35 40.79 63.83
CA PRO U 302 -59.01 40.26 63.54
C PRO U 302 -58.60 39.14 64.49
N PHE U 303 -57.46 38.53 64.16
CA PHE U 303 -56.93 37.36 64.86
C PHE U 303 -55.51 37.10 64.42
N GLU U 304 -54.72 36.60 65.37
CA GLU U 304 -53.31 36.31 65.16
C GLU U 304 -53.14 35.22 64.09
N LEU U 305 -51.95 35.20 63.49
CA LEU U 305 -51.59 34.16 62.53
C LEU U 305 -51.75 32.75 63.13
N THR U 306 -52.50 31.90 62.43
CA THR U 306 -52.83 30.55 62.89
C THR U 306 -52.92 29.58 61.72
N LYS U 307 -52.46 28.34 61.93
CA LYS U 307 -52.53 27.29 60.91
C LYS U 307 -53.94 26.76 60.71
N LEU U 308 -54.32 26.57 59.45
CA LEU U 308 -55.50 25.79 59.14
C LEU U 308 -55.23 24.31 59.39
N LYS U 309 -56.00 23.72 60.30
CA LYS U 309 -55.81 22.35 60.77
C LYS U 309 -56.87 21.43 60.17
N GLY U 310 -56.70 20.14 60.44
CA GLY U 310 -57.61 19.14 59.91
C GLY U 310 -57.32 18.73 58.49
N GLY U 311 -56.14 19.00 57.96
CA GLY U 311 -55.77 18.49 56.66
C GLY U 311 -55.50 17.01 56.75
N THR U 312 -56.11 16.23 55.86
CA THR U 312 -56.14 14.78 56.00
C THR U 312 -56.09 14.12 54.63
N ASN U 313 -55.02 13.35 54.38
CA ASN U 313 -55.00 12.51 53.19
C ASN U 313 -56.05 11.41 53.29
N GLY U 314 -56.32 10.92 54.50
CA GLY U 314 -57.34 9.94 54.75
C GLY U 314 -56.81 8.51 54.72
N GLU U 315 -57.60 7.61 55.29
CA GLU U 315 -57.24 6.20 55.30
C GLU U 315 -57.26 5.63 53.89
N PRO U 316 -56.44 4.61 53.59
CA PRO U 316 -56.53 3.96 52.28
C PRO U 316 -57.93 3.43 52.00
N PRO U 317 -58.30 3.27 50.73
CA PRO U 317 -59.63 2.75 50.40
C PRO U 317 -59.74 1.26 50.70
N ALA U 318 -60.87 0.86 51.29
CA ALA U 318 -61.11 -0.56 51.53
C ALA U 318 -61.43 -1.31 50.25
N THR U 319 -62.01 -0.62 49.26
CA THR U 319 -62.38 -1.23 47.99
C THR U 319 -62.48 -0.10 46.98
N TRP U 320 -62.07 -0.38 45.73
CA TRP U 320 -61.97 0.68 44.73
C TRP U 320 -63.24 0.86 43.91
N ALA U 321 -64.28 0.07 44.16
CA ALA U 321 -65.35 -0.10 43.19
C ALA U 321 -66.19 1.16 43.08
N ASP U 322 -66.55 1.76 44.22
CA ASP U 322 -67.46 2.90 44.17
C ASP U 322 -66.78 4.18 43.67
N LYS U 323 -65.44 4.20 43.61
CA LYS U 323 -64.68 5.30 43.04
C LYS U 323 -64.15 5.00 41.64
N LEU U 324 -63.98 3.73 41.29
CA LEU U 324 -63.74 3.33 39.91
C LEU U 324 -64.94 3.52 38.99
N ASP U 325 -66.16 3.51 39.54
CA ASP U 325 -67.37 3.64 38.74
C ASP U 325 -67.44 4.96 37.96
N LYS U 326 -66.71 5.99 38.41
CA LYS U 326 -66.77 7.28 37.74
C LYS U 326 -66.14 7.25 36.34
N PHE U 327 -65.30 6.26 36.03
CA PHE U 327 -64.72 6.08 34.70
C PHE U 327 -65.64 5.35 33.72
N ALA U 328 -66.89 5.07 34.11
CA ALA U 328 -67.81 4.31 33.29
C ALA U 328 -68.02 4.96 31.92
N HIS U 329 -68.57 6.17 31.94
CA HIS U 329 -69.09 6.89 30.77
C HIS U 329 -68.14 7.97 30.26
N GLU U 330 -66.84 7.85 30.51
CA GLU U 330 -65.89 8.92 30.20
C GLU U 330 -65.08 8.64 28.94
N GLY U 331 -65.44 7.62 28.16
CA GLY U 331 -64.79 7.36 26.89
C GLY U 331 -63.39 6.79 26.91
N GLY U 332 -62.91 6.29 28.04
CA GLY U 332 -61.64 5.60 28.04
C GLY U 332 -61.72 4.30 27.28
N TYR U 333 -60.55 3.79 26.92
CA TYR U 333 -60.40 2.44 26.36
C TYR U 333 -59.35 1.62 27.09
N TYR U 334 -58.23 2.23 27.45
CA TYR U 334 -57.23 1.59 28.31
C TYR U 334 -57.27 2.22 29.69
N ILE U 335 -57.45 1.39 30.72
CA ILE U 335 -57.44 1.84 32.11
C ILE U 335 -56.47 0.98 32.91
N VAL U 336 -55.70 1.61 33.79
CA VAL U 336 -54.66 0.93 34.57
C VAL U 336 -54.82 1.31 36.04
N PRO U 337 -54.77 0.35 36.97
CA PRO U 337 -54.67 0.70 38.39
C PRO U 337 -53.22 0.83 38.85
N LEU U 338 -52.98 1.81 39.73
CA LEU U 338 -51.64 2.04 40.28
C LEU U 338 -51.59 1.47 41.69
N SER U 339 -51.55 0.13 41.75
CA SER U 339 -51.61 -0.58 43.02
C SER U 339 -51.27 -2.04 42.79
N SER U 340 -50.87 -2.71 43.86
CA SER U 340 -50.37 -4.08 43.78
C SER U 340 -51.37 -5.13 44.26
N LYS U 341 -52.36 -4.74 45.06
CA LYS U 341 -53.24 -5.72 45.69
C LYS U 341 -54.07 -6.46 44.63
N GLN U 342 -54.16 -7.79 44.79
CA GLN U 342 -54.88 -8.59 43.80
C GLN U 342 -56.37 -8.27 43.80
N SER U 343 -56.94 -7.93 44.97
CA SER U 343 -58.36 -7.59 45.04
C SER U 343 -58.71 -6.40 44.16
N VAL U 344 -57.86 -5.37 44.16
CA VAL U 344 -58.08 -4.23 43.28
C VAL U 344 -58.04 -4.66 41.82
N HIS U 345 -57.13 -5.58 41.50
CA HIS U 345 -57.00 -6.08 40.13
C HIS U 345 -58.23 -6.87 39.72
N ALA U 346 -58.79 -7.67 40.63
CA ALA U 346 -60.02 -8.38 40.33
C ALA U 346 -61.18 -7.40 40.12
N GLU U 347 -61.20 -6.32 40.89
CA GLU U 347 -62.25 -5.32 40.74
C GLU U 347 -62.13 -4.60 39.39
N VAL U 348 -60.91 -4.28 38.97
CA VAL U 348 -60.70 -3.61 37.69
C VAL U 348 -61.12 -4.54 36.55
N ALA U 349 -60.74 -5.82 36.64
CA ALA U 349 -61.24 -6.81 35.69
C ALA U 349 -62.76 -6.83 35.66
N SER U 350 -63.39 -6.74 36.84
CA SER U 350 -64.85 -6.75 36.89
C SER U 350 -65.43 -5.50 36.25
N PHE U 351 -64.85 -4.33 36.55
CA PHE U 351 -65.34 -3.10 35.94
C PHE U 351 -65.19 -3.12 34.43
N VAL U 352 -64.07 -3.66 33.94
CA VAL U 352 -63.85 -3.70 32.50
C VAL U 352 -64.89 -4.62 31.84
N LYS U 353 -65.24 -5.72 32.52
CA LYS U 353 -66.26 -6.61 31.97
C LYS U 353 -67.63 -5.94 31.98
N GLU U 354 -67.94 -5.23 33.07
CA GLU U 354 -69.24 -4.59 33.19
C GLU U 354 -69.47 -3.55 32.09
N ARG U 355 -68.42 -2.81 31.72
CA ARG U 355 -68.58 -1.80 30.67
C ARG U 355 -68.61 -2.43 29.29
N SER U 356 -67.78 -3.47 29.07
CA SER U 356 -67.70 -4.07 27.75
C SER U 356 -68.96 -4.85 27.41
N ASP U 357 -69.50 -5.60 28.38
CA ASP U 357 -70.75 -6.31 28.16
C ASP U 357 -71.90 -5.37 27.86
N ALA U 358 -71.82 -4.11 28.30
CA ALA U 358 -72.81 -3.10 27.98
C ALA U 358 -72.56 -2.42 26.63
N GLY U 359 -71.61 -2.91 25.84
CA GLY U 359 -71.37 -2.37 24.51
C GLY U 359 -70.26 -1.35 24.43
N GLU U 360 -69.64 -0.99 25.56
CA GLU U 360 -68.64 0.07 25.67
C GLU U 360 -67.29 -0.59 25.91
N PRO U 361 -66.51 -0.88 24.88
CA PRO U 361 -65.33 -1.73 25.07
C PRO U 361 -64.21 -1.03 25.84
N MET U 362 -63.50 -1.82 26.63
CA MET U 362 -62.45 -1.32 27.53
C MET U 362 -61.49 -2.46 27.83
N ARG U 363 -60.25 -2.10 28.12
CA ARG U 363 -59.21 -3.08 28.43
C ARG U 363 -58.28 -2.50 29.49
N ALA U 364 -57.59 -3.41 30.18
CA ALA U 364 -56.71 -3.05 31.29
C ALA U 364 -55.38 -3.79 31.21
N ILE U 365 -54.33 -3.11 31.67
CA ILE U 365 -52.99 -3.66 31.78
C ILE U 365 -52.56 -3.49 33.23
N VAL U 366 -52.06 -4.57 33.83
CA VAL U 366 -51.89 -4.67 35.28
C VAL U 366 -50.53 -5.29 35.57
N GLY U 367 -49.89 -4.82 36.64
CA GLY U 367 -48.69 -5.47 37.15
C GLY U 367 -48.64 -5.36 38.66
N GLY U 368 -48.05 -6.38 39.29
CA GLY U 368 -48.08 -6.53 40.73
C GLY U 368 -46.72 -6.28 41.37
N GLY U 369 -46.76 -5.61 42.52
CA GLY U 369 -45.62 -5.34 43.39
C GLY U 369 -44.27 -5.04 42.77
N PHE U 370 -43.25 -5.69 43.32
CA PHE U 370 -41.85 -5.50 42.96
C PHE U 370 -41.17 -6.85 42.79
N ASN U 371 -40.48 -7.05 41.66
CA ASN U 371 -39.63 -8.22 41.47
C ASN U 371 -40.39 -9.53 41.71
N GLU U 372 -41.57 -9.64 41.12
CA GLU U 372 -42.39 -10.82 41.33
C GLU U 372 -41.77 -12.05 40.66
N SER U 373 -41.97 -13.21 41.29
CA SER U 373 -41.42 -14.47 40.83
C SER U 373 -42.45 -15.23 39.99
N LYS U 374 -41.99 -16.34 39.39
CA LYS U 374 -42.84 -17.06 38.44
C LYS U 374 -44.09 -17.61 39.11
N GLU U 375 -43.94 -18.14 40.31
CA GLU U 375 -45.07 -18.75 41.01
C GLU U 375 -46.16 -17.72 41.27
N GLN U 376 -45.75 -16.49 41.56
CA GLN U 376 -46.72 -15.41 41.79
C GLN U 376 -47.40 -15.00 40.49
N LEU U 377 -46.70 -15.08 39.36
CA LEU U 377 -47.31 -14.68 38.09
C LEU U 377 -48.33 -15.70 37.63
N PHE U 378 -48.01 -17.00 37.75
CA PHE U 378 -48.97 -18.04 37.39
C PHE U 378 -50.19 -17.98 38.30
N GLY U 379 -49.97 -17.91 39.62
CA GLY U 379 -51.08 -17.85 40.55
C GLY U 379 -51.96 -16.62 40.37
N ARG U 380 -51.37 -15.52 39.91
CA ARG U 380 -52.13 -14.30 39.68
C ARG U 380 -52.81 -14.29 38.32
N GLN U 381 -52.19 -14.94 37.34
CA GLN U 381 -52.81 -15.12 36.03
C GLN U 381 -54.05 -16.00 36.12
N ALA U 382 -53.94 -17.09 36.88
CA ALA U 382 -55.07 -17.99 37.11
C ALA U 382 -56.20 -17.28 37.86
N SER U 383 -55.86 -16.35 38.76
CA SER U 383 -56.84 -15.52 39.44
C SER U 383 -57.27 -14.29 38.64
N LEU U 384 -56.84 -14.15 37.36
CA LEU U 384 -57.13 -12.95 36.56
C LEU U 384 -57.40 -13.32 35.10
N SER U 385 -58.00 -14.49 34.88
CA SER U 385 -57.91 -15.19 33.60
C SER U 385 -58.73 -14.58 32.47
N ASN U 386 -59.69 -13.69 32.77
CA ASN U 386 -60.61 -13.23 31.72
C ASN U 386 -59.87 -12.41 30.67
N PRO U 387 -60.41 -12.33 29.43
CA PRO U 387 -59.78 -11.47 28.41
C PRO U 387 -59.97 -10.00 28.75
N ARG U 388 -59.54 -9.11 27.87
CA ARG U 388 -59.53 -7.66 28.13
C ARG U 388 -58.71 -7.31 29.35
N VAL U 389 -57.74 -8.15 29.72
CA VAL U 389 -56.83 -7.86 30.82
C VAL U 389 -55.45 -8.38 30.42
N SER U 390 -54.42 -7.59 30.70
CA SER U 390 -53.05 -7.99 30.47
C SER U 390 -52.26 -7.94 31.77
N LEU U 391 -51.36 -8.91 31.95
CA LEU U 391 -50.47 -8.96 33.12
C LEU U 391 -49.03 -8.74 32.68
N VAL U 392 -48.33 -7.85 33.37
CA VAL U 392 -46.94 -7.50 33.10
C VAL U 392 -46.07 -8.23 34.12
N ALA U 393 -44.91 -8.72 33.66
CA ALA U 393 -44.10 -9.66 34.43
C ALA U 393 -42.82 -9.05 35.00
N ASN U 394 -42.38 -7.90 34.48
CA ASN U 394 -41.05 -7.37 34.77
C ASN U 394 -41.13 -5.98 35.38
N SER U 395 -40.15 -5.68 36.24
CA SER U 395 -39.93 -4.37 36.83
C SER U 395 -38.62 -3.80 36.28
N GLY U 396 -38.30 -2.56 36.66
CA GLY U 396 -37.11 -1.92 36.13
C GLY U 396 -36.88 -0.54 36.73
N THR U 397 -36.07 0.26 36.03
CA THR U 397 -35.79 1.64 36.41
C THR U 397 -36.03 2.56 35.23
N PHE U 398 -36.58 3.75 35.51
CA PHE U 398 -36.83 4.79 34.52
C PHE U 398 -36.18 6.09 34.97
N VAL U 399 -35.80 6.91 33.99
CA VAL U 399 -35.12 8.18 34.20
C VAL U 399 -36.12 9.29 33.93
N MET U 400 -36.16 10.29 34.81
CA MET U 400 -36.95 11.50 34.62
C MET U 400 -36.07 12.73 34.73
N ASP U 401 -36.57 13.84 34.18
CA ASP U 401 -35.79 15.04 33.97
C ASP U 401 -35.27 15.68 35.27
N ASP U 402 -35.79 15.26 36.43
CA ASP U 402 -35.29 15.78 37.70
C ASP U 402 -33.92 15.26 38.08
N GLY U 403 -33.36 14.31 37.32
CA GLY U 403 -32.10 13.70 37.70
C GLY U 403 -32.25 12.47 38.57
N ARG U 404 -33.35 11.74 38.42
CA ARG U 404 -33.75 10.66 39.30
C ARG U 404 -33.80 9.35 38.53
N LYS U 405 -33.47 8.26 39.23
CA LYS U 405 -33.62 6.91 38.72
C LYS U 405 -34.61 6.19 39.63
N ASN U 406 -35.83 6.01 39.14
CA ASN U 406 -36.86 5.38 39.95
C ASN U 406 -36.63 3.88 40.05
N HIS U 407 -37.20 3.30 41.10
CA HIS U 407 -37.39 1.86 41.19
C HIS U 407 -38.86 1.58 40.87
N VAL U 408 -39.10 0.98 39.71
CA VAL U 408 -40.39 1.04 39.04
C VAL U 408 -41.18 -0.22 39.40
N PRO U 409 -42.35 -0.11 40.04
CA PRO U 409 -43.16 -1.32 40.24
C PRO U 409 -43.70 -1.86 38.93
N ALA U 410 -44.30 -3.04 39.01
CA ALA U 410 -44.80 -3.69 37.80
C ALA U 410 -46.00 -2.95 37.21
N TYR U 411 -46.78 -2.26 38.04
CA TYR U 411 -47.92 -1.54 37.52
C TYR U 411 -47.52 -0.21 36.90
N MET U 412 -46.31 0.26 37.17
CA MET U 412 -45.78 1.41 36.46
C MET U 412 -45.19 1.02 35.11
N VAL U 413 -44.70 -0.22 34.97
CA VAL U 413 -44.33 -0.70 33.65
C VAL U 413 -45.58 -0.91 32.81
N ALA U 414 -46.70 -1.32 33.43
CA ALA U 414 -47.95 -1.41 32.70
C ALA U 414 -48.37 -0.04 32.15
N VAL U 415 -48.32 1.00 33.00
CA VAL U 415 -48.57 2.36 32.55
C VAL U 415 -47.69 2.71 31.36
N ALA U 416 -46.39 2.44 31.45
CA ALA U 416 -45.50 2.72 30.32
C ALA U 416 -45.97 1.96 29.07
N LEU U 417 -46.34 0.70 29.24
CA LEU U 417 -46.87 -0.03 28.10
C LEU U 417 -48.24 0.49 27.69
N GLY U 418 -49.10 0.83 28.65
CA GLY U 418 -50.42 1.35 28.31
C GLY U 418 -50.35 2.66 27.54
N GLY U 419 -49.39 3.52 27.89
CA GLY U 419 -49.21 4.75 27.14
C GLY U 419 -48.77 4.49 25.71
N LEU U 420 -47.95 3.46 25.51
CA LEU U 420 -47.57 3.07 24.16
C LEU U 420 -48.76 2.51 23.40
N ALA U 421 -49.53 1.65 24.05
CA ALA U 421 -50.70 1.04 23.40
C ALA U 421 -51.71 2.09 22.94
N SER U 422 -51.78 3.22 23.65
CA SER U 422 -52.71 4.28 23.30
C SER U 422 -52.16 5.20 22.20
N GLY U 423 -50.85 5.40 22.21
CA GLY U 423 -50.17 6.18 21.18
C GLY U 423 -50.26 5.57 19.79
N LEU U 424 -50.18 4.24 19.69
CA LEU U 424 -50.22 3.57 18.39
C LEU U 424 -51.62 3.61 17.80
N GLU U 425 -51.70 4.01 16.53
CA GLU U 425 -52.96 4.11 15.79
C GLU U 425 -53.67 2.76 15.77
N ILE U 426 -55.01 2.82 15.67
CA ILE U 426 -55.88 1.66 15.88
C ILE U 426 -55.42 0.46 15.05
N GLY U 427 -55.39 -0.71 15.68
CA GLY U 427 -55.10 -1.96 15.02
C GLY U 427 -53.65 -2.41 15.00
N GLU U 428 -52.70 -1.52 15.29
CA GLU U 428 -51.29 -1.88 15.27
C GLU U 428 -50.86 -2.47 16.61
N SER U 429 -50.00 -3.48 16.53
CA SER U 429 -49.58 -4.21 17.72
C SER U 429 -48.48 -3.47 18.47
N ILE U 430 -48.44 -3.67 19.79
CA ILE U 430 -47.35 -3.19 20.65
C ILE U 430 -46.05 -3.98 20.45
N THR U 431 -46.07 -4.99 19.57
CA THR U 431 -44.88 -5.78 19.26
C THR U 431 -43.67 -4.92 18.92
N PHE U 432 -42.52 -5.31 19.49
CA PHE U 432 -41.17 -4.79 19.21
C PHE U 432 -41.03 -3.26 19.21
N LYS U 433 -41.92 -2.49 19.85
CA LYS U 433 -41.68 -1.04 19.93
C LYS U 433 -40.70 -0.73 21.07
N PRO U 434 -39.63 0.05 20.83
CA PRO U 434 -38.67 0.32 21.92
C PRO U 434 -39.27 1.13 23.06
N LEU U 435 -38.85 0.81 24.29
CA LEU U 435 -39.31 1.45 25.52
C LEU U 435 -38.20 2.29 26.16
N ARG U 436 -38.61 3.11 27.14
CA ARG U 436 -37.75 4.07 27.83
C ARG U 436 -36.78 3.45 28.85
N VAL U 437 -36.86 2.14 29.12
CA VAL U 437 -36.20 1.53 30.28
C VAL U 437 -34.71 1.90 30.34
N SER U 438 -34.23 2.22 31.55
CA SER U 438 -32.80 2.43 31.80
C SER U 438 -32.12 1.15 32.32
N SER U 439 -32.79 0.38 33.18
CA SER U 439 -32.29 -0.93 33.56
C SER U 439 -33.45 -1.86 33.81
N LEU U 440 -33.36 -3.09 33.28
CA LEU U 440 -34.37 -4.12 33.46
C LEU U 440 -34.03 -5.00 34.65
N ASP U 441 -35.03 -5.20 35.51
CA ASP U 441 -34.91 -6.01 36.71
C ASP U 441 -35.61 -7.35 36.46
N GLN U 442 -34.86 -8.45 36.54
CA GLN U 442 -35.33 -9.67 35.88
C GLN U 442 -34.72 -10.93 36.49
N ILE U 443 -35.49 -12.02 36.42
CA ILE U 443 -35.00 -13.40 36.49
C ILE U 443 -35.68 -14.15 35.35
N TYR U 444 -35.54 -13.65 34.12
CA TYR U 444 -36.24 -14.21 32.96
C TYR U 444 -35.29 -14.26 31.78
N GLU U 445 -35.00 -15.48 31.32
CA GLU U 445 -34.06 -15.75 30.26
C GLU U 445 -34.83 -15.97 28.96
N SER U 446 -34.16 -16.57 27.96
CA SER U 446 -34.80 -16.86 26.68
C SER U 446 -36.04 -17.75 26.86
N ILE U 447 -35.87 -18.93 27.47
CA ILE U 447 -36.96 -19.90 27.52
C ILE U 447 -38.10 -19.38 28.38
N ASP U 448 -37.77 -18.66 29.47
CA ASP U 448 -38.78 -18.03 30.31
C ASP U 448 -39.72 -17.15 29.49
N LEU U 449 -39.17 -16.39 28.54
CA LEU U 449 -40.01 -15.55 27.71
C LEU U 449 -40.97 -16.39 26.87
N ASP U 450 -40.55 -17.59 26.44
CA ASP U 450 -41.51 -18.48 25.79
C ASP U 450 -42.59 -18.93 26.76
N GLU U 451 -42.20 -19.27 28.01
CA GLU U 451 -43.17 -19.78 28.98
C GLU U 451 -44.27 -18.76 29.23
N LEU U 452 -43.87 -17.54 29.55
CA LEU U 452 -44.80 -16.51 29.98
C LEU U 452 -45.50 -15.83 28.81
N ASN U 453 -44.91 -15.86 27.61
CA ASN U 453 -45.66 -15.50 26.40
C ASN U 453 -46.75 -16.52 26.11
N GLU U 454 -46.42 -17.82 26.21
CA GLU U 454 -47.40 -18.84 25.88
C GLU U 454 -48.51 -18.88 26.93
N ASN U 455 -48.17 -18.57 28.18
CA ASN U 455 -49.16 -18.42 29.25
C ASN U 455 -49.74 -17.02 29.33
N GLY U 456 -49.49 -16.17 28.33
CA GLY U 456 -50.26 -14.96 28.13
C GLY U 456 -49.83 -13.77 28.96
N ILE U 457 -48.64 -13.80 29.55
CA ILE U 457 -48.10 -12.70 30.34
C ILE U 457 -47.14 -11.90 29.47
N ILE U 458 -47.36 -10.58 29.41
CA ILE U 458 -46.52 -9.70 28.60
C ILE U 458 -45.21 -9.47 29.33
N SER U 459 -44.12 -9.43 28.56
CA SER U 459 -42.78 -9.31 29.12
C SER U 459 -41.92 -8.45 28.22
N ILE U 460 -40.76 -8.03 28.73
CA ILE U 460 -39.82 -7.18 27.99
C ILE U 460 -38.59 -8.02 27.69
N GLU U 461 -38.03 -7.86 26.47
CA GLU U 461 -36.86 -8.61 26.02
C GLU U 461 -35.70 -7.67 25.69
N PHE U 462 -34.49 -8.17 25.95
CA PHE U 462 -33.24 -7.45 25.73
C PHE U 462 -32.69 -7.80 24.35
N VAL U 463 -32.20 -6.77 23.64
CA VAL U 463 -31.65 -6.95 22.30
C VAL U 463 -30.29 -6.26 22.23
N ARG U 464 -29.35 -6.92 21.55
CA ARG U 464 -27.96 -6.49 21.41
C ARG U 464 -27.68 -6.34 19.91
N ASN U 465 -27.89 -5.13 19.40
CA ASN U 465 -27.64 -4.82 18.00
C ASN U 465 -26.13 -4.76 17.76
N ARG U 466 -25.70 -4.28 16.59
CA ARG U 466 -24.26 -4.15 16.30
C ARG U 466 -23.58 -3.30 17.37
N THR U 467 -24.16 -2.14 17.67
CA THR U 467 -23.64 -1.21 18.66
C THR U 467 -24.58 -1.02 19.84
N ASN U 468 -25.83 -0.68 19.56
CA ASN U 468 -26.79 -0.31 20.60
C ASN U 468 -27.38 -1.53 21.28
N THR U 469 -27.66 -1.39 22.57
CA THR U 469 -28.47 -2.34 23.33
C THR U 469 -29.75 -1.61 23.76
N PHE U 470 -30.92 -2.15 23.40
CA PHE U 470 -32.17 -1.49 23.72
C PHE U 470 -33.24 -2.52 24.06
N PHE U 471 -34.22 -2.07 24.86
CA PHE U 471 -35.30 -2.92 25.35
C PHE U 471 -36.54 -2.68 24.49
N ARG U 472 -37.12 -3.77 23.98
CA ARG U 472 -38.26 -3.66 23.07
C ARG U 472 -39.18 -4.86 23.30
N ILE U 473 -40.47 -4.57 23.56
CA ILE U 473 -41.38 -5.51 24.22
C ILE U 473 -41.88 -6.57 23.23
N VAL U 474 -42.22 -7.76 23.75
CA VAL U 474 -42.37 -8.93 22.88
C VAL U 474 -43.65 -8.89 22.04
N ASP U 475 -44.82 -9.23 22.59
CA ASP U 475 -46.02 -9.47 21.79
C ASP U 475 -47.25 -9.07 22.59
N ASP U 476 -48.33 -8.74 21.87
CA ASP U 476 -49.52 -8.14 22.49
C ASP U 476 -50.50 -9.18 23.05
N VAL U 477 -50.01 -10.30 23.54
CA VAL U 477 -50.86 -11.37 24.07
C VAL U 477 -51.52 -10.93 25.37
N THR U 478 -52.76 -11.39 25.59
CA THR U 478 -53.52 -11.06 26.79
C THR U 478 -53.41 -12.19 27.83
N THR U 479 -54.13 -12.03 28.94
CA THR U 479 -54.05 -13.01 30.02
C THR U 479 -54.77 -14.31 29.68
N PHE U 480 -55.70 -14.30 28.72
CA PHE U 480 -56.38 -15.53 28.34
C PHE U 480 -55.40 -16.50 27.71
N ASN U 481 -55.42 -17.76 28.17
CA ASN U 481 -54.34 -18.71 27.97
C ASN U 481 -54.50 -19.51 26.68
N ASP U 482 -55.73 -19.89 26.35
CA ASP U 482 -55.95 -20.82 25.24
C ASP U 482 -55.60 -20.13 23.94
N LYS U 483 -54.45 -20.47 23.36
CA LYS U 483 -53.95 -19.81 22.17
C LYS U 483 -54.48 -20.42 20.87
N SER U 484 -55.54 -21.22 20.92
CA SER U 484 -56.25 -21.56 19.69
C SER U 484 -57.11 -20.41 19.20
N ASP U 485 -57.49 -19.49 20.10
CA ASP U 485 -58.40 -18.40 19.83
C ASP U 485 -57.61 -17.08 19.79
N PRO U 486 -57.00 -16.73 18.66
CA PRO U 486 -56.22 -15.48 18.61
C PRO U 486 -57.07 -14.22 18.74
N VAL U 487 -58.40 -14.32 18.58
CA VAL U 487 -59.25 -13.15 18.71
C VAL U 487 -59.26 -12.68 20.16
N LYS U 488 -59.25 -13.63 21.11
CA LYS U 488 -59.14 -13.26 22.53
C LYS U 488 -57.69 -13.05 22.94
N ALA U 489 -56.76 -13.86 22.41
CA ALA U 489 -55.41 -13.89 22.95
C ALA U 489 -54.65 -12.61 22.66
N GLU U 490 -54.68 -12.14 21.42
CA GLU U 490 -53.86 -11.01 21.01
C GLU U 490 -54.65 -9.72 21.17
N MET U 491 -54.14 -8.80 22.00
CA MET U 491 -54.89 -7.59 22.33
C MET U 491 -55.20 -6.74 21.09
N ALA U 492 -54.22 -6.59 20.19
CA ALA U 492 -54.44 -5.75 19.02
C ALA U 492 -55.48 -6.36 18.09
N VAL U 493 -55.55 -7.69 18.00
CA VAL U 493 -56.63 -8.33 17.25
C VAL U 493 -57.96 -8.00 17.91
N GLY U 494 -58.00 -8.03 19.24
CA GLY U 494 -59.23 -7.69 19.94
C GLY U 494 -59.64 -6.24 19.75
N GLU U 495 -58.65 -5.34 19.70
CA GLU U 495 -58.94 -3.93 19.46
C GLU U 495 -59.57 -3.74 18.08
N ALA U 496 -58.93 -4.29 17.05
CA ALA U 496 -59.48 -4.22 15.70
C ALA U 496 -60.88 -4.80 15.64
N ASN U 497 -61.12 -5.91 16.34
CA ASN U 497 -62.45 -6.52 16.35
C ASN U 497 -63.45 -5.61 17.06
N ASP U 498 -63.08 -5.10 18.23
CA ASP U 498 -63.97 -4.26 19.02
C ASP U 498 -64.44 -3.04 18.24
N PHE U 499 -63.54 -2.39 17.51
CA PHE U 499 -63.92 -1.21 16.76
C PHE U 499 -64.64 -1.55 15.45
N LEU U 500 -64.38 -2.72 14.87
CA LEU U 500 -65.18 -3.12 13.71
C LEU U 500 -66.62 -3.42 14.12
N VAL U 501 -66.81 -4.37 15.07
CA VAL U 501 -68.16 -4.70 15.54
C VAL U 501 -68.93 -3.48 16.06
N SER U 502 -68.25 -2.52 16.69
CA SER U 502 -68.95 -1.32 17.15
C SER U 502 -69.47 -0.50 15.98
N GLU U 503 -68.63 -0.34 14.94
CA GLU U 503 -69.07 0.41 13.77
C GLU U 503 -70.18 -0.33 13.02
N LEU U 504 -70.06 -1.67 12.94
CA LEU U 504 -71.14 -2.49 12.41
C LEU U 504 -72.40 -2.33 13.24
N LYS U 505 -72.27 -2.45 14.56
CA LYS U 505 -73.44 -2.36 15.42
C LYS U 505 -74.10 -0.99 15.31
N VAL U 506 -73.29 0.06 15.17
CA VAL U 506 -73.83 1.41 15.04
C VAL U 506 -74.62 1.55 13.74
N GLN U 507 -74.00 1.26 12.60
CA GLN U 507 -74.71 1.51 11.35
C GLN U 507 -75.90 0.59 11.13
N LEU U 508 -75.95 -0.57 11.80
CA LEU U 508 -77.17 -1.37 11.77
C LEU U 508 -78.32 -0.71 12.52
N GLU U 509 -78.03 0.23 13.43
CA GLU U 509 -79.11 0.95 14.09
C GLU U 509 -79.88 1.81 13.11
N ASP U 510 -79.15 2.67 12.39
CA ASP U 510 -79.76 3.60 11.45
C ASP U 510 -80.54 2.89 10.36
N GLN U 511 -80.01 1.76 9.88
CA GLN U 511 -80.52 1.14 8.65
C GLN U 511 -81.78 0.32 8.93
N PHE U 512 -81.78 -0.46 10.01
CA PHE U 512 -82.85 -1.41 10.32
C PHE U 512 -83.47 -1.22 11.70
N ILE U 513 -82.67 -1.01 12.74
CA ILE U 513 -83.16 -0.92 14.11
C ILE U 513 -83.82 0.46 14.34
N GLY U 514 -83.82 1.32 13.32
CA GLY U 514 -84.71 2.47 13.35
C GLY U 514 -86.20 2.15 13.33
N THR U 515 -86.54 0.89 13.02
CA THR U 515 -87.87 0.30 13.18
C THR U 515 -88.90 0.80 12.16
N ARG U 516 -88.49 1.26 10.98
CA ARG U 516 -89.43 1.98 10.13
C ARG U 516 -90.53 1.07 9.61
N THR U 517 -90.22 -0.18 9.27
CA THR U 517 -91.25 -1.13 8.89
C THR U 517 -90.66 -2.54 8.90
N ILE U 518 -91.55 -3.54 8.89
CA ILE U 518 -91.12 -4.93 8.74
C ILE U 518 -90.94 -5.29 7.27
N ASN U 519 -91.43 -4.46 6.35
CA ASN U 519 -91.47 -4.79 4.93
C ASN U 519 -90.13 -4.61 4.23
N THR U 520 -89.02 -4.57 4.97
CA THR U 520 -87.67 -4.63 4.42
C THR U 520 -87.12 -5.99 4.83
N SER U 521 -87.14 -6.96 3.91
CA SER U 521 -87.03 -8.36 4.34
C SER U 521 -85.56 -8.71 4.57
N ALA U 522 -85.23 -10.01 4.49
CA ALA U 522 -83.94 -10.52 4.94
C ALA U 522 -82.92 -10.57 3.80
N SER U 523 -83.39 -10.58 2.56
CA SER U 523 -82.51 -10.44 1.41
C SER U 523 -81.84 -9.07 1.37
N ILE U 524 -82.50 -8.04 1.91
CA ILE U 524 -81.97 -6.69 1.90
C ILE U 524 -80.92 -6.54 2.99
N ILE U 525 -81.15 -7.18 4.15
CA ILE U 525 -80.17 -7.16 5.23
C ILE U 525 -78.91 -7.89 4.81
N LYS U 526 -79.05 -9.02 4.13
CA LYS U 526 -77.89 -9.73 3.59
C LYS U 526 -77.11 -8.82 2.64
N ASP U 527 -77.83 -8.11 1.78
CA ASP U 527 -77.21 -7.21 0.82
C ASP U 527 -76.50 -6.06 1.53
N PHE U 528 -77.10 -5.54 2.60
CA PHE U 528 -76.49 -4.41 3.31
C PHE U 528 -75.20 -4.84 4.02
N ILE U 529 -75.15 -6.06 4.53
CA ILE U 529 -73.92 -6.51 5.18
C ILE U 529 -72.85 -6.77 4.13
N GLN U 530 -73.25 -7.17 2.92
CA GLN U 530 -72.29 -7.35 1.85
C GLN U 530 -71.72 -6.01 1.40
N SER U 531 -72.59 -5.05 1.07
CA SER U 531 -72.19 -3.66 0.88
C SER U 531 -71.18 -3.16 1.91
N TYR U 532 -71.48 -3.32 3.20
CA TYR U 532 -70.62 -2.73 4.22
C TYR U 532 -69.30 -3.47 4.32
N LEU U 533 -69.33 -4.80 4.13
CA LEU U 533 -68.06 -5.53 4.10
C LEU U 533 -67.24 -5.09 2.90
N GLY U 534 -67.90 -4.68 1.80
CA GLY U 534 -67.18 -4.10 0.69
C GLY U 534 -66.46 -2.82 1.06
N ARG U 535 -67.11 -1.99 1.89
CA ARG U 535 -66.50 -0.69 2.23
C ARG U 535 -65.28 -0.90 3.12
N LYS U 536 -65.35 -1.88 4.03
CA LYS U 536 -64.20 -2.15 4.88
C LYS U 536 -63.11 -2.88 4.11
N LYS U 537 -63.49 -3.66 3.10
CA LYS U 537 -62.50 -4.24 2.20
C LYS U 537 -61.80 -3.15 1.39
N ARG U 538 -62.53 -2.10 1.03
CA ARG U 538 -61.92 -0.99 0.29
C ARG U 538 -60.83 -0.33 1.13
N ASP U 539 -61.05 -0.20 2.44
CA ASP U 539 -60.05 0.35 3.34
C ASP U 539 -59.10 -0.72 3.88
N ASN U 540 -59.10 -1.93 3.32
CA ASN U 540 -58.16 -3.01 3.60
C ASN U 540 -58.18 -3.50 5.05
N GLU U 541 -59.16 -3.08 5.85
CA GLU U 541 -59.21 -3.50 7.25
C GLU U 541 -59.61 -4.96 7.42
N ILE U 542 -60.23 -5.56 6.41
CA ILE U 542 -60.51 -6.99 6.31
C ILE U 542 -60.11 -7.37 4.89
N GLN U 543 -59.42 -8.51 4.74
CA GLN U 543 -58.85 -8.81 3.44
C GLN U 543 -59.92 -9.17 2.40
N ASP U 544 -60.79 -10.11 2.73
CA ASP U 544 -61.88 -10.49 1.84
C ASP U 544 -62.92 -11.27 2.64
N PHE U 545 -64.12 -11.38 2.06
CA PHE U 545 -65.27 -12.02 2.70
C PHE U 545 -66.01 -12.95 1.74
N PRO U 546 -66.37 -14.19 2.17
CA PRO U 546 -67.14 -15.06 1.27
C PRO U 546 -68.61 -14.70 1.29
N ALA U 547 -69.06 -13.91 0.31
CA ALA U 547 -70.45 -13.46 0.29
C ALA U 547 -71.43 -14.63 0.15
N GLU U 548 -70.99 -15.75 -0.44
CA GLU U 548 -71.90 -16.89 -0.57
C GLU U 548 -72.22 -17.52 0.78
N ASP U 549 -71.30 -17.45 1.75
CA ASP U 549 -71.47 -18.07 3.06
C ASP U 549 -72.06 -17.10 4.09
N VAL U 550 -72.91 -16.17 3.66
CA VAL U 550 -73.68 -15.29 4.52
C VAL U 550 -75.14 -15.67 4.43
N GLN U 551 -75.77 -15.86 5.59
CA GLN U 551 -77.16 -16.31 5.69
C GLN U 551 -77.90 -15.45 6.71
N VAL U 552 -79.21 -15.29 6.49
CA VAL U 552 -80.08 -14.51 7.35
C VAL U 552 -81.37 -15.28 7.59
N ILE U 553 -81.85 -15.24 8.83
CA ILE U 553 -83.13 -15.83 9.21
C ILE U 553 -83.90 -14.75 9.97
N VAL U 554 -85.22 -14.67 9.76
CA VAL U 554 -86.05 -13.65 10.38
C VAL U 554 -87.29 -14.31 10.98
N GLU U 555 -87.65 -13.87 12.18
CA GLU U 555 -88.83 -14.35 12.90
C GLU U 555 -89.42 -13.18 13.68
N GLY U 556 -90.68 -12.88 13.42
CA GLY U 556 -91.29 -11.71 14.04
C GLY U 556 -90.50 -10.47 13.69
N ASN U 557 -89.98 -9.81 14.72
CA ASN U 557 -89.16 -8.61 14.59
C ASN U 557 -87.73 -8.87 15.08
N GLU U 558 -87.20 -10.07 14.78
CA GLU U 558 -85.82 -10.43 15.11
C GLU U 558 -85.19 -11.13 13.91
N ALA U 559 -83.99 -10.69 13.55
CA ALA U 559 -83.18 -11.30 12.51
C ALA U 559 -81.95 -11.99 13.10
N ARG U 560 -81.64 -13.18 12.61
CA ARG U 560 -80.40 -13.89 12.95
C ARG U 560 -79.54 -14.06 11.69
N ILE U 561 -78.26 -13.75 11.82
CA ILE U 561 -77.34 -13.62 10.68
C ILE U 561 -76.06 -14.40 10.99
N SER U 562 -75.58 -15.17 10.00
CA SER U 562 -74.26 -15.79 10.05
C SER U 562 -73.39 -15.26 8.92
N MET U 563 -72.07 -15.27 9.15
CA MET U 563 -71.11 -14.59 8.30
C MET U 563 -69.72 -15.17 8.54
N THR U 564 -68.77 -14.74 7.71
CA THR U 564 -67.37 -15.13 7.81
C THR U 564 -66.52 -13.98 7.30
N VAL U 565 -65.36 -13.78 7.92
CA VAL U 565 -64.42 -12.71 7.56
C VAL U 565 -63.02 -13.32 7.51
N TYR U 566 -62.20 -12.86 6.56
CA TYR U 566 -60.78 -13.18 6.51
C TYR U 566 -60.00 -12.04 7.19
N PRO U 567 -59.38 -12.24 8.35
CA PRO U 567 -58.67 -11.12 8.99
C PRO U 567 -57.37 -10.81 8.26
N ILE U 568 -56.91 -9.56 8.38
CA ILE U 568 -55.57 -9.22 7.91
C ILE U 568 -54.55 -10.12 8.62
N ARG U 569 -53.97 -11.06 7.85
CA ARG U 569 -53.14 -12.12 8.43
C ARG U 569 -51.79 -11.57 8.87
N SER U 570 -51.40 -11.90 10.10
CA SER U 570 -50.17 -11.41 10.71
C SER U 570 -48.97 -12.28 10.30
N PHE U 571 -47.78 -11.84 10.71
CA PHE U 571 -46.50 -12.43 10.28
C PHE U 571 -45.62 -12.64 11.52
N LYS U 572 -45.53 -13.90 11.98
CA LYS U 572 -44.97 -14.19 13.31
C LYS U 572 -43.45 -14.37 13.33
N LYS U 573 -42.87 -15.10 12.37
CA LYS U 573 -41.51 -15.63 12.54
C LYS U 573 -40.75 -15.63 11.21
N ILE U 574 -39.42 -15.52 11.32
CA ILE U 574 -38.49 -15.74 10.21
C ILE U 574 -37.30 -16.50 10.79
N SER U 575 -36.67 -17.35 9.97
CA SER U 575 -35.33 -17.83 10.30
C SER U 575 -34.49 -17.94 9.03
N VAL U 576 -33.20 -17.63 9.17
CA VAL U 576 -32.27 -17.45 8.06
C VAL U 576 -31.10 -18.42 8.27
N SER U 577 -30.85 -19.28 7.28
CA SER U 577 -29.64 -20.09 7.25
C SER U 577 -28.56 -19.31 6.50
N LEU U 578 -27.52 -18.89 7.22
CA LEU U 578 -26.38 -18.17 6.65
C LEU U 578 -25.19 -19.12 6.66
N VAL U 579 -24.64 -19.39 5.46
CA VAL U 579 -23.53 -20.33 5.27
C VAL U 579 -22.34 -19.55 4.72
N TYR U 580 -21.17 -19.76 5.31
CA TYR U 580 -19.94 -19.14 4.81
C TYR U 580 -19.25 -20.04 3.79
N LYS U 581 -18.79 -19.44 2.69
CA LYS U 581 -17.99 -20.13 1.68
C LYS U 581 -16.80 -19.25 1.29
N GLN U 582 -15.84 -19.86 0.57
CA GLN U 582 -14.64 -19.19 0.08
C GLN U 582 -14.48 -19.49 -1.40
N GLN U 583 -14.05 -18.49 -2.17
CA GLN U 583 -13.60 -18.73 -3.53
C GLN U 583 -12.52 -17.70 -3.86
N THR U 584 -11.55 -18.14 -4.67
CA THR U 584 -10.31 -17.40 -4.81
C THR U 584 -10.48 -16.13 -5.65
N LEU U 585 -9.87 -15.05 -5.18
CA LEU U 585 -9.56 -13.90 -6.01
C LEU U 585 -8.22 -14.15 -6.71
N GLN U 586 -8.11 -13.68 -7.95
CA GLN U 586 -7.01 -14.04 -8.84
C GLN U 586 -6.56 -12.84 -9.67
N ALA U 587 -5.29 -12.88 -10.09
CA ALA U 587 -4.77 -11.87 -11.03
C ALA U 587 -3.77 -12.50 -12.00
N ALA V 2 -93.89 -22.22 -47.35
CA ALA V 2 -94.38 -23.59 -47.00
C ALA V 2 -93.58 -24.13 -45.80
N SER V 3 -93.24 -25.42 -45.78
CA SER V 3 -92.60 -26.01 -44.62
C SER V 3 -91.22 -25.41 -44.36
N GLU V 4 -90.73 -25.59 -43.13
CA GLU V 4 -89.37 -25.19 -42.77
C GLU V 4 -88.28 -26.04 -43.40
N ALA V 5 -88.64 -27.06 -44.18
CA ALA V 5 -87.72 -27.95 -44.86
C ALA V 5 -87.53 -27.57 -46.32
N LYS V 6 -88.22 -26.52 -46.79
CA LYS V 6 -88.13 -26.06 -48.17
C LYS V 6 -87.70 -24.59 -48.29
N GLN V 7 -88.02 -23.74 -47.30
CA GLN V 7 -87.80 -22.31 -47.49
C GLN V 7 -86.32 -21.97 -47.64
N THR V 8 -86.03 -21.12 -48.61
CA THR V 8 -84.68 -20.87 -49.08
C THR V 8 -83.91 -19.88 -48.21
N VAL V 9 -84.54 -19.22 -47.25
CA VAL V 9 -83.95 -18.10 -46.52
C VAL V 9 -83.97 -18.42 -45.04
N HIS V 10 -82.91 -18.04 -44.33
CA HIS V 10 -82.92 -18.23 -42.89
C HIS V 10 -83.85 -17.24 -42.22
N THR V 11 -84.50 -17.69 -41.15
CA THR V 11 -85.45 -16.88 -40.39
C THR V 11 -85.13 -17.03 -38.91
N GLY V 12 -85.42 -15.97 -38.15
CA GLY V 12 -85.32 -16.07 -36.70
C GLY V 12 -86.21 -17.15 -36.13
N ASN V 13 -87.25 -17.56 -36.87
CA ASN V 13 -88.12 -18.63 -36.44
C ASN V 13 -87.36 -19.93 -36.21
N THR V 14 -86.54 -20.34 -37.17
CA THR V 14 -85.81 -21.59 -37.07
C THR V 14 -84.46 -21.44 -36.38
N VAL V 15 -83.87 -20.26 -36.39
CA VAL V 15 -82.52 -20.08 -35.89
C VAL V 15 -82.53 -20.14 -34.37
N LEU V 16 -81.62 -20.92 -33.80
CA LEU V 16 -81.37 -20.96 -32.37
C LEU V 16 -80.04 -20.27 -32.08
N LEU V 17 -79.83 -19.93 -30.81
CA LEU V 17 -78.61 -19.27 -30.35
C LEU V 17 -78.03 -20.03 -29.17
N MET V 18 -76.71 -20.14 -29.13
CA MET V 18 -76.01 -20.95 -28.14
C MET V 18 -74.81 -20.19 -27.61
N ILE V 19 -74.41 -20.50 -26.38
CA ILE V 19 -73.25 -19.90 -25.75
C ILE V 19 -72.64 -20.92 -24.80
N LYS V 20 -71.34 -21.16 -24.93
CA LYS V 20 -70.63 -22.14 -24.10
C LYS V 20 -71.27 -23.53 -24.21
N GLY V 21 -71.80 -23.85 -25.38
CA GLY V 21 -72.49 -25.11 -25.57
C GLY V 21 -73.78 -25.22 -24.80
N LYS V 22 -74.55 -24.12 -24.70
CA LYS V 22 -75.83 -24.10 -24.00
C LYS V 22 -76.79 -23.17 -24.75
N PRO V 23 -78.04 -23.56 -24.98
CA PRO V 23 -78.95 -22.67 -25.72
C PRO V 23 -79.54 -21.55 -24.89
N VAL V 24 -79.74 -20.41 -25.53
CA VAL V 24 -80.22 -19.21 -24.87
C VAL V 24 -81.74 -19.16 -24.98
N GLY V 25 -82.40 -18.92 -23.85
CA GLY V 25 -83.85 -18.78 -23.82
C GLY V 25 -84.27 -17.33 -23.96
N ARG V 26 -85.31 -17.11 -24.78
CA ARG V 26 -85.93 -15.80 -24.96
C ARG V 26 -84.93 -14.76 -25.46
N ALA V 27 -84.06 -15.16 -26.39
CA ALA V 27 -83.21 -14.22 -27.09
C ALA V 27 -84.00 -13.47 -28.14
N GLN V 28 -83.95 -12.13 -28.09
CA GLN V 28 -84.72 -11.28 -29.00
C GLN V 28 -83.99 -10.96 -30.30
N SER V 29 -82.75 -10.45 -30.24
CA SER V 29 -82.07 -9.99 -31.45
C SER V 29 -80.56 -10.05 -31.28
N ALA V 30 -79.86 -10.18 -32.41
CA ALA V 30 -78.41 -10.25 -32.39
C ALA V 30 -77.84 -9.48 -33.58
N SER V 31 -76.93 -8.54 -33.31
CA SER V 31 -76.23 -7.79 -34.34
C SER V 31 -74.81 -8.31 -34.51
N GLY V 32 -74.33 -8.32 -35.75
CA GLY V 32 -72.97 -8.78 -36.06
C GLY V 32 -72.25 -7.87 -37.03
N GLN V 33 -71.27 -7.12 -36.53
CA GLN V 33 -70.51 -6.16 -37.31
C GLN V 33 -69.06 -6.62 -37.45
N ARG V 34 -68.46 -6.29 -38.59
CA ARG V 34 -67.05 -6.56 -38.85
C ARG V 34 -66.50 -5.46 -39.73
N GLU V 35 -65.24 -5.08 -39.48
CA GLU V 35 -64.50 -4.13 -40.29
C GLU V 35 -63.12 -4.70 -40.58
N TYR V 36 -62.62 -4.43 -41.79
CA TYR V 36 -61.28 -4.81 -42.22
C TYR V 36 -60.41 -3.58 -42.49
N GLY V 37 -60.71 -2.47 -41.82
CA GLY V 37 -59.99 -1.18 -41.99
C GLY V 37 -59.37 -0.90 -43.35
N THR V 38 -60.10 -1.17 -44.43
CA THR V 38 -59.55 -0.99 -45.78
C THR V 38 -59.19 0.46 -46.04
N THR V 39 -57.97 0.68 -46.55
CA THR V 39 -57.47 1.99 -46.91
C THR V 39 -57.06 1.99 -48.37
N GLY V 40 -57.39 3.07 -49.07
CA GLY V 40 -56.99 3.22 -50.45
C GLY V 40 -55.58 3.78 -50.57
N VAL V 41 -54.81 3.18 -51.46
CA VAL V 41 -53.42 3.60 -51.73
C VAL V 41 -53.46 4.59 -52.88
N TYR V 42 -53.25 5.88 -52.57
CA TYR V 42 -53.41 6.98 -53.51
C TYR V 42 -52.03 7.50 -53.90
N GLU V 43 -52.01 8.29 -54.97
CA GLU V 43 -50.83 8.46 -55.80
C GLU V 43 -50.62 9.92 -56.17
N ILE V 44 -49.40 10.22 -56.62
CA ILE V 44 -49.15 11.39 -57.46
C ILE V 44 -49.03 10.91 -58.91
N GLY V 45 -49.66 11.65 -59.81
CA GLY V 45 -49.79 11.25 -61.20
C GLY V 45 -51.07 10.53 -61.57
N SER V 46 -51.92 10.21 -60.59
CA SER V 46 -53.22 9.62 -60.89
C SER V 46 -54.19 9.93 -59.76
N ILE V 47 -55.45 10.12 -60.12
CA ILE V 47 -56.46 10.50 -59.15
C ILE V 47 -57.08 9.28 -58.46
N MET V 48 -57.11 8.12 -59.14
CA MET V 48 -57.75 6.94 -58.62
C MET V 48 -56.84 6.21 -57.65
N PRO V 49 -57.38 5.28 -56.84
CA PRO V 49 -56.50 4.45 -56.01
C PRO V 49 -55.84 3.36 -56.84
N GLN V 50 -54.58 3.05 -56.50
CA GLN V 50 -53.86 2.02 -57.23
C GLN V 50 -54.29 0.63 -56.76
N GLU V 51 -54.60 0.49 -55.48
CA GLU V 51 -55.21 -0.72 -54.95
C GLU V 51 -55.71 -0.42 -53.55
N HIS V 52 -56.52 -1.35 -53.04
CA HIS V 52 -57.04 -1.31 -51.68
C HIS V 52 -56.34 -2.39 -50.85
N VAL V 53 -56.03 -2.09 -49.59
CA VAL V 53 -55.37 -3.06 -48.72
C VAL V 53 -56.09 -3.12 -47.38
N TYR V 54 -56.29 -4.34 -46.91
CA TYR V 54 -56.85 -4.59 -45.59
C TYR V 54 -55.76 -4.40 -44.55
N LEU V 55 -56.16 -3.91 -43.38
CA LEU V 55 -55.18 -3.26 -42.50
C LEU V 55 -55.40 -3.52 -41.02
N ARG V 56 -56.63 -3.41 -40.50
CA ARG V 56 -56.89 -3.82 -39.11
C ARG V 56 -58.26 -4.48 -39.04
N TYR V 57 -58.35 -5.64 -38.38
CA TYR V 57 -59.62 -6.34 -38.26
C TYR V 57 -60.27 -5.83 -36.99
N GLU V 58 -61.59 -5.63 -37.06
CA GLU V 58 -62.37 -5.30 -35.87
C GLU V 58 -63.78 -5.81 -36.05
N GLY V 59 -64.33 -6.40 -34.98
CA GLY V 59 -65.70 -6.89 -35.00
C GLY V 59 -66.41 -6.62 -33.68
N THR V 60 -67.73 -6.76 -33.74
CA THR V 60 -68.60 -6.59 -32.57
C THR V 60 -69.85 -7.45 -32.78
N ILE V 61 -70.27 -8.14 -31.71
CA ILE V 61 -71.54 -8.84 -31.66
C ILE V 61 -72.31 -8.30 -30.45
N THR V 62 -73.58 -7.96 -30.67
CA THR V 62 -74.48 -7.56 -29.60
C THR V 62 -75.60 -8.60 -29.51
N VAL V 63 -76.05 -8.87 -28.28
CA VAL V 63 -77.14 -9.81 -28.03
C VAL V 63 -78.16 -9.12 -27.13
N GLU V 64 -79.44 -9.19 -27.54
CA GLU V 64 -80.56 -8.62 -26.80
C GLU V 64 -81.39 -9.76 -26.23
N ARG V 65 -81.78 -9.65 -24.97
CA ARG V 65 -82.45 -10.73 -24.28
C ARG V 65 -83.38 -10.17 -23.22
N LEU V 66 -84.51 -10.84 -23.04
CA LEU V 66 -85.41 -10.53 -21.94
C LEU V 66 -84.84 -11.06 -20.64
N ARG V 67 -84.91 -10.26 -19.58
CA ARG V 67 -84.35 -10.66 -18.29
C ARG V 67 -85.11 -11.87 -17.77
N MET V 68 -84.44 -13.02 -17.71
CA MET V 68 -85.10 -14.21 -17.22
C MET V 68 -85.27 -14.13 -15.71
N LYS V 69 -86.30 -14.82 -15.21
CA LYS V 69 -86.46 -14.86 -13.76
C LYS V 69 -85.34 -15.65 -13.10
N LYS V 70 -84.72 -16.58 -13.83
CA LYS V 70 -83.56 -17.33 -13.38
C LYS V 70 -82.63 -17.52 -14.56
N GLU V 71 -81.36 -17.81 -14.26
CA GLU V 71 -80.31 -18.03 -15.26
C GLU V 71 -80.23 -16.88 -16.26
N ASN V 72 -80.20 -15.66 -15.74
CA ASN V 72 -79.84 -14.52 -16.59
C ASN V 72 -78.32 -14.48 -16.70
N PHE V 73 -77.79 -13.52 -17.47
CA PHE V 73 -76.37 -13.48 -17.76
C PHE V 73 -75.53 -13.38 -16.50
N ALA V 74 -76.00 -12.63 -15.51
CA ALA V 74 -75.26 -12.51 -14.25
C ALA V 74 -75.51 -13.70 -13.34
N ASP V 75 -76.72 -14.25 -13.37
CA ASP V 75 -77.04 -15.41 -12.54
C ASP V 75 -76.49 -16.70 -13.13
N LEU V 76 -76.33 -16.75 -14.46
CA LEU V 76 -75.80 -17.92 -15.13
C LEU V 76 -74.28 -18.01 -15.09
N GLY V 77 -73.60 -16.88 -14.88
CA GLY V 77 -72.15 -16.87 -14.75
C GLY V 77 -71.38 -16.42 -15.97
N TYR V 78 -72.00 -15.67 -16.88
CA TYR V 78 -71.35 -15.22 -18.11
C TYR V 78 -70.88 -13.77 -17.91
N ALA V 79 -71.29 -12.79 -18.71
CA ALA V 79 -70.91 -11.42 -18.40
C ALA V 79 -71.76 -10.95 -17.24
N SER V 80 -71.14 -10.28 -16.27
CA SER V 80 -71.77 -10.01 -15.00
C SER V 80 -71.31 -8.63 -14.52
N LEU V 81 -71.68 -8.30 -13.28
CA LEU V 81 -71.44 -7.01 -12.67
C LEU V 81 -70.31 -7.13 -11.65
N GLY V 82 -69.62 -6.01 -11.42
CA GLY V 82 -68.68 -5.93 -10.31
C GLY V 82 -67.32 -6.56 -10.58
N GLU V 83 -66.67 -6.98 -9.49
CA GLU V 83 -65.28 -7.45 -9.56
C GLU V 83 -65.14 -8.72 -10.38
N GLU V 84 -66.19 -9.53 -10.46
CA GLU V 84 -66.07 -10.88 -11.02
C GLU V 84 -65.69 -10.87 -12.50
N ILE V 85 -65.77 -9.73 -13.19
CA ILE V 85 -65.40 -9.68 -14.60
C ILE V 85 -63.95 -10.06 -14.81
N LEU V 86 -63.08 -9.75 -13.84
CA LEU V 86 -61.66 -10.11 -13.96
C LEU V 86 -61.44 -11.62 -14.08
N LYS V 87 -62.43 -12.44 -13.70
CA LYS V 87 -62.29 -13.89 -13.67
C LYS V 87 -63.32 -14.58 -14.56
N LYS V 88 -63.81 -13.90 -15.60
CA LYS V 88 -64.67 -14.52 -16.61
C LYS V 88 -63.81 -14.83 -17.84
N ASP V 89 -63.58 -16.11 -18.07
CA ASP V 89 -62.63 -16.57 -19.09
C ASP V 89 -63.24 -16.41 -20.48
N ILE V 90 -62.45 -16.81 -21.48
CA ILE V 90 -62.87 -16.75 -22.87
C ILE V 90 -64.01 -17.75 -23.09
N ILE V 91 -65.05 -17.30 -23.79
CA ILE V 91 -66.25 -18.10 -24.04
C ILE V 91 -66.67 -17.90 -25.49
N ASP V 92 -67.15 -18.97 -26.11
CA ASP V 92 -67.57 -18.95 -27.52
C ASP V 92 -69.08 -18.93 -27.65
N ILE V 93 -69.56 -18.30 -28.73
CA ILE V 93 -70.98 -18.23 -29.08
C ILE V 93 -71.19 -18.87 -30.45
N LEU V 94 -72.36 -19.49 -30.63
CA LEU V 94 -72.73 -20.15 -31.87
C LEU V 94 -74.14 -19.74 -32.27
N VAL V 95 -74.40 -19.76 -33.58
CA VAL V 95 -75.73 -19.64 -34.15
C VAL V 95 -76.05 -20.97 -34.83
N VAL V 96 -77.25 -21.48 -34.59
CA VAL V 96 -77.63 -22.83 -35.01
C VAL V 96 -79.00 -22.81 -35.67
N ASP V 97 -79.24 -23.79 -36.52
CA ASP V 97 -80.57 -24.07 -37.07
C ASP V 97 -81.24 -25.12 -36.19
N ASN V 98 -82.35 -24.72 -35.56
CA ASN V 98 -83.05 -25.63 -34.65
C ASN V 98 -83.62 -26.84 -35.38
N LEU V 99 -83.90 -26.72 -36.68
CA LEU V 99 -84.50 -27.81 -37.42
C LEU V 99 -83.58 -29.02 -37.48
N THR V 100 -82.29 -28.80 -37.78
CA THR V 100 -81.30 -29.86 -37.91
C THR V 100 -80.17 -29.79 -36.89
N LYS V 101 -80.15 -28.80 -36.00
CA LYS V 101 -79.04 -28.57 -35.07
C LYS V 101 -77.73 -28.30 -35.82
N GLN V 102 -77.82 -27.75 -37.02
CA GLN V 102 -76.67 -27.44 -37.84
C GLN V 102 -76.14 -26.06 -37.48
N VAL V 103 -74.84 -25.97 -37.27
CA VAL V 103 -74.22 -24.69 -36.94
C VAL V 103 -74.26 -23.78 -38.16
N ILE V 104 -74.68 -22.54 -37.95
CA ILE V 104 -74.70 -21.54 -39.01
C ILE V 104 -73.32 -20.88 -39.00
N ILE V 105 -73.01 -20.13 -37.93
CA ILE V 105 -71.68 -19.54 -37.74
C ILE V 105 -71.27 -19.69 -36.28
N SER V 106 -69.99 -19.42 -36.03
CA SER V 106 -69.40 -19.42 -34.70
C SER V 106 -68.65 -18.11 -34.49
N TYR V 107 -68.76 -17.57 -33.28
CA TYR V 107 -67.97 -16.43 -32.84
C TYR V 107 -66.95 -16.95 -31.84
N HIS V 108 -65.70 -17.05 -32.26
CA HIS V 108 -64.65 -17.68 -31.46
C HIS V 108 -64.08 -16.69 -30.46
N GLY V 109 -64.24 -17.00 -29.17
CA GLY V 109 -63.55 -16.30 -28.12
C GLY V 109 -64.09 -14.91 -27.82
N CYS V 110 -65.37 -14.85 -27.49
CA CYS V 110 -66.02 -13.61 -27.11
C CYS V 110 -65.51 -13.09 -25.76
N SER V 111 -65.68 -11.79 -25.56
CA SER V 111 -65.39 -11.12 -24.30
C SER V 111 -66.30 -9.91 -24.19
N ALA V 112 -66.65 -9.55 -22.96
CA ALA V 112 -67.70 -8.58 -22.73
C ALA V 112 -67.20 -7.17 -22.96
N ASN V 113 -68.12 -6.30 -23.41
CA ASN V 113 -67.83 -4.88 -23.64
C ASN V 113 -68.69 -3.97 -22.78
N ASN V 114 -70.00 -4.14 -22.82
CA ASN V 114 -70.91 -3.34 -22.00
C ASN V 114 -72.20 -4.13 -21.79
N TYR V 115 -72.83 -3.85 -20.66
CA TYR V 115 -74.07 -4.51 -20.22
C TYR V 115 -75.11 -3.42 -19.93
N ASN V 116 -76.19 -3.43 -20.71
CA ASN V 116 -77.34 -2.56 -20.51
C ASN V 116 -78.52 -3.39 -20.01
N GLU V 117 -79.11 -2.96 -18.90
CA GLU V 117 -80.36 -3.50 -18.37
C GLU V 117 -81.40 -2.38 -18.35
N THR V 118 -82.58 -2.67 -18.89
CA THR V 118 -83.62 -1.67 -19.09
C THR V 118 -84.89 -2.09 -18.35
N TRP V 119 -85.36 -1.22 -17.47
CA TRP V 119 -86.62 -1.36 -16.76
C TRP V 119 -87.51 -0.19 -17.13
N GLN V 120 -88.74 -0.48 -17.59
CA GLN V 120 -89.72 0.55 -17.86
C GLN V 120 -91.08 0.09 -17.37
N THR V 121 -91.83 1.02 -16.78
CA THR V 121 -93.15 0.69 -16.25
C THR V 121 -94.07 0.24 -17.37
N ASN V 122 -94.83 -0.84 -17.11
CA ASN V 122 -95.73 -1.42 -18.09
C ASN V 122 -94.97 -1.94 -19.32
N GLU V 123 -93.79 -2.51 -19.09
CA GLU V 123 -93.04 -3.14 -20.17
C GLU V 123 -92.22 -4.28 -19.60
N ILE V 124 -91.84 -5.21 -20.48
CA ILE V 124 -91.02 -6.34 -20.07
C ILE V 124 -89.60 -5.85 -19.83
N VAL V 125 -88.92 -6.44 -18.85
CA VAL V 125 -87.52 -6.09 -18.63
C VAL V 125 -86.69 -6.66 -19.79
N THR V 126 -85.79 -5.82 -20.32
CA THR V 126 -84.97 -6.17 -21.47
C THR V 126 -83.50 -5.94 -21.13
N GLU V 127 -82.63 -6.56 -21.93
CA GLU V 127 -81.19 -6.46 -21.73
C GLU V 127 -80.50 -6.35 -23.09
N GLU V 128 -79.25 -5.89 -23.06
CA GLU V 128 -78.49 -5.62 -24.28
C GLU V 128 -77.01 -5.65 -23.93
N ILE V 129 -76.34 -6.76 -24.23
CA ILE V 129 -74.92 -6.92 -23.98
C ILE V 129 -74.15 -6.92 -25.29
N GLU V 130 -73.02 -6.22 -25.30
CA GLU V 130 -72.09 -6.17 -26.42
C GLU V 130 -70.86 -7.01 -26.09
N PHE V 131 -70.37 -7.77 -27.07
CA PHE V 131 -69.17 -8.58 -26.91
C PHE V 131 -68.21 -8.33 -28.06
N SER V 132 -66.93 -8.25 -27.74
CA SER V 132 -65.86 -8.35 -28.73
C SER V 132 -65.44 -9.81 -28.86
N TYR V 133 -65.04 -10.19 -30.08
CA TYR V 133 -64.61 -11.55 -30.35
C TYR V 133 -63.39 -11.55 -31.27
N LEU V 134 -62.57 -12.58 -31.10
CA LEU V 134 -61.32 -12.74 -31.84
C LEU V 134 -61.58 -13.03 -33.32
N THR V 135 -62.13 -14.21 -33.63
CA THR V 135 -62.35 -14.65 -34.99
C THR V 135 -63.77 -15.22 -35.12
N ALA V 136 -64.26 -15.25 -36.37
CA ALA V 136 -65.48 -15.96 -36.72
C ALA V 136 -65.17 -16.91 -37.87
N SER V 137 -66.07 -17.89 -38.06
CA SER V 137 -65.81 -18.98 -39.00
C SER V 137 -67.12 -19.46 -39.63
N ASP V 138 -67.01 -19.98 -40.85
CA ASP V 138 -68.12 -20.63 -41.55
C ASP V 138 -67.91 -22.14 -41.52
N LYS V 139 -68.89 -22.87 -40.98
CA LYS V 139 -68.86 -24.32 -40.98
C LYS V 139 -70.25 -24.87 -41.30
N ALA V 140 -70.26 -26.07 -41.88
CA ALA V 140 -71.48 -26.71 -42.35
C ALA V 140 -72.27 -25.81 -43.30
N ALA W 2 -98.16 -17.01 -16.89
CA ALA W 2 -99.34 -16.12 -16.68
C ALA W 2 -99.36 -15.51 -15.28
N SER W 3 -99.64 -16.32 -14.24
CA SER W 3 -99.62 -15.83 -12.88
C SER W 3 -98.21 -15.40 -12.49
N GLU W 4 -98.12 -14.54 -11.46
CA GLU W 4 -96.85 -13.93 -11.08
C GLU W 4 -95.84 -14.98 -10.62
N ALA W 5 -96.32 -16.03 -9.94
CA ALA W 5 -95.38 -16.99 -9.35
C ALA W 5 -94.69 -17.84 -10.40
N LYS W 6 -95.28 -17.98 -11.60
CA LYS W 6 -94.85 -18.97 -12.58
C LYS W 6 -94.31 -18.38 -13.88
N GLN W 7 -94.40 -17.07 -14.09
CA GLN W 7 -93.81 -16.46 -15.27
C GLN W 7 -92.29 -16.55 -15.21
N THR W 8 -91.67 -16.70 -16.39
CA THR W 8 -90.24 -16.92 -16.53
C THR W 8 -89.48 -15.66 -16.91
N VAL W 9 -90.13 -14.49 -16.89
CA VAL W 9 -89.53 -13.24 -17.34
C VAL W 9 -90.00 -12.15 -16.39
N HIS W 10 -89.07 -11.30 -15.95
CA HIS W 10 -89.43 -10.19 -15.08
C HIS W 10 -90.03 -9.04 -15.88
N THR W 11 -90.95 -8.32 -15.24
CA THR W 11 -91.65 -7.20 -15.83
C THR W 11 -91.62 -6.02 -14.87
N GLY W 12 -91.87 -4.82 -15.41
CA GLY W 12 -92.07 -3.66 -14.54
C GLY W 12 -93.25 -3.81 -13.60
N ASN W 13 -94.16 -4.76 -13.87
CA ASN W 13 -95.34 -4.98 -13.04
C ASN W 13 -95.00 -5.70 -11.74
N THR W 14 -93.96 -6.54 -11.73
CA THR W 14 -93.61 -7.30 -10.53
C THR W 14 -92.50 -6.66 -9.71
N VAL W 15 -91.56 -5.97 -10.36
CA VAL W 15 -90.40 -5.39 -9.69
C VAL W 15 -90.80 -4.18 -8.84
N LEU W 16 -90.03 -3.96 -7.76
CA LEU W 16 -90.10 -2.74 -6.96
C LEU W 16 -88.69 -2.20 -6.79
N LEU W 17 -88.56 -0.88 -6.86
CA LEU W 17 -87.29 -0.19 -6.72
C LEU W 17 -87.17 0.41 -5.32
N MET W 18 -85.98 0.27 -4.72
CA MET W 18 -85.76 0.61 -3.32
C MET W 18 -84.51 1.46 -3.17
N ILE W 19 -84.50 2.32 -2.14
CA ILE W 19 -83.37 3.19 -1.88
C ILE W 19 -83.25 3.51 -0.39
N LYS W 20 -82.08 3.19 0.17
CA LYS W 20 -81.80 3.37 1.60
C LYS W 20 -82.83 2.65 2.47
N GLY W 21 -83.28 1.49 2.01
CA GLY W 21 -84.24 0.70 2.75
C GLY W 21 -85.64 1.26 2.76
N LYS W 22 -86.03 2.01 1.73
CA LYS W 22 -87.36 2.56 1.58
C LYS W 22 -87.75 2.51 0.10
N PRO W 23 -89.00 2.19 -0.23
CA PRO W 23 -89.35 2.10 -1.66
C PRO W 23 -89.39 3.46 -2.35
N VAL W 24 -89.24 3.41 -3.67
CA VAL W 24 -89.36 4.59 -4.53
C VAL W 24 -90.82 4.76 -4.93
N GLY W 25 -91.31 6.00 -4.88
CA GLY W 25 -92.68 6.28 -5.22
C GLY W 25 -92.84 6.77 -6.65
N ARG W 26 -93.59 6.01 -7.44
CA ARG W 26 -93.98 6.37 -8.80
C ARG W 26 -92.76 6.55 -9.71
N ALA W 27 -91.91 5.53 -9.72
CA ALA W 27 -90.82 5.45 -10.68
C ALA W 27 -91.40 5.08 -12.04
N GLN W 28 -90.99 5.80 -13.09
CA GLN W 28 -91.44 5.50 -14.44
C GLN W 28 -90.47 4.60 -15.21
N SER W 29 -89.19 4.67 -14.91
CA SER W 29 -88.21 3.79 -15.54
C SER W 29 -86.93 3.78 -14.73
N ALA W 30 -86.10 2.76 -14.98
CA ALA W 30 -84.73 2.72 -14.49
C ALA W 30 -83.88 2.04 -15.53
N SER W 31 -82.85 2.73 -16.02
CA SER W 31 -81.88 2.16 -16.95
C SER W 31 -80.50 2.11 -16.30
N GLY W 32 -79.79 1.00 -16.52
CA GLY W 32 -78.43 0.84 -16.03
C GLY W 32 -77.42 0.51 -17.11
N GLN W 33 -76.59 1.48 -17.47
CA GLN W 33 -75.54 1.31 -18.48
C GLN W 33 -74.19 1.11 -17.81
N ARG W 34 -73.43 0.13 -18.29
CA ARG W 34 -72.15 -0.27 -17.72
C ARG W 34 -71.18 -0.60 -18.84
N GLU W 35 -69.95 -0.10 -18.74
CA GLU W 35 -68.92 -0.39 -19.71
C GLU W 35 -67.67 -0.95 -19.04
N TYR W 36 -66.93 -1.75 -19.80
CA TYR W 36 -65.65 -2.31 -19.37
C TYR W 36 -64.47 -1.80 -20.18
N GLY W 37 -64.69 -0.87 -21.11
CA GLY W 37 -63.62 -0.24 -21.86
C GLY W 37 -62.66 -1.14 -22.63
N THR W 38 -63.18 -2.33 -22.97
CA THR W 38 -62.38 -3.41 -23.55
C THR W 38 -61.60 -2.94 -24.78
N THR W 39 -60.40 -3.49 -24.94
CA THR W 39 -59.50 -3.12 -26.04
C THR W 39 -58.82 -4.38 -26.55
N GLY W 40 -58.58 -4.42 -27.86
CA GLY W 40 -57.95 -5.56 -28.51
C GLY W 40 -56.45 -5.37 -28.72
N VAL W 41 -55.68 -6.40 -28.34
CA VAL W 41 -54.22 -6.33 -28.33
C VAL W 41 -53.73 -6.64 -29.74
N TYR W 42 -53.31 -5.59 -30.45
CA TYR W 42 -52.82 -5.67 -31.82
C TYR W 42 -51.29 -5.76 -31.85
N GLU W 43 -50.80 -6.34 -32.95
CA GLU W 43 -49.37 -6.55 -33.18
C GLU W 43 -49.03 -6.15 -34.60
N ILE W 44 -47.74 -6.00 -34.85
CA ILE W 44 -47.23 -6.08 -36.22
C ILE W 44 -47.11 -7.55 -36.58
N GLY W 45 -47.27 -7.85 -37.86
CA GLY W 45 -47.25 -9.22 -38.33
C GLY W 45 -48.59 -9.95 -38.33
N SER W 46 -49.67 -9.30 -37.90
CA SER W 46 -50.97 -9.96 -37.91
C SER W 46 -52.07 -8.91 -37.82
N ILE W 47 -53.20 -9.20 -38.49
CA ILE W 47 -54.23 -8.18 -38.68
C ILE W 47 -55.25 -8.13 -37.55
N MET W 48 -55.56 -9.27 -36.91
CA MET W 48 -56.61 -9.35 -35.88
C MET W 48 -56.01 -9.36 -34.48
N PRO W 49 -56.77 -8.97 -33.46
CA PRO W 49 -56.19 -8.92 -32.10
C PRO W 49 -55.96 -10.31 -31.55
N GLN W 50 -54.89 -10.45 -30.76
CA GLN W 50 -54.56 -11.76 -30.21
C GLN W 50 -55.42 -12.07 -28.99
N GLU W 51 -55.79 -11.04 -28.22
CA GLU W 51 -56.73 -11.18 -27.13
C GLU W 51 -57.18 -9.79 -26.70
N HIS W 52 -58.29 -9.76 -25.98
CA HIS W 52 -58.88 -8.54 -25.44
C HIS W 52 -58.59 -8.43 -23.95
N VAL W 53 -58.53 -7.18 -23.47
CA VAL W 53 -58.18 -6.87 -22.08
C VAL W 53 -59.16 -5.84 -21.54
N TYR W 54 -59.65 -6.06 -20.32
CA TYR W 54 -60.53 -5.11 -19.67
C TYR W 54 -59.71 -3.99 -19.03
N LEU W 55 -60.05 -2.74 -19.34
CA LEU W 55 -59.20 -1.61 -18.97
C LEU W 55 -59.77 -0.87 -17.77
N ARG W 56 -61.06 -0.54 -17.80
CA ARG W 56 -61.66 0.29 -16.77
C ARG W 56 -63.12 -0.08 -16.54
N TYR W 57 -63.58 0.14 -15.31
CA TYR W 57 -64.99 0.00 -14.94
C TYR W 57 -65.67 1.35 -15.04
N GLU W 58 -66.83 1.39 -15.71
CA GLU W 58 -67.62 2.60 -15.82
C GLU W 58 -69.08 2.23 -15.57
N GLY W 59 -69.70 2.94 -14.63
CA GLY W 59 -71.09 2.69 -14.28
C GLY W 59 -71.99 3.91 -14.34
N THR W 60 -73.17 3.69 -14.90
CA THR W 60 -74.20 4.72 -15.01
C THR W 60 -75.56 4.10 -14.75
N ILE W 61 -76.41 4.84 -14.06
CA ILE W 61 -77.80 4.48 -13.86
C ILE W 61 -78.62 5.75 -13.92
N THR W 62 -79.78 5.67 -14.58
CA THR W 62 -80.72 6.78 -14.66
C THR W 62 -82.08 6.31 -14.17
N VAL W 63 -82.74 7.17 -13.39
CA VAL W 63 -84.05 6.90 -12.82
C VAL W 63 -84.97 8.04 -13.22
N GLU W 64 -86.14 7.70 -13.75
CA GLU W 64 -87.16 8.67 -14.14
C GLU W 64 -88.38 8.51 -13.22
N ARG W 65 -88.85 9.62 -12.69
CA ARG W 65 -89.86 9.61 -11.63
C ARG W 65 -90.83 10.77 -11.82
N LEU W 66 -92.07 10.56 -11.40
CA LEU W 66 -93.05 11.64 -11.33
C LEU W 66 -92.84 12.45 -10.06
N ARG W 67 -93.11 13.74 -10.14
CA ARG W 67 -92.77 14.64 -9.04
C ARG W 67 -93.85 14.49 -7.98
N MET W 68 -93.56 13.70 -6.94
CA MET W 68 -94.48 13.58 -5.83
C MET W 68 -94.69 14.94 -5.17
N LYS W 69 -95.90 15.14 -4.63
CA LYS W 69 -96.20 16.41 -3.99
C LYS W 69 -95.29 16.62 -2.79
N LYS W 70 -95.06 15.57 -2.00
CA LYS W 70 -94.07 15.54 -0.94
C LYS W 70 -93.15 14.35 -1.16
N GLU W 71 -92.10 14.28 -0.34
CA GLU W 71 -91.13 13.17 -0.30
C GLU W 71 -90.61 12.79 -1.70
N ASN W 72 -90.23 13.80 -2.48
CA ASN W 72 -89.48 13.56 -3.71
C ASN W 72 -88.00 13.42 -3.32
N PHE W 73 -87.10 13.39 -4.31
CA PHE W 73 -85.68 13.19 -3.99
C PHE W 73 -85.10 14.36 -3.21
N ALA W 74 -85.55 15.58 -3.50
CA ALA W 74 -85.01 16.73 -2.78
C ALA W 74 -85.57 16.76 -1.35
N ASP W 75 -86.86 16.48 -1.19
CA ASP W 75 -87.47 16.51 0.12
C ASP W 75 -86.99 15.34 0.99
N LEU W 76 -86.73 14.20 0.37
CA LEU W 76 -86.34 12.99 1.09
C LEU W 76 -84.85 12.92 1.40
N GLY W 77 -84.03 13.76 0.77
CA GLY W 77 -82.63 13.86 1.08
C GLY W 77 -81.70 12.98 0.27
N TYR W 78 -82.24 12.18 -0.66
CA TYR W 78 -81.38 11.40 -1.55
C TYR W 78 -80.72 12.25 -2.61
N ALA W 79 -81.29 13.42 -2.90
CA ALA W 79 -80.71 14.38 -3.83
C ALA W 79 -80.94 15.76 -3.21
N SER W 80 -80.24 16.76 -3.74
CA SER W 80 -80.40 18.09 -3.16
C SER W 80 -79.94 19.14 -4.15
N LEU W 81 -80.51 20.34 -3.97
CA LEU W 81 -80.25 21.49 -4.81
C LEU W 81 -79.13 22.33 -4.22
N GLY W 82 -78.34 22.94 -5.10
CA GLY W 82 -77.46 24.02 -4.68
C GLY W 82 -76.23 23.53 -3.94
N GLU W 83 -75.97 24.17 -2.80
CA GLU W 83 -74.78 23.87 -2.00
C GLU W 83 -74.82 22.47 -1.43
N GLU W 84 -76.03 21.92 -1.24
CA GLU W 84 -76.23 20.86 -0.26
C GLU W 84 -75.66 19.50 -0.66
N ILE W 85 -75.39 19.26 -1.95
CA ILE W 85 -74.98 17.92 -2.36
C ILE W 85 -73.65 17.53 -1.73
N LEU W 86 -72.86 18.52 -1.34
CA LEU W 86 -71.54 18.24 -0.79
C LEU W 86 -71.65 17.69 0.62
N LYS W 87 -72.75 17.98 1.32
CA LYS W 87 -73.03 17.39 2.62
C LYS W 87 -73.57 15.96 2.56
N LYS W 88 -74.08 15.48 1.43
CA LYS W 88 -74.84 14.22 1.42
C LYS W 88 -73.92 13.01 1.30
N ASP W 89 -74.38 11.89 1.87
CA ASP W 89 -73.62 10.65 1.90
C ASP W 89 -73.78 9.86 0.59
N ILE W 90 -72.97 8.80 0.47
CA ILE W 90 -73.16 7.83 -0.59
C ILE W 90 -74.41 7.01 -0.29
N ILE W 91 -75.18 6.67 -1.34
CA ILE W 91 -76.51 6.07 -1.19
C ILE W 91 -76.55 4.76 -1.96
N ASP W 92 -77.27 3.78 -1.40
CA ASP W 92 -77.44 2.46 -2.01
C ASP W 92 -78.83 2.32 -2.62
N ILE W 93 -78.89 1.82 -3.86
CA ILE W 93 -80.12 1.54 -4.58
C ILE W 93 -80.15 0.04 -4.90
N LEU W 94 -81.33 -0.56 -4.72
CA LEU W 94 -81.57 -1.98 -4.94
C LEU W 94 -82.79 -2.16 -5.82
N VAL W 95 -82.79 -3.26 -6.57
CA VAL W 95 -83.96 -3.75 -7.29
C VAL W 95 -84.44 -5.00 -6.54
N VAL W 96 -85.75 -5.17 -6.45
CA VAL W 96 -86.37 -6.14 -5.56
C VAL W 96 -87.69 -6.58 -6.18
N ASP W 97 -87.88 -7.89 -6.30
CA ASP W 97 -89.17 -8.44 -6.68
C ASP W 97 -90.15 -8.27 -5.52
N ASN W 98 -91.39 -7.89 -5.87
CA ASN W 98 -92.37 -7.57 -4.84
C ASN W 98 -92.78 -8.78 -4.02
N LEU W 99 -93.08 -9.90 -4.69
CA LEU W 99 -93.80 -10.99 -4.02
C LEU W 99 -92.99 -11.63 -2.91
N THR W 100 -91.67 -11.57 -2.99
CA THR W 100 -90.78 -12.20 -2.01
C THR W 100 -89.91 -11.18 -1.30
N LYS W 101 -89.98 -9.90 -1.69
CA LYS W 101 -89.09 -8.85 -1.19
C LYS W 101 -87.63 -9.26 -1.33
N GLN W 102 -87.29 -9.79 -2.51
CA GLN W 102 -86.02 -10.48 -2.74
C GLN W 102 -85.17 -9.67 -3.70
N VAL W 103 -83.93 -9.38 -3.32
CA VAL W 103 -83.07 -8.52 -4.13
C VAL W 103 -82.75 -9.20 -5.45
N ILE W 104 -82.96 -8.46 -6.55
CA ILE W 104 -82.57 -8.92 -7.89
C ILE W 104 -81.16 -8.47 -8.23
N ILE W 105 -80.89 -7.16 -8.17
CA ILE W 105 -79.55 -6.63 -8.29
C ILE W 105 -79.40 -5.52 -7.24
N SER W 106 -78.20 -4.91 -7.20
CA SER W 106 -77.97 -3.79 -6.30
C SER W 106 -76.86 -2.91 -6.84
N TYR W 107 -77.05 -1.61 -6.72
CA TYR W 107 -76.08 -0.60 -7.14
C TYR W 107 -75.39 -0.08 -5.87
N HIS W 108 -74.29 -0.74 -5.49
CA HIS W 108 -73.63 -0.41 -4.23
C HIS W 108 -73.06 0.99 -4.28
N GLY W 109 -73.67 1.90 -3.52
CA GLY W 109 -73.14 3.21 -3.27
C GLY W 109 -73.23 4.15 -4.45
N CYS W 110 -74.45 4.53 -4.81
CA CYS W 110 -74.65 5.49 -5.88
C CYS W 110 -74.29 6.90 -5.43
N SER W 111 -74.01 7.76 -6.39
CA SER W 111 -73.80 9.17 -6.13
C SER W 111 -74.25 9.96 -7.36
N ALA W 112 -74.87 11.11 -7.11
CA ALA W 112 -75.52 11.85 -8.18
C ALA W 112 -74.51 12.38 -9.19
N ASN W 113 -74.91 12.39 -10.46
CA ASN W 113 -74.24 13.17 -11.49
C ASN W 113 -75.10 14.35 -11.92
N ASN W 114 -76.30 14.10 -12.44
CA ASN W 114 -77.06 15.16 -13.08
C ASN W 114 -78.55 14.93 -12.88
N TYR W 115 -79.28 16.04 -12.91
CA TYR W 115 -80.62 16.15 -12.36
C TYR W 115 -81.42 16.98 -13.36
N ASN W 116 -82.59 16.49 -13.74
CA ASN W 116 -83.37 17.03 -14.85
C ASN W 116 -84.83 17.00 -14.46
N GLU W 117 -85.52 18.13 -14.66
CA GLU W 117 -86.90 18.30 -14.26
C GLU W 117 -87.66 19.00 -15.38
N THR W 118 -88.99 18.88 -15.35
CA THR W 118 -89.82 19.32 -16.46
C THR W 118 -91.20 19.70 -15.93
N TRP W 119 -91.70 20.85 -16.36
CA TRP W 119 -93.08 21.26 -16.14
C TRP W 119 -93.70 21.64 -17.48
N GLN W 120 -94.95 21.25 -17.69
CA GLN W 120 -95.63 21.51 -18.95
C GLN W 120 -97.11 21.78 -18.73
N THR W 121 -97.70 22.51 -19.68
CA THR W 121 -99.12 22.83 -19.66
C THR W 121 -99.97 21.56 -19.62
N ASN W 122 -100.97 21.56 -18.74
CA ASN W 122 -102.00 20.53 -18.62
C ASN W 122 -101.46 19.16 -18.24
N GLU W 123 -100.16 19.03 -17.95
CA GLU W 123 -99.50 17.73 -18.03
C GLU W 123 -98.64 17.47 -16.80
N ILE W 124 -98.23 16.21 -16.65
CA ILE W 124 -97.71 15.75 -15.37
C ILE W 124 -96.31 16.31 -15.21
N VAL W 125 -95.97 16.69 -13.98
CA VAL W 125 -94.60 17.10 -13.67
C VAL W 125 -93.77 15.85 -13.42
N THR W 126 -92.57 15.81 -14.01
CA THR W 126 -91.72 14.64 -14.05
C THR W 126 -90.30 15.05 -13.69
N GLU W 127 -89.53 14.06 -13.25
CA GLU W 127 -88.15 14.25 -12.81
C GLU W 127 -87.26 13.22 -13.50
N GLU W 128 -85.95 13.44 -13.36
CA GLU W 128 -84.95 12.47 -13.76
C GLU W 128 -83.68 12.78 -13.00
N ILE W 129 -83.00 11.73 -12.53
CA ILE W 129 -81.70 11.84 -11.89
C ILE W 129 -80.79 10.77 -12.45
N GLU W 130 -79.54 11.13 -12.72
CA GLU W 130 -78.51 10.17 -13.11
C GLU W 130 -77.48 10.07 -12.00
N PHE W 131 -77.15 8.84 -11.62
CA PHE W 131 -76.17 8.55 -10.58
C PHE W 131 -74.98 7.80 -11.15
N SER W 132 -73.90 7.77 -10.39
CA SER W 132 -72.78 6.87 -10.60
C SER W 132 -72.48 6.16 -9.28
N TYR W 133 -71.89 4.97 -9.39
CA TYR W 133 -71.82 4.02 -8.28
C TYR W 133 -70.47 3.32 -8.24
N LEU W 134 -70.09 2.92 -7.03
CA LEU W 134 -68.82 2.24 -6.83
C LEU W 134 -68.81 0.88 -7.51
N THR W 135 -69.79 0.03 -7.16
CA THR W 135 -69.92 -1.29 -7.77
C THR W 135 -71.38 -1.69 -7.81
N ALA W 136 -71.68 -2.64 -8.70
CA ALA W 136 -72.99 -3.26 -8.83
C ALA W 136 -72.84 -4.77 -8.71
N SER W 137 -73.70 -5.39 -7.92
CA SER W 137 -73.57 -6.81 -7.60
C SER W 137 -74.93 -7.39 -7.25
N ASP W 138 -75.05 -8.71 -7.39
CA ASP W 138 -76.24 -9.42 -6.95
C ASP W 138 -75.86 -10.71 -6.24
N LYS W 139 -76.65 -11.05 -5.23
CA LYS W 139 -76.50 -12.27 -4.44
C LYS W 139 -77.87 -12.70 -3.97
N ALA W 140 -78.15 -14.00 -4.01
CA ALA W 140 -79.47 -14.54 -3.66
C ALA W 140 -80.60 -13.83 -4.39
N THR X 12 -98.18 51.40 6.92
CA THR X 12 -97.73 51.90 5.63
C THR X 12 -96.20 51.95 5.55
N ARG X 13 -95.53 51.13 6.35
CA ARG X 13 -94.08 51.06 6.30
C ARG X 13 -93.64 49.67 6.73
N PRO X 14 -92.39 49.28 6.43
CA PRO X 14 -91.78 48.12 7.10
C PRO X 14 -90.90 48.54 8.27
N HIS X 15 -90.77 47.66 9.26
CA HIS X 15 -90.07 47.95 10.50
C HIS X 15 -89.11 46.82 10.85
N ALA X 16 -88.04 47.16 11.56
CA ALA X 16 -87.01 46.20 11.94
C ALA X 16 -86.59 46.48 13.37
N SER X 17 -86.36 45.42 14.13
CA SER X 17 -85.97 45.52 15.53
C SER X 17 -84.86 44.51 15.82
N ILE X 18 -84.05 44.82 16.82
CA ILE X 18 -82.94 43.97 17.23
C ILE X 18 -83.49 42.62 17.69
N SER X 32 -98.09 20.93 13.03
CA SER X 32 -98.64 19.61 12.70
C SER X 32 -99.95 19.38 13.44
N GLU X 33 -100.82 18.55 12.85
CA GLU X 33 -102.15 18.33 13.43
C GLU X 33 -102.10 17.57 14.75
N LYS X 34 -100.96 16.98 15.11
CA LYS X 34 -100.80 16.28 16.38
C LYS X 34 -100.49 17.28 17.49
N VAL X 35 -101.53 18.03 17.86
CA VAL X 35 -101.35 19.22 18.69
C VAL X 35 -100.89 18.81 20.09
N PHE X 36 -100.07 19.68 20.68
CA PHE X 36 -99.39 19.44 21.95
C PHE X 36 -99.98 20.37 23.01
N CYS X 37 -100.16 19.86 24.23
CA CYS X 37 -100.67 20.67 25.33
C CYS X 37 -99.68 20.69 26.49
N LEU X 38 -99.67 21.79 27.24
CA LEU X 38 -98.81 21.94 28.41
C LEU X 38 -99.50 22.77 29.48
N ILE X 39 -99.18 22.44 30.74
CA ILE X 39 -99.75 23.12 31.91
C ILE X 39 -98.73 23.03 33.04
N GLY X 40 -98.56 24.14 33.75
CA GLY X 40 -97.58 24.22 34.82
C GLY X 40 -97.40 25.65 35.24
N GLN X 41 -96.65 25.81 36.34
CA GLN X 41 -96.59 27.10 37.01
C GLN X 41 -95.88 28.15 36.15
N ALA X 42 -96.22 29.41 36.41
CA ALA X 42 -95.74 30.55 35.63
C ALA X 42 -96.13 31.81 36.38
N GLU X 43 -95.13 32.56 36.86
CA GLU X 43 -95.41 33.83 37.52
C GLU X 43 -96.09 34.81 36.59
N GLY X 44 -95.64 34.88 35.34
CA GLY X 44 -96.40 35.56 34.31
C GLY X 44 -97.51 34.67 33.83
N GLY X 45 -98.21 35.15 32.80
CA GLY X 45 -99.33 34.42 32.26
C GLY X 45 -100.65 34.91 32.81
N GLU X 46 -101.67 34.91 31.97
CA GLU X 46 -103.01 35.33 32.33
C GLU X 46 -103.87 34.09 32.57
N PRO X 47 -104.57 33.94 33.69
CA PRO X 47 -105.21 32.65 34.00
C PRO X 47 -106.61 32.53 33.40
N ASN X 48 -107.12 31.30 33.44
CA ASN X 48 -108.54 31.01 33.24
C ASN X 48 -109.00 31.28 31.81
N THR X 49 -108.13 31.10 30.82
CA THR X 49 -108.51 31.18 29.41
C THR X 49 -107.57 30.29 28.61
N VAL X 50 -108.06 29.75 27.51
CA VAL X 50 -107.24 28.90 26.64
C VAL X 50 -106.34 29.78 25.78
N TYR X 51 -105.14 29.28 25.50
CA TYR X 51 -104.12 30.01 24.75
C TYR X 51 -103.56 29.11 23.66
N GLU X 52 -103.14 29.74 22.56
CA GLU X 52 -102.48 29.06 21.45
C GLU X 52 -101.08 29.66 21.28
N LEU X 53 -100.06 28.81 21.32
CA LEU X 53 -98.67 29.22 21.19
C LEU X 53 -98.15 28.81 19.83
N ARG X 54 -97.42 29.73 19.18
CA ARG X 54 -96.94 29.52 17.81
C ARG X 54 -95.46 29.85 17.68
N ASN X 55 -94.98 30.78 18.50
CA ASN X 55 -93.64 31.33 18.35
C ASN X 55 -92.98 31.47 19.72
N TYR X 56 -91.68 31.15 19.80
CA TYR X 56 -90.99 31.18 21.09
C TYR X 56 -91.02 32.56 21.74
N SER X 57 -90.86 33.63 20.94
CA SER X 57 -90.92 34.97 21.53
C SER X 57 -92.34 35.33 21.93
N GLN X 58 -93.33 34.82 21.20
CA GLN X 58 -94.73 35.06 21.58
C GLN X 58 -95.03 34.42 22.93
N ALA X 59 -94.37 33.31 23.24
CA ALA X 59 -94.48 32.70 24.56
C ALA X 59 -93.80 33.59 25.62
N LYS X 60 -92.58 34.03 25.34
CA LYS X 60 -91.81 34.82 26.30
C LYS X 60 -92.48 36.16 26.60
N ARG X 61 -93.28 36.67 25.66
CA ARG X 61 -94.02 37.91 25.88
C ARG X 61 -94.91 37.81 27.11
N LEU X 62 -95.65 36.70 27.24
CA LEU X 62 -96.70 36.57 28.25
C LEU X 62 -96.26 35.75 29.46
N PHE X 63 -95.74 34.54 29.23
CA PHE X 63 -95.34 33.64 30.30
C PHE X 63 -93.89 33.91 30.67
N ARG X 64 -93.66 35.09 31.26
CA ARG X 64 -92.30 35.60 31.43
C ARG X 64 -91.43 34.68 32.28
N SER X 65 -91.96 34.17 33.40
CA SER X 65 -91.16 33.48 34.41
C SER X 65 -91.91 32.26 34.89
N GLY X 66 -91.14 31.22 35.21
CA GLY X 66 -91.69 29.94 35.65
C GLY X 66 -91.39 28.78 34.74
N GLU X 67 -91.37 27.57 35.29
CA GLU X 67 -91.02 26.37 34.53
C GLU X 67 -91.90 26.12 33.31
N LEU X 68 -93.06 26.79 33.18
CA LEU X 68 -93.90 26.56 32.01
C LEU X 68 -93.26 27.16 30.77
N LEU X 69 -92.53 28.28 30.90
CA LEU X 69 -91.80 28.81 29.76
C LEU X 69 -90.63 27.91 29.38
N ASP X 70 -89.91 27.39 30.36
CA ASP X 70 -88.84 26.44 30.07
C ASP X 70 -89.38 25.19 29.37
N ALA X 71 -90.62 24.79 29.71
CA ALA X 71 -91.26 23.66 29.04
C ALA X 71 -91.66 24.03 27.60
N ILE X 72 -92.33 25.17 27.44
CA ILE X 72 -92.70 25.65 26.11
C ILE X 72 -91.47 25.78 25.22
N GLU X 73 -90.37 26.27 25.78
CA GLU X 73 -89.13 26.37 25.02
C GLU X 73 -88.60 24.98 24.68
N LEU X 74 -88.53 24.12 25.69
CA LEU X 74 -87.96 22.78 25.50
C LEU X 74 -88.79 21.94 24.53
N ALA X 75 -90.08 22.22 24.41
CA ALA X 75 -90.89 21.54 23.39
C ALA X 75 -90.36 21.83 21.99
N TRP X 76 -89.88 23.05 21.75
CA TRP X 76 -89.20 23.39 20.50
C TRP X 76 -87.70 23.20 20.58
N GLY X 77 -87.16 22.91 21.76
CA GLY X 77 -85.79 22.46 21.84
C GLY X 77 -85.63 21.05 21.32
N SER X 78 -86.70 20.26 21.38
CA SER X 78 -87.02 19.12 20.51
C SER X 78 -85.82 18.26 20.08
N ASN X 79 -85.52 18.20 18.78
CA ASN X 79 -84.63 17.21 18.18
C ASN X 79 -83.93 17.91 17.02
N PRO X 80 -82.67 17.54 16.71
CA PRO X 80 -81.89 18.38 15.77
C PRO X 80 -82.49 18.49 14.38
N ASN X 81 -83.48 17.66 14.02
CA ASN X 81 -84.26 17.83 12.79
C ASN X 81 -85.70 18.26 13.08
N TYR X 82 -86.43 17.54 13.90
CA TYR X 82 -87.87 17.68 14.06
C TYR X 82 -88.24 18.78 15.06
N THR X 83 -89.47 19.31 14.93
CA THR X 83 -90.01 20.30 15.87
C THR X 83 -91.45 19.94 16.25
N ALA X 84 -91.81 20.24 17.50
CA ALA X 84 -93.21 20.36 17.89
C ALA X 84 -93.95 21.41 17.05
N GLY X 85 -95.27 21.23 16.94
CA GLY X 85 -96.15 22.22 16.32
C GLY X 85 -96.59 23.30 17.29
N ARG X 86 -97.82 23.79 17.11
CA ARG X 86 -98.36 24.76 18.06
C ARG X 86 -98.67 24.08 19.38
N ILE X 87 -98.60 24.85 20.47
CA ILE X 87 -98.79 24.36 21.83
C ILE X 87 -99.96 25.12 22.45
N LEU X 88 -100.91 24.38 23.03
CA LEU X 88 -101.99 24.95 23.82
C LEU X 88 -101.58 24.99 25.29
N ALA X 89 -101.78 26.13 25.95
CA ALA X 89 -101.28 26.33 27.31
C ALA X 89 -102.30 27.08 28.16
N MET X 90 -102.08 27.05 29.48
CA MET X 90 -102.82 27.86 30.43
C MET X 90 -102.05 27.89 31.75
N ARG X 91 -102.19 29.00 32.46
CA ARG X 91 -101.69 29.07 33.82
C ARG X 91 -102.47 28.11 34.71
N ILE X 92 -101.83 27.63 35.78
CA ILE X 92 -102.45 26.71 36.73
C ILE X 92 -102.55 27.40 38.09
N GLU X 93 -103.13 28.59 38.10
CA GLU X 93 -103.23 29.38 39.33
C GLU X 93 -104.46 30.25 39.26
N ASP X 94 -105.05 30.49 40.42
CA ASP X 94 -106.24 31.34 40.56
C ASP X 94 -105.85 32.81 40.75
N ALA X 95 -105.00 33.32 39.85
CA ALA X 95 -104.38 34.62 40.01
C ALA X 95 -105.35 35.74 39.64
N LYS X 96 -104.96 36.97 39.95
CA LYS X 96 -105.74 38.16 39.66
C LYS X 96 -104.77 39.29 39.33
N PRO X 97 -105.25 40.34 38.66
CA PRO X 97 -104.37 41.49 38.38
C PRO X 97 -104.29 42.45 39.55
N ALA X 98 -103.15 43.12 39.67
CA ALA X 98 -103.00 44.16 40.67
C ALA X 98 -103.96 45.32 40.44
N SER X 99 -104.32 45.99 41.54
CA SER X 99 -105.10 47.21 41.50
C SER X 99 -104.81 48.04 42.75
N ALA X 100 -104.86 49.36 42.60
CA ALA X 100 -104.59 50.27 43.71
C ALA X 100 -105.52 51.46 43.64
N GLU X 101 -106.11 51.82 44.77
CA GLU X 101 -106.94 53.01 44.90
C GLU X 101 -106.08 54.13 45.49
N ILE X 102 -106.11 55.28 44.83
CA ILE X 102 -105.24 56.39 45.19
C ILE X 102 -105.77 57.63 44.48
N GLY X 103 -105.79 58.74 45.21
CA GLY X 103 -106.49 59.91 44.72
C GLY X 103 -107.92 59.59 44.34
N GLY X 104 -108.41 60.29 43.33
CA GLY X 104 -109.70 60.01 42.72
C GLY X 104 -109.80 58.77 41.84
N LEU X 105 -108.75 57.95 41.79
CA LEU X 105 -108.60 56.92 40.77
C LEU X 105 -108.41 55.54 41.37
N LYS X 106 -108.86 54.53 40.62
CA LYS X 106 -108.52 53.14 40.85
C LYS X 106 -107.75 52.62 39.63
N ILE X 107 -106.64 51.92 39.88
CA ILE X 107 -105.75 51.45 38.82
C ILE X 107 -106.09 50.00 38.51
N THR X 108 -106.12 49.66 37.23
CA THR X 108 -106.21 48.28 36.77
C THR X 108 -105.01 47.95 35.87
N SER X 109 -104.27 46.91 36.21
CA SER X 109 -103.10 46.50 35.43
C SER X 109 -103.47 45.36 34.48
N LYS X 110 -102.78 45.31 33.35
CA LYS X 110 -102.97 44.27 32.34
C LYS X 110 -101.95 43.13 32.49
N ILE X 111 -101.43 42.91 33.70
CA ILE X 111 -100.53 41.81 34.00
C ILE X 111 -100.98 41.23 35.33
N TYR X 112 -100.69 39.94 35.54
CA TYR X 112 -101.36 39.15 36.56
C TYR X 112 -100.34 38.49 37.48
N GLY X 113 -100.78 38.21 38.71
CA GLY X 113 -99.94 37.55 39.68
C GLY X 113 -99.05 38.52 40.43
N ASN X 114 -98.04 37.95 41.09
CA ASN X 114 -97.07 38.76 41.82
C ASN X 114 -96.26 39.67 40.91
N VAL X 115 -96.15 39.32 39.63
CA VAL X 115 -95.47 40.19 38.66
C VAL X 115 -96.15 41.55 38.62
N ALA X 116 -97.47 41.59 38.81
CA ALA X 116 -98.22 42.82 38.72
C ALA X 116 -97.82 43.84 39.80
N ASN X 117 -97.30 43.36 40.93
CA ASN X 117 -96.79 44.24 41.98
C ASN X 117 -95.44 44.87 41.61
N ASN X 118 -94.79 44.43 40.52
CA ASN X 118 -93.56 45.08 40.06
C ASN X 118 -93.81 46.38 39.31
N ILE X 119 -95.05 46.60 38.86
CA ILE X 119 -95.42 47.84 38.16
C ILE X 119 -95.40 49.03 39.12
N GLN X 120 -95.14 50.22 38.58
CA GLN X 120 -95.17 51.47 39.34
C GLN X 120 -95.84 52.56 38.52
N VAL X 121 -96.91 53.15 39.05
CA VAL X 121 -97.76 54.10 38.32
C VAL X 121 -97.78 55.48 38.96
N GLY X 122 -97.89 56.52 38.10
CA GLY X 122 -97.94 57.91 38.54
C GLY X 122 -98.73 58.78 37.57
N LEU X 123 -98.93 60.04 37.98
CA LEU X 123 -99.62 61.06 37.17
C LEU X 123 -99.02 62.43 37.45
N GLU X 124 -99.19 63.32 36.47
CA GLU X 124 -98.76 64.72 36.63
C GLU X 124 -99.72 65.62 35.86
N LYS X 125 -99.52 66.93 36.01
CA LYS X 125 -100.23 67.93 35.21
C LYS X 125 -99.24 69.03 34.86
N ASN X 126 -99.27 69.47 33.59
CA ASN X 126 -98.36 70.50 33.10
C ASN X 126 -99.05 71.86 33.23
N THR X 127 -98.52 72.69 34.13
CA THR X 127 -99.16 73.97 34.45
C THR X 127 -99.14 74.92 33.25
N LEU X 128 -98.19 74.75 32.33
CA LEU X 128 -98.08 75.69 31.22
C LEU X 128 -99.22 75.53 30.23
N SER X 129 -99.79 74.32 30.12
CA SER X 129 -100.78 74.02 29.10
C SER X 129 -102.07 73.42 29.65
N ASP X 130 -102.26 73.42 30.97
CA ASP X 130 -103.49 72.99 31.63
C ASP X 130 -103.85 71.54 31.30
N SER X 131 -102.84 70.71 31.00
CA SER X 131 -103.03 69.38 30.48
C SER X 131 -102.37 68.34 31.37
N LEU X 132 -102.96 67.13 31.41
CA LEU X 132 -102.44 66.13 32.33
C LEU X 132 -101.26 65.39 31.69
N ARG X 133 -100.62 64.54 32.48
CA ARG X 133 -99.46 63.76 32.04
C ARG X 133 -99.45 62.43 32.77
N LEU X 134 -99.05 61.38 32.07
CA LEU X 134 -99.06 60.02 32.62
C LEU X 134 -97.72 59.34 32.38
N ARG X 135 -97.34 58.52 33.35
CA ARG X 135 -96.07 57.81 33.36
C ARG X 135 -96.24 56.50 34.12
N VAL X 136 -95.48 55.49 33.71
CA VAL X 136 -95.58 54.14 34.30
C VAL X 136 -94.22 53.48 34.13
N ILE X 137 -93.82 52.67 35.10
CA ILE X 137 -92.61 51.86 35.01
C ILE X 137 -92.99 50.40 35.21
N PHE X 138 -92.47 49.53 34.35
CA PHE X 138 -92.47 48.08 34.50
C PHE X 138 -91.03 47.69 34.25
N GLN X 139 -90.25 47.60 35.33
CA GLN X 139 -88.79 47.60 35.20
C GLN X 139 -88.26 46.35 34.52
N ASP X 140 -89.04 45.28 34.43
CA ASP X 140 -88.56 44.05 33.79
C ASP X 140 -88.47 44.21 32.28
N ASP X 141 -89.32 45.05 31.69
CA ASP X 141 -89.21 45.46 30.29
C ASP X 141 -88.49 46.79 30.13
N ARG X 142 -88.23 47.51 31.23
CA ARG X 142 -87.83 48.92 31.20
C ARG X 142 -88.82 49.74 30.37
N PHE X 143 -90.10 49.35 30.45
CA PHE X 143 -91.17 50.14 29.85
C PHE X 143 -91.33 51.44 30.60
N ASN X 144 -91.20 52.55 29.87
CA ASN X 144 -91.39 53.88 30.44
C ASN X 144 -91.59 54.85 29.29
N GLU X 145 -92.75 55.51 29.29
CA GLU X 145 -93.10 56.53 28.31
C GLU X 145 -93.83 57.65 29.02
N VAL X 146 -93.56 58.89 28.63
CA VAL X 146 -94.22 60.06 29.18
C VAL X 146 -95.29 60.47 28.17
N TYR X 147 -96.54 60.14 28.46
CA TYR X 147 -97.67 60.61 27.66
C TYR X 147 -98.07 61.99 28.14
N ASP X 148 -98.26 62.92 27.20
CA ASP X 148 -98.50 64.32 27.52
C ASP X 148 -99.60 64.88 26.60
N ASN X 149 -99.82 66.17 26.76
CA ASN X 149 -100.72 67.00 25.95
C ASN X 149 -102.16 66.52 26.11
N ILE X 150 -102.50 66.10 27.33
CA ILE X 150 -103.78 65.46 27.58
C ILE X 150 -104.90 66.50 27.60
N GLY X 151 -105.97 66.24 26.84
CA GLY X 151 -107.13 67.12 26.87
C GLY X 151 -106.97 68.36 26.00
N ASN X 152 -107.66 69.44 26.41
CA ASN X 152 -107.61 70.73 25.73
C ASN X 152 -108.14 70.63 24.29
N ILE X 153 -109.35 70.05 24.16
CA ILE X 153 -109.87 69.65 22.86
C ILE X 153 -109.87 70.80 21.85
N PHE X 154 -110.34 71.98 22.25
CA PHE X 154 -110.39 73.09 21.32
C PHE X 154 -110.45 74.39 22.10
N THR X 155 -110.19 75.49 21.39
CA THR X 155 -110.22 76.82 21.97
C THR X 155 -111.52 77.52 21.58
N ILE X 156 -112.07 78.29 22.52
CA ILE X 156 -113.15 79.23 22.24
C ILE X 156 -112.52 80.61 22.28
N LYS X 157 -112.39 81.23 21.11
CA LYS X 157 -111.75 82.53 20.97
C LYS X 157 -112.80 83.58 20.60
N TYR X 158 -112.72 84.74 21.24
CA TYR X 158 -113.69 85.82 21.09
C TYR X 158 -113.14 86.91 20.18
N LYS X 159 -113.99 87.37 19.26
CA LYS X 159 -113.67 88.46 18.35
C LYS X 159 -114.90 89.33 18.11
N GLY X 160 -115.78 89.43 19.12
CA GLY X 160 -116.91 90.33 19.09
C GLY X 160 -116.63 91.63 19.83
N GLU X 161 -117.65 92.48 19.87
CA GLU X 161 -117.55 93.81 20.47
C GLU X 161 -118.60 94.05 21.55
N GLU X 162 -119.16 92.98 22.13
CA GLU X 162 -119.99 93.10 23.31
C GLU X 162 -119.12 93.46 24.53
N ALA X 163 -119.72 93.51 25.72
CA ALA X 163 -118.92 93.84 26.91
C ALA X 163 -118.06 92.65 27.33
N ASN X 164 -118.63 91.44 27.37
CA ASN X 164 -117.76 90.32 27.76
C ASN X 164 -118.40 89.05 27.22
N ALA X 165 -117.63 87.95 27.27
CA ALA X 165 -118.07 86.66 26.74
C ALA X 165 -117.63 85.54 27.66
N THR X 166 -118.55 84.62 27.97
CA THR X 166 -118.26 83.47 28.83
C THR X 166 -118.90 82.21 28.23
N PHE X 167 -118.57 81.03 28.80
CA PHE X 167 -119.11 79.77 28.31
C PHE X 167 -119.31 78.79 29.46
N SER X 168 -120.00 77.69 29.18
CA SER X 168 -120.20 76.64 30.17
C SER X 168 -120.53 75.31 29.50
N VAL X 169 -120.23 74.23 30.24
CA VAL X 169 -120.59 72.87 29.88
C VAL X 169 -121.16 72.22 31.14
N GLU X 170 -122.31 71.58 31.01
CA GLU X 170 -123.10 71.10 32.15
C GLU X 170 -123.07 69.58 32.22
N HIS X 171 -123.52 69.06 33.36
CA HIS X 171 -123.43 67.63 33.67
C HIS X 171 -124.78 67.10 34.07
N ASP X 172 -124.91 65.78 33.97
CA ASP X 172 -125.92 65.06 34.75
C ASP X 172 -125.32 64.77 36.11
N GLU X 173 -126.04 65.13 37.16
CA GLU X 173 -125.42 65.11 38.50
C GLU X 173 -125.21 63.70 39.07
N GLU X 174 -125.40 62.62 38.30
CA GLU X 174 -125.11 61.26 38.76
C GLU X 174 -124.22 60.55 37.76
N THR X 175 -124.62 60.56 36.48
CA THR X 175 -123.86 59.89 35.44
C THR X 175 -122.82 60.78 34.76
N GLN X 176 -122.90 62.10 34.97
CA GLN X 176 -121.88 63.04 34.50
C GLN X 176 -121.83 63.13 32.97
N LYS X 177 -122.96 62.95 32.29
CA LYS X 177 -123.00 63.10 30.85
C LYS X 177 -123.14 64.58 30.47
N ALA X 178 -122.61 64.91 29.30
CA ALA X 178 -122.62 66.29 28.80
C ALA X 178 -124.05 66.67 28.43
N SER X 179 -124.75 67.34 29.34
CA SER X 179 -126.13 67.72 29.09
C SER X 179 -126.22 68.90 28.13
N ARG X 180 -125.54 70.00 28.43
CA ARG X 180 -125.60 71.23 27.64
C ARG X 180 -124.22 71.83 27.50
N LEU X 181 -124.00 72.50 26.37
CA LEU X 181 -122.82 73.30 26.10
C LEU X 181 -123.31 74.67 25.64
N VAL X 182 -122.81 75.74 26.29
CA VAL X 182 -123.32 77.08 25.99
C VAL X 182 -122.18 78.07 25.81
N LEU X 183 -122.44 79.07 24.96
CA LEU X 183 -121.62 80.26 24.80
C LEU X 183 -122.46 81.47 25.21
N LYS X 184 -121.85 82.40 25.95
CA LYS X 184 -122.57 83.50 26.60
C LYS X 184 -121.94 84.83 26.26
N VAL X 185 -122.79 85.85 26.12
CA VAL X 185 -122.37 87.25 26.16
C VAL X 185 -122.59 87.72 27.59
N GLY X 186 -121.50 87.97 28.31
CA GLY X 186 -121.61 88.27 29.73
C GLY X 186 -121.97 87.01 30.50
N ASP X 187 -123.23 86.93 30.90
CA ASP X 187 -123.83 85.73 31.48
C ASP X 187 -125.12 85.32 30.77
N GLN X 188 -125.49 86.00 29.68
CA GLN X 188 -126.71 85.69 28.93
C GLN X 188 -126.36 84.76 27.77
N GLU X 189 -127.19 83.72 27.60
CA GLU X 189 -126.87 82.61 26.70
C GLU X 189 -127.11 83.02 25.25
N VAL X 190 -126.03 83.13 24.47
CA VAL X 190 -126.11 83.15 23.00
C VAL X 190 -126.99 82.00 22.50
N LYS X 191 -126.48 80.76 22.58
CA LYS X 191 -127.23 79.57 22.16
C LYS X 191 -126.69 78.37 22.91
N SER X 192 -127.53 77.34 23.05
CA SER X 192 -127.16 76.12 23.77
C SER X 192 -127.31 74.91 22.86
N TYR X 193 -126.39 73.96 23.04
CA TYR X 193 -126.34 72.70 22.32
C TYR X 193 -126.50 71.57 23.32
N ASP X 194 -127.55 70.77 23.13
CA ASP X 194 -127.87 69.65 24.01
C ASP X 194 -127.13 68.44 23.47
N LEU X 195 -126.10 67.99 24.19
CA LEU X 195 -125.12 67.06 23.68
C LEU X 195 -125.39 65.62 24.14
N THR X 196 -126.62 65.34 24.56
CA THR X 196 -126.98 64.01 25.04
C THR X 196 -127.08 63.00 23.90
N GLY X 197 -127.25 63.44 22.67
CA GLY X 197 -127.34 62.52 21.56
C GLY X 197 -127.65 63.23 20.27
N GLY X 198 -128.19 62.49 19.31
CA GLY X 198 -128.69 63.10 18.09
C GLY X 198 -127.61 63.35 17.04
N ALA X 199 -127.87 64.37 16.20
CA ALA X 199 -127.01 64.70 15.08
C ALA X 199 -125.78 65.53 15.47
N TYR X 200 -125.65 65.92 16.73
CA TYR X 200 -124.51 66.69 17.22
C TYR X 200 -123.56 65.81 18.05
N ASP X 201 -123.46 64.53 17.70
CA ASP X 201 -122.67 63.61 18.50
C ASP X 201 -121.18 63.94 18.46
N TYR X 202 -120.69 64.48 17.34
CA TYR X 202 -119.26 64.74 17.13
C TYR X 202 -118.98 66.24 17.20
N THR X 203 -117.79 66.57 17.73
CA THR X 203 -117.43 67.94 18.09
C THR X 203 -117.23 68.88 16.89
N ASN X 204 -116.97 68.37 15.69
CA ASN X 204 -116.86 69.27 14.54
C ASN X 204 -118.17 70.02 14.30
N ALA X 205 -119.30 69.44 14.71
CA ALA X 205 -120.54 70.21 14.71
C ALA X 205 -120.49 71.36 15.72
N ILE X 206 -119.70 71.23 16.78
CA ILE X 206 -119.52 72.34 17.72
C ILE X 206 -118.54 73.36 17.14
N ILE X 207 -117.46 72.88 16.52
CA ILE X 207 -116.45 73.79 15.98
C ILE X 207 -117.03 74.61 14.85
N THR X 208 -117.84 74.01 13.97
CA THR X 208 -118.42 74.76 12.87
C THR X 208 -119.38 75.83 13.38
N ASP X 209 -120.28 75.45 14.29
CA ASP X 209 -121.26 76.40 14.80
C ASP X 209 -120.61 77.57 15.54
N ILE X 210 -119.58 77.30 16.32
CA ILE X 210 -118.96 78.37 17.07
C ILE X 210 -118.17 79.30 16.15
N ASN X 211 -117.79 78.81 14.95
CA ASN X 211 -117.28 79.71 13.91
C ASN X 211 -118.40 80.45 13.19
N GLN X 212 -119.65 79.99 13.33
CA GLN X 212 -120.81 80.66 12.75
C GLN X 212 -121.51 81.59 13.72
N LEU X 213 -121.25 81.47 15.01
CA LEU X 213 -121.73 82.48 15.95
C LEU X 213 -120.85 83.72 15.76
N PRO X 214 -121.41 84.88 15.38
CA PRO X 214 -120.54 85.98 14.90
C PRO X 214 -119.48 86.46 15.87
N ASP X 215 -119.67 86.23 17.17
CA ASP X 215 -118.73 86.73 18.17
C ASP X 215 -117.51 85.84 18.32
N PHE X 216 -117.57 84.57 17.89
CA PHE X 216 -116.61 83.56 18.29
C PHE X 216 -115.98 82.86 17.10
N GLU X 217 -114.81 82.28 17.36
CA GLU X 217 -114.11 81.36 16.47
C GLU X 217 -113.68 80.18 17.31
N ALA X 218 -113.92 78.97 16.81
CA ALA X 218 -113.48 77.74 17.47
C ALA X 218 -112.36 77.11 16.64
N LYS X 219 -111.24 76.83 17.31
CA LYS X 219 -110.07 76.24 16.64
C LYS X 219 -109.46 75.19 17.54
N LEU X 220 -108.98 74.11 16.90
CA LEU X 220 -108.65 72.88 17.60
C LEU X 220 -107.41 73.09 18.48
N SER X 221 -107.15 72.11 19.34
CA SER X 221 -106.00 72.14 20.22
C SER X 221 -104.72 72.38 19.42
N PRO X 222 -103.75 73.16 19.93
CA PRO X 222 -102.53 73.37 19.13
C PRO X 222 -101.70 72.11 18.90
N PHE X 223 -101.97 70.98 19.59
CA PHE X 223 -101.14 69.78 19.43
C PHE X 223 -101.99 68.67 18.86
N GLY X 224 -101.79 68.33 17.59
CA GLY X 224 -102.35 67.09 17.07
C GLY X 224 -103.82 67.23 16.70
N ASP X 225 -104.51 66.08 16.75
CA ASP X 225 -105.94 66.03 16.51
C ASP X 225 -106.53 65.13 17.59
N LYS X 226 -107.44 65.68 18.38
CA LYS X 226 -108.01 64.96 19.51
C LYS X 226 -109.40 64.43 19.18
N ASN X 227 -110.30 65.31 18.77
CA ASN X 227 -111.58 64.93 18.16
C ASN X 227 -112.39 64.00 19.07
N LEU X 228 -112.67 64.48 20.28
CA LEU X 228 -113.60 63.78 21.15
C LEU X 228 -115.00 63.80 20.52
N GLU X 229 -115.86 62.93 21.04
CA GLU X 229 -117.27 62.93 20.69
C GLU X 229 -118.02 63.78 21.72
N SER X 230 -118.92 64.65 21.23
CA SER X 230 -119.38 65.80 22.01
C SER X 230 -119.99 65.39 23.34
N SER X 231 -120.52 64.17 23.43
CA SER X 231 -121.22 63.77 24.67
C SER X 231 -120.28 63.61 25.86
N LYS X 232 -118.96 63.63 25.62
CA LYS X 232 -117.96 63.46 26.65
C LYS X 232 -117.53 64.76 27.32
N LEU X 233 -117.83 65.92 26.72
CA LEU X 233 -117.27 67.17 27.17
C LEU X 233 -117.70 67.47 28.61
N ASP X 234 -116.75 67.91 29.41
CA ASP X 234 -116.87 68.01 30.87
C ASP X 234 -116.82 69.45 31.34
N LYS X 235 -116.94 69.63 32.66
CA LYS X 235 -117.29 70.91 33.28
C LYS X 235 -116.13 71.90 33.25
N ILE X 236 -116.30 72.97 32.48
CA ILE X 236 -115.66 74.26 32.73
C ILE X 236 -116.73 75.31 32.49
N GLU X 237 -116.90 76.24 33.42
CA GLU X 237 -118.01 77.19 33.35
C GLU X 237 -117.56 78.57 33.80
N ASN X 238 -118.16 79.58 33.15
CA ASN X 238 -118.11 80.98 33.61
C ASN X 238 -116.70 81.55 33.56
N ALA X 239 -115.95 81.24 32.49
CA ALA X 239 -114.61 81.76 32.30
C ALA X 239 -114.65 82.81 31.20
N ASN X 240 -113.92 83.90 31.41
CA ASN X 240 -113.98 85.00 30.47
C ASN X 240 -113.25 84.62 29.19
N ILE X 241 -113.77 85.11 28.07
CA ILE X 241 -113.19 84.81 26.75
C ILE X 241 -112.63 86.05 26.06
N LYS X 242 -113.03 87.27 26.46
CA LYS X 242 -112.79 88.46 25.65
C LYS X 242 -111.32 88.75 25.38
N ASP X 243 -110.38 88.16 26.14
CA ASP X 243 -108.97 88.25 25.79
C ASP X 243 -108.24 86.94 26.11
N LYS X 244 -108.95 85.82 26.00
CA LYS X 244 -108.36 84.51 26.29
C LYS X 244 -108.99 83.47 25.39
N ALA X 245 -108.18 82.51 24.93
CA ALA X 245 -108.68 81.41 24.11
C ALA X 245 -108.88 80.18 24.98
N VAL X 246 -109.92 80.25 25.82
CA VAL X 246 -110.13 79.26 26.87
C VAL X 246 -110.57 77.94 26.26
N TYR X 247 -110.13 76.84 26.87
CA TYR X 247 -110.40 75.50 26.37
C TYR X 247 -111.63 74.90 27.04
N VAL X 248 -112.09 73.79 26.48
CA VAL X 248 -112.88 72.80 27.21
C VAL X 248 -111.94 71.66 27.59
N LYS X 249 -112.03 71.25 28.86
CA LYS X 249 -111.13 70.33 29.56
C LYS X 249 -110.81 69.10 28.70
N ALA X 250 -111.75 68.16 28.60
CA ALA X 250 -111.60 66.94 27.81
C ALA X 250 -110.40 66.10 28.25
N VAL X 251 -109.92 66.25 29.48
CA VAL X 251 -108.71 65.53 29.87
C VAL X 251 -109.02 64.05 30.09
N PHE X 252 -110.20 63.74 30.62
CA PHE X 252 -110.54 62.35 30.92
C PHE X 252 -110.73 61.55 29.63
N GLY X 253 -111.52 62.08 28.70
CA GLY X 253 -111.72 61.39 27.44
C GLY X 253 -110.46 61.16 26.65
N ASP X 254 -109.44 62.02 26.84
CA ASP X 254 -108.16 61.79 26.18
C ASP X 254 -107.38 60.67 26.88
N LEU X 255 -107.46 60.59 28.21
CA LEU X 255 -106.85 59.47 28.93
C LEU X 255 -107.49 58.15 28.55
N GLU X 256 -108.79 58.16 28.27
CA GLU X 256 -109.47 56.94 27.86
C GLU X 256 -108.86 56.39 26.57
N LYS X 257 -108.47 57.28 25.66
CA LYS X 257 -107.82 56.85 24.43
C LYS X 257 -106.36 56.48 24.68
N GLN X 258 -105.63 57.30 25.44
CA GLN X 258 -104.20 57.08 25.62
C GLN X 258 -103.87 55.87 26.49
N THR X 259 -104.86 55.28 27.18
CA THR X 259 -104.63 54.10 28.01
C THR X 259 -105.12 52.80 27.37
N ALA X 260 -105.86 52.86 26.27
CA ALA X 260 -106.22 51.66 25.51
C ALA X 260 -104.99 50.88 25.05
N TYR X 261 -104.47 51.21 23.87
CA TYR X 261 -103.45 50.40 23.22
C TYR X 261 -102.11 50.45 23.94
N ASN X 262 -101.74 51.60 24.49
CA ASN X 262 -100.43 51.80 25.05
C ASN X 262 -100.31 51.21 26.45
N GLY X 263 -99.19 50.52 26.71
CA GLY X 263 -98.76 50.30 28.07
C GLY X 263 -99.62 49.27 28.81
N ILE X 264 -99.15 48.95 30.02
CA ILE X 264 -99.69 47.84 30.80
C ILE X 264 -100.85 48.24 31.70
N VAL X 265 -101.10 49.55 31.88
CA VAL X 265 -101.91 50.07 32.97
C VAL X 265 -103.11 50.82 32.43
N SER X 266 -104.21 50.78 33.20
CA SER X 266 -105.44 51.47 32.84
C SER X 266 -106.11 51.94 34.13
N PHE X 267 -106.95 52.97 34.02
CA PHE X 267 -107.55 53.63 35.16
C PHE X 267 -109.07 53.70 35.04
N GLU X 268 -109.72 53.82 36.20
CA GLU X 268 -111.09 54.32 36.32
C GLU X 268 -111.10 55.58 37.16
N GLN X 269 -111.92 56.56 36.75
CA GLN X 269 -112.24 57.69 37.62
C GLN X 269 -113.37 57.27 38.55
N LEU X 270 -113.23 57.59 39.83
CA LEU X 270 -114.26 57.24 40.79
C LEU X 270 -115.43 58.23 40.68
N LYS X 298 -115.27 62.41 44.06
CA LYS X 298 -113.88 62.29 43.68
C LYS X 298 -113.53 62.99 42.37
N THR X 299 -112.23 63.22 42.12
CA THR X 299 -111.82 63.88 40.89
C THR X 299 -110.38 63.46 40.63
N ILE X 300 -110.02 63.43 39.35
CA ILE X 300 -108.66 63.04 38.97
C ILE X 300 -107.68 64.04 39.58
N GLU X 301 -106.57 63.51 40.12
CA GLU X 301 -105.58 64.33 40.82
C GLU X 301 -104.17 63.80 40.55
N PRO X 302 -103.18 64.67 40.33
CA PRO X 302 -101.81 64.18 40.15
C PRO X 302 -101.27 63.54 41.43
N PHE X 303 -100.21 62.75 41.27
CA PHE X 303 -99.56 62.13 42.42
C PHE X 303 -98.22 61.54 41.99
N GLU X 304 -97.43 61.10 42.98
CA GLU X 304 -96.08 60.63 42.68
C GLU X 304 -96.09 59.12 42.43
N LEU X 305 -95.05 58.64 41.74
CA LEU X 305 -94.95 57.25 41.32
C LEU X 305 -95.15 56.27 42.49
N THR X 306 -96.10 55.35 42.31
CA THR X 306 -96.57 54.45 43.38
C THR X 306 -96.47 53.01 42.92
N LYS X 307 -95.96 52.16 43.81
CA LYS X 307 -95.78 50.74 43.55
C LYS X 307 -97.12 50.00 43.72
N LEU X 308 -97.48 49.17 42.74
CA LEU X 308 -98.79 48.53 42.76
C LEU X 308 -98.86 47.43 43.82
N LYS X 309 -100.11 47.09 44.16
CA LYS X 309 -100.44 46.20 45.26
C LYS X 309 -101.56 45.28 44.80
N GLY X 310 -101.74 44.18 45.54
CA GLY X 310 -102.82 43.25 45.26
C GLY X 310 -102.56 42.21 44.20
N GLY X 311 -101.37 42.13 43.62
CA GLY X 311 -101.16 41.11 42.61
C GLY X 311 -101.02 39.74 43.24
N THR X 312 -102.10 38.96 43.14
CA THR X 312 -102.25 37.66 43.79
C THR X 312 -102.10 36.51 42.80
N ASN X 313 -101.57 35.39 43.32
CA ASN X 313 -101.37 34.16 42.55
C ASN X 313 -102.39 33.07 42.91
N GLY X 314 -102.27 32.52 44.11
CA GLY X 314 -103.22 31.56 44.65
C GLY X 314 -102.68 30.14 44.62
N GLU X 315 -103.23 29.31 45.51
CA GLU X 315 -102.66 28.05 46.00
C GLU X 315 -102.25 27.08 44.90
N PRO X 316 -101.55 25.99 45.22
CA PRO X 316 -101.36 24.93 44.21
C PRO X 316 -102.68 24.24 43.91
N PRO X 317 -102.76 23.52 42.80
CA PRO X 317 -104.07 23.05 42.32
C PRO X 317 -104.68 22.01 43.24
N ALA X 318 -105.96 22.23 43.60
CA ALA X 318 -106.72 21.20 44.28
C ALA X 318 -106.73 19.91 43.48
N THR X 319 -107.04 20.00 42.19
CA THR X 319 -106.80 18.93 41.24
C THR X 319 -106.34 19.54 39.92
N TRP X 320 -105.52 18.80 39.18
CA TRP X 320 -105.07 19.21 37.85
C TRP X 320 -106.15 19.09 36.79
N ALA X 321 -107.36 18.64 37.14
CA ALA X 321 -108.51 18.69 36.25
C ALA X 321 -109.28 20.00 36.33
N ASP X 322 -108.90 20.92 37.23
CA ASP X 322 -109.69 22.15 37.44
C ASP X 322 -109.79 22.96 36.15
N LYS X 323 -108.67 23.42 35.61
CA LYS X 323 -108.62 24.18 34.36
C LYS X 323 -108.21 23.33 33.17
N LEU X 324 -107.75 22.10 33.41
CA LEU X 324 -107.55 21.17 32.31
C LEU X 324 -108.88 20.76 31.69
N ASP X 325 -109.97 20.87 32.45
CA ASP X 325 -111.31 20.74 31.90
C ASP X 325 -111.57 21.76 30.79
N LYS X 326 -110.91 22.92 30.83
CA LYS X 326 -111.07 23.88 29.75
C LYS X 326 -110.47 23.37 28.45
N PHE X 327 -109.35 22.65 28.53
CA PHE X 327 -108.77 22.01 27.35
C PHE X 327 -109.63 20.88 26.81
N ALA X 328 -110.64 20.43 27.54
CA ALA X 328 -111.43 19.25 27.20
C ALA X 328 -112.46 19.49 26.09
N HIS X 329 -112.30 20.55 25.27
CA HIS X 329 -113.16 20.77 24.11
C HIS X 329 -112.38 21.44 22.98
N GLU X 330 -111.04 21.36 23.00
CA GLU X 330 -110.19 22.14 22.11
C GLU X 330 -109.57 21.33 20.98
N GLY X 331 -109.60 20.00 21.07
CA GLY X 331 -109.07 19.16 20.03
C GLY X 331 -107.61 18.78 20.17
N GLY X 332 -106.95 19.13 21.28
CA GLY X 332 -105.57 18.74 21.43
C GLY X 332 -105.46 17.24 21.58
N TYR X 333 -104.21 16.75 21.44
CA TYR X 333 -103.92 15.33 21.57
C TYR X 333 -102.90 15.08 22.68
N TYR X 334 -101.66 15.51 22.50
CA TYR X 334 -100.61 15.20 23.46
C TYR X 334 -100.65 16.16 24.65
N ILE X 335 -100.30 15.64 25.83
CA ILE X 335 -100.21 16.46 27.03
C ILE X 335 -99.07 15.95 27.91
N VAL X 336 -98.46 16.88 28.65
CA VAL X 336 -97.50 16.56 29.70
C VAL X 336 -97.82 17.43 30.90
N PRO X 337 -98.15 16.86 32.07
CA PRO X 337 -98.26 17.70 33.27
C PRO X 337 -96.89 17.98 33.87
N LEU X 338 -96.59 19.26 34.08
CA LEU X 338 -95.29 19.69 34.58
C LEU X 338 -95.28 19.59 36.11
N SER X 339 -94.97 18.38 36.59
CA SER X 339 -95.13 18.07 38.01
C SER X 339 -94.36 16.82 38.38
N SER X 340 -94.15 16.66 39.70
CA SER X 340 -93.44 15.52 40.27
C SER X 340 -94.20 14.78 41.35
N LYS X 341 -95.32 15.33 41.84
CA LYS X 341 -96.05 14.65 42.90
C LYS X 341 -96.64 13.34 42.37
N GLN X 342 -96.70 12.34 43.26
CA GLN X 342 -97.11 11.00 42.82
C GLN X 342 -98.59 10.96 42.47
N SER X 343 -99.42 11.77 43.14
CA SER X 343 -100.85 11.73 42.87
C SER X 343 -101.19 12.28 41.49
N VAL X 344 -100.40 13.23 40.99
CA VAL X 344 -100.73 13.93 39.74
C VAL X 344 -100.72 12.95 38.58
N HIS X 345 -99.88 11.91 38.65
CA HIS X 345 -99.88 10.90 37.60
C HIS X 345 -101.23 10.22 37.51
N ALA X 346 -101.80 9.82 38.65
CA ALA X 346 -103.16 9.27 38.65
C ALA X 346 -104.20 10.27 38.15
N GLU X 347 -104.09 11.55 38.54
CA GLU X 347 -105.13 12.51 38.18
C GLU X 347 -105.20 12.69 36.68
N VAL X 348 -104.04 12.95 36.07
CA VAL X 348 -103.98 13.19 34.63
C VAL X 348 -104.31 11.94 33.85
N ALA X 349 -103.87 10.77 34.32
CA ALA X 349 -104.29 9.50 33.73
C ALA X 349 -105.81 9.37 33.70
N SER X 350 -106.49 9.63 34.83
CA SER X 350 -107.95 9.77 34.80
C SER X 350 -108.43 10.73 33.72
N PHE X 351 -107.78 11.90 33.59
CA PHE X 351 -108.27 12.88 32.61
C PHE X 351 -108.19 12.33 31.20
N VAL X 352 -107.03 11.79 30.84
CA VAL X 352 -106.80 11.25 29.50
C VAL X 352 -107.78 10.12 29.20
N LYS X 353 -108.04 9.27 30.19
CA LYS X 353 -109.04 8.23 30.04
C LYS X 353 -110.44 8.83 29.87
N GLU X 354 -110.74 9.93 30.57
CA GLU X 354 -112.06 10.55 30.46
C GLU X 354 -112.29 11.11 29.06
N ARG X 355 -111.28 11.79 28.51
CA ARG X 355 -111.36 12.35 27.16
C ARG X 355 -111.43 11.24 26.11
N SER X 356 -110.66 10.16 26.33
CA SER X 356 -110.72 9.00 25.43
C SER X 356 -112.13 8.47 25.30
N ASP X 357 -112.81 8.29 26.44
CA ASP X 357 -114.20 7.86 26.44
C ASP X 357 -115.10 8.87 25.75
N ALA X 358 -114.75 10.15 25.79
CA ALA X 358 -115.51 11.22 25.17
C ALA X 358 -115.27 11.37 23.68
N GLY X 359 -114.46 10.51 23.05
CA GLY X 359 -114.23 10.60 21.62
C GLY X 359 -113.17 11.60 21.20
N GLU X 360 -112.53 12.28 22.15
CA GLU X 360 -111.43 13.20 21.90
C GLU X 360 -110.16 12.50 22.40
N PRO X 361 -109.58 11.57 21.62
CA PRO X 361 -108.46 10.78 22.14
C PRO X 361 -107.30 11.64 22.59
N MET X 362 -106.62 11.19 23.65
CA MET X 362 -105.39 11.83 24.11
C MET X 362 -104.40 10.79 24.60
N ARG X 363 -103.12 11.18 24.61
CA ARG X 363 -102.07 10.42 25.28
C ARG X 363 -101.14 11.39 26.00
N ALA X 364 -100.30 10.85 26.88
CA ALA X 364 -99.50 11.67 27.77
C ALA X 364 -98.17 10.99 28.08
N ILE X 365 -97.16 11.82 28.35
CA ILE X 365 -95.86 11.37 28.84
C ILE X 365 -95.59 12.11 30.14
N VAL X 366 -94.98 11.42 31.11
CA VAL X 366 -94.80 11.95 32.45
C VAL X 366 -93.49 11.41 33.02
N GLY X 367 -92.94 12.12 34.00
CA GLY X 367 -91.75 11.69 34.69
C GLY X 367 -91.89 11.83 36.19
N GLY X 368 -90.83 11.42 36.88
CA GLY X 368 -90.79 11.39 38.34
C GLY X 368 -89.63 12.12 38.97
N GLY X 369 -89.83 13.37 39.39
CA GLY X 369 -88.84 14.03 40.22
C GLY X 369 -87.45 14.21 39.61
N PHE X 370 -86.47 14.36 40.50
CA PHE X 370 -85.06 14.50 40.13
C PHE X 370 -84.30 13.20 40.44
N ASN X 371 -83.98 12.44 39.40
CA ASN X 371 -83.09 11.29 39.46
C ASN X 371 -83.70 10.12 40.27
N GLU X 372 -85.02 9.96 40.23
CA GLU X 372 -85.66 8.88 40.96
C GLU X 372 -85.25 7.53 40.39
N SER X 373 -84.99 6.58 41.29
CA SER X 373 -84.34 5.32 40.99
C SER X 373 -85.37 4.21 40.82
N LYS X 374 -84.94 2.94 40.93
CA LYS X 374 -85.86 1.83 40.76
C LYS X 374 -86.84 1.73 41.92
N GLU X 375 -86.38 2.04 43.14
CA GLU X 375 -87.23 1.90 44.32
C GLU X 375 -88.49 2.76 44.19
N GLN X 376 -88.34 3.97 43.65
CA GLN X 376 -89.50 4.82 43.40
C GLN X 376 -90.29 4.36 42.17
N LEU X 377 -89.59 4.09 41.07
CA LEU X 377 -90.24 3.87 39.78
C LEU X 377 -91.19 2.68 39.82
N PHE X 378 -90.79 1.61 40.49
CA PHE X 378 -91.60 0.40 40.61
C PHE X 378 -92.79 0.58 41.55
N GLY X 379 -92.77 1.64 42.36
CA GLY X 379 -93.91 2.05 43.16
C GLY X 379 -94.84 2.95 42.38
N ARG X 380 -94.28 3.81 41.51
CA ARG X 380 -95.10 4.65 40.65
C ARG X 380 -95.73 3.85 39.51
N GLN X 381 -95.00 2.87 38.98
CA GLN X 381 -95.50 2.12 37.83
C GLN X 381 -96.67 1.21 38.23
N ALA X 382 -96.56 0.52 39.36
CA ALA X 382 -97.64 -0.34 39.84
C ALA X 382 -98.91 0.45 40.13
N SER X 383 -98.77 1.74 40.46
CA SER X 383 -99.94 2.57 40.72
C SER X 383 -100.63 3.04 39.44
N LEU X 384 -100.03 2.79 38.28
CA LEU X 384 -100.47 3.42 37.03
C LEU X 384 -100.25 2.48 35.85
N SER X 385 -100.49 1.18 36.05
CA SER X 385 -100.17 0.20 35.00
C SER X 385 -101.35 0.14 34.02
N ASN X 386 -101.43 1.15 33.15
CA ASN X 386 -102.52 1.24 32.18
C ASN X 386 -102.02 1.99 30.95
N PRO X 387 -102.61 1.71 29.75
CA PRO X 387 -102.21 2.46 28.55
C PRO X 387 -102.49 3.96 28.63
N ARG X 388 -102.11 4.67 27.56
CA ARG X 388 -102.30 6.10 27.33
C ARG X 388 -101.45 6.96 28.27
N VAL X 389 -100.50 6.37 28.99
CA VAL X 389 -99.54 7.11 29.80
C VAL X 389 -98.21 6.39 29.70
N SER X 390 -97.12 7.16 29.68
CA SER X 390 -95.77 6.63 29.66
C SER X 390 -94.92 7.34 30.71
N LEU X 391 -94.05 6.59 31.37
CA LEU X 391 -93.24 7.09 32.48
C LEU X 391 -91.78 7.15 32.05
N VAL X 392 -91.14 8.28 32.36
CA VAL X 392 -89.74 8.54 32.01
C VAL X 392 -88.89 8.30 33.27
N ALA X 393 -87.76 7.61 33.08
CA ALA X 393 -86.90 7.19 34.18
C ALA X 393 -85.56 7.91 34.20
N ASN X 394 -85.43 9.02 33.48
CA ASN X 394 -84.17 9.76 33.38
C ASN X 394 -84.36 11.23 33.69
N SER X 395 -83.30 11.87 34.15
CA SER X 395 -83.27 13.29 34.45
C SER X 395 -81.83 13.77 34.39
N GLY X 396 -81.66 15.08 34.22
CA GLY X 396 -80.33 15.62 34.05
C GLY X 396 -80.32 17.13 33.81
N THR X 397 -79.46 17.60 32.92
CA THR X 397 -79.33 19.02 32.62
C THR X 397 -79.43 19.27 31.12
N PHE X 398 -79.71 20.52 30.76
CA PHE X 398 -79.93 20.93 29.38
C PHE X 398 -79.23 22.26 29.16
N VAL X 399 -78.75 22.48 27.93
CA VAL X 399 -78.26 23.77 27.48
C VAL X 399 -79.23 24.30 26.44
N MET X 400 -79.76 25.50 26.68
CA MET X 400 -81.02 25.94 26.06
C MET X 400 -80.92 27.39 25.59
N ASP X 401 -81.90 27.76 24.76
CA ASP X 401 -82.05 29.13 24.24
C ASP X 401 -81.92 30.19 25.31
N ASP X 402 -82.42 29.93 26.51
CA ASP X 402 -82.36 30.94 27.56
C ASP X 402 -80.93 31.21 28.04
N GLY X 403 -79.97 30.38 27.68
CA GLY X 403 -78.62 30.52 28.16
C GLY X 403 -78.35 29.90 29.51
N ARG X 404 -79.39 29.47 30.22
CA ARG X 404 -79.26 28.94 31.57
C ARG X 404 -79.18 27.43 31.48
N LYS X 405 -78.07 26.88 31.95
CA LYS X 405 -77.81 25.44 31.87
C LYS X 405 -78.58 24.76 32.99
N ASN X 406 -79.89 24.62 32.77
CA ASN X 406 -80.79 24.23 33.86
C ASN X 406 -80.51 22.81 34.33
N HIS X 407 -80.69 22.59 35.63
CA HIS X 407 -80.75 21.24 36.16
C HIS X 407 -82.21 20.80 36.16
N VAL X 408 -82.51 19.76 35.39
CA VAL X 408 -83.83 19.54 34.82
C VAL X 408 -84.49 18.31 35.46
N PRO X 409 -85.77 18.35 35.84
CA PRO X 409 -86.46 17.15 36.31
C PRO X 409 -86.99 16.31 35.14
N ALA X 410 -87.57 15.17 35.50
CA ALA X 410 -87.99 14.21 34.48
C ALA X 410 -89.16 14.75 33.66
N TYR X 411 -90.08 15.49 34.28
CA TYR X 411 -91.27 15.92 33.56
C TYR X 411 -90.97 16.92 32.44
N MET X 412 -89.81 17.57 32.44
CA MET X 412 -89.41 18.35 31.28
C MET X 412 -88.85 17.44 30.19
N VAL X 413 -88.15 16.37 30.58
CA VAL X 413 -87.66 15.40 29.60
C VAL X 413 -88.82 14.79 28.85
N ALA X 414 -89.95 14.59 29.53
CA ALA X 414 -91.17 14.14 28.88
C ALA X 414 -91.62 15.14 27.81
N VAL X 415 -91.46 16.45 28.06
CA VAL X 415 -91.85 17.45 27.06
C VAL X 415 -90.91 17.38 25.86
N ALA X 416 -89.61 17.22 26.13
CA ALA X 416 -88.63 17.00 25.07
C ALA X 416 -88.98 15.79 24.22
N LEU X 417 -89.65 14.78 24.80
CA LEU X 417 -90.09 13.62 24.02
C LEU X 417 -91.44 13.87 23.36
N GLY X 418 -92.42 14.36 24.12
CA GLY X 418 -93.70 14.76 23.53
C GLY X 418 -93.55 15.63 22.29
N GLY X 419 -92.69 16.65 22.36
CA GLY X 419 -92.52 17.55 21.23
C GLY X 419 -92.04 16.82 19.98
N LEU X 420 -91.04 15.96 20.14
CA LEU X 420 -90.59 15.12 19.04
C LEU X 420 -91.72 14.26 18.50
N ALA X 421 -92.53 13.69 19.40
CA ALA X 421 -93.63 12.82 18.97
C ALA X 421 -94.66 13.60 18.17
N SER X 422 -94.91 14.86 18.53
CA SER X 422 -95.77 15.70 17.70
C SER X 422 -95.08 16.14 16.41
N GLY X 423 -93.74 16.11 16.38
CA GLY X 423 -93.03 16.47 15.17
C GLY X 423 -92.86 15.32 14.19
N LEU X 424 -92.88 14.08 14.68
CA LEU X 424 -92.74 12.93 13.81
C LEU X 424 -94.01 12.74 12.96
N GLU X 425 -93.88 11.87 11.97
CA GLU X 425 -95.00 11.50 11.12
C GLU X 425 -95.96 10.64 11.94
N ILE X 426 -97.20 10.56 11.49
CA ILE X 426 -98.15 9.72 12.21
C ILE X 426 -97.75 8.26 12.04
N GLY X 427 -97.70 7.55 13.16
CA GLY X 427 -97.22 6.17 13.22
C GLY X 427 -95.73 6.01 13.37
N GLU X 428 -94.93 7.04 13.05
CA GLU X 428 -93.49 6.93 13.10
C GLU X 428 -93.02 6.80 14.54
N SER X 429 -92.19 5.79 14.81
CA SER X 429 -91.74 5.51 16.16
C SER X 429 -90.63 6.47 16.56
N ILE X 430 -90.70 6.95 17.81
CA ILE X 430 -89.57 7.63 18.43
C ILE X 430 -88.40 6.69 18.69
N THR X 431 -88.60 5.36 18.60
CA THR X 431 -87.59 4.38 18.96
C THR X 431 -86.31 4.60 18.15
N PHE X 432 -85.18 4.71 18.86
CA PHE X 432 -83.87 4.99 18.27
C PHE X 432 -83.93 6.27 17.41
N LYS X 433 -84.33 7.37 18.04
CA LYS X 433 -84.25 8.71 17.45
C LYS X 433 -83.40 9.62 18.33
N PRO X 434 -82.61 10.53 17.76
CA PRO X 434 -81.76 11.41 18.61
C PRO X 434 -82.56 12.32 19.54
N LEU X 435 -82.05 12.49 20.76
CA LEU X 435 -82.75 13.22 21.83
C LEU X 435 -82.07 14.52 22.27
N ARG X 436 -80.88 14.84 21.77
CA ARG X 436 -80.29 16.19 21.83
C ARG X 436 -80.09 16.73 23.26
N VAL X 437 -80.12 15.89 24.30
CA VAL X 437 -79.93 16.41 25.65
C VAL X 437 -78.44 16.71 25.87
N SER X 438 -78.14 17.57 26.86
CA SER X 438 -76.75 17.90 27.17
C SER X 438 -76.16 16.88 28.13
N SER X 439 -76.60 16.88 29.39
CA SER X 439 -76.19 15.90 30.38
C SER X 439 -77.42 15.12 30.85
N LEU X 440 -77.20 13.86 31.23
CA LEU X 440 -78.27 12.98 31.68
C LEU X 440 -77.75 12.07 32.77
N ASP X 441 -78.34 12.16 33.96
CA ASP X 441 -77.98 11.29 35.08
C ASP X 441 -78.76 9.98 34.99
N GLN X 442 -78.04 8.86 34.98
CA GLN X 442 -78.60 7.56 34.67
C GLN X 442 -78.02 6.50 35.60
N ILE X 443 -78.90 5.62 36.08
CA ILE X 443 -78.52 4.47 36.90
C ILE X 443 -78.45 3.19 36.07
N TYR X 444 -78.99 3.19 34.86
CA TYR X 444 -79.38 1.98 34.16
C TYR X 444 -78.26 1.49 33.26
N GLU X 445 -77.91 0.21 33.37
CA GLU X 445 -76.85 -0.41 32.61
C GLU X 445 -77.47 -1.39 31.61
N SER X 446 -76.68 -2.37 31.16
CA SER X 446 -77.10 -3.25 30.08
C SER X 446 -78.29 -4.13 30.42
N ILE X 447 -78.54 -4.39 31.70
CA ILE X 447 -79.68 -5.20 32.13
C ILE X 447 -80.79 -4.36 32.76
N ASP X 448 -80.48 -3.18 33.30
CA ASP X 448 -81.50 -2.36 33.93
C ASP X 448 -82.47 -1.80 32.91
N LEU X 449 -82.03 -1.63 31.67
CA LEU X 449 -82.91 -1.19 30.60
C LEU X 449 -83.94 -2.25 30.23
N ASP X 450 -83.70 -3.51 30.56
CA ASP X 450 -84.72 -4.54 30.42
C ASP X 450 -85.76 -4.43 31.53
N GLU X 451 -85.30 -4.18 32.76
CA GLU X 451 -86.23 -4.04 33.87
C GLU X 451 -87.15 -2.82 33.63
N LEU X 452 -86.60 -1.71 33.13
CA LEU X 452 -87.44 -0.56 32.81
C LEU X 452 -88.43 -0.89 31.70
N ASN X 453 -87.94 -1.48 30.61
CA ASN X 453 -88.79 -1.69 29.43
C ASN X 453 -89.87 -2.73 29.71
N GLU X 454 -89.53 -3.84 30.37
CA GLU X 454 -90.54 -4.85 30.68
C GLU X 454 -91.64 -4.28 31.57
N ASN X 455 -91.27 -3.43 32.52
CA ASN X 455 -92.24 -2.78 33.39
C ASN X 455 -92.98 -1.64 32.71
N GLY X 456 -92.65 -1.33 31.45
CA GLY X 456 -93.38 -0.31 30.71
C GLY X 456 -92.96 1.10 31.08
N ILE X 457 -91.66 1.34 31.16
CA ILE X 457 -91.11 2.63 31.55
C ILE X 457 -90.16 3.08 30.44
N ILE X 458 -90.33 4.34 30.00
CA ILE X 458 -89.46 4.86 28.95
C ILE X 458 -88.06 5.02 29.48
N SER X 459 -87.08 4.68 28.63
CA SER X 459 -85.68 4.60 28.99
C SER X 459 -84.87 5.36 27.95
N ILE X 460 -84.02 6.27 28.41
CA ILE X 460 -83.15 7.06 27.56
C ILE X 460 -81.71 6.67 27.89
N GLU X 461 -80.90 6.50 26.84
CA GLU X 461 -79.52 6.03 26.97
C GLU X 461 -78.56 7.07 26.42
N PHE X 462 -77.34 7.06 26.93
CA PHE X 462 -76.25 7.88 26.41
C PHE X 462 -75.34 6.99 25.55
N VAL X 463 -75.17 7.39 24.30
CA VAL X 463 -74.53 6.57 23.28
C VAL X 463 -73.14 7.12 23.02
N ARG X 464 -72.20 6.21 22.78
CA ARG X 464 -70.83 6.57 22.42
C ARG X 464 -70.38 5.71 21.26
N ASN X 465 -69.96 6.36 20.18
CA ASN X 465 -69.42 5.73 18.99
C ASN X 465 -67.90 5.93 19.03
N ARG X 466 -67.23 5.46 17.97
CA ARG X 466 -65.77 5.46 17.92
C ARG X 466 -65.20 6.88 18.05
N THR X 467 -65.97 7.91 17.70
CA THR X 467 -65.45 9.27 17.60
C THR X 467 -66.30 10.24 18.42
N ASN X 468 -67.62 10.21 18.23
CA ASN X 468 -68.54 11.17 18.83
C ASN X 468 -69.58 10.46 19.70
N THR X 469 -70.28 11.27 20.48
CA THR X 469 -71.29 10.82 21.44
C THR X 469 -72.61 11.55 21.17
N PHE X 470 -73.71 10.93 21.57
CA PHE X 470 -75.03 11.56 21.52
C PHE X 470 -75.97 10.80 22.44
N PHE X 471 -77.26 11.07 22.33
CA PHE X 471 -78.30 10.48 23.17
C PHE X 471 -79.48 10.05 22.32
N ARG X 472 -80.03 8.88 22.63
CA ARG X 472 -81.21 8.38 21.92
C ARG X 472 -82.06 7.53 22.85
N ILE X 473 -83.33 7.40 22.49
CA ILE X 473 -84.32 6.62 23.23
C ILE X 473 -84.39 5.21 22.66
N VAL X 474 -84.55 4.21 23.54
CA VAL X 474 -84.44 2.81 23.13
C VAL X 474 -85.79 2.14 22.89
N ASP X 475 -86.89 2.67 23.44
CA ASP X 475 -88.20 2.07 23.22
C ASP X 475 -89.28 3.12 23.46
N ASP X 476 -90.47 2.85 22.91
CA ASP X 476 -91.65 3.69 23.07
C ASP X 476 -92.76 2.95 23.81
N VAL X 477 -92.39 2.19 24.83
CA VAL X 477 -93.37 1.46 25.61
C VAL X 477 -94.16 2.42 26.50
N THR X 478 -95.42 2.08 26.72
CA THR X 478 -96.31 2.83 27.61
C THR X 478 -96.26 2.20 28.99
N THR X 479 -97.10 2.69 29.90
CA THR X 479 -97.22 2.08 31.22
C THR X 479 -98.26 0.96 31.25
N PHE X 480 -98.55 0.32 30.13
CA PHE X 480 -99.40 -0.86 30.18
C PHE X 480 -98.57 -2.08 30.60
N ASN X 481 -99.22 -2.96 31.36
CA ASN X 481 -98.52 -4.11 31.95
C ASN X 481 -97.97 -5.05 30.89
N ASP X 482 -98.82 -5.50 29.96
CA ASP X 482 -98.49 -6.64 29.10
C ASP X 482 -97.80 -6.19 27.82
N LYS X 483 -96.81 -6.98 27.41
CA LYS X 483 -96.03 -6.74 26.19
C LYS X 483 -96.68 -7.34 24.94
N SER X 484 -97.62 -8.27 25.08
CA SER X 484 -98.08 -9.02 23.91
C SER X 484 -98.96 -8.18 23.00
N ASP X 485 -99.67 -7.20 23.55
CA ASP X 485 -100.62 -6.39 22.79
C ASP X 485 -99.96 -5.04 22.46
N PRO X 486 -99.43 -4.84 21.24
CA PRO X 486 -98.75 -3.56 20.96
C PRO X 486 -99.67 -2.36 20.99
N VAL X 487 -100.95 -2.55 20.67
CA VAL X 487 -101.87 -1.42 20.57
C VAL X 487 -101.97 -0.70 21.91
N LYS X 488 -101.89 -1.44 23.01
CA LYS X 488 -101.83 -0.87 24.35
C LYS X 488 -100.40 -0.53 24.78
N ALA X 489 -99.41 -1.31 24.34
CA ALA X 489 -98.06 -1.23 24.87
C ALA X 489 -97.19 -0.21 24.14
N GLU X 490 -97.26 -0.16 22.81
CA GLU X 490 -96.33 0.64 22.02
C GLU X 490 -97.01 1.95 21.59
N MET X 491 -96.34 3.06 21.88
CA MET X 491 -96.95 4.38 21.68
C MET X 491 -97.19 4.68 20.21
N ALA X 492 -96.30 4.22 19.33
CA ALA X 492 -96.43 4.53 17.90
C ALA X 492 -97.59 3.74 17.30
N VAL X 493 -97.77 2.49 17.72
CA VAL X 493 -98.91 1.71 17.27
C VAL X 493 -100.19 2.27 17.88
N GLY X 494 -100.15 2.69 19.14
CA GLY X 494 -101.32 3.29 19.76
C GLY X 494 -101.75 4.57 19.08
N GLU X 495 -100.78 5.41 18.71
CA GLU X 495 -101.11 6.65 18.01
C GLU X 495 -101.72 6.35 16.65
N ALA X 496 -101.10 5.43 15.89
CA ALA X 496 -101.64 5.04 14.60
C ALA X 496 -103.06 4.47 14.73
N ASN X 497 -103.28 3.66 15.77
CA ASN X 497 -104.59 3.06 15.96
C ASN X 497 -105.62 4.11 16.38
N ASP X 498 -105.20 5.15 17.12
CA ASP X 498 -106.13 6.21 17.47
C ASP X 498 -106.52 7.03 16.25
N PHE X 499 -105.54 7.35 15.40
CA PHE X 499 -105.85 8.09 14.18
C PHE X 499 -106.68 7.27 13.22
N LEU X 500 -106.44 5.96 13.14
CA LEU X 500 -107.19 5.15 12.20
C LEU X 500 -108.63 4.98 12.65
N VAL X 501 -108.84 4.87 13.96
CA VAL X 501 -110.20 4.71 14.50
C VAL X 501 -111.01 5.98 14.25
N SER X 502 -110.44 7.13 14.57
CA SER X 502 -111.08 8.41 14.26
C SER X 502 -111.35 8.53 12.76
N GLU X 503 -110.35 8.23 11.92
CA GLU X 503 -110.55 8.41 10.48
C GLU X 503 -111.62 7.49 9.93
N LEU X 504 -111.80 6.30 10.54
CA LEU X 504 -112.83 5.38 10.08
C LEU X 504 -114.18 5.71 10.70
N LYS X 505 -114.18 6.34 11.88
CA LYS X 505 -115.43 6.70 12.52
C LYS X 505 -116.14 7.79 11.73
N VAL X 506 -115.41 8.86 11.37
CA VAL X 506 -115.98 9.97 10.61
C VAL X 506 -116.61 9.47 9.30
N GLN X 507 -115.85 8.67 8.53
CA GLN X 507 -116.29 8.35 7.18
C GLN X 507 -117.49 7.40 7.19
N LEU X 508 -117.52 6.43 8.10
CA LEU X 508 -118.69 5.58 8.23
C LEU X 508 -119.93 6.41 8.53
N GLU X 509 -119.83 7.28 9.54
CA GLU X 509 -120.96 8.14 9.92
C GLU X 509 -121.42 9.01 8.76
N ASP X 510 -120.48 9.61 8.02
CA ASP X 510 -120.86 10.46 6.90
C ASP X 510 -121.49 9.67 5.76
N GLN X 511 -121.31 8.35 5.72
CA GLN X 511 -121.86 7.51 4.66
C GLN X 511 -123.26 7.01 5.00
N PHE X 512 -123.41 6.41 6.18
CA PHE X 512 -124.53 5.54 6.54
C PHE X 512 -125.42 6.09 7.66
N ILE X 513 -125.14 7.29 8.17
CA ILE X 513 -125.95 7.78 9.28
C ILE X 513 -127.36 8.16 8.82
N GLY X 514 -127.56 8.38 7.52
CA GLY X 514 -128.83 8.92 7.06
C GLY X 514 -130.00 7.98 7.30
N THR X 515 -129.76 6.66 7.18
CA THR X 515 -130.81 5.63 7.30
C THR X 515 -132.05 5.98 6.48
N ARG X 516 -131.84 6.53 5.29
CA ARG X 516 -132.95 6.90 4.43
C ARG X 516 -133.80 5.68 4.07
N THR X 517 -133.19 4.67 3.43
CA THR X 517 -133.89 3.45 3.04
C THR X 517 -133.19 2.24 3.65
N ILE X 518 -133.95 1.17 3.90
CA ILE X 518 -133.36 -0.08 4.38
C ILE X 518 -132.76 -0.90 3.24
N ASN X 519 -132.92 -0.44 2.00
CA ASN X 519 -132.28 -1.10 0.86
C ASN X 519 -130.77 -1.00 0.90
N THR X 520 -130.21 -0.11 1.73
CA THR X 520 -128.77 -0.04 1.95
C THR X 520 -128.34 -1.19 2.86
N SER X 521 -128.42 -2.40 2.32
CA SER X 521 -128.26 -3.62 3.11
C SER X 521 -126.78 -3.87 3.40
N ALA X 522 -126.51 -4.99 4.08
CA ALA X 522 -125.16 -5.26 4.59
C ALA X 522 -124.15 -5.39 3.46
N SER X 523 -124.61 -5.86 2.30
CA SER X 523 -123.76 -6.09 1.13
C SER X 523 -123.18 -4.77 0.62
N ILE X 524 -123.92 -3.67 0.77
CA ILE X 524 -123.38 -2.36 0.42
C ILE X 524 -122.38 -1.89 1.47
N ILE X 525 -122.68 -2.11 2.75
CA ILE X 525 -121.74 -1.69 3.79
C ILE X 525 -120.44 -2.49 3.66
N LYS X 526 -120.54 -3.79 3.34
CA LYS X 526 -119.38 -4.61 3.07
C LYS X 526 -118.50 -4.00 1.97
N ASP X 527 -119.12 -3.44 0.92
CA ASP X 527 -118.34 -2.84 -0.15
C ASP X 527 -117.59 -1.60 0.31
N PHE X 528 -118.22 -0.77 1.15
CA PHE X 528 -117.55 0.45 1.58
C PHE X 528 -116.38 0.12 2.50
N ILE X 529 -116.48 -0.97 3.26
CA ILE X 529 -115.36 -1.36 4.10
C ILE X 529 -114.21 -1.85 3.24
N GLN X 530 -114.51 -2.60 2.18
CA GLN X 530 -113.49 -3.04 1.23
C GLN X 530 -112.88 -1.85 0.49
N SER X 531 -113.69 -0.83 0.18
CA SER X 531 -113.15 0.37 -0.44
C SER X 531 -112.19 1.08 0.49
N TYR X 532 -112.63 1.35 1.71
CA TYR X 532 -111.82 2.05 2.70
C TYR X 532 -110.52 1.30 2.95
N LEU X 533 -110.61 -0.02 3.15
CA LEU X 533 -109.41 -0.80 3.44
C LEU X 533 -108.46 -0.87 2.26
N GLY X 534 -108.99 -0.78 1.03
CA GLY X 534 -108.12 -0.72 -0.13
C GLY X 534 -107.50 0.64 -0.34
N ARG X 535 -108.18 1.70 0.13
CA ARG X 535 -107.54 3.01 0.16
C ARG X 535 -106.39 3.04 1.15
N LYS X 536 -106.57 2.43 2.32
CA LYS X 536 -105.51 2.42 3.31
C LYS X 536 -104.33 1.58 2.85
N LYS X 537 -104.59 0.39 2.30
CA LYS X 537 -103.50 -0.42 1.73
C LYS X 537 -102.84 0.28 0.55
N ARG X 538 -103.54 1.17 -0.14
CA ARG X 538 -102.94 1.85 -1.29
C ARG X 538 -101.78 2.74 -0.85
N ASP X 539 -101.97 3.49 0.25
CA ASP X 539 -100.91 4.35 0.78
C ASP X 539 -99.93 3.60 1.70
N ASN X 540 -99.98 2.27 1.72
CA ASN X 540 -99.07 1.47 2.54
C ASN X 540 -99.25 1.73 4.03
N GLU X 541 -100.46 2.11 4.44
CA GLU X 541 -100.71 2.37 5.85
C GLU X 541 -100.97 1.09 6.65
N ILE X 542 -101.23 -0.04 5.99
CA ILE X 542 -101.38 -1.33 6.66
C ILE X 542 -100.60 -2.40 5.90
N GLN X 543 -100.27 -3.49 6.61
CA GLN X 543 -99.59 -4.60 5.95
C GLN X 543 -100.48 -5.25 4.92
N ASP X 544 -101.69 -5.64 5.32
CA ASP X 544 -102.65 -6.31 4.44
C ASP X 544 -103.99 -6.27 5.16
N PHE X 545 -105.03 -6.76 4.50
CA PHE X 545 -106.31 -6.94 5.17
C PHE X 545 -107.07 -8.09 4.52
N PRO X 546 -107.79 -8.90 5.29
CA PRO X 546 -108.55 -9.99 4.67
C PRO X 546 -109.80 -9.47 3.99
N ALA X 547 -110.00 -9.89 2.75
CA ALA X 547 -111.15 -9.57 1.93
C ALA X 547 -112.38 -10.36 2.33
N GLU X 548 -112.22 -11.65 2.64
CA GLU X 548 -113.37 -12.49 2.97
C GLU X 548 -113.90 -12.24 4.38
N ASP X 549 -113.03 -11.82 5.30
CA ASP X 549 -113.38 -11.71 6.71
C ASP X 549 -113.95 -10.33 7.02
N VAL X 550 -115.02 -9.99 6.33
CA VAL X 550 -115.83 -8.80 6.62
C VAL X 550 -117.27 -9.26 6.75
N GLN X 551 -117.87 -8.95 7.90
CA GLN X 551 -119.27 -9.28 8.18
C GLN X 551 -119.94 -8.06 8.79
N VAL X 552 -121.18 -7.81 8.37
CA VAL X 552 -121.95 -6.63 8.79
C VAL X 552 -123.38 -7.05 9.05
N ILE X 553 -123.97 -6.48 10.11
CA ILE X 553 -125.39 -6.66 10.45
C ILE X 553 -125.89 -5.30 10.92
N VAL X 554 -127.05 -4.90 10.41
CA VAL X 554 -127.56 -3.53 10.57
C VAL X 554 -129.03 -3.58 10.96
N GLU X 555 -129.44 -2.61 11.80
CA GLU X 555 -130.82 -2.61 12.32
C GLU X 555 -131.40 -1.21 12.53
N GLY X 556 -130.71 -0.15 12.13
CA GLY X 556 -131.13 1.21 12.45
C GLY X 556 -129.95 2.16 12.46
N ASN X 557 -129.78 2.91 13.56
CA ASN X 557 -128.51 3.58 13.80
C ASN X 557 -127.43 2.57 14.15
N GLU X 558 -127.83 1.43 14.71
CA GLU X 558 -126.90 0.36 15.05
C GLU X 558 -126.49 -0.40 13.80
N ALA X 559 -125.21 -0.78 13.76
CA ALA X 559 -124.57 -1.36 12.57
C ALA X 559 -123.33 -2.07 13.10
N ARG X 560 -123.39 -3.40 13.12
CA ARG X 560 -122.41 -4.23 13.79
C ARG X 560 -121.40 -4.71 12.76
N ILE X 561 -120.20 -4.13 12.79
CA ILE X 561 -119.20 -4.31 11.74
C ILE X 561 -118.08 -5.17 12.31
N SER X 562 -117.70 -6.22 11.56
CA SER X 562 -116.60 -7.11 11.92
C SER X 562 -115.51 -6.98 10.87
N MET X 563 -114.29 -6.66 11.30
CA MET X 563 -113.17 -6.37 10.41
C MET X 563 -111.84 -6.72 11.07
N THR X 564 -110.86 -7.04 10.24
CA THR X 564 -109.53 -7.42 10.72
C THR X 564 -108.49 -6.73 9.85
N VAL X 565 -107.33 -6.44 10.44
CA VAL X 565 -106.25 -5.73 9.78
C VAL X 565 -104.93 -6.36 10.21
N TYR X 566 -104.00 -6.49 9.26
CA TYR X 566 -102.63 -6.90 9.58
C TYR X 566 -101.82 -5.65 9.92
N PRO X 567 -101.32 -5.48 11.15
CA PRO X 567 -100.68 -4.21 11.50
C PRO X 567 -99.30 -4.08 10.89
N ILE X 568 -98.90 -2.84 10.63
CA ILE X 568 -97.54 -2.56 10.15
C ILE X 568 -96.56 -2.73 11.30
N ARG X 569 -96.06 -3.96 11.45
CA ARG X 569 -95.11 -4.29 12.50
C ARG X 569 -93.75 -3.65 12.25
N SER X 570 -93.04 -3.37 13.35
CA SER X 570 -91.81 -2.58 13.35
C SER X 570 -90.64 -3.47 13.77
N PHE X 571 -89.59 -3.49 12.95
CA PHE X 571 -88.45 -4.39 13.16
C PHE X 571 -87.53 -3.86 14.24
N LYS X 572 -87.10 -4.73 15.17
CA LYS X 572 -86.56 -4.26 16.44
C LYS X 572 -85.31 -4.97 16.96
N LYS X 573 -84.93 -6.16 16.47
CA LYS X 573 -83.82 -6.91 17.05
C LYS X 573 -82.97 -7.57 15.97
N ILE X 574 -81.65 -7.58 16.17
CA ILE X 574 -80.71 -8.28 15.30
C ILE X 574 -79.71 -9.05 16.17
N SER X 575 -79.28 -10.22 15.67
CA SER X 575 -78.24 -11.02 16.31
C SER X 575 -77.34 -11.65 15.26
N VAL X 576 -76.07 -11.23 15.21
CA VAL X 576 -75.08 -11.78 14.30
C VAL X 576 -74.15 -12.76 15.03
N SER X 577 -73.55 -13.64 14.24
CA SER X 577 -72.55 -14.64 14.65
C SER X 577 -71.31 -14.42 13.79
N LEU X 578 -70.42 -13.56 14.27
CA LEU X 578 -69.20 -13.25 13.54
C LEU X 578 -68.16 -14.35 13.74
N VAL X 579 -67.47 -14.69 12.66
CA VAL X 579 -66.49 -15.77 12.65
C VAL X 579 -65.33 -15.33 11.77
N TYR X 580 -64.12 -15.71 12.17
CA TYR X 580 -62.89 -15.44 11.44
C TYR X 580 -62.34 -16.76 10.89
N LYS X 581 -61.87 -16.74 9.64
CA LYS X 581 -61.22 -17.91 9.04
C LYS X 581 -59.93 -17.52 8.32
N GLN X 582 -58.90 -18.33 8.54
CA GLN X 582 -57.56 -18.18 7.95
C GLN X 582 -57.06 -16.74 8.01
N THR Y 12 -88.23 -7.75 26.56
CA THR Y 12 -86.86 -7.92 26.15
C THR Y 12 -86.41 -6.68 25.37
N ARG Y 13 -85.20 -6.21 25.66
CA ARG Y 13 -84.75 -4.92 25.11
C ARG Y 13 -84.49 -5.02 23.62
N PRO Y 14 -84.95 -4.06 22.80
CA PRO Y 14 -84.59 -4.09 21.38
C PRO Y 14 -83.16 -3.62 21.19
N HIS Y 15 -82.32 -4.47 20.61
CA HIS Y 15 -80.92 -4.10 20.40
C HIS Y 15 -80.32 -4.98 19.31
N ALA Y 16 -79.14 -4.58 18.86
CA ALA Y 16 -78.32 -5.39 17.95
C ALA Y 16 -77.27 -6.13 18.77
N SER Y 17 -76.75 -7.22 18.20
CA SER Y 17 -75.77 -8.03 18.90
C SER Y 17 -74.94 -8.80 17.89
N ILE Y 18 -73.68 -9.03 18.24
CA ILE Y 18 -72.71 -9.70 17.39
C ILE Y 18 -72.04 -10.78 18.22
N SER Y 32 -82.96 -25.81 -2.07
CA SER Y 32 -83.32 -26.80 -3.07
C SER Y 32 -84.63 -27.52 -2.73
N GLU Y 33 -85.31 -27.99 -3.77
CA GLU Y 33 -86.58 -28.69 -3.61
C GLU Y 33 -86.42 -30.12 -3.13
N LYS Y 34 -85.24 -30.72 -3.31
CA LYS Y 34 -84.98 -32.09 -2.90
C LYS Y 34 -84.45 -32.11 -1.47
N VAL Y 35 -85.19 -32.74 -0.58
CA VAL Y 35 -84.85 -32.81 0.85
C VAL Y 35 -83.86 -33.94 1.08
N PHE Y 36 -82.91 -33.70 1.98
CA PHE Y 36 -81.89 -34.64 2.38
C PHE Y 36 -82.18 -35.13 3.79
N CYS Y 37 -81.82 -36.38 4.07
CA CYS Y 37 -82.08 -37.01 5.35
C CYS Y 37 -80.87 -37.80 5.81
N LEU Y 38 -80.77 -37.98 7.13
CA LEU Y 38 -79.62 -38.64 7.77
C LEU Y 38 -80.05 -39.27 9.08
N ILE Y 39 -79.25 -40.23 9.55
CA ILE Y 39 -79.54 -40.96 10.79
C ILE Y 39 -78.23 -41.31 11.47
N GLY Y 40 -78.13 -41.00 12.76
CA GLY Y 40 -76.95 -41.33 13.55
C GLY Y 40 -77.22 -41.19 15.03
N GLN Y 41 -76.20 -41.54 15.82
CA GLN Y 41 -76.24 -41.52 17.28
C GLN Y 41 -75.66 -40.18 17.74
N ALA Y 42 -76.52 -39.18 17.93
CA ALA Y 42 -76.05 -37.83 18.17
C ALA Y 42 -75.78 -37.60 19.65
N GLU Y 43 -74.80 -36.73 19.93
CA GLU Y 43 -74.44 -36.37 21.31
C GLU Y 43 -75.19 -35.10 21.74
N GLY Y 44 -76.52 -35.18 21.70
CA GLY Y 44 -77.33 -34.05 22.10
C GLY Y 44 -78.75 -34.19 21.61
N GLY Y 45 -79.63 -33.40 22.23
CA GLY Y 45 -81.04 -33.42 21.89
C GLY Y 45 -81.78 -34.61 22.48
N GLU Y 46 -83.06 -34.71 22.10
CA GLU Y 46 -83.95 -35.75 22.58
C GLU Y 46 -83.92 -36.97 21.66
N PRO Y 47 -83.92 -38.21 22.15
CA PRO Y 47 -83.90 -39.36 21.24
C PRO Y 47 -85.24 -39.63 20.59
N ASN Y 48 -85.17 -40.27 19.42
CA ASN Y 48 -86.34 -40.77 18.71
C ASN Y 48 -87.28 -39.64 18.31
N THR Y 49 -86.70 -38.52 17.86
CA THR Y 49 -87.47 -37.41 17.32
C THR Y 49 -86.75 -36.87 16.08
N VAL Y 50 -87.54 -36.50 15.05
CA VAL Y 50 -86.98 -35.97 13.81
C VAL Y 50 -86.88 -34.46 13.92
N TYR Y 51 -85.72 -33.91 13.53
CA TYR Y 51 -85.41 -32.49 13.68
C TYR Y 51 -85.27 -31.83 12.31
N GLU Y 52 -85.85 -30.63 12.18
CA GLU Y 52 -85.61 -29.78 11.03
C GLU Y 52 -84.33 -28.98 11.28
N LEU Y 53 -83.38 -29.09 10.34
CA LEU Y 53 -82.04 -28.52 10.52
C LEU Y 53 -81.72 -27.64 9.32
N ARG Y 54 -81.08 -26.50 9.61
CA ARG Y 54 -80.98 -25.38 8.66
C ARG Y 54 -79.66 -24.63 8.72
N ASN Y 55 -79.00 -24.57 9.88
CA ASN Y 55 -77.83 -23.73 10.13
C ASN Y 55 -76.90 -24.52 11.04
N TYR Y 56 -75.59 -24.46 10.77
CA TYR Y 56 -74.65 -25.21 11.60
C TYR Y 56 -74.63 -24.72 13.05
N SER Y 57 -74.87 -23.43 13.27
CA SER Y 57 -74.97 -22.92 14.64
C SER Y 57 -76.08 -23.64 15.39
N GLN Y 58 -77.26 -23.80 14.77
CA GLN Y 58 -78.34 -24.54 15.38
C GLN Y 58 -77.93 -25.99 15.63
N ALA Y 59 -77.28 -26.61 14.64
CA ALA Y 59 -76.72 -27.95 14.83
C ALA Y 59 -75.78 -28.01 16.03
N LYS Y 60 -74.85 -27.06 16.11
CA LYS Y 60 -73.90 -27.04 17.21
C LYS Y 60 -74.60 -26.80 18.54
N ARG Y 61 -75.62 -25.95 18.54
CA ARG Y 61 -76.37 -25.69 19.76
C ARG Y 61 -77.07 -26.96 20.25
N LEU Y 62 -77.78 -27.64 19.35
CA LEU Y 62 -78.60 -28.77 19.76
C LEU Y 62 -77.79 -30.06 19.86
N PHE Y 63 -76.70 -30.19 19.11
CA PHE Y 63 -75.85 -31.37 19.14
C PHE Y 63 -74.38 -30.96 19.32
N ARG Y 64 -73.62 -31.83 19.97
CA ARG Y 64 -72.26 -31.53 20.42
C ARG Y 64 -71.18 -32.25 19.61
N SER Y 65 -71.43 -33.50 19.26
CA SER Y 65 -70.48 -34.31 18.49
C SER Y 65 -71.21 -35.55 18.02
N GLY Y 66 -70.51 -36.36 17.26
CA GLY Y 66 -71.11 -37.54 16.67
C GLY Y 66 -71.15 -37.42 15.16
N GLU Y 67 -71.18 -38.58 14.49
CA GLU Y 67 -70.99 -38.56 13.04
C GLU Y 67 -72.13 -37.85 12.32
N LEU Y 68 -73.34 -37.84 12.88
CA LEU Y 68 -74.41 -37.05 12.30
C LEU Y 68 -74.04 -35.56 12.21
N LEU Y 69 -73.43 -34.99 13.26
CA LEU Y 69 -73.10 -33.57 13.25
C LEU Y 69 -72.04 -33.26 12.19
N ASP Y 70 -70.96 -34.06 12.16
CA ASP Y 70 -70.01 -33.98 11.05
C ASP Y 70 -70.72 -34.12 9.71
N ALA Y 71 -71.66 -35.07 9.60
CA ALA Y 71 -72.29 -35.28 8.30
C ALA Y 71 -73.10 -34.08 7.85
N ILE Y 72 -73.82 -33.43 8.77
CA ILE Y 72 -74.63 -32.26 8.44
C ILE Y 72 -73.74 -31.15 7.89
N GLU Y 73 -72.64 -30.87 8.59
CA GLU Y 73 -71.81 -29.72 8.23
C GLU Y 73 -71.04 -29.97 6.95
N LEU Y 74 -70.50 -31.18 6.77
CA LEU Y 74 -69.77 -31.48 5.54
C LEU Y 74 -70.71 -31.47 4.35
N ALA Y 75 -71.99 -31.79 4.56
CA ALA Y 75 -72.96 -31.73 3.49
C ALA Y 75 -73.21 -30.30 3.04
N TRP Y 76 -73.16 -29.34 3.98
CA TRP Y 76 -73.24 -27.94 3.61
C TRP Y 76 -71.93 -27.44 3.00
N GLY Y 77 -70.80 -27.97 3.46
CA GLY Y 77 -69.50 -27.65 2.88
C GLY Y 77 -68.97 -28.74 1.98
N SER Y 78 -69.81 -29.27 1.09
CA SER Y 78 -69.47 -30.46 0.30
C SER Y 78 -68.83 -30.12 -1.05
N ASN Y 79 -69.29 -29.06 -1.70
CA ASN Y 79 -68.88 -28.69 -3.05
C ASN Y 79 -68.48 -27.22 -3.07
N PRO Y 80 -67.56 -26.81 -3.96
CA PRO Y 80 -67.18 -25.38 -4.00
C PRO Y 80 -68.34 -24.41 -4.24
N ASN Y 81 -69.47 -24.86 -4.80
CA ASN Y 81 -70.66 -24.03 -4.91
C ASN Y 81 -71.89 -24.74 -4.35
N TYR Y 82 -72.09 -25.99 -4.73
CA TYR Y 82 -73.30 -26.71 -4.41
C TYR Y 82 -73.34 -27.09 -2.93
N THR Y 83 -74.56 -27.34 -2.44
CA THR Y 83 -74.77 -27.60 -1.02
C THR Y 83 -76.11 -28.26 -0.78
N ALA Y 84 -76.16 -29.09 0.26
CA ALA Y 84 -77.41 -29.68 0.71
C ALA Y 84 -78.36 -28.61 1.23
N GLY Y 85 -79.66 -28.87 1.10
CA GLY Y 85 -80.65 -27.94 1.60
C GLY Y 85 -81.00 -28.25 3.05
N ARG Y 86 -82.28 -28.24 3.39
CA ARG Y 86 -82.68 -28.64 4.74
C ARG Y 86 -82.35 -30.11 4.99
N ILE Y 87 -82.09 -30.43 6.25
CA ILE Y 87 -81.72 -31.78 6.67
C ILE Y 87 -82.72 -32.27 7.71
N LEU Y 88 -83.17 -33.51 7.55
CA LEU Y 88 -84.01 -34.17 8.54
C LEU Y 88 -83.22 -35.31 9.18
N ALA Y 89 -83.11 -35.30 10.50
CA ALA Y 89 -82.31 -36.29 11.20
C ALA Y 89 -82.90 -36.54 12.58
N MET Y 90 -82.48 -37.68 13.17
CA MET Y 90 -83.03 -38.15 14.43
C MET Y 90 -81.93 -38.87 15.21
N ARG Y 91 -81.96 -38.70 16.54
CA ARG Y 91 -81.04 -39.37 17.45
C ARG Y 91 -81.53 -40.79 17.73
N ILE Y 92 -80.84 -41.77 17.16
CA ILE Y 92 -81.28 -43.18 17.26
C ILE Y 92 -80.72 -43.72 18.58
N GLU Y 93 -81.53 -43.61 19.63
CA GLU Y 93 -81.11 -44.07 20.94
C GLU Y 93 -82.34 -44.38 21.78
N ASP Y 94 -82.14 -45.21 22.80
CA ASP Y 94 -83.11 -45.42 23.87
C ASP Y 94 -82.64 -44.71 25.14
N ALA Y 95 -82.20 -43.46 25.00
CA ALA Y 95 -81.42 -42.84 26.07
C ALA Y 95 -82.35 -42.42 27.21
N LYS Y 96 -81.75 -41.95 28.29
CA LYS Y 96 -82.48 -41.37 29.41
C LYS Y 96 -81.78 -40.10 29.86
N PRO Y 97 -82.50 -39.18 30.53
CA PRO Y 97 -81.83 -38.02 31.13
C PRO Y 97 -81.40 -38.30 32.56
N ALA Y 98 -80.48 -37.46 33.04
CA ALA Y 98 -80.02 -37.55 34.41
C ALA Y 98 -80.98 -36.84 35.35
N SER Y 99 -81.07 -37.33 36.58
CA SER Y 99 -82.05 -36.80 37.52
C SER Y 99 -81.72 -37.30 38.91
N ALA Y 100 -82.27 -36.59 39.91
CA ALA Y 100 -82.09 -36.97 41.30
C ALA Y 100 -83.28 -36.45 42.10
N GLU Y 101 -83.53 -37.10 43.23
CA GLU Y 101 -84.67 -36.80 44.09
C GLU Y 101 -84.19 -36.37 45.46
N ILE Y 102 -84.73 -35.25 45.94
CA ILE Y 102 -84.46 -34.78 47.29
C ILE Y 102 -85.46 -33.68 47.65
N GLY Y 103 -86.08 -33.80 48.82
CA GLY Y 103 -87.18 -32.91 49.12
C GLY Y 103 -88.41 -33.32 48.33
N GLY Y 104 -89.35 -32.39 48.24
CA GLY Y 104 -90.56 -32.58 47.47
C GLY Y 104 -90.42 -32.46 45.97
N LEU Y 105 -89.20 -32.27 45.46
CA LEU Y 105 -88.95 -31.99 44.05
C LEU Y 105 -87.92 -32.97 43.50
N LYS Y 106 -88.09 -33.32 42.21
CA LYS Y 106 -87.13 -34.14 41.47
C LYS Y 106 -86.39 -33.26 40.47
N ILE Y 107 -85.07 -33.27 40.57
CA ILE Y 107 -84.22 -32.48 39.69
C ILE Y 107 -84.19 -33.14 38.32
N THR Y 108 -84.43 -32.35 37.28
CA THR Y 108 -84.62 -32.83 35.91
C THR Y 108 -83.75 -32.03 34.95
N SER Y 109 -83.36 -32.65 33.84
CA SER Y 109 -82.42 -32.02 32.91
C SER Y 109 -82.74 -32.41 31.48
N LYS Y 110 -82.18 -31.64 30.54
CA LYS Y 110 -82.53 -31.82 29.13
C LYS Y 110 -81.54 -32.72 28.42
N ILE Y 111 -80.35 -32.89 28.99
CA ILE Y 111 -79.29 -33.69 28.37
C ILE Y 111 -79.64 -35.17 28.53
N TYR Y 112 -79.82 -35.86 27.40
CA TYR Y 112 -79.83 -37.32 27.39
C TYR Y 112 -78.43 -37.89 27.21
N GLY Y 113 -78.27 -39.15 27.61
CA GLY Y 113 -77.04 -39.88 27.41
C GLY Y 113 -76.29 -40.02 28.72
N ASN Y 114 -75.13 -40.65 28.64
CA ASN Y 114 -74.28 -40.78 29.82
C ASN Y 114 -73.53 -39.50 30.15
N VAL Y 115 -73.52 -38.54 29.21
CA VAL Y 115 -72.93 -37.24 29.45
C VAL Y 115 -73.71 -36.46 30.51
N ALA Y 116 -75.00 -36.74 30.66
CA ALA Y 116 -75.84 -36.10 31.67
C ALA Y 116 -75.37 -36.33 33.10
N ASN Y 117 -74.51 -37.33 33.33
CA ASN Y 117 -73.95 -37.54 34.66
C ASN Y 117 -73.10 -36.37 35.14
N ASN Y 118 -72.59 -35.54 34.23
CA ASN Y 118 -71.72 -34.43 34.56
C ASN Y 118 -72.46 -33.21 35.08
N ILE Y 119 -73.79 -33.24 35.13
CA ILE Y 119 -74.57 -32.09 35.57
C ILE Y 119 -74.47 -31.97 37.08
N GLN Y 120 -74.31 -30.74 37.57
CA GLN Y 120 -74.11 -30.46 38.98
C GLN Y 120 -75.17 -29.46 39.44
N VAL Y 121 -75.92 -29.81 40.48
CA VAL Y 121 -77.03 -28.99 40.96
C VAL Y 121 -77.01 -28.90 42.48
N GLY Y 122 -77.60 -27.83 42.99
CA GLY Y 122 -77.74 -27.62 44.42
C GLY Y 122 -78.56 -26.37 44.68
N LEU Y 123 -78.78 -26.10 45.97
CA LEU Y 123 -79.52 -24.94 46.43
C LEU Y 123 -78.86 -24.36 47.66
N GLU Y 124 -78.95 -23.03 47.80
CA GLU Y 124 -78.42 -22.31 48.95
C GLU Y 124 -79.43 -21.29 49.45
N LYS Y 125 -79.12 -20.71 50.61
CA LYS Y 125 -80.02 -19.83 51.35
C LYS Y 125 -79.39 -18.44 51.42
N ASN Y 126 -80.17 -17.44 51.05
CA ASN Y 126 -79.67 -16.07 50.88
C ASN Y 126 -79.56 -15.37 52.22
N THR Y 127 -78.52 -14.56 52.37
CA THR Y 127 -78.27 -13.83 53.61
C THR Y 127 -79.00 -12.50 53.67
N LEU Y 128 -79.42 -11.96 52.52
CA LEU Y 128 -80.08 -10.66 52.51
C LEU Y 128 -81.47 -10.74 53.13
N SER Y 129 -82.27 -11.71 52.65
CA SER Y 129 -83.69 -11.73 53.00
C SER Y 129 -84.23 -13.16 53.10
N ASP Y 130 -83.39 -14.13 53.45
CA ASP Y 130 -83.81 -15.49 53.73
C ASP Y 130 -84.42 -16.18 52.51
N SER Y 131 -84.06 -15.73 51.31
CA SER Y 131 -84.66 -16.23 50.09
C SER Y 131 -84.02 -17.56 49.68
N LEU Y 132 -84.38 -18.02 48.48
CA LEU Y 132 -83.80 -19.18 47.84
C LEU Y 132 -82.96 -18.75 46.63
N ARG Y 133 -82.04 -19.62 46.22
CA ARG Y 133 -81.20 -19.33 45.07
C ARG Y 133 -80.91 -20.65 44.36
N LEU Y 134 -80.76 -20.57 43.04
CA LEU Y 134 -80.38 -21.72 42.22
C LEU Y 134 -79.17 -21.34 41.37
N ARG Y 135 -78.16 -22.20 41.39
CA ARG Y 135 -76.96 -22.09 40.56
C ARG Y 135 -76.88 -23.32 39.67
N VAL Y 136 -77.20 -23.14 38.40
CA VAL Y 136 -77.14 -24.25 37.43
C VAL Y 136 -75.70 -24.34 36.95
N ILE Y 137 -75.09 -25.50 37.15
CA ILE Y 137 -73.65 -25.68 36.96
C ILE Y 137 -73.44 -26.72 35.87
N PHE Y 138 -72.56 -26.40 34.91
CA PHE Y 138 -71.99 -27.38 33.99
C PHE Y 138 -70.60 -26.85 33.65
N GLN Y 139 -69.61 -27.28 34.43
CA GLN Y 139 -68.29 -26.68 34.32
C GLN Y 139 -67.51 -27.18 33.11
N ASP Y 140 -67.93 -28.30 32.51
CA ASP Y 140 -67.28 -28.74 31.27
C ASP Y 140 -67.61 -27.83 30.09
N ASP Y 141 -68.74 -27.12 30.14
CA ASP Y 141 -69.03 -26.04 29.18
C ASP Y 141 -68.78 -24.66 29.76
N ARG Y 142 -68.31 -24.56 30.99
CA ARG Y 142 -68.21 -23.28 31.71
C ARG Y 142 -69.56 -22.58 31.72
N PHE Y 143 -70.60 -23.36 32.00
CA PHE Y 143 -71.96 -22.87 32.18
C PHE Y 143 -72.19 -22.64 33.66
N ASN Y 144 -72.65 -21.44 34.02
CA ASN Y 144 -72.82 -21.12 35.44
C ASN Y 144 -73.83 -20.00 35.64
N GLU Y 145 -75.04 -20.20 35.13
CA GLU Y 145 -76.11 -19.24 35.36
C GLU Y 145 -76.61 -19.34 36.80
N VAL Y 146 -77.33 -18.30 37.22
CA VAL Y 146 -77.81 -18.16 38.59
C VAL Y 146 -79.19 -17.51 38.51
N TYR Y 147 -80.15 -18.02 39.27
CA TYR Y 147 -81.50 -17.46 39.30
C TYR Y 147 -81.59 -16.90 40.72
N ASP Y 148 -81.67 -15.58 40.82
CA ASP Y 148 -81.36 -14.87 42.04
C ASP Y 148 -82.62 -14.52 42.81
N ASN Y 149 -82.48 -14.57 44.13
CA ASN Y 149 -83.52 -14.25 45.12
C ASN Y 149 -84.84 -14.95 44.78
N ILE Y 150 -84.81 -16.28 44.80
CA ILE Y 150 -86.01 -17.04 44.48
C ILE Y 150 -86.96 -16.94 45.65
N GLY Y 151 -88.20 -16.57 45.36
CA GLY Y 151 -89.22 -16.28 46.34
C GLY Y 151 -89.39 -14.79 46.50
N ASN Y 152 -89.86 -14.39 47.68
CA ASN Y 152 -89.83 -13.00 48.15
C ASN Y 152 -90.50 -12.07 47.13
N ILE Y 153 -91.80 -12.22 46.98
CA ILE Y 153 -92.48 -11.44 45.94
C ILE Y 153 -92.69 -10.00 46.43
N PHE Y 154 -93.22 -9.83 47.64
CA PHE Y 154 -93.48 -8.47 48.13
C PHE Y 154 -93.46 -8.41 49.64
N THR Y 155 -93.09 -7.24 50.15
CA THR Y 155 -93.05 -6.96 51.56
C THR Y 155 -94.35 -6.32 52.02
N ILE Y 156 -94.73 -6.61 53.26
CA ILE Y 156 -95.79 -5.89 53.97
C ILE Y 156 -95.13 -5.07 55.05
N LYS Y 157 -95.46 -3.77 55.12
CA LYS Y 157 -94.98 -2.91 56.18
C LYS Y 157 -96.15 -2.28 56.91
N TYR Y 158 -95.95 -2.05 58.20
CA TYR Y 158 -96.97 -1.60 59.14
C TYR Y 158 -96.61 -0.22 59.67
N LYS Y 159 -97.65 0.58 59.98
CA LYS Y 159 -97.44 1.94 60.49
C LYS Y 159 -98.46 2.32 61.55
N GLY Y 160 -99.27 1.38 62.05
CA GLY Y 160 -100.27 1.69 63.04
C GLY Y 160 -99.71 1.77 64.46
N GLU Y 161 -100.54 2.29 65.36
CA GLU Y 161 -100.14 2.53 66.75
C GLU Y 161 -100.41 1.35 67.68
N GLU Y 162 -101.16 0.33 67.22
CA GLU Y 162 -101.50 -0.80 68.07
C GLU Y 162 -100.25 -1.62 68.43
N ALA Y 163 -100.46 -2.66 69.23
CA ALA Y 163 -99.40 -3.39 69.90
C ALA Y 163 -98.45 -4.04 68.89
N ASN Y 164 -98.93 -5.03 68.14
CA ASN Y 164 -98.15 -5.66 67.10
C ASN Y 164 -99.03 -6.00 65.91
N ALA Y 165 -98.37 -6.20 64.77
CA ALA Y 165 -99.03 -6.48 63.48
C ALA Y 165 -98.69 -7.90 63.04
N THR Y 166 -99.52 -8.85 63.45
CA THR Y 166 -99.44 -10.23 63.00
C THR Y 166 -100.18 -10.41 61.68
N PHE Y 167 -99.68 -11.33 60.85
CA PHE Y 167 -100.37 -11.71 59.63
C PHE Y 167 -100.01 -13.13 59.24
N SER Y 168 -100.94 -13.80 58.55
CA SER Y 168 -100.75 -15.15 58.06
C SER Y 168 -101.17 -15.26 56.60
N VAL Y 169 -100.61 -16.26 55.92
CA VAL Y 169 -101.00 -16.65 54.57
C VAL Y 169 -101.08 -18.16 54.58
N GLU Y 170 -102.30 -18.70 54.60
CA GLU Y 170 -102.54 -20.07 55.04
C GLU Y 170 -102.78 -21.02 53.88
N HIS Y 171 -102.25 -22.24 54.02
CA HIS Y 171 -102.41 -23.29 53.01
C HIS Y 171 -103.74 -24.01 53.13
N ASP Y 172 -104.15 -24.60 52.01
CA ASP Y 172 -105.05 -25.75 52.04
C ASP Y 172 -104.21 -26.99 52.35
N GLU Y 173 -104.45 -27.63 53.49
CA GLU Y 173 -103.63 -28.76 53.90
C GLU Y 173 -103.79 -29.99 53.03
N GLU Y 174 -104.82 -30.03 52.19
CA GLU Y 174 -105.00 -31.19 51.31
C GLU Y 174 -104.16 -31.06 50.06
N THR Y 175 -103.82 -29.83 49.67
CA THR Y 175 -103.05 -29.55 48.48
C THR Y 175 -101.82 -28.69 48.72
N GLN Y 176 -101.65 -28.11 49.92
CA GLN Y 176 -100.56 -27.18 50.21
C GLN Y 176 -100.55 -26.01 49.22
N LYS Y 177 -101.69 -25.33 49.11
CA LYS Y 177 -101.86 -24.15 48.27
C LYS Y 177 -102.58 -23.07 49.06
N ALA Y 178 -102.24 -21.82 48.77
CA ALA Y 178 -102.75 -20.70 49.56
C ALA Y 178 -104.23 -20.49 49.32
N SER Y 179 -104.91 -19.94 50.34
CA SER Y 179 -106.35 -19.69 50.29
C SER Y 179 -106.72 -18.28 50.75
N ARG Y 180 -105.93 -17.69 51.63
CA ARG Y 180 -106.23 -16.35 52.13
C ARG Y 180 -104.94 -15.63 52.50
N LEU Y 181 -105.02 -14.30 52.50
CA LEU Y 181 -104.05 -13.42 53.15
C LEU Y 181 -104.79 -12.62 54.20
N VAL Y 182 -104.35 -12.76 55.45
CA VAL Y 182 -105.06 -12.24 56.63
C VAL Y 182 -104.09 -11.38 57.43
N LEU Y 183 -104.44 -10.11 57.63
CA LEU Y 183 -103.71 -9.22 58.53
C LEU Y 183 -104.47 -9.14 59.85
N LYS Y 184 -103.78 -9.42 60.95
CA LYS Y 184 -104.36 -9.36 62.29
C LYS Y 184 -103.55 -8.39 63.15
N VAL Y 185 -104.14 -7.25 63.46
CA VAL Y 185 -103.52 -6.27 64.36
C VAL Y 185 -103.96 -6.59 65.78
N GLY Y 186 -102.99 -6.65 66.69
CA GLY Y 186 -103.26 -7.09 68.05
C GLY Y 186 -103.69 -8.54 68.09
N ASP Y 187 -104.99 -8.79 67.94
CA ASP Y 187 -105.47 -10.15 67.78
C ASP Y 187 -106.82 -10.18 67.07
N GLN Y 188 -107.04 -9.23 66.15
CA GLN Y 188 -108.27 -9.19 65.37
C GLN Y 188 -107.97 -8.71 63.96
N GLU Y 189 -108.69 -9.30 63.00
CA GLU Y 189 -108.47 -9.07 61.59
C GLU Y 189 -108.94 -7.66 61.20
N VAL Y 190 -108.04 -6.85 60.67
CA VAL Y 190 -108.41 -5.56 60.11
C VAL Y 190 -109.13 -5.76 58.78
N LYS Y 191 -108.44 -6.36 57.82
CA LYS Y 191 -109.05 -6.75 56.54
C LYS Y 191 -108.19 -7.85 55.93
N SER Y 192 -108.84 -8.92 55.48
CA SER Y 192 -108.20 -10.01 54.78
C SER Y 192 -108.55 -9.97 53.30
N TYR Y 193 -107.80 -10.75 52.53
CA TYR Y 193 -107.93 -10.81 51.08
C TYR Y 193 -107.90 -12.26 50.66
N ASP Y 194 -109.03 -12.75 50.16
CA ASP Y 194 -109.27 -14.18 50.01
C ASP Y 194 -109.05 -14.62 48.57
N LEU Y 195 -108.28 -15.69 48.40
CA LEU Y 195 -107.92 -16.20 47.07
C LEU Y 195 -108.90 -17.24 46.55
N THR Y 196 -110.08 -17.34 47.16
CA THR Y 196 -111.04 -18.43 46.93
C THR Y 196 -111.85 -18.29 45.65
N GLY Y 197 -111.22 -17.85 44.55
CA GLY Y 197 -111.90 -17.71 43.30
C GLY Y 197 -112.54 -16.36 43.06
N GLY Y 198 -112.13 -15.33 43.80
CA GLY Y 198 -112.69 -14.01 43.58
C GLY Y 198 -111.95 -13.30 42.47
N ALA Y 199 -111.72 -12.01 42.64
CA ALA Y 199 -110.89 -11.22 41.74
C ALA Y 199 -109.39 -11.40 41.98
N TYR Y 200 -108.98 -12.13 43.01
CA TYR Y 200 -107.62 -12.04 43.54
C TYR Y 200 -106.77 -13.23 43.07
N ASP Y 201 -106.92 -13.52 41.78
CA ASP Y 201 -106.08 -14.49 41.07
C ASP Y 201 -104.65 -13.99 40.86
N TYR Y 202 -104.36 -12.72 41.16
CA TYR Y 202 -103.06 -12.11 40.93
C TYR Y 202 -102.57 -11.50 42.23
N THR Y 203 -101.27 -11.62 42.50
CA THR Y 203 -100.75 -11.10 43.77
C THR Y 203 -100.74 -9.58 43.78
N ASN Y 204 -100.54 -8.93 42.63
CA ASN Y 204 -100.49 -7.48 42.62
C ASN Y 204 -101.84 -6.84 42.89
N ALA Y 205 -102.94 -7.56 42.65
CA ALA Y 205 -104.23 -7.08 43.13
C ALA Y 205 -104.31 -7.10 44.65
N ILE Y 206 -103.53 -7.97 45.30
CA ILE Y 206 -103.43 -7.92 46.75
C ILE Y 206 -102.54 -6.77 47.19
N ILE Y 207 -101.55 -6.40 46.37
CA ILE Y 207 -100.69 -5.27 46.69
C ILE Y 207 -101.51 -3.98 46.75
N THR Y 208 -102.22 -3.67 45.66
CA THR Y 208 -102.99 -2.44 45.58
C THR Y 208 -104.04 -2.33 46.68
N ASP Y 209 -104.57 -3.47 47.13
CA ASP Y 209 -105.63 -3.46 48.15
C ASP Y 209 -105.08 -3.51 49.57
N ILE Y 210 -103.83 -3.93 49.77
CA ILE Y 210 -103.20 -3.70 51.06
C ILE Y 210 -102.84 -2.22 51.17
N ASN Y 211 -102.44 -1.61 50.06
CA ASN Y 211 -102.07 -0.20 50.08
C ASN Y 211 -103.26 0.71 50.31
N GLN Y 212 -104.47 0.26 50.00
CA GLN Y 212 -105.70 0.94 50.38
C GLN Y 212 -105.95 0.96 51.88
N LEU Y 213 -105.12 0.25 52.71
CA LEU Y 213 -105.45 0.13 54.12
C LEU Y 213 -104.78 1.27 54.89
N PRO Y 214 -105.35 1.74 56.01
CA PRO Y 214 -104.67 2.84 56.71
C PRO Y 214 -103.38 2.43 57.38
N ASP Y 215 -103.33 1.27 58.01
CA ASP Y 215 -102.22 0.87 58.86
C ASP Y 215 -101.15 0.04 58.15
N PHE Y 216 -101.34 -0.29 56.87
CA PHE Y 216 -100.47 -1.23 56.17
C PHE Y 216 -100.17 -0.75 54.77
N GLU Y 217 -98.97 -1.10 54.28
CA GLU Y 217 -98.62 -0.94 52.87
C GLU Y 217 -97.95 -2.19 52.34
N ALA Y 218 -98.14 -2.44 51.04
CA ALA Y 218 -97.51 -3.54 50.31
C ALA Y 218 -96.77 -3.00 49.09
N LYS Y 219 -95.57 -3.55 48.85
CA LYS Y 219 -94.68 -3.07 47.80
C LYS Y 219 -93.99 -4.25 47.14
N LEU Y 220 -94.12 -4.36 45.81
CA LEU Y 220 -93.52 -5.45 45.06
C LEU Y 220 -91.99 -5.36 45.11
N SER Y 221 -91.34 -6.51 44.98
CA SER Y 221 -89.89 -6.57 45.10
C SER Y 221 -89.23 -5.91 43.89
N PRO Y 222 -88.12 -5.18 44.07
CA PRO Y 222 -87.39 -4.66 42.91
C PRO Y 222 -86.51 -5.67 42.19
N PHE Y 223 -86.36 -6.88 42.74
CA PHE Y 223 -85.40 -7.85 42.22
C PHE Y 223 -86.00 -8.63 41.05
N GLY Y 224 -86.31 -7.89 39.98
CA GLY Y 224 -86.92 -8.47 38.80
C GLY Y 224 -88.44 -8.42 38.85
N ASP Y 225 -89.05 -8.75 37.72
CA ASP Y 225 -90.51 -8.75 37.60
C ASP Y 225 -91.03 -10.05 38.17
N LYS Y 226 -91.60 -9.98 39.39
CA LYS Y 226 -92.17 -11.16 40.04
C LYS Y 226 -93.67 -11.00 40.28
N ASN Y 227 -94.45 -10.75 39.24
CA ASN Y 227 -95.88 -10.95 39.37
C ASN Y 227 -96.14 -12.45 39.43
N LEU Y 228 -97.03 -12.87 40.34
CA LEU Y 228 -97.14 -14.27 40.74
C LEU Y 228 -98.61 -14.61 40.88
N GLU Y 229 -99.02 -15.72 40.27
CA GLU Y 229 -100.40 -16.15 40.38
C GLU Y 229 -100.70 -16.57 41.81
N SER Y 230 -101.79 -16.05 42.37
CA SER Y 230 -102.11 -16.21 43.79
C SER Y 230 -102.23 -17.66 44.25
N SER Y 231 -102.50 -18.62 43.35
CA SER Y 231 -102.71 -19.99 43.78
C SER Y 231 -101.41 -20.75 44.03
N LYS Y 232 -100.26 -20.06 44.01
CA LYS Y 232 -98.95 -20.66 44.26
C LYS Y 232 -98.22 -20.00 45.42
N LEU Y 233 -98.92 -19.18 46.23
CA LEU Y 233 -98.34 -18.58 47.42
C LEU Y 233 -98.26 -19.62 48.53
N ASP Y 234 -97.52 -19.29 49.60
CA ASP Y 234 -97.08 -20.29 50.56
C ASP Y 234 -97.31 -19.83 52.00
N LYS Y 235 -96.94 -20.72 52.92
CA LYS Y 235 -97.31 -20.58 54.33
C LYS Y 235 -96.67 -19.37 54.99
N ILE Y 236 -97.49 -18.56 55.65
CA ILE Y 236 -97.04 -17.66 56.71
C ILE Y 236 -98.05 -17.79 57.85
N GLU Y 237 -97.56 -17.72 59.10
CA GLU Y 237 -98.35 -18.05 60.28
C GLU Y 237 -97.98 -17.09 61.41
N ASN Y 238 -98.76 -16.02 61.53
CA ASN Y 238 -98.60 -15.01 62.58
C ASN Y 238 -97.17 -14.47 62.65
N ALA Y 239 -96.68 -13.97 61.51
CA ALA Y 239 -95.39 -13.28 61.46
C ALA Y 239 -95.60 -11.80 61.76
N ASN Y 240 -94.72 -11.22 62.59
CA ASN Y 240 -94.85 -9.83 63.00
C ASN Y 240 -94.25 -8.89 61.96
N ILE Y 241 -95.01 -7.85 61.61
CA ILE Y 241 -94.59 -6.88 60.60
C ILE Y 241 -94.04 -5.58 61.21
N LYS Y 242 -94.33 -5.30 62.48
CA LYS Y 242 -94.29 -3.94 63.00
C LYS Y 242 -92.92 -3.28 62.88
N ASP Y 243 -91.84 -4.07 62.85
CA ASP Y 243 -90.49 -3.54 62.65
C ASP Y 243 -89.71 -4.44 61.70
N LYS Y 244 -90.38 -4.97 60.68
CA LYS Y 244 -89.74 -5.84 59.71
C LYS Y 244 -90.30 -5.60 58.32
N ALA Y 245 -89.44 -5.83 57.32
CA ALA Y 245 -89.84 -5.91 55.92
C ALA Y 245 -90.19 -7.36 55.55
N VAL Y 246 -91.23 -7.88 56.21
CA VAL Y 246 -91.57 -9.30 56.07
C VAL Y 246 -92.02 -9.56 54.64
N TYR Y 247 -91.27 -10.40 53.93
CA TYR Y 247 -91.65 -10.79 52.57
C TYR Y 247 -92.66 -11.93 52.61
N VAL Y 248 -93.59 -11.90 51.67
CA VAL Y 248 -94.42 -13.07 51.40
C VAL Y 248 -93.57 -14.00 50.54
N LYS Y 249 -93.09 -15.07 51.17
CA LYS Y 249 -91.94 -15.81 50.67
C LYS Y 249 -92.21 -16.43 49.30
N ALA Y 250 -93.29 -17.20 49.19
CA ALA Y 250 -93.69 -17.86 47.93
C ALA Y 250 -92.53 -18.62 47.30
N VAL Y 251 -91.96 -19.55 48.07
CA VAL Y 251 -90.73 -20.21 47.62
C VAL Y 251 -91.01 -21.12 46.43
N PHE Y 252 -92.13 -21.84 46.45
CA PHE Y 252 -92.48 -22.72 45.32
C PHE Y 252 -92.92 -21.93 44.09
N GLY Y 253 -93.79 -20.94 44.26
CA GLY Y 253 -94.42 -20.28 43.13
C GLY Y 253 -93.44 -19.56 42.24
N ASP Y 254 -92.40 -18.97 42.83
CA ASP Y 254 -91.34 -18.29 42.08
C ASP Y 254 -90.26 -19.24 41.58
N LEU Y 255 -90.20 -20.48 42.09
CA LEU Y 255 -89.30 -21.45 41.48
C LEU Y 255 -89.71 -21.73 40.05
N GLU Y 256 -91.02 -22.00 39.84
CA GLU Y 256 -91.54 -22.23 38.49
C GLU Y 256 -91.32 -21.03 37.58
N LYS Y 257 -91.49 -19.81 38.12
CA LYS Y 257 -91.38 -18.60 37.31
C LYS Y 257 -89.98 -18.45 36.71
N GLN Y 258 -88.94 -18.70 37.49
CA GLN Y 258 -87.57 -18.40 37.07
C GLN Y 258 -86.88 -19.60 36.42
N THR Y 259 -87.06 -20.79 36.98
CA THR Y 259 -86.25 -21.95 36.60
C THR Y 259 -86.91 -22.82 35.53
N ALA Y 260 -88.24 -22.88 35.49
CA ALA Y 260 -88.92 -23.76 34.53
C ALA Y 260 -88.59 -23.42 33.08
N TYR Y 261 -88.60 -22.13 32.72
CA TYR Y 261 -88.61 -21.71 31.32
C TYR Y 261 -87.24 -21.33 30.80
N ASN Y 262 -86.17 -21.69 31.52
CA ASN Y 262 -84.82 -21.24 31.21
C ASN Y 262 -83.83 -22.37 31.49
N GLY Y 263 -82.60 -22.16 31.01
CA GLY Y 263 -81.48 -23.01 31.35
C GLY Y 263 -81.60 -24.48 30.99
N ILE Y 264 -80.58 -25.25 31.37
CA ILE Y 264 -80.53 -26.67 31.09
C ILE Y 264 -81.34 -27.49 32.10
N VAL Y 265 -81.42 -27.03 33.36
CA VAL Y 265 -81.92 -27.83 34.48
C VAL Y 265 -83.18 -27.17 35.03
N SER Y 266 -84.17 -28.00 35.36
CA SER Y 266 -85.42 -27.53 35.96
C SER Y 266 -85.92 -28.56 36.95
N PHE Y 267 -86.81 -28.13 37.84
CA PHE Y 267 -87.34 -28.97 38.91
C PHE Y 267 -88.76 -29.42 38.63
N GLU Y 268 -88.99 -30.73 38.73
CA GLU Y 268 -90.30 -31.36 38.69
C GLU Y 268 -90.68 -31.83 40.09
N GLN Y 269 -91.96 -32.12 40.25
CA GLN Y 269 -92.57 -32.40 41.55
C GLN Y 269 -92.81 -33.90 41.69
N LEU Y 270 -92.53 -34.43 42.88
CA LEU Y 270 -92.74 -35.85 43.15
C LEU Y 270 -94.23 -36.16 43.19
N LYS Y 298 -93.54 -34.59 52.44
CA LYS Y 298 -92.27 -33.98 52.06
C LYS Y 298 -92.43 -32.49 51.75
N THR Y 299 -91.31 -31.78 51.65
CA THR Y 299 -91.34 -30.32 51.51
C THR Y 299 -90.01 -29.89 50.88
N ILE Y 300 -90.00 -28.71 50.25
CA ILE Y 300 -88.77 -28.30 49.57
C ILE Y 300 -87.73 -27.96 50.61
N GLU Y 301 -86.47 -28.33 50.34
CA GLU Y 301 -85.38 -28.18 51.29
C GLU Y 301 -84.11 -27.81 50.53
N PRO Y 302 -83.15 -27.15 51.20
CA PRO Y 302 -81.83 -26.98 50.58
C PRO Y 302 -81.04 -28.29 50.57
N PHE Y 303 -80.03 -28.33 49.72
CA PHE Y 303 -79.18 -29.52 49.60
C PHE Y 303 -77.90 -29.18 48.86
N GLU Y 304 -76.87 -30.02 49.05
CA GLU Y 304 -75.52 -29.59 48.73
C GLU Y 304 -75.20 -29.92 47.28
N LEU Y 305 -73.98 -29.58 46.86
CA LEU Y 305 -73.57 -29.76 45.47
C LEU Y 305 -73.56 -31.25 45.13
N THR Y 306 -74.37 -31.64 44.13
CA THR Y 306 -74.64 -33.04 43.84
C THR Y 306 -74.66 -33.26 42.34
N LYS Y 307 -74.06 -34.36 41.89
CA LYS Y 307 -74.09 -34.76 40.50
C LYS Y 307 -75.33 -35.60 40.20
N LEU Y 308 -76.04 -35.25 39.13
CA LEU Y 308 -77.22 -35.99 38.73
C LEU Y 308 -76.84 -37.38 38.22
N LYS Y 309 -77.79 -38.32 38.34
CA LYS Y 309 -77.58 -39.72 38.00
C LYS Y 309 -78.70 -40.23 37.11
N GLY Y 310 -78.43 -41.40 36.51
CA GLY Y 310 -79.39 -42.09 35.67
C GLY Y 310 -79.20 -41.90 34.18
N GLY Y 311 -78.33 -40.98 33.77
CA GLY Y 311 -78.08 -40.75 32.35
C GLY Y 311 -77.58 -41.99 31.63
N THR Y 312 -78.26 -42.33 30.53
CA THR Y 312 -77.95 -43.54 29.76
C THR Y 312 -78.04 -43.20 28.27
N ASN Y 313 -77.09 -43.71 27.49
CA ASN Y 313 -77.14 -43.61 26.03
C ASN Y 313 -77.89 -44.77 25.41
N GLY Y 314 -77.54 -45.99 25.78
CA GLY Y 314 -78.09 -47.19 25.18
C GLY Y 314 -77.21 -47.72 24.05
N GLU Y 315 -77.38 -49.01 23.76
CA GLU Y 315 -76.60 -49.64 22.70
C GLU Y 315 -77.31 -49.39 21.36
N PRO Y 316 -76.59 -49.50 20.24
CA PRO Y 316 -77.26 -49.44 18.94
C PRO Y 316 -78.13 -50.66 18.73
N PRO Y 317 -79.38 -50.51 18.27
CA PRO Y 317 -80.22 -51.71 18.07
C PRO Y 317 -79.84 -52.46 16.80
N ALA Y 318 -80.19 -53.75 16.79
CA ALA Y 318 -79.91 -54.55 15.59
C ALA Y 318 -80.71 -54.04 14.40
N THR Y 319 -81.97 -53.66 14.61
CA THR Y 319 -82.85 -53.17 13.55
C THR Y 319 -83.09 -51.68 13.71
N TRP Y 320 -82.88 -50.92 12.63
CA TRP Y 320 -83.17 -49.49 12.57
C TRP Y 320 -84.38 -49.18 11.69
N ALA Y 321 -85.25 -50.16 11.44
CA ALA Y 321 -86.39 -49.95 10.55
C ALA Y 321 -87.57 -49.31 11.28
N ASP Y 322 -87.80 -49.71 12.52
CA ASP Y 322 -88.82 -49.07 13.35
C ASP Y 322 -88.55 -47.59 13.49
N LYS Y 323 -87.29 -47.21 13.72
CA LYS Y 323 -86.96 -45.79 13.86
C LYS Y 323 -86.78 -45.09 12.52
N LEU Y 324 -86.69 -45.84 11.41
CA LEU Y 324 -86.65 -45.19 10.10
C LEU Y 324 -88.03 -44.81 9.59
N ASP Y 325 -89.06 -45.60 9.92
CA ASP Y 325 -90.45 -45.23 9.68
C ASP Y 325 -90.83 -43.87 10.26
N LYS Y 326 -90.06 -43.34 11.24
CA LYS Y 326 -90.33 -42.01 11.77
C LYS Y 326 -90.21 -40.91 10.71
N PHE Y 327 -89.48 -41.16 9.62
CA PHE Y 327 -89.22 -40.18 8.58
C PHE Y 327 -90.26 -40.21 7.46
N ALA Y 328 -91.33 -40.97 7.64
CA ALA Y 328 -92.11 -41.42 6.48
C ALA Y 328 -92.95 -40.30 5.89
N HIS Y 329 -93.79 -39.68 6.72
CA HIS Y 329 -94.67 -38.60 6.29
C HIS Y 329 -93.97 -37.25 6.20
N GLU Y 330 -92.68 -37.15 6.56
CA GLU Y 330 -92.06 -35.84 6.78
C GLU Y 330 -91.51 -35.19 5.51
N GLY Y 331 -91.62 -35.81 4.35
CA GLY Y 331 -91.32 -35.17 3.10
C GLY Y 331 -89.93 -35.38 2.54
N GLY Y 332 -89.20 -36.41 2.99
CA GLY Y 332 -87.83 -36.59 2.57
C GLY Y 332 -87.74 -37.05 1.14
N TYR Y 333 -86.52 -37.07 0.62
CA TYR Y 333 -86.28 -37.49 -0.76
C TYR Y 333 -84.98 -38.26 -0.91
N TYR Y 334 -83.92 -37.79 -0.26
CA TYR Y 334 -82.61 -38.44 -0.26
C TYR Y 334 -82.22 -38.78 1.17
N ILE Y 335 -81.87 -40.04 1.42
CA ILE Y 335 -81.52 -40.48 2.76
C ILE Y 335 -80.31 -41.41 2.70
N VAL Y 336 -79.45 -41.33 3.71
CA VAL Y 336 -78.20 -42.08 3.74
C VAL Y 336 -77.99 -42.61 5.16
N PRO Y 337 -77.59 -43.86 5.37
CA PRO Y 337 -77.25 -44.32 6.72
C PRO Y 337 -75.77 -44.09 7.05
N LEU Y 338 -75.44 -44.35 8.31
CA LEU Y 338 -74.10 -44.18 8.85
C LEU Y 338 -73.51 -45.44 9.48
N SER Y 339 -74.34 -46.36 9.96
CA SER Y 339 -73.80 -47.57 10.58
C SER Y 339 -73.11 -48.44 9.52
N SER Y 340 -72.43 -49.49 9.99
CA SER Y 340 -71.60 -50.32 9.13
C SER Y 340 -72.30 -51.58 8.64
N LYS Y 341 -73.33 -52.07 9.34
CA LYS Y 341 -73.90 -53.38 9.03
C LYS Y 341 -74.83 -53.30 7.82
N GLN Y 342 -74.79 -54.35 6.99
CA GLN Y 342 -75.70 -54.43 5.85
C GLN Y 342 -77.14 -54.59 6.28
N SER Y 343 -77.39 -55.12 7.48
CA SER Y 343 -78.74 -55.23 8.01
C SER Y 343 -79.49 -53.90 7.92
N VAL Y 344 -78.87 -52.81 8.40
CA VAL Y 344 -79.51 -51.50 8.34
C VAL Y 344 -79.67 -51.03 6.90
N HIS Y 345 -78.75 -51.38 5.99
CA HIS Y 345 -78.91 -50.89 4.62
C HIS Y 345 -80.08 -51.59 3.95
N ALA Y 346 -80.40 -52.82 4.34
CA ALA Y 346 -81.54 -53.50 3.73
C ALA Y 346 -82.84 -52.85 4.17
N GLU Y 347 -82.85 -52.24 5.36
CA GLU Y 347 -84.03 -51.54 5.85
C GLU Y 347 -84.26 -50.24 5.08
N VAL Y 348 -83.19 -49.49 4.81
CA VAL Y 348 -83.33 -48.28 4.00
C VAL Y 348 -83.89 -48.63 2.63
N ALA Y 349 -83.44 -49.76 2.06
CA ALA Y 349 -83.91 -50.15 0.73
C ALA Y 349 -85.38 -50.61 0.77
N SER Y 350 -85.84 -51.11 1.91
CA SER Y 350 -87.25 -51.43 2.07
C SER Y 350 -88.08 -50.17 2.29
N PHE Y 351 -87.54 -49.21 3.04
CA PHE Y 351 -88.26 -47.97 3.31
C PHE Y 351 -88.45 -47.17 2.02
N VAL Y 352 -87.42 -47.12 1.17
CA VAL Y 352 -87.52 -46.38 -0.08
C VAL Y 352 -88.57 -47.00 -1.01
N LYS Y 353 -88.68 -48.32 -1.00
CA LYS Y 353 -89.68 -48.97 -1.84
C LYS Y 353 -91.07 -48.86 -1.24
N GLU Y 354 -91.17 -48.85 0.10
CA GLU Y 354 -92.47 -48.73 0.73
C GLU Y 354 -93.05 -47.32 0.57
N ARG Y 355 -92.21 -46.28 0.75
CA ARG Y 355 -92.62 -44.92 0.41
C ARG Y 355 -92.93 -44.77 -1.08
N SER Y 356 -92.19 -45.44 -1.96
CA SER Y 356 -92.46 -45.28 -3.38
C SER Y 356 -93.84 -45.81 -3.75
N ASP Y 357 -94.20 -46.99 -3.23
CA ASP Y 357 -95.52 -47.54 -3.52
C ASP Y 357 -96.62 -46.80 -2.77
N ALA Y 358 -96.29 -46.06 -1.71
CA ALA Y 358 -97.27 -45.18 -1.10
C ALA Y 358 -97.62 -44.02 -2.03
N GLY Y 359 -96.62 -43.50 -2.74
CA GLY Y 359 -96.81 -42.40 -3.68
C GLY Y 359 -95.78 -41.29 -3.54
N GLU Y 360 -94.77 -41.49 -2.70
CA GLU Y 360 -93.73 -40.49 -2.44
C GLU Y 360 -92.36 -41.14 -2.62
N PRO Y 361 -91.93 -41.36 -3.87
CA PRO Y 361 -90.68 -42.12 -4.08
C PRO Y 361 -89.45 -41.38 -3.59
N MET Y 362 -88.46 -42.16 -3.15
CA MET Y 362 -87.24 -41.67 -2.55
C MET Y 362 -86.06 -42.43 -3.12
N ARG Y 363 -84.86 -42.05 -2.69
CA ARG Y 363 -83.61 -42.62 -3.20
C ARG Y 363 -82.60 -42.64 -2.07
N ALA Y 364 -81.69 -43.63 -2.08
CA ALA Y 364 -80.67 -43.71 -1.04
C ALA Y 364 -79.30 -44.07 -1.62
N ILE Y 365 -78.28 -43.88 -0.77
CA ILE Y 365 -76.89 -44.22 -1.07
C ILE Y 365 -76.31 -44.90 0.17
N VAL Y 366 -75.36 -45.82 -0.06
CA VAL Y 366 -74.80 -46.71 0.96
C VAL Y 366 -73.29 -46.59 0.92
N GLY Y 367 -72.66 -46.52 2.09
CA GLY Y 367 -71.22 -46.43 2.20
C GLY Y 367 -70.58 -47.79 2.46
N GLY Y 368 -69.25 -47.81 2.36
CA GLY Y 368 -68.46 -49.03 2.46
C GLY Y 368 -67.30 -49.05 3.45
N GLY Y 369 -67.40 -48.30 4.55
CA GLY Y 369 -66.35 -48.30 5.58
C GLY Y 369 -64.98 -47.94 5.05
N PHE Y 370 -63.95 -48.53 5.68
CA PHE Y 370 -62.56 -48.18 5.45
C PHE Y 370 -61.84 -49.23 4.58
N ASN Y 371 -61.61 -48.92 3.30
CA ASN Y 371 -60.75 -49.75 2.45
C ASN Y 371 -61.33 -51.16 2.28
N GLU Y 372 -62.53 -51.24 1.73
CA GLU Y 372 -63.10 -52.49 1.25
C GLU Y 372 -62.85 -52.60 -0.24
N SER Y 373 -62.47 -53.79 -0.69
CA SER Y 373 -61.94 -54.01 -2.02
C SER Y 373 -63.01 -54.60 -2.94
N LYS Y 374 -62.59 -55.04 -4.12
CA LYS Y 374 -63.51 -55.57 -5.12
C LYS Y 374 -64.32 -56.75 -4.58
N GLU Y 375 -63.64 -57.73 -3.96
CA GLU Y 375 -64.31 -58.95 -3.52
C GLU Y 375 -65.44 -58.65 -2.52
N GLN Y 376 -65.22 -57.68 -1.64
CA GLN Y 376 -66.27 -57.30 -0.69
C GLN Y 376 -67.38 -56.50 -1.37
N LEU Y 377 -67.02 -55.67 -2.34
CA LEU Y 377 -68.00 -54.80 -2.97
C LEU Y 377 -68.98 -55.59 -3.83
N PHE Y 378 -68.50 -56.64 -4.50
CA PHE Y 378 -69.38 -57.46 -5.33
C PHE Y 378 -70.30 -58.35 -4.49
N GLY Y 379 -70.00 -58.55 -3.21
CA GLY Y 379 -70.88 -59.28 -2.32
C GLY Y 379 -71.89 -58.41 -1.63
N ARG Y 380 -71.53 -57.14 -1.39
CA ARG Y 380 -72.46 -56.16 -0.84
C ARG Y 380 -73.45 -55.66 -1.90
N GLN Y 381 -72.96 -55.32 -3.09
CA GLN Y 381 -73.84 -54.86 -4.16
C GLN Y 381 -74.83 -55.94 -4.55
N ALA Y 382 -74.39 -57.19 -4.64
CA ALA Y 382 -75.26 -58.26 -5.12
C ALA Y 382 -76.33 -58.58 -4.09
N SER Y 383 -75.99 -58.48 -2.81
CA SER Y 383 -76.97 -58.74 -1.77
C SER Y 383 -78.08 -57.70 -1.73
N LEU Y 384 -77.83 -56.50 -2.27
CA LEU Y 384 -78.79 -55.40 -2.27
C LEU Y 384 -78.90 -54.79 -3.67
N SER Y 385 -79.11 -55.65 -4.66
CA SER Y 385 -79.07 -55.28 -6.07
C SER Y 385 -80.39 -54.69 -6.59
N ASN Y 386 -81.23 -54.13 -5.71
CA ASN Y 386 -82.43 -53.43 -6.14
C ASN Y 386 -82.08 -52.03 -6.66
N PRO Y 387 -82.98 -51.38 -7.39
CA PRO Y 387 -82.73 -50.00 -7.81
C PRO Y 387 -82.96 -49.04 -6.65
N ARG Y 388 -82.70 -47.76 -6.92
CA ARG Y 388 -82.80 -46.67 -5.94
C ARG Y 388 -81.84 -46.83 -4.77
N VAL Y 389 -80.79 -47.62 -4.95
CA VAL Y 389 -79.68 -47.72 -4.00
C VAL Y 389 -78.40 -47.49 -4.80
N SER Y 390 -77.47 -46.76 -4.21
CA SER Y 390 -76.11 -46.66 -4.73
C SER Y 390 -75.08 -47.02 -3.68
N LEU Y 391 -74.06 -47.78 -4.07
CA LEU Y 391 -72.96 -48.19 -3.20
C LEU Y 391 -71.69 -47.42 -3.56
N VAL Y 392 -71.04 -46.85 -2.53
CA VAL Y 392 -69.80 -46.09 -2.68
C VAL Y 392 -68.59 -46.96 -2.32
N ALA Y 393 -67.56 -46.88 -3.17
CA ALA Y 393 -66.39 -47.76 -3.12
C ALA Y 393 -65.08 -47.07 -2.77
N ASN Y 394 -65.07 -45.76 -2.55
CA ASN Y 394 -63.80 -45.03 -2.38
C ASN Y 394 -63.84 -44.15 -1.14
N SER Y 395 -62.67 -44.05 -0.49
CA SER Y 395 -62.48 -43.23 0.70
C SER Y 395 -61.16 -42.47 0.59
N GLY Y 396 -61.03 -41.45 1.43
CA GLY Y 396 -59.89 -40.54 1.35
C GLY Y 396 -59.69 -39.69 2.58
N THR Y 397 -59.39 -38.40 2.38
CA THR Y 397 -59.21 -37.43 3.47
C THR Y 397 -60.04 -36.19 3.19
N PHE Y 398 -60.77 -35.72 4.21
CA PHE Y 398 -61.54 -34.47 4.13
C PHE Y 398 -60.98 -33.49 5.16
N VAL Y 399 -60.48 -32.35 4.69
CA VAL Y 399 -60.11 -31.23 5.54
C VAL Y 399 -61.40 -30.53 5.94
N MET Y 400 -61.87 -30.77 7.16
CA MET Y 400 -63.21 -30.32 7.52
C MET Y 400 -63.23 -28.84 7.92
N ASP Y 401 -64.41 -28.24 7.81
CA ASP Y 401 -64.62 -26.83 8.11
C ASP Y 401 -64.21 -26.44 9.53
N ASP Y 402 -64.13 -27.40 10.45
CA ASP Y 402 -63.65 -27.15 11.80
C ASP Y 402 -62.12 -27.22 11.91
N GLY Y 403 -61.42 -27.30 10.78
CA GLY Y 403 -59.98 -27.33 10.77
C GLY Y 403 -59.35 -28.70 10.83
N ARG Y 404 -60.08 -29.71 11.27
CA ARG Y 404 -59.46 -31.00 11.54
C ARG Y 404 -59.33 -31.80 10.25
N LYS Y 405 -58.24 -32.57 10.18
CA LYS Y 405 -57.90 -33.37 8.99
C LYS Y 405 -58.29 -34.82 9.29
N ASN Y 406 -59.52 -35.18 8.95
CA ASN Y 406 -60.07 -36.48 9.32
C ASN Y 406 -59.83 -37.50 8.21
N HIS Y 407 -59.45 -38.70 8.62
CA HIS Y 407 -59.51 -39.86 7.72
C HIS Y 407 -60.96 -40.29 7.57
N VAL Y 408 -61.36 -40.58 6.33
CA VAL Y 408 -62.76 -40.54 5.95
C VAL Y 408 -63.28 -41.98 5.88
N PRO Y 409 -64.33 -42.33 6.63
CA PRO Y 409 -65.09 -43.53 6.27
C PRO Y 409 -66.01 -43.24 5.10
N ALA Y 410 -66.10 -44.22 4.19
CA ALA Y 410 -66.91 -44.09 2.98
C ALA Y 410 -68.36 -43.70 3.24
N TYR Y 411 -68.87 -43.88 4.47
CA TYR Y 411 -70.19 -43.35 4.80
C TYR Y 411 -70.21 -41.82 4.76
N MET Y 412 -69.11 -41.18 5.13
CA MET Y 412 -69.03 -39.72 4.98
C MET Y 412 -68.95 -39.31 3.52
N VAL Y 413 -68.39 -40.15 2.65
CA VAL Y 413 -68.39 -39.87 1.22
C VAL Y 413 -69.80 -40.00 0.65
N ALA Y 414 -70.55 -40.99 1.12
CA ALA Y 414 -71.94 -41.17 0.69
C ALA Y 414 -72.81 -40.00 1.16
N VAL Y 415 -72.55 -39.50 2.36
CA VAL Y 415 -73.19 -38.26 2.81
C VAL Y 415 -72.89 -37.14 1.82
N ALA Y 416 -71.60 -36.87 1.61
CA ALA Y 416 -71.19 -35.74 0.76
C ALA Y 416 -71.70 -35.91 -0.67
N LEU Y 417 -71.79 -37.15 -1.15
CA LEU Y 417 -72.39 -37.38 -2.46
C LEU Y 417 -73.90 -37.13 -2.42
N GLY Y 418 -74.58 -37.56 -1.36
CA GLY Y 418 -76.00 -37.26 -1.21
C GLY Y 418 -76.28 -35.76 -1.18
N GLY Y 419 -75.52 -35.02 -0.36
CA GLY Y 419 -75.67 -33.58 -0.31
C GLY Y 419 -75.44 -32.92 -1.66
N LEU Y 420 -74.43 -33.39 -2.40
CA LEU Y 420 -74.19 -32.88 -3.74
C LEU Y 420 -75.39 -33.14 -4.65
N ALA Y 421 -75.97 -34.34 -4.57
CA ALA Y 421 -77.08 -34.70 -5.44
C ALA Y 421 -78.33 -33.90 -5.12
N SER Y 422 -78.55 -33.58 -3.84
CA SER Y 422 -79.68 -32.71 -3.49
C SER Y 422 -79.42 -31.27 -3.92
N GLY Y 423 -78.17 -30.82 -3.82
CA GLY Y 423 -77.86 -29.45 -4.22
C GLY Y 423 -78.03 -29.22 -5.70
N LEU Y 424 -77.71 -30.22 -6.53
CA LEU Y 424 -77.85 -30.07 -7.96
C LEU Y 424 -79.32 -30.03 -8.34
N GLU Y 425 -79.63 -29.29 -9.41
CA GLU Y 425 -81.02 -29.09 -9.80
C GLU Y 425 -81.68 -30.42 -10.17
N ILE Y 426 -83.01 -30.39 -10.26
CA ILE Y 426 -83.76 -31.56 -10.67
C ILE Y 426 -83.34 -31.98 -12.07
N GLY Y 427 -83.00 -33.26 -12.21
CA GLY Y 427 -82.57 -33.86 -13.46
C GLY Y 427 -81.13 -33.60 -13.83
N GLU Y 428 -80.38 -32.88 -12.99
CA GLU Y 428 -78.95 -32.70 -13.20
C GLU Y 428 -78.19 -33.89 -12.63
N SER Y 429 -77.22 -34.38 -13.40
CA SER Y 429 -76.47 -35.57 -13.02
C SER Y 429 -75.28 -35.20 -12.16
N ILE Y 430 -75.05 -36.03 -11.13
CA ILE Y 430 -73.85 -35.92 -10.30
C ILE Y 430 -72.56 -36.22 -11.07
N THR Y 431 -72.66 -36.77 -12.28
CA THR Y 431 -71.51 -37.20 -13.07
C THR Y 431 -70.48 -36.08 -13.22
N PHE Y 432 -69.22 -36.43 -12.97
CA PHE Y 432 -68.04 -35.59 -13.20
C PHE Y 432 -68.01 -34.33 -12.33
N LYS Y 433 -68.91 -34.21 -11.35
CA LYS Y 433 -68.93 -33.03 -10.50
C LYS Y 433 -67.92 -33.15 -9.35
N PRO Y 434 -67.27 -32.04 -8.94
CA PRO Y 434 -66.30 -32.15 -7.85
C PRO Y 434 -66.96 -32.47 -6.52
N LEU Y 435 -66.22 -33.17 -5.67
CA LEU Y 435 -66.66 -33.52 -4.32
C LEU Y 435 -65.78 -32.92 -3.22
N ARG Y 436 -64.67 -32.26 -3.57
CA ARG Y 436 -63.84 -31.51 -2.62
C ARG Y 436 -63.14 -32.43 -1.61
N VAL Y 437 -62.79 -33.65 -2.02
CA VAL Y 437 -61.97 -34.52 -1.19
C VAL Y 437 -60.52 -34.07 -1.28
N SER Y 438 -59.82 -34.10 -0.14
CA SER Y 438 -58.48 -33.54 -0.09
C SER Y 438 -57.47 -34.48 -0.74
N SER Y 439 -57.43 -35.72 -0.27
CA SER Y 439 -56.61 -36.78 -0.87
C SER Y 439 -57.44 -38.05 -0.90
N LEU Y 440 -57.05 -38.99 -1.76
CA LEU Y 440 -57.87 -40.17 -2.06
C LEU Y 440 -57.02 -41.42 -2.02
N ASP Y 441 -57.64 -42.50 -1.55
CA ASP Y 441 -57.04 -43.79 -1.20
C ASP Y 441 -57.66 -44.85 -2.12
N GLN Y 442 -57.25 -44.85 -3.38
CA GLN Y 442 -57.84 -45.72 -4.40
C GLN Y 442 -56.76 -46.59 -5.04
N ILE Y 443 -57.17 -47.78 -5.46
CA ILE Y 443 -56.30 -48.75 -6.12
C ILE Y 443 -57.07 -49.34 -7.30
N TYR Y 444 -57.58 -48.47 -8.17
CA TYR Y 444 -58.38 -48.86 -9.33
C TYR Y 444 -57.96 -48.00 -10.50
N GLU Y 445 -57.54 -48.63 -11.60
CA GLU Y 445 -57.04 -47.96 -12.79
C GLU Y 445 -58.19 -47.79 -13.79
N SER Y 446 -57.85 -47.49 -15.04
CA SER Y 446 -58.88 -47.30 -16.08
C SER Y 446 -59.71 -48.56 -16.29
N ILE Y 447 -59.05 -49.71 -16.48
CA ILE Y 447 -59.79 -50.94 -16.72
C ILE Y 447 -60.57 -51.38 -15.47
N ASP Y 448 -59.96 -51.29 -14.29
CA ASP Y 448 -60.64 -51.75 -13.08
C ASP Y 448 -61.83 -50.90 -12.71
N LEU Y 449 -61.80 -49.61 -13.06
CA LEU Y 449 -62.96 -48.77 -12.81
C LEU Y 449 -64.15 -49.21 -13.66
N ASP Y 450 -63.87 -49.62 -14.90
CA ASP Y 450 -64.90 -50.13 -15.79
C ASP Y 450 -65.61 -51.38 -15.24
N GLU Y 451 -64.93 -52.18 -14.42
CA GLU Y 451 -65.60 -53.33 -13.81
C GLU Y 451 -66.51 -52.89 -12.67
N LEU Y 452 -66.17 -51.80 -12.00
CA LEU Y 452 -67.05 -51.24 -10.98
C LEU Y 452 -68.23 -50.50 -11.63
N ASN Y 453 -67.97 -49.88 -12.79
CA ASN Y 453 -69.06 -49.32 -13.58
C ASN Y 453 -69.97 -50.43 -14.11
N GLU Y 454 -69.40 -51.55 -14.52
CA GLU Y 454 -70.22 -52.69 -14.94
C GLU Y 454 -71.07 -53.21 -13.79
N ASN Y 455 -70.49 -53.26 -12.59
CA ASN Y 455 -71.17 -53.80 -11.42
C ASN Y 455 -72.10 -52.79 -10.76
N GLY Y 456 -72.13 -51.54 -11.24
CA GLY Y 456 -73.06 -50.56 -10.72
C GLY Y 456 -72.62 -49.92 -9.44
N ILE Y 457 -71.31 -49.85 -9.19
CA ILE Y 457 -70.75 -49.36 -7.94
C ILE Y 457 -70.07 -48.03 -8.23
N ILE Y 458 -70.65 -46.96 -7.69
CA ILE Y 458 -70.10 -45.62 -7.87
C ILE Y 458 -68.67 -45.56 -7.36
N SER Y 459 -67.83 -44.80 -8.06
CA SER Y 459 -66.43 -44.66 -7.66
C SER Y 459 -65.95 -43.28 -8.09
N ILE Y 460 -64.79 -42.88 -7.56
CA ILE Y 460 -64.23 -41.56 -7.79
C ILE Y 460 -62.89 -41.72 -8.51
N GLU Y 461 -62.60 -40.81 -9.43
CA GLU Y 461 -61.34 -40.83 -10.17
C GLU Y 461 -60.64 -39.49 -10.00
N PHE Y 462 -59.38 -39.54 -9.56
CA PHE Y 462 -58.54 -38.35 -9.57
C PHE Y 462 -58.12 -38.07 -11.02
N VAL Y 463 -58.30 -36.82 -11.44
CA VAL Y 463 -57.98 -36.37 -12.79
C VAL Y 463 -56.82 -35.39 -12.69
N ARG Y 464 -55.69 -35.76 -13.28
CA ARG Y 464 -54.53 -34.87 -13.36
C ARG Y 464 -54.59 -34.15 -14.70
N ASN Y 465 -55.05 -32.90 -14.67
CA ASN Y 465 -54.81 -31.99 -15.78
C ASN Y 465 -53.31 -31.67 -15.84
N ARG Y 466 -52.92 -30.79 -16.76
CA ARG Y 466 -51.49 -30.64 -17.13
C ARG Y 466 -50.61 -30.35 -15.92
N THR Y 467 -51.07 -29.50 -15.00
CA THR Y 467 -50.43 -29.36 -13.69
C THR Y 467 -51.48 -29.05 -12.62
N ASN Y 468 -52.66 -29.66 -12.73
CA ASN Y 468 -53.73 -29.52 -11.75
C ASN Y 468 -54.36 -30.89 -11.52
N THR Y 469 -54.57 -31.23 -10.24
CA THR Y 469 -55.25 -32.45 -9.83
C THR Y 469 -56.55 -32.12 -9.10
N PHE Y 470 -57.64 -32.78 -9.50
CA PHE Y 470 -58.94 -32.64 -8.85
C PHE Y 470 -59.72 -33.95 -8.97
N PHE Y 471 -60.57 -34.19 -7.98
CA PHE Y 471 -61.27 -35.46 -7.82
C PHE Y 471 -62.70 -35.32 -8.28
N ARG Y 472 -63.11 -36.16 -9.24
CA ARG Y 472 -64.47 -36.14 -9.75
C ARG Y 472 -64.98 -37.57 -9.87
N ILE Y 473 -66.29 -37.68 -9.70
CA ILE Y 473 -66.99 -38.97 -9.70
C ILE Y 473 -67.14 -39.44 -11.15
N VAL Y 474 -67.08 -40.76 -11.37
CA VAL Y 474 -67.01 -41.25 -12.74
C VAL Y 474 -68.39 -41.28 -13.39
N ASP Y 475 -69.43 -41.72 -12.68
CA ASP Y 475 -70.73 -41.90 -13.30
C ASP Y 475 -71.77 -42.10 -12.21
N ASP Y 476 -73.03 -41.80 -12.54
CA ASP Y 476 -74.16 -41.87 -11.61
C ASP Y 476 -74.87 -43.23 -11.65
N VAL Y 477 -74.18 -44.30 -12.04
CA VAL Y 477 -74.82 -45.60 -12.16
C VAL Y 477 -75.27 -46.09 -10.79
N THR Y 478 -76.41 -46.76 -10.75
CA THR Y 478 -77.02 -47.25 -9.53
C THR Y 478 -76.65 -48.72 -9.33
N THR Y 479 -77.15 -49.30 -8.23
CA THR Y 479 -76.83 -50.69 -7.93
C THR Y 479 -77.61 -51.67 -8.81
N PHE Y 480 -78.71 -51.24 -9.42
CA PHE Y 480 -79.39 -52.08 -10.41
C PHE Y 480 -78.44 -52.35 -11.57
N ASN Y 481 -77.86 -53.55 -11.59
CA ASN Y 481 -76.78 -53.86 -12.53
C ASN Y 481 -77.23 -53.77 -13.98
N ASP Y 482 -78.42 -54.28 -14.30
CA ASP Y 482 -78.78 -54.47 -15.71
C ASP Y 482 -78.93 -53.12 -16.40
N LYS Y 483 -78.20 -52.95 -17.49
CA LYS Y 483 -78.16 -51.71 -18.25
C LYS Y 483 -79.39 -51.52 -19.13
N SER Y 484 -80.21 -52.55 -19.34
CA SER Y 484 -81.29 -52.43 -20.32
C SER Y 484 -82.46 -51.55 -19.86
N ASP Y 485 -82.46 -51.09 -18.61
CA ASP Y 485 -83.46 -50.12 -18.13
C ASP Y 485 -82.66 -48.89 -17.69
N PRO Y 486 -82.70 -47.78 -18.44
CA PRO Y 486 -81.91 -46.61 -18.02
C PRO Y 486 -82.54 -45.84 -16.88
N VAL Y 487 -83.86 -45.92 -16.72
CA VAL Y 487 -84.51 -45.20 -15.64
C VAL Y 487 -84.08 -45.77 -14.29
N LYS Y 488 -83.78 -47.08 -14.23
CA LYS Y 488 -83.22 -47.69 -13.03
C LYS Y 488 -81.71 -47.53 -12.96
N ALA Y 489 -81.02 -47.67 -14.09
CA ALA Y 489 -79.56 -47.74 -14.06
C ALA Y 489 -78.95 -46.42 -13.61
N GLU Y 490 -79.54 -45.30 -14.01
CA GLU Y 490 -78.91 -43.99 -13.91
C GLU Y 490 -79.71 -43.08 -12.99
N MET Y 491 -79.00 -42.46 -12.03
CA MET Y 491 -79.66 -41.81 -10.90
C MET Y 491 -80.52 -40.64 -11.36
N ALA Y 492 -79.95 -39.75 -12.18
CA ALA Y 492 -80.67 -38.52 -12.55
C ALA Y 492 -81.77 -38.78 -13.57
N VAL Y 493 -81.60 -39.81 -14.42
CA VAL Y 493 -82.69 -40.21 -15.30
C VAL Y 493 -83.90 -40.67 -14.48
N GLY Y 494 -83.66 -41.41 -13.39
CA GLY Y 494 -84.79 -41.83 -12.57
C GLY Y 494 -85.39 -40.70 -11.74
N GLU Y 495 -84.56 -39.73 -11.35
CA GLU Y 495 -85.02 -38.63 -10.53
C GLU Y 495 -85.97 -37.74 -11.31
N ALA Y 496 -85.64 -37.45 -12.57
CA ALA Y 496 -86.58 -36.71 -13.40
C ALA Y 496 -87.88 -37.49 -13.59
N ASN Y 497 -87.81 -38.79 -13.87
CA ASN Y 497 -89.04 -39.59 -13.98
C ASN Y 497 -89.92 -39.50 -12.72
N ASP Y 498 -89.32 -39.60 -11.53
CA ASP Y 498 -90.11 -39.57 -10.30
C ASP Y 498 -90.82 -38.23 -10.14
N PHE Y 499 -90.12 -37.13 -10.45
CA PHE Y 499 -90.75 -35.82 -10.37
C PHE Y 499 -91.89 -35.70 -11.38
N LEU Y 500 -91.62 -36.09 -12.64
CA LEU Y 500 -92.62 -36.00 -13.70
C LEU Y 500 -93.89 -36.78 -13.36
N VAL Y 501 -93.75 -37.95 -12.73
CA VAL Y 501 -94.93 -38.76 -12.42
C VAL Y 501 -95.71 -38.16 -11.26
N SER Y 502 -95.00 -37.72 -10.20
CA SER Y 502 -95.68 -37.08 -9.07
C SER Y 502 -96.49 -35.87 -9.53
N GLU Y 503 -95.90 -35.01 -10.36
CA GLU Y 503 -96.60 -33.78 -10.73
C GLU Y 503 -97.74 -34.06 -11.70
N LEU Y 504 -97.61 -35.09 -12.54
CA LEU Y 504 -98.75 -35.53 -13.35
C LEU Y 504 -99.90 -35.99 -12.46
N LYS Y 505 -99.60 -36.75 -11.41
CA LYS Y 505 -100.64 -37.17 -10.47
C LYS Y 505 -101.22 -35.97 -9.72
N VAL Y 506 -100.37 -35.03 -9.32
CA VAL Y 506 -100.84 -33.84 -8.57
C VAL Y 506 -101.88 -33.07 -9.37
N GLN Y 507 -101.75 -33.02 -10.70
CA GLN Y 507 -102.73 -32.31 -11.50
C GLN Y 507 -103.96 -33.17 -11.79
N LEU Y 508 -103.77 -34.47 -12.05
CA LEU Y 508 -104.91 -35.37 -12.22
C LEU Y 508 -105.77 -35.44 -10.97
N GLU Y 509 -105.16 -35.24 -9.79
CA GLU Y 509 -105.94 -35.23 -8.55
C GLU Y 509 -107.05 -34.18 -8.55
N ASP Y 510 -106.88 -33.10 -9.32
CA ASP Y 510 -107.97 -32.16 -9.56
C ASP Y 510 -108.80 -32.52 -10.79
N GLN Y 511 -108.14 -32.77 -11.92
CA GLN Y 511 -108.81 -32.70 -13.21
C GLN Y 511 -109.89 -33.79 -13.35
N PHE Y 512 -109.52 -35.05 -13.07
CA PHE Y 512 -110.43 -36.18 -13.25
C PHE Y 512 -110.67 -37.00 -12.00
N ILE Y 513 -109.79 -36.91 -11.00
CA ILE Y 513 -110.04 -37.62 -9.74
C ILE Y 513 -111.17 -36.97 -8.95
N GLY Y 514 -111.55 -35.73 -9.29
CA GLY Y 514 -112.77 -35.15 -8.77
C GLY Y 514 -114.04 -35.84 -9.26
N THR Y 515 -113.94 -36.62 -10.34
CA THR Y 515 -115.06 -37.37 -10.95
C THR Y 515 -116.36 -36.57 -11.00
N ARG Y 516 -116.28 -35.33 -11.48
CA ARG Y 516 -117.40 -34.40 -11.33
C ARG Y 516 -118.58 -34.71 -12.25
N THR Y 517 -118.39 -35.42 -13.35
CA THR Y 517 -119.53 -35.80 -14.19
C THR Y 517 -119.15 -37.00 -15.06
N ILE Y 518 -120.18 -37.73 -15.48
CA ILE Y 518 -120.04 -38.79 -16.48
C ILE Y 518 -119.89 -38.22 -17.89
N ASN Y 519 -119.77 -36.90 -18.03
CA ASN Y 519 -119.52 -36.27 -19.33
C ASN Y 519 -118.03 -36.23 -19.67
N THR Y 520 -117.16 -36.83 -18.85
CA THR Y 520 -115.72 -36.80 -19.04
C THR Y 520 -115.34 -37.85 -20.09
N SER Y 521 -115.51 -37.47 -21.35
CA SER Y 521 -115.14 -38.33 -22.47
C SER Y 521 -113.65 -38.67 -22.41
N ALA Y 522 -113.29 -39.81 -23.02
CA ALA Y 522 -111.87 -40.13 -23.11
C ALA Y 522 -111.13 -39.17 -24.03
N SER Y 523 -111.86 -38.47 -24.91
CA SER Y 523 -111.22 -37.53 -25.80
C SER Y 523 -110.68 -36.31 -25.06
N ILE Y 524 -111.33 -35.89 -23.97
CA ILE Y 524 -110.76 -34.86 -23.12
C ILE Y 524 -109.61 -35.39 -22.27
N ILE Y 525 -109.62 -36.68 -21.91
CA ILE Y 525 -108.49 -37.24 -21.19
C ILE Y 525 -107.23 -37.18 -22.06
N LYS Y 526 -107.38 -37.57 -23.33
CA LYS Y 526 -106.25 -37.50 -24.27
C LYS Y 526 -105.74 -36.06 -24.40
N ASP Y 527 -106.66 -35.09 -24.51
CA ASP Y 527 -106.27 -33.70 -24.62
C ASP Y 527 -105.49 -33.23 -23.40
N PHE Y 528 -106.05 -33.45 -22.21
CA PHE Y 528 -105.40 -32.98 -20.98
C PHE Y 528 -104.00 -33.53 -20.85
N ILE Y 529 -103.81 -34.80 -21.21
CA ILE Y 529 -102.47 -35.38 -21.22
C ILE Y 529 -101.56 -34.58 -22.14
N GLN Y 530 -102.08 -34.18 -23.31
CA GLN Y 530 -101.22 -33.51 -24.27
C GLN Y 530 -100.96 -32.07 -23.82
N SER Y 531 -101.92 -31.50 -23.08
CA SER Y 531 -101.72 -30.20 -22.46
C SER Y 531 -100.61 -30.24 -21.42
N TYR Y 532 -100.60 -31.28 -20.58
CA TYR Y 532 -99.49 -31.48 -19.65
C TYR Y 532 -98.17 -31.67 -20.41
N LEU Y 533 -98.16 -32.57 -21.40
CA LEU Y 533 -96.93 -32.79 -22.17
C LEU Y 533 -96.46 -31.51 -22.87
N GLY Y 534 -97.39 -30.74 -23.43
CA GLY Y 534 -97.01 -29.48 -24.07
C GLY Y 534 -96.29 -28.54 -23.13
N ARG Y 535 -96.76 -28.44 -21.88
CA ARG Y 535 -96.09 -27.55 -20.94
C ARG Y 535 -94.71 -28.08 -20.56
N LYS Y 536 -94.59 -29.38 -20.32
CA LYS Y 536 -93.27 -29.95 -20.02
C LYS Y 536 -92.34 -29.89 -21.23
N LYS Y 537 -92.88 -29.90 -22.45
CA LYS Y 537 -92.06 -29.74 -23.65
C LYS Y 537 -91.60 -28.30 -23.85
N ARG Y 538 -92.35 -27.33 -23.34
CA ARG Y 538 -92.11 -25.93 -23.66
C ARG Y 538 -90.92 -25.38 -22.87
N ASP Y 539 -90.75 -25.85 -21.63
CA ASP Y 539 -89.65 -25.44 -20.76
C ASP Y 539 -88.65 -26.58 -20.56
N ASN Y 540 -88.33 -27.29 -21.64
CA ASN Y 540 -87.22 -28.25 -21.73
C ASN Y 540 -87.24 -29.34 -20.65
N GLU Y 541 -88.40 -29.66 -20.07
CA GLU Y 541 -88.45 -30.76 -19.10
C GLU Y 541 -88.53 -32.13 -19.76
N ILE Y 542 -89.03 -32.22 -20.99
CA ILE Y 542 -88.95 -33.42 -21.82
C ILE Y 542 -88.40 -33.02 -23.17
N GLN Y 543 -87.80 -33.98 -23.90
CA GLN Y 543 -87.27 -33.57 -25.19
C GLN Y 543 -88.37 -33.49 -26.25
N ASP Y 544 -89.31 -34.44 -26.26
CA ASP Y 544 -90.41 -34.44 -27.21
C ASP Y 544 -91.46 -35.42 -26.73
N PHE Y 545 -92.65 -35.34 -27.33
CA PHE Y 545 -93.70 -36.33 -27.14
C PHE Y 545 -94.28 -36.72 -28.49
N PRO Y 546 -94.69 -38.00 -28.67
CA PRO Y 546 -95.25 -38.41 -29.96
C PRO Y 546 -96.62 -37.78 -30.19
N ALA Y 547 -96.68 -36.88 -31.18
CA ALA Y 547 -97.76 -35.90 -31.28
C ALA Y 547 -99.16 -36.51 -31.43
N GLU Y 548 -99.29 -37.80 -31.75
CA GLU Y 548 -100.60 -38.45 -31.84
C GLU Y 548 -100.78 -39.64 -30.91
N ASP Y 549 -99.71 -40.15 -30.32
CA ASP Y 549 -99.74 -41.48 -29.69
C ASP Y 549 -100.01 -41.34 -28.19
N VAL Y 550 -101.23 -40.91 -27.88
CA VAL Y 550 -101.83 -41.01 -26.55
C VAL Y 550 -103.12 -41.80 -26.70
N GLN Y 551 -103.35 -42.78 -25.83
CA GLN Y 551 -104.55 -43.61 -25.90
C GLN Y 551 -105.09 -43.90 -24.50
N VAL Y 552 -106.41 -44.05 -24.44
CA VAL Y 552 -107.19 -43.98 -23.20
C VAL Y 552 -108.22 -45.11 -23.22
N ILE Y 553 -108.49 -45.70 -22.04
CA ILE Y 553 -109.58 -46.66 -21.86
C ILE Y 553 -110.44 -46.15 -20.70
N VAL Y 554 -111.71 -45.88 -20.98
CA VAL Y 554 -112.63 -45.29 -20.02
C VAL Y 554 -113.79 -46.26 -19.77
N GLU Y 555 -114.23 -46.32 -18.50
CA GLU Y 555 -115.43 -47.07 -18.14
C GLU Y 555 -116.27 -46.41 -17.04
N GLY Y 556 -115.82 -45.31 -16.45
CA GLY Y 556 -116.57 -44.69 -15.37
C GLY Y 556 -115.70 -43.72 -14.57
N ASN Y 557 -115.74 -43.84 -13.24
CA ASN Y 557 -114.66 -43.23 -12.45
C ASN Y 557 -113.32 -43.81 -12.85
N GLU Y 558 -113.29 -45.07 -13.26
CA GLU Y 558 -112.07 -45.73 -13.70
C GLU Y 558 -111.74 -45.27 -15.11
N ALA Y 559 -110.47 -44.91 -15.32
CA ALA Y 559 -109.97 -44.57 -16.65
C ALA Y 559 -108.50 -44.92 -16.69
N ARG Y 560 -108.11 -45.79 -17.63
CA ARG Y 560 -106.74 -46.27 -17.74
C ARG Y 560 -106.00 -45.46 -18.80
N ILE Y 561 -104.79 -45.00 -18.45
CA ILE Y 561 -104.01 -44.06 -19.27
C ILE Y 561 -102.62 -44.64 -19.48
N SER Y 562 -102.15 -44.62 -20.73
CA SER Y 562 -100.77 -44.92 -21.07
C SER Y 562 -100.19 -43.80 -21.93
N MET Y 563 -98.88 -43.60 -21.80
CA MET Y 563 -98.19 -42.55 -22.55
C MET Y 563 -96.73 -42.92 -22.71
N THR Y 564 -96.15 -42.54 -23.85
CA THR Y 564 -94.73 -42.67 -24.14
C THR Y 564 -94.17 -41.28 -24.40
N VAL Y 565 -93.03 -40.97 -23.79
CA VAL Y 565 -92.47 -39.63 -23.80
C VAL Y 565 -90.96 -39.75 -23.96
N TYR Y 566 -90.36 -38.83 -24.73
CA TYR Y 566 -88.94 -38.91 -25.05
C TYR Y 566 -88.12 -38.08 -24.06
N PRO Y 567 -87.25 -38.70 -23.25
CA PRO Y 567 -86.52 -37.94 -22.23
C PRO Y 567 -85.37 -37.13 -22.81
N ILE Y 568 -84.85 -36.24 -21.97
CA ILE Y 568 -83.63 -35.48 -22.28
C ILE Y 568 -82.43 -36.40 -22.08
N ARG Y 569 -82.18 -37.26 -23.08
CA ARG Y 569 -81.12 -38.26 -23.05
C ARG Y 569 -79.74 -37.61 -22.96
N SER Y 570 -78.80 -38.32 -22.33
CA SER Y 570 -77.55 -37.74 -21.84
C SER Y 570 -76.39 -38.33 -22.64
N PHE Y 571 -75.46 -37.46 -23.04
CA PHE Y 571 -74.26 -37.83 -23.77
C PHE Y 571 -73.16 -38.26 -22.80
N LYS Y 572 -72.33 -39.21 -23.24
CA LYS Y 572 -71.32 -39.80 -22.36
C LYS Y 572 -69.94 -40.09 -22.99
N LYS Y 573 -69.90 -40.63 -24.22
CA LYS Y 573 -68.72 -41.34 -24.74
C LYS Y 573 -68.16 -40.63 -25.97
N ILE Y 574 -66.83 -40.58 -26.05
CA ILE Y 574 -66.09 -40.02 -27.18
C ILE Y 574 -64.87 -40.88 -27.47
N SER Y 575 -64.51 -40.98 -28.75
CA SER Y 575 -63.22 -41.52 -29.18
C SER Y 575 -62.64 -40.65 -30.29
N VAL Y 576 -61.36 -40.30 -30.18
CA VAL Y 576 -60.67 -39.45 -31.14
C VAL Y 576 -59.62 -40.26 -31.88
N SER Y 577 -59.59 -40.12 -33.21
CA SER Y 577 -58.48 -40.58 -34.05
C SER Y 577 -57.68 -39.37 -34.55
N LEU Y 578 -56.55 -39.10 -33.90
CA LEU Y 578 -55.66 -38.01 -34.30
C LEU Y 578 -54.72 -38.48 -35.41
N VAL Y 579 -54.40 -37.57 -36.33
CA VAL Y 579 -53.50 -37.88 -37.44
C VAL Y 579 -52.52 -36.72 -37.64
N TYR Y 580 -51.30 -37.07 -38.07
CA TYR Y 580 -50.23 -36.11 -38.31
C TYR Y 580 -49.68 -36.27 -39.73
N LYS Y 581 -49.25 -35.16 -40.33
CA LYS Y 581 -48.56 -35.24 -41.62
C LYS Y 581 -47.49 -34.17 -41.70
N GLN Y 582 -46.58 -34.33 -42.65
CA GLN Y 582 -45.39 -33.50 -42.78
C GLN Y 582 -44.59 -33.51 -41.47
N ALA Z 2 -133.35 -35.16 -39.91
CA ALA Z 2 -133.82 -35.97 -38.77
C ALA Z 2 -132.82 -35.84 -37.59
N SER Z 3 -132.27 -36.94 -37.08
CA SER Z 3 -131.36 -36.90 -35.95
C SER Z 3 -130.15 -36.00 -36.22
N GLU Z 4 -129.69 -35.32 -35.16
CA GLU Z 4 -128.59 -34.37 -35.29
C GLU Z 4 -127.25 -35.05 -35.58
N ALA Z 5 -127.12 -36.35 -35.34
CA ALA Z 5 -125.88 -37.08 -35.55
C ALA Z 5 -125.65 -37.45 -37.01
N LYS Z 6 -126.66 -37.34 -37.86
CA LYS Z 6 -126.61 -37.84 -39.22
C LYS Z 6 -126.22 -36.78 -40.25
N GLN Z 7 -126.42 -35.50 -39.93
CA GLN Z 7 -125.93 -34.44 -40.81
C GLN Z 7 -124.41 -34.42 -40.84
N THR Z 8 -123.86 -33.90 -41.94
CA THR Z 8 -122.42 -33.85 -42.16
C THR Z 8 -121.82 -32.49 -41.78
N VAL Z 9 -122.56 -31.62 -41.08
CA VAL Z 9 -122.15 -30.23 -40.85
C VAL Z 9 -122.51 -29.83 -39.43
N HIS Z 10 -121.61 -29.09 -38.79
CA HIS Z 10 -121.89 -28.56 -37.45
C HIS Z 10 -122.79 -27.33 -37.49
N THR Z 11 -123.55 -27.17 -36.41
CA THR Z 11 -124.38 -26.00 -36.11
C THR Z 11 -124.30 -25.72 -34.61
N GLY Z 12 -124.77 -24.53 -34.23
CA GLY Z 12 -124.65 -24.07 -32.84
C GLY Z 12 -125.24 -25.01 -31.81
N ASN Z 13 -126.42 -25.58 -32.07
CA ASN Z 13 -127.06 -26.38 -31.04
C ASN Z 13 -126.50 -27.81 -30.93
N THR Z 14 -125.78 -28.31 -31.94
CA THR Z 14 -125.10 -29.61 -31.81
C THR Z 14 -123.68 -29.49 -31.24
N VAL Z 15 -123.33 -28.35 -30.61
CA VAL Z 15 -122.00 -28.16 -30.04
C VAL Z 15 -122.12 -27.63 -28.62
N LEU Z 16 -121.19 -28.05 -27.75
CA LEU Z 16 -121.17 -27.80 -26.32
C LEU Z 16 -119.82 -27.16 -25.99
N LEU Z 17 -119.86 -25.98 -25.37
CA LEU Z 17 -118.64 -25.33 -24.91
C LEU Z 17 -118.22 -25.95 -23.58
N MET Z 18 -116.94 -26.33 -23.48
CA MET Z 18 -116.42 -27.01 -22.28
C MET Z 18 -115.12 -26.35 -21.83
N ILE Z 19 -114.82 -26.52 -20.54
CA ILE Z 19 -113.73 -25.82 -19.88
C ILE Z 19 -113.21 -26.78 -18.81
N LYS Z 20 -112.06 -26.49 -18.19
CA LYS Z 20 -111.33 -27.47 -17.36
C LYS Z 20 -112.23 -28.15 -16.32
N GLY Z 21 -112.46 -29.44 -16.51
CA GLY Z 21 -113.32 -30.24 -15.64
C GLY Z 21 -114.79 -29.86 -15.61
N LYS Z 22 -115.27 -29.07 -16.59
CA LYS Z 22 -116.57 -28.42 -16.46
C LYS Z 22 -117.28 -28.14 -17.80
N PRO Z 23 -118.56 -28.50 -17.96
CA PRO Z 23 -119.32 -27.95 -19.09
C PRO Z 23 -119.83 -26.54 -18.78
N VAL Z 24 -119.75 -25.66 -19.79
CA VAL Z 24 -120.14 -24.26 -19.60
C VAL Z 24 -121.65 -24.12 -19.78
N GLY Z 25 -122.13 -24.32 -21.01
CA GLY Z 25 -123.54 -24.16 -21.33
C GLY Z 25 -124.13 -22.76 -21.32
N ARG Z 26 -125.22 -22.61 -22.10
CA ARG Z 26 -125.94 -21.33 -22.29
C ARG Z 26 -125.00 -20.21 -22.75
N ALA Z 27 -124.02 -20.58 -23.56
CA ALA Z 27 -123.19 -19.62 -24.30
C ALA Z 27 -123.93 -19.15 -25.55
N GLN Z 28 -123.78 -17.86 -25.88
CA GLN Z 28 -124.42 -17.30 -27.07
C GLN Z 28 -123.57 -17.54 -28.32
N SER Z 29 -122.31 -17.10 -28.30
CA SER Z 29 -121.42 -17.29 -29.44
C SER Z 29 -119.98 -17.27 -28.96
N ALA Z 30 -119.08 -17.70 -29.85
CA ALA Z 30 -117.65 -17.67 -29.61
C ALA Z 30 -116.94 -17.72 -30.95
N SER Z 31 -115.86 -16.95 -31.09
CA SER Z 31 -115.08 -16.93 -32.33
C SER Z 31 -113.60 -17.06 -32.02
N GLY Z 32 -112.91 -17.90 -32.79
CA GLY Z 32 -111.47 -18.09 -32.67
C GLY Z 32 -110.68 -17.57 -33.86
N GLN Z 33 -109.95 -16.48 -33.65
CA GLN Z 33 -109.13 -15.85 -34.67
C GLN Z 33 -107.72 -16.41 -34.63
N ARG Z 34 -107.15 -16.68 -35.81
CA ARG Z 34 -105.83 -17.27 -35.92
C ARG Z 34 -105.11 -16.71 -37.14
N GLU Z 35 -103.86 -16.27 -36.96
CA GLU Z 35 -103.05 -15.71 -38.04
C GLU Z 35 -101.63 -16.27 -37.98
N TYR Z 36 -100.99 -16.35 -39.15
CA TYR Z 36 -99.63 -16.84 -39.28
C TYR Z 36 -98.64 -15.77 -39.72
N GLY Z 37 -99.03 -14.49 -39.69
CA GLY Z 37 -98.20 -13.37 -40.12
C GLY Z 37 -97.38 -13.58 -41.38
N THR Z 38 -97.99 -14.18 -42.40
CA THR Z 38 -97.25 -14.61 -43.58
C THR Z 38 -96.70 -13.40 -44.35
N THR Z 39 -95.47 -13.54 -44.85
CA THR Z 39 -94.74 -12.48 -45.51
C THR Z 39 -94.14 -13.00 -46.80
N GLY Z 40 -94.12 -12.15 -47.84
CA GLY Z 40 -93.64 -12.53 -49.14
C GLY Z 40 -92.24 -12.02 -49.41
N VAL Z 41 -91.32 -12.96 -49.65
CA VAL Z 41 -89.97 -12.61 -50.05
C VAL Z 41 -89.98 -12.03 -51.46
N TYR Z 42 -89.18 -10.97 -51.67
CA TYR Z 42 -89.12 -10.26 -52.96
C TYR Z 42 -87.69 -10.17 -53.47
N GLU Z 43 -87.56 -10.10 -54.79
CA GLU Z 43 -86.29 -10.06 -55.50
C GLU Z 43 -86.24 -8.84 -56.42
N ILE Z 44 -85.01 -8.43 -56.76
CA ILE Z 44 -84.82 -7.58 -57.92
C ILE Z 44 -84.93 -8.44 -59.19
N GLY Z 45 -85.18 -7.78 -60.31
CA GLY Z 45 -85.42 -8.46 -61.57
C GLY Z 45 -86.75 -9.15 -61.70
N SER Z 46 -87.66 -8.95 -60.76
CA SER Z 46 -88.92 -9.65 -60.67
C SER Z 46 -89.91 -8.81 -59.89
N ILE Z 47 -91.19 -8.95 -60.22
CA ILE Z 47 -92.26 -8.32 -59.47
C ILE Z 47 -93.05 -9.32 -58.62
N MET Z 48 -92.97 -10.62 -58.93
CA MET Z 48 -93.73 -11.61 -58.17
C MET Z 48 -92.96 -11.97 -56.90
N PRO Z 49 -93.64 -12.35 -55.82
CA PRO Z 49 -92.92 -12.78 -54.63
C PRO Z 49 -92.31 -14.16 -54.83
N GLN Z 50 -91.07 -14.32 -54.40
CA GLN Z 50 -90.34 -15.56 -54.68
C GLN Z 50 -90.83 -16.71 -53.82
N GLU Z 51 -91.12 -16.45 -52.55
CA GLU Z 51 -91.88 -17.41 -51.77
C GLU Z 51 -92.59 -16.66 -50.64
N HIS Z 52 -93.40 -17.40 -49.88
CA HIS Z 52 -94.09 -16.90 -48.70
C HIS Z 52 -93.59 -17.64 -47.48
N VAL Z 53 -93.30 -16.92 -46.40
CA VAL Z 53 -92.70 -17.48 -45.21
C VAL Z 53 -93.61 -17.19 -44.02
N TYR Z 54 -93.79 -18.20 -43.16
CA TYR Z 54 -94.52 -18.00 -41.91
C TYR Z 54 -93.57 -17.41 -40.87
N LEU Z 55 -94.07 -16.41 -40.14
CA LEU Z 55 -93.24 -15.60 -39.26
C LEU Z 55 -93.69 -15.58 -37.81
N ARG Z 56 -94.99 -15.51 -37.54
CA ARG Z 56 -95.46 -15.43 -36.16
C ARG Z 56 -96.88 -15.96 -36.06
N TYR Z 57 -97.13 -16.72 -35.00
CA TYR Z 57 -98.46 -17.27 -34.72
C TYR Z 57 -99.14 -16.30 -33.75
N GLU Z 58 -100.14 -15.58 -34.25
CA GLU Z 58 -101.02 -14.77 -33.45
C GLU Z 58 -102.43 -15.39 -33.46
N GLY Z 59 -103.14 -15.22 -32.36
CA GLY Z 59 -104.48 -15.78 -32.27
C GLY Z 59 -105.22 -15.34 -31.02
N THR Z 60 -106.54 -15.27 -31.11
CA THR Z 60 -107.39 -14.91 -29.97
C THR Z 60 -108.67 -15.73 -30.03
N ILE Z 61 -109.29 -15.96 -28.86
CA ILE Z 61 -110.65 -16.46 -28.75
C ILE Z 61 -111.48 -15.42 -28.00
N THR Z 62 -112.63 -15.07 -28.58
CA THR Z 62 -113.63 -14.22 -27.96
C THR Z 62 -114.82 -15.10 -27.53
N VAL Z 63 -115.44 -14.75 -26.40
CA VAL Z 63 -116.55 -15.50 -25.83
C VAL Z 63 -117.63 -14.50 -25.43
N GLU Z 64 -118.89 -14.93 -25.57
CA GLU Z 64 -120.05 -14.05 -25.46
C GLU Z 64 -121.19 -14.81 -24.82
N ARG Z 65 -121.62 -14.36 -23.63
CA ARG Z 65 -122.54 -15.11 -22.80
C ARG Z 65 -123.47 -14.14 -22.08
N LEU Z 66 -124.69 -14.61 -21.81
CA LEU Z 66 -125.58 -13.92 -20.89
C LEU Z 66 -125.01 -14.02 -19.48
N ARG Z 67 -125.23 -12.99 -18.66
CA ARG Z 67 -124.84 -13.05 -17.25
C ARG Z 67 -125.75 -14.01 -16.51
N MET Z 68 -125.20 -15.12 -16.04
CA MET Z 68 -125.97 -16.08 -15.28
C MET Z 68 -126.26 -15.56 -13.88
N LYS Z 69 -127.39 -15.99 -13.34
CA LYS Z 69 -127.79 -15.53 -12.01
C LYS Z 69 -126.91 -16.13 -10.92
N LYS Z 70 -126.38 -17.34 -11.14
CA LYS Z 70 -125.63 -18.08 -10.14
C LYS Z 70 -124.38 -18.69 -10.78
N GLU Z 71 -123.34 -18.81 -9.95
CA GLU Z 71 -122.00 -19.31 -10.33
C GLU Z 71 -121.53 -18.78 -11.68
N ASN Z 72 -121.62 -17.45 -11.85
CA ASN Z 72 -121.20 -16.82 -13.09
C ASN Z 72 -119.67 -16.82 -13.21
N PHE Z 73 -119.20 -16.38 -14.38
CA PHE Z 73 -117.78 -16.27 -14.70
C PHE Z 73 -116.98 -15.55 -13.59
N ALA Z 74 -117.53 -14.45 -13.05
CA ALA Z 74 -116.80 -13.72 -12.02
C ALA Z 74 -116.73 -14.50 -10.72
N ASP Z 75 -117.85 -15.12 -10.31
CA ASP Z 75 -117.85 -15.92 -9.08
C ASP Z 75 -116.92 -17.11 -9.23
N LEU Z 76 -116.96 -17.77 -10.39
CA LEU Z 76 -115.99 -18.81 -10.70
C LEU Z 76 -114.58 -18.23 -10.84
N GLY Z 77 -114.47 -16.99 -11.31
CA GLY Z 77 -113.20 -16.33 -11.50
C GLY Z 77 -112.52 -16.59 -12.83
N TYR Z 78 -113.11 -17.42 -13.70
CA TYR Z 78 -112.45 -17.78 -14.95
C TYR Z 78 -112.33 -16.60 -15.92
N ALA Z 79 -113.11 -15.55 -15.73
CA ALA Z 79 -112.74 -14.21 -16.18
C ALA Z 79 -112.99 -13.25 -15.03
N SER Z 80 -111.98 -12.48 -14.63
CA SER Z 80 -112.02 -11.81 -13.34
C SER Z 80 -111.23 -10.50 -13.39
N LEU Z 81 -111.20 -9.81 -12.25
CA LEU Z 81 -111.06 -8.37 -12.18
C LEU Z 81 -109.90 -7.97 -11.28
N GLY Z 82 -109.35 -6.79 -11.55
CA GLY Z 82 -108.36 -6.15 -10.67
C GLY Z 82 -107.06 -6.93 -10.53
N GLU Z 83 -106.32 -6.59 -9.47
CA GLU Z 83 -105.05 -7.25 -9.22
C GLU Z 83 -105.19 -8.60 -8.51
N GLU Z 84 -106.33 -9.26 -8.71
CA GLU Z 84 -106.39 -10.70 -8.54
C GLU Z 84 -105.90 -11.45 -9.77
N ILE Z 85 -105.80 -10.77 -10.93
CA ILE Z 85 -105.30 -11.34 -12.19
C ILE Z 85 -103.89 -11.87 -12.01
N LEU Z 86 -103.15 -11.30 -11.06
CA LEU Z 86 -101.81 -11.77 -10.74
C LEU Z 86 -101.78 -13.24 -10.30
N LYS Z 87 -102.91 -13.78 -9.86
CA LYS Z 87 -103.02 -15.17 -9.40
C LYS Z 87 -104.17 -15.91 -10.09
N LYS Z 88 -104.31 -15.73 -11.41
CA LYS Z 88 -105.26 -16.48 -12.23
C LYS Z 88 -104.47 -17.27 -13.28
N ASP Z 89 -104.31 -18.57 -13.06
CA ASP Z 89 -103.51 -19.43 -13.92
C ASP Z 89 -104.18 -19.65 -15.29
N ILE Z 90 -103.44 -20.35 -16.15
CA ILE Z 90 -103.87 -20.69 -17.50
C ILE Z 90 -105.16 -21.52 -17.45
N ILE Z 91 -106.00 -21.34 -18.47
CA ILE Z 91 -107.23 -22.12 -18.68
C ILE Z 91 -107.15 -22.77 -20.05
N ASP Z 92 -107.68 -24.00 -20.15
CA ASP Z 92 -107.87 -24.68 -21.42
C ASP Z 92 -109.35 -24.70 -21.76
N ILE Z 93 -109.68 -24.43 -23.02
CA ILE Z 93 -111.05 -24.29 -23.47
C ILE Z 93 -111.25 -25.21 -24.68
N LEU Z 94 -112.36 -25.96 -24.67
CA LEU Z 94 -112.61 -27.03 -25.63
C LEU Z 94 -114.01 -26.91 -26.23
N VAL Z 95 -114.12 -27.29 -27.51
CA VAL Z 95 -115.38 -27.22 -28.25
C VAL Z 95 -115.74 -28.65 -28.65
N VAL Z 96 -116.89 -29.12 -28.20
CA VAL Z 96 -117.18 -30.55 -28.07
C VAL Z 96 -118.52 -30.88 -28.73
N ASP Z 97 -118.59 -32.04 -29.38
CA ASP Z 97 -119.84 -32.52 -29.96
C ASP Z 97 -120.89 -32.76 -28.87
N ASN Z 98 -122.03 -32.10 -29.01
CA ASN Z 98 -123.04 -32.09 -27.96
C ASN Z 98 -123.63 -33.48 -27.71
N LEU Z 99 -123.83 -34.28 -28.78
CA LEU Z 99 -124.43 -35.61 -28.59
C LEU Z 99 -123.43 -36.65 -28.08
N THR Z 100 -122.14 -36.51 -28.38
CA THR Z 100 -121.14 -37.54 -28.09
C THR Z 100 -120.17 -37.17 -26.98
N LYS Z 101 -120.05 -35.88 -26.64
CA LYS Z 101 -119.07 -35.35 -25.69
C LYS Z 101 -117.63 -35.51 -26.18
N GLN Z 102 -117.40 -35.71 -27.48
CA GLN Z 102 -116.06 -35.84 -28.08
C GLN Z 102 -115.54 -34.48 -28.57
N VAL Z 103 -114.21 -34.32 -28.50
CA VAL Z 103 -113.59 -33.03 -28.82
C VAL Z 103 -113.63 -32.77 -30.31
N ILE Z 104 -114.04 -31.56 -30.68
CA ILE Z 104 -113.87 -31.06 -32.06
C ILE Z 104 -112.56 -30.30 -32.21
N ILE Z 105 -112.28 -29.37 -31.29
CA ILE Z 105 -110.99 -28.67 -31.24
C ILE Z 105 -110.64 -28.42 -29.78
N SER Z 106 -109.37 -28.09 -29.53
CA SER Z 106 -108.92 -27.61 -28.23
C SER Z 106 -108.09 -26.34 -28.37
N TYR Z 107 -108.28 -25.43 -27.42
CA TYR Z 107 -107.41 -24.28 -27.23
C TYR Z 107 -106.54 -24.53 -25.99
N HIS Z 108 -105.22 -24.45 -26.16
CA HIS Z 108 -104.27 -24.58 -25.06
C HIS Z 108 -103.91 -23.19 -24.53
N GLY Z 109 -103.86 -23.06 -23.21
CA GLY Z 109 -103.17 -21.93 -22.59
C GLY Z 109 -103.83 -20.57 -22.69
N CYS Z 110 -105.15 -20.50 -22.52
CA CYS Z 110 -105.85 -19.23 -22.60
C CYS Z 110 -105.65 -18.37 -21.36
N SER Z 111 -105.54 -17.05 -21.57
CA SER Z 111 -105.60 -16.08 -20.49
C SER Z 111 -106.19 -14.77 -21.04
N ALA Z 112 -106.77 -13.98 -20.14
CA ALA Z 112 -107.67 -12.89 -20.51
C ALA Z 112 -106.99 -11.81 -21.34
N ASN Z 113 -107.81 -11.09 -22.16
CA ASN Z 113 -107.34 -9.90 -22.88
C ASN Z 113 -108.28 -8.71 -22.71
N ASN Z 114 -109.59 -8.94 -22.64
CA ASN Z 114 -110.55 -7.93 -22.19
C ASN Z 114 -111.78 -8.65 -21.65
N TYR Z 115 -112.59 -7.93 -20.88
CA TYR Z 115 -113.79 -8.49 -20.26
C TYR Z 115 -114.78 -7.36 -20.04
N ASN Z 116 -115.94 -7.44 -20.70
CA ASN Z 116 -116.89 -6.33 -20.78
C ASN Z 116 -118.31 -6.84 -20.52
N GLU Z 117 -119.19 -5.92 -20.09
CA GLU Z 117 -120.62 -6.22 -19.90
C GLU Z 117 -121.48 -5.07 -20.42
N THR Z 118 -122.79 -5.35 -20.57
CA THR Z 118 -123.78 -4.36 -20.96
C THR Z 118 -125.08 -4.58 -20.19
N TRP Z 119 -125.73 -3.48 -19.80
CA TRP Z 119 -127.05 -3.47 -19.15
C TRP Z 119 -127.98 -2.53 -19.91
N GLN Z 120 -129.26 -2.93 -20.05
CA GLN Z 120 -130.26 -2.05 -20.66
C GLN Z 120 -131.64 -2.45 -20.15
N THR Z 121 -132.53 -1.46 -20.08
CA THR Z 121 -133.81 -1.58 -19.35
C THR Z 121 -134.59 -2.83 -19.78
N ASN Z 122 -134.90 -2.95 -21.06
CA ASN Z 122 -135.78 -4.00 -21.58
C ASN Z 122 -135.02 -5.27 -21.99
N GLU Z 123 -133.80 -5.48 -21.49
CA GLU Z 123 -132.90 -6.48 -22.06
C GLU Z 123 -132.17 -7.30 -21.01
N ILE Z 124 -131.62 -8.42 -21.48
CA ILE Z 124 -130.73 -9.28 -20.72
C ILE Z 124 -129.42 -8.55 -20.46
N VAL Z 125 -128.83 -8.79 -19.29
CA VAL Z 125 -127.44 -8.44 -19.04
C VAL Z 125 -126.53 -9.44 -19.78
N THR Z 126 -125.66 -8.90 -20.63
CA THR Z 126 -124.73 -9.64 -21.48
C THR Z 126 -123.28 -9.35 -21.11
N GLU Z 127 -122.41 -10.31 -21.41
CA GLU Z 127 -120.98 -10.25 -21.12
C GLU Z 127 -120.15 -10.68 -22.31
N GLU Z 128 -119.07 -9.94 -22.54
CA GLU Z 128 -118.06 -10.24 -23.55
C GLU Z 128 -116.75 -10.56 -22.84
N ILE Z 129 -116.12 -11.67 -23.22
CA ILE Z 129 -114.82 -12.09 -22.70
C ILE Z 129 -113.91 -12.38 -23.89
N GLU Z 130 -112.60 -12.17 -23.68
CA GLU Z 130 -111.62 -12.44 -24.71
C GLU Z 130 -110.35 -12.96 -24.05
N PHE Z 131 -109.83 -14.08 -24.56
CA PHE Z 131 -108.57 -14.65 -24.12
C PHE Z 131 -107.60 -14.72 -25.29
N SER Z 132 -106.30 -14.66 -24.96
CA SER Z 132 -105.24 -15.04 -25.88
C SER Z 132 -104.64 -16.37 -25.41
N TYR Z 133 -104.20 -17.16 -26.39
CA TYR Z 133 -103.90 -18.58 -26.19
C TYR Z 133 -102.63 -18.92 -26.94
N LEU Z 134 -102.02 -20.04 -26.56
CA LEU Z 134 -100.73 -20.44 -27.13
C LEU Z 134 -100.89 -21.22 -28.43
N THR Z 135 -101.73 -22.26 -28.44
CA THR Z 135 -101.94 -23.04 -29.65
C THR Z 135 -103.39 -23.52 -29.71
N ALA Z 136 -103.97 -23.47 -30.91
CA ALA Z 136 -105.12 -24.28 -31.25
C ALA Z 136 -104.68 -25.69 -31.63
N SER Z 137 -105.62 -26.62 -31.61
CA SER Z 137 -105.29 -28.01 -31.90
C SER Z 137 -106.56 -28.81 -32.12
N ASP Z 138 -106.38 -29.99 -32.71
CA ASP Z 138 -107.43 -30.99 -32.82
C ASP Z 138 -106.78 -32.36 -32.93
N LYS Z 139 -107.45 -33.37 -32.36
CA LYS Z 139 -106.93 -34.74 -32.39
C LYS Z 139 -108.09 -35.71 -32.27
N ALA Z 140 -108.29 -36.51 -33.32
CA ALA Z 140 -109.31 -37.55 -33.36
C ALA Z 140 -110.70 -37.01 -33.06
N ALA AA 2 -139.59 -17.34 -17.58
CA ALA AA 2 -139.50 -17.95 -16.22
C ALA AA 2 -140.18 -17.04 -15.20
N SER AA 3 -140.55 -17.62 -14.06
CA SER AA 3 -141.21 -16.84 -13.03
C SER AA 3 -140.27 -15.77 -12.47
N GLU AA 4 -140.86 -14.80 -11.78
CA GLU AA 4 -140.13 -13.57 -11.45
C GLU AA 4 -138.86 -13.84 -10.65
N ALA AA 5 -138.95 -14.67 -9.61
CA ALA AA 5 -137.78 -14.90 -8.78
C ALA AA 5 -136.84 -15.94 -9.38
N LYS AA 6 -137.33 -16.74 -10.31
CA LYS AA 6 -136.65 -17.94 -10.80
C LYS AA 6 -135.75 -17.68 -12.00
N GLN AA 7 -135.77 -16.47 -12.57
CA GLN AA 7 -135.02 -16.21 -13.79
C GLN AA 7 -133.53 -16.39 -13.55
N THR AA 8 -132.92 -17.30 -14.32
CA THR AA 8 -131.51 -17.65 -14.16
C THR AA 8 -130.57 -16.71 -14.92
N VAL AA 9 -131.06 -15.56 -15.39
CA VAL AA 9 -130.25 -14.59 -16.12
C VAL AA 9 -130.67 -13.19 -15.67
N HIS AA 10 -129.70 -12.31 -15.46
CA HIS AA 10 -130.01 -10.96 -15.00
C HIS AA 10 -130.59 -10.13 -16.14
N THR AA 11 -131.40 -9.13 -15.77
CA THR AA 11 -132.05 -8.26 -16.74
C THR AA 11 -132.09 -6.83 -16.20
N GLY AA 12 -132.38 -5.89 -17.11
CA GLY AA 12 -132.61 -4.51 -16.73
C GLY AA 12 -133.81 -4.29 -15.81
N ASN AA 13 -134.75 -5.24 -15.79
CA ASN AA 13 -135.89 -5.16 -14.89
C ASN AA 13 -135.52 -5.49 -13.45
N THR AA 14 -134.49 -6.31 -13.24
CA THR AA 14 -134.07 -6.74 -11.90
C THR AA 14 -132.72 -6.15 -11.47
N VAL AA 15 -132.22 -5.12 -12.15
CA VAL AA 15 -130.94 -4.51 -11.81
C VAL AA 15 -131.10 -3.00 -11.84
N LEU AA 16 -130.44 -2.32 -10.90
CA LEU AA 16 -130.45 -0.86 -10.81
C LEU AA 16 -129.10 -0.37 -10.32
N LEU AA 17 -128.65 0.75 -10.89
CA LEU AA 17 -127.34 1.32 -10.60
C LEU AA 17 -127.42 2.25 -9.40
N MET AA 18 -126.52 2.06 -8.44
CA MET AA 18 -126.45 2.87 -7.23
C MET AA 18 -125.10 3.55 -7.14
N ILE AA 19 -125.10 4.87 -6.94
CA ILE AA 19 -123.89 5.69 -6.92
C ILE AA 19 -123.92 6.53 -5.65
N LYS AA 20 -122.92 6.34 -4.79
CA LYS AA 20 -122.79 7.06 -3.52
C LYS AA 20 -124.05 6.94 -2.68
N GLY AA 21 -124.69 5.76 -2.73
CA GLY AA 21 -125.87 5.51 -1.94
C GLY AA 21 -127.15 6.10 -2.48
N LYS AA 22 -127.22 6.35 -3.79
CA LYS AA 22 -128.41 6.90 -4.44
C LYS AA 22 -128.71 6.07 -5.70
N PRO AA 23 -129.96 5.63 -5.91
CA PRO AA 23 -130.24 4.85 -7.13
C PRO AA 23 -130.39 5.75 -8.35
N VAL AA 24 -129.77 5.33 -9.46
CA VAL AA 24 -129.81 6.09 -10.72
C VAL AA 24 -131.05 5.62 -11.46
N GLY AA 25 -132.20 6.19 -11.11
CA GLY AA 25 -133.44 5.80 -11.76
C GLY AA 25 -133.54 6.31 -13.18
N ARG AA 26 -134.29 5.57 -14.00
CA ARG AA 26 -134.49 5.88 -15.43
C ARG AA 26 -133.16 5.88 -16.18
N ALA AA 27 -132.25 4.98 -15.79
CA ALA AA 27 -131.06 4.73 -16.59
C ALA AA 27 -131.43 4.09 -17.92
N GLN AA 28 -130.85 4.59 -19.02
CA GLN AA 28 -131.10 3.99 -20.33
C GLN AA 28 -130.22 2.76 -20.54
N SER AA 29 -128.94 2.84 -20.20
CA SER AA 29 -128.02 1.74 -20.42
C SER AA 29 -126.75 1.99 -19.63
N ALA AA 30 -125.92 0.96 -19.53
CA ALA AA 30 -124.57 1.09 -19.00
C ALA AA 30 -123.70 -0.02 -19.57
N SER AA 31 -122.45 0.31 -19.84
CA SER AA 31 -121.47 -0.64 -20.38
C SER AA 31 -120.21 -0.61 -19.53
N GLY AA 32 -119.76 -1.78 -19.09
CA GLY AA 32 -118.48 -1.92 -18.41
C GLY AA 32 -117.44 -2.40 -19.40
N GLN AA 33 -116.25 -1.78 -19.35
CA GLN AA 33 -115.20 -2.06 -20.32
C GLN AA 33 -113.84 -2.12 -19.64
N ARG AA 34 -113.05 -3.14 -19.99
CA ARG AA 34 -111.79 -3.44 -19.31
C ARG AA 34 -110.76 -3.99 -20.29
N GLU AA 35 -109.49 -3.63 -20.07
CA GLU AA 35 -108.35 -4.19 -20.79
C GLU AA 35 -107.19 -4.43 -19.83
N TYR AA 36 -106.46 -5.53 -20.04
CA TYR AA 36 -105.36 -5.94 -19.18
C TYR AA 36 -103.98 -5.69 -19.80
N GLY AA 37 -103.93 -5.02 -20.95
CA GLY AA 37 -102.69 -4.84 -21.69
C GLY AA 37 -101.85 -6.09 -21.85
N THR AA 38 -102.50 -7.24 -22.05
CA THR AA 38 -101.80 -8.50 -22.22
C THR AA 38 -100.88 -8.47 -23.42
N THR AA 39 -99.69 -9.04 -23.26
CA THR AA 39 -98.67 -9.08 -24.30
C THR AA 39 -98.01 -10.45 -24.29
N GLY AA 40 -97.66 -10.94 -25.48
CA GLY AA 40 -97.01 -12.24 -25.64
C GLY AA 40 -95.51 -12.11 -25.71
N VAL AA 41 -94.82 -13.09 -25.13
CA VAL AA 41 -93.37 -13.21 -25.18
C VAL AA 41 -93.02 -14.14 -26.33
N TYR AA 42 -92.22 -13.64 -27.28
CA TYR AA 42 -91.76 -14.39 -28.44
C TYR AA 42 -90.24 -14.59 -28.38
N GLU AA 43 -89.72 -15.46 -29.25
CA GLU AA 43 -88.32 -15.84 -29.26
C GLU AA 43 -87.88 -16.12 -30.70
N ILE AA 44 -86.55 -16.04 -30.92
CA ILE AA 44 -85.96 -16.74 -32.05
C ILE AA 44 -85.95 -18.23 -31.71
N GLY AA 45 -86.25 -19.06 -32.69
CA GLY AA 45 -86.34 -20.49 -32.53
C GLY AA 45 -87.74 -21.04 -32.38
N SER AA 46 -88.77 -20.18 -32.41
CA SER AA 46 -90.14 -20.66 -32.33
C SER AA 46 -91.08 -19.57 -32.84
N ILE AA 47 -92.13 -20.01 -33.53
CA ILE AA 47 -93.08 -19.08 -34.15
C ILE AA 47 -94.05 -18.52 -33.12
N MET AA 48 -94.48 -19.32 -32.16
CA MET AA 48 -95.56 -18.94 -31.27
C MET AA 48 -95.05 -18.15 -30.07
N PRO AA 49 -95.92 -17.41 -29.38
CA PRO AA 49 -95.50 -16.86 -28.09
C PRO AA 49 -95.46 -17.96 -27.05
N GLN AA 50 -94.40 -17.96 -26.24
CA GLN AA 50 -94.31 -19.00 -25.21
C GLN AA 50 -95.31 -18.75 -24.08
N GLU AA 51 -95.32 -17.54 -23.53
CA GLU AA 51 -96.29 -17.19 -22.49
C GLU AA 51 -96.69 -15.73 -22.66
N HIS AA 52 -97.84 -15.38 -22.07
CA HIS AA 52 -98.39 -14.04 -22.10
C HIS AA 52 -98.33 -13.44 -20.70
N VAL AA 53 -98.10 -12.13 -20.65
CA VAL AA 53 -98.02 -11.39 -19.40
C VAL AA 53 -98.87 -10.13 -19.46
N TYR AA 54 -99.30 -9.70 -18.28
CA TYR AA 54 -100.10 -8.50 -18.10
C TYR AA 54 -99.19 -7.32 -17.77
N LEU AA 55 -99.50 -6.14 -18.32
CA LEU AA 55 -98.62 -4.99 -18.18
C LEU AA 55 -99.31 -3.73 -17.66
N ARG AA 56 -100.48 -3.37 -18.19
CA ARG AA 56 -101.19 -2.20 -17.71
C ARG AA 56 -102.68 -2.48 -17.71
N TYR AA 57 -103.33 -2.28 -16.57
CA TYR AA 57 -104.76 -2.47 -16.45
C TYR AA 57 -105.48 -1.19 -16.86
N GLU AA 58 -106.57 -1.33 -17.61
CA GLU AA 58 -107.48 -0.24 -17.95
C GLU AA 58 -108.89 -0.60 -17.51
N GLY AA 59 -109.54 0.32 -16.81
CA GLY AA 59 -110.95 0.19 -16.49
C GLY AA 59 -111.76 1.38 -16.95
N THR AA 60 -112.98 1.11 -17.42
CA THR AA 60 -113.88 2.14 -17.94
C THR AA 60 -115.32 1.69 -17.75
N ILE AA 61 -116.22 2.64 -17.51
CA ILE AA 61 -117.66 2.36 -17.45
C ILE AA 61 -118.41 3.52 -18.10
N THR AA 62 -119.43 3.19 -18.89
CA THR AA 62 -120.31 4.13 -19.57
C THR AA 62 -121.70 4.05 -18.95
N VAL AA 63 -122.38 5.19 -18.91
CA VAL AA 63 -123.72 5.30 -18.31
C VAL AA 63 -124.56 6.27 -19.13
N GLU AA 64 -125.81 5.88 -19.41
CA GLU AA 64 -126.78 6.72 -20.12
C GLU AA 64 -128.01 6.86 -19.25
N ARG AA 65 -128.59 8.06 -19.24
CA ARG AA 65 -129.63 8.39 -18.27
C ARG AA 65 -130.45 9.54 -18.80
N LEU AA 66 -131.77 9.42 -18.70
CA LEU AA 66 -132.65 10.49 -19.14
C LEU AA 66 -132.43 11.73 -18.27
N ARG AA 67 -132.39 12.89 -18.90
CA ARG AA 67 -132.04 14.11 -18.17
C ARG AA 67 -133.18 14.43 -17.21
N MET AA 68 -132.90 14.38 -15.91
CA MET AA 68 -133.95 14.45 -14.92
C MET AA 68 -134.21 15.91 -14.63
N LYS AA 69 -135.48 16.27 -14.40
CA LYS AA 69 -135.79 17.67 -14.10
C LYS AA 69 -135.03 18.14 -12.87
N LYS AA 70 -134.97 17.30 -11.83
CA LYS AA 70 -134.12 17.50 -10.67
C LYS AA 70 -133.35 16.21 -10.44
N GLU AA 71 -132.40 16.25 -9.47
CA GLU AA 71 -131.60 15.07 -9.11
C GLU AA 71 -130.93 14.41 -10.32
N ASN AA 72 -130.58 15.20 -11.33
CA ASN AA 72 -129.67 14.74 -12.36
C ASN AA 72 -128.26 14.70 -11.79
N PHE AA 73 -127.29 14.20 -12.58
CA PHE AA 73 -125.95 14.00 -12.04
C PHE AA 73 -125.29 15.30 -11.60
N ALA AA 74 -125.60 16.42 -12.25
CA ALA AA 74 -125.10 17.70 -11.78
C ALA AA 74 -125.69 18.05 -10.42
N ASP AA 75 -127.03 18.13 -10.36
CA ASP AA 75 -127.71 18.38 -9.09
C ASP AA 75 -127.34 17.36 -8.01
N LEU AA 76 -127.20 16.08 -8.39
CA LEU AA 76 -126.77 15.06 -7.44
C LEU AA 76 -125.48 15.43 -6.71
N GLY AA 77 -124.57 16.13 -7.38
CA GLY AA 77 -123.23 16.37 -6.89
C GLY AA 77 -122.24 15.26 -7.18
N TYR AA 78 -122.58 14.32 -8.07
CA TYR AA 78 -121.67 13.27 -8.50
C TYR AA 78 -121.11 13.51 -9.89
N ALA AA 79 -121.48 14.61 -10.54
CA ALA AA 79 -120.78 15.10 -11.73
C ALA AA 79 -120.90 16.61 -11.75
N SER AA 80 -120.05 17.25 -12.53
CA SER AA 80 -120.08 18.71 -12.61
C SER AA 80 -119.24 19.14 -13.80
N LEU AA 81 -119.18 20.46 -14.01
CA LEU AA 81 -118.67 21.06 -15.24
C LEU AA 81 -117.47 21.95 -14.94
N GLY AA 82 -116.41 21.73 -15.71
CA GLY AA 82 -115.25 22.62 -15.69
C GLY AA 82 -114.52 22.62 -14.36
N GLU AA 83 -114.30 23.83 -13.84
CA GLU AA 83 -113.56 24.07 -12.60
C GLU AA 83 -114.31 23.63 -11.36
N GLU AA 84 -115.54 23.13 -11.50
CA GLU AA 84 -116.23 22.53 -10.38
C GLU AA 84 -115.75 21.10 -10.15
N ILE AA 85 -115.27 20.43 -11.21
CA ILE AA 85 -114.85 19.04 -11.11
C ILE AA 85 -113.65 18.91 -10.17
N LEU AA 86 -112.78 19.92 -10.17
CA LEU AA 86 -111.55 19.91 -9.38
C LEU AA 86 -111.80 19.98 -7.88
N LYS AA 87 -113.06 20.13 -7.43
CA LYS AA 87 -113.41 20.22 -6.02
C LYS AA 87 -114.29 19.04 -5.59
N LYS AA 88 -114.25 17.92 -6.31
CA LYS AA 88 -115.15 16.80 -6.09
C LYS AA 88 -114.34 15.55 -5.81
N ASP AA 89 -114.57 14.95 -4.64
CA ASP AA 89 -113.78 13.82 -4.19
C ASP AA 89 -114.18 12.53 -4.89
N ILE AA 90 -113.31 11.52 -4.74
CA ILE AA 90 -113.49 10.13 -5.19
C ILE AA 90 -114.95 9.69 -5.08
N ILE AA 91 -115.47 9.08 -6.15
CA ILE AA 91 -116.82 8.54 -6.21
C ILE AA 91 -116.72 7.03 -6.35
N ASP AA 92 -117.69 6.32 -5.75
CA ASP AA 92 -117.82 4.87 -5.88
C ASP AA 92 -119.17 4.55 -6.51
N ILE AA 93 -119.20 3.51 -7.35
CA ILE AA 93 -120.42 3.07 -8.03
C ILE AA 93 -120.61 1.58 -7.74
N LEU AA 94 -121.87 1.20 -7.54
CA LEU AA 94 -122.28 -0.17 -7.29
C LEU AA 94 -123.45 -0.53 -8.20
N VAL AA 95 -123.48 -1.79 -8.61
CA VAL AA 95 -124.59 -2.39 -9.34
C VAL AA 95 -125.29 -3.28 -8.32
N VAL AA 96 -126.58 -3.07 -8.11
CA VAL AA 96 -127.33 -3.70 -7.03
C VAL AA 96 -128.51 -4.47 -7.59
N ASP AA 97 -128.76 -5.65 -7.01
CA ASP AA 97 -129.88 -6.47 -7.44
C ASP AA 97 -131.18 -5.86 -6.91
N ASN AA 98 -132.18 -5.77 -7.78
CA ASN AA 98 -133.45 -5.17 -7.40
C ASN AA 98 -134.24 -6.07 -6.46
N LEU AA 99 -134.21 -7.39 -6.66
CA LEU AA 99 -135.01 -8.29 -5.84
C LEU AA 99 -134.34 -8.67 -4.51
N THR AA 100 -133.01 -8.88 -4.50
CA THR AA 100 -132.32 -9.35 -3.30
C THR AA 100 -131.56 -8.26 -2.55
N LYS AA 101 -131.45 -7.05 -3.08
CA LYS AA 101 -130.69 -5.98 -2.43
C LYS AA 101 -129.23 -6.41 -2.23
N GLN AA 102 -128.62 -6.93 -3.30
CA GLN AA 102 -127.32 -7.57 -3.24
C GLN AA 102 -126.39 -6.86 -4.21
N VAL AA 103 -125.15 -6.65 -3.80
CA VAL AA 103 -124.20 -6.03 -4.72
C VAL AA 103 -123.87 -7.02 -5.82
N ILE AA 104 -124.05 -6.60 -7.07
CA ILE AA 104 -123.74 -7.46 -8.22
C ILE AA 104 -122.29 -7.30 -8.63
N ILE AA 105 -121.83 -6.05 -8.75
CA ILE AA 105 -120.42 -5.70 -8.91
C ILE AA 105 -120.22 -4.33 -8.29
N SER AA 106 -118.95 -3.95 -8.08
CA SER AA 106 -118.62 -2.60 -7.67
C SER AA 106 -117.36 -2.13 -8.37
N TYR AA 107 -117.26 -0.80 -8.46
CA TYR AA 107 -116.14 -0.09 -9.05
C TYR AA 107 -115.54 0.83 -7.99
N HIS AA 108 -114.21 0.85 -7.94
CA HIS AA 108 -113.48 1.58 -6.91
C HIS AA 108 -112.79 2.79 -7.53
N GLY AA 109 -112.98 3.95 -6.91
CA GLY AA 109 -112.26 5.14 -7.31
C GLY AA 109 -112.64 5.68 -8.67
N CYS AA 110 -113.94 5.84 -8.92
CA CYS AA 110 -114.38 6.35 -10.22
C CYS AA 110 -114.01 7.82 -10.40
N SER AA 111 -113.64 8.18 -11.63
CA SER AA 111 -113.47 9.57 -12.02
C SER AA 111 -113.95 9.75 -13.46
N ALA AA 112 -114.44 10.94 -13.76
CA ALA AA 112 -115.08 11.19 -15.05
C ALA AA 112 -114.04 11.29 -16.17
N ASN AA 113 -114.44 10.80 -17.35
CA ASN AA 113 -113.64 10.89 -18.58
C ASN AA 113 -114.29 11.83 -19.58
N ASN AA 114 -115.52 11.54 -19.98
CA ASN AA 114 -116.29 12.41 -20.88
C ASN AA 114 -117.75 12.35 -20.48
N TYR AA 115 -118.48 13.42 -20.80
CA TYR AA 115 -119.83 13.62 -20.28
C TYR AA 115 -120.57 14.52 -21.27
N ASN AA 116 -121.69 14.01 -21.81
CA ASN AA 116 -122.23 14.44 -23.11
C ASN AA 116 -123.75 14.52 -23.07
N GLU AA 117 -124.31 15.42 -23.90
CA GLU AA 117 -125.75 15.74 -23.93
C GLU AA 117 -126.39 15.34 -25.26
N THR AA 118 -127.71 15.55 -25.34
CA THR AA 118 -128.49 15.32 -26.57
C THR AA 118 -129.82 16.07 -26.44
N TRP AA 119 -129.93 17.21 -27.10
CA TRP AA 119 -131.14 18.05 -27.04
C TRP AA 119 -131.89 17.96 -28.38
N GLN AA 120 -132.51 16.81 -28.64
CA GLN AA 120 -133.14 16.57 -29.94
C GLN AA 120 -134.65 16.78 -29.88
N THR AA 121 -135.20 17.24 -31.00
CA THR AA 121 -136.64 17.41 -31.14
C THR AA 121 -137.31 16.05 -31.39
N ASN AA 122 -138.56 15.94 -30.93
CA ASN AA 122 -139.33 14.70 -31.00
C ASN AA 122 -138.64 13.55 -30.25
N GLU AA 123 -137.91 13.87 -29.18
CA GLU AA 123 -137.20 12.86 -28.42
C GLU AA 123 -137.02 13.29 -26.97
N ILE AA 124 -136.66 12.31 -26.13
CA ILE AA 124 -136.36 12.53 -24.71
C ILE AA 124 -134.87 12.83 -24.59
N VAL AA 125 -134.53 13.76 -23.70
CA VAL AA 125 -133.14 14.18 -23.51
C VAL AA 125 -132.39 13.10 -22.74
N THR AA 126 -131.21 12.74 -23.22
CA THR AA 126 -130.34 11.77 -22.57
C THR AA 126 -129.00 12.39 -22.21
N GLU AA 127 -128.54 12.08 -21.01
CA GLU AA 127 -127.20 12.39 -20.54
C GLU AA 127 -126.33 11.16 -20.79
N GLU AA 128 -125.11 11.37 -21.29
CA GLU AA 128 -124.21 10.28 -21.66
C GLU AA 128 -122.84 10.56 -21.06
N ILE AA 129 -122.37 9.63 -20.25
CA ILE AA 129 -121.22 9.83 -19.37
C ILE AA 129 -120.31 8.61 -19.47
N GLU AA 130 -119.03 8.83 -19.19
CA GLU AA 130 -118.04 7.75 -19.21
C GLU AA 130 -117.01 8.04 -18.14
N PHE AA 131 -116.73 7.04 -17.30
CA PHE AA 131 -115.83 7.17 -16.16
C PHE AA 131 -114.67 6.20 -16.29
N SER AA 132 -113.55 6.56 -15.69
CA SER AA 132 -112.47 5.63 -15.39
C SER AA 132 -112.48 5.29 -13.91
N TYR AA 133 -112.02 4.09 -13.56
CA TYR AA 133 -111.90 3.70 -12.16
C TYR AA 133 -110.59 2.96 -11.93
N LEU AA 134 -110.20 2.90 -10.66
CA LEU AA 134 -108.95 2.22 -10.29
C LEU AA 134 -109.04 0.73 -10.51
N THR AA 135 -110.18 0.12 -10.14
CA THR AA 135 -110.37 -1.32 -10.23
C THR AA 135 -111.86 -1.62 -10.36
N ALA AA 136 -112.15 -2.78 -10.95
CA ALA AA 136 -113.47 -3.41 -10.88
C ALA AA 136 -113.42 -4.57 -9.88
N SER AA 137 -114.59 -4.90 -9.33
CA SER AA 137 -114.65 -5.86 -8.24
C SER AA 137 -116.05 -6.46 -8.12
N ASP AA 138 -116.11 -7.60 -7.46
CA ASP AA 138 -117.34 -8.08 -6.83
C ASP AA 138 -116.94 -8.95 -5.65
N LYS AA 139 -117.79 -8.96 -4.62
CA LYS AA 139 -117.58 -9.78 -3.44
C LYS AA 139 -118.93 -10.35 -3.03
N ALA AA 140 -119.58 -10.99 -4.00
CA ALA AA 140 -120.95 -11.49 -3.87
C ALA AA 140 -121.90 -10.40 -3.36
#